data_2BRU
#
_entry.id   2BRU
#
_cell.length_a   1.000
_cell.length_b   1.000
_cell.length_c   1.000
_cell.angle_alpha   90.00
_cell.angle_beta   90.00
_cell.angle_gamma   90.00
#
_symmetry.space_group_name_H-M   'P 1'
#
loop_
_entity.id
_entity.type
_entity.pdbx_description
1 polymer 'NAD(P) TRANSHYDROGENASE SUBUNIT ALPHA'
2 polymer 'NAD(P) TRANSHYDROGENASE SUBUNIT BETA'
3 non-polymer NICOTINAMIDE-ADENINE-DINUCLEOTIDE
4 non-polymer 'NADP NICOTINAMIDE-ADENINE-DINUCLEOTIDE PHOSPHATE'
#
loop_
_entity_poly.entity_id
_entity_poly.type
_entity_poly.pdbx_seq_one_letter_code
_entity_poly.pdbx_strand_id
1 'polypeptide(L)'
;MHHHHHHGRIGIPRERLTNETRVAATPKTVEQLLKLGFTVAVESGAGQLASFDDKAFVQAGAEIVEGNSVWQSEIILKVN
APLDDEIALLNPGTTLVSFIWPAQNPELMQKLAERNVTVMAMDSVPRISRAQSLDALSSMANIAGYRAIVEAAHEFGRFF
TGQITAAGKVPPAKVMVIGAGVAGLAAIGAANSLGAIVRAFDTRPEVKEQVQSMGAEFLELDFKEEAGSGDGYAKVMSDA
FIKAEMELFAAQAKEVDIIVTTALIPGKPAPKLITREMVDSMKAGSVIVDLAAQNGGNCEYTVPGEIFTTENGVKVIGYT
DLPGRLPTQSSQLYGTNLVNLLKLLCKEKDGNITVDFDDVVIRGVTVIRAGEITWPAPPIQVSAQPQAAQKAAPEVKTEE
K
;
A,B
2 'polypeptide(L)'
;MHHHHHHSSQEVGEHREITAEETAELLKNSHSVIITPGYGMAVAQAQYPVAEITEKLRARGINVRFGIHPVAGRLPGHMN
VLLAEAKVPYDIVLEMDEINDDFADTDTVLVIGANDTVNPAAQDDPKSPIAGMPVLEVWKAQNVIVFKRSMNTGYAGVQN
PLFFKENTHMLFGDAKASVDAILKAL
;
C
#
loop_
_chem_comp.id
_chem_comp.type
_chem_comp.name
_chem_comp.formula
NAD non-polymer NICOTINAMIDE-ADENINE-DINUCLEOTIDE 'C21 H27 N7 O14 P2'
NAP non-polymer 'NADP NICOTINAMIDE-ADENINE-DINUCLEOTIDE PHOSPHATE' 'C21 H28 N7 O17 P3'
#
# COMPACT_ATOMS: atom_id res chain seq x y z
N HIS A 7 -14.88 -41.66 18.84
CA HIS A 7 -14.63 -41.81 17.43
C HIS A 7 -13.53 -40.88 17.06
N GLY A 8 -12.72 -41.24 16.08
CA GLY A 8 -11.65 -40.36 15.64
C GLY A 8 -12.26 -39.20 14.87
N ARG A 9 -12.61 -38.19 15.66
CA ARG A 9 -13.24 -36.97 15.17
C ARG A 9 -12.28 -35.84 15.55
N ILE A 10 -12.01 -35.01 14.55
CA ILE A 10 -11.24 -33.81 14.75
C ILE A 10 -12.31 -32.76 15.12
N GLY A 11 -12.07 -32.04 16.19
CA GLY A 11 -12.95 -30.98 16.65
C GLY A 11 -12.25 -29.67 16.35
N ILE A 12 -12.90 -28.79 15.59
CA ILE A 12 -12.38 -27.49 15.22
C ILE A 12 -13.23 -26.53 16.07
N PRO A 13 -12.67 -25.97 17.15
CA PRO A 13 -13.32 -24.93 17.91
C PRO A 13 -13.12 -23.52 17.33
N ARG A 14 -14.03 -22.68 17.80
CA ARG A 14 -13.84 -21.25 17.73
C ARG A 14 -12.72 -20.91 18.71
N GLU A 15 -11.92 -19.88 18.47
CA GLU A 15 -11.02 -19.51 19.54
C GLU A 15 -11.76 -18.62 20.53
N ARG A 16 -11.79 -19.19 21.70
CA ARG A 16 -12.54 -18.68 22.82
C ARG A 16 -11.66 -17.81 23.75
N LEU A 17 -10.35 -17.71 23.46
CA LEU A 17 -9.51 -16.75 24.09
C LEU A 17 -10.03 -15.38 23.62
N THR A 18 -10.19 -14.47 24.58
CA THR A 18 -10.71 -13.13 24.41
C THR A 18 -9.94 -12.35 23.38
N ASN A 19 -10.70 -11.89 22.38
CA ASN A 19 -10.19 -11.10 21.28
C ASN A 19 -9.08 -11.72 20.40
N GLU A 20 -9.08 -13.04 20.31
CA GLU A 20 -8.27 -13.71 19.31
C GLU A 20 -9.15 -13.84 18.05
N THR A 21 -8.56 -13.78 16.90
CA THR A 21 -9.30 -13.68 15.67
C THR A 21 -9.23 -14.93 14.82
N ARG A 22 -8.45 -15.96 15.20
CA ARG A 22 -8.40 -17.17 14.43
C ARG A 22 -9.50 -18.16 14.74
N VAL A 23 -9.65 -19.10 13.81
CA VAL A 23 -10.32 -20.37 14.03
C VAL A 23 -9.26 -21.38 13.70
N ALA A 24 -9.41 -22.62 14.13
CA ALA A 24 -8.40 -23.64 13.87
C ALA A 24 -8.12 -23.94 12.41
N ALA A 25 -9.18 -24.04 11.61
CA ALA A 25 -9.12 -24.33 10.18
C ALA A 25 -10.22 -23.58 9.45
N THR A 26 -9.95 -23.08 8.25
CA THR A 26 -10.93 -22.50 7.37
C THR A 26 -11.57 -23.63 6.57
N PRO A 27 -12.76 -23.52 5.93
CA PRO A 27 -13.33 -24.58 5.08
C PRO A 27 -12.36 -25.31 4.16
N LYS A 28 -11.49 -24.61 3.46
CA LYS A 28 -10.49 -25.21 2.59
C LYS A 28 -9.57 -26.20 3.33
N THR A 29 -9.18 -25.81 4.54
CA THR A 29 -8.41 -26.65 5.38
C THR A 29 -9.19 -27.73 6.07
N VAL A 30 -10.47 -27.48 6.41
CA VAL A 30 -11.36 -28.55 6.88
C VAL A 30 -11.40 -29.70 5.88
N GLU A 31 -11.54 -29.38 4.60
CA GLU A 31 -11.45 -30.35 3.49
C GLU A 31 -10.22 -31.23 3.63
N GLN A 32 -9.07 -30.61 3.91
CA GLN A 32 -7.83 -31.33 4.04
C GLN A 32 -7.87 -32.28 5.24
N LEU A 33 -8.52 -31.88 6.32
CA LEU A 33 -8.75 -32.77 7.44
C LEU A 33 -9.69 -33.90 7.09
N LEU A 34 -10.71 -33.69 6.24
CA LEU A 34 -11.55 -34.81 5.76
C LEU A 34 -10.72 -35.85 5.01
N LYS A 35 -9.84 -35.37 4.14
CA LYS A 35 -8.98 -36.22 3.32
C LYS A 35 -8.14 -37.14 4.17
N LEU A 36 -7.69 -36.66 5.31
CA LEU A 36 -6.97 -37.40 6.32
C LEU A 36 -7.70 -38.61 6.90
N GLY A 37 -8.99 -38.81 6.65
CA GLY A 37 -9.68 -40.03 7.00
C GLY A 37 -10.23 -40.01 8.40
N PHE A 38 -10.46 -38.83 8.96
CA PHE A 38 -11.05 -38.72 10.29
C PHE A 38 -12.42 -38.08 10.10
N THR A 39 -13.32 -38.17 11.05
CA THR A 39 -14.56 -37.44 10.92
C THR A 39 -14.28 -36.00 11.31
N VAL A 40 -14.78 -34.94 10.67
CA VAL A 40 -14.38 -33.59 11.06
C VAL A 40 -15.64 -32.83 11.45
N ALA A 41 -15.59 -32.25 12.65
CA ALA A 41 -16.69 -31.54 13.23
C ALA A 41 -16.16 -30.15 13.59
N VAL A 42 -16.92 -29.11 13.29
CA VAL A 42 -16.55 -27.75 13.59
C VAL A 42 -17.66 -27.23 14.48
N GLU A 43 -17.33 -26.36 15.42
CA GLU A 43 -18.33 -25.71 16.22
C GLU A 43 -19.31 -24.92 15.37
N SER A 44 -20.54 -24.73 15.87
CA SER A 44 -21.53 -23.89 15.25
C SER A 44 -21.00 -22.52 14.82
N GLY A 45 -20.63 -22.45 13.54
CA GLY A 45 -20.12 -21.24 12.91
C GLY A 45 -18.83 -20.77 13.54
N ALA A 46 -17.95 -21.72 13.90
CA ALA A 46 -16.72 -21.43 14.63
C ALA A 46 -15.78 -20.39 14.05
N GLY A 47 -15.86 -20.22 12.76
CA GLY A 47 -14.99 -19.33 12.06
C GLY A 47 -15.54 -17.93 11.92
N GLN A 48 -16.60 -17.49 12.61
CA GLN A 48 -17.13 -16.16 12.38
C GLN A 48 -16.14 -15.04 12.71
N LEU A 49 -15.21 -15.32 13.64
CA LEU A 49 -14.06 -14.45 13.86
C LEU A 49 -13.28 -14.23 12.57
N ALA A 50 -13.09 -15.34 11.84
CA ALA A 50 -12.38 -15.33 10.59
C ALA A 50 -13.38 -15.43 9.43
N SER A 51 -14.54 -14.81 9.60
CA SER A 51 -15.57 -14.64 8.57
C SER A 51 -16.31 -15.85 7.98
N PHE A 52 -16.06 -17.09 8.41
CA PHE A 52 -16.75 -18.25 7.92
C PHE A 52 -17.75 -18.85 8.89
N ASP A 53 -19.00 -18.85 8.50
CA ASP A 53 -20.08 -19.41 9.28
C ASP A 53 -20.26 -20.92 9.17
N ASP A 54 -21.30 -21.40 9.85
CA ASP A 54 -21.79 -22.77 9.76
C ASP A 54 -21.85 -23.25 8.32
N LYS A 55 -22.71 -22.70 7.46
CA LYS A 55 -22.95 -23.22 6.10
C LYS A 55 -21.70 -23.09 5.23
N ALA A 56 -20.79 -22.16 5.54
CA ALA A 56 -19.49 -22.07 4.92
C ALA A 56 -18.72 -23.35 5.25
N PHE A 57 -18.71 -23.81 6.50
CA PHE A 57 -18.10 -25.10 6.81
C PHE A 57 -18.97 -26.26 6.25
N VAL A 58 -20.28 -26.08 6.00
CA VAL A 58 -21.06 -27.10 5.27
C VAL A 58 -20.62 -27.14 3.81
N GLN A 59 -20.12 -26.05 3.22
CA GLN A 59 -19.56 -26.02 1.87
C GLN A 59 -18.36 -26.93 1.77
N ALA A 60 -17.47 -26.84 2.77
CA ALA A 60 -16.35 -27.78 2.90
C ALA A 60 -16.83 -29.19 3.17
N GLY A 61 -17.87 -29.29 3.97
CA GLY A 61 -18.43 -30.58 4.35
C GLY A 61 -17.85 -30.88 5.73
N ALA A 62 -18.32 -30.08 6.70
CA ALA A 62 -17.95 -30.26 8.09
C ALA A 62 -19.23 -30.52 8.89
N GLU A 63 -19.19 -31.46 9.82
CA GLU A 63 -20.28 -31.70 10.77
C GLU A 63 -20.35 -30.46 11.65
N ILE A 64 -21.48 -29.77 11.80
CA ILE A 64 -21.59 -28.63 12.68
C ILE A 64 -22.02 -29.12 14.02
N VAL A 65 -21.03 -29.26 14.90
CA VAL A 65 -21.33 -29.67 16.27
C VAL A 65 -21.80 -28.42 16.99
N GLU A 66 -23.00 -28.67 17.48
CA GLU A 66 -23.85 -27.69 18.13
C GLU A 66 -23.36 -27.45 19.53
N GLY A 67 -22.37 -26.56 19.64
CA GLY A 67 -21.83 -26.19 20.93
C GLY A 67 -20.95 -27.32 21.46
N ASN A 68 -21.16 -27.67 22.74
CA ASN A 68 -20.20 -28.42 23.54
C ASN A 68 -19.74 -29.77 23.01
N SER A 69 -20.53 -30.44 22.17
CA SER A 69 -20.15 -31.67 21.51
C SER A 69 -18.87 -31.54 20.70
N VAL A 70 -18.38 -30.30 20.38
CA VAL A 70 -17.06 -30.11 19.78
C VAL A 70 -15.93 -30.70 20.60
N TRP A 71 -16.10 -30.57 21.90
CA TRP A 71 -15.15 -31.02 22.87
C TRP A 71 -15.05 -32.52 22.99
N GLN A 72 -16.14 -33.19 22.61
CA GLN A 72 -16.16 -34.66 22.69
C GLN A 72 -15.59 -35.21 21.38
N SER A 73 -14.28 -35.08 21.18
CA SER A 73 -13.63 -35.52 19.97
C SER A 73 -12.18 -35.90 20.27
N GLU A 74 -11.62 -36.92 19.62
CA GLU A 74 -10.27 -37.39 19.88
C GLU A 74 -9.09 -36.57 19.36
N ILE A 75 -9.35 -35.60 18.48
CA ILE A 75 -8.38 -34.59 18.12
C ILE A 75 -9.11 -33.27 18.34
N ILE A 76 -8.53 -32.38 19.16
CA ILE A 76 -9.07 -31.05 19.34
C ILE A 76 -7.97 -30.14 18.87
N LEU A 77 -8.17 -29.46 17.75
CA LEU A 77 -7.20 -28.55 17.21
C LEU A 77 -7.53 -27.21 17.82
N LYS A 78 -7.03 -26.93 19.02
CA LYS A 78 -7.33 -25.71 19.68
C LYS A 78 -6.41 -24.67 19.13
N VAL A 79 -6.95 -23.45 19.05
CA VAL A 79 -6.26 -22.47 18.25
C VAL A 79 -5.20 -21.73 19.04
N ASN A 80 -5.42 -21.69 20.36
CA ASN A 80 -4.41 -21.27 21.34
C ASN A 80 -4.58 -22.18 22.51
N ALA A 81 -3.87 -21.92 23.58
CA ALA A 81 -4.02 -22.62 24.85
C ALA A 81 -5.45 -22.69 25.42
N PRO A 82 -5.80 -23.81 26.04
CA PRO A 82 -6.94 -23.92 26.93
C PRO A 82 -6.79 -23.06 28.17
N LEU A 83 -7.73 -22.15 28.27
CA LEU A 83 -8.05 -21.47 29.51
C LEU A 83 -8.73 -22.49 30.41
N ASP A 84 -8.75 -22.30 31.74
CA ASP A 84 -9.25 -23.34 32.66
C ASP A 84 -10.68 -23.79 32.42
N ASP A 85 -11.51 -22.84 31.94
CA ASP A 85 -12.81 -23.10 31.32
C ASP A 85 -12.75 -24.27 30.34
N GLU A 86 -11.81 -24.17 29.39
CA GLU A 86 -11.70 -25.12 28.31
C GLU A 86 -11.00 -26.41 28.82
N ILE A 87 -10.03 -26.33 29.74
CA ILE A 87 -9.44 -27.47 30.42
C ILE A 87 -10.52 -28.38 30.98
N ALA A 88 -11.47 -27.76 31.65
CA ALA A 88 -12.60 -28.48 32.21
C ALA A 88 -13.42 -29.12 31.12
N LEU A 89 -13.58 -28.43 29.99
CA LEU A 89 -14.29 -28.94 28.85
C LEU A 89 -13.52 -30.03 28.09
N LEU A 90 -12.18 -30.10 28.17
CA LEU A 90 -11.38 -31.08 27.46
C LEU A 90 -11.63 -32.46 28.05
N ASN A 91 -11.32 -33.54 27.36
CA ASN A 91 -11.59 -34.88 27.81
C ASN A 91 -10.23 -35.60 27.80
N PRO A 92 -9.84 -36.46 28.74
CA PRO A 92 -8.62 -37.22 28.73
C PRO A 92 -8.44 -38.09 27.48
N GLY A 93 -7.21 -38.40 27.14
CA GLY A 93 -6.93 -39.20 25.95
C GLY A 93 -6.94 -38.38 24.68
N THR A 94 -7.39 -37.12 24.72
CA THR A 94 -7.60 -36.37 23.49
C THR A 94 -6.29 -35.77 23.03
N THR A 95 -6.08 -35.85 21.72
CA THR A 95 -4.94 -35.23 21.08
C THR A 95 -5.24 -33.71 21.00
N LEU A 96 -4.90 -32.97 22.04
CA LEU A 96 -5.05 -31.55 22.09
C LEU A 96 -3.87 -30.90 21.38
N VAL A 97 -4.07 -30.56 20.14
CA VAL A 97 -3.01 -29.99 19.33
C VAL A 97 -3.29 -28.50 19.43
N SER A 98 -2.41 -27.68 20.01
CA SER A 98 -2.67 -26.26 20.15
C SER A 98 -1.41 -25.42 20.23
N PHE A 99 -1.45 -24.12 19.98
CA PHE A 99 -0.50 -23.16 20.52
C PHE A 99 -0.51 -23.18 22.03
N ILE A 100 0.43 -23.91 22.64
CA ILE A 100 0.49 -24.10 24.06
C ILE A 100 1.44 -23.12 24.67
N TRP A 101 2.53 -22.84 23.97
CA TRP A 101 3.63 -22.04 24.46
C TRP A 101 4.21 -22.65 25.74
N PRO A 102 4.69 -23.91 25.83
CA PRO A 102 5.14 -24.56 27.07
C PRO A 102 6.11 -23.78 27.91
N ALA A 103 7.09 -23.07 27.32
CA ALA A 103 8.03 -22.30 28.10
C ALA A 103 7.42 -21.01 28.70
N GLN A 104 6.34 -20.51 28.06
CA GLN A 104 5.55 -19.40 28.56
C GLN A 104 4.42 -19.92 29.43
N ASN A 105 4.15 -21.23 29.43
CA ASN A 105 3.01 -21.78 30.14
C ASN A 105 3.31 -23.02 30.99
N PRO A 106 4.34 -23.11 31.86
CA PRO A 106 4.60 -24.26 32.75
C PRO A 106 3.40 -24.61 33.64
N GLU A 107 2.62 -23.58 34.00
CA GLU A 107 1.39 -23.71 34.77
C GLU A 107 0.38 -24.54 34.00
N LEU A 108 0.09 -24.17 32.73
CA LEU A 108 -0.76 -24.94 31.82
C LEU A 108 -0.22 -26.34 31.67
N MET A 109 1.10 -26.53 31.56
CA MET A 109 1.66 -27.85 31.39
C MET A 109 1.19 -28.78 32.53
N GLN A 110 1.33 -28.33 33.79
CA GLN A 110 0.86 -29.03 35.00
C GLN A 110 -0.64 -29.26 34.90
N LYS A 111 -1.36 -28.28 34.39
CA LYS A 111 -2.83 -28.40 34.33
C LYS A 111 -3.28 -29.41 33.28
N LEU A 112 -2.69 -29.45 32.09
CA LEU A 112 -3.10 -30.38 31.05
C LEU A 112 -2.57 -31.77 31.33
N ALA A 113 -1.53 -31.87 32.15
CA ALA A 113 -1.11 -33.14 32.71
C ALA A 113 -2.18 -33.75 33.59
N GLU A 114 -2.83 -32.91 34.43
CA GLU A 114 -3.99 -33.34 35.21
C GLU A 114 -5.13 -33.74 34.28
N ARG A 115 -5.46 -33.01 33.23
CA ARG A 115 -6.46 -33.45 32.27
C ARG A 115 -6.04 -34.62 31.40
N ASN A 116 -4.81 -35.15 31.50
CA ASN A 116 -4.37 -36.40 30.88
C ASN A 116 -4.46 -36.40 29.36
N VAL A 117 -4.20 -35.27 28.73
CA VAL A 117 -4.42 -35.09 27.31
C VAL A 117 -3.07 -35.30 26.62
N THR A 118 -3.09 -35.65 25.35
CA THR A 118 -1.95 -35.62 24.43
C THR A 118 -1.85 -34.17 23.95
N VAL A 119 -0.96 -33.42 24.58
CA VAL A 119 -0.77 -32.03 24.27
C VAL A 119 0.37 -31.88 23.28
N MET A 120 -0.04 -31.49 22.07
CA MET A 120 0.87 -31.22 20.99
C MET A 120 0.99 -29.71 20.77
N ALA A 121 2.12 -29.12 21.15
CA ALA A 121 2.32 -27.68 21.03
C ALA A 121 2.89 -27.30 19.67
N MET A 122 1.94 -26.74 18.92
CA MET A 122 2.18 -26.29 17.56
C MET A 122 3.24 -25.22 17.34
N ASP A 123 3.37 -24.41 18.38
CA ASP A 123 4.51 -23.51 18.46
C ASP A 123 5.80 -24.32 18.61
N SER A 124 5.81 -25.33 19.44
CA SER A 124 7.02 -26.10 19.73
C SER A 124 7.44 -27.19 18.72
N VAL A 125 7.46 -26.83 17.45
CA VAL A 125 7.98 -27.73 16.44
C VAL A 125 9.49 -27.45 16.31
N PRO A 126 10.39 -28.43 16.26
CA PRO A 126 11.81 -28.26 15.94
C PRO A 126 12.01 -27.44 14.66
N ARG A 127 12.74 -26.35 14.73
CA ARG A 127 12.85 -25.37 13.66
C ARG A 127 13.74 -25.87 12.53
N ILE A 128 13.46 -26.96 11.82
CA ILE A 128 14.30 -27.43 10.74
C ILE A 128 13.56 -27.39 9.44
N SER A 129 14.28 -27.54 8.32
CA SER A 129 13.72 -27.59 6.97
C SER A 129 12.41 -28.31 6.77
N ARG A 130 12.41 -29.66 6.97
CA ARG A 130 11.25 -30.53 6.75
C ARG A 130 10.01 -30.12 7.56
N ALA A 131 10.32 -29.60 8.74
CA ALA A 131 9.30 -29.34 9.75
C ALA A 131 8.62 -28.04 9.46
N GLN A 132 9.13 -27.12 8.63
CA GLN A 132 8.58 -25.80 8.44
C GLN A 132 7.13 -25.79 8.02
N SER A 133 6.70 -26.83 7.30
CA SER A 133 5.28 -27.02 6.97
C SER A 133 4.42 -27.33 8.20
N LEU A 134 5.02 -28.01 9.19
CA LEU A 134 4.40 -28.24 10.48
C LEU A 134 4.59 -27.05 11.42
N ASP A 135 5.65 -26.27 11.22
CA ASP A 135 6.07 -25.20 12.10
C ASP A 135 5.13 -24.01 12.10
N ALA A 136 4.17 -24.13 13.01
CA ALA A 136 3.15 -23.10 13.16
C ALA A 136 3.71 -21.80 13.71
N LEU A 137 4.76 -21.89 14.56
CA LEU A 137 5.40 -20.75 15.18
C LEU A 137 5.81 -19.77 14.09
N SER A 138 6.63 -20.28 13.18
CA SER A 138 7.14 -19.52 12.08
C SER A 138 6.05 -19.21 11.06
N SER A 139 5.09 -20.05 10.76
CA SER A 139 4.05 -19.74 9.81
C SER A 139 3.19 -18.61 10.33
N MET A 140 2.87 -18.54 11.62
CA MET A 140 2.05 -17.49 12.15
C MET A 140 2.86 -16.24 12.28
N ALA A 141 4.12 -16.36 12.73
CA ALA A 141 5.08 -15.27 12.69
C ALA A 141 5.19 -14.66 11.28
N ASN A 142 5.22 -15.54 10.26
CA ASN A 142 5.36 -15.14 8.86
C ASN A 142 4.15 -14.32 8.42
N ILE A 143 2.98 -14.88 8.68
CA ILE A 143 1.72 -14.18 8.50
C ILE A 143 1.65 -12.85 9.25
N ALA A 144 2.12 -12.83 10.49
CA ALA A 144 2.20 -11.64 11.32
C ALA A 144 3.19 -10.63 10.77
N GLY A 145 4.26 -11.09 10.13
CA GLY A 145 5.25 -10.24 9.50
C GLY A 145 4.64 -9.49 8.34
N TYR A 146 3.97 -10.23 7.47
CA TYR A 146 3.18 -9.69 6.38
C TYR A 146 2.15 -8.70 6.94
N ARG A 147 1.46 -9.13 8.00
CA ARG A 147 0.49 -8.30 8.67
C ARG A 147 1.10 -7.12 9.43
N ALA A 148 2.36 -7.12 9.85
CA ALA A 148 3.00 -6.00 10.50
C ALA A 148 3.21 -4.95 9.44
N ILE A 149 3.61 -5.39 8.26
CA ILE A 149 3.78 -4.50 7.12
C ILE A 149 2.42 -3.88 6.77
N VAL A 150 1.36 -4.70 6.80
CA VAL A 150 -0.01 -4.25 6.61
C VAL A 150 -0.37 -3.13 7.60
N GLU A 151 -0.40 -3.40 8.91
CA GLU A 151 -0.84 -2.42 9.89
C GLU A 151 0.11 -1.25 10.03
N ALA A 152 1.36 -1.43 9.59
CA ALA A 152 2.26 -0.31 9.38
C ALA A 152 1.63 0.56 8.26
N ALA A 153 1.33 0.10 7.05
CA ALA A 153 0.64 0.92 6.04
C ALA A 153 -0.73 1.38 6.49
N HIS A 154 -1.38 0.74 7.52
CA HIS A 154 -2.60 1.23 8.05
C HIS A 154 -2.39 2.57 8.77
N GLU A 155 -1.28 2.73 9.47
CA GLU A 155 -1.00 3.97 10.15
C GLU A 155 0.12 4.79 9.56
N PHE A 156 0.75 4.32 8.48
CA PHE A 156 1.91 4.97 7.88
C PHE A 156 1.49 6.28 7.28
N GLY A 157 2.36 7.26 7.28
CA GLY A 157 2.04 8.48 6.59
C GLY A 157 2.11 8.31 5.09
N ARG A 158 3.09 7.57 4.61
CA ARG A 158 3.42 7.58 3.19
C ARG A 158 3.04 6.31 2.46
N PHE A 159 3.34 6.22 1.17
CA PHE A 159 3.21 4.88 0.55
C PHE A 159 4.47 4.05 0.85
N PHE A 160 4.31 2.74 0.85
CA PHE A 160 5.46 1.87 0.62
C PHE A 160 5.84 2.02 -0.84
N THR A 161 4.82 1.73 -1.63
CA THR A 161 4.87 1.68 -3.07
C THR A 161 5.27 3.00 -3.66
N GLY A 162 6.57 3.24 -3.89
CA GLY A 162 7.02 4.47 -4.54
C GLY A 162 6.43 4.64 -5.93
N GLN A 163 5.85 5.81 -6.14
CA GLN A 163 5.24 6.11 -7.42
C GLN A 163 5.06 7.59 -7.69
N ILE A 164 5.36 8.01 -8.89
CA ILE A 164 5.02 9.36 -9.33
C ILE A 164 3.54 9.24 -9.69
N THR A 165 2.77 10.12 -9.06
CA THR A 165 1.31 10.16 -9.26
C THR A 165 1.05 11.25 -10.26
N ALA A 166 -0.20 11.63 -10.56
CA ALA A 166 -0.44 12.64 -11.57
C ALA A 166 -0.03 13.99 -11.04
N ALA A 167 0.10 14.18 -9.71
CA ALA A 167 0.64 15.41 -9.19
C ALA A 167 2.09 15.29 -8.71
N GLY A 168 2.42 14.29 -7.92
CA GLY A 168 3.62 14.43 -7.13
C GLY A 168 4.35 13.14 -6.85
N LYS A 169 5.61 13.28 -6.47
CA LYS A 169 6.43 12.12 -6.20
C LYS A 169 6.19 11.52 -4.83
N VAL A 170 5.86 10.22 -4.84
CA VAL A 170 5.88 9.38 -3.66
C VAL A 170 7.24 8.68 -3.68
N PRO A 171 8.12 8.90 -2.67
CA PRO A 171 9.36 8.15 -2.53
C PRO A 171 9.14 6.69 -2.10
N PRO A 172 9.86 5.68 -2.60
CA PRO A 172 9.77 4.35 -2.02
C PRO A 172 10.17 4.33 -0.56
N ALA A 173 9.33 3.82 0.35
CA ALA A 173 9.63 3.81 1.77
C ALA A 173 10.85 2.98 2.17
N LYS A 174 11.68 3.42 3.09
CA LYS A 174 12.73 2.57 3.64
C LYS A 174 12.26 1.76 4.85
N VAL A 175 12.20 0.44 4.70
CA VAL A 175 11.70 -0.41 5.78
C VAL A 175 12.90 -1.04 6.48
N MET A 176 13.21 -0.76 7.75
CA MET A 176 14.23 -1.53 8.46
C MET A 176 13.57 -2.56 9.33
N VAL A 177 13.74 -3.85 9.03
CA VAL A 177 13.34 -4.95 9.91
C VAL A 177 14.47 -5.12 10.90
N ILE A 178 14.23 -5.14 12.20
CA ILE A 178 15.27 -5.34 13.21
C ILE A 178 14.90 -6.60 13.95
N GLY A 179 15.89 -7.43 14.20
CA GLY A 179 15.72 -8.67 14.93
C GLY A 179 15.03 -9.72 14.04
N ALA A 180 15.64 -10.02 12.90
CA ALA A 180 15.02 -10.75 11.81
C ALA A 180 14.82 -12.23 12.09
N GLY A 181 13.70 -12.52 12.76
CA GLY A 181 13.16 -13.87 12.82
C GLY A 181 12.49 -14.20 11.46
N VAL A 182 11.84 -15.35 11.34
CA VAL A 182 11.17 -15.76 10.10
C VAL A 182 10.09 -14.74 9.70
N ALA A 183 9.43 -14.23 10.72
CA ALA A 183 8.53 -13.09 10.56
C ALA A 183 9.16 -11.89 9.85
N GLY A 184 10.40 -11.58 10.21
CA GLY A 184 11.16 -10.50 9.61
C GLY A 184 11.45 -10.81 8.12
N LEU A 185 11.75 -12.07 7.83
CA LEU A 185 12.01 -12.49 6.46
C LEU A 185 10.73 -12.29 5.64
N ALA A 186 9.58 -12.76 6.15
CA ALA A 186 8.34 -12.51 5.43
C ALA A 186 7.94 -11.03 5.34
N ALA A 187 8.24 -10.23 6.38
CA ALA A 187 8.06 -8.81 6.29
C ALA A 187 8.81 -8.11 5.17
N ILE A 188 10.06 -8.54 4.96
CA ILE A 188 10.85 -8.17 3.79
C ILE A 188 10.13 -8.52 2.49
N GLY A 189 9.64 -9.76 2.36
CA GLY A 189 8.87 -10.19 1.23
C GLY A 189 7.64 -9.33 1.03
N ALA A 190 6.92 -8.94 2.09
CA ALA A 190 5.71 -8.13 1.96
C ALA A 190 5.99 -6.73 1.46
N ALA A 191 6.93 -6.02 2.12
CA ALA A 191 7.35 -4.68 1.76
C ALA A 191 7.91 -4.64 0.34
N ASN A 192 8.67 -5.66 0.00
CA ASN A 192 9.24 -5.82 -1.32
C ASN A 192 8.17 -5.96 -2.40
N SER A 193 7.15 -6.74 -2.16
CA SER A 193 5.97 -6.85 -3.04
C SER A 193 5.33 -5.49 -3.20
N LEU A 194 5.05 -4.77 -2.12
CA LEU A 194 4.60 -3.40 -2.24
C LEU A 194 5.56 -2.43 -2.91
N GLY A 195 6.88 -2.69 -3.04
CA GLY A 195 7.75 -1.81 -3.79
C GLY A 195 8.50 -0.83 -2.90
N ALA A 196 8.85 -1.28 -1.67
CA ALA A 196 9.61 -0.48 -0.72
C ALA A 196 11.08 -0.86 -0.70
N ILE A 197 11.98 0.06 -0.28
CA ILE A 197 13.40 -0.23 -0.14
C ILE A 197 13.50 -0.98 1.19
N VAL A 198 13.67 -2.30 1.15
CA VAL A 198 13.61 -3.05 2.41
C VAL A 198 15.06 -3.18 2.90
N ARG A 199 15.21 -3.24 4.24
CA ARG A 199 16.49 -3.44 4.92
C ARG A 199 16.26 -4.32 6.12
N ALA A 200 17.32 -4.99 6.63
CA ALA A 200 17.23 -5.82 7.84
C ALA A 200 18.53 -5.93 8.62
N PHE A 201 18.35 -6.08 9.93
CA PHE A 201 19.46 -6.25 10.82
C PHE A 201 19.07 -7.32 11.84
N ASP A 202 20.13 -8.04 12.25
CA ASP A 202 20.09 -9.00 13.37
C ASP A 202 21.56 -9.36 13.56
N THR A 203 21.86 -10.02 14.66
CA THR A 203 23.17 -10.53 15.00
C THR A 203 23.52 -11.69 14.09
N ARG A 204 22.55 -12.59 13.86
CA ARG A 204 22.80 -13.90 13.27
C ARG A 204 22.97 -13.89 11.75
N PRO A 205 24.16 -14.18 11.20
CA PRO A 205 24.36 -14.24 9.76
C PRO A 205 23.50 -15.21 8.95
N GLU A 206 22.93 -16.25 9.57
CA GLU A 206 22.09 -17.22 8.88
C GLU A 206 20.86 -16.67 8.09
N VAL A 207 20.38 -15.50 8.51
CA VAL A 207 19.18 -14.95 7.90
C VAL A 207 19.43 -14.09 6.67
N LYS A 208 20.72 -13.71 6.48
CA LYS A 208 21.08 -12.70 5.47
C LYS A 208 20.76 -13.13 4.04
N GLU A 209 20.98 -14.41 3.77
CA GLU A 209 20.76 -15.01 2.48
C GLU A 209 19.30 -14.79 2.01
N GLN A 210 18.38 -15.11 2.94
CA GLN A 210 16.97 -14.90 2.74
C GLN A 210 16.66 -13.41 2.63
N VAL A 211 17.20 -12.52 3.47
CA VAL A 211 16.92 -11.10 3.38
C VAL A 211 17.25 -10.56 2.00
N GLN A 212 18.42 -10.94 1.52
CA GLN A 212 18.85 -10.45 0.20
C GLN A 212 17.97 -10.98 -0.87
N SER A 213 17.50 -12.24 -0.74
CA SER A 213 16.70 -12.85 -1.79
C SER A 213 15.30 -12.25 -1.88
N MET A 214 14.60 -12.16 -0.75
CA MET A 214 13.25 -11.63 -0.73
C MET A 214 13.26 -10.15 -1.05
N GLY A 215 14.35 -9.42 -0.78
CA GLY A 215 14.61 -8.16 -1.49
C GLY A 215 14.96 -7.03 -0.56
N ALA A 216 16.13 -7.13 0.06
CA ALA A 216 16.49 -6.14 1.06
C ALA A 216 17.98 -6.01 1.24
N GLU A 217 18.44 -4.93 1.84
CA GLU A 217 19.82 -4.69 2.23
C GLU A 217 20.02 -5.21 3.66
N PHE A 218 20.84 -6.25 3.87
CA PHE A 218 21.11 -6.63 5.22
C PHE A 218 22.25 -5.75 5.71
N LEU A 219 21.91 -4.94 6.68
CA LEU A 219 22.75 -3.95 7.28
C LEU A 219 23.81 -4.64 8.09
N GLU A 220 25.05 -4.45 7.67
CA GLU A 220 26.13 -5.04 8.43
C GLU A 220 26.33 -4.37 9.79
N LEU A 221 26.70 -5.21 10.76
CA LEU A 221 27.19 -4.76 12.03
C LEU A 221 28.47 -3.96 11.84
N ASP A 222 28.31 -2.65 11.76
CA ASP A 222 29.44 -1.76 11.74
C ASP A 222 30.06 -1.83 13.14
N PHE A 223 30.97 -2.75 13.24
CA PHE A 223 31.56 -3.09 14.51
C PHE A 223 33.03 -2.66 14.45
N ASP A 231 32.03 -15.69 19.68
CA ASP A 231 31.03 -16.35 18.91
C ASP A 231 29.82 -15.45 18.81
N GLY A 232 28.81 -15.88 18.08
CA GLY A 232 27.61 -15.09 17.82
C GLY A 232 26.84 -14.68 19.08
N TYR A 233 26.74 -15.57 20.08
CA TYR A 233 26.20 -15.22 21.38
C TYR A 233 27.10 -14.21 22.10
N ALA A 234 28.43 -14.45 22.13
CA ALA A 234 29.37 -13.55 22.81
C ALA A 234 29.28 -12.15 22.20
N LYS A 235 29.35 -12.04 20.87
CA LYS A 235 29.03 -10.82 20.17
C LYS A 235 27.68 -10.25 20.59
N VAL A 236 26.60 -11.01 20.47
CA VAL A 236 25.28 -10.56 20.91
C VAL A 236 25.13 -10.01 22.32
N MET A 237 25.92 -10.49 23.27
CA MET A 237 25.93 -9.96 24.62
C MET A 237 26.75 -8.66 24.75
N SER A 238 27.78 -8.43 23.92
CA SER A 238 28.72 -7.35 24.10
C SER A 238 28.16 -5.94 24.15
N ASP A 239 28.75 -5.16 25.06
CA ASP A 239 28.44 -3.75 25.20
C ASP A 239 28.68 -2.89 23.97
N ALA A 240 29.86 -2.99 23.37
CA ALA A 240 30.18 -2.30 22.10
C ALA A 240 29.27 -2.74 20.96
N PHE A 241 28.75 -3.93 21.06
CA PHE A 241 27.80 -4.45 20.12
C PHE A 241 26.47 -3.68 20.25
N ILE A 242 25.92 -3.54 21.48
CA ILE A 242 24.70 -2.78 21.70
C ILE A 242 24.85 -1.31 21.32
N LYS A 243 26.05 -0.74 21.51
CA LYS A 243 26.44 0.51 20.92
C LYS A 243 26.34 0.44 19.40
N ALA A 244 26.97 -0.55 18.76
CA ALA A 244 26.91 -0.66 17.34
C ALA A 244 25.48 -0.82 16.77
N GLU A 245 24.64 -1.62 17.43
CA GLU A 245 23.25 -1.72 17.07
C GLU A 245 22.61 -0.37 17.10
N MET A 246 22.75 0.35 18.23
CA MET A 246 22.20 1.68 18.39
C MET A 246 22.80 2.71 17.41
N GLU A 247 24.02 2.51 16.88
CA GLU A 247 24.58 3.30 15.78
C GLU A 247 23.89 2.96 14.44
N LEU A 248 23.62 1.70 14.13
CA LEU A 248 22.83 1.30 12.97
C LEU A 248 21.46 1.94 13.09
N PHE A 249 20.84 1.88 14.28
CA PHE A 249 19.53 2.48 14.60
C PHE A 249 19.56 4.00 14.46
N ALA A 250 20.58 4.67 14.99
CA ALA A 250 20.74 6.13 14.85
C ALA A 250 20.89 6.54 13.42
N ALA A 251 21.63 5.74 12.67
CA ALA A 251 21.82 5.96 11.25
C ALA A 251 20.51 5.82 10.48
N GLN A 252 19.81 4.68 10.64
CA GLN A 252 18.59 4.44 9.93
C GLN A 252 17.46 5.39 10.35
N ALA A 253 17.47 5.82 11.61
CA ALA A 253 16.46 6.72 12.17
C ALA A 253 16.30 7.98 11.35
N LYS A 254 17.43 8.43 10.78
CA LYS A 254 17.40 9.63 9.96
C LYS A 254 16.61 9.46 8.64
N GLU A 255 16.59 8.21 8.14
CA GLU A 255 16.08 7.96 6.80
C GLU A 255 14.82 7.11 6.76
N VAL A 256 14.65 6.12 7.61
CA VAL A 256 13.63 5.09 7.45
C VAL A 256 12.22 5.57 7.63
N ASP A 257 11.35 4.67 7.20
CA ASP A 257 9.93 4.92 7.10
C ASP A 257 9.18 3.89 7.90
N ILE A 258 9.56 2.62 7.83
CA ILE A 258 8.96 1.59 8.66
C ILE A 258 10.13 0.95 9.39
N ILE A 259 9.95 0.67 10.67
CA ILE A 259 10.80 -0.27 11.43
C ILE A 259 9.92 -1.43 11.80
N VAL A 260 10.35 -2.67 11.56
CA VAL A 260 9.61 -3.84 12.05
C VAL A 260 10.42 -4.52 13.15
N THR A 261 10.01 -4.38 14.40
CA THR A 261 10.72 -4.96 15.50
C THR A 261 10.22 -6.36 15.79
N THR A 262 11.12 -7.28 15.44
CA THR A 262 10.77 -8.66 15.17
C THR A 262 11.24 -9.72 16.19
N ALA A 263 12.33 -9.47 16.91
CA ALA A 263 12.98 -10.51 17.73
C ALA A 263 12.20 -10.97 18.96
N LEU A 264 11.20 -11.80 18.73
CA LEU A 264 10.40 -12.43 19.76
C LEU A 264 11.05 -13.75 20.12
N ILE A 265 11.23 -13.98 21.41
CA ILE A 265 11.79 -15.26 21.84
C ILE A 265 10.56 -15.91 22.51
N PRO A 266 10.31 -17.20 22.33
CA PRO A 266 9.45 -17.93 23.20
C PRO A 266 10.04 -17.99 24.61
N GLY A 267 9.24 -17.71 25.63
CA GLY A 267 9.65 -17.75 27.03
C GLY A 267 10.17 -16.40 27.44
N LYS A 268 11.34 -16.02 26.89
CA LYS A 268 12.01 -14.77 27.26
C LYS A 268 11.22 -13.61 26.67
N PRO A 269 11.05 -12.49 27.37
CA PRO A 269 10.63 -11.24 26.78
C PRO A 269 11.68 -10.77 25.78
N ALA A 270 11.20 -10.15 24.68
CA ALA A 270 11.97 -9.67 23.56
C ALA A 270 12.99 -8.64 24.03
N PRO A 271 14.26 -8.70 23.65
CA PRO A 271 15.30 -7.78 24.03
C PRO A 271 14.92 -6.35 23.64
N LYS A 272 14.85 -5.37 24.57
CA LYS A 272 14.52 -4.02 24.23
C LYS A 272 15.75 -3.37 23.65
N LEU A 273 15.72 -3.38 22.31
CA LEU A 273 16.83 -2.93 21.49
C LEU A 273 16.85 -1.42 21.46
N ILE A 274 15.80 -0.84 20.89
CA ILE A 274 15.82 0.57 20.55
C ILE A 274 15.36 1.41 21.73
N THR A 275 16.31 2.17 22.27
CA THR A 275 16.05 3.11 23.36
C THR A 275 15.10 4.23 22.92
N ARG A 276 14.21 4.64 23.80
CA ARG A 276 13.12 5.54 23.50
C ARG A 276 13.50 6.82 22.76
N GLU A 277 14.56 7.45 23.29
CA GLU A 277 15.25 8.60 22.73
C GLU A 277 15.44 8.50 21.23
N MET A 278 15.96 7.35 20.79
CA MET A 278 16.28 7.23 19.37
C MET A 278 15.07 7.13 18.46
N VAL A 279 13.96 6.66 19.01
CA VAL A 279 12.70 6.62 18.29
C VAL A 279 12.17 8.01 18.02
N ASP A 280 12.26 8.90 19.02
CA ASP A 280 11.93 10.31 18.84
C ASP A 280 12.78 10.95 17.76
N SER A 281 14.06 10.58 17.72
CA SER A 281 14.96 11.01 16.69
C SER A 281 14.67 10.48 15.29
N MET A 282 13.73 9.56 15.13
CA MET A 282 13.44 8.90 13.84
C MET A 282 12.64 9.88 12.98
N LYS A 283 12.82 9.73 11.68
CA LYS A 283 12.11 10.45 10.64
C LYS A 283 10.62 10.30 10.81
N ALA A 284 9.91 11.43 10.86
CA ALA A 284 8.49 11.42 11.13
C ALA A 284 7.60 10.91 10.01
N GLY A 285 6.31 10.70 10.28
CA GLY A 285 5.30 10.11 9.39
C GLY A 285 5.56 8.64 9.15
N SER A 286 6.14 7.96 10.11
CA SER A 286 6.70 6.63 9.99
C SER A 286 6.12 5.69 11.04
N VAL A 287 6.35 4.38 10.94
CA VAL A 287 5.77 3.42 11.85
C VAL A 287 6.88 2.56 12.38
N ILE A 288 6.71 2.08 13.63
CA ILE A 288 7.47 0.95 14.12
C ILE A 288 6.43 -0.08 14.48
N VAL A 289 6.27 -1.10 13.62
CA VAL A 289 5.40 -2.19 13.98
C VAL A 289 6.11 -3.22 14.83
N ASP A 290 5.71 -3.35 16.09
CA ASP A 290 6.40 -4.24 16.97
C ASP A 290 5.67 -5.55 17.03
N LEU A 291 6.28 -6.51 16.33
CA LEU A 291 5.79 -7.87 16.30
C LEU A 291 6.08 -8.50 17.66
N ALA A 292 7.19 -8.17 18.28
CA ALA A 292 7.61 -8.82 19.49
C ALA A 292 6.79 -8.43 20.71
N ALA A 293 5.89 -7.46 20.56
CA ALA A 293 4.95 -6.96 21.53
C ALA A 293 4.25 -8.02 22.37
N GLN A 294 4.01 -9.22 21.81
CA GLN A 294 3.43 -10.31 22.60
C GLN A 294 4.33 -10.88 23.72
N ASN A 295 5.58 -10.43 23.91
CA ASN A 295 6.28 -10.61 25.17
C ASN A 295 7.32 -9.52 25.14
N GLY A 296 7.12 -8.36 25.76
CA GLY A 296 8.20 -7.39 25.93
C GLY A 296 8.27 -6.42 24.77
N GLY A 297 8.46 -6.85 23.52
CA GLY A 297 8.55 -5.90 22.42
C GLY A 297 9.91 -5.25 22.33
N ASN A 298 10.49 -5.13 21.13
CA ASN A 298 11.89 -4.80 20.95
C ASN A 298 12.19 -3.30 20.97
N CYS A 299 11.17 -2.45 20.80
CA CYS A 299 11.31 -1.03 20.97
C CYS A 299 11.03 -0.76 22.45
N GLU A 300 11.63 0.28 23.03
CA GLU A 300 11.20 0.65 24.36
C GLU A 300 9.90 1.45 24.48
N TYR A 301 9.38 2.01 23.38
CA TYR A 301 8.15 2.73 23.41
C TYR A 301 6.93 1.85 23.52
N THR A 302 7.03 0.60 23.09
CA THR A 302 5.91 -0.28 22.85
C THR A 302 5.06 -0.56 24.09
N VAL A 303 3.87 0.04 24.18
CA VAL A 303 2.86 -0.36 25.13
C VAL A 303 2.13 -1.40 24.31
N PRO A 304 2.14 -2.68 24.67
CA PRO A 304 1.45 -3.72 23.88
C PRO A 304 -0.02 -3.40 23.72
N GLY A 305 -0.58 -3.81 22.62
CA GLY A 305 -1.95 -3.49 22.29
C GLY A 305 -2.08 -2.20 21.49
N GLU A 306 -1.39 -1.10 21.81
CA GLU A 306 -1.71 0.19 21.18
C GLU A 306 -0.79 0.71 20.10
N ILE A 307 -1.28 1.80 19.47
CA ILE A 307 -0.44 2.60 18.61
C ILE A 307 -0.02 3.71 19.57
N PHE A 308 1.24 3.80 19.96
CA PHE A 308 1.71 4.91 20.74
C PHE A 308 2.31 5.79 19.69
N THR A 309 1.76 6.96 19.44
CA THR A 309 2.40 7.88 18.51
C THR A 309 3.47 8.64 19.30
N THR A 310 4.74 8.37 18.98
CA THR A 310 5.89 9.10 19.49
C THR A 310 5.73 10.56 19.04
N GLU A 311 6.00 11.61 19.85
CA GLU A 311 5.70 13.01 19.48
C GLU A 311 6.32 13.57 18.21
N ASN A 312 7.26 12.82 17.62
CA ASN A 312 7.76 13.23 16.33
C ASN A 312 6.76 12.79 15.26
N GLY A 313 6.15 11.63 15.43
CA GLY A 313 5.21 11.13 14.49
C GLY A 313 5.62 9.75 13.98
N VAL A 314 6.26 8.98 14.88
CA VAL A 314 6.55 7.59 14.63
C VAL A 314 5.51 6.85 15.45
N LYS A 315 4.56 6.23 14.75
CA LYS A 315 3.54 5.49 15.47
C LYS A 315 4.10 4.11 15.73
N VAL A 316 4.50 3.84 16.99
CA VAL A 316 4.98 2.55 17.45
C VAL A 316 3.74 1.73 17.81
N ILE A 317 3.42 0.84 16.87
CA ILE A 317 2.22 0.02 16.88
C ILE A 317 2.60 -1.36 17.48
N GLY A 318 2.36 -1.53 18.77
CA GLY A 318 2.65 -2.77 19.44
C GLY A 318 1.50 -3.76 19.39
N TYR A 319 1.09 -4.16 18.20
CA TYR A 319 -0.13 -4.96 18.15
C TYR A 319 0.16 -6.41 18.49
N THR A 320 -0.11 -6.73 19.74
CA THR A 320 0.12 -8.03 20.35
C THR A 320 -0.70 -9.08 19.58
N ASP A 321 -1.89 -8.67 19.12
CA ASP A 321 -2.80 -9.50 18.39
C ASP A 321 -2.46 -9.66 16.90
N LEU A 322 -1.34 -9.13 16.37
CA LEU A 322 -0.95 -9.32 14.98
C LEU A 322 -1.04 -10.72 14.36
N PRO A 323 -0.65 -11.84 14.97
CA PRO A 323 -0.81 -13.18 14.39
C PRO A 323 -2.28 -13.57 14.25
N GLY A 324 -3.15 -12.94 15.02
CA GLY A 324 -4.58 -13.11 14.89
C GLY A 324 -5.12 -12.26 13.76
N ARG A 325 -4.61 -11.04 13.67
CA ARG A 325 -5.14 -9.97 12.85
C ARG A 325 -5.46 -10.20 11.38
N LEU A 326 -4.87 -11.23 10.77
CA LEU A 326 -5.21 -11.54 9.38
C LEU A 326 -5.97 -12.85 9.47
N PRO A 327 -7.25 -12.76 9.84
CA PRO A 327 -8.00 -13.87 10.44
C PRO A 327 -8.02 -15.13 9.61
N THR A 328 -8.55 -15.11 8.41
CA THR A 328 -8.68 -16.27 7.53
C THR A 328 -7.30 -16.81 7.09
N GLN A 329 -6.27 -15.96 6.96
CA GLN A 329 -4.96 -16.41 6.54
C GLN A 329 -4.36 -17.25 7.64
N SER A 330 -4.33 -16.70 8.83
CA SER A 330 -3.75 -17.38 10.00
C SER A 330 -4.49 -18.68 10.24
N SER A 331 -5.82 -18.66 10.11
CA SER A 331 -6.65 -19.85 10.22
C SER A 331 -6.32 -20.85 9.13
N GLN A 332 -6.16 -20.39 7.89
CA GLN A 332 -5.93 -21.25 6.73
C GLN A 332 -4.60 -21.99 6.94
N LEU A 333 -3.57 -21.20 7.23
CA LEU A 333 -2.26 -21.75 7.34
C LEU A 333 -2.02 -22.50 8.63
N TYR A 334 -2.57 -22.10 9.81
CA TYR A 334 -2.57 -22.91 11.03
C TYR A 334 -3.20 -24.27 10.72
N GLY A 335 -4.40 -24.21 10.16
CA GLY A 335 -5.04 -25.37 9.59
C GLY A 335 -4.08 -26.18 8.72
N THR A 336 -3.30 -25.58 7.84
CA THR A 336 -2.38 -26.31 6.98
C THR A 336 -1.22 -26.88 7.78
N ASN A 337 -0.72 -26.19 8.81
CA ASN A 337 0.28 -26.77 9.74
C ASN A 337 -0.34 -27.97 10.44
N LEU A 338 -1.59 -27.87 10.87
CA LEU A 338 -2.22 -28.96 11.59
C LEU A 338 -2.46 -30.19 10.70
N VAL A 339 -2.87 -29.97 9.45
CA VAL A 339 -3.04 -31.01 8.45
C VAL A 339 -1.68 -31.64 8.27
N ASN A 340 -0.63 -30.84 8.13
CA ASN A 340 0.71 -31.31 7.97
C ASN A 340 1.21 -32.23 9.06
N LEU A 341 0.89 -31.84 10.28
CA LEU A 341 1.18 -32.66 11.45
C LEU A 341 0.41 -33.99 11.37
N LEU A 342 -0.92 -33.90 11.20
CA LEU A 342 -1.79 -35.05 11.13
C LEU A 342 -1.54 -35.93 9.92
N LYS A 343 -0.85 -35.43 8.91
CA LYS A 343 -0.36 -36.26 7.82
C LYS A 343 0.64 -37.25 8.39
N LEU A 344 1.61 -36.78 9.20
CA LEU A 344 2.62 -37.70 9.69
C LEU A 344 2.13 -38.49 10.91
N LEU A 345 1.11 -37.92 11.54
CA LEU A 345 0.38 -38.59 12.56
C LEU A 345 -0.57 -39.62 12.02
N CYS A 346 -1.04 -39.53 10.77
CA CYS A 346 -1.91 -40.54 10.24
C CYS A 346 -1.28 -40.85 8.89
N LYS A 347 -0.14 -41.51 8.92
CA LYS A 347 0.60 -41.84 7.74
C LYS A 347 -0.11 -42.84 6.87
N GLU A 348 -0.71 -43.82 7.47
CA GLU A 348 -1.43 -44.85 6.75
C GLU A 348 -2.75 -44.48 6.12
N LYS A 349 -3.61 -43.73 6.82
CA LYS A 349 -4.93 -43.27 6.35
C LYS A 349 -5.86 -44.40 5.89
N ASP A 350 -6.58 -45.25 6.63
CA ASP A 350 -6.58 -45.47 8.06
C ASP A 350 -7.36 -44.48 8.90
N GLY A 351 -6.78 -43.30 9.22
CA GLY A 351 -7.38 -42.40 10.17
C GLY A 351 -7.20 -42.86 11.61
N ASN A 352 -5.95 -42.88 12.07
CA ASN A 352 -5.65 -43.13 13.49
C ASN A 352 -4.46 -42.29 13.91
N ILE A 353 -4.50 -41.75 15.12
CA ILE A 353 -3.51 -40.77 15.58
C ILE A 353 -2.25 -41.56 16.00
N THR A 354 -1.36 -41.76 15.06
CA THR A 354 -0.11 -42.39 15.33
C THR A 354 0.91 -41.33 15.71
N VAL A 355 0.94 -41.09 17.01
CA VAL A 355 1.85 -40.10 17.56
C VAL A 355 3.25 -40.74 17.52
N ASP A 356 4.22 -40.15 16.83
CA ASP A 356 5.53 -40.74 16.69
C ASP A 356 6.45 -40.20 17.76
N PHE A 357 7.39 -41.04 18.18
CA PHE A 357 8.46 -40.57 19.05
C PHE A 357 9.83 -40.53 18.34
N ASP A 358 10.10 -41.52 17.47
CA ASP A 358 11.38 -41.62 16.79
C ASP A 358 11.51 -40.49 15.78
N ASP A 359 10.35 -40.04 15.25
CA ASP A 359 10.34 -38.84 14.47
C ASP A 359 10.43 -37.69 15.48
N VAL A 360 11.65 -37.21 15.67
CA VAL A 360 11.98 -36.22 16.67
C VAL A 360 11.16 -34.93 16.52
N VAL A 361 10.73 -34.48 15.34
CA VAL A 361 9.91 -33.28 15.33
C VAL A 361 8.52 -33.50 15.95
N ILE A 362 7.99 -34.70 15.72
CA ILE A 362 6.72 -35.05 16.33
C ILE A 362 6.95 -35.17 17.85
N ARG A 363 8.03 -35.84 18.27
CA ARG A 363 8.49 -35.93 19.67
C ARG A 363 8.65 -34.56 20.33
N GLY A 364 9.07 -33.56 19.52
CA GLY A 364 9.04 -32.15 19.93
C GLY A 364 7.65 -31.63 20.28
N VAL A 365 6.79 -31.63 19.28
CA VAL A 365 5.43 -31.11 19.39
C VAL A 365 4.64 -31.83 20.51
N THR A 366 4.85 -33.14 20.66
CA THR A 366 4.24 -33.94 21.73
C THR A 366 4.87 -33.59 23.05
N VAL A 367 4.42 -32.45 23.57
CA VAL A 367 4.93 -31.92 24.83
C VAL A 367 4.35 -32.72 25.98
N ILE A 368 3.10 -33.20 25.94
CA ILE A 368 2.53 -34.04 26.97
C ILE A 368 1.87 -35.18 26.18
N ARG A 369 2.02 -36.45 26.52
CA ARG A 369 1.20 -37.44 25.86
C ARG A 369 0.39 -38.26 26.88
N ALA A 370 -0.91 -38.16 26.67
CA ALA A 370 -1.94 -38.92 27.37
C ALA A 370 -1.68 -38.88 28.88
N GLY A 371 -1.35 -37.68 29.39
CA GLY A 371 -1.07 -37.54 30.81
C GLY A 371 0.35 -37.12 31.21
N GLU A 372 1.35 -37.94 30.86
CA GLU A 372 2.70 -37.64 31.28
C GLU A 372 3.34 -36.62 30.34
N ILE A 373 3.93 -35.58 30.93
CA ILE A 373 4.70 -34.56 30.19
C ILE A 373 5.91 -35.24 29.58
N THR A 374 5.93 -35.16 28.27
CA THR A 374 7.05 -35.61 27.49
C THR A 374 8.00 -34.53 27.03
N TRP A 375 7.75 -33.25 27.36
CA TRP A 375 8.67 -32.15 27.09
C TRP A 375 9.99 -32.29 27.84
N PRO A 376 11.21 -31.86 27.50
CA PRO A 376 11.57 -31.30 26.19
C PRO A 376 11.75 -32.41 25.12
N ALA A 377 12.61 -32.18 24.10
CA ALA A 377 12.75 -33.15 23.02
C ALA A 377 14.17 -33.07 22.48
N PRO A 378 14.71 -34.13 21.86
CA PRO A 378 15.96 -34.12 21.11
C PRO A 378 16.16 -32.90 20.21
N PRO A 379 17.18 -32.06 20.42
CA PRO A 379 17.47 -30.88 19.58
C PRO A 379 18.09 -31.14 18.21
N ILE A 380 18.24 -32.28 17.81
N HIS B 5 1.45 43.53 4.34
CA HIS B 5 0.49 42.49 4.49
C HIS B 5 1.21 41.19 4.14
N HIS B 6 0.53 40.11 3.79
CA HIS B 6 1.18 38.81 3.57
C HIS B 6 0.95 38.19 2.20
N HIS B 7 1.06 39.07 1.18
CA HIS B 7 1.13 38.67 -0.22
C HIS B 7 2.47 37.99 -0.44
N GLY B 8 2.46 36.97 -1.30
CA GLY B 8 3.59 36.08 -1.46
C GLY B 8 3.69 35.07 -0.31
N ARG B 9 2.94 35.23 0.80
CA ARG B 9 2.91 34.20 1.86
C ARG B 9 1.72 33.34 1.69
N ILE B 10 1.90 32.05 1.96
CA ILE B 10 0.84 31.08 1.92
C ILE B 10 0.39 30.87 3.37
N GLY B 11 -0.87 30.44 3.52
CA GLY B 11 -1.35 29.92 4.76
C GLY B 11 -1.89 28.53 4.51
N ILE B 12 -1.39 27.62 5.33
CA ILE B 12 -1.77 26.22 5.31
C ILE B 12 -2.42 25.97 6.67
N PRO B 13 -3.73 25.72 6.77
CA PRO B 13 -4.45 25.41 7.99
C PRO B 13 -4.17 24.00 8.45
N ARG B 14 -4.31 23.78 9.75
CA ARG B 14 -4.41 22.47 10.35
C ARG B 14 -5.86 22.10 10.05
N GLU B 15 -6.11 20.97 9.41
CA GLU B 15 -7.47 20.66 9.03
C GLU B 15 -8.43 20.12 10.10
N ARG B 16 -9.56 20.81 10.19
CA ARG B 16 -10.53 20.60 11.26
C ARG B 16 -11.69 19.68 10.86
N LEU B 17 -11.63 19.00 9.71
CA LEU B 17 -12.68 18.03 9.31
C LEU B 17 -12.67 16.84 10.28
N THR B 18 -13.79 16.22 10.67
CA THR B 18 -13.75 14.92 11.34
C THR B 18 -13.27 13.85 10.35
N ASN B 19 -12.58 12.87 10.92
CA ASN B 19 -11.93 11.78 10.16
C ASN B 19 -10.95 12.34 9.17
N GLU B 20 -10.01 13.07 9.71
CA GLU B 20 -9.05 13.78 8.86
C GLU B 20 -7.68 13.63 9.45
N THR B 21 -6.68 13.53 8.55
CA THR B 21 -5.27 13.50 8.93
C THR B 21 -4.44 14.37 7.98
N ARG B 22 -5.12 15.02 7.04
CA ARG B 22 -4.42 15.90 6.12
C ARG B 22 -4.15 17.27 6.70
N VAL B 23 -2.99 17.80 6.37
CA VAL B 23 -2.75 19.22 6.33
C VAL B 23 -2.69 19.52 4.83
N ALA B 24 -2.83 20.81 4.46
CA ALA B 24 -2.73 21.14 3.05
C ALA B 24 -1.34 20.97 2.43
N ALA B 25 -0.27 20.96 3.23
CA ALA B 25 1.08 20.69 2.70
C ALA B 25 1.98 20.21 3.86
N THR B 26 2.63 19.08 3.62
CA THR B 26 3.67 18.57 4.54
C THR B 26 5.00 19.34 4.46
N PRO B 27 6.01 19.21 5.31
CA PRO B 27 7.31 19.88 5.18
C PRO B 27 7.96 19.87 3.79
N LYS B 28 8.06 18.71 3.15
CA LYS B 28 8.53 18.65 1.78
C LYS B 28 7.73 19.51 0.83
N THR B 29 6.41 19.53 1.01
CA THR B 29 5.56 20.32 0.15
C THR B 29 5.78 21.81 0.44
N VAL B 30 6.04 22.13 1.73
CA VAL B 30 6.33 23.49 2.14
C VAL B 30 7.60 23.96 1.43
N GLU B 31 8.64 23.12 1.34
CA GLU B 31 9.84 23.41 0.60
C GLU B 31 9.57 23.60 -0.86
N GLN B 32 8.67 22.78 -1.45
CA GLN B 32 8.24 22.94 -2.85
C GLN B 32 7.69 24.34 -3.10
N LEU B 33 6.79 24.75 -2.16
CA LEU B 33 6.11 26.04 -2.22
C LEU B 33 7.12 27.18 -2.08
N LEU B 34 8.16 26.92 -1.31
CA LEU B 34 9.25 27.87 -1.17
C LEU B 34 10.06 28.06 -2.45
N LYS B 35 10.29 26.89 -3.10
CA LYS B 35 10.98 26.82 -4.40
C LYS B 35 10.24 27.57 -5.46
N LEU B 36 8.90 27.57 -5.34
CA LEU B 36 8.04 28.33 -6.19
C LEU B 36 8.10 29.84 -6.00
N GLY B 37 8.88 30.29 -5.01
CA GLY B 37 9.13 31.72 -4.79
C GLY B 37 8.18 32.27 -3.75
N PHE B 38 7.40 31.41 -3.08
CA PHE B 38 6.48 31.88 -2.05
C PHE B 38 7.13 31.66 -0.72
N THR B 39 6.52 32.20 0.33
CA THR B 39 6.93 31.89 1.70
C THR B 39 5.76 31.12 2.33
N VAL B 40 5.94 30.20 3.24
CA VAL B 40 4.80 29.46 3.73
C VAL B 40 4.57 29.80 5.19
N ALA B 41 3.28 29.81 5.59
CA ALA B 41 2.91 29.79 6.98
C ALA B 41 1.98 28.62 7.17
N VAL B 42 2.12 27.89 8.31
CA VAL B 42 1.28 26.75 8.62
C VAL B 42 0.74 26.93 10.02
N GLU B 43 -0.48 26.47 10.29
CA GLU B 43 -0.97 26.37 11.65
C GLU B 43 -0.20 25.35 12.47
N SER B 44 0.04 25.72 13.72
CA SER B 44 0.48 24.80 14.76
C SER B 44 -0.40 23.57 14.92
N GLY B 45 0.21 22.41 15.12
CA GLY B 45 -0.55 21.20 15.37
C GLY B 45 -0.89 20.44 14.10
N ALA B 46 -0.45 21.00 12.96
CA ALA B 46 -0.68 20.42 11.65
C ALA B 46 0.05 19.11 11.53
N GLY B 47 1.29 19.09 12.01
CA GLY B 47 2.11 17.95 12.12
C GLY B 47 1.37 16.79 12.79
N GLN B 48 0.71 17.01 13.92
CA GLN B 48 0.02 15.96 14.65
C GLN B 48 -0.93 15.18 13.77
N LEU B 49 -1.74 15.89 12.97
CA LEU B 49 -2.65 15.30 11.98
C LEU B 49 -1.79 14.54 10.96
N ALA B 50 -0.87 15.24 10.33
CA ALA B 50 -0.01 14.68 9.30
C ALA B 50 1.09 13.71 9.78
N SER B 51 1.01 13.29 11.06
CA SER B 51 1.98 12.45 11.75
C SER B 51 3.43 12.89 11.56
N PHE B 52 3.67 14.17 11.27
CA PHE B 52 5.01 14.68 11.01
C PHE B 52 5.36 15.61 12.15
N ASP B 53 6.64 15.82 12.40
CA ASP B 53 7.06 16.68 13.49
C ASP B 53 6.69 18.12 13.16
N ASP B 54 5.95 18.79 14.07
CA ASP B 54 5.44 20.11 13.79
C ASP B 54 6.63 21.05 13.65
N LYS B 55 7.62 20.93 14.54
CA LYS B 55 8.87 21.67 14.39
C LYS B 55 9.52 21.49 13.01
N ALA B 56 9.43 20.31 12.37
CA ALA B 56 9.96 20.12 11.04
C ALA B 56 9.34 20.97 9.95
N PHE B 57 8.14 21.50 10.17
CA PHE B 57 7.60 22.53 9.28
C PHE B 57 8.49 23.78 9.31
N VAL B 58 8.93 24.18 10.53
CA VAL B 58 9.80 25.35 10.68
C VAL B 58 11.14 25.00 10.04
N GLN B 59 11.71 23.85 10.40
CA GLN B 59 12.95 23.31 9.82
C GLN B 59 12.93 23.22 8.31
N ALA B 60 11.72 23.02 7.74
CA ALA B 60 11.56 22.99 6.30
C ALA B 60 11.51 24.41 5.74
N GLY B 61 10.82 25.31 6.43
CA GLY B 61 10.74 26.67 5.94
C GLY B 61 9.31 27.21 6.01
N ALA B 62 8.70 27.03 7.19
CA ALA B 62 7.36 27.54 7.38
C ALA B 62 7.34 28.34 8.67
N GLU B 63 6.62 29.46 8.65
CA GLU B 63 6.25 30.19 9.84
C GLU B 63 5.13 29.37 10.46
N ILE B 64 5.40 28.67 11.56
CA ILE B 64 4.36 27.97 12.30
C ILE B 64 3.78 29.07 13.15
N VAL B 65 2.63 29.48 12.61
CA VAL B 65 1.79 30.45 13.24
C VAL B 65 0.86 29.73 14.22
N GLU B 66 0.35 30.49 15.15
CA GLU B 66 -0.51 29.96 16.21
C GLU B 66 -1.89 29.52 15.76
N GLY B 67 -2.47 30.14 14.71
CA GLY B 67 -3.74 29.72 14.19
C GLY B 67 -4.24 30.69 13.11
N ASN B 68 -5.12 31.64 13.49
CA ASN B 68 -5.84 32.52 12.60
C ASN B 68 -4.97 33.35 11.70
N SER B 69 -3.78 33.73 12.20
CA SER B 69 -2.74 34.39 11.41
C SER B 69 -2.49 33.77 10.05
N VAL B 70 -2.64 32.43 9.96
CA VAL B 70 -2.51 31.66 8.72
C VAL B 70 -3.42 32.21 7.64
N TRP B 71 -4.63 32.63 8.02
CA TRP B 71 -5.67 33.14 7.13
C TRP B 71 -5.40 34.48 6.46
N GLN B 72 -4.40 35.21 6.94
CA GLN B 72 -4.08 36.52 6.43
C GLN B 72 -2.91 36.30 5.50
N SER B 73 -3.10 35.86 4.25
CA SER B 73 -1.97 35.53 3.35
C SER B 73 -2.41 35.80 1.90
N GLU B 74 -1.53 35.51 0.94
CA GLU B 74 -1.85 35.60 -0.45
C GLU B 74 -2.82 34.48 -0.82
N ILE B 75 -2.44 33.25 -0.56
CA ILE B 75 -3.21 32.05 -0.87
C ILE B 75 -3.43 31.30 0.42
N ILE B 76 -4.65 30.80 0.59
CA ILE B 76 -4.94 29.89 1.69
C ILE B 76 -5.19 28.58 1.00
N LEU B 77 -4.20 27.72 1.17
CA LEU B 77 -4.28 26.46 0.47
C LEU B 77 -4.83 25.64 1.60
N LYS B 78 -6.01 25.07 1.45
CA LYS B 78 -6.82 24.52 2.54
C LYS B 78 -7.45 23.25 1.97
N VAL B 79 -7.67 22.20 2.76
CA VAL B 79 -8.07 20.93 2.19
C VAL B 79 -9.56 20.88 1.85
N ASN B 80 -10.45 21.03 2.84
CA ASN B 80 -11.87 20.85 2.61
C ASN B 80 -12.49 22.24 2.61
N ALA B 81 -13.78 22.35 2.78
CA ALA B 81 -14.43 23.66 2.86
C ALA B 81 -13.94 24.50 4.03
N PRO B 82 -13.91 25.81 3.93
CA PRO B 82 -13.82 26.66 5.11
C PRO B 82 -15.15 26.51 5.90
N LEU B 83 -15.01 26.16 7.18
CA LEU B 83 -16.10 26.19 8.10
C LEU B 83 -16.45 27.64 8.33
N ASP B 84 -17.63 27.98 8.85
CA ASP B 84 -18.14 29.34 8.70
C ASP B 84 -17.45 30.46 9.42
N ASP B 85 -16.78 30.03 10.51
CA ASP B 85 -15.82 30.80 11.23
C ASP B 85 -14.58 31.08 10.36
N GLU B 86 -13.99 30.04 9.77
CA GLU B 86 -12.88 30.14 8.80
C GLU B 86 -13.31 31.03 7.66
N ILE B 87 -14.58 30.98 7.23
CA ILE B 87 -15.14 31.88 6.24
C ILE B 87 -15.03 33.32 6.73
N ALA B 88 -15.47 33.61 7.93
CA ALA B 88 -15.32 34.91 8.53
C ALA B 88 -13.85 35.30 8.74
N LEU B 89 -12.89 34.35 8.68
CA LEU B 89 -11.47 34.75 8.69
C LEU B 89 -10.93 35.07 7.32
N LEU B 90 -11.49 34.55 6.22
CA LEU B 90 -11.05 34.76 4.86
C LEU B 90 -10.92 36.21 4.42
N ASN B 91 -9.73 36.56 3.98
CA ASN B 91 -9.41 37.93 3.68
C ASN B 91 -9.86 38.30 2.27
N PRO B 92 -10.62 39.40 2.06
CA PRO B 92 -11.09 39.85 0.76
C PRO B 92 -9.89 40.10 -0.13
N GLY B 93 -9.96 39.39 -1.24
CA GLY B 93 -8.88 39.32 -2.21
C GLY B 93 -8.38 37.89 -2.26
N THR B 94 -7.88 37.39 -1.10
CA THR B 94 -7.09 36.18 -0.96
C THR B 94 -7.52 34.99 -1.77
N THR B 95 -6.55 34.40 -2.45
CA THR B 95 -6.82 33.24 -3.30
C THR B 95 -7.06 32.05 -2.37
N LEU B 96 -8.31 31.59 -2.24
CA LEU B 96 -8.60 30.49 -1.35
C LEU B 96 -8.62 29.26 -2.28
N VAL B 97 -7.96 28.17 -1.93
CA VAL B 97 -7.85 27.04 -2.87
C VAL B 97 -8.15 25.76 -2.06
N SER B 98 -9.31 25.13 -2.32
CA SER B 98 -9.83 24.08 -1.42
C SER B 98 -10.84 23.18 -2.13
N PHE B 99 -11.21 22.07 -1.50
CA PHE B 99 -12.42 21.35 -1.89
C PHE B 99 -13.65 22.19 -1.58
N ILE B 100 -14.27 22.71 -2.64
CA ILE B 100 -15.43 23.59 -2.56
C ILE B 100 -16.70 22.85 -2.90
N TRP B 101 -16.61 21.93 -3.89
CA TRP B 101 -17.78 21.21 -4.41
C TRP B 101 -18.87 22.20 -4.83
N PRO B 102 -18.58 23.18 -5.72
CA PRO B 102 -19.40 24.35 -6.03
C PRO B 102 -20.91 24.17 -6.13
N ALA B 103 -21.35 23.32 -7.07
CA ALA B 103 -22.76 23.01 -7.29
C ALA B 103 -23.42 22.34 -6.09
N GLN B 104 -22.64 21.63 -5.31
CA GLN B 104 -23.08 20.94 -4.11
C GLN B 104 -23.14 21.86 -2.91
N ASN B 105 -22.36 22.94 -3.02
CA ASN B 105 -22.28 23.92 -1.96
C ASN B 105 -22.73 25.34 -2.34
N PRO B 106 -23.98 25.59 -2.79
CA PRO B 106 -24.43 26.89 -3.28
C PRO B 106 -24.25 27.98 -2.24
N GLU B 107 -24.58 27.69 -1.00
CA GLU B 107 -24.54 28.73 0.02
C GLU B 107 -23.11 29.06 0.51
N LEU B 108 -22.26 28.03 0.50
CA LEU B 108 -20.87 28.19 0.81
C LEU B 108 -20.28 29.12 -0.22
N MET B 109 -20.57 28.84 -1.51
CA MET B 109 -20.19 29.73 -2.60
C MET B 109 -20.55 31.16 -2.30
N GLN B 110 -21.83 31.43 -1.98
CA GLN B 110 -22.32 32.78 -1.70
C GLN B 110 -21.53 33.43 -0.57
N LYS B 111 -21.28 32.71 0.49
CA LYS B 111 -20.54 33.21 1.64
C LYS B 111 -19.09 33.60 1.32
N LEU B 112 -18.46 32.83 0.43
CA LEU B 112 -17.11 33.09 -0.03
C LEU B 112 -17.09 34.27 -1.00
N ALA B 113 -18.18 34.42 -1.79
CA ALA B 113 -18.35 35.56 -2.71
C ALA B 113 -18.52 36.88 -1.94
N GLU B 114 -19.34 36.83 -0.89
CA GLU B 114 -19.41 37.95 0.03
C GLU B 114 -18.09 38.30 0.72
N ARG B 115 -17.35 37.26 1.13
CA ARG B 115 -15.99 37.38 1.62
C ARG B 115 -14.97 37.72 0.55
N ASN B 116 -15.41 37.79 -0.73
CA ASN B 116 -14.61 38.34 -1.81
C ASN B 116 -13.26 37.66 -2.08
N VAL B 117 -13.24 36.36 -1.82
CA VAL B 117 -12.01 35.60 -1.91
C VAL B 117 -11.91 34.95 -3.30
N THR B 118 -10.68 34.75 -3.78
CA THR B 118 -10.44 34.11 -5.05
C THR B 118 -10.48 32.60 -4.91
N VAL B 119 -11.67 32.04 -5.00
CA VAL B 119 -11.83 30.64 -4.67
C VAL B 119 -11.53 29.80 -5.88
N MET B 120 -10.70 28.80 -5.67
CA MET B 120 -10.34 27.82 -6.69
C MET B 120 -10.79 26.52 -6.07
N ALA B 121 -11.62 25.83 -6.82
CA ALA B 121 -12.11 24.55 -6.36
C ALA B 121 -11.26 23.37 -6.80
N MET B 122 -10.39 22.96 -5.88
CA MET B 122 -9.45 21.87 -6.10
C MET B 122 -10.09 20.54 -6.51
N ASP B 123 -11.34 20.32 -6.13
CA ASP B 123 -12.09 19.16 -6.54
C ASP B 123 -12.61 19.37 -7.95
N SER B 124 -13.03 20.61 -8.30
CA SER B 124 -13.76 20.82 -9.53
C SER B 124 -12.82 21.41 -10.56
N VAL B 125 -11.63 20.80 -10.72
CA VAL B 125 -10.64 21.22 -11.75
C VAL B 125 -11.18 20.51 -13.02
N PRO B 126 -11.47 21.23 -14.12
CA PRO B 126 -12.09 20.69 -15.35
C PRO B 126 -11.26 19.55 -15.92
N ARG B 127 -11.76 18.34 -15.68
CA ARG B 127 -10.93 17.15 -15.75
C ARG B 127 -10.45 16.61 -17.11
N ILE B 128 -9.53 17.38 -17.66
CA ILE B 128 -8.80 16.97 -18.86
C ILE B 128 -7.43 16.58 -18.36
N SER B 129 -6.40 16.51 -19.19
CA SER B 129 -5.13 16.01 -18.75
C SER B 129 -4.26 16.90 -17.87
N ARG B 130 -3.99 18.20 -18.13
CA ARG B 130 -3.17 18.94 -17.21
C ARG B 130 -3.86 19.33 -15.92
N ALA B 131 -5.18 19.30 -16.11
CA ALA B 131 -6.09 19.44 -15.00
C ALA B 131 -5.76 18.38 -13.95
N GLN B 132 -5.60 17.10 -14.30
CA GLN B 132 -5.26 16.06 -13.36
C GLN B 132 -3.99 16.34 -12.54
N SER B 133 -2.94 16.93 -13.09
CA SER B 133 -1.80 17.39 -12.29
C SER B 133 -2.18 18.39 -11.17
N LEU B 134 -3.16 19.25 -11.50
CA LEU B 134 -3.70 20.26 -10.58
C LEU B 134 -4.82 19.75 -9.73
N ASP B 135 -5.48 18.69 -10.22
CA ASP B 135 -6.71 18.22 -9.59
C ASP B 135 -6.44 17.38 -8.36
N ALA B 136 -6.99 17.96 -7.28
CA ALA B 136 -6.85 17.34 -5.99
C ALA B 136 -7.50 15.96 -5.94
N LEU B 137 -8.62 15.84 -6.63
CA LEU B 137 -9.29 14.55 -6.72
C LEU B 137 -8.45 13.50 -7.40
N SER B 138 -7.48 13.80 -8.26
CA SER B 138 -6.67 12.77 -8.86
C SER B 138 -5.86 12.11 -7.77
N SER B 139 -5.09 12.96 -7.07
CA SER B 139 -4.22 12.52 -5.99
C SER B 139 -5.01 11.87 -4.88
N MET B 140 -6.13 12.46 -4.50
CA MET B 140 -7.00 11.83 -3.50
C MET B 140 -7.56 10.47 -3.88
N ALA B 141 -7.91 10.29 -5.17
CA ALA B 141 -8.33 8.99 -5.63
C ALA B 141 -7.14 8.05 -5.62
N ASN B 142 -5.95 8.49 -6.03
CA ASN B 142 -4.73 7.69 -6.09
C ASN B 142 -4.33 7.23 -4.69
N ILE B 143 -4.52 8.13 -3.70
CA ILE B 143 -4.35 7.83 -2.28
C ILE B 143 -5.30 6.71 -1.96
N ALA B 144 -6.61 6.91 -2.26
CA ALA B 144 -7.61 5.91 -2.04
C ALA B 144 -7.43 4.61 -2.82
N GLY B 145 -6.79 4.58 -3.96
CA GLY B 145 -6.51 3.33 -4.66
C GLY B 145 -5.58 2.47 -3.85
N TYR B 146 -4.39 3.00 -3.53
CA TYR B 146 -3.46 2.34 -2.60
C TYR B 146 -4.15 2.00 -1.28
N ARG B 147 -4.91 2.99 -0.81
CA ARG B 147 -5.56 2.90 0.50
C ARG B 147 -6.68 1.88 0.46
N ALA B 148 -7.30 1.59 -0.68
CA ALA B 148 -8.28 0.50 -0.81
C ALA B 148 -7.56 -0.81 -0.53
N ILE B 149 -6.41 -1.01 -1.18
CA ILE B 149 -5.57 -2.19 -0.92
C ILE B 149 -5.18 -2.26 0.56
N VAL B 150 -4.79 -1.14 1.16
CA VAL B 150 -4.33 -1.15 2.57
C VAL B 150 -5.44 -1.46 3.53
N GLU B 151 -6.49 -0.64 3.53
CA GLU B 151 -7.63 -0.82 4.42
C GLU B 151 -8.28 -2.15 4.15
N ALA B 152 -8.34 -2.61 2.90
CA ALA B 152 -8.72 -4.02 2.58
C ALA B 152 -7.89 -5.00 3.38
N ALA B 153 -6.55 -4.97 3.21
CA ALA B 153 -5.65 -5.84 3.96
C ALA B 153 -5.73 -5.68 5.48
N HIS B 154 -6.20 -4.53 5.96
CA HIS B 154 -6.50 -4.32 7.37
C HIS B 154 -7.60 -5.28 7.80
N GLU B 155 -8.63 -5.41 6.99
CA GLU B 155 -9.70 -6.33 7.33
C GLU B 155 -9.78 -7.59 6.54
N PHE B 156 -8.81 -7.78 5.65
CA PHE B 156 -8.76 -8.96 4.77
C PHE B 156 -8.40 -10.14 5.63
N GLY B 157 -9.08 -11.22 5.28
CA GLY B 157 -8.76 -12.49 5.82
C GLY B 157 -7.43 -13.00 5.26
N ARG B 158 -7.08 -12.89 3.99
CA ARG B 158 -5.94 -13.60 3.43
C ARG B 158 -4.80 -12.68 3.07
N PHE B 159 -3.70 -13.22 2.56
CA PHE B 159 -2.67 -12.42 1.94
C PHE B 159 -3.17 -11.91 0.57
N PHE B 160 -2.50 -10.90 0.04
CA PHE B 160 -2.70 -10.53 -1.35
C PHE B 160 -1.83 -11.47 -2.20
N THR B 161 -0.56 -11.50 -1.79
CA THR B 161 0.49 -12.25 -2.43
C THR B 161 0.20 -13.74 -2.30
N GLY B 162 0.23 -14.45 -3.42
CA GLY B 162 0.14 -15.90 -3.42
C GLY B 162 1.48 -16.48 -3.05
N GLN B 163 1.82 -16.33 -1.76
CA GLN B 163 3.10 -16.79 -1.32
C GLN B 163 2.89 -18.27 -1.02
N ILE B 164 3.75 -19.15 -1.49
CA ILE B 164 3.68 -20.53 -1.14
C ILE B 164 4.44 -20.53 0.17
N THR B 165 3.68 -20.40 1.26
CA THR B 165 4.28 -20.19 2.56
C THR B 165 4.74 -21.54 3.10
N ALA B 166 5.56 -21.50 4.16
CA ALA B 166 6.04 -22.70 4.81
C ALA B 166 4.94 -23.67 5.16
N ALA B 167 3.98 -23.19 5.97
CA ALA B 167 2.75 -23.94 6.21
C ALA B 167 2.08 -24.56 5.01
N GLY B 168 1.81 -23.75 3.96
CA GLY B 168 1.07 -24.24 2.85
C GLY B 168 0.96 -23.13 1.80
N LYS B 169 0.23 -23.46 0.73
CA LYS B 169 -0.02 -22.57 -0.38
C LYS B 169 -1.06 -21.53 0.06
N VAL B 170 -0.84 -20.27 -0.32
CA VAL B 170 -1.84 -19.23 -0.16
C VAL B 170 -2.69 -19.15 -1.41
N PRO B 171 -4.02 -19.25 -1.28
CA PRO B 171 -4.98 -18.76 -2.27
C PRO B 171 -4.85 -17.23 -2.28
N PRO B 172 -4.54 -16.59 -3.40
CA PRO B 172 -4.27 -15.17 -3.50
C PRO B 172 -5.52 -14.30 -3.46
N ALA B 173 -5.28 -12.99 -3.30
CA ALA B 173 -6.37 -12.05 -3.44
C ALA B 173 -6.75 -11.79 -4.88
N LYS B 174 -8.01 -12.02 -5.27
CA LYS B 174 -8.47 -11.51 -6.55
C LYS B 174 -9.10 -10.13 -6.38
N VAL B 175 -8.37 -9.14 -6.85
CA VAL B 175 -8.65 -7.71 -6.66
C VAL B 175 -9.50 -7.19 -7.82
N MET B 176 -10.82 -7.17 -7.67
CA MET B 176 -11.69 -6.74 -8.75
C MET B 176 -11.86 -5.25 -8.62
N VAL B 177 -11.06 -4.57 -9.39
CA VAL B 177 -11.08 -3.10 -9.40
C VAL B 177 -12.18 -2.66 -10.34
N ILE B 178 -13.23 -2.00 -9.84
CA ILE B 178 -14.30 -1.53 -10.67
C ILE B 178 -14.12 -0.02 -10.82
N GLY B 179 -13.85 0.41 -12.03
CA GLY B 179 -13.61 1.79 -12.29
C GLY B 179 -12.11 2.02 -12.26
N ALA B 180 -11.40 1.44 -13.21
CA ALA B 180 -9.93 1.50 -13.33
C ALA B 180 -9.30 2.90 -13.47
N GLY B 181 -10.11 3.95 -13.66
CA GLY B 181 -9.59 5.31 -13.67
C GLY B 181 -8.94 5.76 -12.37
N VAL B 182 -7.74 6.28 -12.52
CA VAL B 182 -6.93 6.97 -11.48
C VAL B 182 -6.72 6.09 -10.25
N ALA B 183 -7.68 6.06 -9.35
CA ALA B 183 -7.62 5.27 -8.13
C ALA B 183 -7.60 3.81 -8.52
N GLY B 184 -8.42 3.40 -9.47
CA GLY B 184 -8.38 2.09 -10.03
C GLY B 184 -7.00 1.69 -10.53
N LEU B 185 -6.37 2.51 -11.38
CA LEU B 185 -4.98 2.31 -11.82
C LEU B 185 -3.98 2.16 -10.68
N ALA B 186 -4.04 3.02 -9.66
CA ALA B 186 -3.16 2.87 -8.50
C ALA B 186 -3.42 1.53 -7.77
N ALA B 187 -4.66 1.07 -7.61
CA ALA B 187 -5.03 -0.17 -6.94
C ALA B 187 -4.51 -1.34 -7.77
N ILE B 188 -4.60 -1.20 -9.12
CA ILE B 188 -4.10 -2.22 -10.03
C ILE B 188 -2.59 -2.34 -9.91
N GLY B 189 -1.86 -1.22 -9.91
CA GLY B 189 -0.45 -1.13 -9.70
C GLY B 189 -0.04 -1.83 -8.41
N ALA B 190 -0.66 -1.43 -7.29
CA ALA B 190 -0.32 -1.92 -5.96
C ALA B 190 -0.54 -3.42 -5.83
N ALA B 191 -1.72 -3.88 -6.20
CA ALA B 191 -2.06 -5.29 -6.15
C ALA B 191 -1.17 -6.11 -7.09
N ASN B 192 -0.86 -5.63 -8.28
CA ASN B 192 0.02 -6.30 -9.21
C ASN B 192 1.44 -6.44 -8.71
N SER B 193 1.89 -5.40 -8.01
CA SER B 193 3.18 -5.37 -7.31
C SER B 193 3.24 -6.51 -6.29
N LEU B 194 2.18 -6.61 -5.46
CA LEU B 194 1.97 -7.76 -4.58
C LEU B 194 1.78 -9.14 -5.22
N GLY B 195 1.38 -9.13 -6.48
CA GLY B 195 1.13 -10.32 -7.24
C GLY B 195 -0.18 -10.94 -6.80
N ALA B 196 -1.14 -10.08 -6.46
CA ALA B 196 -2.52 -10.48 -6.26
C ALA B 196 -3.14 -10.54 -7.66
N ILE B 197 -4.14 -11.40 -7.85
CA ILE B 197 -4.74 -11.65 -9.14
C ILE B 197 -5.69 -10.50 -9.42
N VAL B 198 -5.19 -9.52 -10.19
CA VAL B 198 -5.99 -8.36 -10.47
C VAL B 198 -6.97 -8.69 -11.60
N ARG B 199 -8.21 -8.24 -11.42
CA ARG B 199 -9.19 -8.25 -12.48
C ARG B 199 -9.76 -6.88 -12.46
N ALA B 200 -9.78 -6.19 -13.61
CA ALA B 200 -10.31 -4.86 -13.58
C ALA B 200 -11.26 -4.51 -14.72
N PHE B 201 -12.06 -3.50 -14.45
CA PHE B 201 -13.15 -3.12 -15.31
C PHE B 201 -13.17 -1.60 -15.36
N ASP B 202 -13.29 -1.07 -16.54
CA ASP B 202 -13.59 0.33 -16.71
C ASP B 202 -14.14 0.49 -18.10
N THR B 203 -14.99 1.51 -18.28
CA THR B 203 -15.63 1.73 -19.55
C THR B 203 -14.66 2.04 -20.70
N ARG B 204 -13.65 2.92 -20.48
CA ARG B 204 -12.87 3.42 -21.59
C ARG B 204 -11.92 2.38 -22.12
N PRO B 205 -11.91 2.04 -23.42
CA PRO B 205 -11.03 1.05 -24.04
C PRO B 205 -9.55 1.07 -23.66
N GLU B 206 -8.99 2.27 -23.40
CA GLU B 206 -7.62 2.47 -22.98
C GLU B 206 -7.14 1.70 -21.77
N VAL B 207 -8.05 1.40 -20.83
CA VAL B 207 -7.68 0.70 -19.64
C VAL B 207 -7.36 -0.77 -19.96
N LYS B 208 -8.02 -1.30 -21.00
CA LYS B 208 -7.84 -2.72 -21.38
C LYS B 208 -6.39 -3.09 -21.62
N GLU B 209 -5.69 -2.26 -22.41
CA GLU B 209 -4.27 -2.44 -22.65
C GLU B 209 -3.55 -2.45 -21.31
N GLN B 210 -3.83 -1.44 -20.46
CA GLN B 210 -3.18 -1.35 -19.15
C GLN B 210 -3.40 -2.58 -18.26
N VAL B 211 -4.63 -3.10 -18.12
CA VAL B 211 -4.95 -4.24 -17.24
C VAL B 211 -4.15 -5.46 -17.75
N GLN B 212 -4.21 -5.67 -19.07
CA GLN B 212 -3.43 -6.68 -19.78
C GLN B 212 -1.93 -6.58 -19.55
N SER B 213 -1.39 -5.35 -19.47
CA SER B 213 0.01 -5.13 -19.18
C SER B 213 0.35 -5.64 -17.80
N MET B 214 -0.51 -5.51 -16.80
CA MET B 214 -0.17 -5.90 -15.45
C MET B 214 -0.46 -7.39 -15.13
N GLY B 215 -0.41 -8.25 -16.12
CA GLY B 215 -0.74 -9.66 -15.96
C GLY B 215 -2.14 -9.91 -15.38
N ALA B 216 -3.08 -9.02 -15.66
CA ALA B 216 -4.32 -8.90 -14.97
C ALA B 216 -5.45 -9.13 -15.96
N GLU B 217 -6.49 -9.82 -15.50
CA GLU B 217 -7.57 -10.15 -16.42
C GLU B 217 -8.47 -8.93 -16.56
N PHE B 218 -8.79 -8.48 -17.79
CA PHE B 218 -9.67 -7.35 -18.00
C PHE B 218 -11.03 -8.04 -18.08
N LEU B 219 -11.97 -7.46 -17.34
CA LEU B 219 -13.31 -7.89 -17.40
C LEU B 219 -13.88 -7.14 -18.60
N GLU B 220 -14.38 -7.86 -19.57
CA GLU B 220 -14.97 -7.25 -20.76
C GLU B 220 -16.27 -6.51 -20.54
N LEU B 221 -16.41 -5.48 -21.35
CA LEU B 221 -17.71 -4.84 -21.47
C LEU B 221 -18.65 -5.84 -22.11
N ASP B 222 -19.88 -5.91 -21.67
CA ASP B 222 -20.83 -6.80 -22.26
C ASP B 222 -21.53 -6.04 -23.36
N MET B 237 -23.71 3.78 -22.86
CA MET B 237 -24.07 2.67 -22.04
C MET B 237 -23.58 3.04 -20.64
N SER B 238 -24.25 3.26 -19.50
CA SER B 238 -25.68 3.55 -19.38
C SER B 238 -26.68 2.39 -19.47
N ASP B 239 -27.98 2.68 -19.50
CA ASP B 239 -29.03 1.66 -19.53
C ASP B 239 -28.86 0.45 -20.44
N ALA B 240 -29.56 -0.61 -20.00
CA ALA B 240 -29.33 -2.02 -20.36
C ALA B 240 -27.95 -2.46 -19.87
N PHE B 241 -26.86 -1.81 -20.32
CA PHE B 241 -25.51 -2.15 -19.87
C PHE B 241 -25.33 -2.11 -18.36
N ILE B 242 -25.81 -1.08 -17.62
CA ILE B 242 -25.75 -1.00 -16.17
C ILE B 242 -26.15 -2.33 -15.49
N LYS B 243 -27.15 -3.01 -16.03
CA LYS B 243 -27.58 -4.26 -15.48
C LYS B 243 -26.58 -5.37 -15.87
N ALA B 244 -26.01 -5.38 -17.07
CA ALA B 244 -24.99 -6.36 -17.40
C ALA B 244 -23.71 -6.19 -16.58
N GLU B 245 -23.46 -4.95 -16.12
CA GLU B 245 -22.31 -4.67 -15.24
C GLU B 245 -22.57 -5.39 -13.91
N MET B 246 -23.80 -5.23 -13.39
CA MET B 246 -24.31 -5.97 -12.23
C MET B 246 -24.10 -7.47 -12.40
N GLU B 247 -24.47 -8.03 -13.53
CA GLU B 247 -24.36 -9.47 -13.72
C GLU B 247 -22.89 -9.90 -13.74
N LEU B 248 -22.00 -9.08 -14.32
CA LEU B 248 -20.57 -9.37 -14.34
C LEU B 248 -20.08 -9.34 -12.90
N PHE B 249 -20.42 -8.32 -12.13
CA PHE B 249 -19.92 -8.10 -10.78
C PHE B 249 -20.41 -9.19 -9.83
N ALA B 250 -21.63 -9.73 -10.02
CA ALA B 250 -22.06 -10.87 -9.23
C ALA B 250 -21.28 -12.15 -9.51
N ALA B 251 -21.21 -12.47 -10.78
CA ALA B 251 -20.61 -13.74 -11.19
C ALA B 251 -19.11 -13.69 -10.91
N GLN B 252 -18.53 -12.51 -10.97
CA GLN B 252 -17.16 -12.23 -10.58
C GLN B 252 -16.99 -12.19 -9.06
N ALA B 253 -17.94 -11.67 -8.31
CA ALA B 253 -17.89 -11.63 -6.85
C ALA B 253 -17.81 -12.97 -6.17
N LYS B 254 -18.27 -13.99 -6.88
CA LYS B 254 -18.08 -15.35 -6.43
C LYS B 254 -16.59 -15.66 -6.37
N GLU B 255 -15.82 -15.22 -7.37
CA GLU B 255 -14.43 -15.60 -7.49
C GLU B 255 -13.50 -14.63 -6.80
N VAL B 256 -13.87 -13.34 -6.74
CA VAL B 256 -12.93 -12.37 -6.22
C VAL B 256 -12.93 -12.25 -4.71
N ASP B 257 -11.91 -11.53 -4.29
CA ASP B 257 -11.66 -11.27 -2.88
C ASP B 257 -11.88 -9.81 -2.54
N ILE B 258 -11.08 -8.93 -3.16
CA ILE B 258 -11.08 -7.52 -2.82
C ILE B 258 -11.75 -6.75 -3.94
N ILE B 259 -12.97 -6.25 -3.74
CA ILE B 259 -13.60 -5.44 -4.78
C ILE B 259 -13.23 -4.01 -4.45
N VAL B 260 -12.52 -3.37 -5.38
CA VAL B 260 -12.04 -2.02 -5.22
C VAL B 260 -12.99 -1.19 -6.06
N THR B 261 -14.08 -0.77 -5.46
CA THR B 261 -15.08 -0.06 -6.20
C THR B 261 -14.89 1.45 -6.16
N THR B 262 -14.38 1.77 -7.33
CA THR B 262 -13.99 3.13 -7.70
C THR B 262 -15.08 3.77 -8.54
N ALA B 263 -15.94 3.06 -9.30
CA ALA B 263 -16.87 3.58 -10.29
C ALA B 263 -17.73 4.77 -9.89
N LEU B 264 -17.23 5.94 -10.28
CA LEU B 264 -17.82 7.21 -9.91
C LEU B 264 -17.85 7.95 -11.23
N ILE B 265 -18.86 8.77 -11.41
CA ILE B 265 -18.98 9.59 -12.63
C ILE B 265 -18.97 11.00 -11.98
N PRO B 266 -18.05 11.90 -12.33
CA PRO B 266 -17.92 13.20 -11.67
C PRO B 266 -19.18 14.07 -11.65
N GLY B 267 -19.50 14.48 -10.43
CA GLY B 267 -20.70 15.26 -10.15
C GLY B 267 -21.93 14.36 -10.03
N LYS B 268 -21.80 13.04 -10.14
CA LYS B 268 -22.98 12.18 -10.01
C LYS B 268 -22.68 11.27 -8.83
N PRO B 269 -23.71 10.88 -8.02
CA PRO B 269 -23.61 9.77 -7.08
C PRO B 269 -23.21 8.47 -7.75
N ALA B 270 -22.30 7.79 -7.07
CA ALA B 270 -21.81 6.49 -7.52
C ALA B 270 -22.93 5.45 -7.60
N PRO B 271 -23.18 4.89 -8.79
CA PRO B 271 -24.22 3.90 -9.04
C PRO B 271 -24.12 2.70 -8.14
N LYS B 272 -25.23 2.12 -7.77
CA LYS B 272 -25.30 1.06 -6.74
C LYS B 272 -25.09 -0.31 -7.42
N LEU B 273 -23.85 -0.43 -7.87
CA LEU B 273 -23.50 -1.57 -8.67
C LEU B 273 -23.22 -2.80 -7.81
N ILE B 274 -22.73 -2.61 -6.61
CA ILE B 274 -22.48 -3.71 -5.72
C ILE B 274 -23.70 -3.77 -4.84
N THR B 275 -24.59 -4.71 -5.20
CA THR B 275 -25.77 -4.96 -4.39
C THR B 275 -25.48 -5.71 -3.11
N ARG B 276 -26.25 -5.54 -2.06
CA ARG B 276 -26.05 -6.21 -0.79
C ARG B 276 -26.08 -7.72 -0.95
N GLU B 277 -27.01 -8.15 -1.78
CA GLU B 277 -27.11 -9.51 -2.29
C GLU B 277 -25.85 -10.03 -2.97
N MET B 278 -25.23 -9.21 -3.80
CA MET B 278 -23.97 -9.53 -4.45
C MET B 278 -22.86 -9.79 -3.43
N VAL B 279 -22.75 -8.86 -2.48
CA VAL B 279 -21.81 -8.96 -1.38
C VAL B 279 -22.02 -10.29 -0.62
N ASP B 280 -23.29 -10.59 -0.20
CA ASP B 280 -23.55 -11.79 0.57
C ASP B 280 -23.51 -13.09 -0.22
N SER B 281 -23.16 -13.02 -1.49
CA SER B 281 -22.92 -14.19 -2.29
C SER B 281 -21.45 -14.58 -2.45
N MET B 282 -20.56 -13.63 -2.08
CA MET B 282 -19.11 -13.81 -2.19
C MET B 282 -18.48 -14.91 -1.33
N LYS B 283 -17.18 -15.15 -1.60
CA LYS B 283 -16.35 -15.94 -0.69
C LYS B 283 -16.15 -15.17 0.62
N ALA B 284 -16.05 -15.87 1.75
CA ALA B 284 -15.75 -15.22 3.01
C ALA B 284 -14.27 -14.89 3.19
N GLY B 285 -14.05 -13.97 4.12
CA GLY B 285 -12.74 -13.48 4.43
C GLY B 285 -12.27 -12.41 3.47
N SER B 286 -13.22 -11.69 2.85
CA SER B 286 -12.91 -10.92 1.67
C SER B 286 -13.35 -9.46 1.83
N VAL B 287 -12.96 -8.46 1.05
CA VAL B 287 -13.27 -7.11 1.40
C VAL B 287 -13.75 -6.35 0.17
N ILE B 288 -14.78 -5.55 0.25
CA ILE B 288 -15.23 -4.63 -0.82
C ILE B 288 -14.97 -3.25 -0.23
N VAL B 289 -14.04 -2.50 -0.81
CA VAL B 289 -13.71 -1.15 -0.38
C VAL B 289 -14.43 -0.21 -1.33
N ASP B 290 -15.26 0.64 -0.74
CA ASP B 290 -15.89 1.67 -1.51
C ASP B 290 -15.07 2.93 -1.44
N LEU B 291 -14.46 3.21 -2.57
CA LEU B 291 -13.61 4.39 -2.74
C LEU B 291 -14.57 5.51 -3.07
N ALA B 292 -15.62 5.17 -3.85
CA ALA B 292 -16.62 6.15 -4.27
C ALA B 292 -17.68 6.42 -3.21
N ALA B 293 -17.45 5.88 -1.99
CA ALA B 293 -18.29 6.11 -0.82
C ALA B 293 -18.76 7.53 -0.56
N GLN B 294 -17.84 8.50 -0.63
CA GLN B 294 -18.15 9.87 -0.30
C GLN B 294 -18.94 10.56 -1.36
N ASN B 295 -18.78 10.19 -2.63
CA ASN B 295 -19.57 10.82 -3.69
C ASN B 295 -20.63 9.81 -4.18
N GLY B 296 -21.36 9.19 -3.26
CA GLY B 296 -22.50 8.42 -3.65
C GLY B 296 -22.58 7.01 -3.12
N GLY B 297 -21.46 6.36 -2.85
CA GLY B 297 -21.46 4.97 -2.42
C GLY B 297 -21.70 4.06 -3.59
N ASN B 298 -20.69 3.43 -4.19
CA ASN B 298 -20.92 2.45 -5.26
C ASN B 298 -21.53 1.15 -4.78
N CYS B 299 -21.09 0.64 -3.64
CA CYS B 299 -21.72 -0.52 -3.00
C CYS B 299 -22.90 0.01 -2.20
N GLU B 300 -23.96 -0.79 -2.04
CA GLU B 300 -25.08 -0.41 -1.23
C GLU B 300 -24.70 -0.53 0.26
N TYR B 301 -24.13 -1.69 0.62
CA TYR B 301 -23.80 -2.05 2.00
C TYR B 301 -22.83 -1.11 2.70
N THR B 302 -22.10 -0.31 1.92
CA THR B 302 -21.31 0.81 2.39
C THR B 302 -21.92 1.61 3.52
N VAL B 303 -21.35 1.37 4.69
CA VAL B 303 -21.63 2.17 5.87
C VAL B 303 -20.64 3.34 5.82
N PRO B 304 -21.06 4.57 5.50
CA PRO B 304 -20.17 5.70 5.37
C PRO B 304 -19.39 6.06 6.62
N GLY B 305 -18.07 5.83 6.50
CA GLY B 305 -17.12 6.19 7.55
C GLY B 305 -16.84 5.02 8.46
N GLU B 306 -17.28 3.82 8.07
CA GLU B 306 -17.05 2.63 8.85
C GLU B 306 -16.90 1.41 7.95
N ILE B 307 -16.72 0.31 8.65
CA ILE B 307 -16.70 -1.00 8.04
C ILE B 307 -17.99 -1.68 8.52
N PHE B 308 -18.39 -2.75 7.83
CA PHE B 308 -19.47 -3.61 8.29
C PHE B 308 -19.14 -4.95 7.74
N THR B 309 -19.16 -5.97 8.57
CA THR B 309 -19.00 -7.33 8.10
C THR B 309 -20.37 -7.94 7.89
N THR B 310 -20.50 -8.64 6.75
CA THR B 310 -21.74 -9.34 6.46
C THR B 310 -21.87 -10.64 7.25
N GLU B 311 -23.00 -11.31 7.08
CA GLU B 311 -23.12 -12.69 7.44
C GLU B 311 -22.07 -13.54 6.71
N ASN B 312 -22.08 -13.54 5.36
CA ASN B 312 -21.23 -14.39 4.56
C ASN B 312 -19.75 -14.15 4.78
N GLY B 313 -19.37 -12.97 5.27
CA GLY B 313 -18.05 -12.75 5.78
C GLY B 313 -17.21 -11.87 4.88
N VAL B 314 -17.80 -10.77 4.45
CA VAL B 314 -17.12 -9.82 3.58
C VAL B 314 -17.20 -8.54 4.37
N LYS B 315 -16.04 -7.92 4.54
CA LYS B 315 -15.90 -6.65 5.21
C LYS B 315 -16.22 -5.64 4.10
N VAL B 316 -17.35 -4.96 4.16
CA VAL B 316 -17.64 -3.83 3.31
C VAL B 316 -17.07 -2.65 4.09
N ILE B 317 -16.02 -2.06 3.50
CA ILE B 317 -15.37 -0.93 4.05
C ILE B 317 -15.83 0.31 3.29
N GLY B 318 -16.80 1.06 3.88
CA GLY B 318 -17.27 2.25 3.19
C GLY B 318 -16.58 3.47 3.73
N TYR B 319 -15.23 3.51 3.75
CA TYR B 319 -14.50 4.57 4.41
C TYR B 319 -14.58 5.82 3.53
N THR B 320 -15.51 6.70 3.79
CA THR B 320 -15.64 8.00 3.12
C THR B 320 -14.34 8.83 3.22
N ASP B 321 -13.67 8.70 4.36
CA ASP B 321 -12.42 9.33 4.69
C ASP B 321 -11.19 8.73 4.01
N LEU B 322 -11.29 7.74 3.11
CA LEU B 322 -10.12 7.20 2.42
C LEU B 322 -9.08 8.19 1.88
N PRO B 323 -9.39 9.23 1.12
CA PRO B 323 -8.42 10.23 0.69
C PRO B 323 -7.68 10.95 1.84
N GLY B 324 -8.27 11.06 3.02
CA GLY B 324 -7.65 11.60 4.19
C GLY B 324 -6.81 10.57 4.86
N ARG B 325 -7.20 9.28 4.85
CA ARG B 325 -6.54 8.21 5.63
C ARG B 325 -5.06 7.94 5.58
N LEU B 326 -4.24 8.70 4.87
CA LEU B 326 -2.81 8.38 4.73
C LEU B 326 -2.01 9.66 4.99
N PRO B 327 -2.06 10.17 6.25
CA PRO B 327 -1.61 11.50 6.67
C PRO B 327 -0.52 12.22 5.84
N THR B 328 0.73 11.79 5.89
CA THR B 328 1.86 12.51 5.34
C THR B 328 1.74 12.52 3.82
N GLN B 329 1.34 11.43 3.18
CA GLN B 329 1.36 11.39 1.75
C GLN B 329 0.18 12.11 1.18
N SER B 330 -0.96 12.09 1.85
CA SER B 330 -2.11 12.82 1.42
C SER B 330 -1.79 14.31 1.45
N SER B 331 -1.21 14.77 2.55
CA SER B 331 -0.77 16.15 2.67
C SER B 331 0.27 16.58 1.62
N GLN B 332 1.14 15.62 1.28
CA GLN B 332 2.15 15.77 0.25
C GLN B 332 1.53 15.92 -1.13
N LEU B 333 0.67 14.97 -1.52
CA LEU B 333 0.14 14.94 -2.87
C LEU B 333 -0.90 16.06 -3.08
N TYR B 334 -1.78 16.36 -2.12
CA TYR B 334 -2.68 17.50 -2.21
C TYR B 334 -1.80 18.75 -2.36
N GLY B 335 -0.82 18.89 -1.50
CA GLY B 335 0.17 19.95 -1.61
C GLY B 335 0.85 20.03 -2.98
N THR B 336 1.24 18.91 -3.58
CA THR B 336 1.81 18.98 -4.91
C THR B 336 0.76 19.31 -5.98
N ASN B 337 -0.53 19.01 -5.79
CA ASN B 337 -1.59 19.50 -6.68
C ASN B 337 -1.66 21.03 -6.66
N LEU B 338 -1.44 21.55 -5.47
CA LEU B 338 -1.38 22.95 -5.25
C LEU B 338 -0.14 23.54 -5.91
N VAL B 339 1.02 22.85 -5.76
CA VAL B 339 2.27 23.19 -6.41
C VAL B 339 2.01 23.31 -7.91
N ASN B 340 1.47 22.28 -8.57
CA ASN B 340 1.11 22.31 -9.99
C ASN B 340 0.15 23.42 -10.39
N LEU B 341 -0.86 23.73 -9.58
CA LEU B 341 -1.72 24.91 -9.72
C LEU B 341 -0.91 26.17 -9.73
N LEU B 342 0.02 26.34 -8.77
CA LEU B 342 0.83 27.54 -8.74
C LEU B 342 1.84 27.58 -9.87
N LYS B 343 2.20 26.41 -10.42
CA LYS B 343 3.02 26.34 -11.60
C LYS B 343 2.21 26.91 -12.78
N LEU B 344 0.97 26.53 -12.99
CA LEU B 344 0.16 27.12 -14.05
C LEU B 344 -0.24 28.54 -13.73
N LEU B 345 -0.49 28.87 -12.49
CA LEU B 345 -0.79 30.23 -12.13
C LEU B 345 0.45 31.11 -12.26
N CYS B 346 1.40 30.87 -11.39
CA CYS B 346 2.62 31.65 -11.25
C CYS B 346 3.70 31.02 -12.09
N LYS B 347 3.52 31.13 -13.40
CA LYS B 347 4.39 30.50 -14.39
C LYS B 347 5.81 31.05 -14.41
N GLU B 348 6.00 32.31 -14.02
CA GLU B 348 7.31 32.84 -13.77
C GLU B 348 7.95 32.26 -12.49
N LYS B 349 7.09 31.76 -11.61
CA LYS B 349 7.42 31.49 -10.21
C LYS B 349 8.02 32.72 -9.53
N ASP B 350 7.28 33.82 -9.73
CA ASP B 350 7.64 35.12 -9.19
C ASP B 350 7.34 35.19 -7.67
N GLY B 351 6.28 34.53 -7.23
CA GLY B 351 5.97 34.44 -5.82
C GLY B 351 4.75 35.27 -5.45
N ASN B 352 3.96 35.71 -6.40
CA ASN B 352 2.66 36.24 -6.05
C ASN B 352 1.68 35.55 -6.99
N ILE B 353 0.40 35.42 -6.68
CA ILE B 353 -0.50 34.61 -7.51
C ILE B 353 -0.99 35.37 -8.73
N THR B 354 -0.29 35.19 -9.81
CA THR B 354 -0.78 35.46 -11.15
C THR B 354 -2.03 34.57 -11.36
N VAL B 355 -3.24 35.15 -11.31
CA VAL B 355 -4.46 34.42 -11.47
C VAL B 355 -4.75 34.43 -12.96
N ASP B 356 -4.30 33.31 -13.54
CA ASP B 356 -4.34 33.12 -14.99
C ASP B 356 -5.77 32.82 -15.43
N PHE B 357 -6.23 33.55 -16.41
CA PHE B 357 -7.54 33.26 -16.97
C PHE B 357 -7.45 32.87 -18.44
N ASP B 358 -6.26 32.80 -19.01
CA ASP B 358 -6.13 32.52 -20.43
C ASP B 358 -6.25 31.03 -20.67
N ASP B 359 -5.58 30.25 -19.82
CA ASP B 359 -5.65 28.79 -19.83
C ASP B 359 -7.02 28.32 -19.35
N VAL B 360 -7.47 27.23 -19.96
CA VAL B 360 -8.81 26.70 -19.74
C VAL B 360 -8.95 26.14 -18.33
N VAL B 361 -7.88 25.54 -17.83
CA VAL B 361 -7.89 24.84 -16.57
C VAL B 361 -8.01 25.80 -15.41
N ILE B 362 -7.21 26.89 -15.38
CA ILE B 362 -7.33 27.87 -14.34
C ILE B 362 -8.63 28.63 -14.50
N ARG B 363 -9.00 29.01 -15.73
CA ARG B 363 -10.32 29.55 -16.03
C ARG B 363 -11.50 28.76 -15.45
N GLY B 364 -11.36 27.45 -15.34
CA GLY B 364 -12.41 26.64 -14.77
C GLY B 364 -12.27 26.41 -13.28
N VAL B 365 -11.05 26.18 -12.79
CA VAL B 365 -10.84 25.97 -11.39
C VAL B 365 -11.11 27.18 -10.53
N THR B 366 -10.79 28.38 -11.00
CA THR B 366 -11.10 29.60 -10.29
C THR B 366 -12.60 29.82 -10.40
N VAL B 367 -13.36 29.13 -9.54
CA VAL B 367 -14.81 29.27 -9.48
C VAL B 367 -15.27 30.66 -9.08
N ILE B 368 -14.48 31.37 -8.30
CA ILE B 368 -14.79 32.70 -7.82
C ILE B 368 -13.48 33.47 -7.94
N ARG B 369 -13.31 34.40 -8.85
CA ARG B 369 -12.15 35.28 -8.81
C ARG B 369 -12.53 36.51 -8.01
N ALA B 370 -12.00 36.52 -6.77
CA ALA B 370 -12.18 37.59 -5.82
C ALA B 370 -13.60 38.12 -5.65
N GLY B 371 -14.50 37.22 -5.27
CA GLY B 371 -15.90 37.58 -5.14
C GLY B 371 -16.70 37.33 -6.43
N GLU B 372 -16.21 37.74 -7.59
CA GLU B 372 -16.91 37.50 -8.83
C GLU B 372 -16.89 36.03 -9.13
N ILE B 373 -18.08 35.43 -9.13
CA ILE B 373 -18.24 34.02 -9.39
C ILE B 373 -18.09 33.69 -10.85
N THR B 374 -16.84 33.29 -11.11
CA THR B 374 -16.35 33.01 -12.45
C THR B 374 -16.54 31.56 -12.88
N TRP B 375 -17.36 30.80 -12.13
CA TRP B 375 -17.72 29.43 -12.40
C TRP B 375 -18.79 29.35 -13.49
N PRO B 376 -18.75 28.47 -14.50
CA PRO B 376 -17.61 27.60 -14.81
C PRO B 376 -16.67 28.30 -15.82
N ALA B 377 -15.74 27.52 -16.34
CA ALA B 377 -15.02 27.91 -17.54
C ALA B 377 -15.94 27.82 -18.77
N PRO B 378 -15.68 28.33 -19.99
CA PRO B 378 -16.42 27.97 -21.19
C PRO B 378 -16.36 26.44 -21.39
N PRO B 379 -17.37 25.81 -22.01
CA PRO B 379 -17.50 24.34 -22.03
C PRO B 379 -16.37 23.63 -22.77
N ILE B 380 -15.46 23.12 -21.92
CA ILE B 380 -14.29 22.41 -22.36
C ILE B 380 -14.70 20.96 -22.15
N GLN B 381 -15.06 20.32 -23.24
CA GLN B 381 -15.54 18.94 -23.23
C GLN B 381 -14.44 18.04 -22.74
N VAL B 382 -14.79 17.38 -21.65
CA VAL B 382 -13.94 16.39 -21.03
C VAL B 382 -14.18 15.12 -21.84
N SER B 383 -13.21 14.60 -22.38
N ALA C 20 19.68 2.47 -34.73
CA ALA C 20 20.35 2.62 -33.47
C ALA C 20 21.83 2.97 -33.68
N GLU C 21 22.42 2.52 -34.77
CA GLU C 21 23.78 2.82 -35.17
C GLU C 21 24.10 4.29 -35.19
N GLU C 22 23.11 5.09 -35.54
CA GLU C 22 23.20 6.56 -35.42
C GLU C 22 23.20 6.87 -33.92
N THR C 23 22.12 6.54 -33.26
CA THR C 23 21.85 6.85 -31.86
C THR C 23 23.02 6.58 -30.90
N ALA C 24 23.78 5.53 -31.19
CA ALA C 24 25.08 5.27 -30.57
C ALA C 24 26.06 6.44 -30.59
N GLU C 25 26.54 6.86 -31.79
CA GLU C 25 27.39 8.06 -31.95
C GLU C 25 26.76 9.32 -31.40
N LEU C 26 25.45 9.43 -31.58
CA LEU C 26 24.68 10.54 -31.04
C LEU C 26 24.76 10.65 -29.53
N LEU C 27 24.66 9.53 -28.82
CA LEU C 27 24.77 9.43 -27.36
C LEU C 27 26.06 9.94 -26.79
N LYS C 28 27.19 9.43 -27.30
CA LYS C 28 28.49 9.92 -26.89
C LYS C 28 28.69 11.41 -27.12
N ASN C 29 28.06 11.94 -28.18
CA ASN C 29 28.08 13.38 -28.44
C ASN C 29 27.36 14.21 -27.41
N SER C 30 26.30 13.67 -26.80
CA SER C 30 25.27 14.41 -26.15
C SER C 30 25.62 15.35 -25.00
N HIS C 31 26.60 15.09 -24.13
CA HIS C 31 26.77 15.79 -22.84
C HIS C 31 25.50 15.55 -22.02
N SER C 32 24.36 16.20 -22.26
CA SER C 32 23.11 15.94 -21.57
C SER C 32 22.25 14.98 -22.38
N VAL C 33 21.68 14.01 -21.69
CA VAL C 33 20.80 12.99 -22.26
C VAL C 33 19.58 12.99 -21.39
N ILE C 34 18.39 13.21 -21.97
CA ILE C 34 17.16 12.97 -21.23
C ILE C 34 16.67 11.62 -21.68
N ILE C 35 16.55 10.64 -20.80
CA ILE C 35 15.90 9.40 -21.18
C ILE C 35 14.44 9.47 -20.77
N THR C 36 13.51 9.39 -21.72
CA THR C 36 12.09 9.51 -21.45
C THR C 36 11.36 8.15 -21.46
N PRO C 37 10.94 7.63 -20.31
CA PRO C 37 10.33 6.32 -20.13
C PRO C 37 8.89 6.11 -20.60
N GLY C 38 8.42 6.67 -21.72
CA GLY C 38 7.00 6.70 -21.97
C GLY C 38 6.53 5.45 -22.70
N TYR C 39 6.09 4.49 -21.89
CA TYR C 39 5.48 3.24 -22.38
C TYR C 39 6.48 2.29 -23.07
N GLY C 40 7.19 2.70 -24.14
CA GLY C 40 8.12 1.82 -24.87
C GLY C 40 9.06 1.08 -23.98
N MET C 41 9.66 1.81 -23.05
CA MET C 41 10.51 1.29 -21.98
C MET C 41 10.00 0.07 -21.27
N ALA C 42 8.73 0.18 -20.81
CA ALA C 42 8.06 -0.82 -20.01
C ALA C 42 7.70 -2.03 -20.89
N VAL C 43 6.90 -1.82 -21.94
CA VAL C 43 6.34 -2.87 -22.77
C VAL C 43 7.48 -3.70 -23.37
N ALA C 44 8.53 -3.04 -23.84
CA ALA C 44 9.63 -3.69 -24.48
C ALA C 44 10.70 -4.20 -23.49
N GLN C 45 10.51 -4.14 -22.16
CA GLN C 45 11.55 -4.39 -21.19
C GLN C 45 12.89 -3.66 -21.36
N ALA C 46 12.82 -2.51 -22.03
CA ALA C 46 14.02 -1.71 -22.31
C ALA C 46 14.58 -1.08 -21.04
N GLN C 47 13.92 -1.15 -19.89
CA GLN C 47 14.52 -0.65 -18.66
C GLN C 47 15.67 -1.45 -18.12
N TYR C 48 15.61 -2.78 -18.22
CA TYR C 48 16.77 -3.54 -17.75
C TYR C 48 18.05 -3.14 -18.53
N PRO C 49 18.21 -3.23 -19.87
CA PRO C 49 19.40 -2.82 -20.59
C PRO C 49 19.68 -1.34 -20.41
N VAL C 50 18.69 -0.44 -20.35
CA VAL C 50 18.96 0.98 -20.13
C VAL C 50 19.81 1.23 -18.89
N ALA C 51 19.56 0.47 -17.83
CA ALA C 51 20.35 0.61 -16.60
C ALA C 51 21.85 0.44 -16.86
N GLU C 52 22.23 -0.49 -17.74
CA GLU C 52 23.63 -0.79 -17.99
C GLU C 52 24.21 0.34 -18.85
N ILE C 53 23.52 0.69 -19.94
CA ILE C 53 24.04 1.75 -20.80
C ILE C 53 24.14 3.10 -20.10
N THR C 54 23.21 3.49 -19.23
CA THR C 54 23.21 4.77 -18.56
C THR C 54 24.36 4.82 -17.56
N GLU C 55 24.59 3.72 -16.84
CA GLU C 55 25.78 3.49 -16.03
C GLU C 55 27.04 3.67 -16.82
N LYS C 56 27.06 3.15 -18.05
CA LYS C 56 28.16 3.37 -18.97
C LYS C 56 28.25 4.84 -19.38
N LEU C 57 27.15 5.53 -19.61
CA LEU C 57 27.16 6.91 -20.01
C LEU C 57 27.66 7.73 -18.81
N ARG C 58 27.33 7.27 -17.61
CA ARG C 58 27.76 7.92 -16.40
C ARG C 58 29.27 7.88 -16.26
N ALA C 59 29.85 6.71 -16.49
CA ALA C 59 31.28 6.57 -16.53
C ALA C 59 31.97 7.46 -17.56
N ARG C 60 31.28 7.63 -18.70
CA ARG C 60 31.74 8.56 -19.72
C ARG C 60 31.66 10.01 -19.28
N GLY C 61 30.80 10.33 -18.35
CA GLY C 61 30.61 11.69 -17.92
C GLY C 61 29.64 12.34 -18.86
N ILE C 62 28.38 12.03 -18.58
CA ILE C 62 27.27 12.52 -19.37
C ILE C 62 26.11 12.83 -18.40
N ASN C 63 25.60 14.05 -18.48
CA ASN C 63 24.53 14.57 -17.64
C ASN C 63 23.22 13.93 -18.04
N VAL C 64 22.93 12.78 -17.44
CA VAL C 64 21.73 12.02 -17.75
C VAL C 64 20.59 12.38 -16.82
N ARG C 65 19.40 12.47 -17.37
CA ARG C 65 18.19 12.76 -16.59
C ARG C 65 17.17 11.82 -17.18
N PHE C 66 16.61 10.96 -16.37
CA PHE C 66 15.40 10.25 -16.80
C PHE C 66 14.20 11.19 -16.60
N GLY C 67 13.36 11.47 -17.59
CA GLY C 67 12.20 12.35 -17.36
C GLY C 67 10.95 11.52 -17.17
N ILE C 68 10.64 11.04 -15.97
CA ILE C 68 9.53 10.11 -15.82
C ILE C 68 8.24 10.93 -15.63
N HIS C 69 7.64 11.34 -16.72
CA HIS C 69 6.30 11.94 -16.59
C HIS C 69 5.30 10.82 -16.32
N PRO C 70 4.60 10.76 -15.18
CA PRO C 70 3.77 9.62 -14.78
C PRO C 70 2.71 9.15 -15.75
N VAL C 71 1.82 10.08 -16.06
CA VAL C 71 0.87 9.90 -17.12
C VAL C 71 1.60 9.90 -18.42
N ALA C 72 1.85 8.63 -18.78
CA ALA C 72 2.49 8.24 -20.03
C ALA C 72 2.16 6.77 -20.27
N GLY C 73 1.33 6.48 -21.26
CA GLY C 73 1.08 5.09 -21.65
C GLY C 73 0.30 4.32 -20.62
N ARG C 74 0.98 3.66 -19.69
CA ARG C 74 0.29 2.71 -18.86
C ARG C 74 0.63 2.89 -17.39
N LEU C 75 -0.40 3.28 -16.64
CA LEU C 75 -0.48 3.35 -15.19
C LEU C 75 0.47 4.30 -14.48
N PRO C 76 0.07 5.01 -13.38
CA PRO C 76 0.94 5.93 -12.66
C PRO C 76 2.03 5.19 -11.88
N GLY C 77 3.15 5.85 -11.74
CA GLY C 77 4.35 5.24 -11.21
C GLY C 77 4.92 4.25 -12.22
N HIS C 78 4.55 2.98 -11.99
CA HIS C 78 4.82 1.84 -12.85
C HIS C 78 6.28 1.80 -13.27
N MET C 79 6.63 2.53 -14.32
CA MET C 79 7.99 2.65 -14.84
C MET C 79 8.97 3.22 -13.82
N ASN C 80 8.45 4.00 -12.85
CA ASN C 80 9.25 4.44 -11.72
C ASN C 80 9.79 3.25 -10.92
N VAL C 81 8.97 2.31 -10.45
CA VAL C 81 9.46 1.12 -9.76
C VAL C 81 10.11 0.17 -10.76
N LEU C 82 9.63 -0.01 -11.97
CA LEU C 82 10.36 -0.73 -13.03
C LEU C 82 11.80 -0.28 -13.21
N LEU C 83 12.12 0.99 -12.97
CA LEU C 83 13.51 1.42 -12.99
C LEU C 83 14.26 0.96 -11.75
N ALA C 84 13.62 0.84 -10.60
CA ALA C 84 14.23 0.21 -9.44
C ALA C 84 14.51 -1.25 -9.62
N GLU C 85 13.63 -1.90 -10.40
CA GLU C 85 13.80 -3.27 -10.83
C GLU C 85 15.02 -3.35 -11.72
N ALA C 86 15.10 -2.45 -12.70
CA ALA C 86 16.33 -2.33 -13.50
C ALA C 86 17.57 -1.92 -12.72
N LYS C 87 17.39 -1.36 -11.51
CA LYS C 87 18.46 -0.79 -10.71
C LYS C 87 19.09 0.40 -11.45
N VAL C 88 18.20 1.36 -11.64
CA VAL C 88 18.58 2.69 -12.09
C VAL C 88 18.49 3.57 -10.87
N PRO C 89 19.53 4.32 -10.53
CA PRO C 89 19.49 5.28 -9.40
C PRO C 89 18.41 6.35 -9.43
N TYR C 90 17.64 6.46 -8.35
CA TYR C 90 16.67 7.53 -8.19
C TYR C 90 17.23 8.96 -8.22
N ASP C 91 18.55 9.15 -8.13
CA ASP C 91 19.13 10.48 -8.33
C ASP C 91 18.88 10.98 -9.73
N ILE C 92 19.14 10.12 -10.71
CA ILE C 92 18.93 10.49 -12.12
C ILE C 92 17.47 10.29 -12.54
N VAL C 93 16.67 9.56 -11.74
CA VAL C 93 15.26 9.41 -12.03
C VAL C 93 14.58 10.70 -11.61
N LEU C 94 14.20 11.57 -12.55
CA LEU C 94 13.45 12.76 -12.22
C LEU C 94 11.99 12.57 -12.63
N GLU C 95 11.16 12.31 -11.64
CA GLU C 95 9.75 12.03 -11.84
C GLU C 95 9.01 13.36 -11.91
N MET C 96 8.39 13.61 -13.07
CA MET C 96 7.65 14.81 -13.45
C MET C 96 8.27 16.12 -13.03
N ASP C 97 9.60 16.15 -12.94
CA ASP C 97 10.32 17.39 -12.68
C ASP C 97 10.35 18.08 -14.05
N GLU C 98 9.93 19.33 -14.07
CA GLU C 98 9.87 20.02 -15.34
C GLU C 98 11.24 20.63 -15.58
N ILE C 99 12.12 19.72 -16.04
CA ILE C 99 13.54 19.98 -16.24
C ILE C 99 13.73 20.61 -17.62
N ASN C 100 13.06 21.76 -17.77
CA ASN C 100 12.86 22.39 -19.07
C ASN C 100 14.13 23.03 -19.59
N ASP C 101 14.86 23.61 -18.66
CA ASP C 101 16.13 24.24 -18.96
C ASP C 101 17.20 23.22 -19.32
N ASP C 102 17.25 22.06 -18.62
CA ASP C 102 18.05 20.94 -19.09
C ASP C 102 17.55 20.34 -20.38
N PHE C 103 16.24 20.41 -20.65
CA PHE C 103 15.69 19.94 -21.91
C PHE C 103 16.35 20.63 -23.11
N ALA C 104 16.36 21.98 -23.04
CA ALA C 104 17.02 22.78 -24.04
C ALA C 104 18.51 22.42 -24.19
N ASP C 105 19.21 22.27 -23.05
CA ASP C 105 20.61 21.87 -23.02
C ASP C 105 20.90 20.46 -23.50
N THR C 106 19.96 19.55 -23.34
CA THR C 106 20.16 18.19 -23.81
C THR C 106 20.29 18.04 -25.33
N ASP C 107 21.28 17.22 -25.67
CA ASP C 107 21.37 16.73 -27.04
C ASP C 107 20.53 15.47 -27.17
N THR C 108 21.03 14.23 -27.20
CA THR C 108 20.20 13.08 -27.49
C THR C 108 19.19 12.74 -26.38
N VAL C 109 17.98 13.32 -26.50
CA VAL C 109 16.81 12.94 -25.71
C VAL C 109 16.35 11.61 -26.28
N LEU C 110 16.52 10.54 -25.50
CA LEU C 110 16.11 9.20 -25.92
C LEU C 110 14.64 9.08 -25.56
N VAL C 111 13.76 9.36 -26.53
CA VAL C 111 12.35 9.34 -26.24
C VAL C 111 11.89 7.88 -26.46
N ILE C 112 12.00 7.07 -25.41
CA ILE C 112 11.80 5.64 -25.50
C ILE C 112 10.29 5.38 -25.70
N GLY C 113 9.80 5.55 -26.93
CA GLY C 113 8.38 5.51 -27.22
C GLY C 113 7.84 6.91 -27.06
N ALA C 114 7.03 7.10 -25.99
CA ALA C 114 6.68 8.39 -25.40
C ALA C 114 6.21 9.54 -26.25
N ASN C 115 5.93 9.39 -27.57
CA ASN C 115 5.56 10.50 -28.45
C ASN C 115 4.45 11.43 -27.98
N ASP C 116 3.41 10.86 -27.41
CA ASP C 116 2.29 11.67 -26.95
C ASP C 116 2.57 12.40 -25.65
N THR C 117 3.44 11.83 -24.82
CA THR C 117 3.81 12.44 -23.54
C THR C 117 4.72 13.66 -23.83
N VAL C 118 5.24 13.83 -25.04
CA VAL C 118 6.00 15.01 -25.41
C VAL C 118 5.32 15.71 -26.57
N ASN C 119 4.04 15.40 -26.83
CA ASN C 119 3.34 15.85 -28.01
C ASN C 119 2.82 17.27 -27.95
N PRO C 120 3.33 18.26 -28.76
CA PRO C 120 2.87 19.64 -28.74
C PRO C 120 1.35 19.77 -29.08
N ALA C 121 0.85 18.95 -29.98
CA ALA C 121 -0.55 19.04 -30.35
C ALA C 121 -1.55 18.58 -29.28
N ALA C 122 -1.04 18.27 -28.09
CA ALA C 122 -1.89 17.97 -26.93
C ALA C 122 -2.13 19.18 -26.03
N GLN C 123 -1.15 20.09 -25.98
CA GLN C 123 -1.34 21.28 -25.15
C GLN C 123 -1.35 22.52 -26.03
N ASP C 124 -0.31 22.69 -26.89
CA ASP C 124 -0.09 23.88 -27.69
C ASP C 124 -1.25 24.05 -28.64
N ASP C 125 -1.54 22.98 -29.34
CA ASP C 125 -2.81 22.87 -30.04
C ASP C 125 -3.67 22.10 -29.06
N PRO C 126 -4.90 22.49 -28.75
CA PRO C 126 -5.78 21.70 -27.86
C PRO C 126 -6.40 20.51 -28.63
N LYS C 127 -5.55 19.78 -29.38
CA LYS C 127 -6.06 19.07 -30.56
C LYS C 127 -6.13 17.55 -30.37
N SER C 128 -5.17 17.04 -29.58
CA SER C 128 -5.10 15.61 -29.37
C SER C 128 -6.11 15.12 -28.35
N PRO C 129 -6.70 13.94 -28.48
CA PRO C 129 -7.65 13.38 -27.51
C PRO C 129 -7.22 13.52 -26.07
N ILE C 130 -5.94 13.32 -25.78
CA ILE C 130 -5.37 13.73 -24.51
C ILE C 130 -5.38 15.28 -24.39
N ALA C 131 -6.59 15.79 -24.17
CA ALA C 131 -6.83 17.25 -24.17
C ALA C 131 -6.11 17.98 -23.05
N GLY C 132 -5.26 18.89 -23.47
CA GLY C 132 -4.41 19.61 -22.58
C GLY C 132 -3.47 18.70 -21.82
N MET C 133 -2.73 17.81 -22.49
CA MET C 133 -1.69 17.04 -21.82
C MET C 133 -0.44 17.87 -21.57
N PRO C 134 0.05 18.00 -20.32
CA PRO C 134 1.26 18.71 -19.95
C PRO C 134 2.43 17.90 -20.44
N VAL C 135 2.73 18.09 -21.72
CA VAL C 135 3.78 17.34 -22.38
C VAL C 135 5.14 17.92 -22.08
N LEU C 136 6.15 17.07 -22.10
CA LEU C 136 7.50 17.52 -21.80
C LEU C 136 8.05 18.32 -22.95
N GLU C 137 8.18 19.63 -22.71
CA GLU C 137 8.46 20.56 -23.75
C GLU C 137 9.92 20.46 -24.22
N VAL C 138 10.17 19.46 -25.07
CA VAL C 138 11.50 19.19 -25.54
C VAL C 138 11.70 19.42 -27.04
N TRP C 139 10.67 19.82 -27.78
CA TRP C 139 10.80 20.18 -29.20
C TRP C 139 11.82 21.30 -29.38
N LYS C 140 12.50 21.28 -30.54
CA LYS C 140 13.77 21.97 -30.76
C LYS C 140 14.75 22.00 -29.57
N ALA C 141 14.97 20.84 -28.91
CA ALA C 141 16.17 20.66 -28.09
C ALA C 141 17.38 20.48 -28.99
N GLN C 142 18.46 19.86 -28.56
CA GLN C 142 19.50 19.53 -29.53
C GLN C 142 19.25 18.25 -30.29
N ASN C 143 18.64 17.21 -29.74
CA ASN C 143 18.21 16.05 -30.49
C ASN C 143 17.11 15.31 -29.74
N VAL C 144 16.05 14.82 -30.39
CA VAL C 144 14.94 14.16 -29.72
C VAL C 144 14.63 12.93 -30.56
N ILE C 145 15.27 11.83 -30.23
CA ILE C 145 15.22 10.64 -31.06
C ILE C 145 14.07 9.78 -30.49
N VAL C 146 12.93 9.83 -31.20
CA VAL C 146 11.70 9.27 -30.70
C VAL C 146 11.64 7.84 -31.19
N PHE C 147 11.85 6.85 -30.29
CA PHE C 147 11.88 5.43 -30.61
C PHE C 147 10.45 5.07 -30.96
N LYS C 148 10.11 5.10 -32.25
CA LYS C 148 8.82 4.65 -32.80
C LYS C 148 9.16 3.97 -34.09
N ARG C 149 8.86 2.67 -34.21
CA ARG C 149 9.11 1.94 -35.42
C ARG C 149 8.22 2.29 -36.61
N SER C 150 7.21 3.18 -36.46
CA SER C 150 6.38 3.65 -37.54
C SER C 150 5.78 4.95 -37.14
N MET C 151 5.34 5.72 -38.11
CA MET C 151 4.52 6.91 -37.87
C MET C 151 3.11 6.41 -37.63
N ASN C 152 2.94 5.90 -36.42
CA ASN C 152 1.64 5.38 -36.08
C ASN C 152 1.03 6.25 -35.00
N THR C 153 -0.30 6.20 -34.89
CA THR C 153 -1.03 6.90 -33.82
C THR C 153 -0.74 6.29 -32.44
N GLY C 154 -0.31 7.15 -31.50
CA GLY C 154 -0.13 6.71 -30.11
C GLY C 154 -1.51 6.85 -29.49
N TYR C 155 -1.63 7.85 -28.61
CA TYR C 155 -2.93 8.33 -28.16
C TYR C 155 -3.34 9.49 -29.11
N ALA C 156 -2.38 10.02 -29.88
CA ALA C 156 -2.63 10.76 -31.07
C ALA C 156 -1.29 10.83 -31.76
N GLY C 157 -0.47 11.86 -31.56
CA GLY C 157 0.67 12.10 -32.42
C GLY C 157 0.21 12.66 -33.75
N VAL C 158 -0.72 13.57 -33.74
CA VAL C 158 -1.10 14.30 -34.94
C VAL C 158 -0.10 15.43 -35.17
N GLN C 159 0.44 15.44 -36.40
CA GLN C 159 1.32 16.47 -36.95
C GLN C 159 2.45 17.05 -36.11
N ASN C 160 2.82 16.40 -35.02
CA ASN C 160 3.86 16.87 -34.12
C ASN C 160 5.29 16.73 -34.67
N PRO C 161 6.12 17.81 -34.73
CA PRO C 161 7.48 17.86 -35.29
C PRO C 161 8.38 16.74 -34.78
N LEU C 162 8.11 16.20 -33.59
CA LEU C 162 8.82 15.01 -33.04
C LEU C 162 8.87 13.78 -33.93
N PHE C 163 7.94 13.71 -34.88
CA PHE C 163 7.94 12.63 -35.84
C PHE C 163 8.90 12.87 -36.98
N PHE C 164 8.88 14.12 -37.42
CA PHE C 164 9.25 14.47 -38.79
C PHE C 164 10.65 15.07 -38.82
N LYS C 165 10.98 15.93 -37.85
CA LYS C 165 12.14 16.78 -37.98
C LYS C 165 13.50 16.11 -37.81
N GLU C 166 14.54 16.94 -37.95
CA GLU C 166 15.90 16.45 -38.13
C GLU C 166 16.44 16.01 -36.80
N ASN C 167 16.45 16.89 -35.81
CA ASN C 167 16.72 16.48 -34.45
C ASN C 167 15.52 15.77 -33.85
N THR C 168 14.27 16.26 -33.97
CA THR C 168 13.14 15.55 -33.38
C THR C 168 12.66 14.53 -34.39
N HIS C 169 13.11 13.26 -34.32
CA HIS C 169 12.96 12.34 -35.45
C HIS C 169 12.60 10.94 -34.97
N MET C 170 11.75 10.22 -35.67
CA MET C 170 11.46 8.85 -35.32
C MET C 170 12.50 7.87 -35.68
N LEU C 171 13.11 7.32 -34.62
CA LEU C 171 14.01 6.18 -34.73
C LEU C 171 13.18 4.97 -35.03
N PHE C 172 13.32 4.47 -36.25
CA PHE C 172 12.46 3.39 -36.71
C PHE C 172 12.97 2.01 -36.25
N GLY C 173 12.85 1.88 -34.94
CA GLY C 173 13.24 0.68 -34.22
C GLY C 173 12.43 0.56 -32.94
N ASP C 174 12.49 -0.66 -32.45
CA ASP C 174 11.89 -0.98 -31.16
C ASP C 174 12.74 -0.41 -30.07
N ALA C 175 12.01 -0.20 -28.96
CA ALA C 175 12.51 0.38 -27.73
C ALA C 175 13.63 -0.43 -27.14
N LYS C 176 13.42 -1.72 -26.89
CA LYS C 176 14.48 -2.58 -26.38
C LYS C 176 15.52 -2.69 -27.45
N ALA C 177 15.15 -3.09 -28.67
CA ALA C 177 16.08 -3.43 -29.72
C ALA C 177 17.13 -2.33 -29.97
N SER C 178 16.68 -1.09 -30.10
CA SER C 178 17.55 0.07 -30.29
C SER C 178 18.47 0.26 -29.09
N VAL C 179 17.95 0.20 -27.85
CA VAL C 179 18.75 0.33 -26.62
C VAL C 179 19.79 -0.81 -26.61
N ASP C 180 19.35 -2.01 -26.99
CA ASP C 180 20.17 -3.19 -26.91
C ASP C 180 21.37 -3.05 -27.84
N ALA C 181 21.22 -2.46 -29.02
CA ALA C 181 22.40 -2.25 -29.87
C ALA C 181 23.31 -1.19 -29.26
N ILE C 182 22.74 0.00 -28.88
CA ILE C 182 23.57 1.12 -28.39
C ILE C 182 24.31 0.79 -27.11
N LEU C 183 23.74 -0.14 -26.38
CA LEU C 183 24.30 -0.79 -25.20
C LEU C 183 25.72 -1.31 -25.42
N LYS C 184 26.01 -1.81 -26.60
CA LYS C 184 27.35 -2.34 -26.85
C LYS C 184 28.05 -1.46 -27.87
N ALA C 185 27.31 -0.91 -28.84
CA ALA C 185 27.88 0.09 -29.75
C ALA C 185 28.51 1.36 -29.17
N LEU C 186 27.70 2.20 -28.51
CA LEU C 186 27.99 3.57 -28.08
C LEU C 186 28.98 4.36 -28.91
PA NAD D . -13.38 9.44 -11.30
O1A NAD D . -12.27 9.24 -10.32
O2A NAD D . -14.58 10.24 -10.90
O5B NAD D . -13.95 7.97 -11.70
C5B NAD D . -13.10 6.80 -11.69
C4B NAD D . -13.47 5.83 -12.80
O4B NAD D . -14.78 5.25 -12.62
C3B NAD D . -13.52 6.51 -14.17
O3B NAD D . -12.32 6.20 -14.92
C2B NAD D . -14.75 5.93 -14.85
O2B NAD D . -14.47 5.48 -16.18
C1B NAD D . -15.13 4.77 -13.94
N9A NAD D . -16.52 4.31 -14.10
C8A NAD D . -17.64 5.05 -14.01
N7A NAD D . -18.72 4.30 -14.34
C5A NAD D . -18.22 3.12 -14.62
C6A NAD D . -18.95 1.97 -14.88
N6A NAD D . -20.26 2.01 -15.05
N1A NAD D . -18.25 0.82 -14.97
C2A NAD D . -16.93 0.79 -14.82
N3A NAD D . -16.21 1.88 -14.60
C4A NAD D . -16.83 3.08 -14.47
O3 NAD D . -12.84 10.03 -12.71
PN NAD D . -11.47 10.07 -13.54
O1N NAD D . -10.94 8.69 -13.65
O2N NAD D . -10.61 11.12 -12.95
O5D NAD D . -11.96 10.49 -15.03
C5D NAD D . -12.22 11.85 -15.38
C4D NAD D . -11.15 12.42 -16.30
O4D NAD D . -9.83 12.14 -15.82
C3D NAD D . -11.14 11.78 -17.69
O3D NAD D . -12.14 12.33 -18.57
C2D NAD D . -9.73 12.10 -18.18
O2D NAD D . -9.76 13.24 -19.03
C1D NAD D . -8.94 12.42 -16.91
N1N NAD D . -7.65 11.66 -16.80
C2N NAD D . -6.59 11.98 -17.70
C3N NAD D . -5.36 11.35 -17.57
C7N NAD D . -4.29 11.37 -18.67
O7N NAD D . -3.28 10.69 -18.57
N7N NAD D . -4.52 12.14 -19.73
C4N NAD D . -5.16 10.43 -16.53
C5N NAD D . -6.21 10.08 -15.65
C6N NAD D . -7.45 10.70 -15.79
HO3A NAD D . -12.42 5.29 -15.33
HO2A NAD D . -14.25 4.50 -16.16
H61A NAD D . -20.75 1.16 -15.25
H62A NAD D . -20.75 2.86 -14.93
HO3N NAD D . -13.01 12.41 -18.03
HO2N NAD D . -10.37 13.92 -18.62
H71N NAD D . -5.34 12.69 -19.87
H72N NAD D . -3.83 12.11 -20.46
PA NAP E . 1.45 5.71 -26.00
O1A NAP E . 0.76 6.85 -26.66
O2A NAP E . 0.65 4.55 -25.55
O5B NAP E . 2.66 5.22 -26.94
C5B NAP E . 3.23 6.11 -27.87
C4B NAP E . 4.10 5.40 -28.87
O4B NAP E . 5.13 4.60 -28.21
C3B NAP E . 3.41 4.40 -29.76
O3B NAP E . 2.79 5.06 -30.86
C2B NAP E . 4.57 3.54 -30.25
O2B NAP E . 5.05 3.82 -31.56
C1B NAP E . 5.67 3.80 -29.26
N9A NAP E . 6.26 2.56 -28.74
C8A NAP E . 5.67 1.62 -27.99
N7A NAP E . 6.43 0.55 -27.79
C5A NAP E . 7.54 0.88 -28.45
C6A NAP E . 8.51 -0.07 -28.78
N6A NAP E . 8.41 -1.28 -28.27
N1A NAP E . 9.39 0.27 -29.75
C2A NAP E . 9.33 1.48 -30.33
N3A NAP E . 8.40 2.38 -30.00
C4A NAP E . 7.48 2.10 -29.07
O3 NAP E . 2.28 6.27 -24.69
PN NAP E . 2.90 7.65 -24.19
O1N NAP E . 3.24 8.53 -25.34
O2N NAP E . 3.98 7.36 -23.20
O5D NAP E . 1.66 8.30 -23.41
C5D NAP E . 0.48 8.73 -24.08
C4D NAP E . -0.63 9.04 -23.09
O4D NAP E . -1.03 7.89 -22.30
C3D NAP E . -0.26 10.04 -22.02
O3D NAP E . -0.19 11.36 -22.52
C2D NAP E . -1.46 9.86 -21.07
O2D NAP E . -2.48 10.79 -21.42
C1D NAP E . -1.98 8.46 -21.36
N1N NAP E . -2.28 7.62 -20.18
C2N NAP E . -1.30 7.42 -19.16
C3N NAP E . -1.68 6.85 -17.93
C7N NAP E . -0.60 6.70 -16.85
O7N NAP E . -0.85 7.01 -15.69
N7N NAP E . 0.60 6.25 -17.23
C4N NAP E . -2.98 6.42 -17.72
C5N NAP E . -3.93 6.59 -18.73
C6N NAP E . -3.58 7.17 -19.97
P2B NAP E . 5.31 2.59 -32.57
O1X NAP E . 6.36 1.80 -31.88
O2X NAP E . 5.68 3.13 -33.89
O3X NAP E . 4.00 1.92 -32.55
HO3A NAP E . 2.02 4.52 -31.18
H61A NAP E . 7.59 -1.57 -27.73
H62A NAP E . 9.15 -1.91 -28.45
HO3N NAP E . -1.13 11.72 -22.54
HO2N NAP E . -3.34 10.38 -21.10
H71N NAP E . 0.80 5.97 -18.19
H72N NAP E . 1.33 6.23 -16.55
N HIS A 7 -11.85 -41.28 19.71
CA HIS A 7 -11.43 -41.55 18.36
C HIS A 7 -10.80 -40.25 17.89
N GLY A 8 -10.11 -40.23 16.77
CA GLY A 8 -9.68 -38.98 16.15
C GLY A 8 -10.83 -38.18 15.59
N ARG A 9 -11.47 -37.45 16.49
CA ARG A 9 -12.45 -36.48 16.13
C ARG A 9 -11.82 -35.20 16.53
N ILE A 10 -11.46 -34.48 15.48
CA ILE A 10 -10.88 -33.17 15.65
C ILE A 10 -11.99 -32.15 15.90
N GLY A 11 -12.08 -31.61 17.11
CA GLY A 11 -12.85 -30.41 17.34
C GLY A 11 -12.10 -29.19 16.82
N ILE A 12 -12.75 -28.46 15.89
CA ILE A 12 -12.21 -27.22 15.33
C ILE A 12 -12.96 -26.14 16.14
N PRO A 13 -12.38 -25.44 17.10
CA PRO A 13 -12.98 -24.34 17.86
C PRO A 13 -12.81 -23.03 17.10
N ARG A 14 -13.68 -22.09 17.44
CA ARG A 14 -13.33 -20.69 17.28
C ARG A 14 -12.59 -20.37 18.57
N GLU A 15 -11.49 -19.62 18.45
CA GLU A 15 -10.66 -19.22 19.56
C GLU A 15 -11.46 -18.35 20.50
N ARG A 16 -11.27 -18.61 21.79
CA ARG A 16 -12.05 -17.92 22.77
C ARG A 16 -11.38 -16.70 23.31
N LEU A 17 -10.06 -16.66 23.30
CA LEU A 17 -9.28 -15.53 23.80
C LEU A 17 -9.73 -14.20 23.14
N THR A 18 -9.98 -13.25 24.02
CA THR A 18 -10.56 -11.96 23.74
C THR A 18 -9.90 -11.28 22.55
N ASN A 19 -10.74 -11.03 21.54
CA ASN A 19 -10.31 -10.45 20.27
C ASN A 19 -9.32 -11.25 19.44
N GLU A 20 -8.80 -12.41 19.90
CA GLU A 20 -7.90 -13.18 19.09
C GLU A 20 -8.81 -14.08 18.26
N THR A 21 -9.48 -13.43 17.31
CA THR A 21 -10.53 -13.98 16.48
C THR A 21 -9.98 -14.95 15.41
N ARG A 22 -9.45 -16.06 15.91
CA ARG A 22 -8.93 -17.10 15.03
C ARG A 22 -9.88 -18.29 15.07
N VAL A 23 -9.79 -19.20 14.12
CA VAL A 23 -10.51 -20.48 14.14
C VAL A 23 -9.43 -21.44 13.66
N ALA A 24 -9.49 -22.69 14.08
CA ALA A 24 -8.48 -23.66 13.74
C ALA A 24 -8.17 -23.91 12.27
N ALA A 25 -9.15 -24.23 11.40
CA ALA A 25 -8.82 -24.66 10.04
C ALA A 25 -9.84 -24.17 9.02
N THR A 26 -9.42 -24.15 7.75
CA THR A 26 -10.29 -23.77 6.65
C THR A 26 -11.10 -24.96 6.16
N PRO A 27 -12.28 -24.81 5.52
CA PRO A 27 -12.98 -25.89 4.84
C PRO A 27 -12.10 -26.73 3.90
N LYS A 28 -11.20 -26.08 3.17
CA LYS A 28 -10.15 -26.79 2.43
C LYS A 28 -9.33 -27.76 3.28
N THR A 29 -8.84 -27.30 4.45
CA THR A 29 -7.93 -28.13 5.22
C THR A 29 -8.72 -29.26 5.90
N VAL A 30 -9.97 -28.96 6.23
CA VAL A 30 -10.99 -29.91 6.67
C VAL A 30 -11.15 -30.98 5.60
N GLU A 31 -11.38 -30.64 4.33
CA GLU A 31 -11.39 -31.57 3.21
C GLU A 31 -10.20 -32.49 3.27
N GLN A 32 -9.01 -31.93 3.40
CA GLN A 32 -7.80 -32.73 3.57
C GLN A 32 -7.85 -33.74 4.73
N LEU A 33 -8.19 -33.25 5.92
CA LEU A 33 -8.34 -34.08 7.09
C LEU A 33 -9.28 -35.26 6.94
N LEU A 34 -10.39 -35.00 6.31
CA LEU A 34 -11.32 -36.02 5.84
C LEU A 34 -10.68 -37.07 4.96
N LYS A 35 -9.92 -36.64 3.95
CA LYS A 35 -9.17 -37.56 3.10
C LYS A 35 -8.14 -38.32 3.90
N LEU A 36 -7.61 -37.76 4.98
CA LEU A 36 -6.69 -38.47 5.85
C LEU A 36 -7.45 -39.51 6.66
N GLY A 37 -8.63 -39.13 7.15
CA GLY A 37 -9.50 -40.09 7.81
C GLY A 37 -10.13 -39.52 9.06
N PHE A 38 -9.67 -38.33 9.44
CA PHE A 38 -10.07 -37.72 10.70
C PHE A 38 -11.43 -37.06 10.61
N THR A 39 -12.31 -37.36 11.57
CA THR A 39 -13.61 -36.73 11.62
C THR A 39 -13.41 -35.31 12.11
N VAL A 40 -13.95 -34.39 11.37
CA VAL A 40 -13.78 -33.00 11.70
C VAL A 40 -15.14 -32.56 12.17
N ALA A 41 -15.14 -32.04 13.40
CA ALA A 41 -16.33 -31.48 13.98
C ALA A 41 -16.00 -30.03 14.29
N VAL A 42 -16.63 -29.08 13.61
CA VAL A 42 -16.40 -27.67 13.84
C VAL A 42 -17.46 -27.16 14.81
N GLU A 43 -17.07 -26.24 15.68
CA GLU A 43 -18.02 -25.53 16.52
C GLU A 43 -19.03 -24.73 15.67
N SER A 44 -20.29 -24.73 16.08
CA SER A 44 -21.31 -23.90 15.50
C SER A 44 -21.04 -22.39 15.61
N GLY A 45 -21.09 -21.75 14.46
CA GLY A 45 -20.83 -20.31 14.35
C GLY A 45 -19.35 -20.01 14.24
N ALA A 46 -18.50 -21.05 14.05
CA ALA A 46 -17.07 -20.80 14.03
C ALA A 46 -16.66 -20.24 12.67
N GLY A 47 -17.26 -20.82 11.64
CA GLY A 47 -17.05 -20.42 10.26
C GLY A 47 -17.27 -18.92 10.01
N GLN A 48 -18.30 -18.40 10.70
CA GLN A 48 -18.59 -16.97 10.78
C GLN A 48 -17.37 -16.13 11.09
N LEU A 49 -16.65 -16.42 12.19
CA LEU A 49 -15.41 -15.71 12.50
C LEU A 49 -14.28 -16.13 11.55
N ALA A 50 -14.19 -17.42 11.29
CA ALA A 50 -13.16 -17.99 10.41
C ALA A 50 -13.16 -17.35 9.03
N SER A 51 -14.31 -16.75 8.68
CA SER A 51 -14.51 -15.98 7.48
C SER A 51 -14.33 -16.90 6.27
N PHE A 52 -14.92 -18.07 6.48
CA PHE A 52 -14.93 -19.13 5.52
C PHE A 52 -15.89 -20.06 6.26
N ASP A 53 -17.15 -19.85 5.90
CA ASP A 53 -18.27 -20.02 6.81
C ASP A 53 -18.70 -21.42 7.08
N ASP A 54 -19.61 -21.52 8.06
CA ASP A 54 -20.14 -22.79 8.56
C ASP A 54 -20.78 -23.64 7.47
N LYS A 55 -21.56 -23.07 6.53
CA LYS A 55 -22.11 -23.89 5.43
C LYS A 55 -21.05 -24.34 4.42
N ALA A 56 -19.94 -23.60 4.29
CA ALA A 56 -18.77 -24.00 3.52
C ALA A 56 -18.05 -25.11 4.25
N PHE A 57 -17.97 -25.10 5.56
CA PHE A 57 -17.53 -26.30 6.31
C PHE A 57 -18.41 -27.53 6.04
N VAL A 58 -19.73 -27.29 5.99
CA VAL A 58 -20.63 -28.34 5.62
C VAL A 58 -20.39 -28.87 4.21
N GLN A 59 -20.18 -27.99 3.22
CA GLN A 59 -19.80 -28.41 1.88
C GLN A 59 -18.49 -29.21 1.86
N ALA A 60 -17.53 -28.83 2.71
CA ALA A 60 -16.30 -29.58 2.90
C ALA A 60 -16.61 -30.98 3.37
N GLY A 61 -17.52 -31.07 4.37
CA GLY A 61 -17.90 -32.38 4.85
C GLY A 61 -17.77 -32.49 6.37
N ALA A 62 -17.52 -31.37 7.03
CA ALA A 62 -17.34 -31.37 8.45
C ALA A 62 -18.66 -31.59 9.18
N GLU A 63 -18.64 -32.26 10.33
CA GLU A 63 -19.73 -32.41 11.24
C GLU A 63 -19.74 -31.05 11.96
N ILE A 64 -20.93 -30.51 12.13
CA ILE A 64 -21.02 -29.29 12.95
C ILE A 64 -21.54 -29.71 14.29
N VAL A 65 -20.91 -29.19 15.33
CA VAL A 65 -21.33 -29.47 16.69
C VAL A 65 -21.49 -28.18 17.44
N GLU A 66 -22.50 -28.17 18.29
CA GLU A 66 -23.03 -26.98 18.91
C GLU A 66 -22.59 -26.95 20.38
N GLY A 67 -22.00 -25.80 20.76
CA GLY A 67 -21.53 -25.59 22.09
C GLY A 67 -20.35 -26.47 22.46
N ASN A 68 -20.43 -26.95 23.71
CA ASN A 68 -19.32 -27.66 24.37
C ASN A 68 -18.99 -28.97 23.67
N SER A 69 -19.92 -29.49 22.86
CA SER A 69 -19.67 -30.69 22.10
C SER A 69 -18.56 -30.62 21.06
N VAL A 70 -18.02 -29.41 20.81
CA VAL A 70 -16.80 -29.28 20.07
C VAL A 70 -15.61 -29.74 20.92
N TRP A 71 -15.66 -29.42 22.20
CA TRP A 71 -14.69 -29.86 23.19
C TRP A 71 -14.89 -31.35 23.50
N GLN A 72 -16.06 -31.93 23.23
CA GLN A 72 -16.22 -33.38 23.33
C GLN A 72 -15.60 -34.09 22.14
N SER A 73 -14.29 -33.99 22.01
CA SER A 73 -13.57 -34.51 20.86
C SER A 73 -12.14 -34.86 21.31
N GLU A 74 -11.69 -36.07 21.02
CA GLU A 74 -10.34 -36.44 21.35
C GLU A 74 -9.18 -35.89 20.54
N ILE A 75 -9.40 -35.01 19.58
CA ILE A 75 -8.33 -34.14 19.12
C ILE A 75 -8.92 -32.75 19.19
N ILE A 76 -8.21 -31.74 19.72
CA ILE A 76 -8.76 -30.39 19.80
C ILE A 76 -7.68 -29.49 19.17
N LEU A 77 -8.10 -28.62 18.28
CA LEU A 77 -7.19 -27.62 17.75
C LEU A 77 -7.48 -26.24 18.27
N LYS A 78 -7.00 -26.03 19.50
CA LYS A 78 -6.96 -24.72 20.14
C LYS A 78 -6.02 -23.80 19.42
N VAL A 79 -6.55 -22.63 19.07
CA VAL A 79 -5.96 -21.84 18.04
C VAL A 79 -4.97 -20.85 18.62
N ASN A 80 -5.00 -20.64 19.94
CA ASN A 80 -4.05 -19.83 20.65
C ASN A 80 -3.92 -20.39 22.03
N ALA A 81 -3.06 -19.85 22.90
CA ALA A 81 -2.90 -20.15 24.33
C ALA A 81 -4.20 -20.43 25.11
N PRO A 82 -4.26 -21.30 26.11
CA PRO A 82 -5.47 -21.60 26.87
C PRO A 82 -5.91 -20.65 27.98
N LEU A 83 -7.18 -20.66 28.33
CA LEU A 83 -7.66 -20.10 29.60
C LEU A 83 -8.03 -21.31 30.47
N ASP A 84 -8.14 -21.14 31.78
CA ASP A 84 -8.46 -22.25 32.69
C ASP A 84 -9.90 -22.70 32.51
N ASP A 85 -10.77 -21.84 31.96
CA ASP A 85 -12.05 -22.21 31.40
C ASP A 85 -11.81 -23.31 30.37
N GLU A 86 -10.96 -23.03 29.36
CA GLU A 86 -10.75 -23.95 28.26
C GLU A 86 -10.09 -25.21 28.74
N ILE A 87 -9.23 -25.12 29.78
CA ILE A 87 -8.61 -26.31 30.34
C ILE A 87 -9.64 -27.21 31.04
N ALA A 88 -10.68 -26.67 31.64
CA ALA A 88 -11.82 -27.42 32.19
C ALA A 88 -12.66 -28.03 31.08
N LEU A 89 -12.91 -27.24 30.03
CA LEU A 89 -13.65 -27.70 28.88
C LEU A 89 -12.92 -28.75 28.04
N LEU A 90 -11.59 -28.73 28.15
CA LEU A 90 -10.72 -29.70 27.50
C LEU A 90 -10.99 -31.01 28.19
N ASN A 91 -11.51 -31.96 27.43
CA ASN A 91 -11.66 -33.29 27.93
C ASN A 91 -10.31 -34.00 27.98
N PRO A 92 -10.16 -34.95 28.91
CA PRO A 92 -9.04 -35.90 28.94
C PRO A 92 -8.89 -36.70 27.66
N GLY A 93 -7.73 -37.36 27.53
CA GLY A 93 -7.43 -38.25 26.42
C GLY A 93 -6.98 -37.56 25.16
N THR A 94 -7.40 -36.32 24.96
CA THR A 94 -7.18 -35.52 23.78
C THR A 94 -5.74 -35.37 23.29
N THR A 95 -5.54 -35.63 21.98
CA THR A 95 -4.36 -35.14 21.32
C THR A 95 -4.60 -33.67 21.01
N LEU A 96 -4.23 -32.83 21.93
CA LEU A 96 -4.47 -31.39 21.88
C LEU A 96 -3.39 -30.83 20.96
N VAL A 97 -3.58 -30.92 19.64
CA VAL A 97 -2.64 -30.36 18.68
C VAL A 97 -3.03 -28.89 18.65
N SER A 98 -2.28 -28.00 19.27
CA SER A 98 -2.77 -26.65 19.49
C SER A 98 -1.68 -25.61 19.63
N PHE A 99 -1.95 -24.31 19.54
CA PHE A 99 -0.92 -23.30 19.67
C PHE A 99 -0.86 -22.89 21.13
N ILE A 100 -0.03 -23.55 21.93
CA ILE A 100 -0.15 -23.55 23.39
C ILE A 100 0.71 -22.50 24.06
N TRP A 101 1.87 -22.17 23.47
CA TRP A 101 2.90 -21.32 24.03
C TRP A 101 3.42 -21.85 25.37
N PRO A 102 4.22 -22.95 25.34
CA PRO A 102 4.57 -23.72 26.54
C PRO A 102 5.35 -22.97 27.61
N ALA A 103 6.52 -22.35 27.36
CA ALA A 103 7.29 -21.62 28.37
C ALA A 103 6.64 -20.32 28.81
N GLN A 104 5.63 -19.90 28.07
CA GLN A 104 4.84 -18.74 28.35
C GLN A 104 3.75 -19.20 29.30
N ASN A 105 3.28 -20.44 29.20
CA ASN A 105 2.20 -20.94 30.06
C ASN A 105 2.51 -22.17 30.96
N PRO A 106 3.55 -22.10 31.82
CA PRO A 106 4.00 -23.25 32.64
C PRO A 106 2.94 -23.79 33.62
N GLU A 107 2.18 -22.94 34.34
CA GLU A 107 1.08 -23.42 35.19
C GLU A 107 0.02 -24.15 34.38
N LEU A 108 -0.36 -23.53 33.26
CA LEU A 108 -1.30 -24.11 32.34
C LEU A 108 -0.77 -25.43 31.76
N MET A 109 0.56 -25.54 31.57
CA MET A 109 1.20 -26.79 31.12
C MET A 109 0.97 -27.91 32.11
N GLN A 110 1.24 -27.60 33.39
CA GLN A 110 1.04 -28.55 34.48
C GLN A 110 -0.43 -28.94 34.53
N LYS A 111 -1.37 -28.00 34.31
CA LYS A 111 -2.79 -28.31 34.22
C LYS A 111 -3.10 -29.18 33.03
N LEU A 112 -2.37 -29.06 31.91
CA LEU A 112 -2.60 -29.93 30.78
C LEU A 112 -2.02 -31.33 31.00
N ALA A 113 -0.99 -31.41 31.82
CA ALA A 113 -0.49 -32.71 32.31
C ALA A 113 -1.53 -33.43 33.18
N GLU A 114 -2.08 -32.65 34.10
CA GLU A 114 -3.17 -33.06 34.94
C GLU A 114 -4.41 -33.54 34.18
N ARG A 115 -4.65 -32.93 33.02
CA ARG A 115 -5.66 -33.40 32.06
C ARG A 115 -5.48 -34.78 31.48
N ASN A 116 -4.27 -35.34 31.44
CA ASN A 116 -3.97 -36.52 30.65
C ASN A 116 -4.29 -36.33 29.18
N VAL A 117 -3.52 -35.45 28.57
CA VAL A 117 -3.73 -35.13 27.15
C VAL A 117 -2.38 -35.16 26.46
N THR A 118 -2.36 -35.46 25.19
CA THR A 118 -1.17 -35.36 24.37
C THR A 118 -1.09 -34.00 23.71
N VAL A 119 -0.39 -33.05 24.35
CA VAL A 119 -0.26 -31.67 23.87
C VAL A 119 0.85 -31.59 22.86
N MET A 120 0.38 -31.41 21.63
CA MET A 120 1.22 -31.17 20.51
C MET A 120 1.21 -29.68 20.20
N ALA A 121 2.17 -28.93 20.75
CA ALA A 121 2.11 -27.47 20.60
C ALA A 121 2.77 -27.08 19.29
N MET A 122 1.97 -26.46 18.42
CA MET A 122 2.45 -26.12 17.09
C MET A 122 3.54 -25.07 17.03
N ASP A 123 3.54 -24.17 18.01
CA ASP A 123 4.69 -23.29 18.29
C ASP A 123 5.97 -24.09 18.49
N SER A 124 5.93 -25.18 19.24
CA SER A 124 7.13 -25.98 19.56
C SER A 124 7.75 -26.91 18.47
N VAL A 125 7.42 -26.80 17.17
CA VAL A 125 8.02 -27.62 16.11
C VAL A 125 9.44 -27.12 15.91
N PRO A 126 10.51 -27.95 15.81
CA PRO A 126 11.86 -27.55 15.49
C PRO A 126 12.04 -26.90 14.14
N ARG A 127 13.05 -26.04 14.04
CA ARG A 127 13.25 -25.23 12.84
C ARG A 127 13.70 -25.88 11.53
N ILE A 128 13.68 -27.20 11.38
CA ILE A 128 14.28 -27.89 10.23
C ILE A 128 13.32 -27.99 9.02
N SER A 129 13.84 -28.41 7.87
CA SER A 129 13.15 -28.44 6.61
C SER A 129 11.92 -29.40 6.58
N ARG A 130 11.96 -30.66 7.07
CA ARG A 130 10.77 -31.51 7.13
C ARG A 130 9.65 -30.87 7.99
N ALA A 131 10.10 -30.19 9.07
CA ALA A 131 9.21 -29.54 10.00
C ALA A 131 8.57 -28.30 9.40
N GLN A 132 9.17 -27.68 8.38
CA GLN A 132 8.71 -26.40 7.89
C GLN A 132 7.24 -26.28 7.43
N SER A 133 6.65 -27.40 7.06
CA SER A 133 5.21 -27.51 6.80
C SER A 133 4.30 -27.57 8.04
N LEU A 134 4.84 -28.24 9.06
CA LEU A 134 4.20 -28.38 10.37
C LEU A 134 4.34 -27.11 11.21
N ASP A 135 5.47 -26.42 11.11
CA ASP A 135 5.79 -25.41 12.12
C ASP A 135 4.98 -24.14 12.02
N ALA A 136 4.32 -23.82 13.11
CA ALA A 136 3.57 -22.59 13.25
C ALA A 136 4.44 -21.36 13.45
N LEU A 137 5.63 -21.50 14.04
CA LEU A 137 6.57 -20.40 14.09
C LEU A 137 7.10 -20.04 12.74
N SER A 138 6.86 -20.87 11.72
CA SER A 138 6.82 -20.40 10.36
C SER A 138 5.51 -19.62 10.14
N SER A 139 4.37 -20.31 9.97
CA SER A 139 3.15 -19.74 9.40
C SER A 139 2.64 -18.52 10.17
N MET A 140 2.41 -18.72 11.46
CA MET A 140 1.86 -17.67 12.30
C MET A 140 2.76 -16.46 12.42
N ALA A 141 4.09 -16.65 12.41
CA ALA A 141 5.03 -15.51 12.40
C ALA A 141 4.91 -14.78 11.08
N ASN A 142 4.78 -15.51 9.98
CA ASN A 142 4.48 -14.95 8.69
C ASN A 142 3.18 -14.15 8.73
N ILE A 143 2.11 -14.66 9.34
CA ILE A 143 0.84 -13.95 9.44
C ILE A 143 1.04 -12.60 10.11
N ALA A 144 1.82 -12.67 11.19
CA ALA A 144 2.21 -11.48 11.91
C ALA A 144 2.99 -10.51 11.05
N GLY A 145 4.02 -10.96 10.31
CA GLY A 145 4.87 -10.09 9.50
C GLY A 145 4.05 -9.31 8.48
N TYR A 146 3.17 -10.01 7.80
CA TYR A 146 2.26 -9.41 6.83
C TYR A 146 1.29 -8.46 7.54
N ARG A 147 0.63 -8.89 8.63
CA ARG A 147 -0.36 -7.99 9.21
C ARG A 147 0.30 -6.78 9.89
N ALA A 148 1.60 -6.91 10.21
CA ALA A 148 2.36 -5.83 10.78
C ALA A 148 2.54 -4.80 9.68
N ILE A 149 2.91 -5.26 8.46
CA ILE A 149 2.90 -4.44 7.27
C ILE A 149 1.57 -3.70 7.10
N VAL A 150 0.43 -4.40 7.28
CA VAL A 150 -0.90 -3.82 7.17
C VAL A 150 -1.15 -2.70 8.20
N GLU A 151 -1.05 -2.99 9.48
CA GLU A 151 -1.30 -1.98 10.53
C GLU A 151 -0.30 -0.85 10.48
N ALA A 152 0.92 -1.18 10.06
CA ALA A 152 1.87 -0.16 9.65
C ALA A 152 1.30 0.71 8.56
N ALA A 153 0.86 0.16 7.44
CA ALA A 153 0.20 0.94 6.43
C ALA A 153 -1.05 1.70 6.88
N HIS A 154 -1.70 1.24 7.95
CA HIS A 154 -2.87 1.91 8.52
C HIS A 154 -2.35 3.21 9.13
N GLU A 155 -1.37 3.20 10.01
CA GLU A 155 -0.84 4.47 10.54
C GLU A 155 0.42 5.00 9.88
N PHE A 156 0.66 4.55 8.64
CA PHE A 156 1.78 4.98 7.81
C PHE A 156 1.48 6.42 7.37
N GLY A 157 2.54 7.22 7.45
CA GLY A 157 2.49 8.56 6.90
C GLY A 157 2.59 8.49 5.39
N ARG A 158 3.60 7.81 4.87
CA ARG A 158 3.91 7.84 3.45
C ARG A 158 3.43 6.62 2.70
N PHE A 159 3.92 6.42 1.48
CA PHE A 159 3.40 5.42 0.56
C PHE A 159 4.39 4.27 0.47
N PHE A 160 3.98 3.01 0.39
CA PHE A 160 4.87 1.90 0.07
C PHE A 160 5.40 2.03 -1.33
N THR A 161 4.50 2.07 -2.29
CA THR A 161 4.87 2.04 -3.70
C THR A 161 5.51 3.36 -4.13
N GLY A 162 6.76 3.26 -4.53
CA GLY A 162 7.42 4.34 -5.27
C GLY A 162 6.67 4.48 -6.61
N GLN A 163 5.73 5.41 -6.66
CA GLN A 163 4.87 5.60 -7.79
C GLN A 163 4.70 7.09 -8.15
N ILE A 164 3.64 7.52 -8.86
CA ILE A 164 3.63 8.79 -9.57
C ILE A 164 2.23 9.27 -9.76
N THR A 165 2.03 10.50 -9.31
CA THR A 165 0.75 11.22 -9.43
C THR A 165 1.14 12.69 -9.44
N ALA A 166 0.25 13.64 -9.17
CA ALA A 166 0.57 15.04 -9.09
C ALA A 166 1.79 15.42 -8.24
N ALA A 167 2.06 14.66 -7.19
CA ALA A 167 3.21 14.90 -6.30
C ALA A 167 4.55 14.72 -7.00
N GLY A 168 4.58 14.16 -8.20
CA GLY A 168 5.83 13.81 -8.81
C GLY A 168 6.34 12.54 -8.16
N LYS A 169 7.49 12.59 -7.51
CA LYS A 169 7.91 11.44 -6.73
C LYS A 169 6.98 11.33 -5.57
N VAL A 170 6.12 10.32 -5.60
CA VAL A 170 5.44 9.94 -4.39
C VAL A 170 6.47 9.06 -3.69
N PRO A 171 7.11 9.56 -2.62
CA PRO A 171 8.24 8.93 -1.96
C PRO A 171 7.96 7.58 -1.27
N PRO A 172 8.70 6.54 -1.68
CA PRO A 172 8.51 5.20 -1.16
C PRO A 172 8.89 4.93 0.28
N ALA A 173 8.27 3.91 0.80
CA ALA A 173 8.62 3.34 2.04
C ALA A 173 10.01 2.76 2.04
N LYS A 174 10.84 3.23 2.95
CA LYS A 174 12.05 2.56 3.27
C LYS A 174 11.71 1.67 4.47
N VAL A 175 11.76 0.39 4.27
CA VAL A 175 11.33 -0.54 5.30
C VAL A 175 12.62 -0.99 5.95
N MET A 176 12.69 -1.04 7.26
CA MET A 176 13.78 -1.67 7.98
C MET A 176 13.16 -2.79 8.80
N VAL A 177 13.38 -3.99 8.33
CA VAL A 177 13.09 -5.20 9.08
C VAL A 177 14.18 -5.40 10.11
N ILE A 178 13.79 -5.54 11.38
CA ILE A 178 14.75 -5.91 12.43
C ILE A 178 14.42 -7.30 12.92
N GLY A 179 15.42 -8.16 12.89
CA GLY A 179 15.27 -9.52 13.32
C GLY A 179 14.60 -10.33 12.20
N ALA A 180 15.42 -10.70 11.23
CA ALA A 180 14.91 -11.31 10.03
C ALA A 180 14.77 -12.82 10.25
N GLY A 181 13.58 -13.12 10.73
CA GLY A 181 13.13 -14.51 10.91
C GLY A 181 12.00 -14.79 9.95
N VAL A 182 11.04 -15.63 10.31
CA VAL A 182 10.00 -15.98 9.36
C VAL A 182 9.01 -14.82 9.25
N ALA A 183 8.70 -14.13 10.34
CA ALA A 183 8.01 -12.83 10.30
C ALA A 183 8.76 -11.82 9.43
N GLY A 184 10.09 -11.82 9.53
CA GLY A 184 10.96 -11.02 8.70
C GLY A 184 10.73 -11.33 7.24
N LEU A 185 10.72 -12.60 6.85
CA LEU A 185 10.49 -13.00 5.47
C LEU A 185 9.15 -12.46 4.98
N ALA A 186 8.10 -12.62 5.80
CA ALA A 186 6.80 -12.08 5.44
C ALA A 186 6.81 -10.59 5.19
N ALA A 187 7.44 -9.86 6.10
CA ALA A 187 7.49 -8.41 6.02
C ALA A 187 8.26 -7.97 4.78
N ILE A 188 9.39 -8.66 4.47
CA ILE A 188 10.16 -8.36 3.27
C ILE A 188 9.34 -8.65 2.00
N GLY A 189 8.66 -9.80 1.94
CA GLY A 189 7.87 -10.27 0.81
C GLY A 189 6.78 -9.25 0.52
N ALA A 190 5.95 -8.90 1.54
CA ALA A 190 4.92 -7.87 1.43
C ALA A 190 5.44 -6.54 0.89
N ALA A 191 6.45 -5.99 1.54
CA ALA A 191 6.98 -4.70 1.18
C ALA A 191 7.62 -4.62 -0.22
N ASN A 192 8.42 -5.62 -0.56
CA ASN A 192 9.05 -5.78 -1.86
C ASN A 192 7.98 -5.87 -2.94
N SER A 193 7.00 -6.76 -2.83
CA SER A 193 5.92 -6.84 -3.78
C SER A 193 5.12 -5.56 -3.93
N LEU A 194 4.83 -4.85 -2.82
CA LEU A 194 4.27 -3.51 -2.81
C LEU A 194 5.14 -2.45 -3.49
N GLY A 195 6.43 -2.74 -3.61
CA GLY A 195 7.32 -1.90 -4.40
C GLY A 195 8.01 -0.86 -3.54
N ALA A 196 8.26 -1.24 -2.27
CA ALA A 196 8.95 -0.39 -1.35
C ALA A 196 10.44 -0.77 -1.33
N ILE A 197 11.28 0.06 -0.71
CA ILE A 197 12.71 -0.18 -0.70
C ILE A 197 12.91 -0.94 0.61
N VAL A 198 13.22 -2.23 0.50
CA VAL A 198 13.22 -3.06 1.70
C VAL A 198 14.64 -3.19 2.23
N ARG A 199 14.83 -2.97 3.53
CA ARG A 199 16.12 -3.16 4.19
C ARG A 199 15.81 -4.14 5.31
N ALA A 200 16.80 -4.93 5.70
CA ALA A 200 16.64 -5.87 6.77
C ALA A 200 17.91 -5.92 7.53
N PHE A 201 17.78 -6.16 8.83
CA PHE A 201 18.90 -6.23 9.74
C PHE A 201 18.69 -7.49 10.59
N ASP A 202 19.75 -8.26 10.70
CA ASP A 202 19.84 -9.39 11.62
C ASP A 202 21.33 -9.62 11.86
N THR A 203 21.65 -10.20 13.01
CA THR A 203 23.03 -10.53 13.28
C THR A 203 23.48 -11.66 12.36
N ARG A 204 22.60 -12.64 12.15
CA ARG A 204 22.91 -13.93 11.50
C ARG A 204 23.18 -13.80 9.97
N PRO A 205 24.39 -14.01 9.49
CA PRO A 205 24.76 -13.92 8.06
C PRO A 205 24.04 -14.89 7.11
N GLU A 206 23.36 -15.94 7.64
CA GLU A 206 22.64 -16.90 6.80
C GLU A 206 21.41 -16.27 6.17
N VAL A 207 20.47 -15.78 6.99
CA VAL A 207 19.20 -15.22 6.52
C VAL A 207 19.37 -14.14 5.47
N LYS A 208 20.52 -13.46 5.43
CA LYS A 208 20.95 -12.55 4.38
C LYS A 208 20.67 -13.01 2.98
N GLU A 209 20.79 -14.29 2.67
CA GLU A 209 20.37 -14.77 1.36
C GLU A 209 18.86 -14.65 1.18
N GLN A 210 17.97 -15.25 1.99
CA GLN A 210 16.54 -15.01 1.80
C GLN A 210 16.09 -13.56 1.86
N VAL A 211 16.81 -12.72 2.61
CA VAL A 211 16.63 -11.28 2.57
C VAL A 211 16.87 -10.76 1.16
N GLN A 212 18.07 -10.95 0.60
CA GLN A 212 18.43 -10.32 -0.66
C GLN A 212 17.59 -10.99 -1.72
N SER A 213 17.53 -12.31 -1.78
CA SER A 213 16.57 -13.02 -2.65
C SER A 213 15.15 -12.52 -2.60
N MET A 214 14.54 -12.27 -1.44
CA MET A 214 13.21 -11.69 -1.42
C MET A 214 13.19 -10.23 -1.81
N GLY A 215 14.36 -9.57 -1.89
CA GLY A 215 14.46 -8.28 -2.51
C GLY A 215 14.62 -7.19 -1.44
N ALA A 216 15.75 -7.29 -0.72
CA ALA A 216 16.00 -6.36 0.34
C ALA A 216 17.49 -6.19 0.55
N GLU A 217 17.90 -4.98 0.89
CA GLU A 217 19.28 -4.68 1.24
C GLU A 217 19.49 -5.25 2.64
N PHE A 218 20.60 -5.98 2.86
CA PHE A 218 20.82 -6.46 4.20
C PHE A 218 21.81 -5.54 4.90
N LEU A 219 21.28 -4.74 5.80
CA LEU A 219 22.09 -3.84 6.59
C LEU A 219 22.98 -4.63 7.52
N GLU A 220 24.24 -4.56 7.21
CA GLU A 220 25.18 -5.19 8.09
C GLU A 220 25.53 -4.39 9.33
N LEU A 221 26.14 -5.11 10.26
CA LEU A 221 26.57 -4.47 11.48
C LEU A 221 27.75 -3.59 11.14
N ASP A 222 27.66 -2.27 11.06
CA ASP A 222 28.82 -1.38 11.02
C ASP A 222 29.39 -1.34 12.40
N PHE A 223 30.42 -2.16 12.53
CA PHE A 223 31.15 -2.17 13.79
C PHE A 223 32.62 -2.54 13.49
N ASP A 231 32.41 -16.32 17.90
CA ASP A 231 31.23 -16.92 17.36
C ASP A 231 30.09 -15.93 17.42
N GLY A 232 29.06 -16.26 16.66
CA GLY A 232 27.91 -15.45 16.32
C GLY A 232 27.08 -15.15 17.56
N TYR A 233 27.05 -16.04 18.55
CA TYR A 233 26.27 -15.82 19.77
C TYR A 233 26.99 -14.78 20.61
N ALA A 234 28.28 -15.01 20.88
CA ALA A 234 29.13 -14.06 21.61
C ALA A 234 29.17 -12.70 20.97
N LYS A 235 29.26 -12.62 19.63
CA LYS A 235 28.93 -11.43 18.92
C LYS A 235 27.56 -10.83 19.29
N VAL A 236 26.45 -11.55 18.99
CA VAL A 236 25.13 -10.99 19.13
C VAL A 236 24.71 -10.61 20.54
N MET A 237 25.27 -11.21 21.57
CA MET A 237 24.95 -10.88 22.95
C MET A 237 25.66 -9.61 23.43
N SER A 238 26.79 -9.24 22.81
CA SER A 238 27.65 -8.28 23.48
C SER A 238 27.46 -6.80 23.25
N ASP A 239 27.57 -6.10 24.37
CA ASP A 239 27.33 -4.66 24.50
C ASP A 239 27.85 -3.75 23.39
N ALA A 240 29.07 -3.94 22.94
CA ALA A 240 29.61 -3.06 21.91
C ALA A 240 29.03 -3.29 20.53
N PHE A 241 28.70 -4.53 20.20
CA PHE A 241 27.99 -4.86 18.98
C PHE A 241 26.63 -4.21 19.07
N ILE A 242 25.88 -4.47 20.15
CA ILE A 242 24.62 -3.78 20.41
C ILE A 242 24.70 -2.26 20.46
N LYS A 243 25.84 -1.70 20.82
CA LYS A 243 26.10 -0.29 20.72
C LYS A 243 25.96 0.20 19.28
N ALA A 244 26.78 -0.49 18.45
CA ALA A 244 26.81 -0.24 17.00
C ALA A 244 25.48 -0.46 16.37
N GLU A 245 24.87 -1.63 16.59
CA GLU A 245 23.54 -1.96 16.11
C GLU A 245 22.53 -0.88 16.42
N MET A 246 22.55 -0.44 17.69
CA MET A 246 21.67 0.67 18.13
C MET A 246 21.89 1.89 17.23
N GLU A 247 23.17 2.16 16.96
CA GLU A 247 23.48 3.31 16.12
C GLU A 247 23.14 3.11 14.65
N LEU A 248 23.20 1.88 14.18
CA LEU A 248 22.65 1.61 12.85
C LEU A 248 21.17 1.89 12.73
N PHE A 249 20.41 1.48 13.75
CA PHE A 249 18.97 1.71 13.79
C PHE A 249 18.70 3.21 13.79
N ALA A 250 19.46 3.97 14.60
CA ALA A 250 19.37 5.43 14.52
C ALA A 250 19.68 5.97 13.13
N ALA A 251 20.83 5.56 12.57
CA ALA A 251 21.25 5.99 11.26
C ALA A 251 20.24 5.73 10.17
N GLN A 252 19.44 4.71 10.35
CA GLN A 252 18.34 4.42 9.44
C GLN A 252 17.10 5.23 9.83
N ALA A 253 16.79 5.37 11.11
CA ALA A 253 15.42 5.69 11.55
C ALA A 253 14.89 7.06 11.17
N LYS A 254 15.83 7.91 10.76
CA LYS A 254 15.53 9.26 10.31
C LYS A 254 15.21 9.34 8.84
N GLU A 255 15.58 8.32 8.03
CA GLU A 255 15.06 8.16 6.68
C GLU A 255 14.02 7.04 6.57
N VAL A 256 14.27 5.85 7.14
CA VAL A 256 13.34 4.73 6.94
C VAL A 256 11.95 4.97 7.55
N ASP A 257 10.97 4.39 6.89
CA ASP A 257 9.55 4.52 7.21
C ASP A 257 9.11 3.44 8.16
N ILE A 258 9.02 2.23 7.62
CA ILE A 258 8.42 1.20 8.40
C ILE A 258 9.55 0.41 9.04
N ILE A 259 9.86 0.64 10.32
CA ILE A 259 10.70 -0.29 11.07
C ILE A 259 9.82 -1.49 11.44
N VAL A 260 9.87 -2.52 10.60
CA VAL A 260 9.13 -3.72 10.93
C VAL A 260 10.03 -4.46 11.91
N THR A 261 9.75 -4.33 13.19
CA THR A 261 10.60 -4.99 14.20
C THR A 261 10.03 -6.38 14.36
N THR A 262 10.45 -7.22 13.42
CA THR A 262 10.01 -8.61 13.27
C THR A 262 10.49 -9.67 14.25
N ALA A 263 11.23 -9.25 15.27
CA ALA A 263 11.95 -10.13 16.16
C ALA A 263 11.07 -10.64 17.33
N LEU A 264 10.00 -11.39 16.96
CA LEU A 264 9.18 -12.08 17.93
C LEU A 264 10.08 -13.19 18.44
N ILE A 265 10.84 -12.99 19.51
CA ILE A 265 11.72 -14.05 20.03
C ILE A 265 10.83 -14.86 20.97
N PRO A 266 10.40 -16.10 20.63
CA PRO A 266 9.40 -16.85 21.38
C PRO A 266 9.68 -17.09 22.86
N GLY A 267 8.86 -16.39 23.64
CA GLY A 267 8.86 -16.53 25.10
C GLY A 267 10.00 -15.79 25.73
N LYS A 268 10.66 -14.87 25.05
CA LYS A 268 11.82 -14.18 25.59
C LYS A 268 11.59 -12.67 25.49
N PRO A 269 11.98 -11.82 26.45
CA PRO A 269 11.93 -10.38 26.31
C PRO A 269 12.94 -10.00 25.23
N ALA A 270 12.46 -9.80 23.98
CA ALA A 270 13.31 -9.36 22.91
C ALA A 270 14.02 -8.05 23.23
N PRO A 271 15.35 -7.98 23.16
CA PRO A 271 16.20 -6.92 23.67
C PRO A 271 15.72 -5.52 23.25
N LYS A 272 15.58 -4.66 24.23
CA LYS A 272 15.28 -3.28 23.96
C LYS A 272 16.41 -2.63 23.16
N LEU A 273 16.24 -2.57 21.85
CA LEU A 273 17.23 -1.98 20.98
C LEU A 273 16.88 -0.53 20.73
N ILE A 274 15.68 -0.22 20.25
CA ILE A 274 15.34 1.12 19.82
C ILE A 274 15.05 1.95 21.07
N THR A 275 16.03 2.78 21.41
CA THR A 275 15.92 3.72 22.49
C THR A 275 14.85 4.83 22.41
N ARG A 276 14.30 5.27 23.56
CA ARG A 276 13.26 6.28 23.61
C ARG A 276 13.53 7.59 22.87
N GLU A 277 14.59 8.33 23.23
CA GLU A 277 14.85 9.58 22.57
C GLU A 277 15.14 9.39 21.09
N MET A 278 15.66 8.22 20.70
CA MET A 278 15.92 7.85 19.34
C MET A 278 14.64 7.65 18.55
N VAL A 279 13.60 7.10 19.20
CA VAL A 279 12.30 7.06 18.55
C VAL A 279 11.86 8.48 18.34
N ASP A 280 11.95 9.32 19.37
CA ASP A 280 11.66 10.73 19.28
C ASP A 280 12.48 11.47 18.23
N SER A 281 13.66 11.04 17.87
CA SER A 281 14.41 11.63 16.76
C SER A 281 14.06 11.10 15.38
N MET A 282 13.27 10.04 15.25
CA MET A 282 12.83 9.49 13.97
C MET A 282 12.00 10.42 13.08
N LYS A 283 11.87 10.02 11.81
CA LYS A 283 11.13 10.75 10.82
C LYS A 283 9.64 10.74 11.12
N ALA A 284 9.00 11.87 10.80
CA ALA A 284 7.57 12.06 10.95
C ALA A 284 6.85 11.06 10.10
N GLY A 285 5.77 10.48 10.57
CA GLY A 285 4.98 9.52 9.80
C GLY A 285 5.64 8.13 9.72
N SER A 286 6.82 7.87 10.31
CA SER A 286 7.38 6.55 10.30
C SER A 286 6.61 5.66 11.27
N VAL A 287 6.71 4.34 11.12
CA VAL A 287 6.01 3.38 11.95
C VAL A 287 6.99 2.39 12.48
N ILE A 288 6.89 2.09 13.77
CA ILE A 288 7.66 0.97 14.30
C ILE A 288 6.60 -0.09 14.55
N VAL A 289 6.44 -1.04 13.64
CA VAL A 289 5.57 -2.18 13.94
C VAL A 289 6.40 -3.21 14.70
N ASP A 290 6.31 -3.21 16.04
CA ASP A 290 7.03 -4.16 16.86
C ASP A 290 6.17 -5.38 16.99
N LEU A 291 6.64 -6.42 16.32
CA LEU A 291 6.02 -7.72 16.43
C LEU A 291 6.30 -8.46 17.71
N ALA A 292 7.45 -8.23 18.37
CA ALA A 292 7.72 -8.89 19.62
C ALA A 292 6.75 -8.40 20.69
N ALA A 293 6.68 -7.10 20.85
CA ALA A 293 5.83 -6.36 21.70
C ALA A 293 5.56 -6.96 23.06
N GLN A 294 4.73 -8.01 23.18
CA GLN A 294 4.52 -8.75 24.45
C GLN A 294 5.81 -9.40 24.88
N ASN A 295 6.48 -10.07 23.93
CA ASN A 295 7.78 -10.67 24.16
C ASN A 295 8.83 -9.57 24.24
N GLY A 296 8.82 -8.78 25.31
CA GLY A 296 9.73 -7.66 25.47
C GLY A 296 9.46 -6.39 24.64
N GLY A 297 9.46 -6.55 23.33
CA GLY A 297 9.33 -5.44 22.41
C GLY A 297 10.69 -4.83 22.19
N ASN A 298 11.22 -4.75 20.96
CA ASN A 298 12.58 -4.21 20.76
C ASN A 298 12.62 -2.73 20.86
N CYS A 299 11.52 -2.02 20.70
CA CYS A 299 11.45 -0.60 20.98
C CYS A 299 11.16 -0.39 22.46
N GLU A 300 11.73 0.62 23.11
CA GLU A 300 11.38 1.05 24.44
C GLU A 300 10.08 1.82 24.58
N TYR A 301 9.50 2.28 23.46
CA TYR A 301 8.15 2.81 23.51
C TYR A 301 7.03 1.80 23.27
N THR A 302 7.32 0.53 22.94
CA THR A 302 6.27 -0.44 22.62
C THR A 302 5.40 -0.72 23.82
N VAL A 303 4.13 -0.41 23.62
CA VAL A 303 3.09 -0.76 24.58
C VAL A 303 2.57 -2.05 23.99
N PRO A 304 2.75 -3.21 24.63
CA PRO A 304 2.27 -4.51 24.15
C PRO A 304 0.77 -4.50 23.90
N GLY A 305 0.45 -4.46 22.63
CA GLY A 305 -0.91 -4.60 22.18
C GLY A 305 -1.44 -3.30 21.59
N GLU A 306 -0.64 -2.29 21.38
CA GLU A 306 -1.12 -0.92 21.16
C GLU A 306 -0.54 -0.18 19.99
N ILE A 307 -1.21 0.89 19.56
CA ILE A 307 -0.62 1.90 18.71
C ILE A 307 -0.05 2.89 19.73
N PHE A 308 1.27 2.90 19.92
CA PHE A 308 1.90 3.98 20.63
C PHE A 308 2.03 5.09 19.61
N THR A 309 1.27 6.17 19.76
CA THR A 309 1.38 7.33 18.90
C THR A 309 2.35 8.28 19.59
N THR A 310 3.48 8.58 18.91
CA THR A 310 4.55 9.36 19.51
C THR A 310 4.46 10.78 18.91
N GLU A 311 4.74 11.80 19.74
CA GLU A 311 4.50 13.21 19.48
C GLU A 311 5.09 13.69 18.16
N ASN A 312 6.31 13.25 17.88
CA ASN A 312 6.99 13.55 16.61
C ASN A 312 6.29 13.04 15.36
N GLY A 313 5.44 12.04 15.51
CA GLY A 313 4.71 11.54 14.41
C GLY A 313 5.00 10.06 14.17
N VAL A 314 5.86 9.40 14.97
CA VAL A 314 6.12 7.98 14.73
C VAL A 314 5.02 7.14 15.38
N LYS A 315 4.46 6.19 14.65
CA LYS A 315 3.44 5.33 15.21
C LYS A 315 4.14 4.02 15.59
N VAL A 316 4.54 3.92 16.88
CA VAL A 316 5.11 2.67 17.38
C VAL A 316 3.98 1.65 17.61
N ILE A 317 3.59 0.92 16.59
CA ILE A 317 2.47 0.04 16.69
C ILE A 317 3.02 -1.32 17.16
N GLY A 318 2.96 -1.57 18.47
CA GLY A 318 3.27 -2.85 19.01
C GLY A 318 2.03 -3.72 19.08
N TYR A 319 1.49 -4.18 17.96
CA TYR A 319 0.22 -4.85 17.91
C TYR A 319 0.38 -6.33 18.06
N THR A 320 -0.30 -6.92 19.03
CA THR A 320 -0.09 -8.36 19.26
C THR A 320 -1.24 -9.24 18.73
N ASP A 321 -2.44 -8.67 18.54
CA ASP A 321 -3.65 -9.42 18.17
C ASP A 321 -3.74 -9.70 16.67
N LEU A 322 -2.58 -9.72 15.99
CA LEU A 322 -2.56 -9.74 14.55
C LEU A 322 -3.03 -10.99 13.83
N PRO A 323 -2.71 -12.23 14.23
CA PRO A 323 -3.33 -13.38 13.62
C PRO A 323 -4.85 -13.42 13.78
N GLY A 324 -5.38 -12.95 14.91
CA GLY A 324 -6.82 -12.78 15.09
C GLY A 324 -7.37 -11.74 14.15
N ARG A 325 -6.60 -10.66 13.89
CA ARG A 325 -6.92 -9.72 12.83
C ARG A 325 -6.90 -10.31 11.42
N LEU A 326 -6.52 -11.57 11.25
CA LEU A 326 -6.53 -12.16 9.94
C LEU A 326 -6.96 -13.64 9.99
N PRO A 327 -8.25 -13.87 10.29
CA PRO A 327 -8.81 -15.17 10.61
C PRO A 327 -8.57 -16.27 9.59
N THR A 328 -9.04 -16.18 8.35
CA THR A 328 -8.85 -17.20 7.33
C THR A 328 -7.38 -17.44 7.06
N GLN A 329 -6.48 -16.49 7.34
CA GLN A 329 -5.05 -16.67 7.18
C GLN A 329 -4.52 -17.54 8.32
N SER A 330 -5.05 -17.38 9.53
CA SER A 330 -4.85 -18.33 10.60
C SER A 330 -5.40 -19.68 10.20
N SER A 331 -6.70 -19.76 10.04
CA SER A 331 -7.38 -20.97 9.62
C SER A 331 -6.76 -21.73 8.45
N GLN A 332 -6.20 -21.06 7.43
CA GLN A 332 -5.41 -21.73 6.41
C GLN A 332 -4.01 -22.12 6.83
N LEU A 333 -3.10 -21.18 7.13
CA LEU A 333 -1.71 -21.52 7.30
C LEU A 333 -1.43 -22.30 8.56
N TYR A 334 -1.91 -21.78 9.69
CA TYR A 334 -1.81 -22.48 10.94
C TYR A 334 -2.66 -23.70 10.81
N GLY A 335 -3.87 -23.61 10.31
CA GLY A 335 -4.65 -24.77 9.90
C GLY A 335 -3.82 -25.85 9.19
N THR A 336 -3.06 -25.58 8.14
CA THR A 336 -2.40 -26.66 7.40
C THR A 336 -1.15 -27.07 8.19
N ASN A 337 -0.62 -26.27 9.12
CA ASN A 337 0.39 -26.74 10.08
C ASN A 337 -0.14 -27.93 10.88
N LEU A 338 -1.32 -27.68 11.49
CA LEU A 338 -2.03 -28.72 12.23
C LEU A 338 -2.31 -29.90 11.33
N VAL A 339 -2.83 -29.68 10.12
CA VAL A 339 -3.08 -30.69 9.12
C VAL A 339 -1.78 -31.41 8.77
N ASN A 340 -0.61 -30.76 8.70
CA ASN A 340 0.64 -31.41 8.28
C ASN A 340 1.15 -32.37 9.32
N LEU A 341 1.08 -31.98 10.59
CA LEU A 341 1.35 -32.91 11.68
C LEU A 341 0.41 -34.08 11.59
N LEU A 342 -0.87 -33.82 11.53
CA LEU A 342 -1.85 -34.90 11.36
C LEU A 342 -1.72 -35.71 10.07
N LYS A 343 -1.06 -35.17 9.04
CA LYS A 343 -0.70 -35.99 7.89
C LYS A 343 0.32 -37.03 8.30
N LEU A 344 1.36 -36.66 9.05
CA LEU A 344 2.34 -37.61 9.51
C LEU A 344 1.73 -38.63 10.44
N LEU A 345 0.85 -38.12 11.33
CA LEU A 345 0.08 -38.98 12.26
C LEU A 345 -0.80 -40.00 11.51
N CYS A 346 -1.44 -39.56 10.45
CA CYS A 346 -2.20 -40.42 9.58
C CYS A 346 -1.28 -41.28 8.69
N LYS A 347 -0.82 -42.36 9.31
CA LYS A 347 0.14 -43.27 8.75
C LYS A 347 -0.33 -43.91 7.45
N GLU A 348 -1.52 -44.54 7.54
CA GLU A 348 -2.08 -45.26 6.40
C GLU A 348 -3.35 -44.71 5.86
N LYS A 349 -3.85 -43.64 6.45
CA LYS A 349 -5.09 -42.98 6.08
C LYS A 349 -6.38 -43.80 6.05
N ASP A 350 -7.02 -44.36 7.12
CA ASP A 350 -6.63 -44.55 8.52
C ASP A 350 -6.89 -43.47 9.54
N GLY A 351 -6.13 -42.36 9.54
CA GLY A 351 -6.31 -41.34 10.55
C GLY A 351 -5.90 -41.71 11.96
N ASN A 352 -4.72 -42.32 12.14
CA ASN A 352 -4.21 -42.67 13.46
C ASN A 352 -3.59 -41.53 14.25
N ILE A 353 -3.67 -41.55 15.57
CA ILE A 353 -2.95 -40.63 16.40
C ILE A 353 -1.59 -41.33 16.51
N THR A 354 -0.71 -41.08 15.55
CA THR A 354 0.65 -41.58 15.68
C THR A 354 1.60 -40.60 16.30
N VAL A 355 1.74 -40.66 17.59
CA VAL A 355 2.71 -39.86 18.30
C VAL A 355 3.95 -40.76 18.24
N ASP A 356 4.75 -40.50 17.19
CA ASP A 356 6.06 -41.08 17.08
C ASP A 356 7.04 -40.17 17.84
N PHE A 357 7.89 -40.78 18.66
CA PHE A 357 8.91 -40.06 19.37
C PHE A 357 10.28 -40.14 18.73
N ASP A 358 10.38 -41.01 17.73
CA ASP A 358 11.63 -41.21 17.02
C ASP A 358 11.96 -40.06 16.10
N ASP A 359 10.97 -39.43 15.47
CA ASP A 359 11.21 -38.32 14.59
C ASP A 359 11.34 -37.07 15.46
N VAL A 360 12.47 -36.39 15.26
CA VAL A 360 12.79 -35.21 16.02
C VAL A 360 11.72 -34.13 15.95
N VAL A 361 11.01 -34.04 14.82
CA VAL A 361 9.96 -33.04 14.72
C VAL A 361 8.77 -33.35 15.60
N ILE A 362 8.25 -34.59 15.51
CA ILE A 362 7.03 -34.95 16.20
C ILE A 362 7.32 -35.03 17.71
N ARG A 363 8.49 -35.52 18.06
CA ARG A 363 9.01 -35.40 19.42
C ARG A 363 9.12 -33.93 19.92
N GLY A 364 9.43 -33.01 19.00
CA GLY A 364 9.42 -31.60 19.25
C GLY A 364 8.04 -31.07 19.56
N VAL A 365 7.07 -31.35 18.68
CA VAL A 365 5.71 -30.81 18.81
C VAL A 365 5.09 -31.40 20.08
N THR A 366 5.33 -32.67 20.42
CA THR A 366 4.65 -33.28 21.57
C THR A 366 5.27 -32.82 22.88
N VAL A 367 4.78 -31.70 23.42
CA VAL A 367 5.29 -31.13 24.66
C VAL A 367 4.76 -31.89 25.86
N ILE A 368 3.54 -32.44 25.77
CA ILE A 368 2.99 -33.25 26.84
C ILE A 368 2.53 -34.53 26.20
N ARG A 369 3.03 -35.76 26.54
CA ARG A 369 2.45 -36.97 25.96
C ARG A 369 1.58 -37.59 27.04
N ALA A 370 0.31 -37.69 26.66
CA ALA A 370 -0.75 -38.20 27.49
C ALA A 370 -0.67 -37.83 28.98
N GLY A 371 -0.43 -36.55 29.25
CA GLY A 371 -0.43 -36.10 30.63
C GLY A 371 0.95 -36.20 31.28
N GLU A 372 2.05 -36.42 30.58
CA GLU A 372 3.37 -36.35 31.19
C GLU A 372 4.08 -35.30 30.34
N ILE A 373 4.66 -34.25 30.91
CA ILE A 373 5.28 -33.17 30.16
C ILE A 373 6.59 -33.66 29.58
N THR A 374 6.49 -34.14 28.35
CA THR A 374 7.64 -34.65 27.57
C THR A 374 8.53 -33.57 26.99
N TRP A 375 8.10 -32.31 27.14
CA TRP A 375 8.88 -31.14 26.83
C TRP A 375 10.16 -31.11 27.67
N PRO A 376 11.33 -30.66 27.20
CA PRO A 376 11.60 -30.26 25.83
C PRO A 376 11.88 -31.45 24.93
N ALA A 377 12.45 -31.19 23.76
CA ALA A 377 12.80 -32.18 22.81
C ALA A 377 14.25 -31.97 22.41
N PRO A 378 14.95 -32.99 21.87
CA PRO A 378 16.26 -32.87 21.26
C PRO A 378 16.30 -31.70 20.27
N PRO A 379 17.19 -30.71 20.48
CA PRO A 379 17.43 -29.58 19.61
C PRO A 379 18.02 -30.03 18.23
N ILE A 380 18.89 -30.89 18.16
N HIS B 5 1.33 43.20 4.27
CA HIS B 5 0.30 42.26 4.55
C HIS B 5 0.96 40.88 4.52
N HIS B 6 0.18 39.84 4.50
CA HIS B 6 0.76 38.50 4.33
C HIS B 6 0.70 38.17 2.85
N HIS B 7 1.32 39.05 2.07
CA HIS B 7 1.17 39.07 0.58
C HIS B 7 2.12 37.99 0.03
N GLY B 8 1.53 37.00 -0.63
CA GLY B 8 2.20 35.79 -1.03
C GLY B 8 2.47 34.88 0.15
N ARG B 9 1.80 35.01 1.30
CA ARG B 9 1.89 34.00 2.33
C ARG B 9 0.67 33.10 2.29
N ILE B 10 1.06 31.85 2.18
CA ILE B 10 0.16 30.74 2.28
C ILE B 10 -0.01 30.51 3.76
N GLY B 11 -1.24 30.16 4.10
CA GLY B 11 -1.54 29.63 5.41
C GLY B 11 -1.92 28.19 5.21
N ILE B 12 -1.31 27.30 5.94
CA ILE B 12 -1.65 25.90 5.95
C ILE B 12 -2.35 25.79 7.30
N PRO B 13 -3.68 25.79 7.43
CA PRO B 13 -4.36 25.59 8.69
C PRO B 13 -4.52 24.10 9.04
N ARG B 14 -4.85 23.77 10.25
CA ARG B 14 -5.29 22.41 10.55
C ARG B 14 -6.73 22.38 10.02
N GLU B 15 -7.17 21.23 9.46
CA GLU B 15 -8.57 21.08 9.16
C GLU B 15 -9.52 21.09 10.33
N ARG B 16 -10.51 21.94 10.13
CA ARG B 16 -11.69 22.04 10.97
C ARG B 16 -12.73 21.02 10.58
N LEU B 17 -12.53 20.25 9.49
CA LEU B 17 -13.40 19.10 9.26
C LEU B 17 -13.25 18.13 10.42
N THR B 18 -14.34 17.74 11.05
CA THR B 18 -14.32 16.76 12.10
C THR B 18 -13.88 15.40 11.51
N ASN B 19 -12.72 14.96 12.03
CA ASN B 19 -11.97 13.79 11.60
C ASN B 19 -11.50 13.89 10.15
N GLU B 20 -10.28 14.40 10.09
CA GLU B 20 -9.57 14.53 8.87
C GLU B 20 -8.16 14.09 9.21
N THR B 21 -7.52 13.33 8.34
CA THR B 21 -6.15 12.90 8.55
C THR B 21 -5.20 13.68 7.69
N ARG B 22 -5.67 14.56 6.80
CA ARG B 22 -4.78 15.40 5.95
C ARG B 22 -4.40 16.72 6.61
N VAL B 23 -3.20 17.20 6.30
CA VAL B 23 -2.97 18.64 6.32
C VAL B 23 -2.71 19.03 4.86
N ALA B 24 -2.33 20.27 4.52
CA ALA B 24 -2.02 20.61 3.14
C ALA B 24 -0.54 20.80 2.82
N ALA B 25 0.34 20.41 3.75
CA ALA B 25 1.77 20.59 3.61
C ALA B 25 2.60 19.52 4.32
N THR B 26 3.80 19.42 3.77
CA THR B 26 4.88 18.55 4.23
C THR B 26 6.12 19.45 4.20
N PRO B 27 7.27 19.16 4.84
CA PRO B 27 8.51 19.88 4.61
C PRO B 27 8.87 20.01 3.14
N LYS B 28 8.65 18.98 2.34
CA LYS B 28 8.90 19.02 0.94
C LYS B 28 7.95 19.96 0.20
N THR B 29 6.64 19.94 0.47
CA THR B 29 5.78 20.88 -0.23
C THR B 29 6.04 22.32 0.19
N VAL B 30 6.49 22.56 1.44
CA VAL B 30 6.97 23.85 1.88
C VAL B 30 8.10 24.26 0.93
N GLU B 31 9.12 23.38 0.77
CA GLU B 31 10.25 23.67 -0.13
C GLU B 31 9.85 23.99 -1.57
N GLN B 32 8.85 23.24 -2.05
CA GLN B 32 8.37 23.43 -3.44
C GLN B 32 7.73 24.82 -3.58
N LEU B 33 6.90 25.25 -2.60
CA LEU B 33 6.32 26.58 -2.53
C LEU B 33 7.32 27.71 -2.26
N LEU B 34 8.39 27.43 -1.53
CA LEU B 34 9.51 28.35 -1.32
C LEU B 34 10.21 28.65 -2.64
N LYS B 35 10.36 27.62 -3.49
CA LYS B 35 10.86 27.78 -4.84
C LYS B 35 9.91 28.65 -5.62
N LEU B 36 8.60 28.38 -5.55
CA LEU B 36 7.60 29.26 -6.14
C LEU B 36 7.48 30.66 -5.52
N GLY B 37 8.22 30.91 -4.45
CA GLY B 37 8.42 32.23 -3.93
C GLY B 37 7.37 32.67 -2.91
N PHE B 38 6.72 31.68 -2.32
CA PHE B 38 5.71 31.93 -1.37
C PHE B 38 6.31 31.76 0.03
N THR B 39 5.85 32.59 0.96
CA THR B 39 6.08 32.33 2.36
C THR B 39 5.07 31.26 2.78
N VAL B 40 5.57 30.09 3.19
CA VAL B 40 4.67 29.01 3.63
C VAL B 40 4.50 29.15 5.11
N ALA B 41 3.34 29.56 5.59
CA ALA B 41 3.09 29.53 7.00
C ALA B 41 2.28 28.32 7.30
N VAL B 42 2.54 27.61 8.40
CA VAL B 42 1.81 26.42 8.77
C VAL B 42 1.29 26.72 10.19
N GLU B 43 0.10 26.21 10.46
CA GLU B 43 -0.46 26.28 11.78
C GLU B 43 0.35 25.47 12.81
N SER B 44 0.65 26.13 13.91
CA SER B 44 1.25 25.51 15.05
C SER B 44 0.35 24.38 15.54
N GLY B 45 0.87 23.21 15.83
CA GLY B 45 0.08 22.08 16.32
C GLY B 45 -0.44 21.26 15.18
N ALA B 46 -0.96 21.89 14.12
CA ALA B 46 -1.58 21.17 12.99
C ALA B 46 -0.98 19.86 12.55
N GLY B 47 0.35 19.74 12.58
CA GLY B 47 1.10 18.63 12.12
C GLY B 47 0.83 17.35 12.91
N GLN B 48 0.48 17.44 14.19
CA GLN B 48 0.29 16.26 15.03
C GLN B 48 -0.76 15.30 14.50
N LEU B 49 -1.86 15.83 13.98
CA LEU B 49 -2.91 15.03 13.37
C LEU B 49 -2.35 14.32 12.13
N ALA B 50 -1.58 15.04 11.30
CA ALA B 50 -1.04 14.47 10.08
C ALA B 50 0.31 13.77 10.28
N SER B 51 0.60 13.46 11.55
CA SER B 51 1.70 12.63 11.99
C SER B 51 3.06 13.30 11.74
N PHE B 52 3.13 14.58 12.11
CA PHE B 52 4.38 15.33 12.03
C PHE B 52 4.51 16.00 13.39
N ASP B 53 5.69 16.44 13.70
CA ASP B 53 5.85 17.50 14.73
C ASP B 53 6.12 18.79 13.99
N ASP B 54 5.92 19.91 14.68
CA ASP B 54 6.05 21.26 14.12
C ASP B 54 7.47 21.52 13.66
N LYS B 55 8.41 21.05 14.46
CA LYS B 55 9.82 21.26 14.22
C LYS B 55 10.35 20.72 12.90
N ALA B 56 9.70 19.74 12.27
CA ALA B 56 9.97 19.35 10.89
C ALA B 56 9.68 20.51 9.93
N PHE B 57 8.57 21.22 10.13
CA PHE B 57 8.26 22.40 9.30
C PHE B 57 9.22 23.55 9.63
N VAL B 58 9.58 23.66 10.89
CA VAL B 58 10.63 24.58 11.34
C VAL B 58 11.93 24.29 10.61
N GLN B 59 12.32 23.01 10.45
CA GLN B 59 13.52 22.68 9.71
C GLN B 59 13.34 22.91 8.24
N ALA B 60 12.10 22.82 7.73
CA ALA B 60 11.82 23.15 6.36
C ALA B 60 11.87 24.65 6.09
N GLY B 61 11.66 25.45 7.13
CA GLY B 61 11.67 26.91 6.99
C GLY B 61 10.28 27.48 6.81
N ALA B 62 9.30 26.93 7.54
CA ALA B 62 7.90 27.35 7.48
C ALA B 62 7.56 28.20 8.67
N GLU B 63 6.78 29.27 8.45
CA GLU B 63 6.38 30.23 9.45
C GLU B 63 5.34 29.57 10.34
N ILE B 64 5.68 29.11 11.51
CA ILE B 64 4.77 28.32 12.35
C ILE B 64 4.01 29.32 13.20
N VAL B 65 2.80 29.60 12.78
CA VAL B 65 2.01 30.65 13.43
C VAL B 65 0.71 30.02 13.89
N GLU B 66 0.03 30.63 14.85
CA GLU B 66 -1.19 30.08 15.44
C GLU B 66 -2.39 30.16 14.49
N GLY B 67 -3.47 29.44 14.83
CA GLY B 67 -4.58 29.13 13.93
C GLY B 67 -5.17 30.33 13.24
N ASN B 68 -5.73 31.29 13.96
CA ASN B 68 -6.43 32.39 13.32
C ASN B 68 -5.45 33.30 12.60
N SER B 69 -4.26 33.38 13.22
CA SER B 69 -3.15 34.07 12.56
C SER B 69 -2.75 33.43 11.24
N VAL B 70 -2.69 32.10 11.11
CA VAL B 70 -2.32 31.47 9.86
C VAL B 70 -3.44 31.61 8.87
N TRP B 71 -4.69 31.63 9.38
CA TRP B 71 -5.87 31.89 8.57
C TRP B 71 -5.87 33.28 7.96
N GLN B 72 -5.28 34.26 8.64
CA GLN B 72 -5.15 35.57 8.00
C GLN B 72 -3.98 35.60 7.02
N SER B 73 -4.21 35.10 5.83
CA SER B 73 -3.20 35.14 4.77
C SER B 73 -3.84 35.49 3.43
N GLU B 74 -3.04 35.80 2.43
CA GLU B 74 -3.49 36.09 1.10
C GLU B 74 -3.79 34.77 0.35
N ILE B 75 -3.17 33.66 0.71
CA ILE B 75 -3.55 32.36 0.17
C ILE B 75 -3.71 31.39 1.34
N ILE B 76 -4.74 30.55 1.29
CA ILE B 76 -4.96 29.53 2.29
C ILE B 76 -5.03 28.24 1.49
N LEU B 77 -4.11 27.33 1.83
CA LEU B 77 -4.13 26.03 1.21
C LEU B 77 -4.71 25.19 2.30
N LYS B 78 -5.94 24.77 2.06
CA LYS B 78 -6.77 24.17 3.12
C LYS B 78 -7.39 22.98 2.45
N VAL B 79 -7.73 21.92 3.20
CA VAL B 79 -8.16 20.66 2.62
C VAL B 79 -9.63 20.81 2.24
N ASN B 80 -10.53 21.06 3.17
CA ASN B 80 -11.95 20.92 2.91
C ASN B 80 -12.65 22.27 2.99
N ALA B 81 -14.01 22.23 2.89
CA ALA B 81 -14.89 23.37 3.03
C ALA B 81 -14.57 24.24 4.25
N PRO B 82 -14.50 25.56 4.12
CA PRO B 82 -14.49 26.48 5.25
C PRO B 82 -15.81 26.39 6.00
N LEU B 83 -15.68 26.42 7.32
CA LEU B 83 -16.82 26.64 8.19
C LEU B 83 -17.14 28.11 8.27
N ASP B 84 -18.32 28.52 8.74
CA ASP B 84 -18.75 29.93 8.77
C ASP B 84 -17.72 30.90 9.38
N ASP B 85 -16.97 30.46 10.40
CA ASP B 85 -15.96 31.36 11.01
C ASP B 85 -14.79 31.52 10.08
N GLU B 86 -14.35 30.42 9.48
CA GLU B 86 -13.29 30.40 8.49
C GLU B 86 -13.68 31.29 7.29
N ILE B 87 -14.99 31.31 6.94
CA ILE B 87 -15.53 32.19 5.92
C ILE B 87 -15.37 33.65 6.34
N ALA B 88 -15.66 33.97 7.61
CA ALA B 88 -15.48 35.32 8.12
C ALA B 88 -14.02 35.79 8.17
N LEU B 89 -13.17 34.78 8.37
CA LEU B 89 -11.74 34.91 8.23
C LEU B 89 -11.29 35.22 6.81
N LEU B 90 -11.93 34.57 5.82
CA LEU B 90 -11.68 34.88 4.41
C LEU B 90 -12.02 36.31 4.13
N ASN B 91 -10.92 37.03 3.95
CA ASN B 91 -11.00 38.46 3.67
C ASN B 91 -10.95 38.67 2.16
N PRO B 92 -11.66 39.63 1.51
CA PRO B 92 -11.57 39.88 0.07
C PRO B 92 -10.11 40.08 -0.33
N GLY B 93 -9.67 39.10 -1.12
CA GLY B 93 -8.25 39.04 -1.50
C GLY B 93 -7.64 37.67 -1.24
N THR B 94 -8.11 36.97 -0.19
CA THR B 94 -7.57 35.66 0.13
C THR B 94 -7.95 34.70 -0.98
N THR B 95 -6.98 33.83 -1.36
CA THR B 95 -7.11 32.86 -2.40
C THR B 95 -7.42 31.57 -1.64
N LEU B 96 -8.62 31.04 -1.74
CA LEU B 96 -8.95 29.80 -1.01
C LEU B 96 -8.74 28.64 -1.98
N VAL B 97 -7.84 27.74 -1.67
CA VAL B 97 -7.64 26.58 -2.51
C VAL B 97 -7.95 25.37 -1.68
N SER B 98 -9.09 24.75 -1.98
CA SER B 98 -9.68 23.75 -1.13
C SER B 98 -10.68 22.88 -1.84
N PHE B 99 -11.03 21.74 -1.27
CA PHE B 99 -12.16 20.99 -1.72
C PHE B 99 -13.39 21.79 -1.35
N ILE B 100 -13.99 22.41 -2.33
CA ILE B 100 -15.15 23.24 -2.09
C ILE B 100 -16.45 22.45 -2.33
N TRP B 101 -16.43 21.59 -3.34
CA TRP B 101 -17.63 20.87 -3.76
C TRP B 101 -18.80 21.83 -4.10
N PRO B 102 -18.67 22.73 -5.07
CA PRO B 102 -19.61 23.81 -5.37
C PRO B 102 -21.05 23.38 -5.54
N ALA B 103 -21.36 22.39 -6.37
CA ALA B 103 -22.72 21.86 -6.52
C ALA B 103 -23.25 21.23 -5.23
N GLN B 104 -22.36 20.71 -4.40
CA GLN B 104 -22.70 20.09 -3.12
C GLN B 104 -22.84 21.21 -2.07
N ASN B 105 -22.25 22.39 -2.25
CA ASN B 105 -22.26 23.49 -1.28
C ASN B 105 -22.72 24.84 -1.81
N PRO B 106 -23.93 25.05 -2.38
CA PRO B 106 -24.41 26.36 -2.88
C PRO B 106 -24.32 27.49 -1.88
N GLU B 107 -24.59 27.18 -0.61
CA GLU B 107 -24.52 28.17 0.44
C GLU B 107 -23.08 28.71 0.47
N LEU B 108 -22.11 27.81 0.66
CA LEU B 108 -20.68 28.10 0.71
C LEU B 108 -20.30 28.91 -0.51
N MET B 109 -20.75 28.55 -1.71
CA MET B 109 -20.43 29.35 -2.87
C MET B 109 -20.82 30.81 -2.75
N GLN B 110 -22.08 31.00 -2.34
CA GLN B 110 -22.66 32.34 -2.25
C GLN B 110 -21.99 33.13 -1.17
N LYS B 111 -21.70 32.47 -0.04
CA LYS B 111 -20.95 33.03 1.08
C LYS B 111 -19.59 33.55 0.59
N LEU B 112 -18.81 32.69 -0.07
CA LEU B 112 -17.48 33.06 -0.58
C LEU B 112 -17.56 34.17 -1.60
N ALA B 113 -18.69 34.24 -2.32
CA ALA B 113 -18.94 35.34 -3.23
C ALA B 113 -19.13 36.64 -2.48
N GLU B 114 -19.81 36.61 -1.32
CA GLU B 114 -19.96 37.81 -0.47
C GLU B 114 -18.59 38.26 0.07
N ARG B 115 -17.85 37.26 0.49
CA ARG B 115 -16.49 37.47 1.00
C ARG B 115 -15.49 37.94 -0.06
N ASN B 116 -15.80 37.80 -1.36
CA ASN B 116 -14.91 38.26 -2.40
C ASN B 116 -13.51 37.64 -2.39
N VAL B 117 -13.52 36.30 -2.33
CA VAL B 117 -12.27 35.52 -2.30
C VAL B 117 -12.04 34.80 -3.63
N THR B 118 -10.82 34.33 -3.89
CA THR B 118 -10.52 33.67 -5.16
C THR B 118 -10.38 32.17 -4.89
N VAL B 119 -11.48 31.50 -5.15
CA VAL B 119 -11.65 30.12 -4.78
C VAL B 119 -11.35 29.14 -5.92
N MET B 120 -10.32 28.34 -5.72
CA MET B 120 -10.02 27.21 -6.58
C MET B 120 -10.52 25.95 -5.93
N ALA B 121 -11.45 25.27 -6.61
CA ALA B 121 -12.00 24.06 -6.05
C ALA B 121 -11.15 22.87 -6.46
N MET B 122 -10.36 22.35 -5.54
CA MET B 122 -9.46 21.23 -5.79
C MET B 122 -10.10 19.90 -6.12
N ASP B 123 -11.38 19.83 -5.78
CA ASP B 123 -12.24 18.72 -6.17
C ASP B 123 -12.79 18.97 -7.58
N SER B 124 -13.14 20.22 -7.88
CA SER B 124 -13.76 20.56 -9.18
C SER B 124 -12.75 21.08 -10.16
N VAL B 125 -11.58 20.48 -10.12
CA VAL B 125 -10.56 20.77 -11.12
C VAL B 125 -11.06 19.96 -12.34
N PRO B 126 -11.29 20.51 -13.55
CA PRO B 126 -11.75 19.75 -14.71
C PRO B 126 -10.94 18.52 -15.06
N ARG B 127 -11.57 17.56 -15.70
CA ARG B 127 -10.89 16.34 -16.13
C ARG B 127 -10.08 16.62 -17.38
N ILE B 128 -9.31 17.67 -17.47
CA ILE B 128 -8.65 18.05 -18.69
C ILE B 128 -7.15 18.05 -18.50
N SER B 129 -6.41 18.15 -19.58
CA SER B 129 -4.99 17.77 -19.61
C SER B 129 -4.08 18.33 -18.50
N ARG B 130 -3.56 19.55 -18.52
CA ARG B 130 -2.76 20.07 -17.41
C ARG B 130 -3.54 20.26 -16.12
N ALA B 131 -4.87 20.21 -16.15
CA ALA B 131 -5.67 20.27 -14.94
C ALA B 131 -5.45 19.06 -14.11
N GLN B 132 -5.18 17.87 -14.67
CA GLN B 132 -4.90 16.67 -13.87
C GLN B 132 -3.72 16.80 -12.93
N SER B 133 -2.80 17.72 -13.18
CA SER B 133 -1.72 18.03 -12.27
C SER B 133 -2.22 18.76 -11.04
N LEU B 134 -3.24 19.61 -11.22
CA LEU B 134 -3.82 20.42 -10.15
C LEU B 134 -4.82 19.56 -9.46
N ASP B 135 -5.47 18.65 -10.19
CA ASP B 135 -6.63 17.95 -9.69
C ASP B 135 -6.36 17.07 -8.49
N ALA B 136 -6.94 17.51 -7.38
CA ALA B 136 -6.74 16.81 -6.14
C ALA B 136 -7.58 15.54 -6.14
N LEU B 137 -8.62 15.38 -6.93
CA LEU B 137 -9.39 14.15 -6.98
C LEU B 137 -8.53 12.98 -7.45
N SER B 138 -7.68 13.21 -8.46
CA SER B 138 -6.81 12.13 -8.95
C SER B 138 -5.83 11.70 -7.86
N SER B 139 -5.05 12.60 -7.27
CA SER B 139 -4.18 12.35 -6.13
C SER B 139 -4.87 11.66 -4.98
N MET B 140 -6.05 12.16 -4.62
CA MET B 140 -6.80 11.58 -3.50
C MET B 140 -7.36 10.23 -3.83
N ALA B 141 -7.74 10.00 -5.09
CA ALA B 141 -8.13 8.68 -5.56
C ALA B 141 -6.94 7.71 -5.59
N ASN B 142 -5.78 8.17 -6.03
CA ASN B 142 -4.54 7.40 -6.00
C ASN B 142 -4.27 6.96 -4.54
N ILE B 143 -4.27 7.93 -3.58
CA ILE B 143 -4.15 7.66 -2.12
C ILE B 143 -5.19 6.62 -1.68
N ALA B 144 -6.44 6.90 -2.04
CA ALA B 144 -7.60 6.04 -1.78
C ALA B 144 -7.43 4.66 -2.36
N GLY B 145 -6.93 4.44 -3.56
CA GLY B 145 -6.84 3.14 -4.19
C GLY B 145 -5.90 2.22 -3.44
N TYR B 146 -4.76 2.80 -3.10
CA TYR B 146 -3.84 2.11 -2.21
C TYR B 146 -4.45 1.88 -0.83
N ARG B 147 -5.11 2.89 -0.30
CA ARG B 147 -5.69 2.83 1.05
C ARG B 147 -6.87 1.89 1.06
N ALA B 148 -7.51 1.63 -0.08
CA ALA B 148 -8.48 0.53 -0.16
C ALA B 148 -7.73 -0.78 0.09
N ILE B 149 -6.54 -0.95 -0.53
CA ILE B 149 -5.70 -2.11 -0.35
C ILE B 149 -5.28 -2.28 1.12
N VAL B 150 -4.83 -1.18 1.73
CA VAL B 150 -4.57 -1.12 3.16
C VAL B 150 -5.74 -1.55 4.01
N GLU B 151 -6.80 -0.74 3.99
CA GLU B 151 -7.94 -0.93 4.89
C GLU B 151 -8.64 -2.24 4.69
N ALA B 152 -8.63 -2.72 3.44
CA ALA B 152 -9.05 -4.09 3.12
C ALA B 152 -8.28 -5.09 3.95
N ALA B 153 -6.95 -5.09 3.86
CA ALA B 153 -6.17 -5.97 4.69
C ALA B 153 -6.26 -5.72 6.19
N HIS B 154 -6.69 -4.54 6.58
CA HIS B 154 -7.04 -4.27 7.95
C HIS B 154 -8.26 -5.07 8.40
N GLU B 155 -9.19 -5.49 7.58
CA GLU B 155 -10.23 -6.43 8.02
C GLU B 155 -10.35 -7.72 7.20
N PHE B 156 -9.38 -7.92 6.32
CA PHE B 156 -9.32 -9.11 5.45
C PHE B 156 -9.11 -10.37 6.24
N GLY B 157 -9.58 -11.45 5.64
CA GLY B 157 -9.37 -12.77 6.17
C GLY B 157 -8.05 -13.37 5.73
N ARG B 158 -7.62 -13.02 4.53
CA ARG B 158 -6.54 -13.73 3.84
C ARG B 158 -5.29 -12.87 3.48
N PHE B 159 -4.31 -13.44 2.74
CA PHE B 159 -3.20 -12.69 2.23
C PHE B 159 -3.49 -12.07 0.87
N PHE B 160 -2.97 -10.91 0.56
CA PHE B 160 -3.05 -10.40 -0.81
C PHE B 160 -2.31 -11.29 -1.80
N THR B 161 -1.04 -11.56 -1.46
CA THR B 161 -0.16 -12.39 -2.25
C THR B 161 -0.55 -13.85 -2.12
N GLY B 162 -0.71 -14.63 -3.20
CA GLY B 162 -1.04 -16.05 -3.13
C GLY B 162 0.16 -16.86 -2.64
N GLN B 163 0.35 -16.88 -1.35
CA GLN B 163 1.51 -17.50 -0.76
C GLN B 163 1.42 -19.01 -0.79
N ILE B 164 2.35 -19.56 -1.56
CA ILE B 164 2.46 -20.99 -1.68
C ILE B 164 3.47 -21.26 -0.60
N THR B 165 2.92 -21.79 0.49
CA THR B 165 3.65 -21.96 1.71
C THR B 165 3.70 -23.47 1.87
N ALA B 166 4.86 -24.02 2.29
CA ALA B 166 4.99 -25.44 2.58
C ALA B 166 3.93 -26.01 3.54
N ALA B 167 3.55 -25.14 4.46
CA ALA B 167 2.34 -25.28 5.24
C ALA B 167 1.11 -25.32 4.31
N GLY B 168 0.57 -24.20 3.80
CA GLY B 168 -0.66 -24.26 3.03
C GLY B 168 -0.64 -23.19 1.94
N LYS B 169 -1.40 -23.43 0.90
CA LYS B 169 -1.50 -22.47 -0.22
C LYS B 169 -2.64 -21.51 0.08
N VAL B 170 -2.32 -20.23 -0.09
CA VAL B 170 -3.29 -19.16 0.07
C VAL B 170 -3.77 -18.73 -1.31
N PRO B 171 -5.10 -18.66 -1.57
CA PRO B 171 -5.68 -18.01 -2.74
C PRO B 171 -5.46 -16.51 -2.68
N PRO B 172 -5.02 -15.87 -3.77
CA PRO B 172 -4.62 -14.45 -3.72
C PRO B 172 -5.85 -13.58 -3.51
N ALA B 173 -5.65 -12.34 -3.07
CA ALA B 173 -6.80 -11.44 -3.03
C ALA B 173 -7.19 -11.09 -4.43
N LYS B 174 -8.35 -11.58 -4.82
CA LYS B 174 -8.95 -11.24 -6.11
C LYS B 174 -9.56 -9.85 -5.97
N VAL B 175 -8.73 -8.85 -6.23
CA VAL B 175 -9.10 -7.44 -6.04
C VAL B 175 -10.00 -7.01 -7.19
N MET B 176 -11.32 -7.08 -7.00
CA MET B 176 -12.26 -6.64 -8.00
C MET B 176 -12.49 -5.16 -7.85
N VAL B 177 -11.98 -4.40 -8.81
CA VAL B 177 -12.12 -2.97 -8.72
C VAL B 177 -13.30 -2.56 -9.55
N ILE B 178 -14.29 -1.96 -8.93
CA ILE B 178 -15.39 -1.38 -9.66
C ILE B 178 -14.96 0.06 -9.87
N GLY B 179 -14.36 0.34 -11.04
CA GLY B 179 -14.06 1.68 -11.48
C GLY B 179 -12.57 1.84 -11.57
N ALA B 180 -12.01 1.43 -12.72
CA ALA B 180 -10.58 1.56 -12.95
C ALA B 180 -10.24 2.96 -13.48
N GLY B 181 -10.73 4.00 -12.79
CA GLY B 181 -10.20 5.34 -12.95
C GLY B 181 -8.92 5.44 -12.12
N VAL B 182 -8.37 6.65 -11.84
CA VAL B 182 -7.11 6.77 -11.12
C VAL B 182 -7.07 6.00 -9.80
N ALA B 183 -8.16 5.99 -9.02
CA ALA B 183 -8.24 5.11 -7.83
C ALA B 183 -8.00 3.65 -8.13
N GLY B 184 -8.67 3.14 -9.18
CA GLY B 184 -8.57 1.72 -9.53
C GLY B 184 -7.18 1.43 -10.03
N LEU B 185 -6.67 2.27 -10.91
CA LEU B 185 -5.35 2.11 -11.50
C LEU B 185 -4.29 2.12 -10.39
N ALA B 186 -4.47 2.94 -9.33
CA ALA B 186 -3.54 2.90 -8.22
C ALA B 186 -3.65 1.58 -7.46
N ALA B 187 -4.87 1.13 -7.20
CA ALA B 187 -5.09 -0.14 -6.53
C ALA B 187 -4.43 -1.26 -7.35
N ILE B 188 -4.44 -1.22 -8.69
CA ILE B 188 -3.66 -2.17 -9.49
C ILE B 188 -2.18 -1.97 -9.16
N GLY B 189 -1.74 -0.71 -9.20
CA GLY B 189 -0.33 -0.37 -9.04
C GLY B 189 0.26 -0.76 -7.67
N ALA B 190 -0.57 -0.97 -6.66
CA ALA B 190 -0.11 -1.53 -5.38
C ALA B 190 -0.39 -3.04 -5.34
N ALA B 191 -1.65 -3.47 -5.51
CA ALA B 191 -2.08 -4.86 -5.33
C ALA B 191 -1.62 -5.83 -6.39
N ASN B 192 -1.60 -5.45 -7.66
CA ASN B 192 -1.04 -6.32 -8.72
C ASN B 192 0.42 -6.62 -8.48
N SER B 193 1.09 -5.57 -8.03
CA SER B 193 2.50 -5.69 -7.63
C SER B 193 2.67 -6.67 -6.46
N LEU B 194 1.73 -6.63 -5.53
CA LEU B 194 1.65 -7.58 -4.44
C LEU B 194 1.45 -9.00 -4.98
N GLY B 195 0.77 -9.12 -6.11
CA GLY B 195 0.45 -10.43 -6.65
C GLY B 195 -1.04 -10.71 -6.57
N ALA B 196 -1.78 -9.84 -5.90
CA ALA B 196 -3.24 -9.97 -5.85
C ALA B 196 -3.81 -9.85 -7.24
N ILE B 197 -4.74 -10.77 -7.55
CA ILE B 197 -5.27 -10.85 -8.90
C ILE B 197 -6.25 -9.70 -8.98
N VAL B 198 -5.79 -8.58 -9.50
CA VAL B 198 -6.64 -7.44 -9.62
C VAL B 198 -7.57 -7.61 -10.82
N ARG B 199 -8.80 -8.01 -10.53
CA ARG B 199 -9.85 -8.12 -11.51
C ARG B 199 -10.54 -6.79 -11.63
N ALA B 200 -9.86 -5.96 -12.43
CA ALA B 200 -10.32 -4.57 -12.50
C ALA B 200 -11.44 -4.41 -13.54
N PHE B 201 -12.39 -3.55 -13.29
CA PHE B 201 -13.47 -3.30 -14.22
C PHE B 201 -13.64 -1.77 -14.31
N ASP B 202 -13.98 -1.35 -15.50
CA ASP B 202 -14.56 -0.05 -15.75
C ASP B 202 -15.38 -0.25 -17.01
N THR B 203 -16.39 0.60 -17.15
CA THR B 203 -17.20 0.62 -18.33
C THR B 203 -16.45 1.31 -19.48
N ARG B 204 -15.45 2.13 -19.14
CA ARG B 204 -14.71 2.81 -20.16
C ARG B 204 -13.70 1.89 -20.81
N PRO B 205 -13.72 1.76 -22.14
CA PRO B 205 -12.86 0.83 -22.91
C PRO B 205 -11.35 0.92 -22.66
N GLU B 206 -10.83 2.14 -22.64
CA GLU B 206 -9.42 2.39 -22.80
C GLU B 206 -8.52 1.95 -21.62
N VAL B 207 -9.15 1.65 -20.48
CA VAL B 207 -8.42 1.13 -19.32
C VAL B 207 -8.03 -0.35 -19.54
N LYS B 208 -8.73 -1.04 -20.43
CA LYS B 208 -8.51 -2.46 -20.73
C LYS B 208 -7.05 -2.83 -20.98
N GLU B 209 -6.49 -2.10 -21.97
CA GLU B 209 -5.08 -2.20 -22.28
C GLU B 209 -4.20 -1.94 -21.06
N GLN B 210 -4.57 -0.91 -20.30
CA GLN B 210 -3.79 -0.44 -19.19
C GLN B 210 -3.71 -1.53 -18.13
N VAL B 211 -4.84 -2.13 -17.79
CA VAL B 211 -4.95 -3.19 -16.80
C VAL B 211 -4.17 -4.43 -17.33
N GLN B 212 -4.46 -4.80 -18.60
CA GLN B 212 -3.74 -5.87 -19.25
C GLN B 212 -2.24 -5.70 -19.33
N SER B 213 -1.72 -4.48 -19.40
CA SER B 213 -0.28 -4.28 -19.51
C SER B 213 0.41 -4.60 -18.19
N MET B 214 -0.32 -4.64 -17.06
CA MET B 214 0.21 -5.09 -15.81
C MET B 214 0.09 -6.60 -15.63
N GLY B 215 -0.61 -7.33 -16.49
CA GLY B 215 -0.96 -8.73 -16.24
C GLY B 215 -1.95 -8.80 -15.09
N ALA B 216 -2.97 -7.95 -15.16
CA ALA B 216 -4.02 -7.89 -14.17
C ALA B 216 -5.28 -8.12 -14.98
N GLU B 217 -6.31 -8.77 -14.40
CA GLU B 217 -7.39 -9.31 -15.15
C GLU B 217 -8.43 -8.23 -15.38
N PHE B 218 -8.70 -7.82 -16.62
CA PHE B 218 -9.73 -6.83 -16.88
C PHE B 218 -11.05 -7.56 -17.09
N LEU B 219 -12.05 -7.26 -16.26
CA LEU B 219 -13.39 -7.77 -16.41
C LEU B 219 -14.04 -7.13 -17.62
N GLU B 220 -14.38 -7.91 -18.66
CA GLU B 220 -14.95 -7.33 -19.86
C GLU B 220 -16.44 -7.48 -19.82
N LEU B 221 -17.07 -6.41 -20.30
CA LEU B 221 -18.49 -6.44 -20.58
C LEU B 221 -18.90 -7.36 -21.71
N ASP B 222 -20.19 -7.69 -21.71
CA ASP B 222 -20.73 -8.60 -22.73
C ASP B 222 -21.34 -7.82 -23.87
N MET B 237 -24.40 4.72 -21.11
CA MET B 237 -24.62 3.68 -20.14
C MET B 237 -24.48 4.52 -18.85
N SER B 238 -25.46 4.86 -17.99
CA SER B 238 -26.86 4.50 -18.05
C SER B 238 -27.27 3.03 -17.96
N ASP B 239 -28.58 2.80 -17.90
CA ASP B 239 -29.17 1.49 -17.66
C ASP B 239 -28.95 0.45 -18.78
N ALA B 240 -29.68 -0.67 -18.74
CA ALA B 240 -29.54 -1.78 -19.70
C ALA B 240 -28.23 -2.47 -19.44
N PHE B 241 -27.10 -1.90 -19.93
CA PHE B 241 -25.77 -2.34 -19.61
C PHE B 241 -25.46 -2.48 -18.14
N ILE B 242 -26.02 -1.65 -17.24
CA ILE B 242 -25.94 -1.85 -15.80
C ILE B 242 -26.29 -3.27 -15.36
N LYS B 243 -27.23 -3.96 -16.00
CA LYS B 243 -27.48 -5.35 -15.73
C LYS B 243 -26.27 -6.21 -16.06
N ALA B 244 -25.62 -5.90 -17.18
CA ALA B 244 -24.46 -6.68 -17.56
C ALA B 244 -23.30 -6.47 -16.60
N GLU B 245 -23.09 -5.20 -16.20
CA GLU B 245 -22.14 -4.89 -15.15
C GLU B 245 -22.47 -5.64 -13.86
N MET B 246 -23.72 -5.53 -13.41
CA MET B 246 -24.18 -6.14 -12.20
C MET B 246 -23.96 -7.64 -12.18
N GLU B 247 -24.49 -8.41 -13.17
CA GLU B 247 -24.36 -9.86 -13.18
C GLU B 247 -22.90 -10.29 -13.11
N LEU B 248 -22.00 -9.54 -13.75
CA LEU B 248 -20.57 -9.80 -13.73
C LEU B 248 -20.03 -9.82 -12.29
N PHE B 249 -20.37 -8.75 -11.58
CA PHE B 249 -19.99 -8.69 -10.16
C PHE B 249 -20.65 -9.77 -9.32
N ALA B 250 -21.95 -10.04 -9.60
CA ALA B 250 -22.67 -11.13 -8.92
C ALA B 250 -22.11 -12.53 -9.23
N ALA B 251 -21.41 -12.79 -10.34
CA ALA B 251 -20.77 -14.07 -10.52
C ALA B 251 -19.43 -14.06 -9.79
N GLN B 252 -18.62 -13.07 -10.10
CA GLN B 252 -17.27 -12.91 -9.57
C GLN B 252 -17.23 -12.87 -8.06
N ALA B 253 -18.28 -12.34 -7.45
CA ALA B 253 -18.44 -12.19 -6.01
C ALA B 253 -18.04 -13.42 -5.20
N LYS B 254 -18.30 -14.57 -5.79
CA LYS B 254 -18.05 -15.85 -5.16
C LYS B 254 -16.55 -16.07 -4.87
N GLU B 255 -15.77 -15.73 -5.88
CA GLU B 255 -14.32 -15.81 -5.91
C GLU B 255 -13.62 -14.63 -5.30
N VAL B 256 -14.13 -13.43 -5.54
CA VAL B 256 -13.38 -12.22 -5.23
C VAL B 256 -13.29 -11.76 -3.76
N ASP B 257 -12.30 -10.93 -3.55
CA ASP B 257 -11.91 -10.55 -2.22
C ASP B 257 -12.10 -9.06 -2.01
N ILE B 258 -11.19 -8.30 -2.64
CA ILE B 258 -11.11 -6.91 -2.34
C ILE B 258 -11.87 -6.14 -3.40
N ILE B 259 -13.12 -5.75 -3.07
CA ILE B 259 -13.91 -4.97 -4.01
C ILE B 259 -13.59 -3.53 -3.70
N VAL B 260 -12.65 -2.96 -4.44
CA VAL B 260 -12.29 -1.56 -4.36
C VAL B 260 -13.35 -0.89 -5.23
N THR B 261 -14.40 -0.39 -4.64
CA THR B 261 -15.50 0.17 -5.38
C THR B 261 -15.49 1.68 -5.33
N THR B 262 -15.79 2.27 -6.49
CA THR B 262 -15.79 3.70 -6.66
C THR B 262 -17.04 4.12 -7.40
N ALA B 263 -17.07 4.05 -8.72
CA ALA B 263 -18.13 4.58 -9.60
C ALA B 263 -18.41 6.07 -9.44
N LEU B 264 -17.33 6.84 -9.31
CA LEU B 264 -17.45 8.23 -9.03
C LEU B 264 -17.53 8.95 -10.36
N ILE B 265 -18.76 9.18 -10.80
CA ILE B 265 -19.03 10.00 -11.95
C ILE B 265 -19.22 11.44 -11.45
N PRO B 266 -18.56 12.51 -11.95
CA PRO B 266 -18.69 13.85 -11.46
C PRO B 266 -20.11 14.41 -11.45
N GLY B 267 -20.49 15.01 -10.33
CA GLY B 267 -21.87 15.48 -10.15
C GLY B 267 -22.88 14.37 -10.07
N LYS B 268 -22.56 13.17 -9.58
CA LYS B 268 -23.54 12.12 -9.32
C LYS B 268 -23.27 11.41 -8.03
N PRO B 269 -24.25 10.89 -7.26
CA PRO B 269 -23.96 9.93 -6.18
C PRO B 269 -23.58 8.60 -6.84
N ALA B 270 -22.54 7.95 -6.31
CA ALA B 270 -22.08 6.67 -6.86
C ALA B 270 -23.19 5.66 -7.03
N PRO B 271 -23.50 5.26 -8.26
CA PRO B 271 -24.52 4.28 -8.59
C PRO B 271 -24.30 3.01 -7.83
N LYS B 272 -25.39 2.45 -7.27
CA LYS B 272 -25.33 1.30 -6.40
C LYS B 272 -25.15 0.03 -7.25
N LEU B 273 -23.90 -0.28 -7.58
CA LEU B 273 -23.57 -1.47 -8.33
C LEU B 273 -23.26 -2.67 -7.44
N ILE B 274 -22.52 -2.48 -6.36
CA ILE B 274 -22.34 -3.56 -5.37
C ILE B 274 -23.57 -3.70 -4.47
N THR B 275 -24.48 -4.49 -4.98
CA THR B 275 -25.78 -4.60 -4.36
C THR B 275 -25.83 -5.60 -3.21
N ARG B 276 -26.70 -5.43 -2.22
CA ARG B 276 -26.74 -6.28 -1.04
C ARG B 276 -26.83 -7.78 -1.29
N GLU B 277 -27.60 -8.21 -2.27
CA GLU B 277 -27.65 -9.63 -2.67
C GLU B 277 -26.28 -10.17 -3.09
N MET B 278 -25.59 -9.30 -3.81
CA MET B 278 -24.28 -9.61 -4.33
C MET B 278 -23.26 -9.79 -3.20
N VAL B 279 -23.38 -8.87 -2.22
CA VAL B 279 -22.65 -9.00 -0.97
C VAL B 279 -22.94 -10.35 -0.31
N ASP B 280 -24.22 -10.75 -0.20
CA ASP B 280 -24.58 -12.03 0.37
C ASP B 280 -23.97 -13.25 -0.35
N SER B 281 -23.95 -13.20 -1.69
CA SER B 281 -23.29 -14.23 -2.49
C SER B 281 -21.76 -14.21 -2.35
N MET B 282 -21.16 -13.11 -1.95
CA MET B 282 -19.72 -12.93 -1.92
C MET B 282 -19.01 -13.87 -0.97
N LYS B 283 -17.71 -13.96 -1.23
CA LYS B 283 -16.78 -14.73 -0.45
C LYS B 283 -16.63 -14.10 0.93
N ALA B 284 -16.60 -14.95 1.98
CA ALA B 284 -16.44 -14.44 3.33
C ALA B 284 -15.00 -14.05 3.57
N GLY B 285 -14.81 -13.09 4.46
CA GLY B 285 -13.46 -12.60 4.76
C GLY B 285 -12.89 -11.72 3.65
N SER B 286 -13.76 -11.29 2.76
CA SER B 286 -13.46 -10.43 1.64
C SER B 286 -13.98 -9.03 1.91
N VAL B 287 -13.34 -7.99 1.40
CA VAL B 287 -13.60 -6.65 1.92
C VAL B 287 -13.95 -5.72 0.79
N ILE B 288 -15.15 -5.18 0.91
CA ILE B 288 -15.61 -4.19 -0.03
C ILE B 288 -15.08 -2.88 0.58
N VAL B 289 -14.13 -2.24 -0.05
CA VAL B 289 -13.67 -0.97 0.42
C VAL B 289 -14.28 -0.01 -0.60
N ASP B 290 -15.28 0.67 -0.05
CA ASP B 290 -15.98 1.68 -0.80
C ASP B 290 -15.23 3.00 -0.63
N LEU B 291 -14.57 3.45 -1.69
CA LEU B 291 -13.86 4.70 -1.69
C LEU B 291 -14.83 5.84 -1.89
N ALA B 292 -16.00 5.52 -2.49
CA ALA B 292 -16.97 6.56 -2.82
C ALA B 292 -17.92 6.82 -1.65
N ALA B 293 -17.80 6.02 -0.58
CA ALA B 293 -18.55 6.19 0.68
C ALA B 293 -19.20 7.52 1.07
N GLN B 294 -18.44 8.61 1.08
CA GLN B 294 -18.94 9.93 1.41
C GLN B 294 -19.84 10.46 0.33
N ASN B 295 -19.42 10.28 -0.93
CA ASN B 295 -20.21 10.75 -2.06
C ASN B 295 -21.04 9.59 -2.61
N GLY B 296 -22.09 9.30 -1.84
CA GLY B 296 -23.01 8.25 -2.21
C GLY B 296 -22.47 6.96 -1.64
N GLY B 297 -21.45 6.41 -2.28
CA GLY B 297 -21.01 5.04 -2.01
C GLY B 297 -21.57 4.10 -3.08
N ASN B 298 -20.81 3.17 -3.61
CA ASN B 298 -21.25 2.26 -4.65
C ASN B 298 -21.88 0.99 -4.09
N CYS B 299 -21.40 0.48 -2.97
CA CYS B 299 -22.07 -0.61 -2.30
C CYS B 299 -23.27 -0.11 -1.53
N GLU B 300 -24.33 -0.97 -1.52
CA GLU B 300 -25.53 -0.73 -0.74
C GLU B 300 -25.27 -0.86 0.75
N TYR B 301 -24.41 -1.81 1.16
CA TYR B 301 -24.25 -2.05 2.61
C TYR B 301 -23.29 -1.11 3.32
N THR B 302 -22.58 -0.31 2.54
CA THR B 302 -21.65 0.70 3.06
C THR B 302 -22.20 1.63 4.09
N VAL B 303 -21.58 1.60 5.28
CA VAL B 303 -21.87 2.55 6.33
C VAL B 303 -20.95 3.75 6.10
N PRO B 304 -21.34 4.95 5.64
CA PRO B 304 -20.42 6.07 5.35
C PRO B 304 -19.68 6.59 6.58
N GLY B 305 -18.53 5.95 6.83
CA GLY B 305 -17.63 6.29 7.91
C GLY B 305 -17.09 5.01 8.55
N GLU B 306 -17.69 3.83 8.37
CA GLU B 306 -17.45 2.68 9.25
C GLU B 306 -17.20 1.36 8.51
N ILE B 307 -17.06 0.31 9.32
CA ILE B 307 -17.01 -1.05 8.82
C ILE B 307 -18.38 -1.62 9.05
N PHE B 308 -18.78 -2.63 8.26
CA PHE B 308 -19.94 -3.44 8.52
C PHE B 308 -19.61 -4.88 8.13
N THR B 309 -19.40 -5.74 9.11
CA THR B 309 -19.33 -7.16 8.86
C THR B 309 -20.76 -7.62 8.62
N THR B 310 -20.97 -8.14 7.41
CA THR B 310 -22.22 -8.78 7.08
C THR B 310 -22.49 -10.09 7.77
N GLU B 311 -23.73 -10.57 7.65
CA GLU B 311 -24.10 -11.91 8.01
C GLU B 311 -23.17 -12.97 7.44
N ASN B 312 -22.88 -12.85 6.14
CA ASN B 312 -21.97 -13.78 5.49
C ASN B 312 -20.50 -13.42 5.62
N GLY B 313 -20.11 -12.64 6.65
CA GLY B 313 -18.72 -12.40 6.97
C GLY B 313 -17.95 -11.56 5.94
N VAL B 314 -18.67 -10.74 5.19
CA VAL B 314 -17.99 -9.84 4.25
C VAL B 314 -17.82 -8.54 5.00
N LYS B 315 -16.62 -7.96 4.85
CA LYS B 315 -16.29 -6.72 5.52
C LYS B 315 -16.61 -5.59 4.55
N VAL B 316 -17.76 -4.96 4.74
CA VAL B 316 -18.13 -3.82 3.92
C VAL B 316 -17.58 -2.60 4.65
N ILE B 317 -16.37 -2.18 4.29
CA ILE B 317 -15.72 -0.96 4.75
C ILE B 317 -16.14 0.17 3.85
N GLY B 318 -16.49 1.28 4.43
CA GLY B 318 -16.74 2.48 3.63
C GLY B 318 -16.38 3.68 4.45
N TYR B 319 -15.12 4.09 4.43
CA TYR B 319 -14.68 5.14 5.33
C TYR B 319 -14.69 6.45 4.58
N THR B 320 -15.49 7.36 5.09
CA THR B 320 -15.56 8.73 4.64
C THR B 320 -14.19 9.43 4.55
N ASP B 321 -13.39 9.13 5.55
CA ASP B 321 -12.06 9.63 5.70
C ASP B 321 -10.99 8.97 4.85
N LEU B 322 -11.30 7.94 4.06
CA LEU B 322 -10.32 7.24 3.22
C LEU B 322 -9.31 8.05 2.43
N PRO B 323 -9.62 9.08 1.62
CA PRO B 323 -8.60 9.88 0.94
C PRO B 323 -7.74 10.69 1.91
N GLY B 324 -8.23 11.02 3.10
CA GLY B 324 -7.40 11.57 4.14
C GLY B 324 -6.41 10.52 4.61
N ARG B 325 -6.93 9.32 4.91
CA ARG B 325 -6.24 8.34 5.74
C ARG B 325 -4.75 8.04 5.70
N LEU B 326 -4.01 8.42 4.68
CA LEU B 326 -2.57 8.21 4.72
C LEU B 326 -1.89 9.55 5.06
N PRO B 327 -1.88 9.98 6.33
CA PRO B 327 -1.75 11.37 6.76
C PRO B 327 -0.72 12.25 6.07
N THR B 328 0.56 11.89 6.24
CA THR B 328 1.67 12.62 5.62
C THR B 328 1.60 12.58 4.10
N GLN B 329 1.32 11.43 3.50
CA GLN B 329 1.39 11.28 2.05
C GLN B 329 0.27 11.97 1.36
N SER B 330 -0.94 11.85 1.86
CA SER B 330 -2.05 12.69 1.49
C SER B 330 -1.67 14.16 1.56
N SER B 331 -1.05 14.62 2.65
CA SER B 331 -0.59 15.99 2.72
C SER B 331 0.47 16.34 1.66
N GLN B 332 1.33 15.40 1.27
CA GLN B 332 2.20 15.60 0.14
C GLN B 332 1.49 15.63 -1.20
N LEU B 333 0.52 14.77 -1.39
CA LEU B 333 -0.16 14.71 -2.67
C LEU B 333 -0.99 15.93 -2.93
N TYR B 334 -1.89 16.19 -1.97
CA TYR B 334 -2.74 17.37 -1.97
C TYR B 334 -1.89 18.62 -2.04
N GLY B 335 -0.82 18.63 -1.22
CA GLY B 335 0.09 19.74 -1.19
C GLY B 335 0.70 20.04 -2.55
N THR B 336 1.41 19.09 -3.14
CA THR B 336 1.92 19.27 -4.49
C THR B 336 0.79 19.52 -5.50
N ASN B 337 -0.48 19.16 -5.35
CA ASN B 337 -1.55 19.61 -6.24
C ASN B 337 -1.72 21.11 -6.16
N LEU B 338 -1.76 21.61 -4.92
CA LEU B 338 -1.87 23.01 -4.64
C LEU B 338 -0.69 23.75 -5.21
N VAL B 339 0.48 23.11 -5.15
CA VAL B 339 1.72 23.66 -5.62
C VAL B 339 1.63 23.72 -7.14
N ASN B 340 1.15 22.64 -7.76
CA ASN B 340 1.00 22.61 -9.20
C ASN B 340 0.08 23.70 -9.72
N LEU B 341 -1.04 23.92 -9.06
CA LEU B 341 -1.92 25.05 -9.31
C LEU B 341 -1.14 26.34 -9.15
N LEU B 342 -0.37 26.48 -8.08
CA LEU B 342 0.38 27.70 -7.82
C LEU B 342 1.60 27.87 -8.71
N LYS B 343 2.03 26.86 -9.44
CA LYS B 343 2.98 27.02 -10.51
C LYS B 343 2.31 27.68 -11.68
N LEU B 344 1.14 27.19 -12.10
CA LEU B 344 0.43 27.78 -13.21
C LEU B 344 -0.11 29.17 -12.92
N LEU B 345 -0.37 29.47 -11.63
CA LEU B 345 -0.64 30.83 -11.20
C LEU B 345 0.65 31.61 -11.24
N CYS B 346 1.65 31.30 -10.38
CA CYS B 346 2.84 32.08 -10.19
C CYS B 346 3.86 31.66 -11.24
N LYS B 347 3.60 32.11 -12.50
CA LYS B 347 4.45 31.86 -13.68
C LYS B 347 5.87 32.35 -13.53
N GLU B 348 6.09 33.47 -12.80
CA GLU B 348 7.42 33.95 -12.61
C GLU B 348 8.19 33.24 -11.52
N LYS B 349 7.51 32.42 -10.70
CA LYS B 349 8.07 31.78 -9.51
C LYS B 349 8.56 32.81 -8.50
N ASP B 350 7.82 33.94 -8.44
CA ASP B 350 8.15 35.08 -7.60
C ASP B 350 7.32 35.08 -6.30
N GLY B 351 6.06 34.60 -6.39
CA GLY B 351 5.21 34.46 -5.25
C GLY B 351 3.89 35.17 -5.41
N ASN B 352 3.55 35.67 -6.61
CA ASN B 352 2.31 36.37 -6.92
C ASN B 352 1.28 35.50 -7.58
N ILE B 353 0.01 35.73 -7.17
CA ILE B 353 -1.12 34.97 -7.69
C ILE B 353 -1.55 35.57 -9.03
N THR B 354 -0.76 35.29 -10.05
CA THR B 354 -1.12 35.65 -11.40
C THR B 354 -2.24 34.72 -11.89
N VAL B 355 -3.48 34.95 -11.50
CA VAL B 355 -4.61 34.11 -11.90
C VAL B 355 -4.76 34.18 -13.43
N ASP B 356 -4.68 33.03 -14.06
CA ASP B 356 -4.79 32.97 -15.52
C ASP B 356 -6.23 32.60 -15.87
N PHE B 357 -6.91 33.58 -16.46
CA PHE B 357 -8.22 33.35 -16.94
C PHE B 357 -8.37 33.12 -18.42
N ASP B 358 -7.23 33.17 -19.12
CA ASP B 358 -7.18 32.71 -20.49
C ASP B 358 -7.03 31.21 -20.54
N ASP B 359 -6.17 30.66 -19.71
CA ASP B 359 -6.01 29.24 -19.60
C ASP B 359 -7.24 28.56 -19.02
N VAL B 360 -7.72 27.65 -19.84
CA VAL B 360 -8.89 26.84 -19.57
C VAL B 360 -8.81 26.13 -18.23
N VAL B 361 -7.60 25.70 -17.90
CA VAL B 361 -7.35 24.96 -16.67
C VAL B 361 -7.46 25.83 -15.43
N ILE B 362 -6.72 26.97 -15.37
CA ILE B 362 -6.87 27.87 -14.24
C ILE B 362 -8.27 28.48 -14.17
N ARG B 363 -8.80 29.00 -15.28
CA ARG B 363 -10.15 29.49 -15.37
C ARG B 363 -11.21 28.48 -14.95
N GLY B 364 -10.99 27.21 -15.27
CA GLY B 364 -11.78 26.08 -14.79
C GLY B 364 -11.76 25.86 -13.29
N VAL B 365 -10.57 25.73 -12.71
CA VAL B 365 -10.43 25.41 -11.29
C VAL B 365 -10.90 26.62 -10.45
N THR B 366 -10.60 27.85 -10.90
CA THR B 366 -10.96 29.05 -10.16
C THR B 366 -12.44 29.30 -10.35
N VAL B 367 -13.17 28.60 -9.50
CA VAL B 367 -14.64 28.62 -9.59
C VAL B 367 -15.21 29.94 -9.12
N ILE B 368 -14.44 30.70 -8.35
CA ILE B 368 -14.81 32.00 -7.85
C ILE B 368 -13.56 32.85 -7.97
N ARG B 369 -13.57 33.90 -8.79
CA ARG B 369 -12.40 34.79 -8.83
C ARG B 369 -12.78 36.11 -8.16
N ALA B 370 -12.05 36.44 -7.09
CA ALA B 370 -12.34 37.59 -6.22
C ALA B 370 -13.82 37.89 -5.98
N GLY B 371 -14.57 36.84 -5.73
CA GLY B 371 -15.98 36.95 -5.36
C GLY B 371 -16.95 36.86 -6.54
N GLU B 372 -16.49 36.83 -7.78
CA GLU B 372 -17.36 36.54 -8.90
C GLU B 372 -17.33 35.01 -9.04
N ILE B 373 -18.51 34.41 -9.18
CA ILE B 373 -18.61 32.95 -9.25
C ILE B 373 -18.48 32.56 -10.68
N THR B 374 -17.27 32.26 -11.01
CA THR B 374 -16.89 31.95 -12.36
C THR B 374 -17.12 30.48 -12.77
N TRP B 375 -17.61 29.65 -11.83
CA TRP B 375 -17.91 28.25 -12.06
C TRP B 375 -18.81 28.05 -13.28
N PRO B 376 -18.65 27.02 -14.13
CA PRO B 376 -17.57 26.05 -14.14
C PRO B 376 -16.37 26.49 -14.99
N ALA B 377 -16.04 25.82 -16.07
CA ALA B 377 -15.11 26.32 -17.10
C ALA B 377 -15.90 26.44 -18.41
N PRO B 378 -15.56 27.30 -19.37
CA PRO B 378 -16.22 27.32 -20.68
C PRO B 378 -16.06 25.97 -21.37
N PRO B 379 -17.09 25.37 -21.95
CA PRO B 379 -17.06 24.04 -22.54
C PRO B 379 -15.80 23.61 -23.28
N ILE B 380 -14.83 23.05 -22.53
CA ILE B 380 -13.61 22.53 -23.10
C ILE B 380 -13.83 21.01 -23.08
N GLN B 381 -13.41 20.29 -24.11
CA GLN B 381 -13.71 18.87 -24.20
C GLN B 381 -12.43 18.10 -23.92
N VAL B 382 -12.57 16.93 -23.30
CA VAL B 382 -11.46 16.14 -22.78
C VAL B 382 -10.78 15.35 -23.91
N SER B 383 -9.55 15.30 -23.96
N ALA C 20 19.39 2.19 -35.32
CA ALA C 20 19.17 2.44 -33.89
C ALA C 20 20.49 2.85 -33.25
N GLU C 21 21.59 2.28 -33.69
CA GLU C 21 22.94 2.56 -33.17
C GLU C 21 23.39 4.04 -33.30
N GLU C 22 22.71 4.85 -34.12
CA GLU C 22 22.93 6.31 -34.19
C GLU C 22 22.93 6.92 -32.80
N THR C 23 21.97 6.47 -31.97
CA THR C 23 21.90 6.83 -30.57
C THR C 23 23.19 6.48 -29.83
N ALA C 24 23.70 5.26 -30.04
CA ALA C 24 24.81 4.73 -29.31
C ALA C 24 26.05 5.60 -29.57
N GLU C 25 26.28 5.83 -30.89
CA GLU C 25 27.33 6.74 -31.35
C GLU C 25 27.28 8.08 -30.61
N LEU C 26 26.09 8.68 -30.58
CA LEU C 26 25.91 9.97 -29.96
C LEU C 26 26.14 9.97 -28.45
N LEU C 27 25.69 8.92 -27.77
CA LEU C 27 25.74 8.86 -26.32
C LEU C 27 27.08 9.11 -25.64
N LYS C 28 28.14 8.56 -26.25
CA LYS C 28 29.50 8.79 -25.76
C LYS C 28 29.92 10.29 -25.87
N ASN C 29 29.34 10.97 -26.85
CA ASN C 29 29.56 12.40 -26.99
C ASN C 29 28.62 13.16 -26.06
N SER C 30 27.42 12.61 -25.84
CA SER C 30 26.37 13.31 -25.14
C SER C 30 26.71 13.83 -23.77
N HIS C 31 26.44 15.13 -23.60
CA HIS C 31 26.83 15.80 -22.38
C HIS C 31 25.78 15.53 -21.30
N SER C 32 24.51 15.89 -21.53
CA SER C 32 23.44 15.42 -20.67
C SER C 32 22.49 14.55 -21.47
N VAL C 33 21.98 13.51 -20.81
CA VAL C 33 21.04 12.63 -21.43
C VAL C 33 19.85 12.51 -20.53
N ILE C 34 18.67 12.90 -21.03
CA ILE C 34 17.47 12.75 -20.24
C ILE C 34 16.86 11.50 -20.86
N ILE C 35 16.84 10.41 -20.08
CA ILE C 35 16.07 9.26 -20.48
C ILE C 35 14.62 9.46 -20.04
N THR C 36 13.72 9.40 -21.01
CA THR C 36 12.32 9.43 -20.71
C THR C 36 11.66 8.11 -21.13
N PRO C 37 11.53 7.11 -20.25
CA PRO C 37 10.75 5.91 -20.44
C PRO C 37 9.28 6.22 -20.75
N GLY C 38 8.82 5.85 -21.92
CA GLY C 38 7.41 5.87 -22.19
C GLY C 38 6.84 4.46 -22.12
N TYR C 39 5.56 4.36 -22.46
CA TYR C 39 4.85 3.11 -22.71
C TYR C 39 5.67 2.05 -23.41
N GLY C 40 6.44 2.43 -24.43
CA GLY C 40 7.31 1.52 -25.16
C GLY C 40 8.24 0.74 -24.24
N MET C 41 8.94 1.38 -23.27
CA MET C 41 9.71 0.66 -22.26
C MET C 41 8.86 -0.27 -21.38
N ALA C 42 7.60 0.13 -21.16
CA ALA C 42 6.70 -0.70 -20.35
C ALA C 42 6.32 -1.97 -21.10
N VAL C 43 6.21 -1.92 -22.41
CA VAL C 43 5.90 -3.11 -23.17
C VAL C 43 7.18 -3.83 -23.58
N ALA C 44 7.96 -3.32 -24.51
CA ALA C 44 9.19 -3.98 -24.91
C ALA C 44 10.23 -3.68 -23.85
N GLN C 45 10.53 -4.61 -22.90
CA GLN C 45 11.20 -4.26 -21.65
C GLN C 45 12.67 -3.86 -21.78
N ALA C 46 12.80 -2.58 -22.12
CA ALA C 46 14.07 -1.95 -22.29
C ALA C 46 14.72 -1.50 -21.01
N GLN C 47 14.05 -1.64 -19.86
CA GLN C 47 14.59 -1.09 -18.61
C GLN C 47 15.79 -1.85 -18.10
N TYR C 48 15.76 -3.18 -18.03
CA TYR C 48 16.97 -3.93 -17.67
C TYR C 48 18.15 -3.66 -18.61
N PRO C 49 17.97 -3.63 -19.94
CA PRO C 49 18.95 -3.04 -20.85
C PRO C 49 19.43 -1.64 -20.49
N VAL C 50 18.55 -0.68 -20.20
CA VAL C 50 18.96 0.70 -20.03
C VAL C 50 19.79 0.85 -18.74
N ALA C 51 19.66 -0.08 -17.78
CA ALA C 51 20.51 -0.13 -16.60
C ALA C 51 21.99 -0.22 -16.99
N GLU C 52 22.28 -1.16 -17.87
CA GLU C 52 23.59 -1.39 -18.43
C GLU C 52 24.20 -0.11 -19.07
N ILE C 53 23.51 0.55 -20.00
CA ILE C 53 24.07 1.71 -20.68
C ILE C 53 24.14 2.94 -19.72
N THR C 54 23.20 3.07 -18.81
CA THR C 54 23.26 4.17 -17.84
C THR C 54 24.45 3.97 -16.91
N GLU C 55 24.80 2.70 -16.60
CA GLU C 55 25.96 2.37 -15.75
C GLU C 55 27.20 3.01 -16.42
N LYS C 56 27.34 2.72 -17.71
CA LYS C 56 28.41 3.25 -18.51
C LYS C 56 28.39 4.77 -18.71
N LEU C 57 27.26 5.38 -19.04
CA LEU C 57 27.17 6.81 -19.23
C LEU C 57 27.58 7.56 -17.97
N ARG C 58 27.04 7.09 -16.83
CA ARG C 58 27.29 7.78 -15.57
C ARG C 58 28.74 7.57 -15.16
N ALA C 59 29.35 6.38 -15.33
CA ALA C 59 30.78 6.18 -15.12
C ALA C 59 31.66 7.14 -15.95
N ARG C 60 31.31 7.28 -17.23
CA ARG C 60 31.98 8.12 -18.20
C ARG C 60 31.85 9.63 -17.85
N GLY C 61 30.83 9.99 -17.08
CA GLY C 61 30.66 11.34 -16.58
C GLY C 61 29.61 12.13 -17.30
N ILE C 62 28.69 11.41 -17.95
CA ILE C 62 27.55 12.04 -18.64
C ILE C 62 26.43 12.26 -17.61
N ASN C 63 25.82 13.43 -17.64
CA ASN C 63 24.75 13.78 -16.70
C ASN C 63 23.50 13.12 -17.27
N VAL C 64 23.31 11.87 -16.88
CA VAL C 64 22.15 11.11 -17.30
C VAL C 64 21.10 11.19 -16.22
N ARG C 65 19.93 11.68 -16.58
CA ARG C 65 18.80 11.86 -15.68
C ARG C 65 17.57 11.16 -16.24
N PHE C 66 16.83 10.47 -15.39
CA PHE C 66 15.62 9.82 -15.88
C PHE C 66 14.47 10.80 -15.77
N GLY C 67 14.44 11.78 -16.66
CA GLY C 67 13.36 12.77 -16.67
C GLY C 67 12.11 12.13 -17.25
N ILE C 68 11.38 11.43 -16.40
CA ILE C 68 10.31 10.56 -16.87
C ILE C 68 8.94 11.25 -16.74
N HIS C 69 8.02 11.01 -17.67
CA HIS C 69 6.63 11.41 -17.56
C HIS C 69 5.89 10.08 -17.37
N PRO C 70 5.96 9.38 -16.23
CA PRO C 70 5.50 8.00 -16.06
C PRO C 70 4.02 7.80 -16.31
N VAL C 71 3.29 8.92 -16.23
CA VAL C 71 1.95 8.97 -16.82
C VAL C 71 2.11 8.78 -18.33
N ALA C 72 2.24 7.52 -18.79
CA ALA C 72 2.56 7.26 -20.18
C ALA C 72 1.84 6.03 -20.72
N GLY C 73 0.71 6.24 -21.39
CA GLY C 73 0.02 5.23 -22.14
C GLY C 73 -0.75 4.24 -21.29
N ARG C 74 -0.05 3.30 -20.63
CA ARG C 74 -0.71 2.25 -19.90
C ARG C 74 -0.34 2.20 -18.46
N LEU C 75 -1.24 2.79 -17.65
CA LEU C 75 -1.25 2.69 -16.20
C LEU C 75 -0.20 3.52 -15.46
N PRO C 76 -0.52 4.28 -14.40
CA PRO C 76 0.48 4.98 -13.59
C PRO C 76 1.42 4.06 -12.82
N GLY C 77 2.64 4.58 -12.62
CA GLY C 77 3.72 3.78 -12.12
C GLY C 77 4.26 2.99 -13.28
N HIS C 78 3.71 1.78 -13.37
CA HIS C 78 4.04 0.72 -14.30
C HIS C 78 5.46 0.73 -14.85
N MET C 79 5.75 1.54 -15.85
CA MET C 79 7.07 1.66 -16.47
C MET C 79 8.14 2.08 -15.44
N ASN C 80 7.81 3.07 -14.58
CA ASN C 80 8.76 3.60 -13.62
C ASN C 80 9.08 2.56 -12.57
N VAL C 81 8.03 1.88 -12.07
CA VAL C 81 8.20 0.67 -11.24
C VAL C 81 9.11 -0.38 -11.89
N LEU C 82 8.84 -0.75 -13.14
CA LEU C 82 9.67 -1.64 -13.95
C LEU C 82 11.13 -1.23 -14.05
N LEU C 83 11.34 0.07 -14.19
CA LEU C 83 12.65 0.67 -14.11
C LEU C 83 13.33 0.43 -12.77
N ALA C 84 12.60 0.62 -11.66
CA ALA C 84 13.06 0.31 -10.31
C ALA C 84 13.44 -1.14 -10.20
N GLU C 85 12.65 -2.05 -10.82
CA GLU C 85 12.98 -3.45 -10.91
C GLU C 85 14.28 -3.67 -11.64
N ALA C 86 14.56 -2.93 -12.70
CA ALA C 86 15.80 -3.05 -13.46
C ALA C 86 17.04 -2.60 -12.66
N LYS C 87 16.90 -2.15 -11.40
CA LYS C 87 17.93 -1.62 -10.51
C LYS C 87 18.56 -0.35 -11.09
N VAL C 88 17.67 0.55 -11.44
CA VAL C 88 18.08 1.87 -11.85
C VAL C 88 17.86 2.80 -10.65
N PRO C 89 18.85 3.61 -10.26
CA PRO C 89 18.76 4.58 -9.14
C PRO C 89 17.63 5.58 -9.21
N TYR C 90 16.75 5.30 -8.22
CA TYR C 90 15.53 6.09 -8.06
C TYR C 90 15.68 7.59 -7.81
N ASP C 91 16.88 8.05 -7.41
CA ASP C 91 17.14 9.47 -7.27
C ASP C 91 17.17 10.18 -8.62
N ILE C 92 17.90 9.70 -9.65
CA ILE C 92 17.85 10.31 -10.98
C ILE C 92 16.55 10.09 -11.73
N VAL C 93 15.74 9.14 -11.27
CA VAL C 93 14.36 8.96 -11.71
C VAL C 93 13.58 10.15 -11.16
N LEU C 94 13.43 11.09 -12.09
CA LEU C 94 12.73 12.32 -11.84
C LEU C 94 11.38 12.24 -12.50
N GLU C 95 10.48 11.69 -11.71
CA GLU C 95 9.08 11.50 -12.11
C GLU C 95 8.40 12.85 -12.21
N MET C 96 8.19 13.34 -13.43
CA MET C 96 7.41 14.52 -13.74
C MET C 96 7.84 15.82 -13.06
N ASP C 97 9.15 15.85 -12.73
CA ASP C 97 9.77 17.00 -12.04
C ASP C 97 10.11 18.07 -13.06
N GLU C 98 10.22 19.35 -12.67
CA GLU C 98 10.52 20.42 -13.62
C GLU C 98 12.06 20.49 -13.84
N ILE C 99 12.72 19.42 -14.25
CA ILE C 99 14.12 19.42 -14.62
C ILE C 99 14.36 20.08 -15.98
N ASN C 100 13.66 21.20 -16.21
CA ASN C 100 13.48 21.73 -17.54
C ASN C 100 14.68 22.48 -18.10
N ASP C 101 15.48 23.01 -17.19
CA ASP C 101 16.74 23.65 -17.54
C ASP C 101 17.70 22.61 -18.11
N ASP C 102 17.76 21.47 -17.43
CA ASP C 102 18.52 20.33 -17.90
C ASP C 102 17.94 19.79 -19.18
N PHE C 103 16.61 19.70 -19.40
CA PHE C 103 16.03 19.39 -20.70
C PHE C 103 16.59 20.21 -21.85
N ALA C 104 16.52 21.55 -21.73
CA ALA C 104 17.07 22.47 -22.71
C ALA C 104 18.57 22.32 -22.89
N ASP C 105 19.32 22.03 -21.81
CA ASP C 105 20.74 21.76 -21.87
C ASP C 105 21.04 20.46 -22.59
N THR C 106 20.22 19.43 -22.38
CA THR C 106 20.47 18.07 -22.81
C THR C 106 20.81 17.95 -24.32
N ASP C 107 21.84 17.16 -24.41
CA ASP C 107 22.30 16.71 -25.69
C ASP C 107 21.27 15.73 -26.24
N THR C 108 21.10 14.52 -25.71
CA THR C 108 20.24 13.53 -26.28
C THR C 108 19.16 13.11 -25.28
N VAL C 109 17.91 13.21 -25.67
CA VAL C 109 16.79 12.76 -24.88
C VAL C 109 16.41 11.39 -25.45
N LEU C 110 16.49 10.35 -24.63
CA LEU C 110 16.15 8.98 -25.00
C LEU C 110 14.70 8.67 -24.57
N VAL C 111 13.75 9.01 -25.44
CA VAL C 111 12.38 8.72 -25.17
C VAL C 111 12.14 7.27 -25.56
N ILE C 112 12.04 6.34 -24.63
CA ILE C 112 12.01 4.91 -24.91
C ILE C 112 10.59 4.51 -25.30
N GLY C 113 10.43 4.26 -26.60
CA GLY C 113 9.20 3.66 -27.10
C GLY C 113 8.20 4.71 -27.46
N ALA C 114 7.54 5.22 -26.42
CA ALA C 114 6.30 5.94 -26.65
C ALA C 114 6.53 7.43 -26.78
N ASN C 115 6.01 7.96 -27.88
CA ASN C 115 6.13 9.38 -28.24
C ASN C 115 5.41 10.34 -27.30
N ASP C 116 4.10 10.16 -27.04
CA ASP C 116 3.32 11.20 -26.38
C ASP C 116 3.65 11.55 -24.97
N THR C 117 4.42 10.63 -24.36
CA THR C 117 5.11 10.80 -23.07
C THR C 117 5.72 12.21 -22.98
N VAL C 118 6.38 12.67 -24.04
CA VAL C 118 6.81 14.06 -24.17
C VAL C 118 6.53 14.54 -25.60
N ASN C 119 5.28 14.67 -25.97
CA ASN C 119 4.90 15.18 -27.28
C ASN C 119 4.83 16.67 -27.21
N PRO C 120 5.61 17.43 -27.96
CA PRO C 120 5.62 18.88 -27.89
C PRO C 120 4.26 19.47 -28.24
N ALA C 121 3.62 18.98 -29.29
CA ALA C 121 2.29 19.48 -29.67
C ALA C 121 1.16 19.07 -28.76
N ALA C 122 1.37 18.10 -27.89
CA ALA C 122 0.42 17.78 -26.85
C ALA C 122 0.31 18.94 -25.83
N GLN C 123 1.46 19.55 -25.55
CA GLN C 123 1.54 20.68 -24.68
C GLN C 123 1.02 21.93 -25.43
N ASP C 124 1.56 22.12 -26.63
CA ASP C 124 1.31 23.32 -27.42
C ASP C 124 0.04 23.44 -28.23
N ASP C 125 -0.40 22.42 -28.97
CA ASP C 125 -1.39 22.65 -30.02
C ASP C 125 -2.83 22.22 -29.67
N PRO C 126 -3.80 23.14 -29.77
CA PRO C 126 -5.22 22.86 -29.57
C PRO C 126 -5.81 21.67 -30.26
N LYS C 127 -5.33 21.29 -31.42
CA LYS C 127 -5.94 20.21 -32.20
C LYS C 127 -5.73 18.86 -31.50
N SER C 128 -4.59 18.68 -30.80
CA SER C 128 -4.24 17.46 -30.05
C SER C 128 -5.37 17.20 -29.05
N PRO C 129 -5.88 15.96 -28.93
CA PRO C 129 -6.90 15.55 -27.93
C PRO C 129 -6.52 15.86 -26.49
N ILE C 130 -5.29 15.53 -26.07
CA ILE C 130 -4.76 15.95 -24.78
C ILE C 130 -4.14 17.33 -24.96
N ALA C 131 -5.04 18.30 -25.25
CA ALA C 131 -4.65 19.65 -25.56
C ALA C 131 -4.22 20.35 -24.28
N GLY C 132 -2.93 20.65 -24.22
CA GLY C 132 -2.32 21.23 -23.04
C GLY C 132 -1.95 20.17 -22.01
N MET C 133 -1.54 19.01 -22.55
CA MET C 133 -1.01 17.94 -21.74
C MET C 133 0.36 18.34 -21.19
N PRO C 134 0.56 18.32 -19.87
CA PRO C 134 1.84 18.67 -19.29
C PRO C 134 2.89 17.63 -19.58
N VAL C 135 3.55 17.85 -20.72
CA VAL C 135 4.74 17.13 -21.06
C VAL C 135 5.90 17.90 -20.47
N LEU C 136 6.92 17.11 -20.15
CA LEU C 136 8.11 17.65 -19.55
C LEU C 136 8.82 18.25 -20.75
N GLU C 137 8.89 19.58 -20.77
CA GLU C 137 9.04 20.33 -22.00
C GLU C 137 10.42 20.17 -22.62
N VAL C 138 10.44 19.25 -23.55
CA VAL C 138 11.58 19.07 -24.44
C VAL C 138 11.45 20.02 -25.61
N TRP C 139 12.34 21.03 -25.64
CA TRP C 139 12.41 21.93 -26.78
C TRP C 139 13.87 21.99 -27.17
N LYS C 140 14.23 21.97 -28.43
CA LYS C 140 15.58 22.11 -28.98
C LYS C 140 16.83 21.49 -28.31
N ALA C 141 16.65 20.46 -27.46
CA ALA C 141 17.71 19.57 -27.04
C ALA C 141 18.24 18.86 -28.27
N GLN C 142 19.52 18.48 -28.29
CA GLN C 142 20.18 18.18 -29.54
C GLN C 142 19.63 17.03 -30.36
N ASN C 143 19.28 15.89 -29.80
CA ASN C 143 18.52 14.86 -30.50
C ASN C 143 17.51 14.28 -29.53
N VAL C 144 16.25 14.37 -29.86
CA VAL C 144 15.21 13.85 -29.01
C VAL C 144 14.86 12.56 -29.70
N ILE C 145 15.62 11.52 -29.38
CA ILE C 145 15.46 10.19 -29.96
C ILE C 145 14.36 9.44 -29.25
N VAL C 146 13.28 9.39 -29.98
CA VAL C 146 12.13 8.68 -29.52
C VAL C 146 12.19 7.31 -30.20
N PHE C 147 12.48 6.25 -29.49
CA PHE C 147 12.57 4.91 -30.08
C PHE C 147 11.20 4.39 -30.48
N LYS C 148 10.65 4.76 -31.62
CA LYS C 148 9.37 4.25 -32.07
C LYS C 148 9.65 3.21 -33.13
N ARG C 149 9.01 2.08 -33.04
CA ARG C 149 9.27 0.99 -33.96
C ARG C 149 8.71 1.27 -35.35
N SER C 150 7.65 2.05 -35.36
CA SER C 150 7.02 2.41 -36.57
C SER C 150 6.55 3.87 -36.47
N MET C 151 6.50 4.55 -37.61
CA MET C 151 5.85 5.83 -37.72
C MET C 151 4.35 5.47 -37.66
N ASN C 152 3.76 5.70 -36.51
CA ASN C 152 2.36 5.41 -36.33
C ASN C 152 1.80 6.35 -35.26
N THR C 153 0.48 6.40 -35.27
CA THR C 153 -0.43 7.10 -34.37
C THR C 153 -0.20 6.80 -32.87
N GLY C 154 -0.64 7.64 -31.95
CA GLY C 154 -0.41 7.41 -30.54
C GLY C 154 -1.68 7.69 -29.76
N TYR C 155 -1.56 8.36 -28.61
CA TYR C 155 -2.71 8.86 -27.86
C TYR C 155 -3.02 10.25 -28.44
N ALA C 156 -2.06 11.20 -28.29
CA ALA C 156 -2.14 12.42 -29.04
C ALA C 156 -1.71 12.10 -30.44
N GLY C 157 -0.53 11.51 -30.58
CA GLY C 157 0.07 11.20 -31.88
C GLY C 157 0.40 12.52 -32.54
N VAL C 158 -0.58 13.05 -33.28
CA VAL C 158 -0.49 14.25 -34.07
C VAL C 158 0.70 14.50 -34.99
N GLN C 159 0.45 15.20 -36.09
CA GLN C 159 1.49 15.66 -37.00
C GLN C 159 2.40 16.64 -36.28
N ASN C 160 3.37 16.14 -35.53
CA ASN C 160 4.08 16.94 -34.55
C ASN C 160 5.57 16.79 -34.71
N PRO C 161 6.42 17.67 -34.14
CA PRO C 161 7.86 17.61 -34.26
C PRO C 161 8.51 16.25 -34.24
N LEU C 162 8.22 15.39 -33.26
CA LEU C 162 8.74 14.04 -33.18
C LEU C 162 8.59 13.20 -34.44
N PHE C 163 7.48 13.43 -35.14
CA PHE C 163 7.13 12.75 -36.37
C PHE C 163 7.96 13.22 -37.57
N PHE C 164 8.35 14.50 -37.53
CA PHE C 164 8.92 15.16 -38.68
C PHE C 164 10.43 15.42 -38.56
N LYS C 165 10.83 16.03 -37.45
CA LYS C 165 12.17 16.52 -37.23
C LYS C 165 13.26 15.48 -37.23
N GLU C 166 14.43 15.96 -37.58
CA GLU C 166 15.55 15.12 -37.97
C GLU C 166 16.24 14.71 -36.69
N ASN C 167 16.44 15.68 -35.81
CA ASN C 167 17.05 15.42 -34.53
C ASN C 167 16.01 15.05 -33.49
N THR C 168 14.89 15.76 -33.47
CA THR C 168 13.78 15.50 -32.59
C THR C 168 12.88 14.53 -33.30
N HIS C 169 13.31 13.25 -33.28
CA HIS C 169 12.86 12.28 -34.26
C HIS C 169 12.53 10.94 -33.59
N MET C 170 11.38 10.40 -34.01
CA MET C 170 11.04 9.02 -33.78
C MET C 170 12.05 8.18 -34.54
N LEU C 171 13.12 7.77 -33.85
CA LEU C 171 14.15 6.95 -34.46
C LEU C 171 13.56 5.53 -34.49
N PHE C 172 13.42 5.09 -35.73
CA PHE C 172 12.67 3.90 -36.03
C PHE C 172 13.33 2.62 -35.59
N GLY C 173 12.96 2.21 -34.38
CA GLY C 173 13.42 0.96 -33.80
C GLY C 173 12.57 0.63 -32.59
N ASP C 174 12.62 -0.65 -32.26
CA ASP C 174 11.93 -1.16 -31.10
C ASP C 174 12.61 -0.64 -29.85
N ALA C 175 11.84 -0.50 -28.79
CA ALA C 175 12.33 0.07 -27.57
C ALA C 175 13.42 -0.82 -26.97
N LYS C 176 13.16 -2.12 -26.87
CA LYS C 176 14.11 -3.03 -26.23
C LYS C 176 15.28 -3.23 -27.20
N ALA C 177 14.97 -3.51 -28.48
CA ALA C 177 15.97 -3.83 -29.49
C ALA C 177 17.03 -2.75 -29.64
N SER C 178 16.58 -1.50 -29.73
CA SER C 178 17.50 -0.38 -29.81
C SER C 178 18.38 -0.15 -28.61
N VAL C 179 17.88 -0.40 -27.39
CA VAL C 179 18.65 -0.18 -26.18
C VAL C 179 19.66 -1.30 -26.06
N ASP C 180 19.20 -2.51 -26.41
CA ASP C 180 20.04 -3.70 -26.54
C ASP C 180 21.22 -3.43 -27.43
N ALA C 181 20.97 -2.80 -28.55
CA ALA C 181 22.06 -2.37 -29.45
C ALA C 181 22.98 -1.34 -28.80
N ILE C 182 22.38 -0.25 -28.26
CA ILE C 182 23.19 0.88 -27.84
C ILE C 182 24.11 0.51 -26.67
N LEU C 183 23.70 -0.39 -25.79
CA LEU C 183 24.45 -0.81 -24.65
C LEU C 183 25.69 -1.57 -25.04
N LYS C 184 25.61 -2.37 -26.09
CA LYS C 184 26.77 -3.11 -26.52
C LYS C 184 27.68 -2.18 -27.25
N ALA C 185 27.10 -1.40 -28.19
CA ALA C 185 27.86 -0.58 -29.11
C ALA C 185 28.57 0.62 -28.50
N LEU C 186 27.84 1.65 -28.10
CA LEU C 186 28.32 3.04 -27.97
C LEU C 186 29.44 3.47 -28.95
PA NAD D . -12.76 8.55 -10.43
O1A NAD D . -11.43 7.98 -10.16
O2A NAD D . -13.24 9.67 -9.58
O5B NAD D . -13.84 7.36 -10.35
C5B NAD D . -13.43 6.02 -10.69
C4B NAD D . -14.25 5.47 -11.86
O4B NAD D . -15.59 5.03 -11.55
C3B NAD D . -14.44 6.43 -13.01
O3B NAD D . -13.32 6.44 -13.89
C2B NAD D . -15.64 5.84 -13.73
O2B NAD D . -15.31 5.44 -15.04
C1B NAD D . -16.02 4.66 -12.86
N9A NAD D . -17.41 4.19 -13.03
C8A NAD D . -18.47 4.91 -13.47
N7A NAD D . -19.50 4.11 -13.77
C5A NAD D . -19.05 2.89 -13.51
C6A NAD D . -19.78 1.74 -13.83
N6A NAD D . -20.98 1.79 -14.38
N1A NAD D . -19.09 0.60 -13.64
C2A NAD D . -17.82 0.60 -13.19
N3A NAD D . -17.16 1.71 -12.87
C4A NAD D . -17.75 2.91 -13.04
O3 NAD D . -12.79 9.01 -11.96
PN NAD D . -11.69 9.42 -13.04
O1N NAD D . -10.54 8.48 -12.91
O2N NAD D . -11.41 10.87 -12.94
O5D NAD D . -12.48 9.09 -14.41
C5D NAD D . -13.52 9.94 -14.88
C4D NAD D . -13.00 10.71 -16.09
O4D NAD D . -11.70 11.28 -15.83
C3D NAD D . -12.80 9.83 -17.30
O3D NAD D . -14.00 9.59 -18.06
C2D NAD D . -11.82 10.62 -18.14
O2D NAD D . -12.45 11.36 -19.17
C1D NAD D . -11.15 11.54 -17.12
N1N NAD D . -9.67 11.50 -17.21
C2N NAD D . -9.00 12.54 -17.87
C3N NAD D . -7.61 12.56 -18.01
C7N NAD D . -6.88 13.61 -18.85
O7N NAD D . -5.76 13.39 -19.25
N7N NAD D . -7.60 14.66 -19.21
C4N NAD D . -6.88 11.49 -17.48
C5N NAD D . -7.54 10.43 -16.81
C6N NAD D . -8.91 10.42 -16.69
HO3A NAD D . -13.68 6.55 -14.82
HO2A NAD D . -15.04 4.46 -15.02
H61A NAD D . -21.41 0.94 -14.69
H62A NAD D . -21.35 2.67 -14.65
HO3N NAD D . -13.99 10.16 -18.90
HO2N NAD D . -12.74 12.24 -18.77
H71N NAD D . -8.53 14.84 -18.86
H72N NAD D . -7.25 15.28 -19.93
PA NAP E . 0.57 5.31 -26.42
O1A NAP E . -0.08 6.39 -27.17
O2A NAP E . -0.26 4.20 -25.88
O5B NAP E . 1.76 4.70 -27.32
C5B NAP E . 2.54 5.54 -28.19
C4B NAP E . 3.43 4.72 -29.09
O4B NAP E . 4.30 3.81 -28.37
C3B NAP E . 2.68 3.81 -30.05
O3B NAP E . 2.37 4.53 -31.25
C2B NAP E . 3.67 2.69 -30.37
O2B NAP E . 4.04 2.73 -31.78
C1B NAP E . 4.81 2.96 -29.40
N9A NAP E . 5.38 1.70 -28.86
C8A NAP E . 4.68 0.65 -28.32
N7A NAP E . 5.45 -0.43 -28.20
C5A NAP E . 6.61 -0.03 -28.66
C6A NAP E . 7.70 -0.86 -28.86
N6A NAP E . 7.62 -2.15 -28.54
N1A NAP E . 8.80 -0.32 -29.42
C2A NAP E . 8.82 0.97 -29.76
N3A NAP E . 7.78 1.78 -29.62
C4A NAP E . 6.63 1.27 -29.06
O3 NAP E . 1.33 5.95 -25.15
PN NAP E . 2.22 7.25 -24.73
O1N NAP E . 2.93 7.76 -25.92
O2N NAP E . 3.01 6.84 -23.54
O5D NAP E . 1.10 8.31 -24.28
C5D NAP E . 1.31 9.16 -23.10
C4D NAP E . -0.05 9.62 -22.64
O4D NAP E . -0.89 8.52 -22.23
C3D NAP E . 0.01 10.53 -21.45
O3D NAP E . 0.45 11.88 -21.77
C2D NAP E . -1.47 10.48 -21.07
O2D NAP E . -2.21 11.47 -21.79
C1D NAP E . -1.97 9.10 -21.45
N1N NAP E . -2.36 8.31 -20.26
C2N NAP E . -1.40 7.71 -19.44
C3N NAP E . -1.75 7.14 -18.21
C7N NAP E . -0.72 6.45 -17.31
O7N NAP E . -0.59 6.81 -16.15
N7N NAP E . 0.07 5.55 -17.87
C4N NAP E . -3.09 7.20 -17.81
C5N NAP E . -4.07 7.78 -18.60
C6N NAP E . -3.72 8.33 -19.83
P2B NAP E . 4.83 1.50 -32.46
O1X NAP E . 6.24 1.97 -32.32
O2X NAP E . 4.33 1.29 -33.84
O3X NAP E . 4.54 0.33 -31.59
HO3A NAP E . 1.38 4.72 -31.28
H61A NAP E . 6.73 -2.51 -28.27
H62A NAP E . 8.43 -2.73 -28.57
HO3N NAP E . -0.37 12.39 -22.02
HO2N NAP E . -2.88 11.00 -22.35
H71N NAP E . 0.00 5.31 -18.82
H72N NAP E . 0.72 5.02 -17.30
N HIS A 7 -13.49 -41.79 19.01
CA HIS A 7 -12.97 -42.22 17.71
C HIS A 7 -12.22 -41.03 17.16
N GLY A 8 -11.39 -41.24 16.14
CA GLY A 8 -10.60 -40.17 15.53
C GLY A 8 -11.39 -39.02 14.89
N ARG A 9 -11.89 -38.15 15.78
CA ARG A 9 -12.59 -36.95 15.41
C ARG A 9 -11.83 -35.78 15.95
N ILE A 10 -11.75 -34.77 15.09
CA ILE A 10 -11.02 -33.56 15.36
C ILE A 10 -12.13 -32.56 15.61
N GLY A 11 -12.03 -31.83 16.72
CA GLY A 11 -12.90 -30.70 16.98
C GLY A 11 -12.20 -29.46 16.43
N ILE A 12 -12.96 -28.63 15.74
CA ILE A 12 -12.51 -27.33 15.29
C ILE A 12 -13.34 -26.32 16.05
N PRO A 13 -12.83 -25.74 17.15
CA PRO A 13 -13.45 -24.63 17.82
C PRO A 13 -13.19 -23.27 17.18
N ARG A 14 -13.98 -22.33 17.62
CA ARG A 14 -13.71 -20.96 17.34
C ARG A 14 -12.74 -20.49 18.41
N GLU A 15 -11.76 -19.69 17.99
CA GLU A 15 -10.74 -19.27 18.90
C GLU A 15 -11.24 -18.32 19.99
N ARG A 16 -10.46 -18.32 21.06
CA ARG A 16 -10.82 -17.64 22.28
C ARG A 16 -9.59 -16.94 22.81
N LEU A 17 -9.85 -15.68 23.16
CA LEU A 17 -8.90 -14.76 23.76
C LEU A 17 -9.63 -13.41 23.71
N THR A 18 -9.08 -12.26 24.11
CA THR A 18 -9.83 -10.99 24.17
C THR A 18 -10.06 -10.52 22.73
N ASN A 19 -11.34 -10.48 22.30
CA ASN A 19 -11.70 -10.06 20.96
C ASN A 19 -11.18 -10.97 19.86
N GLU A 20 -11.29 -12.26 20.08
CA GLU A 20 -10.65 -13.20 19.19
C GLU A 20 -11.55 -13.54 18.00
N THR A 21 -10.97 -13.57 16.81
CA THR A 21 -11.69 -13.74 15.58
C THR A 21 -11.59 -15.16 15.01
N ARG A 22 -10.36 -15.70 15.10
CA ARG A 22 -10.00 -17.00 14.49
C ARG A 22 -10.88 -18.21 14.72
N VAL A 23 -10.58 -19.23 13.93
CA VAL A 23 -11.16 -20.56 14.05
C VAL A 23 -10.01 -21.53 13.98
N ALA A 24 -10.16 -22.77 14.41
CA ALA A 24 -9.07 -23.74 14.39
C ALA A 24 -8.58 -24.13 12.99
N ALA A 25 -9.48 -24.24 12.04
CA ALA A 25 -9.14 -24.73 10.69
C ALA A 25 -10.17 -24.15 9.75
N THR A 26 -9.80 -23.79 8.52
CA THR A 26 -10.77 -23.45 7.51
C THR A 26 -11.09 -24.58 6.55
N PRO A 27 -12.08 -24.52 5.66
CA PRO A 27 -12.35 -25.52 4.64
C PRO A 27 -11.20 -26.36 4.05
N LYS A 28 -10.20 -25.83 3.40
CA LYS A 28 -9.17 -26.63 2.76
C LYS A 28 -8.34 -27.37 3.78
N THR A 29 -8.21 -26.82 4.99
CA THR A 29 -7.63 -27.55 6.10
C THR A 29 -8.52 -28.77 6.46
N VAL A 30 -9.84 -28.59 6.60
CA VAL A 30 -10.78 -29.64 6.96
C VAL A 30 -10.75 -30.72 5.88
N GLU A 31 -10.65 -30.34 4.57
CA GLU A 31 -10.59 -31.37 3.55
C GLU A 31 -9.34 -32.19 3.69
N GLN A 32 -8.18 -31.58 3.91
CA GLN A 32 -6.96 -32.30 4.17
C GLN A 32 -7.08 -33.21 5.37
N LEU A 33 -7.73 -32.81 6.47
CA LEU A 33 -7.93 -33.68 7.62
C LEU A 33 -8.81 -34.88 7.30
N LEU A 34 -9.80 -34.69 6.43
CA LEU A 34 -10.63 -35.80 5.97
C LEU A 34 -9.80 -36.67 5.05
N LYS A 35 -8.94 -36.10 4.21
CA LYS A 35 -8.02 -36.88 3.35
C LYS A 35 -7.12 -37.80 4.17
N LEU A 36 -6.69 -37.32 5.33
CA LEU A 36 -5.99 -38.18 6.28
C LEU A 36 -6.81 -39.38 6.78
N GLY A 37 -8.13 -39.23 6.79
CA GLY A 37 -9.02 -40.26 7.33
C GLY A 37 -9.37 -40.02 8.79
N PHE A 38 -9.45 -38.75 9.22
CA PHE A 38 -10.07 -38.37 10.47
C PHE A 38 -11.40 -37.73 10.11
N THR A 39 -12.34 -37.79 11.07
CA THR A 39 -13.60 -37.09 10.92
C THR A 39 -13.52 -35.75 11.64
N VAL A 40 -14.21 -34.74 11.09
CA VAL A 40 -14.10 -33.38 11.55
C VAL A 40 -15.42 -32.87 12.08
N ALA A 41 -15.40 -32.20 13.22
CA ALA A 41 -16.54 -31.49 13.72
C ALA A 41 -16.18 -30.01 13.83
N VAL A 42 -17.09 -29.10 13.50
CA VAL A 42 -16.83 -27.68 13.62
C VAL A 42 -17.86 -27.05 14.54
N GLU A 43 -17.39 -26.03 15.27
CA GLU A 43 -18.21 -25.29 16.21
C GLU A 43 -19.21 -24.39 15.47
N SER A 44 -20.44 -24.37 15.93
CA SER A 44 -21.45 -23.47 15.35
C SER A 44 -21.08 -22.04 15.74
N GLY A 45 -20.79 -21.20 14.74
CA GLY A 45 -20.30 -19.85 14.97
C GLY A 45 -18.81 -19.76 14.70
N ALA A 46 -18.14 -20.90 14.46
CA ALA A 46 -16.68 -20.90 14.24
C ALA A 46 -16.29 -20.24 12.92
N GLY A 47 -17.17 -20.23 11.93
CA GLY A 47 -16.92 -19.56 10.70
C GLY A 47 -17.15 -18.07 10.78
N GLN A 48 -18.11 -17.75 11.62
CA GLN A 48 -18.67 -16.40 11.77
C GLN A 48 -17.62 -15.28 11.89
N LEU A 49 -16.90 -15.25 13.01
CA LEU A 49 -15.96 -14.15 13.27
C LEU A 49 -14.68 -14.30 12.47
N ALA A 50 -14.39 -15.51 12.02
CA ALA A 50 -13.30 -15.77 11.08
C ALA A 50 -13.65 -15.48 9.64
N SER A 51 -14.97 -15.24 9.42
CA SER A 51 -15.50 -14.87 8.12
C SER A 51 -15.16 -15.90 7.03
N PHE A 52 -15.71 -17.06 7.27
CA PHE A 52 -15.88 -18.10 6.23
C PHE A 52 -16.97 -18.92 6.90
N ASP A 53 -18.19 -18.37 6.85
CA ASP A 53 -19.29 -18.75 7.77
C ASP A 53 -19.71 -20.19 7.62
N ASP A 54 -20.22 -20.80 8.71
CA ASP A 54 -20.21 -22.24 8.91
C ASP A 54 -20.66 -23.12 7.75
N LYS A 55 -21.55 -22.63 6.89
CA LYS A 55 -21.97 -23.33 5.67
C LYS A 55 -20.77 -23.77 4.78
N ALA A 56 -19.69 -22.98 4.73
CA ALA A 56 -18.43 -23.35 4.08
C ALA A 56 -17.79 -24.59 4.70
N PHE A 57 -17.88 -24.81 5.98
CA PHE A 57 -17.37 -26.02 6.60
C PHE A 57 -18.25 -27.25 6.26
N VAL A 58 -19.52 -27.03 5.94
CA VAL A 58 -20.39 -28.07 5.40
C VAL A 58 -19.87 -28.49 4.03
N GLN A 59 -19.56 -27.54 3.16
CA GLN A 59 -18.89 -27.87 1.90
C GLN A 59 -17.58 -28.62 2.02
N ALA A 60 -16.81 -28.32 3.08
CA ALA A 60 -15.58 -29.01 3.42
C ALA A 60 -15.76 -30.39 4.01
N GLY A 61 -16.93 -30.66 4.57
CA GLY A 61 -17.15 -31.94 5.20
C GLY A 61 -17.03 -31.81 6.73
N ALA A 62 -18.08 -31.39 7.39
CA ALA A 62 -18.04 -31.32 8.84
C ALA A 62 -19.39 -31.52 9.54
N GLU A 63 -19.31 -32.28 10.63
CA GLU A 63 -20.38 -32.38 11.63
C GLU A 63 -20.46 -31.00 12.28
N ILE A 64 -21.58 -30.31 12.25
CA ILE A 64 -21.68 -28.99 12.86
C ILE A 64 -22.36 -29.17 14.22
N VAL A 65 -21.67 -28.83 15.29
CA VAL A 65 -22.12 -28.99 16.68
C VAL A 65 -21.86 -27.73 17.49
N GLU A 66 -22.30 -27.56 18.74
CA GLU A 66 -21.93 -26.43 19.57
C GLU A 66 -20.64 -26.78 20.30
N GLY A 67 -19.98 -25.77 20.87
CA GLY A 67 -18.67 -25.88 21.48
C GLY A 67 -18.47 -27.02 22.45
N ASN A 68 -19.38 -27.14 23.43
CA ASN A 68 -19.32 -28.22 24.42
C ASN A 68 -19.15 -29.60 23.77
N SER A 69 -19.83 -29.86 22.65
CA SER A 69 -19.68 -31.05 21.85
C SER A 69 -18.45 -31.05 20.95
N VAL A 70 -18.05 -29.92 20.37
CA VAL A 70 -16.90 -29.88 19.48
C VAL A 70 -15.62 -30.24 20.22
N TRP A 71 -15.56 -29.96 21.53
CA TRP A 71 -14.46 -30.32 22.39
C TRP A 71 -14.52 -31.75 22.85
N GLN A 72 -15.65 -32.45 22.70
CA GLN A 72 -15.79 -33.89 22.98
C GLN A 72 -15.15 -34.62 21.79
N SER A 73 -13.84 -34.50 21.63
CA SER A 73 -13.12 -34.97 20.45
C SER A 73 -11.71 -35.43 20.80
N GLU A 74 -11.31 -36.49 20.11
CA GLU A 74 -10.02 -37.09 20.23
C GLU A 74 -8.89 -36.12 19.86
N ILE A 75 -9.07 -35.24 18.86
CA ILE A 75 -8.10 -34.26 18.51
C ILE A 75 -8.80 -32.91 18.63
N ILE A 76 -8.06 -31.88 19.07
CA ILE A 76 -8.56 -30.50 19.02
C ILE A 76 -7.47 -29.66 18.38
N LEU A 77 -7.77 -28.85 17.37
CA LEU A 77 -6.77 -27.96 16.79
C LEU A 77 -7.03 -26.62 17.48
N LYS A 78 -6.00 -25.85 17.77
CA LYS A 78 -6.12 -24.56 18.41
C LYS A 78 -5.02 -23.61 17.95
N VAL A 79 -5.46 -22.40 17.56
CA VAL A 79 -4.56 -21.36 17.09
C VAL A 79 -4.03 -20.45 18.20
N ASN A 80 -4.65 -20.52 19.39
CA ASN A 80 -4.05 -19.97 20.61
C ASN A 80 -3.73 -21.16 21.50
N ALA A 81 -3.22 -20.90 22.71
CA ALA A 81 -3.25 -21.89 23.79
C ALA A 81 -4.69 -22.01 24.31
N PRO A 82 -5.04 -23.14 24.89
CA PRO A 82 -6.28 -23.31 25.63
C PRO A 82 -6.32 -22.58 26.96
N LEU A 83 -7.26 -21.64 27.02
CA LEU A 83 -7.50 -20.86 28.20
C LEU A 83 -8.12 -21.76 29.23
N ASP A 84 -8.09 -21.34 30.49
CA ASP A 84 -8.59 -22.10 31.62
C ASP A 84 -9.92 -22.82 31.45
N ASP A 85 -10.91 -22.08 30.89
CA ASP A 85 -12.18 -22.67 30.57
C ASP A 85 -12.10 -23.75 29.50
N GLU A 86 -11.31 -23.53 28.46
CA GLU A 86 -11.16 -24.49 27.40
C GLU A 86 -10.45 -25.73 27.97
N ILE A 87 -9.54 -25.50 28.95
CA ILE A 87 -8.89 -26.60 29.62
C ILE A 87 -9.92 -27.51 30.31
N ALA A 88 -10.92 -26.87 30.94
CA ALA A 88 -12.02 -27.60 31.55
C ALA A 88 -12.82 -28.41 30.53
N LEU A 89 -12.86 -27.92 29.28
CA LEU A 89 -13.46 -28.65 28.18
C LEU A 89 -12.68 -29.88 27.72
N LEU A 90 -11.36 -29.88 27.91
CA LEU A 90 -10.49 -30.98 27.45
C LEU A 90 -10.82 -32.31 28.15
N ASN A 91 -11.11 -33.29 27.30
CA ASN A 91 -11.38 -34.67 27.71
C ASN A 91 -10.01 -35.34 27.69
N PRO A 92 -9.65 -36.23 28.60
CA PRO A 92 -8.33 -36.84 28.63
C PRO A 92 -7.93 -37.57 27.39
N GLY A 93 -6.62 -37.54 27.15
CA GLY A 93 -6.04 -38.21 26.00
C GLY A 93 -6.09 -37.39 24.71
N THR A 94 -6.88 -36.31 24.64
CA THR A 94 -7.03 -35.57 23.42
C THR A 94 -5.71 -35.00 22.88
N THR A 95 -5.38 -35.28 21.63
CA THR A 95 -4.23 -34.68 21.01
C THR A 95 -4.62 -33.25 20.71
N LEU A 96 -4.24 -32.40 21.63
CA LEU A 96 -4.50 -30.98 21.53
C LEU A 96 -3.35 -30.34 20.78
N VAL A 97 -3.53 -29.82 19.59
CA VAL A 97 -2.41 -29.34 18.80
C VAL A 97 -2.60 -27.81 18.87
N SER A 98 -1.75 -27.08 19.59
CA SER A 98 -2.02 -25.68 19.92
C SER A 98 -0.77 -24.83 19.96
N PHE A 99 -0.91 -23.52 19.72
CA PHE A 99 0.18 -22.57 19.88
C PHE A 99 0.19 -22.19 21.36
N ILE A 100 0.97 -22.96 22.10
CA ILE A 100 0.97 -22.83 23.56
C ILE A 100 1.85 -21.74 24.12
N TRP A 101 3.12 -21.68 23.69
CA TRP A 101 4.21 -21.00 24.39
C TRP A 101 4.43 -21.61 25.78
N PRO A 102 4.99 -22.82 25.94
CA PRO A 102 5.20 -23.48 27.21
C PRO A 102 6.07 -22.75 28.22
N ALA A 103 7.11 -22.13 27.68
CA ALA A 103 8.06 -21.37 28.49
C ALA A 103 7.35 -20.30 29.29
N GLN A 104 6.47 -19.59 28.58
CA GLN A 104 5.60 -18.60 29.17
C GLN A 104 4.57 -19.19 30.13
N ASN A 105 4.20 -20.45 29.94
CA ASN A 105 3.02 -20.99 30.58
C ASN A 105 3.15 -22.24 31.46
N PRO A 106 3.98 -22.27 32.51
CA PRO A 106 4.16 -23.46 33.37
C PRO A 106 2.89 -23.97 34.06
N GLU A 107 2.12 -23.09 34.68
CA GLU A 107 0.85 -23.43 35.32
C GLU A 107 -0.18 -24.01 34.37
N LEU A 108 -0.30 -23.37 33.22
CA LEU A 108 -1.22 -23.77 32.19
C LEU A 108 -0.82 -25.15 31.72
N MET A 109 0.48 -25.37 31.48
CA MET A 109 1.03 -26.66 31.11
C MET A 109 0.65 -27.74 32.11
N GLN A 110 0.78 -27.43 33.41
CA GLN A 110 0.34 -28.37 34.46
C GLN A 110 -1.16 -28.65 34.41
N LYS A 111 -1.97 -27.66 34.03
CA LYS A 111 -3.39 -27.85 33.85
C LYS A 111 -3.63 -28.80 32.69
N LEU A 112 -2.95 -28.57 31.55
CA LEU A 112 -3.06 -29.43 30.39
C LEU A 112 -2.60 -30.86 30.74
N ALA A 113 -1.55 -31.02 31.56
CA ALA A 113 -1.11 -32.36 32.00
C ALA A 113 -2.10 -32.98 32.94
N GLU A 114 -2.72 -32.24 33.85
CA GLU A 114 -3.72 -32.78 34.74
C GLU A 114 -5.03 -33.10 34.01
N ARG A 115 -5.24 -32.51 32.84
CA ARG A 115 -6.26 -32.98 31.88
C ARG A 115 -5.90 -34.21 31.07
N ASN A 116 -4.65 -34.68 31.25
CA ASN A 116 -4.07 -35.84 30.62
C ASN A 116 -4.16 -35.77 29.10
N VAL A 117 -3.92 -34.58 28.51
CA VAL A 117 -3.97 -34.44 27.06
C VAL A 117 -2.60 -34.49 26.41
N THR A 118 -2.57 -34.90 25.16
CA THR A 118 -1.32 -34.91 24.44
C THR A 118 -1.23 -33.53 23.81
N VAL A 119 -0.46 -32.66 24.42
CA VAL A 119 -0.34 -31.30 23.92
C VAL A 119 0.88 -31.21 23.00
N MET A 120 0.55 -30.92 21.73
CA MET A 120 1.56 -30.65 20.75
C MET A 120 1.63 -29.13 20.54
N ALA A 121 2.64 -28.49 21.11
CA ALA A 121 2.78 -27.06 21.02
C ALA A 121 3.40 -26.71 19.66
N MET A 122 2.60 -26.15 18.75
CA MET A 122 3.03 -25.87 17.38
C MET A 122 4.02 -24.72 17.21
N ASP A 123 4.06 -23.86 18.23
CA ASP A 123 5.17 -22.92 18.39
C ASP A 123 6.44 -23.69 18.69
N SER A 124 6.32 -24.81 19.39
CA SER A 124 7.46 -25.58 19.79
C SER A 124 7.94 -26.69 18.84
N VAL A 125 7.81 -26.46 17.54
CA VAL A 125 8.51 -27.30 16.60
C VAL A 125 10.00 -26.91 16.57
N PRO A 126 10.91 -27.88 16.72
CA PRO A 126 12.33 -27.63 16.55
C PRO A 126 12.66 -27.15 15.13
N ARG A 127 13.54 -26.16 15.03
CA ARG A 127 13.49 -25.24 13.87
C ARG A 127 14.34 -25.75 12.70
N ILE A 128 14.45 -27.07 12.52
CA ILE A 128 15.22 -27.66 11.45
C ILE A 128 14.45 -27.66 10.13
N SER A 129 15.19 -27.70 8.99
CA SER A 129 14.61 -27.64 7.65
C SER A 129 13.35 -28.47 7.30
N ARG A 130 13.37 -29.81 7.42
CA ARG A 130 12.16 -30.64 7.21
C ARG A 130 10.99 -30.35 8.10
N ALA A 131 11.19 -29.65 9.20
CA ALA A 131 10.13 -29.29 10.08
C ALA A 131 9.34 -28.10 9.63
N GLN A 132 9.79 -27.29 8.68
CA GLN A 132 9.24 -25.95 8.45
C GLN A 132 7.81 -25.88 7.94
N SER A 133 7.33 -26.98 7.32
CA SER A 133 5.95 -27.10 7.00
C SER A 133 5.03 -27.36 8.19
N LEU A 134 5.64 -27.84 9.29
CA LEU A 134 4.95 -28.02 10.54
C LEU A 134 5.20 -26.79 11.40
N ASP A 135 6.35 -26.17 11.24
CA ASP A 135 6.77 -25.07 12.10
C ASP A 135 5.89 -23.87 11.96
N ALA A 136 5.12 -23.76 13.02
CA ALA A 136 4.18 -22.67 13.15
C ALA A 136 4.86 -21.45 13.72
N LEU A 137 5.92 -21.58 14.53
CA LEU A 137 6.61 -20.37 15.02
C LEU A 137 7.28 -19.68 13.85
N SER A 138 7.53 -20.39 12.73
CA SER A 138 7.79 -19.71 11.47
C SER A 138 6.47 -19.30 10.80
N SER A 139 5.61 -20.24 10.38
CA SER A 139 4.47 -19.94 9.53
C SER A 139 3.36 -19.08 10.12
N MET A 140 2.89 -19.29 11.34
CA MET A 140 1.89 -18.45 11.92
C MET A 140 2.47 -17.05 12.21
N ALA A 141 3.75 -17.00 12.59
CA ALA A 141 4.50 -15.75 12.76
C ALA A 141 4.53 -15.01 11.43
N ASN A 142 4.74 -15.72 10.31
CA ASN A 142 4.72 -15.19 8.96
C ASN A 142 3.44 -14.44 8.66
N ILE A 143 2.32 -15.08 9.01
CA ILE A 143 1.01 -14.50 8.81
C ILE A 143 0.89 -13.14 9.54
N ALA A 144 1.31 -13.17 10.80
CA ALA A 144 1.39 -11.99 11.63
C ALA A 144 2.34 -10.98 11.01
N GLY A 145 3.41 -11.40 10.35
CA GLY A 145 4.33 -10.51 9.66
C GLY A 145 3.65 -9.75 8.53
N TYR A 146 2.93 -10.52 7.71
CA TYR A 146 2.16 -9.93 6.59
C TYR A 146 1.12 -8.94 7.13
N ARG A 147 0.47 -9.31 8.22
CA ARG A 147 -0.52 -8.47 8.85
C ARG A 147 0.07 -7.31 9.59
N ALA A 148 1.35 -7.38 9.99
CA ALA A 148 2.07 -6.23 10.56
C ALA A 148 2.21 -5.24 9.42
N ILE A 149 2.63 -5.65 8.22
CA ILE A 149 2.72 -4.81 7.03
C ILE A 149 1.37 -4.12 6.73
N VAL A 150 0.28 -4.86 6.83
CA VAL A 150 -1.07 -4.34 6.72
C VAL A 150 -1.32 -3.26 7.78
N GLU A 151 -1.24 -3.51 9.08
CA GLU A 151 -1.53 -2.48 10.08
C GLU A 151 -0.58 -1.29 10.04
N ALA A 152 0.65 -1.54 9.58
CA ALA A 152 1.65 -0.53 9.25
C ALA A 152 1.09 0.41 8.23
N ALA A 153 0.73 -0.10 7.05
CA ALA A 153 0.17 0.72 5.97
C ALA A 153 -1.19 1.29 6.37
N HIS A 154 -1.86 0.67 7.37
CA HIS A 154 -3.11 1.13 7.87
C HIS A 154 -2.92 2.36 8.78
N GLU A 155 -1.85 2.51 9.55
CA GLU A 155 -1.69 3.73 10.29
C GLU A 155 -0.57 4.65 9.82
N PHE A 156 0.09 4.25 8.73
CA PHE A 156 1.22 4.94 8.11
C PHE A 156 0.78 6.26 7.53
N GLY A 157 1.68 7.25 7.58
CA GLY A 157 1.47 8.50 6.91
C GLY A 157 1.54 8.40 5.41
N ARG A 158 2.52 7.71 4.90
CA ARG A 158 2.90 7.73 3.51
C ARG A 158 2.53 6.45 2.76
N PHE A 159 2.93 6.29 1.50
CA PHE A 159 2.76 5.04 0.79
C PHE A 159 3.92 4.17 1.17
N PHE A 160 3.70 2.85 1.17
CA PHE A 160 4.79 1.93 0.93
C PHE A 160 5.34 2.11 -0.50
N THR A 161 4.37 2.02 -1.41
CA THR A 161 4.61 2.03 -2.84
C THR A 161 5.17 3.34 -3.42
N GLY A 162 6.42 3.25 -3.85
CA GLY A 162 6.96 4.25 -4.74
C GLY A 162 6.21 4.24 -6.05
N GLN A 163 5.92 5.43 -6.56
CA GLN A 163 5.31 5.57 -7.86
C GLN A 163 5.23 7.03 -8.28
N ILE A 164 5.11 7.28 -9.59
CA ILE A 164 4.68 8.60 -10.05
C ILE A 164 3.17 8.72 -9.91
N THR A 165 2.70 9.86 -9.42
CA THR A 165 1.26 10.17 -9.46
C THR A 165 1.12 11.31 -10.48
N ALA A 166 0.07 12.12 -10.53
CA ALA A 166 0.12 13.35 -11.29
C ALA A 166 0.78 14.45 -10.42
N ALA A 167 0.77 14.23 -9.11
CA ALA A 167 1.42 15.09 -8.14
C ALA A 167 2.80 14.56 -7.79
N GLY A 168 3.55 14.14 -8.80
CA GLY A 168 4.95 13.81 -8.62
C GLY A 168 5.24 12.48 -7.92
N LYS A 169 6.51 12.28 -7.64
CA LYS A 169 6.99 11.07 -7.08
C LYS A 169 6.60 10.91 -5.62
N VAL A 170 6.17 9.69 -5.36
CA VAL A 170 6.06 9.13 -4.02
C VAL A 170 7.37 8.38 -3.82
N PRO A 171 8.13 8.61 -2.74
CA PRO A 171 9.33 7.88 -2.40
C PRO A 171 8.94 6.48 -1.89
N PRO A 172 9.71 5.42 -2.12
CA PRO A 172 9.48 4.10 -1.53
C PRO A 172 9.60 4.18 0.00
N ALA A 173 8.84 3.40 0.74
CA ALA A 173 9.01 3.40 2.21
C ALA A 173 10.22 2.60 2.69
N LYS A 174 10.99 3.13 3.60
CA LYS A 174 12.19 2.45 4.13
C LYS A 174 11.61 1.55 5.21
N VAL A 175 11.44 0.31 4.86
CA VAL A 175 10.93 -0.72 5.72
C VAL A 175 12.08 -1.42 6.45
N MET A 176 12.49 -0.90 7.63
CA MET A 176 13.55 -1.51 8.43
C MET A 176 12.96 -2.69 9.14
N VAL A 177 13.30 -3.89 8.71
CA VAL A 177 12.83 -5.08 9.40
C VAL A 177 13.86 -5.50 10.43
N ILE A 178 13.52 -5.60 11.70
CA ILE A 178 14.51 -6.07 12.66
C ILE A 178 14.04 -7.50 13.03
N GLY A 179 14.98 -8.45 12.98
CA GLY A 179 14.70 -9.79 13.41
C GLY A 179 14.01 -10.52 12.30
N ALA A 180 14.65 -10.69 11.15
CA ALA A 180 14.08 -11.42 10.06
C ALA A 180 14.11 -12.94 10.21
N GLY A 181 13.20 -13.45 11.04
CA GLY A 181 12.74 -14.83 10.94
C GLY A 181 11.63 -14.94 9.91
N VAL A 182 10.78 -15.95 9.83
CA VAL A 182 9.76 -16.02 8.75
C VAL A 182 8.72 -14.91 8.78
N ALA A 183 8.38 -14.39 9.99
CA ALA A 183 7.64 -13.14 10.12
C ALA A 183 8.31 -12.01 9.37
N GLY A 184 9.62 -11.88 9.56
CA GLY A 184 10.44 -10.90 8.86
C GLY A 184 10.46 -11.15 7.37
N LEU A 185 10.60 -12.40 6.96
CA LEU A 185 10.58 -12.76 5.55
C LEU A 185 9.22 -12.42 4.92
N ALA A 186 8.08 -12.54 5.61
CA ALA A 186 6.81 -12.07 5.06
C ALA A 186 6.78 -10.54 4.87
N ALA A 187 7.45 -9.85 5.79
CA ALA A 187 7.54 -8.40 5.71
C ALA A 187 8.38 -7.94 4.52
N ILE A 188 9.55 -8.60 4.36
CA ILE A 188 10.43 -8.38 3.22
C ILE A 188 9.65 -8.63 1.93
N GLY A 189 9.03 -9.82 1.82
CA GLY A 189 8.27 -10.20 0.62
C GLY A 189 7.24 -9.12 0.32
N ALA A 190 6.38 -8.86 1.29
CA ALA A 190 5.30 -7.92 1.05
C ALA A 190 5.74 -6.51 0.69
N ALA A 191 6.66 -5.88 1.42
CA ALA A 191 7.09 -4.53 1.12
C ALA A 191 7.90 -4.40 -0.16
N ASN A 192 8.70 -5.44 -0.48
CA ASN A 192 9.45 -5.41 -1.71
C ASN A 192 8.48 -5.46 -2.87
N SER A 193 7.47 -6.31 -2.79
CA SER A 193 6.40 -6.39 -3.78
C SER A 193 5.65 -5.09 -3.93
N LEU A 194 5.22 -4.44 -2.83
CA LEU A 194 4.66 -3.10 -2.85
C LEU A 194 5.50 -2.01 -3.50
N GLY A 195 6.82 -2.11 -3.38
CA GLY A 195 7.66 -1.12 -3.97
C GLY A 195 8.22 -0.21 -2.87
N ALA A 196 8.80 -0.85 -1.86
CA ALA A 196 9.36 -0.13 -0.72
C ALA A 196 10.69 -0.73 -0.42
N ILE A 197 11.66 0.07 0.00
CA ILE A 197 13.06 -0.38 0.13
C ILE A 197 13.07 -1.11 1.45
N VAL A 198 13.15 -2.43 1.42
CA VAL A 198 13.29 -3.17 2.65
C VAL A 198 14.74 -2.99 3.08
N ARG A 199 14.94 -2.72 4.35
CA ARG A 199 16.26 -2.60 4.98
C ARG A 199 16.17 -3.56 6.14
N ALA A 200 16.49 -4.81 5.87
CA ALA A 200 16.25 -5.88 6.80
C ALA A 200 17.48 -6.18 7.63
N PHE A 201 17.26 -6.73 8.81
CA PHE A 201 18.35 -7.14 9.68
C PHE A 201 17.83 -8.23 10.63
N ASP A 202 18.76 -8.94 11.25
CA ASP A 202 18.51 -9.93 12.27
C ASP A 202 19.86 -10.15 12.92
N THR A 203 19.82 -10.74 14.09
CA THR A 203 21.01 -11.09 14.87
C THR A 203 21.93 -12.04 14.08
N ARG A 204 21.36 -12.97 13.34
CA ARG A 204 22.04 -13.98 12.54
C ARG A 204 22.25 -13.39 11.14
N PRO A 205 23.50 -13.14 10.70
CA PRO A 205 23.83 -12.73 9.37
C PRO A 205 23.33 -13.63 8.22
N GLU A 206 23.06 -14.87 8.50
CA GLU A 206 22.62 -15.87 7.49
C GLU A 206 21.52 -15.44 6.56
N VAL A 207 20.55 -14.76 7.16
CA VAL A 207 19.38 -14.32 6.44
C VAL A 207 19.62 -13.30 5.32
N LYS A 208 20.86 -12.77 5.21
CA LYS A 208 21.16 -11.78 4.21
C LYS A 208 20.81 -12.25 2.82
N GLU A 209 21.06 -13.49 2.50
CA GLU A 209 20.66 -14.07 1.24
C GLU A 209 19.21 -13.94 0.90
N GLN A 210 18.35 -14.27 1.86
CA GLN A 210 16.92 -14.16 1.68
C GLN A 210 16.47 -12.71 1.42
N VAL A 211 17.06 -11.85 2.19
CA VAL A 211 16.85 -10.40 2.15
C VAL A 211 17.07 -9.90 0.73
N GLN A 212 18.29 -10.20 0.25
CA GLN A 212 18.71 -9.78 -1.08
C GLN A 212 18.01 -10.51 -2.18
N SER A 213 17.62 -11.76 -1.98
CA SER A 213 16.97 -12.53 -3.04
C SER A 213 15.56 -12.02 -3.31
N MET A 214 14.80 -11.77 -2.25
CA MET A 214 13.49 -11.19 -2.44
C MET A 214 13.55 -9.75 -2.95
N GLY A 215 14.57 -9.07 -2.47
CA GLY A 215 14.91 -7.75 -2.97
C GLY A 215 14.91 -6.81 -1.79
N ALA A 216 16.08 -6.55 -1.23
CA ALA A 216 16.19 -5.66 -0.08
C ALA A 216 17.65 -5.32 0.19
N GLU A 217 17.82 -4.22 0.91
CA GLU A 217 19.10 -3.77 1.48
C GLU A 217 19.16 -4.54 2.81
N PHE A 218 20.35 -4.92 3.24
CA PHE A 218 20.47 -5.53 4.56
C PHE A 218 21.27 -4.52 5.34
N LEU A 219 21.00 -4.36 6.63
CA LEU A 219 21.79 -3.42 7.41
C LEU A 219 23.20 -3.92 7.65
N GLU A 220 24.15 -3.25 6.96
CA GLU A 220 25.55 -3.54 7.18
C GLU A 220 25.99 -2.65 8.35
N LEU A 221 26.51 -3.32 9.38
CA LEU A 221 26.90 -2.61 10.56
C LEU A 221 28.30 -2.10 10.57
N ASP A 222 28.43 -0.94 11.19
CA ASP A 222 29.70 -0.43 11.59
C ASP A 222 30.25 -1.24 12.77
N PHE A 223 30.87 -2.38 12.40
CA PHE A 223 31.42 -3.35 13.32
C PHE A 223 32.35 -4.18 12.42
N ASP A 231 32.64 -16.68 17.98
CA ASP A 231 31.92 -17.16 16.83
C ASP A 231 30.89 -16.10 16.48
N GLY A 232 30.30 -16.28 15.29
CA GLY A 232 29.32 -15.39 14.64
C GLY A 232 28.18 -14.99 15.57
N TYR A 233 27.51 -15.94 16.23
CA TYR A 233 26.39 -15.64 17.10
C TYR A 233 26.80 -14.81 18.30
N ALA A 234 27.87 -15.17 19.01
CA ALA A 234 28.31 -14.39 20.13
C ALA A 234 28.76 -12.98 19.74
N LYS A 235 29.53 -12.92 18.64
CA LYS A 235 29.93 -11.67 18.06
C LYS A 235 28.75 -10.80 17.70
N VAL A 236 27.61 -11.33 17.27
CA VAL A 236 26.39 -10.52 17.21
C VAL A 236 25.96 -10.06 18.60
N MET A 237 25.80 -11.01 19.54
CA MET A 237 25.41 -10.68 20.89
C MET A 237 26.51 -9.97 21.70
N SER A 238 27.30 -9.04 21.17
CA SER A 238 28.38 -8.48 21.91
C SER A 238 28.08 -7.01 22.17
N ASP A 239 28.70 -6.43 23.23
CA ASP A 239 28.48 -5.06 23.67
C ASP A 239 28.70 -4.08 22.52
N ALA A 240 29.80 -4.29 21.82
CA ALA A 240 30.12 -3.46 20.67
C ALA A 240 29.21 -3.73 19.48
N PHE A 241 28.75 -4.93 19.18
CA PHE A 241 27.91 -5.15 18.02
C PHE A 241 26.53 -4.57 18.27
N ILE A 242 25.92 -4.86 19.43
CA ILE A 242 24.66 -4.29 19.78
C ILE A 242 24.75 -2.77 19.96
N LYS A 243 25.89 -2.25 20.41
CA LYS A 243 26.14 -0.82 20.36
C LYS A 243 25.92 -0.37 18.91
N ALA A 244 26.60 -1.03 17.98
CA ALA A 244 26.44 -0.69 16.58
C ALA A 244 25.06 -0.90 16.03
N GLU A 245 24.31 -1.89 16.53
CA GLU A 245 22.87 -1.97 16.31
C GLU A 245 22.15 -0.69 16.71
N MET A 246 22.36 -0.19 17.92
CA MET A 246 21.70 0.99 18.43
C MET A 246 22.03 2.20 17.54
N GLU A 247 23.33 2.31 17.27
CA GLU A 247 23.90 3.31 16.39
C GLU A 247 23.31 3.16 15.00
N LEU A 248 23.07 1.98 14.45
CA LEU A 248 22.44 1.83 13.16
C LEU A 248 20.94 2.10 13.21
N PHE A 249 20.21 1.78 14.28
CA PHE A 249 18.78 2.04 14.37
C PHE A 249 18.54 3.53 14.48
N ALA A 250 19.38 4.19 15.26
CA ALA A 250 19.45 5.64 15.38
C ALA A 250 19.90 6.30 14.05
N ALA A 251 20.84 5.70 13.30
CA ALA A 251 21.18 6.17 11.94
C ALA A 251 20.02 6.05 10.98
N GLN A 252 19.09 5.11 11.26
CA GLN A 252 17.92 4.95 10.47
C GLN A 252 16.84 5.91 10.88
N ALA A 253 16.76 6.25 12.17
CA ALA A 253 15.53 6.78 12.78
C ALA A 253 14.91 7.93 12.00
N LYS A 254 15.68 8.93 11.53
CA LYS A 254 15.10 10.13 10.91
C LYS A 254 14.70 9.88 9.46
N GLU A 255 15.12 8.76 8.90
CA GLU A 255 14.78 8.47 7.52
C GLU A 255 13.72 7.37 7.45
N VAL A 256 13.68 6.40 8.37
CA VAL A 256 12.81 5.24 8.26
C VAL A 256 11.32 5.47 8.38
N ASP A 257 10.61 4.57 7.73
CA ASP A 257 9.17 4.68 7.55
C ASP A 257 8.50 3.58 8.31
N ILE A 258 8.86 2.31 8.07
CA ILE A 258 8.23 1.20 8.76
C ILE A 258 9.39 0.52 9.37
N ILE A 259 9.35 0.38 10.67
CA ILE A 259 10.19 -0.56 11.36
C ILE A 259 9.26 -1.74 11.60
N VAL A 260 9.66 -2.94 11.21
CA VAL A 260 8.84 -4.10 11.49
C VAL A 260 9.70 -4.81 12.53
N THR A 261 9.31 -4.72 13.77
CA THR A 261 10.01 -5.33 14.86
C THR A 261 9.57 -6.75 15.11
N THR A 262 10.21 -7.59 14.31
CA THR A 262 9.89 -8.99 14.31
C THR A 262 10.75 -9.88 15.18
N ALA A 263 11.58 -9.36 16.10
CA ALA A 263 12.46 -10.22 16.89
C ALA A 263 11.76 -10.81 18.11
N LEU A 264 10.80 -11.68 17.85
CA LEU A 264 10.09 -12.39 18.95
C LEU A 264 10.99 -13.56 19.35
N ILE A 265 11.75 -13.38 20.43
CA ILE A 265 12.67 -14.39 20.83
C ILE A 265 11.88 -15.53 21.50
N PRO A 266 12.25 -16.79 21.22
CA PRO A 266 11.73 -17.94 21.94
C PRO A 266 12.03 -17.90 23.42
N GLY A 267 10.95 -17.77 24.21
CA GLY A 267 10.99 -17.80 25.66
C GLY A 267 11.41 -16.41 26.13
N LYS A 268 12.73 -16.14 25.97
CA LYS A 268 13.41 -14.91 26.39
C LYS A 268 12.71 -13.67 25.88
N PRO A 269 12.61 -12.59 26.67
CA PRO A 269 12.04 -11.33 26.29
C PRO A 269 12.74 -10.76 25.05
N ALA A 270 11.96 -10.26 24.13
CA ALA A 270 12.51 -9.50 22.99
C ALA A 270 13.38 -8.33 23.49
N PRO A 271 14.60 -8.18 22.97
CA PRO A 271 15.51 -7.10 23.32
C PRO A 271 14.87 -5.74 23.11
N LYS A 272 14.91 -4.88 24.12
CA LYS A 272 14.36 -3.53 24.06
C LYS A 272 15.27 -2.56 23.28
N LEU A 273 15.24 -2.87 21.99
CA LEU A 273 16.20 -2.39 21.04
C LEU A 273 16.01 -0.91 20.79
N ILE A 274 14.81 -0.57 20.36
CA ILE A 274 14.54 0.80 19.96
C ILE A 274 14.21 1.57 21.22
N THR A 275 15.15 2.40 21.66
CA THR A 275 14.97 3.18 22.85
C THR A 275 13.89 4.22 22.68
N ARG A 276 13.27 4.67 23.77
CA ARG A 276 12.35 5.79 23.72
C ARG A 276 13.05 7.01 23.10
N GLU A 277 14.35 7.17 23.34
CA GLU A 277 15.20 8.09 22.61
C GLU A 277 15.06 7.97 21.10
N MET A 278 15.23 6.79 20.54
CA MET A 278 15.16 6.59 19.10
C MET A 278 13.73 6.78 18.54
N VAL A 279 12.72 6.38 19.30
CA VAL A 279 11.34 6.54 18.89
C VAL A 279 11.09 8.05 18.75
N ASP A 280 11.42 8.84 19.78
CA ASP A 280 11.40 10.27 19.63
C ASP A 280 12.26 10.88 18.55
N SER A 281 13.42 10.28 18.26
CA SER A 281 14.24 10.74 17.17
C SER A 281 13.76 10.23 15.80
N MET A 282 12.72 9.40 15.69
CA MET A 282 12.25 8.91 14.42
C MET A 282 11.58 9.91 13.50
N LYS A 283 11.57 9.58 12.22
CA LYS A 283 10.77 10.28 11.27
C LYS A 283 9.32 10.07 11.61
N ALA A 284 8.69 11.20 11.45
CA ALA A 284 7.24 11.35 11.72
C ALA A 284 6.43 10.70 10.59
N GLY A 285 5.17 10.34 10.87
CA GLY A 285 4.30 9.71 9.87
C GLY A 285 4.72 8.27 9.61
N SER A 286 5.37 7.71 10.60
CA SER A 286 6.00 6.42 10.43
C SER A 286 5.47 5.43 11.46
N VAL A 287 5.78 4.14 11.31
CA VAL A 287 5.20 3.07 12.10
C VAL A 287 6.32 2.18 12.60
N ILE A 288 6.21 1.70 13.84
CA ILE A 288 7.00 0.60 14.37
C ILE A 288 5.89 -0.41 14.56
N VAL A 289 5.78 -1.38 13.68
CA VAL A 289 4.87 -2.49 13.87
C VAL A 289 5.60 -3.54 14.64
N ASP A 290 5.38 -3.52 15.94
CA ASP A 290 6.08 -4.39 16.84
C ASP A 290 5.37 -5.71 16.98
N LEU A 291 5.88 -6.71 16.25
CA LEU A 291 5.34 -8.06 16.31
C LEU A 291 5.79 -8.69 17.62
N ALA A 292 7.02 -8.33 18.05
CA ALA A 292 7.56 -8.84 19.29
C ALA A 292 6.78 -8.44 20.52
N ALA A 293 5.86 -7.48 20.47
CA ALA A 293 5.00 -7.07 21.54
C ALA A 293 4.46 -8.06 22.55
N GLN A 294 4.11 -9.26 22.06
CA GLN A 294 3.62 -10.29 22.98
C GLN A 294 4.68 -10.78 23.97
N ASN A 295 5.97 -10.64 23.68
CA ASN A 295 7.01 -11.04 24.62
C ASN A 295 8.13 -10.02 24.52
N GLY A 296 7.99 -8.95 25.29
CA GLY A 296 9.05 -7.94 25.35
C GLY A 296 8.67 -6.70 24.62
N GLY A 297 8.57 -6.82 23.28
CA GLY A 297 8.30 -5.66 22.47
C GLY A 297 9.65 -5.03 22.20
N ASN A 298 10.14 -5.06 20.94
CA ASN A 298 11.51 -4.63 20.66
C ASN A 298 11.71 -3.11 20.80
N CYS A 299 10.60 -2.39 20.67
CA CYS A 299 10.55 -0.98 20.93
C CYS A 299 10.22 -0.88 22.40
N GLU A 300 10.77 0.10 23.09
CA GLU A 300 10.44 0.37 24.47
C GLU A 300 9.13 1.08 24.61
N TYR A 301 8.68 1.74 23.54
CA TYR A 301 7.33 2.25 23.58
C TYR A 301 6.23 1.29 23.16
N THR A 302 6.47 -0.01 22.99
CA THR A 302 5.47 -0.93 22.49
C THR A 302 4.37 -1.12 23.52
N VAL A 303 3.17 -0.67 23.18
CA VAL A 303 2.02 -1.01 24.00
C VAL A 303 1.52 -2.38 23.53
N PRO A 304 1.57 -3.42 24.38
CA PRO A 304 1.16 -4.76 24.00
C PRO A 304 -0.33 -4.86 23.81
N GLY A 305 -0.73 -4.79 22.53
CA GLY A 305 -2.07 -5.06 22.10
C GLY A 305 -2.76 -3.83 21.52
N GLU A 306 -2.02 -2.75 21.22
CA GLU A 306 -2.66 -1.53 20.80
C GLU A 306 -1.65 -0.69 20.04
N ILE A 307 -2.06 0.38 19.37
CA ILE A 307 -1.16 1.33 18.69
C ILE A 307 -0.85 2.38 19.75
N PHE A 308 0.41 2.50 20.18
CA PHE A 308 0.83 3.69 20.88
C PHE A 308 1.22 4.69 19.81
N THR A 309 1.08 5.99 20.04
CA THR A 309 1.55 6.97 19.08
C THR A 309 2.30 8.08 19.81
N THR A 310 3.54 8.26 19.43
CA THR A 310 4.29 9.37 19.96
C THR A 310 3.85 10.70 19.33
N GLU A 311 4.16 11.83 19.99
CA GLU A 311 3.69 13.15 19.55
C GLU A 311 4.33 13.57 18.24
N ASN A 312 5.49 12.98 17.94
CA ASN A 312 6.17 13.22 16.66
C ASN A 312 5.49 12.47 15.54
N GLY A 313 4.56 11.59 15.87
CA GLY A 313 3.79 10.90 14.88
C GLY A 313 4.41 9.56 14.54
N VAL A 314 4.86 8.78 15.51
CA VAL A 314 5.21 7.42 15.19
C VAL A 314 4.16 6.52 15.80
N LYS A 315 3.53 5.70 14.95
CA LYS A 315 2.57 4.72 15.37
C LYS A 315 3.29 3.44 15.77
N VAL A 316 3.49 3.28 17.07
CA VAL A 316 4.12 2.08 17.61
C VAL A 316 2.98 1.08 17.74
N ILE A 317 2.74 0.38 16.65
CA ILE A 317 1.68 -0.58 16.57
C ILE A 317 2.14 -1.90 17.16
N GLY A 318 1.85 -2.03 18.45
CA GLY A 318 2.13 -3.24 19.19
C GLY A 318 1.02 -4.29 19.08
N TYR A 319 0.60 -4.66 17.86
CA TYR A 319 -0.59 -5.51 17.76
C TYR A 319 -0.11 -6.94 17.86
N THR A 320 -0.39 -7.45 19.05
CA THR A 320 -0.13 -8.82 19.39
C THR A 320 -1.02 -9.78 18.57
N ASP A 321 -2.24 -9.35 18.48
CA ASP A 321 -3.32 -10.04 17.83
C ASP A 321 -3.25 -10.18 16.31
N LEU A 322 -2.15 -9.82 15.66
CA LEU A 322 -1.94 -9.96 14.20
C LEU A 322 -2.35 -11.28 13.57
N PRO A 323 -2.15 -12.48 14.16
CA PRO A 323 -2.74 -13.71 13.67
C PRO A 323 -4.27 -13.67 13.57
N GLY A 324 -4.88 -13.14 14.65
CA GLY A 324 -6.31 -12.96 14.75
C GLY A 324 -6.82 -12.06 13.67
N ARG A 325 -6.08 -10.97 13.47
CA ARG A 325 -6.45 -9.97 12.48
C ARG A 325 -6.48 -10.51 11.06
N LEU A 326 -5.67 -11.50 10.76
CA LEU A 326 -5.80 -12.23 9.53
C LEU A 326 -6.36 -13.65 9.79
N PRO A 327 -7.62 -13.80 10.20
CA PRO A 327 -8.16 -15.01 10.79
C PRO A 327 -8.12 -16.17 9.83
N THR A 328 -8.72 -16.10 8.67
CA THR A 328 -8.83 -17.20 7.72
C THR A 328 -7.43 -17.66 7.29
N GLN A 329 -6.48 -16.75 7.28
CA GLN A 329 -5.15 -17.10 6.79
C GLN A 329 -4.37 -17.86 7.89
N SER A 330 -4.57 -17.56 9.16
CA SER A 330 -4.12 -18.41 10.26
C SER A 330 -4.77 -19.80 10.09
N SER A 331 -6.07 -19.82 10.01
CA SER A 331 -6.80 -21.07 10.01
C SER A 331 -6.53 -21.94 8.78
N GLN A 332 -6.06 -21.31 7.70
CA GLN A 332 -5.65 -22.05 6.52
C GLN A 332 -4.15 -22.34 6.56
N LEU A 333 -3.26 -21.39 6.70
CA LEU A 333 -1.84 -21.70 6.70
C LEU A 333 -1.39 -22.42 7.96
N TYR A 334 -1.61 -21.85 9.15
CA TYR A 334 -1.38 -22.53 10.42
C TYR A 334 -2.22 -23.79 10.47
N GLY A 335 -3.48 -23.73 10.03
CA GLY A 335 -4.31 -24.90 9.82
C GLY A 335 -3.56 -26.01 9.07
N THR A 336 -2.94 -25.68 7.94
CA THR A 336 -2.10 -26.64 7.23
C THR A 336 -0.79 -26.92 7.97
N ASN A 337 -0.25 -26.12 8.88
CA ASN A 337 0.89 -26.52 9.71
C ASN A 337 0.53 -27.70 10.56
N LEU A 338 -0.67 -27.55 11.16
CA LEU A 338 -1.33 -28.56 11.98
C LEU A 338 -1.54 -29.86 11.25
N VAL A 339 -2.16 -29.76 10.05
CA VAL A 339 -2.45 -30.90 9.20
C VAL A 339 -1.09 -31.48 8.82
N ASN A 340 -0.08 -30.67 8.48
CA ASN A 340 1.26 -31.13 8.11
C ASN A 340 1.94 -31.93 9.18
N LEU A 341 1.77 -31.57 10.44
CA LEU A 341 2.13 -32.44 11.56
C LEU A 341 1.34 -33.75 11.46
N LEU A 342 0.00 -33.70 11.34
CA LEU A 342 -0.83 -34.90 11.22
C LEU A 342 -0.58 -35.73 9.96
N LYS A 343 0.05 -35.20 8.90
CA LYS A 343 0.45 -35.97 7.75
C LYS A 343 1.58 -36.91 8.14
N LEU A 344 2.49 -36.46 9.02
CA LEU A 344 3.46 -37.35 9.59
C LEU A 344 2.82 -38.35 10.58
N LEU A 345 1.87 -37.87 11.36
CA LEU A 345 1.24 -38.69 12.36
C LEU A 345 0.35 -39.84 11.86
N CYS A 346 -0.52 -39.48 10.91
CA CYS A 346 -1.38 -40.43 10.25
C CYS A 346 -0.49 -41.00 9.18
N LYS A 347 0.09 -42.19 9.37
CA LYS A 347 1.00 -42.75 8.40
C LYS A 347 0.27 -43.47 7.30
N GLU A 348 -0.31 -44.62 7.64
CA GLU A 348 -0.90 -45.50 6.63
C GLU A 348 -2.20 -44.96 6.03
N LYS A 349 -2.79 -43.96 6.73
CA LYS A 349 -4.09 -43.40 6.44
C LYS A 349 -5.17 -44.48 6.27
N ASP A 350 -5.57 -45.45 7.11
CA ASP A 350 -5.39 -45.45 8.58
C ASP A 350 -6.13 -44.34 9.30
N GLY A 351 -5.67 -43.10 9.30
CA GLY A 351 -6.39 -42.06 10.01
C GLY A 351 -6.28 -42.23 11.51
N ASN A 352 -5.08 -42.37 12.08
CA ASN A 352 -4.86 -42.38 13.56
C ASN A 352 -3.52 -41.73 13.80
N ILE A 353 -3.38 -41.20 15.01
CA ILE A 353 -2.20 -40.49 15.41
C ILE A 353 -1.18 -41.41 16.03
N THR A 354 -0.04 -41.31 15.38
CA THR A 354 1.20 -41.87 15.90
C THR A 354 1.98 -40.74 16.51
N VAL A 355 2.10 -40.74 17.83
CA VAL A 355 2.90 -39.73 18.48
C VAL A 355 4.32 -40.24 18.47
N ASP A 356 4.94 -40.01 17.32
CA ASP A 356 6.26 -40.52 17.06
C ASP A 356 7.39 -39.74 17.69
N PHE A 357 7.92 -40.37 18.73
CA PHE A 357 9.02 -39.81 19.48
C PHE A 357 10.39 -40.08 18.82
N ASP A 358 10.41 -40.99 17.83
CA ASP A 358 11.61 -41.20 17.01
C ASP A 358 11.91 -39.95 16.21
N ASP A 359 10.88 -39.40 15.56
CA ASP A 359 11.06 -38.13 14.85
C ASP A 359 11.36 -37.03 15.86
N VAL A 360 12.62 -36.58 15.83
CA VAL A 360 13.07 -35.48 16.67
C VAL A 360 12.17 -34.26 16.77
N VAL A 361 11.50 -33.87 15.68
CA VAL A 361 10.60 -32.72 15.72
C VAL A 361 9.27 -33.10 16.34
N ILE A 362 8.64 -34.23 16.02
CA ILE A 362 7.35 -34.61 16.61
C ILE A 362 7.49 -34.74 18.13
N ARG A 363 8.58 -35.42 18.53
CA ARG A 363 9.08 -35.34 19.88
C ARG A 363 9.12 -33.95 20.51
N GLY A 364 9.69 -32.96 19.82
CA GLY A 364 9.74 -31.59 20.30
C GLY A 364 8.36 -30.97 20.50
N VAL A 365 7.51 -31.09 19.46
CA VAL A 365 6.20 -30.48 19.35
C VAL A 365 5.38 -31.05 20.52
N THR A 366 5.35 -32.34 20.72
CA THR A 366 4.58 -32.97 21.78
C THR A 366 5.22 -32.60 23.14
N VAL A 367 4.79 -31.45 23.68
CA VAL A 367 5.29 -30.94 24.91
C VAL A 367 4.70 -31.69 26.09
N ILE A 368 3.53 -32.28 25.88
CA ILE A 368 2.92 -33.17 26.87
C ILE A 368 2.42 -34.37 26.10
N ARG A 369 2.91 -35.59 26.38
CA ARG A 369 2.26 -36.78 25.86
C ARG A 369 1.43 -37.35 26.99
N ALA A 370 0.13 -37.24 26.81
CA ALA A 370 -0.93 -37.69 27.72
C ALA A 370 -0.50 -37.60 29.19
N GLY A 371 -0.55 -36.39 29.74
CA GLY A 371 -0.23 -36.17 31.14
C GLY A 371 1.27 -36.04 31.38
N GLU A 372 2.13 -36.85 30.72
CA GLU A 372 3.57 -36.76 30.94
C GLU A 372 4.03 -35.53 30.14
N ILE A 373 4.43 -34.51 30.87
CA ILE A 373 5.02 -33.35 30.22
C ILE A 373 6.37 -33.84 29.72
N THR A 374 6.43 -34.02 28.40
CA THR A 374 7.65 -34.46 27.73
C THR A 374 8.58 -33.36 27.33
N TRP A 375 8.14 -32.13 27.52
CA TRP A 375 8.99 -30.95 27.47
C TRP A 375 9.90 -31.01 28.72
N PRO A 376 11.16 -30.52 28.78
CA PRO A 376 11.93 -30.01 27.65
C PRO A 376 12.30 -31.01 26.59
N ALA A 377 12.53 -30.45 25.42
CA ALA A 377 12.80 -31.23 24.23
C ALA A 377 14.26 -31.03 23.78
N PRO A 378 14.90 -31.98 23.11
CA PRO A 378 16.29 -31.83 22.67
C PRO A 378 16.61 -30.65 21.76
N PRO A 379 17.80 -30.04 21.87
CA PRO A 379 18.32 -29.03 20.95
C PRO A 379 18.62 -29.60 19.56
N ILE A 380 18.80 -30.79 19.36
N HIS B 5 2.74 43.08 5.16
CA HIS B 5 1.90 41.93 5.48
C HIS B 5 2.57 40.69 4.88
N HIS B 6 2.13 39.47 5.17
CA HIS B 6 2.76 38.25 4.66
C HIS B 6 2.50 37.96 3.20
N HIS B 7 3.17 38.73 2.35
CA HIS B 7 2.98 38.70 0.91
C HIS B 7 3.60 37.41 0.37
N GLY B 8 2.87 36.63 -0.43
CA GLY B 8 3.30 35.31 -0.87
C GLY B 8 3.39 34.27 0.21
N ARG B 9 2.78 34.48 1.39
CA ARG B 9 2.80 33.46 2.39
C ARG B 9 1.59 32.55 2.18
N ILE B 10 1.94 31.27 2.15
CA ILE B 10 0.98 30.20 2.26
C ILE B 10 0.75 30.01 3.75
N GLY B 11 -0.51 29.88 4.10
CA GLY B 11 -0.90 29.40 5.42
C GLY B 11 -1.60 28.10 5.22
N ILE B 12 -1.15 27.05 5.88
CA ILE B 12 -1.77 25.77 5.91
C ILE B 12 -2.54 25.74 7.24
N PRO B 13 -3.85 25.86 7.29
CA PRO B 13 -4.63 25.69 8.51
C PRO B 13 -4.71 24.22 8.85
N ARG B 14 -4.71 24.08 10.17
CA ARG B 14 -4.96 22.79 10.78
C ARG B 14 -6.45 22.58 10.61
N GLU B 15 -6.87 21.58 9.79
CA GLU B 15 -8.26 21.23 9.61
C GLU B 15 -9.19 21.19 10.82
N ARG B 16 -10.43 21.57 10.53
CA ARG B 16 -11.50 21.73 11.46
C ARG B 16 -12.67 20.82 11.12
N LEU B 17 -12.64 20.19 9.92
CA LEU B 17 -13.65 19.19 9.53
C LEU B 17 -13.62 17.96 10.38
N THR B 18 -14.81 17.40 10.64
CA THR B 18 -15.01 16.20 11.45
C THR B 18 -14.38 15.00 10.68
N ASN B 19 -13.61 14.15 11.39
CA ASN B 19 -12.90 13.00 10.85
C ASN B 19 -12.05 13.26 9.64
N GLU B 20 -11.17 14.24 9.80
CA GLU B 20 -10.31 14.66 8.72
C GLU B 20 -8.91 14.88 9.27
N THR B 21 -7.98 14.07 8.75
CA THR B 21 -6.57 14.18 9.05
C THR B 21 -5.76 14.62 7.85
N ARG B 22 -6.41 14.84 6.70
CA ARG B 22 -5.69 15.39 5.58
C ARG B 22 -5.36 16.84 5.97
N VAL B 23 -4.18 17.32 5.61
CA VAL B 23 -3.83 18.72 5.75
C VAL B 23 -3.07 19.07 4.49
N ALA B 24 -2.48 20.24 4.33
CA ALA B 24 -1.68 20.52 3.15
C ALA B 24 -0.18 20.64 3.44
N ALA B 25 0.19 20.44 4.69
CA ALA B 25 1.57 20.54 5.13
C ALA B 25 2.29 19.20 5.01
N THR B 26 3.46 19.20 4.38
CA THR B 26 4.38 18.09 4.30
C THR B 26 5.76 18.71 4.02
N PRO B 27 6.85 18.14 4.49
CA PRO B 27 8.19 18.72 4.38
C PRO B 27 8.64 18.90 2.94
N LYS B 28 8.64 17.87 2.07
CA LYS B 28 8.98 17.97 0.64
C LYS B 28 8.20 19.12 0.03
N THR B 29 6.90 19.14 0.30
CA THR B 29 5.98 20.20 -0.07
C THR B 29 6.49 21.54 0.33
N VAL B 30 6.85 21.79 1.61
CA VAL B 30 7.36 23.08 2.09
C VAL B 30 8.63 23.40 1.33
N GLU B 31 9.51 22.44 1.02
CA GLU B 31 10.74 22.74 0.33
C GLU B 31 10.48 23.21 -1.11
N GLN B 32 9.60 22.47 -1.78
CA GLN B 32 9.16 22.78 -3.11
C GLN B 32 8.55 24.20 -3.11
N LEU B 33 7.70 24.51 -2.14
CA LEU B 33 7.02 25.80 -2.04
C LEU B 33 8.05 26.92 -1.83
N LEU B 34 9.04 26.73 -0.93
CA LEU B 34 10.14 27.66 -0.77
C LEU B 34 10.95 27.80 -2.05
N LYS B 35 11.11 26.72 -2.83
CA LYS B 35 11.87 26.81 -4.07
C LYS B 35 11.05 27.58 -5.11
N LEU B 36 9.72 27.54 -5.09
CA LEU B 36 8.95 28.44 -5.92
C LEU B 36 8.97 29.83 -5.33
N GLY B 37 9.26 30.03 -4.06
CA GLY B 37 9.31 31.37 -3.49
C GLY B 37 8.02 31.68 -2.70
N PHE B 38 7.30 30.64 -2.34
CA PHE B 38 6.18 30.80 -1.43
C PHE B 38 6.69 30.41 -0.05
N THR B 39 6.61 31.43 0.81
CA THR B 39 6.86 31.24 2.23
C THR B 39 5.80 30.36 2.87
N VAL B 40 6.12 29.44 3.78
CA VAL B 40 5.15 28.49 4.31
C VAL B 40 4.99 28.82 5.79
N ALA B 41 3.76 28.94 6.19
CA ALA B 41 3.36 28.96 7.57
C ALA B 41 2.35 27.82 7.71
N VAL B 42 2.51 27.04 8.79
CA VAL B 42 1.65 25.92 9.05
C VAL B 42 1.04 26.23 10.41
N GLU B 43 -0.23 25.89 10.65
CA GLU B 43 -0.80 26.04 11.97
C GLU B 43 -0.37 24.90 12.89
N SER B 44 -0.02 25.18 14.15
CA SER B 44 0.37 24.22 15.19
C SER B 44 -0.69 23.13 15.34
N GLY B 45 -0.33 21.89 15.03
CA GLY B 45 -1.23 20.80 15.09
C GLY B 45 -1.51 20.17 13.74
N ALA B 46 -1.23 20.90 12.67
CA ALA B 46 -1.45 20.37 11.33
C ALA B 46 -0.51 19.21 11.06
N GLY B 47 0.66 19.26 11.68
CA GLY B 47 1.54 18.10 11.79
C GLY B 47 0.80 16.93 12.44
N GLN B 48 0.24 17.11 13.63
CA GLN B 48 -0.52 16.07 14.31
C GLN B 48 -1.65 15.46 13.46
N LEU B 49 -2.32 16.33 12.72
CA LEU B 49 -3.15 15.89 11.63
C LEU B 49 -2.50 14.98 10.59
N ALA B 50 -1.37 15.43 10.02
CA ALA B 50 -0.58 14.57 9.15
C ALA B 50 0.20 13.42 9.80
N SER B 51 -0.16 13.04 11.05
CA SER B 51 0.55 12.03 11.86
C SER B 51 2.06 12.35 11.96
N PHE B 52 2.28 13.66 12.15
CA PHE B 52 3.60 14.23 12.18
C PHE B 52 3.71 15.04 13.46
N ASP B 53 4.93 15.43 13.78
CA ASP B 53 5.07 16.65 14.51
C ASP B 53 5.40 17.74 13.51
N ASP B 54 4.74 18.85 13.77
CA ASP B 54 4.97 20.13 13.09
C ASP B 54 6.45 20.49 13.07
N LYS B 55 7.18 20.18 14.13
CA LYS B 55 8.66 20.18 14.12
C LYS B 55 9.33 19.74 12.82
N ALA B 56 8.89 18.66 12.17
CA ALA B 56 9.49 18.24 10.90
C ALA B 56 9.29 19.26 9.78
N PHE B 57 8.21 20.05 9.84
CA PHE B 57 7.98 21.10 8.88
C PHE B 57 8.92 22.26 9.17
N VAL B 58 9.16 22.59 10.46
CA VAL B 58 10.16 23.57 10.85
C VAL B 58 11.48 23.17 10.21
N GLN B 59 11.91 21.91 10.36
CA GLN B 59 13.10 21.40 9.74
C GLN B 59 13.11 21.60 8.20
N ALA B 60 11.95 21.53 7.53
CA ALA B 60 11.93 21.72 6.09
C ALA B 60 11.97 23.21 5.71
N GLY B 61 11.59 24.12 6.57
CA GLY B 61 11.77 25.55 6.38
C GLY B 61 10.44 26.27 6.60
N ALA B 62 9.49 25.66 7.30
CA ALA B 62 8.20 26.27 7.52
C ALA B 62 8.09 26.89 8.90
N GLU B 63 7.43 28.06 8.98
CA GLU B 63 7.05 28.74 10.18
C GLU B 63 5.84 28.03 10.77
N ILE B 64 5.91 27.71 12.05
CA ILE B 64 4.70 27.28 12.72
C ILE B 64 4.16 28.50 13.44
N VAL B 65 2.89 28.77 13.23
CA VAL B 65 2.09 29.75 13.96
C VAL B 65 1.07 28.99 14.80
N GLU B 66 0.59 29.55 15.92
CA GLU B 66 -0.32 28.84 16.82
C GLU B 66 -1.67 28.51 16.23
N GLY B 67 -2.29 29.49 15.63
CA GLY B 67 -3.62 29.29 15.10
C GLY B 67 -3.91 30.27 14.00
N ASN B 68 -4.82 31.22 14.27
CA ASN B 68 -5.42 32.15 13.32
C ASN B 68 -4.43 33.05 12.57
N SER B 69 -3.26 33.33 13.11
CA SER B 69 -2.14 33.92 12.37
C SER B 69 -1.86 33.21 11.04
N VAL B 70 -2.15 31.90 10.90
CA VAL B 70 -2.07 31.23 9.64
C VAL B 70 -2.95 31.80 8.53
N TRP B 71 -4.08 32.42 8.90
CA TRP B 71 -4.98 33.02 7.94
C TRP B 71 -4.43 34.32 7.37
N GLN B 72 -3.45 34.93 8.05
CA GLN B 72 -2.84 36.16 7.59
C GLN B 72 -1.76 35.79 6.54
N SER B 73 -2.20 35.26 5.41
CA SER B 73 -1.29 34.73 4.43
C SER B 73 -2.07 34.82 3.12
N GLU B 74 -1.41 35.03 1.99
CA GLU B 74 -2.14 35.28 0.77
C GLU B 74 -2.67 34.05 0.03
N ILE B 75 -2.15 32.89 0.40
CA ILE B 75 -2.61 31.67 -0.22
C ILE B 75 -3.03 30.83 0.99
N ILE B 76 -4.32 30.49 1.11
CA ILE B 76 -4.79 29.69 2.23
C ILE B 76 -5.08 28.31 1.68
N LEU B 77 -4.29 27.33 2.16
CA LEU B 77 -4.40 25.98 1.66
C LEU B 77 -5.07 25.07 2.67
N LYS B 78 -6.41 25.15 2.74
CA LYS B 78 -7.18 24.21 3.53
C LYS B 78 -7.38 22.90 2.77
N VAL B 79 -7.84 21.86 3.45
CA VAL B 79 -8.28 20.67 2.75
C VAL B 79 -9.76 20.88 2.52
N ASN B 80 -10.63 20.56 3.47
CA ASN B 80 -12.05 20.58 3.19
C ASN B 80 -12.72 21.83 3.75
N ALA B 81 -14.05 21.83 3.72
CA ALA B 81 -14.93 22.95 4.05
C ALA B 81 -14.47 23.94 5.16
N PRO B 82 -14.40 25.27 4.87
CA PRO B 82 -14.27 26.29 5.88
C PRO B 82 -15.53 26.39 6.73
N LEU B 83 -15.43 26.33 8.07
CA LEU B 83 -16.54 26.66 8.94
C LEU B 83 -16.65 28.19 8.97
N ASP B 84 -17.81 28.71 9.38
CA ASP B 84 -18.12 30.13 9.35
C ASP B 84 -17.13 31.06 10.01
N ASP B 85 -16.52 30.61 11.10
CA ASP B 85 -15.42 31.37 11.71
C ASP B 85 -14.22 31.48 10.76
N GLU B 86 -13.91 30.37 10.11
CA GLU B 86 -12.82 30.26 9.15
C GLU B 86 -13.14 31.12 7.94
N ILE B 87 -14.40 31.16 7.58
CA ILE B 87 -14.94 32.03 6.54
C ILE B 87 -14.68 33.46 7.01
N ALA B 88 -15.06 33.86 8.22
CA ALA B 88 -14.87 35.19 8.76
C ALA B 88 -13.41 35.60 8.78
N LEU B 89 -12.49 34.65 8.92
CA LEU B 89 -11.07 34.96 8.90
C LEU B 89 -10.53 35.33 7.50
N LEU B 90 -11.19 34.80 6.47
CA LEU B 90 -10.69 35.02 5.12
C LEU B 90 -10.78 36.51 4.79
N ASN B 91 -9.61 37.13 4.66
CA ASN B 91 -9.50 38.46 4.09
C ASN B 91 -9.79 38.40 2.61
N PRO B 92 -10.52 39.35 1.99
CA PRO B 92 -10.77 39.34 0.56
C PRO B 92 -9.55 39.29 -0.35
N GLY B 93 -9.69 38.73 -1.53
CA GLY B 93 -8.62 38.56 -2.49
C GLY B 93 -7.61 37.48 -2.19
N THR B 94 -7.66 36.87 -1.01
CA THR B 94 -6.74 35.80 -0.67
C THR B 94 -7.13 34.57 -1.47
N THR B 95 -6.14 33.84 -1.97
CA THR B 95 -6.31 32.72 -2.86
C THR B 95 -6.65 31.51 -1.98
N LEU B 96 -7.93 31.19 -1.84
CA LEU B 96 -8.36 30.04 -1.08
C LEU B 96 -8.48 28.79 -1.97
N VAL B 97 -7.41 27.99 -1.83
CA VAL B 97 -7.32 26.82 -2.68
C VAL B 97 -7.67 25.58 -1.89
N SER B 98 -8.81 24.93 -2.06
CA SER B 98 -9.27 23.86 -1.18
C SER B 98 -10.38 23.01 -1.78
N PHE B 99 -10.73 21.86 -1.19
CA PHE B 99 -11.91 21.10 -1.54
C PHE B 99 -13.18 21.91 -1.19
N ILE B 100 -13.64 22.66 -2.17
CA ILE B 100 -14.80 23.50 -1.95
C ILE B 100 -16.09 22.76 -2.27
N TRP B 101 -15.98 21.88 -3.25
CA TRP B 101 -17.12 21.12 -3.79
C TRP B 101 -18.23 22.03 -4.32
N PRO B 102 -18.00 22.98 -5.27
CA PRO B 102 -19.02 23.89 -5.81
C PRO B 102 -20.27 23.18 -6.26
N ALA B 103 -20.12 21.98 -6.80
CA ALA B 103 -21.26 21.10 -7.06
C ALA B 103 -22.06 20.86 -5.80
N GLN B 104 -21.42 20.35 -4.75
CA GLN B 104 -22.18 19.98 -3.56
C GLN B 104 -22.56 21.18 -2.67
N ASN B 105 -21.86 22.30 -2.74
CA ASN B 105 -22.01 23.29 -1.68
C ASN B 105 -22.27 24.68 -2.26
N PRO B 106 -23.52 25.00 -2.65
CA PRO B 106 -23.83 26.32 -3.13
C PRO B 106 -23.66 27.43 -2.10
N GLU B 107 -24.23 27.23 -0.89
CA GLU B 107 -24.21 28.25 0.14
C GLU B 107 -22.76 28.54 0.51
N LEU B 108 -21.88 27.52 0.50
CA LEU B 108 -20.46 27.71 0.75
C LEU B 108 -19.86 28.63 -0.29
N MET B 109 -20.17 28.40 -1.59
CA MET B 109 -19.71 29.27 -2.66
C MET B 109 -20.17 30.73 -2.49
N GLN B 110 -21.39 30.87 -2.02
CA GLN B 110 -21.95 32.16 -1.71
C GLN B 110 -21.23 32.88 -0.59
N LYS B 111 -20.96 32.13 0.50
CA LYS B 111 -20.26 32.69 1.62
C LYS B 111 -18.83 33.07 1.22
N LEU B 112 -18.20 32.28 0.35
CA LEU B 112 -16.85 32.62 -0.10
C LEU B 112 -16.85 33.80 -1.07
N ALA B 113 -17.93 33.96 -1.82
CA ALA B 113 -18.19 35.11 -2.68
C ALA B 113 -18.25 36.32 -1.82
N GLU B 114 -19.03 36.28 -0.73
CA GLU B 114 -19.05 37.34 0.29
C GLU B 114 -17.66 37.62 0.82
N ARG B 115 -16.82 36.62 1.06
CA ARG B 115 -15.47 36.88 1.52
C ARG B 115 -14.57 37.43 0.45
N ASN B 116 -15.06 37.41 -0.81
CA ASN B 116 -14.42 38.04 -1.97
C ASN B 116 -13.05 37.38 -2.26
N VAL B 117 -12.91 36.09 -1.94
CA VAL B 117 -11.62 35.43 -2.02
C VAL B 117 -11.38 34.76 -3.36
N THR B 118 -10.13 34.58 -3.75
CA THR B 118 -9.85 33.96 -4.99
C THR B 118 -9.93 32.47 -4.75
N VAL B 119 -11.08 31.88 -4.96
CA VAL B 119 -11.33 30.49 -4.63
C VAL B 119 -10.95 29.61 -5.80
N MET B 120 -10.03 28.68 -5.54
CA MET B 120 -9.59 27.70 -6.50
C MET B 120 -10.01 26.38 -5.94
N ALA B 121 -10.90 25.66 -6.61
CA ALA B 121 -11.43 24.46 -5.97
C ALA B 121 -10.66 23.23 -6.41
N MET B 122 -9.86 22.70 -5.49
CA MET B 122 -8.99 21.57 -5.76
C MET B 122 -9.66 20.30 -6.30
N ASP B 123 -10.93 20.19 -5.94
CA ASP B 123 -11.82 19.13 -6.35
C ASP B 123 -12.48 19.47 -7.71
N SER B 124 -12.87 20.75 -7.90
CA SER B 124 -13.44 21.19 -9.16
C SER B 124 -12.39 21.89 -10.03
N VAL B 125 -11.14 21.44 -9.86
CA VAL B 125 -10.17 21.51 -10.95
C VAL B 125 -10.79 20.60 -11.99
N PRO B 126 -11.14 21.05 -13.20
CA PRO B 126 -11.80 20.21 -14.19
C PRO B 126 -10.95 19.02 -14.64
N ARG B 127 -11.60 17.97 -15.20
CA ARG B 127 -10.91 16.79 -15.68
C ARG B 127 -10.25 17.08 -17.03
N ILE B 128 -9.47 18.18 -17.08
CA ILE B 128 -8.96 18.69 -18.35
C ILE B 128 -7.46 18.68 -18.34
N SER B 129 -6.93 18.38 -19.50
CA SER B 129 -5.52 18.22 -19.83
C SER B 129 -4.46 18.61 -18.82
N ARG B 130 -3.96 19.86 -18.78
CA ARG B 130 -2.96 20.21 -17.78
C ARG B 130 -3.49 20.30 -16.37
N ALA B 131 -4.75 20.67 -16.23
CA ALA B 131 -5.39 20.83 -14.93
C ALA B 131 -5.32 19.54 -14.15
N GLN B 132 -5.40 18.36 -14.79
CA GLN B 132 -5.28 17.08 -14.13
C GLN B 132 -3.99 16.80 -13.39
N SER B 133 -2.95 17.63 -13.52
CA SER B 133 -1.78 17.53 -12.63
C SER B 133 -1.91 18.40 -11.37
N LEU B 134 -2.59 19.52 -11.61
CA LEU B 134 -2.93 20.49 -10.58
C LEU B 134 -4.02 19.94 -9.65
N ASP B 135 -4.85 19.08 -10.24
CA ASP B 135 -5.98 18.46 -9.62
C ASP B 135 -5.68 17.56 -8.42
N ALA B 136 -6.39 17.87 -7.33
CA ALA B 136 -6.29 17.08 -6.09
C ALA B 136 -6.93 15.74 -6.33
N LEU B 137 -8.02 15.65 -7.07
CA LEU B 137 -8.74 14.41 -7.23
C LEU B 137 -8.00 13.33 -7.97
N SER B 138 -6.91 13.62 -8.68
CA SER B 138 -6.03 12.57 -9.17
C SER B 138 -5.36 11.97 -7.94
N SER B 139 -4.70 12.81 -7.15
CA SER B 139 -4.00 12.42 -5.93
C SER B 139 -4.89 11.67 -4.93
N MET B 140 -6.00 12.29 -4.54
CA MET B 140 -7.00 11.68 -3.65
C MET B 140 -7.48 10.33 -4.16
N ALA B 141 -7.78 10.27 -5.46
CA ALA B 141 -8.04 8.98 -6.07
C ALA B 141 -6.88 7.99 -5.89
N ASN B 142 -5.65 8.36 -6.25
CA ASN B 142 -4.47 7.54 -6.02
C ASN B 142 -4.30 7.12 -4.56
N ILE B 143 -4.72 7.99 -3.63
CA ILE B 143 -4.68 7.59 -2.22
C ILE B 143 -5.73 6.51 -2.03
N ALA B 144 -6.98 6.80 -2.40
CA ALA B 144 -8.13 5.96 -2.15
C ALA B 144 -7.97 4.58 -2.76
N GLY B 145 -7.27 4.45 -3.86
CA GLY B 145 -6.97 3.13 -4.44
C GLY B 145 -6.06 2.31 -3.54
N TYR B 146 -4.87 2.85 -3.24
CA TYR B 146 -3.91 2.15 -2.38
C TYR B 146 -4.59 1.91 -1.01
N ARG B 147 -5.20 2.95 -0.45
CA ARG B 147 -5.85 2.87 0.87
C ARG B 147 -7.02 1.90 0.77
N ALA B 148 -7.69 1.69 -0.36
CA ALA B 148 -8.72 0.65 -0.48
C ALA B 148 -8.08 -0.69 -0.26
N ILE B 149 -6.95 -1.01 -0.89
CA ILE B 149 -6.19 -2.25 -0.71
C ILE B 149 -5.74 -2.35 0.75
N VAL B 150 -5.31 -1.25 1.38
CA VAL B 150 -4.91 -1.19 2.77
C VAL B 150 -6.07 -1.50 3.71
N GLU B 151 -7.17 -0.78 3.66
CA GLU B 151 -8.33 -0.98 4.52
C GLU B 151 -8.95 -2.34 4.28
N ALA B 152 -8.97 -2.76 3.00
CA ALA B 152 -9.37 -4.13 2.72
C ALA B 152 -8.58 -5.16 3.50
N ALA B 153 -7.25 -5.02 3.40
CA ALA B 153 -6.33 -5.87 4.10
C ALA B 153 -6.47 -5.85 5.59
N HIS B 154 -6.78 -4.66 6.11
CA HIS B 154 -7.03 -4.39 7.54
C HIS B 154 -8.20 -5.19 8.05
N GLU B 155 -9.14 -5.64 7.23
CA GLU B 155 -10.19 -6.52 7.70
C GLU B 155 -10.32 -7.77 6.88
N PHE B 156 -9.32 -8.08 6.08
CA PHE B 156 -9.30 -9.23 5.23
C PHE B 156 -8.99 -10.45 6.07
N GLY B 157 -9.40 -11.61 5.61
CA GLY B 157 -9.11 -12.88 6.28
C GLY B 157 -7.79 -13.47 5.81
N ARG B 158 -7.35 -13.10 4.61
CA ARG B 158 -6.34 -13.82 3.85
C ARG B 158 -5.23 -12.88 3.32
N PHE B 159 -4.21 -13.37 2.58
CA PHE B 159 -3.22 -12.52 1.89
C PHE B 159 -3.76 -12.04 0.52
N PHE B 160 -3.06 -11.02 0.03
CA PHE B 160 -3.19 -10.60 -1.34
C PHE B 160 -2.24 -11.43 -2.20
N THR B 161 -1.00 -11.49 -1.73
CA THR B 161 0.06 -12.19 -2.43
C THR B 161 -0.19 -13.70 -2.30
N GLY B 162 -0.07 -14.46 -3.36
CA GLY B 162 -0.10 -15.91 -3.30
C GLY B 162 1.29 -16.37 -2.83
N GLN B 163 1.60 -16.18 -1.55
CA GLN B 163 2.90 -16.44 -0.98
C GLN B 163 3.06 -17.96 -0.83
N ILE B 164 4.12 -18.51 -1.43
CA ILE B 164 4.47 -19.90 -1.16
C ILE B 164 5.07 -19.89 0.25
N THR B 165 4.28 -20.28 1.24
CA THR B 165 4.63 -20.18 2.63
C THR B 165 5.09 -21.58 3.00
N ALA B 166 6.00 -21.79 3.97
CA ALA B 166 6.41 -23.16 4.29
C ALA B 166 5.27 -24.06 4.70
N ALA B 167 4.28 -23.55 5.43
CA ALA B 167 3.02 -24.21 5.72
C ALA B 167 2.23 -24.71 4.51
N GLY B 168 2.28 -23.97 3.39
CA GLY B 168 1.49 -24.29 2.25
C GLY B 168 1.33 -23.04 1.38
N LYS B 169 0.69 -23.17 0.21
CA LYS B 169 0.54 -22.04 -0.69
C LYS B 169 -0.64 -21.15 -0.35
N VAL B 170 -0.49 -19.86 -0.56
CA VAL B 170 -1.62 -18.99 -0.45
C VAL B 170 -2.21 -18.85 -1.88
N PRO B 171 -3.53 -18.78 -2.10
CA PRO B 171 -4.17 -18.40 -3.36
C PRO B 171 -4.13 -16.88 -3.38
N PRO B 172 -3.73 -16.26 -4.50
CA PRO B 172 -3.70 -14.80 -4.72
C PRO B 172 -5.15 -14.26 -4.62
N ALA B 173 -5.27 -13.03 -4.14
CA ALA B 173 -6.57 -12.36 -4.15
C ALA B 173 -6.92 -11.91 -5.53
N LYS B 174 -8.16 -12.15 -5.92
CA LYS B 174 -8.66 -11.49 -7.11
C LYS B 174 -9.33 -10.20 -6.66
N VAL B 175 -8.70 -9.13 -7.09
CA VAL B 175 -9.10 -7.81 -6.67
C VAL B 175 -9.97 -7.23 -7.78
N MET B 176 -11.29 -7.31 -7.57
CA MET B 176 -12.20 -6.82 -8.57
C MET B 176 -12.36 -5.30 -8.39
N VAL B 177 -11.68 -4.48 -9.20
CA VAL B 177 -11.81 -3.04 -9.10
C VAL B 177 -12.92 -2.64 -10.04
N ILE B 178 -14.04 -2.17 -9.50
CA ILE B 178 -15.13 -1.79 -10.36
C ILE B 178 -15.06 -0.26 -10.52
N GLY B 179 -15.23 0.20 -11.75
CA GLY B 179 -15.15 1.61 -12.12
C GLY B 179 -13.70 2.04 -12.04
N ALA B 180 -12.88 1.57 -13.01
CA ALA B 180 -11.45 1.83 -12.97
C ALA B 180 -11.11 3.25 -13.38
N GLY B 181 -11.39 4.21 -12.51
CA GLY B 181 -10.92 5.56 -12.70
C GLY B 181 -9.48 5.66 -12.24
N VAL B 182 -9.04 6.86 -11.87
CA VAL B 182 -7.66 7.12 -11.45
C VAL B 182 -7.37 6.32 -10.14
N ALA B 183 -8.35 6.28 -9.24
CA ALA B 183 -8.25 5.47 -8.01
C ALA B 183 -8.21 4.01 -8.36
N GLY B 184 -9.01 3.61 -9.33
CA GLY B 184 -8.97 2.28 -9.93
C GLY B 184 -7.56 1.90 -10.36
N LEU B 185 -6.94 2.77 -11.20
CA LEU B 185 -5.58 2.57 -11.68
C LEU B 185 -4.57 2.46 -10.55
N ALA B 186 -4.76 3.28 -9.49
CA ALA B 186 -3.99 3.14 -8.25
C ALA B 186 -4.22 1.80 -7.59
N ALA B 187 -5.45 1.30 -7.46
CA ALA B 187 -5.75 0.03 -6.85
C ALA B 187 -5.17 -1.12 -7.65
N ILE B 188 -5.22 -1.04 -8.98
CA ILE B 188 -4.56 -1.96 -9.90
C ILE B 188 -3.10 -1.89 -9.50
N GLY B 189 -2.50 -0.70 -9.60
CA GLY B 189 -1.12 -0.47 -9.21
C GLY B 189 -0.69 -1.09 -7.89
N ALA B 190 -1.48 -0.88 -6.85
CA ALA B 190 -1.13 -1.32 -5.50
C ALA B 190 -1.24 -2.84 -5.34
N ALA B 191 -2.43 -3.43 -5.61
CA ALA B 191 -2.63 -4.88 -5.51
C ALA B 191 -1.73 -5.67 -6.46
N ASN B 192 -1.57 -5.16 -7.68
CA ASN B 192 -0.65 -5.70 -8.65
C ASN B 192 0.77 -5.52 -8.19
N SER B 193 1.15 -4.47 -7.44
CA SER B 193 2.44 -4.48 -6.78
C SER B 193 2.51 -5.69 -5.87
N LEU B 194 1.46 -5.92 -5.02
CA LEU B 194 1.48 -7.08 -4.13
C LEU B 194 1.36 -8.43 -4.82
N GLY B 195 1.13 -8.46 -6.13
CA GLY B 195 1.00 -9.67 -6.91
C GLY B 195 -0.37 -10.29 -6.86
N ALA B 196 -1.38 -9.53 -6.40
CA ALA B 196 -2.77 -9.97 -6.37
C ALA B 196 -3.40 -9.65 -7.70
N ILE B 197 -4.23 -10.53 -8.25
CA ILE B 197 -4.59 -10.44 -9.63
C ILE B 197 -5.78 -9.50 -9.69
N VAL B 198 -5.54 -8.31 -10.24
CA VAL B 198 -6.57 -7.30 -10.36
C VAL B 198 -7.48 -7.56 -11.55
N ARG B 199 -8.78 -7.66 -11.29
CA ARG B 199 -9.78 -7.71 -12.32
C ARG B 199 -10.49 -6.37 -12.36
N ALA B 200 -10.19 -5.55 -13.36
CA ALA B 200 -10.82 -4.26 -13.33
C ALA B 200 -11.96 -4.21 -14.31
N PHE B 201 -12.93 -3.33 -14.06
CA PHE B 201 -13.97 -3.05 -15.03
C PHE B 201 -14.24 -1.58 -14.96
N ASP B 202 -14.37 -0.95 -16.12
CA ASP B 202 -14.93 0.39 -16.27
C ASP B 202 -15.56 0.29 -17.66
N THR B 203 -16.49 1.19 -17.95
CA THR B 203 -17.16 1.24 -19.22
C THR B 203 -16.33 1.95 -20.29
N ARG B 204 -15.22 2.61 -19.93
CA ARG B 204 -14.38 3.29 -20.92
C ARG B 204 -13.32 2.29 -21.40
N PRO B 205 -13.04 2.14 -22.71
CA PRO B 205 -12.27 1.02 -23.24
C PRO B 205 -10.83 0.87 -22.73
N GLU B 206 -10.12 1.99 -22.46
CA GLU B 206 -8.67 1.93 -22.28
C GLU B 206 -8.20 1.21 -21.03
N VAL B 207 -9.14 1.05 -20.08
CA VAL B 207 -8.86 0.35 -18.86
C VAL B 207 -8.41 -1.12 -19.09
N LYS B 208 -8.89 -1.70 -20.20
CA LYS B 208 -8.51 -3.05 -20.59
C LYS B 208 -6.99 -3.05 -20.81
N GLU B 209 -6.47 -2.29 -21.75
CA GLU B 209 -5.05 -2.20 -21.95
C GLU B 209 -4.26 -1.70 -20.74
N GLN B 210 -4.82 -0.89 -19.85
CA GLN B 210 -4.16 -0.54 -18.62
C GLN B 210 -3.90 -1.76 -17.74
N VAL B 211 -4.90 -2.64 -17.55
CA VAL B 211 -4.70 -3.85 -16.80
C VAL B 211 -3.79 -4.84 -17.50
N GLN B 212 -3.96 -5.05 -18.81
CA GLN B 212 -3.13 -5.92 -19.64
C GLN B 212 -1.68 -5.49 -19.58
N SER B 213 -1.33 -4.20 -19.81
CA SER B 213 0.07 -3.76 -19.72
C SER B 213 0.65 -3.96 -18.34
N MET B 214 -0.10 -3.68 -17.26
CA MET B 214 0.34 -3.94 -15.90
C MET B 214 0.32 -5.44 -15.56
N GLY B 215 -0.40 -6.31 -16.28
CA GLY B 215 -0.51 -7.74 -15.96
C GLY B 215 -1.62 -7.95 -14.94
N ALA B 216 -2.84 -7.81 -15.43
CA ALA B 216 -4.05 -7.93 -14.64
C ALA B 216 -5.19 -8.14 -15.61
N GLU B 217 -6.21 -8.75 -15.06
CA GLU B 217 -7.34 -9.22 -15.80
C GLU B 217 -8.39 -8.15 -15.98
N PHE B 218 -9.11 -8.18 -17.07
CA PHE B 218 -10.19 -7.24 -17.34
C PHE B 218 -11.51 -8.03 -17.37
N LEU B 219 -12.48 -7.61 -16.54
CA LEU B 219 -13.84 -8.10 -16.59
C LEU B 219 -14.42 -7.44 -17.82
N GLU B 220 -14.63 -8.29 -18.82
CA GLU B 220 -15.02 -7.82 -20.11
C GLU B 220 -16.52 -7.57 -20.22
N LEU B 221 -16.89 -6.77 -21.19
CA LEU B 221 -18.28 -6.42 -21.45
C LEU B 221 -19.14 -7.58 -21.97
N ASP B 222 -20.41 -7.51 -21.54
CA ASP B 222 -21.42 -8.44 -22.04
C ASP B 222 -21.69 -8.06 -23.50
N MET B 237 -23.54 5.46 -22.18
CA MET B 237 -23.08 4.13 -21.83
C MET B 237 -23.26 3.96 -20.33
N SER B 238 -24.26 3.33 -19.74
CA SER B 238 -25.49 2.85 -20.38
C SER B 238 -26.47 2.68 -19.24
N ASP B 239 -27.80 2.68 -19.43
CA ASP B 239 -28.71 2.01 -18.51
C ASP B 239 -28.91 0.60 -19.08
N ALA B 240 -29.80 -0.19 -18.47
CA ALA B 240 -29.98 -1.62 -18.76
C ALA B 240 -28.81 -2.51 -18.54
N PHE B 241 -27.67 -2.24 -19.17
CA PHE B 241 -26.37 -2.88 -18.90
C PHE B 241 -26.12 -3.15 -17.43
N ILE B 242 -26.60 -2.30 -16.52
CA ILE B 242 -26.65 -2.55 -15.08
C ILE B 242 -26.97 -3.98 -14.63
N LYS B 243 -27.89 -4.64 -15.34
CA LYS B 243 -28.22 -6.03 -15.10
C LYS B 243 -27.03 -6.91 -15.34
N ALA B 244 -26.43 -6.72 -16.52
CA ALA B 244 -25.25 -7.51 -16.90
C ALA B 244 -24.09 -7.14 -16.00
N GLU B 245 -23.95 -5.89 -15.56
CA GLU B 245 -22.98 -5.47 -14.56
C GLU B 245 -23.15 -6.28 -13.29
N MET B 246 -24.37 -6.34 -12.73
CA MET B 246 -24.64 -7.17 -11.56
C MET B 246 -24.28 -8.63 -11.76
N GLU B 247 -24.70 -9.21 -12.87
CA GLU B 247 -24.34 -10.56 -13.23
C GLU B 247 -22.87 -10.79 -13.46
N LEU B 248 -22.09 -9.75 -13.85
CA LEU B 248 -20.63 -9.85 -14.00
C LEU B 248 -20.11 -10.05 -12.59
N PHE B 249 -20.56 -9.30 -11.62
CA PHE B 249 -20.05 -9.28 -10.26
C PHE B 249 -20.46 -10.59 -9.62
N ALA B 250 -21.70 -11.02 -9.78
CA ALA B 250 -22.17 -12.34 -9.36
C ALA B 250 -21.33 -13.51 -9.88
N ALA B 251 -20.94 -13.46 -11.15
CA ALA B 251 -19.99 -14.43 -11.62
C ALA B 251 -18.63 -14.39 -10.96
N GLN B 252 -18.22 -13.22 -10.52
CA GLN B 252 -16.99 -13.12 -9.76
C GLN B 252 -17.15 -13.51 -8.31
N ALA B 253 -18.36 -13.42 -7.72
CA ALA B 253 -18.59 -13.67 -6.29
C ALA B 253 -17.82 -14.73 -5.52
N LYS B 254 -17.56 -15.90 -6.07
CA LYS B 254 -16.72 -16.86 -5.36
C LYS B 254 -15.27 -16.93 -5.86
N GLU B 255 -14.95 -16.20 -6.94
CA GLU B 255 -13.56 -15.99 -7.30
C GLU B 255 -13.02 -14.86 -6.45
N VAL B 256 -13.58 -13.66 -6.61
CA VAL B 256 -12.99 -12.46 -6.05
C VAL B 256 -12.96 -12.40 -4.54
N ASP B 257 -12.00 -11.63 -4.07
CA ASP B 257 -11.77 -11.48 -2.65
C ASP B 257 -12.00 -10.01 -2.37
N ILE B 258 -11.29 -9.11 -3.03
CA ILE B 258 -11.31 -7.72 -2.65
C ILE B 258 -12.06 -6.95 -3.75
N ILE B 259 -13.25 -6.49 -3.50
CA ILE B 259 -13.93 -5.61 -4.42
C ILE B 259 -13.54 -4.15 -4.10
N VAL B 260 -12.90 -3.45 -5.00
CA VAL B 260 -12.55 -2.05 -4.80
C VAL B 260 -13.60 -1.38 -5.67
N THR B 261 -14.67 -1.01 -5.03
CA THR B 261 -15.77 -0.42 -5.77
C THR B 261 -15.65 1.08 -5.73
N THR B 262 -15.14 1.51 -6.87
CA THR B 262 -14.57 2.81 -7.09
C THR B 262 -15.49 3.78 -7.78
N ALA B 263 -16.49 3.27 -8.47
CA ALA B 263 -17.20 4.00 -9.45
C ALA B 263 -17.91 5.21 -8.88
N LEU B 264 -17.82 6.27 -9.69
CA LEU B 264 -18.49 7.53 -9.40
C LEU B 264 -18.70 8.18 -10.76
N ILE B 265 -19.91 8.57 -11.10
CA ILE B 265 -20.14 9.20 -12.39
C ILE B 265 -19.81 10.66 -12.06
N PRO B 266 -18.80 11.33 -12.67
CA PRO B 266 -18.39 12.71 -12.34
C PRO B 266 -19.51 13.72 -12.33
N GLY B 267 -20.04 13.88 -11.12
CA GLY B 267 -21.12 14.77 -10.88
C GLY B 267 -22.17 14.00 -10.10
N LYS B 268 -22.72 12.96 -10.75
CA LYS B 268 -23.63 11.97 -10.17
C LYS B 268 -23.05 11.18 -9.01
N PRO B 269 -23.86 10.45 -8.23
CA PRO B 269 -23.36 9.50 -7.26
C PRO B 269 -22.65 8.28 -7.85
N ALA B 270 -21.98 7.60 -6.93
CA ALA B 270 -21.44 6.27 -7.13
C ALA B 270 -22.52 5.31 -7.56
N PRO B 271 -22.37 4.56 -8.64
CA PRO B 271 -23.34 3.57 -9.10
C PRO B 271 -23.52 2.51 -8.04
N LYS B 272 -24.74 2.07 -7.88
CA LYS B 272 -25.09 1.01 -6.96
C LYS B 272 -24.72 -0.37 -7.49
N LEU B 273 -23.42 -0.63 -7.48
CA LEU B 273 -22.89 -1.81 -8.13
C LEU B 273 -23.11 -3.13 -7.38
N ILE B 274 -22.97 -3.12 -6.05
CA ILE B 274 -23.01 -4.35 -5.29
C ILE B 274 -24.30 -4.30 -4.47
N THR B 275 -25.12 -5.31 -4.75
CA THR B 275 -26.39 -5.47 -4.04
C THR B 275 -26.16 -6.21 -2.74
N ARG B 276 -27.09 -6.08 -1.78
CA ARG B 276 -26.99 -6.74 -0.50
C ARG B 276 -27.03 -8.26 -0.67
N GLU B 277 -27.78 -8.72 -1.65
CA GLU B 277 -27.87 -10.11 -1.97
C GLU B 277 -26.50 -10.60 -2.44
N MET B 278 -25.82 -9.83 -3.29
CA MET B 278 -24.49 -10.18 -3.75
C MET B 278 -23.45 -10.24 -2.66
N VAL B 279 -23.50 -9.31 -1.73
CA VAL B 279 -22.57 -9.33 -0.62
C VAL B 279 -22.63 -10.64 0.13
N ASP B 280 -23.80 -10.94 0.66
CA ASP B 280 -23.95 -12.13 1.44
C ASP B 280 -23.78 -13.43 0.66
N SER B 281 -24.00 -13.42 -0.64
CA SER B 281 -23.67 -14.56 -1.48
C SER B 281 -22.17 -14.71 -1.77
N MET B 282 -21.32 -13.71 -1.57
CA MET B 282 -19.91 -13.76 -1.93
C MET B 282 -19.12 -14.72 -1.06
N LYS B 283 -17.92 -15.04 -1.58
CA LYS B 283 -16.84 -15.73 -0.85
C LYS B 283 -16.51 -14.93 0.40
N ALA B 284 -16.53 -15.51 1.61
CA ALA B 284 -16.48 -14.76 2.84
C ALA B 284 -15.09 -14.36 3.26
N GLY B 285 -14.92 -13.50 4.26
CA GLY B 285 -13.62 -13.03 4.71
C GLY B 285 -12.91 -12.27 3.61
N SER B 286 -13.75 -11.49 2.97
CA SER B 286 -13.46 -10.76 1.76
C SER B 286 -14.02 -9.36 2.02
N VAL B 287 -13.56 -8.32 1.32
CA VAL B 287 -13.88 -6.94 1.67
C VAL B 287 -14.40 -6.28 0.40
N ILE B 288 -15.40 -5.43 0.55
CA ILE B 288 -15.83 -4.54 -0.51
C ILE B 288 -15.47 -3.16 0.03
N VAL B 289 -14.50 -2.44 -0.56
CA VAL B 289 -14.19 -1.10 -0.11
C VAL B 289 -14.94 -0.16 -1.01
N ASP B 290 -15.71 0.75 -0.42
CA ASP B 290 -16.47 1.72 -1.16
C ASP B 290 -15.65 2.96 -1.10
N LEU B 291 -15.18 3.39 -2.26
CA LEU B 291 -14.35 4.58 -2.34
C LEU B 291 -15.14 5.88 -2.35
N ALA B 292 -16.40 5.85 -2.75
CA ALA B 292 -17.12 7.04 -3.07
C ALA B 292 -18.33 7.24 -2.14
N ALA B 293 -18.22 6.77 -0.89
CA ALA B 293 -19.34 6.67 0.02
C ALA B 293 -20.18 7.91 0.23
N GLN B 294 -19.50 9.05 0.26
CA GLN B 294 -20.13 10.34 0.40
C GLN B 294 -21.03 10.81 -0.75
N ASN B 295 -20.83 10.26 -1.97
CA ASN B 295 -21.65 10.57 -3.13
C ASN B 295 -22.44 9.32 -3.42
N GLY B 296 -23.43 9.04 -2.57
CA GLY B 296 -24.32 7.90 -2.72
C GLY B 296 -23.77 6.66 -2.06
N GLY B 297 -22.66 6.13 -2.52
CA GLY B 297 -22.25 4.80 -2.10
C GLY B 297 -22.47 3.76 -3.19
N ASN B 298 -21.38 3.08 -3.61
CA ASN B 298 -21.39 2.00 -4.59
C ASN B 298 -22.07 0.72 -4.05
N CYS B 299 -21.95 0.31 -2.79
CA CYS B 299 -22.59 -0.89 -2.33
C CYS B 299 -23.86 -0.50 -1.61
N GLU B 300 -24.90 -1.32 -1.71
CA GLU B 300 -26.14 -1.05 -0.98
C GLU B 300 -25.98 -1.01 0.53
N TYR B 301 -25.03 -1.78 1.08
CA TYR B 301 -24.74 -1.78 2.49
C TYR B 301 -24.04 -0.55 3.04
N THR B 302 -23.43 0.28 2.20
CA THR B 302 -22.48 1.30 2.64
C THR B 302 -23.00 2.29 3.70
N VAL B 303 -22.29 2.32 4.83
CA VAL B 303 -22.56 3.24 5.90
C VAL B 303 -21.38 4.18 5.75
N PRO B 304 -21.57 5.49 5.58
CA PRO B 304 -20.51 6.45 5.28
C PRO B 304 -19.47 6.52 6.36
N GLY B 305 -18.30 5.96 6.05
CA GLY B 305 -17.16 6.08 6.93
C GLY B 305 -17.29 5.00 8.01
N GLU B 306 -17.51 3.76 7.58
CA GLU B 306 -17.54 2.60 8.48
C GLU B 306 -17.11 1.37 7.75
N ILE B 307 -16.45 0.54 8.52
CA ILE B 307 -16.40 -0.86 8.19
C ILE B 307 -17.74 -1.42 8.70
N PHE B 308 -18.43 -2.16 7.85
CA PHE B 308 -19.68 -2.77 8.24
C PHE B 308 -19.47 -4.27 8.01
N THR B 309 -19.61 -5.01 9.09
CA THR B 309 -19.54 -6.45 9.02
C THR B 309 -20.91 -6.97 8.62
N THR B 310 -20.91 -7.90 7.66
CA THR B 310 -22.11 -8.57 7.22
C THR B 310 -22.29 -9.94 7.90
N GLU B 311 -23.37 -10.66 7.59
CA GLU B 311 -23.59 -11.97 8.18
C GLU B 311 -22.45 -12.94 7.85
N ASN B 312 -22.14 -13.03 6.55
CA ASN B 312 -21.09 -13.92 6.04
C ASN B 312 -19.65 -13.45 6.29
N GLY B 313 -19.53 -12.17 6.59
CA GLY B 313 -18.20 -11.59 6.83
C GLY B 313 -17.49 -11.13 5.56
N VAL B 314 -18.28 -10.65 4.57
CA VAL B 314 -17.78 -9.87 3.46
C VAL B 314 -17.91 -8.44 3.90
N LYS B 315 -16.84 -7.95 4.44
CA LYS B 315 -16.89 -6.72 5.19
C LYS B 315 -16.92 -5.54 4.24
N VAL B 316 -18.01 -4.77 4.34
CA VAL B 316 -18.21 -3.58 3.51
C VAL B 316 -17.62 -2.37 4.21
N ILE B 317 -16.39 -2.08 3.76
CA ILE B 317 -15.63 -0.96 4.29
C ILE B 317 -16.06 0.27 3.45
N GLY B 318 -17.21 0.88 3.75
CA GLY B 318 -17.77 2.02 3.04
C GLY B 318 -17.11 3.28 3.53
N TYR B 319 -16.27 3.93 2.74
CA TYR B 319 -15.57 5.11 3.23
C TYR B 319 -15.76 6.45 2.53
N THR B 320 -16.16 7.41 3.33
CA THR B 320 -16.11 8.83 3.02
C THR B 320 -14.67 9.33 2.96
N ASP B 321 -13.86 8.71 3.81
CA ASP B 321 -12.61 9.31 4.28
C ASP B 321 -11.37 8.53 3.91
N LEU B 322 -11.44 7.71 2.84
CA LEU B 322 -10.25 6.96 2.36
C LEU B 322 -9.02 7.80 2.11
N PRO B 323 -9.04 9.02 1.52
CA PRO B 323 -7.89 9.91 1.52
C PRO B 323 -7.55 10.43 2.90
N GLY B 324 -8.52 10.73 3.76
CA GLY B 324 -8.23 11.28 5.08
C GLY B 324 -7.37 10.34 5.88
N ARG B 325 -7.75 9.08 5.83
CA ARG B 325 -7.04 8.04 6.58
C ARG B 325 -5.62 7.75 6.13
N LEU B 326 -5.08 8.41 5.10
CA LEU B 326 -3.67 8.23 4.78
C LEU B 326 -3.06 9.62 4.90
N PRO B 327 -2.78 10.06 6.13
CA PRO B 327 -2.57 11.46 6.50
C PRO B 327 -1.41 12.14 5.73
N THR B 328 -0.15 11.74 5.89
CA THR B 328 0.97 12.43 5.25
C THR B 328 0.93 12.32 3.72
N GLN B 329 0.62 11.19 3.14
CA GLN B 329 0.70 11.03 1.69
C GLN B 329 -0.38 11.84 1.00
N SER B 330 -1.62 11.85 1.49
CA SER B 330 -2.59 12.78 0.98
C SER B 330 -2.08 14.22 1.09
N SER B 331 -1.61 14.67 2.25
CA SER B 331 -1.03 16.02 2.43
C SER B 331 0.15 16.29 1.49
N GLN B 332 0.94 15.26 1.21
CA GLN B 332 2.06 15.31 0.31
C GLN B 332 1.61 15.54 -1.12
N LEU B 333 0.73 14.66 -1.61
CA LEU B 333 0.36 14.71 -3.00
C LEU B 333 -0.47 15.95 -3.32
N TYR B 334 -1.39 16.29 -2.42
CA TYR B 334 -2.16 17.52 -2.46
C TYR B 334 -1.17 18.68 -2.56
N GLY B 335 -0.19 18.71 -1.62
CA GLY B 335 0.93 19.65 -1.64
C GLY B 335 1.60 19.81 -3.00
N THR B 336 2.06 18.73 -3.58
CA THR B 336 2.75 18.77 -4.87
C THR B 336 1.76 19.10 -5.98
N ASN B 337 0.46 18.85 -5.82
CA ASN B 337 -0.56 19.30 -6.79
C ASN B 337 -0.57 20.85 -6.74
N LEU B 338 -0.52 21.43 -5.53
CA LEU B 338 -0.57 22.86 -5.32
C LEU B 338 0.69 23.47 -5.90
N VAL B 339 1.82 22.77 -5.71
CA VAL B 339 3.07 23.13 -6.36
C VAL B 339 2.87 23.11 -7.87
N ASN B 340 2.24 22.09 -8.48
CA ASN B 340 1.95 22.07 -9.91
C ASN B 340 1.13 23.26 -10.38
N LEU B 341 0.14 23.57 -9.57
CA LEU B 341 -0.72 24.75 -9.77
C LEU B 341 0.17 25.97 -9.74
N LEU B 342 1.02 26.14 -8.72
CA LEU B 342 1.87 27.30 -8.55
C LEU B 342 2.97 27.35 -9.60
N LYS B 343 3.42 26.25 -10.24
CA LYS B 343 4.34 26.34 -11.39
C LYS B 343 3.64 27.02 -12.55
N LEU B 344 2.35 26.70 -12.74
CA LEU B 344 1.57 27.28 -13.80
C LEU B 344 1.09 28.68 -13.50
N LEU B 345 0.86 29.01 -12.24
CA LEU B 345 0.53 30.38 -11.85
C LEU B 345 1.79 31.21 -11.79
N CYS B 346 2.63 30.93 -10.81
CA CYS B 346 3.82 31.71 -10.55
C CYS B 346 4.89 31.26 -11.53
N LYS B 347 4.75 31.61 -12.82
CA LYS B 347 5.68 31.21 -13.86
C LYS B 347 7.03 31.87 -13.79
N GLU B 348 7.13 33.01 -13.08
CA GLU B 348 8.44 33.60 -12.74
C GLU B 348 9.13 32.90 -11.55
N LYS B 349 8.36 31.98 -10.89
CA LYS B 349 8.77 31.30 -9.67
C LYS B 349 9.30 32.22 -8.62
N ASP B 350 8.55 33.21 -8.24
CA ASP B 350 9.07 34.23 -7.35
C ASP B 350 8.24 34.33 -6.09
N GLY B 351 6.91 34.40 -6.21
CA GLY B 351 6.03 34.33 -5.06
C GLY B 351 4.73 35.12 -5.31
N ASN B 352 4.64 35.79 -6.47
CA ASN B 352 3.44 36.47 -6.87
C ASN B 352 2.35 35.57 -7.45
N ILE B 353 1.20 35.50 -6.77
CA ILE B 353 0.02 34.84 -7.34
C ILE B 353 -0.43 35.51 -8.66
N THR B 354 0.01 34.87 -9.75
CA THR B 354 -0.35 35.37 -11.07
C THR B 354 -1.47 34.49 -11.60
N VAL B 355 -2.74 34.88 -11.41
CA VAL B 355 -3.86 34.13 -11.95
C VAL B 355 -4.10 34.64 -13.37
N ASP B 356 -3.51 33.91 -14.36
CA ASP B 356 -3.81 34.16 -15.72
C ASP B 356 -5.17 33.57 -15.97
N PHE B 357 -6.13 34.46 -16.01
CA PHE B 357 -7.47 34.00 -16.24
C PHE B 357 -7.74 33.63 -17.70
N ASP B 358 -6.80 33.86 -18.63
CA ASP B 358 -7.08 33.54 -20.03
C ASP B 358 -6.90 32.05 -20.22
N ASP B 359 -5.84 31.47 -19.63
CA ASP B 359 -5.64 30.06 -19.68
C ASP B 359 -6.84 29.34 -19.11
N VAL B 360 -7.53 28.62 -20.03
CA VAL B 360 -8.74 27.86 -19.78
C VAL B 360 -8.69 26.97 -18.52
N VAL B 361 -7.48 26.43 -18.27
CA VAL B 361 -7.16 25.60 -17.12
C VAL B 361 -7.22 26.43 -15.83
N ILE B 362 -6.57 27.59 -15.74
CA ILE B 362 -6.60 28.43 -14.54
C ILE B 362 -8.00 29.01 -14.40
N ARG B 363 -8.61 29.42 -15.49
CA ARG B 363 -10.01 29.78 -15.59
C ARG B 363 -10.91 28.67 -15.05
N GLY B 364 -10.51 27.41 -15.19
CA GLY B 364 -11.27 26.31 -14.62
C GLY B 364 -11.11 26.27 -13.11
N VAL B 365 -9.87 26.12 -12.61
CA VAL B 365 -9.60 25.90 -11.19
C VAL B 365 -10.09 27.07 -10.34
N THR B 366 -9.95 28.29 -10.82
CA THR B 366 -10.37 29.44 -10.06
C THR B 366 -11.88 29.61 -10.26
N VAL B 367 -12.54 28.97 -9.30
CA VAL B 367 -13.98 28.94 -9.32
C VAL B 367 -14.63 30.17 -8.75
N ILE B 368 -13.94 31.00 -7.96
CA ILE B 368 -14.47 32.30 -7.63
C ILE B 368 -13.27 33.19 -7.87
N ARG B 369 -13.18 34.01 -8.91
CA ARG B 369 -12.02 34.92 -9.01
C ARG B 369 -12.35 36.21 -8.26
N ALA B 370 -12.23 36.08 -6.94
CA ALA B 370 -12.37 37.18 -5.99
C ALA B 370 -13.72 37.89 -6.05
N GLY B 371 -14.66 37.36 -5.25
CA GLY B 371 -16.03 37.91 -5.21
C GLY B 371 -16.92 37.26 -6.27
N GLU B 372 -16.68 37.61 -7.53
CA GLU B 372 -17.37 37.05 -8.69
C GLU B 372 -17.07 35.52 -8.80
N ILE B 373 -18.15 34.73 -8.68
CA ILE B 373 -18.17 33.27 -8.75
C ILE B 373 -17.99 32.94 -10.24
N THR B 374 -16.77 32.51 -10.55
CA THR B 374 -16.39 32.27 -11.92
C THR B 374 -16.60 30.81 -12.32
N TRP B 375 -17.06 29.95 -11.43
CA TRP B 375 -17.63 28.65 -11.76
C TRP B 375 -19.05 28.89 -12.35
N PRO B 376 -19.52 28.24 -13.42
CA PRO B 376 -18.71 27.39 -14.31
C PRO B 376 -17.77 28.10 -15.24
N ALA B 377 -16.77 27.35 -15.76
CA ALA B 377 -15.80 27.83 -16.75
C ALA B 377 -16.32 27.65 -18.16
N PRO B 378 -15.70 28.17 -19.24
CA PRO B 378 -15.99 27.76 -20.61
C PRO B 378 -16.02 26.21 -20.77
N PRO B 379 -16.89 25.61 -21.60
CA PRO B 379 -16.91 24.17 -21.83
C PRO B 379 -15.73 23.63 -22.66
N ILE B 380 -14.59 23.53 -22.01
CA ILE B 380 -13.42 22.91 -22.58
C ILE B 380 -13.61 21.44 -22.36
N GLN B 381 -13.49 20.62 -23.41
CA GLN B 381 -13.79 19.20 -23.31
C GLN B 381 -12.87 18.39 -22.45
N VAL B 382 -13.55 17.77 -21.50
CA VAL B 382 -12.98 16.85 -20.56
C VAL B 382 -12.38 15.62 -21.29
N SER B 383 -11.20 15.33 -21.13
N ALA C 20 19.67 2.54 -36.00
CA ALA C 20 19.62 2.77 -34.57
C ALA C 20 20.99 3.01 -33.99
N GLU C 21 21.97 2.20 -34.42
CA GLU C 21 23.38 2.30 -34.03
C GLU C 21 24.00 3.66 -34.02
N GLU C 22 23.54 4.54 -34.90
CA GLU C 22 23.97 5.94 -35.05
C GLU C 22 24.04 6.59 -33.66
N THR C 23 23.05 6.29 -32.81
CA THR C 23 22.93 6.85 -31.48
C THR C 23 24.18 6.63 -30.60
N ALA C 24 24.93 5.55 -30.82
CA ALA C 24 26.05 5.18 -29.96
C ALA C 24 27.12 6.27 -29.94
N GLU C 25 27.50 6.76 -31.14
CA GLU C 25 28.47 7.82 -31.31
C GLU C 25 27.88 9.12 -30.74
N LEU C 26 26.56 9.31 -30.85
CA LEU C 26 25.88 10.45 -30.34
C LEU C 26 25.85 10.44 -28.82
N LEU C 27 25.82 9.27 -28.16
CA LEU C 27 25.83 9.14 -26.71
C LEU C 27 27.07 9.69 -26.02
N LYS C 28 28.26 9.34 -26.53
CA LYS C 28 29.46 9.96 -26.02
C LYS C 28 29.51 11.47 -26.28
N ASN C 29 28.86 11.90 -27.37
CA ASN C 29 28.78 13.29 -27.72
C ASN C 29 27.83 14.07 -26.81
N SER C 30 26.73 13.48 -26.34
CA SER C 30 25.58 14.19 -25.76
C SER C 30 25.68 15.12 -24.57
N HIS C 31 26.75 15.04 -23.81
CA HIS C 31 26.97 15.77 -22.56
C HIS C 31 25.99 15.28 -21.51
N SER C 32 24.73 15.68 -21.55
CA SER C 32 23.72 15.04 -20.73
C SER C 32 22.98 14.00 -21.59
N VAL C 33 22.31 13.03 -21.01
CA VAL C 33 21.50 12.05 -21.72
C VAL C 33 20.18 12.01 -20.98
N ILE C 34 19.12 12.37 -21.69
CA ILE C 34 17.78 12.27 -21.11
C ILE C 34 17.14 11.05 -21.76
N ILE C 35 16.70 10.15 -20.90
CA ILE C 35 16.00 8.97 -21.35
C ILE C 35 14.54 9.15 -20.98
N THR C 36 13.62 9.04 -21.94
CA THR C 36 12.21 9.03 -21.65
C THR C 36 11.60 7.63 -21.82
N PRO C 37 11.38 6.84 -20.74
CA PRO C 37 10.70 5.53 -20.83
C PRO C 37 9.18 5.61 -20.99
N GLY C 38 8.72 6.31 -22.02
CA GLY C 38 7.33 6.65 -22.19
C GLY C 38 6.57 5.49 -22.79
N TYR C 39 6.02 4.59 -21.97
CA TYR C 39 5.29 3.39 -22.41
C TYR C 39 6.26 2.46 -23.14
N GLY C 40 6.71 2.77 -24.38
CA GLY C 40 7.65 1.99 -25.18
C GLY C 40 8.67 1.13 -24.44
N MET C 41 9.56 1.73 -23.69
CA MET C 41 10.50 1.00 -22.83
C MET C 41 9.94 -0.07 -21.91
N ALA C 42 8.79 0.23 -21.32
CA ALA C 42 8.18 -0.62 -20.35
C ALA C 42 7.34 -1.66 -21.10
N VAL C 43 6.90 -1.44 -22.34
CA VAL C 43 6.09 -2.41 -23.06
C VAL C 43 6.97 -3.46 -23.74
N ALA C 44 8.11 -3.02 -24.28
CA ALA C 44 9.06 -3.96 -24.85
C ALA C 44 9.92 -4.76 -23.90
N GLN C 45 9.63 -4.72 -22.57
CA GLN C 45 10.60 -5.07 -21.54
C GLN C 45 12.05 -4.61 -21.68
N ALA C 46 12.21 -3.32 -21.99
CA ALA C 46 13.53 -2.70 -21.92
C ALA C 46 13.76 -2.08 -20.56
N GLN C 47 12.75 -2.16 -19.68
CA GLN C 47 12.87 -1.63 -18.31
C GLN C 47 14.13 -2.15 -17.61
N TYR C 48 14.43 -3.45 -17.64
CA TYR C 48 15.65 -3.98 -17.04
C TYR C 48 16.92 -3.64 -17.82
N PRO C 49 17.15 -3.94 -19.14
CA PRO C 49 18.30 -3.46 -19.90
C PRO C 49 18.65 -1.98 -19.91
N VAL C 50 17.73 -1.10 -19.48
CA VAL C 50 18.09 0.31 -19.34
C VAL C 50 19.17 0.49 -18.28
N ALA C 51 19.25 -0.35 -17.23
CA ALA C 51 20.33 -0.21 -16.27
C ALA C 51 21.68 -0.43 -16.92
N GLU C 52 21.78 -1.41 -17.82
CA GLU C 52 22.96 -1.61 -18.66
C GLU C 52 23.52 -0.37 -19.31
N ILE C 53 22.66 0.43 -19.95
CA ILE C 53 23.14 1.64 -20.59
C ILE C 53 23.49 2.69 -19.56
N THR C 54 22.61 2.91 -18.57
CA THR C 54 22.80 3.88 -17.50
C THR C 54 24.13 3.75 -16.75
N GLU C 55 24.55 2.50 -16.57
CA GLU C 55 25.82 2.08 -16.01
C GLU C 55 26.99 2.75 -16.73
N LYS C 56 27.15 2.43 -18.03
CA LYS C 56 28.29 2.96 -18.79
C LYS C 56 28.14 4.46 -18.94
N LEU C 57 26.95 5.06 -19.03
CA LEU C 57 26.80 6.53 -19.12
C LEU C 57 27.39 7.16 -17.85
N ARG C 58 27.08 6.63 -16.68
CA ARG C 58 27.60 7.23 -15.47
C ARG C 58 29.10 7.11 -15.38
N ALA C 59 29.64 5.93 -15.70
CA ALA C 59 31.06 5.72 -15.67
C ALA C 59 31.79 6.40 -16.83
N ARG C 60 31.04 6.88 -17.82
CA ARG C 60 31.58 7.71 -18.90
C ARG C 60 31.79 9.14 -18.41
N GLY C 61 30.92 9.53 -17.47
CA GLY C 61 30.86 10.87 -16.98
C GLY C 61 29.73 11.67 -17.62
N ILE C 62 28.58 11.03 -17.77
CA ILE C 62 27.45 11.66 -18.43
C ILE C 62 26.38 11.98 -17.41
N ASN C 63 25.87 13.22 -17.45
CA ASN C 63 24.69 13.60 -16.70
C ASN C 63 23.51 12.89 -17.30
N VAL C 64 23.19 11.70 -16.76
CA VAL C 64 22.04 10.97 -17.18
C VAL C 64 20.89 11.23 -16.24
N ARG C 65 19.79 11.73 -16.81
CA ARG C 65 18.57 11.96 -16.10
C ARG C 65 17.47 11.28 -16.95
N PHE C 66 16.40 10.88 -16.31
CA PHE C 66 15.27 10.29 -17.02
C PHE C 66 14.08 11.23 -16.91
N GLY C 67 13.28 11.37 -17.97
CA GLY C 67 12.11 12.20 -17.90
C GLY C 67 10.94 11.38 -18.35
N ILE C 68 10.16 10.85 -17.39
CA ILE C 68 8.96 10.13 -17.74
C ILE C 68 7.71 10.98 -17.49
N HIS C 69 6.53 10.41 -17.26
CA HIS C 69 5.27 11.17 -17.24
C HIS C 69 4.24 10.28 -16.57
N PRO C 70 3.38 10.72 -15.63
CA PRO C 70 2.37 9.91 -14.93
C PRO C 70 1.52 8.97 -15.76
N VAL C 71 0.76 9.53 -16.70
CA VAL C 71 -0.01 8.79 -17.63
C VAL C 71 0.82 8.65 -18.88
N ALA C 72 0.91 7.46 -19.45
CA ALA C 72 1.67 7.29 -20.67
C ALA C 72 0.95 6.70 -21.86
N GLY C 73 -0.36 6.54 -21.79
CA GLY C 73 -1.09 5.80 -22.79
C GLY C 73 -1.55 4.49 -22.15
N ARG C 74 -0.61 3.79 -21.55
CA ARG C 74 -0.84 2.57 -20.79
C ARG C 74 0.22 2.54 -19.68
N LEU C 75 0.20 1.54 -18.79
CA LEU C 75 1.10 1.44 -17.65
C LEU C 75 1.21 2.63 -16.66
N PRO C 76 0.13 3.27 -16.21
CA PRO C 76 0.20 4.45 -15.37
C PRO C 76 0.85 4.19 -14.01
N GLY C 77 1.76 5.10 -13.64
CA GLY C 77 2.52 5.00 -12.41
C GLY C 77 3.61 3.97 -12.47
N HIS C 78 3.24 2.70 -12.50
CA HIS C 78 4.14 1.57 -12.61
C HIS C 78 5.40 1.63 -13.49
N MET C 79 5.41 2.32 -14.64
CA MET C 79 6.58 2.40 -15.51
C MET C 79 7.85 2.88 -14.82
N ASN C 80 7.76 3.79 -13.82
CA ASN C 80 8.94 4.18 -13.07
C ASN C 80 9.33 3.14 -12.05
N VAL C 81 8.36 2.39 -11.52
CA VAL C 81 8.58 1.37 -10.50
C VAL C 81 9.38 0.21 -11.07
N LEU C 82 9.06 -0.15 -12.30
CA LEU C 82 9.81 -1.09 -13.09
C LEU C 82 11.28 -0.71 -13.21
N LEU C 83 11.63 0.60 -13.31
CA LEU C 83 13.05 0.98 -13.36
C LEU C 83 13.74 0.79 -12.00
N ALA C 84 12.95 0.97 -10.91
CA ALA C 84 13.42 0.70 -9.58
C ALA C 84 13.56 -0.81 -9.32
N GLU C 85 12.73 -1.64 -9.97
CA GLU C 85 12.93 -3.08 -10.03
C GLU C 85 14.23 -3.36 -10.77
N ALA C 86 14.46 -2.74 -11.94
CA ALA C 86 15.68 -2.88 -12.74
C ALA C 86 16.97 -2.35 -12.09
N LYS C 87 16.84 -1.77 -10.88
CA LYS C 87 17.94 -1.07 -10.22
C LYS C 87 18.57 0.05 -11.02
N VAL C 88 17.70 0.95 -11.46
CA VAL C 88 18.10 2.21 -12.06
C VAL C 88 17.64 3.20 -11.01
N PRO C 89 18.49 4.10 -10.47
CA PRO C 89 18.21 4.98 -9.32
C PRO C 89 17.07 5.96 -9.50
N TYR C 90 16.06 5.85 -8.60
CA TYR C 90 14.83 6.66 -8.58
C TYR C 90 15.11 8.17 -8.52
N ASP C 91 16.24 8.60 -7.97
CA ASP C 91 16.57 10.02 -8.00
C ASP C 91 16.64 10.56 -9.43
N ILE C 92 17.38 9.93 -10.35
CA ILE C 92 17.53 10.52 -11.70
C ILE C 92 16.28 10.27 -12.54
N VAL C 93 15.54 9.24 -12.18
CA VAL C 93 14.24 8.96 -12.81
C VAL C 93 13.32 10.10 -12.37
N LEU C 94 13.37 11.23 -13.06
CA LEU C 94 12.43 12.30 -12.80
C LEU C 94 11.22 12.09 -13.69
N GLU C 95 10.04 12.53 -13.30
CA GLU C 95 8.89 12.39 -14.20
C GLU C 95 8.08 13.67 -14.14
N MET C 96 7.83 14.20 -15.36
CA MET C 96 7.12 15.45 -15.56
C MET C 96 7.56 16.56 -14.64
N ASP C 97 8.74 17.03 -15.04
CA ASP C 97 9.59 17.81 -14.19
C ASP C 97 10.29 18.84 -15.08
N GLU C 98 10.83 19.81 -14.42
CA GLU C 98 11.50 20.89 -15.07
C GLU C 98 12.92 20.50 -15.50
N ILE C 99 13.20 19.20 -15.45
CA ILE C 99 14.21 18.54 -16.29
C ILE C 99 14.12 18.98 -17.76
N ASN C 100 13.02 19.60 -18.23
CA ASN C 100 12.98 20.38 -19.48
C ASN C 100 14.23 21.13 -19.87
N ASP C 101 14.93 21.66 -18.86
CA ASP C 101 16.24 22.26 -19.14
C ASP C 101 17.25 21.19 -19.62
N ASP C 102 17.53 20.22 -18.76
CA ASP C 102 18.41 19.11 -19.15
C ASP C 102 18.02 18.44 -20.45
N PHE C 103 16.73 18.36 -20.78
CA PHE C 103 16.21 17.93 -22.07
C PHE C 103 16.82 18.78 -23.19
N ALA C 104 16.83 20.10 -23.06
CA ALA C 104 17.37 20.97 -24.08
C ALA C 104 18.89 21.05 -24.01
N ASP C 105 19.50 20.67 -22.87
CA ASP C 105 20.94 20.53 -22.78
C ASP C 105 21.43 19.30 -23.52
N THR C 106 20.77 18.16 -23.29
CA THR C 106 21.15 16.90 -23.94
C THR C 106 21.20 17.05 -25.49
N ASP C 107 22.27 16.54 -26.09
CA ASP C 107 22.32 16.42 -27.54
C ASP C 107 21.32 15.41 -28.06
N THR C 108 21.51 14.14 -27.73
CA THR C 108 20.66 13.05 -28.18
C THR C 108 19.74 12.63 -27.05
N VAL C 109 18.45 13.00 -27.19
CA VAL C 109 17.47 12.73 -26.16
C VAL C 109 16.85 11.37 -26.46
N LEU C 110 17.14 10.38 -25.62
CA LEU C 110 16.70 8.99 -25.83
C LEU C 110 15.24 8.82 -25.46
N VAL C 111 14.38 9.15 -26.41
CA VAL C 111 12.96 9.09 -26.17
C VAL C 111 12.46 7.71 -26.57
N ILE C 112 12.34 6.82 -25.58
CA ILE C 112 12.05 5.43 -25.85
C ILE C 112 10.53 5.27 -26.02
N GLY C 113 10.08 5.43 -27.26
CA GLY C 113 8.65 5.46 -27.57
C GLY C 113 8.10 6.83 -27.33
N ALA C 114 7.39 6.95 -26.22
CA ALA C 114 6.73 8.20 -25.81
C ALA C 114 5.74 8.89 -26.71
N ASN C 115 6.05 9.28 -27.97
CA ASN C 115 5.11 9.82 -28.94
C ASN C 115 4.42 11.09 -28.46
N ASP C 116 3.24 10.97 -27.83
CA ASP C 116 2.51 12.15 -27.41
C ASP C 116 3.02 12.67 -26.07
N THR C 117 3.71 11.89 -25.27
CA THR C 117 4.26 12.43 -24.02
C THR C 117 5.36 13.48 -24.20
N VAL C 118 5.90 13.55 -25.39
CA VAL C 118 6.84 14.58 -25.82
C VAL C 118 6.25 15.26 -27.06
N ASN C 119 4.93 15.34 -27.23
CA ASN C 119 4.34 16.00 -28.40
C ASN C 119 4.17 17.49 -28.26
N PRO C 120 4.80 18.33 -29.10
CA PRO C 120 4.61 19.79 -29.11
C PRO C 120 3.16 20.21 -29.22
N ALA C 121 2.46 19.69 -30.23
CA ALA C 121 1.10 20.10 -30.51
C ALA C 121 0.12 19.82 -29.38
N ALA C 122 0.40 18.80 -28.59
CA ALA C 122 -0.36 18.49 -27.39
C ALA C 122 -0.43 19.72 -26.43
N GLN C 123 0.65 20.47 -26.25
CA GLN C 123 0.56 21.70 -25.48
C GLN C 123 0.29 22.93 -26.32
N ASP C 124 0.50 22.85 -27.64
CA ASP C 124 0.57 24.03 -28.49
C ASP C 124 -0.74 24.31 -29.22
N ASP C 125 -1.45 23.27 -29.62
CA ASP C 125 -2.43 23.30 -30.68
C ASP C 125 -3.85 22.97 -30.20
N PRO C 126 -4.84 23.84 -30.51
CA PRO C 126 -6.28 23.64 -30.19
C PRO C 126 -6.92 22.41 -30.88
N LYS C 127 -6.57 22.12 -32.11
CA LYS C 127 -7.09 21.04 -32.91
C LYS C 127 -6.73 19.67 -32.28
N SER C 128 -5.61 19.61 -31.58
CA SER C 128 -5.23 18.44 -30.81
C SER C 128 -6.29 18.10 -29.75
N PRO C 129 -6.83 16.86 -29.63
CA PRO C 129 -7.83 16.55 -28.59
C PRO C 129 -7.43 16.84 -27.12
N ILE C 130 -6.13 16.70 -26.90
CA ILE C 130 -5.61 16.86 -25.57
C ILE C 130 -4.87 18.20 -25.46
N ALA C 131 -5.58 19.26 -25.85
CA ALA C 131 -5.03 20.58 -25.99
C ALA C 131 -4.59 21.16 -24.65
N GLY C 132 -3.30 21.47 -24.56
CA GLY C 132 -2.70 21.96 -23.34
C GLY C 132 -2.32 20.77 -22.44
N MET C 133 -1.82 19.67 -23.01
CA MET C 133 -1.28 18.58 -22.21
C MET C 133 0.06 18.95 -21.62
N PRO C 134 0.35 18.70 -20.36
CA PRO C 134 1.66 18.91 -19.78
C PRO C 134 2.69 17.93 -20.38
N VAL C 135 3.33 18.31 -21.44
CA VAL C 135 4.29 17.45 -22.18
C VAL C 135 5.72 17.89 -22.07
N LEU C 136 6.64 16.95 -22.16
CA LEU C 136 8.02 17.20 -21.77
C LEU C 136 8.77 18.08 -22.78
N GLU C 137 8.95 19.33 -22.43
CA GLU C 137 9.50 20.32 -23.32
C GLU C 137 10.93 20.11 -23.78
N VAL C 138 11.06 19.78 -25.06
CA VAL C 138 12.30 19.85 -25.80
C VAL C 138 11.87 20.12 -27.23
N TRP C 139 11.22 21.25 -27.40
CA TRP C 139 10.49 21.57 -28.61
C TRP C 139 11.37 22.08 -29.71
N LYS C 140 11.10 21.57 -30.91
CA LYS C 140 11.76 21.99 -32.14
C LYS C 140 13.26 22.21 -32.06
N ALA C 141 13.98 21.27 -31.43
CA ALA C 141 15.38 21.47 -31.09
C ALA C 141 15.96 20.13 -30.69
N GLN C 142 17.30 20.07 -30.72
CA GLN C 142 18.08 18.90 -30.33
C GLN C 142 17.86 17.61 -31.09
N ASN C 143 18.78 16.66 -30.98
CA ASN C 143 18.61 15.36 -31.63
C ASN C 143 17.73 14.48 -30.75
N VAL C 144 16.48 14.88 -30.69
CA VAL C 144 15.49 14.19 -29.86
C VAL C 144 15.10 12.89 -30.54
N ILE C 145 15.76 11.80 -30.12
CA ILE C 145 15.68 10.55 -30.79
C ILE C 145 14.58 9.64 -30.26
N VAL C 146 13.43 9.93 -30.89
CA VAL C 146 12.23 9.23 -30.55
C VAL C 146 12.21 7.85 -31.18
N PHE C 147 12.58 6.84 -30.40
CA PHE C 147 12.54 5.43 -30.80
C PHE C 147 11.11 5.02 -30.97
N LYS C 148 10.64 5.07 -32.21
CA LYS C 148 9.26 4.82 -32.55
C LYS C 148 9.26 3.70 -33.56
N ARG C 149 8.44 2.71 -33.32
CA ARG C 149 8.45 1.50 -34.11
C ARG C 149 8.10 1.69 -35.59
N SER C 150 7.03 2.37 -35.91
CA SER C 150 6.60 2.64 -37.29
C SER C 150 5.99 4.03 -37.35
N MET C 151 5.72 4.55 -38.54
CA MET C 151 5.06 5.85 -38.68
C MET C 151 3.57 5.63 -38.44
N ASN C 152 3.12 5.94 -37.22
CA ASN C 152 1.76 5.69 -36.92
C ASN C 152 1.29 6.62 -35.81
N THR C 153 -0.02 6.80 -35.76
CA THR C 153 -0.69 7.64 -34.75
C THR C 153 -0.42 6.98 -33.38
N GLY C 154 0.03 7.81 -32.43
CA GLY C 154 0.17 7.42 -31.08
C GLY C 154 -1.17 7.27 -30.35
N TYR C 155 -1.33 8.04 -29.31
CA TYR C 155 -2.63 8.15 -28.67
C TYR C 155 -3.45 9.23 -29.37
N ALA C 156 -3.00 10.50 -29.25
CA ALA C 156 -3.60 11.55 -30.05
C ALA C 156 -2.86 11.52 -31.36
N GLY C 157 -1.53 11.30 -31.36
CA GLY C 157 -0.70 11.26 -32.54
C GLY C 157 -0.81 12.48 -33.42
N VAL C 158 -1.01 13.62 -32.80
CA VAL C 158 -1.26 14.83 -33.57
C VAL C 158 0.01 15.37 -34.18
N GLN C 159 -0.13 15.92 -35.37
CA GLN C 159 0.99 16.39 -36.17
C GLN C 159 1.84 17.47 -35.54
N ASN C 160 3.16 17.35 -35.65
CA ASN C 160 4.06 18.23 -34.93
C ASN C 160 5.45 18.00 -35.47
N PRO C 161 6.39 18.94 -35.35
CA PRO C 161 7.76 18.80 -35.80
C PRO C 161 8.49 17.60 -35.25
N LEU C 162 8.22 17.10 -34.06
CA LEU C 162 8.93 15.93 -33.52
C LEU C 162 8.59 14.68 -34.28
N PHE C 163 7.45 14.61 -34.93
CA PHE C 163 7.13 13.51 -35.82
C PHE C 163 7.74 13.56 -37.20
N PHE C 164 8.36 14.70 -37.58
CA PHE C 164 8.78 14.94 -38.97
C PHE C 164 10.26 15.35 -39.15
N LYS C 165 10.79 16.05 -38.16
CA LYS C 165 12.12 16.68 -38.27
C LYS C 165 13.23 15.67 -38.16
N GLU C 166 14.39 16.06 -38.62
CA GLU C 166 15.52 15.18 -38.73
C GLU C 166 16.34 15.17 -37.47
N ASN C 167 16.58 16.26 -36.73
CA ASN C 167 17.23 16.24 -35.43
C ASN C 167 16.22 15.69 -34.44
N THR C 168 15.06 16.33 -34.32
CA THR C 168 13.99 15.94 -33.43
C THR C 168 13.26 14.83 -34.21
N HIS C 169 13.74 13.60 -34.10
CA HIS C 169 13.37 12.58 -35.05
C HIS C 169 12.90 11.31 -34.42
N MET C 170 11.74 10.89 -34.99
CA MET C 170 11.28 9.54 -34.76
C MET C 170 12.14 8.54 -35.54
N LEU C 171 13.06 7.94 -34.83
CA LEU C 171 13.94 6.92 -35.34
C LEU C 171 13.08 5.67 -35.42
N PHE C 172 12.93 5.07 -36.59
CA PHE C 172 11.89 4.08 -36.74
C PHE C 172 12.37 2.67 -36.36
N GLY C 173 12.44 2.47 -35.03
CA GLY C 173 13.01 1.27 -34.48
C GLY C 173 12.37 0.88 -33.15
N ASP C 174 12.58 -0.38 -32.75
CA ASP C 174 11.98 -0.90 -31.53
C ASP C 174 12.65 -0.41 -30.25
N ALA C 175 11.83 -0.22 -29.22
CA ALA C 175 12.28 0.28 -27.96
C ALA C 175 13.30 -0.63 -27.29
N LYS C 176 13.12 -1.97 -27.35
CA LYS C 176 14.16 -2.82 -26.80
C LYS C 176 15.36 -2.77 -27.75
N ALA C 177 15.11 -3.03 -29.02
CA ALA C 177 16.11 -3.27 -30.05
C ALA C 177 17.17 -2.18 -30.15
N SER C 178 16.69 -0.93 -30.36
CA SER C 178 17.56 0.23 -30.41
C SER C 178 18.36 0.43 -29.15
N VAL C 179 17.77 0.17 -27.97
CA VAL C 179 18.50 0.31 -26.72
C VAL C 179 19.49 -0.82 -26.61
N ASP C 180 19.18 -2.05 -27.05
CA ASP C 180 20.06 -3.20 -27.02
C ASP C 180 21.34 -2.95 -27.79
N ALA C 181 21.28 -2.30 -28.95
CA ALA C 181 22.49 -1.86 -29.62
C ALA C 181 23.32 -0.90 -28.74
N ILE C 182 22.73 0.16 -28.22
CA ILE C 182 23.49 1.21 -27.59
C ILE C 182 23.94 0.90 -26.18
N LEU C 183 23.29 0.02 -25.44
CA LEU C 183 23.80 -0.46 -24.15
C LEU C 183 25.18 -1.12 -24.19
N LYS C 184 25.52 -1.65 -25.36
CA LYS C 184 26.81 -2.21 -25.59
C LYS C 184 27.61 -1.14 -26.24
N ALA C 185 27.20 -0.65 -27.40
CA ALA C 185 27.98 0.25 -28.20
C ALA C 185 27.66 1.65 -27.78
N LEU C 186 28.63 2.24 -27.09
CA LEU C 186 28.68 3.70 -26.96
C LEU C 186 30.12 4.24 -26.98
PA NAD D . -14.30 8.74 -11.05
O1A NAD D . -13.19 8.39 -10.13
O2A NAD D . -15.17 9.89 -10.69
O5B NAD D . -15.22 7.42 -11.20
C5B NAD D . -14.65 6.13 -11.49
C4B NAD D . -15.34 5.52 -12.70
O4B NAD D . -16.59 4.88 -12.43
C3B NAD D . -15.63 6.52 -13.81
O3B NAD D . -14.54 6.60 -14.72
C2B NAD D . -16.84 5.90 -14.50
O2B NAD D . -16.53 5.59 -15.86
C1B NAD D . -17.00 4.60 -13.76
N9A NAD D . -18.37 4.01 -13.86
C8A NAD D . -19.52 4.69 -13.78
N7A NAD D . -20.59 3.91 -14.03
C5A NAD D . -20.01 2.73 -14.29
C6A NAD D . -20.73 1.54 -14.47
N6A NAD D . -22.05 1.56 -14.53
N1A NAD D . -20.00 0.40 -14.61
C2A NAD D . -18.66 0.45 -14.52
N3A NAD D . -17.99 1.59 -14.33
C4A NAD D . -18.66 2.76 -14.20
O3 NAD D . -13.74 8.98 -12.53
PN NAD D . -12.29 9.03 -13.23
O1N NAD D . -12.24 8.13 -14.40
O2N NAD D . -11.27 8.87 -12.19
O5D NAD D . -12.18 10.57 -13.71
C5D NAD D . -13.10 11.08 -14.69
C4D NAD D . -12.44 11.30 -16.05
O4D NAD D . -11.20 11.98 -15.83
C3D NAD D . -11.99 9.98 -16.71
O3D NAD D . -13.03 9.46 -17.59
C2D NAD D . -10.75 10.41 -17.49
O2D NAD D . -11.00 10.29 -18.89
C1D NAD D . -10.57 11.85 -17.09
N1N NAD D . -9.16 12.33 -17.13
C2N NAD D . -8.83 13.40 -17.97
C3N NAD D . -7.54 13.75 -18.19
C7N NAD D . -7.17 14.79 -19.23
O7N NAD D . -6.01 14.82 -19.68
N7N NAD D . -8.12 15.56 -19.72
C4N NAD D . -6.52 13.02 -17.53
C5N NAD D . -6.83 11.96 -16.67
C6N NAD D . -8.16 11.61 -16.45
HO3A NAD D . -14.24 5.66 -14.90
HO2A NAD D . -16.05 4.71 -15.89
H61A NAD D . -22.56 0.69 -14.72
H62A NAD D . -22.55 2.39 -14.40
HO3N NAD D . -12.78 9.60 -18.57
HO2N NAD D . -11.07 11.20 -19.28
H71N NAD D . -9.04 15.45 -19.30
H72N NAD D . -7.96 16.17 -20.50
PA NAP E . 0.79 5.25 -26.42
O1A NAP E . -0.21 5.73 -27.42
O2A NAP E . 0.43 4.13 -25.53
O5B NAP E . 2.06 4.76 -27.26
C5B NAP E . 2.85 5.73 -28.03
C4B NAP E . 3.62 5.06 -29.13
O4B NAP E . 4.59 4.15 -28.58
C3B NAP E . 2.75 4.28 -30.08
O3B NAP E . 2.23 5.01 -31.19
C2B NAP E . 3.67 3.16 -30.51
O2B NAP E . 3.94 3.30 -31.91
C1B NAP E . 4.96 3.38 -29.75
N9A NAP E . 5.61 2.12 -29.27
C8A NAP E . 5.01 1.13 -28.62
N7A NAP E . 5.85 0.10 -28.37
C5A NAP E . 7.00 0.53 -28.89
C6A NAP E . 8.19 -0.17 -28.93
N6A NAP E . 8.35 -1.34 -28.29
N1A NAP E . 9.22 0.43 -29.56
C2A NAP E . 9.10 1.61 -30.11
N3A NAP E . 7.93 2.30 -30.10
C4A NAP E . 6.89 1.77 -29.47
O3 NAP E . 1.29 6.48 -25.50
PN NAP E . 1.50 8.10 -25.60
O1N NAP E . 1.68 8.47 -27.02
O2N NAP E . 2.55 8.53 -24.66
O5D NAP E . 0.13 8.79 -25.10
C5D NAP E . 0.14 9.67 -23.97
C4D NAP E . -1.23 10.21 -23.58
O4D NAP E . -2.17 9.14 -23.47
C3D NAP E . -1.25 10.89 -22.25
O3D NAP E . -0.75 12.23 -22.32
C2D NAP E . -2.76 10.91 -22.01
O2D NAP E . -3.30 12.14 -22.50
C1D NAP E . -3.30 9.73 -22.77
N1N NAP E . -3.98 8.78 -21.87
C2N NAP E . -3.26 8.11 -20.86
C3N NAP E . -3.83 7.06 -20.16
C7N NAP E . -2.97 6.22 -19.20
O7N NAP E . -1.75 6.23 -19.31
N7N NAP E . -3.58 5.65 -18.18
C4N NAP E . -5.15 6.67 -20.46
C5N NAP E . -5.87 7.34 -21.45
C6N NAP E . -5.30 8.40 -22.15
P2B NAP E . 4.11 1.98 -32.83
O1X NAP E . 4.75 1.01 -31.95
O2X NAP E . 4.89 2.44 -34.00
O3X NAP E . 2.70 1.64 -33.16
HO3A NAP E . 1.43 4.52 -31.55
H61A NAP E . 7.61 -1.66 -27.67
H62A NAP E . 9.17 -1.92 -28.42
HO3N NAP E . -1.45 12.81 -22.71
HO2N NAP E . -4.31 12.13 -22.49
H71N NAP E . -4.50 5.97 -17.96
H72N NAP E . -3.23 4.81 -17.77
N HIS A 7 -12.82 -42.55 18.52
CA HIS A 7 -12.36 -42.47 17.14
C HIS A 7 -11.70 -41.14 16.93
N GLY A 8 -10.81 -41.09 15.91
CA GLY A 8 -10.14 -39.90 15.54
C GLY A 8 -11.03 -38.86 14.94
N ARG A 9 -11.66 -38.16 15.88
CA ARG A 9 -12.45 -37.01 15.63
C ARG A 9 -11.52 -35.83 16.01
N ILE A 10 -11.21 -34.99 15.03
CA ILE A 10 -10.36 -33.85 15.20
C ILE A 10 -11.33 -32.69 15.30
N GLY A 11 -11.46 -32.33 16.57
CA GLY A 11 -12.23 -31.18 16.99
C GLY A 11 -11.46 -29.91 16.73
N ILE A 12 -12.12 -29.07 15.94
CA ILE A 12 -11.68 -27.76 15.54
C ILE A 12 -12.52 -26.77 16.36
N PRO A 13 -12.04 -26.22 17.47
CA PRO A 13 -12.66 -25.10 18.14
C PRO A 13 -12.46 -23.80 17.40
N ARG A 14 -13.42 -22.95 17.70
CA ARG A 14 -13.33 -21.52 17.46
C ARG A 14 -12.32 -21.00 18.49
N GLU A 15 -11.52 -20.00 18.17
CA GLU A 15 -10.69 -19.40 19.18
C GLU A 15 -11.57 -18.53 20.06
N ARG A 16 -11.52 -18.96 21.30
CA ARG A 16 -12.36 -18.45 22.33
C ARG A 16 -11.51 -17.53 23.21
N LEU A 17 -10.26 -17.21 22.88
CA LEU A 17 -9.67 -15.96 23.32
C LEU A 17 -10.45 -14.82 22.73
N THR A 18 -10.90 -13.89 23.56
CA THR A 18 -11.79 -12.80 23.20
C THR A 18 -11.27 -12.00 22.00
N ASN A 19 -12.16 -11.51 21.13
CA ASN A 19 -11.80 -10.70 19.96
C ASN A 19 -11.07 -11.46 18.86
N GLU A 20 -10.20 -12.44 19.15
CA GLU A 20 -9.49 -13.15 18.10
C GLU A 20 -10.40 -14.10 17.39
N THR A 21 -10.86 -13.59 16.24
CA THR A 21 -11.67 -14.33 15.31
C THR A 21 -10.72 -15.29 14.60
N ARG A 22 -10.58 -16.54 15.02
CA ARG A 22 -9.80 -17.52 14.29
C ARG A 22 -10.53 -18.82 14.53
N VAL A 23 -10.54 -19.76 13.58
CA VAL A 23 -11.00 -21.12 13.84
C VAL A 23 -9.76 -22.01 13.76
N ALA A 24 -9.72 -23.23 14.30
CA ALA A 24 -8.50 -24.01 14.26
C ALA A 24 -8.12 -24.51 12.88
N ALA A 25 -9.07 -24.62 11.95
CA ALA A 25 -8.83 -25.11 10.62
C ALA A 25 -9.93 -24.58 9.70
N THR A 26 -9.62 -24.10 8.49
CA THR A 26 -10.66 -23.69 7.53
C THR A 26 -11.41 -24.88 6.88
N PRO A 27 -12.47 -24.66 6.09
CA PRO A 27 -13.04 -25.69 5.23
C PRO A 27 -12.01 -26.40 4.35
N LYS A 28 -11.02 -25.66 3.82
CA LYS A 28 -9.91 -26.26 3.09
C LYS A 28 -9.05 -27.17 3.97
N THR A 29 -8.80 -26.78 5.20
CA THR A 29 -8.00 -27.58 6.11
C THR A 29 -8.71 -28.84 6.58
N VAL A 30 -10.05 -28.73 6.65
CA VAL A 30 -10.97 -29.83 6.90
C VAL A 30 -10.80 -30.83 5.77
N GLU A 31 -10.80 -30.39 4.51
CA GLU A 31 -10.56 -31.27 3.38
C GLU A 31 -9.24 -31.99 3.49
N GLN A 32 -8.21 -31.39 4.06
CA GLN A 32 -6.98 -32.12 4.28
C GLN A 32 -7.20 -33.25 5.28
N LEU A 33 -7.84 -32.97 6.40
CA LEU A 33 -8.16 -34.02 7.40
C LEU A 33 -9.02 -35.18 6.87
N LEU A 34 -9.88 -34.83 5.94
CA LEU A 34 -10.61 -35.82 5.15
C LEU A 34 -9.68 -36.62 4.27
N LYS A 35 -8.62 -36.01 3.76
CA LYS A 35 -7.61 -36.73 2.96
C LYS A 35 -6.82 -37.72 3.80
N LEU A 36 -6.64 -37.34 5.07
CA LEU A 36 -6.06 -38.21 6.10
C LEU A 36 -7.11 -39.24 6.58
N GLY A 37 -8.37 -38.87 6.45
CA GLY A 37 -9.44 -39.78 6.76
C GLY A 37 -9.79 -39.76 8.25
N PHE A 38 -9.84 -38.55 8.77
CA PHE A 38 -10.08 -38.30 10.16
C PHE A 38 -11.36 -37.50 10.18
N THR A 39 -12.24 -37.82 11.12
CA THR A 39 -13.56 -37.28 11.19
C THR A 39 -13.44 -35.89 11.80
N VAL A 40 -13.74 -34.89 10.97
CA VAL A 40 -13.55 -33.49 11.38
C VAL A 40 -14.80 -33.07 12.13
N ALA A 41 -14.68 -32.42 13.28
CA ALA A 41 -15.80 -31.86 14.04
C ALA A 41 -15.50 -30.36 14.23
N VAL A 42 -16.37 -29.39 13.96
CA VAL A 42 -16.03 -27.97 14.13
C VAL A 42 -17.04 -27.34 15.09
N GLU A 43 -16.57 -26.40 15.88
CA GLU A 43 -17.42 -25.71 16.81
C GLU A 43 -18.45 -24.92 16.02
N SER A 44 -19.70 -25.02 16.47
CA SER A 44 -20.81 -24.42 15.77
C SER A 44 -20.82 -22.91 15.99
N GLY A 45 -20.78 -22.18 14.87
CA GLY A 45 -20.75 -20.74 14.92
C GLY A 45 -19.34 -20.20 14.95
N ALA A 46 -18.36 -20.96 14.49
CA ALA A 46 -16.96 -20.59 14.50
C ALA A 46 -16.64 -19.83 13.25
N GLY A 47 -17.10 -20.33 12.10
CA GLY A 47 -16.67 -19.78 10.84
C GLY A 47 -17.23 -18.39 10.57
N GLN A 48 -18.36 -18.10 11.20
CA GLN A 48 -18.98 -16.80 11.13
C GLN A 48 -18.08 -15.73 11.70
N LEU A 49 -17.38 -16.04 12.78
CA LEU A 49 -16.31 -15.20 13.28
C LEU A 49 -15.12 -15.23 12.34
N ALA A 50 -14.59 -16.45 12.11
CA ALA A 50 -13.36 -16.64 11.33
C ALA A 50 -13.46 -16.27 9.85
N SER A 51 -14.60 -15.74 9.41
CA SER A 51 -14.83 -15.18 8.10
C SER A 51 -14.76 -16.20 6.96
N PHE A 52 -15.11 -17.43 7.28
CA PHE A 52 -15.23 -18.51 6.27
C PHE A 52 -16.18 -19.46 6.93
N ASP A 53 -17.42 -19.36 6.47
CA ASP A 53 -18.55 -19.72 7.29
C ASP A 53 -18.79 -21.21 7.53
N ASP A 54 -19.57 -21.43 8.59
CA ASP A 54 -20.02 -22.74 9.03
C ASP A 54 -20.78 -23.55 7.98
N LYS A 55 -21.39 -22.86 7.00
CA LYS A 55 -22.04 -23.58 5.92
C LYS A 55 -21.04 -24.05 4.89
N ALA A 56 -19.96 -23.32 4.68
CA ALA A 56 -18.87 -23.80 3.84
C ALA A 56 -18.12 -24.92 4.57
N PHE A 57 -18.08 -24.88 5.91
CA PHE A 57 -17.67 -26.05 6.72
C PHE A 57 -18.52 -27.29 6.51
N VAL A 58 -19.86 -27.16 6.55
CA VAL A 58 -20.75 -28.29 6.23
C VAL A 58 -20.53 -28.80 4.81
N GLN A 59 -20.30 -27.88 3.87
CA GLN A 59 -19.93 -28.21 2.51
C GLN A 59 -18.59 -28.96 2.45
N ALA A 60 -17.56 -28.63 3.23
CA ALA A 60 -16.33 -29.45 3.27
C ALA A 60 -16.58 -30.76 4.01
N GLY A 61 -17.59 -30.75 4.87
CA GLY A 61 -17.90 -31.97 5.57
C GLY A 61 -17.38 -31.97 7.00
N ALA A 62 -17.68 -30.89 7.71
CA ALA A 62 -17.32 -30.80 9.09
C ALA A 62 -18.52 -31.05 9.97
N GLU A 63 -18.32 -31.86 11.02
CA GLU A 63 -19.36 -32.24 11.95
C GLU A 63 -19.55 -31.04 12.85
N ILE A 64 -20.58 -30.26 12.53
CA ILE A 64 -20.82 -29.03 13.28
C ILE A 64 -21.43 -29.42 14.66
N VAL A 65 -20.63 -29.38 15.70
CA VAL A 65 -21.04 -29.71 17.07
C VAL A 65 -20.64 -28.55 17.97
N GLU A 66 -21.17 -28.53 19.20
CA GLU A 66 -21.17 -27.30 19.99
C GLU A 66 -20.29 -27.46 21.22
N GLY A 67 -19.52 -26.43 21.63
CA GLY A 67 -18.90 -26.37 22.98
C GLY A 67 -18.26 -27.65 23.47
N ASN A 68 -18.79 -28.20 24.56
CA ASN A 68 -18.22 -29.43 25.12
C ASN A 68 -18.26 -30.53 24.10
N SER A 69 -19.31 -30.67 23.30
CA SER A 69 -19.46 -31.81 22.38
C SER A 69 -18.51 -31.65 21.19
N VAL A 70 -17.87 -30.51 20.95
CA VAL A 70 -16.77 -30.43 20.01
C VAL A 70 -15.51 -30.74 20.81
N TRP A 71 -15.43 -30.19 22.03
CA TRP A 71 -14.24 -30.30 22.86
C TRP A 71 -13.88 -31.72 23.31
N GLN A 72 -14.87 -32.64 23.36
CA GLN A 72 -14.57 -34.03 23.66
C GLN A 72 -14.23 -34.76 22.39
N SER A 73 -13.01 -34.61 21.92
CA SER A 73 -12.59 -35.35 20.75
C SER A 73 -11.19 -35.92 20.96
N GLU A 74 -10.81 -36.86 20.08
CA GLU A 74 -9.51 -37.53 20.21
C GLU A 74 -8.39 -36.55 19.92
N ILE A 75 -8.57 -35.61 18.98
CA ILE A 75 -7.61 -34.55 18.74
C ILE A 75 -8.35 -33.22 18.86
N ILE A 76 -7.74 -32.21 19.44
CA ILE A 76 -8.25 -30.86 19.46
C ILE A 76 -7.12 -30.02 18.91
N LEU A 77 -7.36 -29.34 17.80
CA LEU A 77 -6.41 -28.40 17.27
C LEU A 77 -6.75 -27.02 17.81
N LYS A 78 -5.80 -26.22 18.27
CA LYS A 78 -6.13 -24.95 18.86
C LYS A 78 -5.22 -23.85 18.42
N VAL A 79 -5.89 -22.71 18.37
CA VAL A 79 -5.34 -21.60 17.64
C VAL A 79 -4.41 -20.79 18.50
N ASN A 80 -4.75 -20.69 19.77
CA ASN A 80 -3.83 -20.23 20.78
C ASN A 80 -3.83 -21.27 21.88
N ALA A 81 -3.09 -20.94 22.93
CA ALA A 81 -3.12 -21.63 24.23
C ALA A 81 -4.56 -21.66 24.71
N PRO A 82 -5.09 -22.79 25.18
CA PRO A 82 -6.41 -22.88 25.75
C PRO A 82 -6.52 -22.11 27.04
N LEU A 83 -7.68 -21.54 27.28
CA LEU A 83 -8.00 -20.86 28.54
C LEU A 83 -8.16 -21.96 29.60
N ASP A 84 -8.05 -21.63 30.88
CA ASP A 84 -8.35 -22.53 31.99
C ASP A 84 -9.71 -23.21 31.88
N ASP A 85 -10.67 -22.49 31.29
CA ASP A 85 -11.94 -23.03 30.86
C ASP A 85 -11.72 -24.25 30.00
N GLU A 86 -11.03 -24.02 28.90
CA GLU A 86 -10.82 -24.99 27.87
C GLU A 86 -9.99 -26.20 28.32
N ILE A 87 -8.97 -25.95 29.18
CA ILE A 87 -8.16 -26.96 29.87
C ILE A 87 -9.07 -27.99 30.50
N ALA A 88 -10.07 -27.58 31.30
CA ALA A 88 -10.98 -28.51 31.96
C ALA A 88 -11.86 -29.28 31.02
N LEU A 89 -12.11 -28.69 29.84
CA LEU A 89 -12.87 -29.39 28.82
C LEU A 89 -12.04 -30.44 28.09
N LEU A 90 -10.73 -30.38 28.14
CA LEU A 90 -9.82 -31.43 27.70
C LEU A 90 -10.08 -32.74 28.43
N ASN A 91 -10.13 -33.84 27.68
CA ASN A 91 -10.48 -35.16 28.24
C ASN A 91 -9.25 -36.03 28.28
N PRO A 92 -9.08 -37.04 29.20
CA PRO A 92 -7.99 -38.01 29.18
C PRO A 92 -7.95 -38.71 27.82
N GLY A 93 -6.85 -38.53 27.08
CA GLY A 93 -6.69 -39.12 25.76
C GLY A 93 -6.73 -38.10 24.67
N THR A 94 -7.02 -36.83 24.93
CA THR A 94 -7.16 -35.85 23.87
C THR A 94 -5.80 -35.31 23.47
N THR A 95 -5.54 -35.26 22.17
CA THR A 95 -4.30 -34.71 21.63
C THR A 95 -4.53 -33.22 21.44
N LEU A 96 -4.15 -32.43 22.43
CA LEU A 96 -4.24 -31.00 22.35
C LEU A 96 -3.04 -30.45 21.57
N VAL A 97 -3.25 -30.09 20.31
CA VAL A 97 -2.19 -29.46 19.56
C VAL A 97 -2.52 -27.97 19.60
N SER A 98 -1.64 -27.12 20.08
CA SER A 98 -1.93 -25.70 20.23
C SER A 98 -0.63 -24.86 20.17
N PHE A 99 -0.81 -23.53 20.00
CA PHE A 99 0.31 -22.60 20.21
C PHE A 99 0.31 -22.27 21.71
N ILE A 100 1.21 -22.91 22.43
CA ILE A 100 1.24 -22.88 23.89
C ILE A 100 2.11 -21.77 24.44
N TRP A 101 3.42 -21.94 24.15
CA TRP A 101 4.54 -21.33 24.84
C TRP A 101 4.77 -21.88 26.24
N PRO A 102 5.31 -23.11 26.39
CA PRO A 102 5.55 -23.71 27.70
C PRO A 102 6.47 -22.93 28.62
N ALA A 103 7.49 -22.19 28.11
CA ALA A 103 8.32 -21.36 28.97
C ALA A 103 7.52 -20.28 29.64
N GLN A 104 6.64 -19.66 28.82
CA GLN A 104 5.74 -18.63 29.31
C GLN A 104 4.70 -19.19 30.28
N ASN A 105 3.95 -20.23 29.93
CA ASN A 105 2.89 -20.68 30.82
C ASN A 105 3.01 -22.12 31.32
N PRO A 106 3.84 -22.41 32.35
CA PRO A 106 3.96 -23.72 32.97
C PRO A 106 2.65 -24.13 33.68
N GLU A 107 1.81 -23.21 34.16
CA GLU A 107 0.54 -23.52 34.82
C GLU A 107 -0.30 -24.37 33.89
N LEU A 108 -0.39 -23.92 32.63
CA LEU A 108 -1.02 -24.68 31.56
C LEU A 108 -0.57 -26.13 31.51
N MET A 109 0.76 -26.26 31.46
CA MET A 109 1.44 -27.55 31.32
C MET A 109 1.03 -28.50 32.46
N GLN A 110 1.10 -27.98 33.70
CA GLN A 110 0.74 -28.69 34.93
C GLN A 110 -0.71 -29.14 34.84
N LYS A 111 -1.62 -28.22 34.53
CA LYS A 111 -3.05 -28.47 34.48
C LYS A 111 -3.39 -29.47 33.40
N LEU A 112 -2.76 -29.38 32.24
CA LEU A 112 -2.95 -30.34 31.14
C LEU A 112 -2.37 -31.70 31.48
N ALA A 113 -1.26 -31.73 32.22
CA ALA A 113 -0.68 -32.97 32.64
C ALA A 113 -1.68 -33.62 33.59
N GLU A 114 -2.28 -32.83 34.48
CA GLU A 114 -3.41 -33.30 35.30
C GLU A 114 -4.56 -33.82 34.48
N ARG A 115 -4.87 -33.16 33.39
CA ARG A 115 -5.88 -33.62 32.46
C ARG A 115 -5.50 -34.92 31.77
N ASN A 116 -4.22 -35.29 31.66
CA ASN A 116 -3.77 -36.47 30.94
C ASN A 116 -4.12 -36.44 29.44
N VAL A 117 -3.56 -35.42 28.83
CA VAL A 117 -3.69 -35.12 27.41
C VAL A 117 -2.31 -35.10 26.79
N THR A 118 -2.25 -35.29 25.48
CA THR A 118 -1.02 -35.10 24.75
C THR A 118 -0.94 -33.71 24.16
N VAL A 119 -0.03 -32.91 24.72
CA VAL A 119 0.08 -31.50 24.31
C VAL A 119 1.25 -31.34 23.34
N MET A 120 0.90 -30.88 22.14
CA MET A 120 1.90 -30.62 21.11
C MET A 120 1.97 -29.11 21.02
N ALA A 121 3.10 -28.49 21.24
CA ALA A 121 3.18 -27.05 21.26
C ALA A 121 3.92 -26.60 19.99
N MET A 122 3.11 -26.01 19.13
CA MET A 122 3.53 -25.61 17.80
C MET A 122 4.58 -24.49 17.69
N ASP A 123 4.71 -23.73 18.77
CA ASP A 123 5.83 -22.83 18.97
C ASP A 123 7.07 -23.65 19.26
N SER A 124 6.91 -24.73 19.98
CA SER A 124 8.00 -25.59 20.35
C SER A 124 8.36 -26.68 19.32
N VAL A 125 8.11 -26.39 18.03
CA VAL A 125 8.55 -27.23 16.91
C VAL A 125 10.06 -26.98 16.76
N PRO A 126 10.92 -27.98 16.62
CA PRO A 126 12.37 -27.81 16.39
C PRO A 126 12.55 -27.16 15.01
N ARG A 127 13.39 -26.10 14.93
CA ARG A 127 13.37 -25.23 13.78
C ARG A 127 14.07 -25.76 12.52
N ILE A 128 14.06 -27.06 12.28
CA ILE A 128 14.89 -27.64 11.22
C ILE A 128 14.15 -27.67 9.89
N SER A 129 14.81 -28.00 8.77
CA SER A 129 14.24 -27.91 7.45
C SER A 129 12.94 -28.73 7.27
N ARG A 130 12.99 -30.06 7.49
CA ARG A 130 11.79 -30.89 7.42
C ARG A 130 10.71 -30.57 8.41
N ALA A 131 11.04 -29.88 9.48
CA ALA A 131 10.03 -29.38 10.41
C ALA A 131 9.30 -28.13 9.92
N GLN A 132 9.77 -27.40 8.92
CA GLN A 132 9.22 -26.11 8.53
C GLN A 132 7.75 -26.11 8.19
N SER A 133 7.23 -27.17 7.56
CA SER A 133 5.81 -27.30 7.25
C SER A 133 4.97 -27.44 8.54
N LEU A 134 5.57 -27.92 9.63
CA LEU A 134 4.94 -27.94 10.94
C LEU A 134 5.20 -26.65 11.72
N ASP A 135 6.33 -25.99 11.50
CA ASP A 135 6.82 -24.85 12.27
C ASP A 135 5.87 -23.68 12.24
N ALA A 136 5.20 -23.45 13.37
CA ALA A 136 4.36 -22.32 13.53
C ALA A 136 5.18 -21.05 13.65
N LEU A 137 6.33 -21.06 14.34
CA LEU A 137 7.15 -19.85 14.44
C LEU A 137 7.72 -19.42 13.08
N SER A 138 7.70 -20.33 12.11
CA SER A 138 7.89 -19.90 10.75
C SER A 138 6.52 -19.48 10.15
N SER A 139 5.54 -20.37 9.99
CA SER A 139 4.36 -20.10 9.19
C SER A 139 3.34 -19.21 9.85
N MET A 140 2.97 -19.37 11.14
CA MET A 140 2.02 -18.50 11.80
C MET A 140 2.63 -17.09 11.94
N ALA A 141 3.91 -17.03 12.31
CA ALA A 141 4.70 -15.79 12.19
C ALA A 141 4.62 -15.16 10.82
N ASN A 142 4.79 -15.91 9.74
CA ASN A 142 4.75 -15.35 8.40
C ASN A 142 3.37 -14.73 8.08
N ILE A 143 2.28 -15.33 8.57
CA ILE A 143 0.94 -14.72 8.51
C ILE A 143 0.97 -13.34 9.12
N ALA A 144 1.40 -13.27 10.37
CA ALA A 144 1.57 -12.01 11.05
C ALA A 144 2.56 -11.10 10.34
N GLY A 145 3.57 -11.62 9.65
CA GLY A 145 4.51 -10.83 8.89
C GLY A 145 3.89 -10.07 7.73
N TYR A 146 3.01 -10.73 6.95
CA TYR A 146 2.23 -10.14 5.89
C TYR A 146 1.34 -9.06 6.52
N ARG A 147 0.68 -9.52 7.57
CA ARG A 147 -0.24 -8.67 8.28
C ARG A 147 0.45 -7.43 8.92
N ALA A 148 1.76 -7.49 9.21
CA ALA A 148 2.54 -6.35 9.64
C ALA A 148 2.58 -5.22 8.63
N ILE A 149 2.65 -5.58 7.35
CA ILE A 149 2.65 -4.64 6.25
C ILE A 149 1.30 -3.93 6.18
N VAL A 150 0.25 -4.75 6.27
CA VAL A 150 -1.13 -4.28 6.21
C VAL A 150 -1.39 -3.23 7.29
N GLU A 151 -1.20 -3.64 8.55
CA GLU A 151 -1.52 -2.76 9.66
C GLU A 151 -0.53 -1.64 9.83
N ALA A 152 0.68 -1.82 9.29
CA ALA A 152 1.58 -0.71 9.07
C ALA A 152 0.86 0.36 8.23
N ALA A 153 0.41 -0.06 7.04
CA ALA A 153 -0.26 0.84 6.12
C ALA A 153 -1.61 1.30 6.65
N HIS A 154 -2.14 0.61 7.66
CA HIS A 154 -3.38 1.02 8.29
C HIS A 154 -3.12 2.25 9.13
N GLU A 155 -2.10 2.31 9.98
CA GLU A 155 -1.79 3.52 10.70
C GLU A 155 -0.99 4.54 9.93
N PHE A 156 -0.39 4.07 8.81
CA PHE A 156 0.57 4.78 8.01
C PHE A 156 -0.03 6.08 7.51
N GLY A 157 0.86 7.04 7.56
CA GLY A 157 0.61 8.30 6.97
C GLY A 157 0.88 8.21 5.47
N ARG A 158 1.87 7.42 5.08
CA ARG A 158 2.49 7.59 3.78
C ARG A 158 2.14 6.47 2.82
N PHE A 159 2.82 6.44 1.68
CA PHE A 159 2.62 5.39 0.69
C PHE A 159 3.85 4.49 0.63
N PHE A 160 3.74 3.18 0.38
CA PHE A 160 4.91 2.33 0.28
C PHE A 160 5.79 2.62 -0.92
N THR A 161 5.25 2.69 -2.12
CA THR A 161 6.05 2.99 -3.30
C THR A 161 6.05 4.51 -3.60
N GLY A 162 7.22 5.09 -3.88
CA GLY A 162 7.28 6.51 -4.26
C GLY A 162 6.83 6.74 -5.68
N GLN A 163 5.53 6.58 -5.96
CA GLN A 163 5.02 6.69 -7.32
C GLN A 163 4.77 8.09 -7.84
N ILE A 164 4.88 8.24 -9.17
CA ILE A 164 4.38 9.41 -9.85
C ILE A 164 2.88 9.31 -10.04
N THR A 165 2.18 10.28 -9.45
CA THR A 165 0.76 10.44 -9.62
C THR A 165 0.47 11.39 -10.78
N ALA A 166 -0.74 11.91 -11.04
CA ALA A 166 -0.96 12.92 -12.08
C ALA A 166 -0.47 14.25 -11.57
N ALA A 167 -0.42 14.37 -10.25
CA ALA A 167 0.08 15.57 -9.61
C ALA A 167 1.60 15.51 -9.49
N GLY A 168 2.20 14.55 -8.79
CA GLY A 168 3.64 14.56 -8.58
C GLY A 168 4.06 13.43 -7.68
N LYS A 169 5.19 13.52 -7.02
CA LYS A 169 5.83 12.37 -6.42
C LYS A 169 5.44 12.16 -4.96
N VAL A 170 5.27 10.88 -4.75
CA VAL A 170 5.16 10.34 -3.39
C VAL A 170 6.57 10.11 -2.82
N PRO A 171 6.79 10.26 -1.50
CA PRO A 171 7.95 9.73 -0.79
C PRO A 171 8.00 8.21 -0.63
N PRO A 172 9.00 7.48 -1.13
CA PRO A 172 9.10 6.04 -0.91
C PRO A 172 9.34 5.61 0.55
N ALA A 173 8.73 4.50 0.98
CA ALA A 173 8.92 4.00 2.35
C ALA A 173 10.21 3.19 2.51
N LYS A 174 11.05 3.57 3.48
CA LYS A 174 12.18 2.75 3.93
C LYS A 174 11.64 1.79 4.97
N VAL A 175 11.46 0.58 4.49
CA VAL A 175 10.95 -0.51 5.30
C VAL A 175 12.08 -1.22 5.98
N MET A 176 12.44 -0.69 7.14
CA MET A 176 13.47 -1.31 7.97
C MET A 176 12.90 -2.49 8.75
N VAL A 177 13.22 -3.68 8.25
CA VAL A 177 12.75 -4.90 8.90
C VAL A 177 13.83 -5.32 9.88
N ILE A 178 13.52 -5.38 11.16
CA ILE A 178 14.51 -5.62 12.17
C ILE A 178 14.23 -7.04 12.66
N GLY A 179 15.27 -7.91 12.65
CA GLY A 179 15.05 -9.31 13.02
C GLY A 179 14.26 -10.01 11.92
N ALA A 180 14.90 -10.26 10.79
CA ALA A 180 14.25 -10.92 9.67
C ALA A 180 14.14 -12.44 9.90
N GLY A 181 13.29 -12.83 10.87
CA GLY A 181 12.82 -14.20 10.99
C GLY A 181 11.71 -14.39 9.96
N VAL A 182 11.00 -15.50 9.92
CA VAL A 182 10.04 -15.79 8.85
C VAL A 182 8.88 -14.80 8.77
N ALA A 183 8.46 -14.23 9.90
CA ALA A 183 7.54 -13.09 9.90
C ALA A 183 8.14 -11.90 9.11
N GLY A 184 9.36 -11.53 9.47
CA GLY A 184 10.15 -10.52 8.76
C GLY A 184 10.35 -10.85 7.28
N LEU A 185 10.51 -12.13 6.94
CA LEU A 185 10.71 -12.55 5.58
C LEU A 185 9.47 -12.27 4.74
N ALA A 186 8.27 -12.46 5.33
CA ALA A 186 7.03 -12.10 4.68
C ALA A 186 6.90 -10.59 4.45
N ALA A 187 7.30 -9.81 5.47
CA ALA A 187 7.38 -8.36 5.33
C ALA A 187 8.31 -7.90 4.22
N ILE A 188 9.51 -8.49 4.15
CA ILE A 188 10.47 -8.15 3.11
C ILE A 188 9.90 -8.43 1.71
N GLY A 189 9.40 -9.66 1.61
CA GLY A 189 8.90 -10.21 0.36
C GLY A 189 7.73 -9.40 -0.18
N ALA A 190 6.63 -9.23 0.60
CA ALA A 190 5.49 -8.45 0.19
C ALA A 190 5.88 -7.03 -0.19
N ALA A 191 6.65 -6.36 0.66
CA ALA A 191 7.00 -4.98 0.40
C ALA A 191 7.97 -4.76 -0.74
N ASN A 192 8.80 -5.79 -1.00
CA ASN A 192 9.66 -5.77 -2.17
C ASN A 192 8.83 -5.95 -3.43
N SER A 193 7.83 -6.83 -3.44
CA SER A 193 6.89 -6.97 -4.55
C SER A 193 6.05 -5.69 -4.72
N LEU A 194 5.76 -4.95 -3.64
CA LEU A 194 5.20 -3.60 -3.69
C LEU A 194 6.17 -2.61 -4.33
N GLY A 195 7.46 -2.80 -4.11
CA GLY A 195 8.50 -1.95 -4.62
C GLY A 195 8.71 -0.77 -3.68
N ALA A 196 9.08 -1.12 -2.46
CA ALA A 196 9.39 -0.16 -1.45
C ALA A 196 10.83 -0.36 -1.02
N ILE A 197 11.43 0.65 -0.42
CA ILE A 197 12.85 0.54 -0.11
C ILE A 197 13.02 -0.30 1.15
N VAL A 198 12.99 -1.62 0.98
CA VAL A 198 13.12 -2.52 2.13
C VAL A 198 14.61 -2.66 2.45
N ARG A 199 14.93 -2.50 3.73
CA ARG A 199 16.26 -2.64 4.27
C ARG A 199 16.08 -3.39 5.59
N ALA A 200 16.44 -4.67 5.46
CA ALA A 200 16.34 -5.56 6.60
C ALA A 200 17.67 -5.67 7.31
N PHE A 201 17.67 -5.53 8.63
CA PHE A 201 18.82 -5.85 9.44
C PHE A 201 18.44 -7.07 10.26
N ASP A 202 19.37 -8.01 10.44
CA ASP A 202 19.24 -9.04 11.46
C ASP A 202 20.65 -9.22 12.00
N THR A 203 20.64 -9.59 13.26
CA THR A 203 21.82 -9.93 14.01
C THR A 203 22.54 -11.12 13.37
N ARG A 204 21.80 -12.04 12.74
CA ARG A 204 22.33 -13.22 12.11
C ARG A 204 22.80 -12.85 10.71
N PRO A 205 24.10 -12.99 10.38
CA PRO A 205 24.61 -12.72 9.03
C PRO A 205 24.05 -13.77 8.04
N GLU A 206 23.57 -14.90 8.53
CA GLU A 206 23.12 -16.01 7.72
C GLU A 206 22.00 -15.63 6.75
N VAL A 207 21.09 -14.76 7.21
CA VAL A 207 19.87 -14.44 6.48
C VAL A 207 19.98 -13.37 5.41
N LYS A 208 21.22 -12.93 5.21
CA LYS A 208 21.61 -11.81 4.37
C LYS A 208 21.26 -12.05 2.92
N GLU A 209 21.78 -13.18 2.44
CA GLU A 209 21.67 -13.59 1.05
C GLU A 209 20.22 -13.65 0.56
N GLN A 210 19.32 -14.22 1.39
CA GLN A 210 17.91 -14.28 1.04
C GLN A 210 17.29 -12.90 0.87
N VAL A 211 17.50 -12.00 1.81
CA VAL A 211 17.02 -10.63 1.71
C VAL A 211 17.34 -9.97 0.38
N GLN A 212 18.62 -10.14 0.00
CA GLN A 212 19.08 -9.67 -1.29
C GLN A 212 18.50 -10.46 -2.42
N SER A 213 18.20 -11.75 -2.24
CA SER A 213 17.49 -12.56 -3.21
C SER A 213 16.01 -12.18 -3.36
N MET A 214 15.38 -11.52 -2.36
CA MET A 214 14.11 -10.87 -2.62
C MET A 214 14.39 -9.58 -3.38
N GLY A 215 15.29 -8.81 -2.84
CA GLY A 215 15.66 -7.57 -3.49
C GLY A 215 15.53 -6.43 -2.48
N ALA A 216 16.27 -6.57 -1.38
CA ALA A 216 16.20 -5.59 -0.33
C ALA A 216 17.60 -5.48 0.24
N GLU A 217 17.89 -4.30 0.75
CA GLU A 217 19.19 -4.05 1.34
C GLU A 217 19.25 -4.92 2.58
N PHE A 218 20.36 -5.57 2.86
CA PHE A 218 20.52 -6.16 4.17
C PHE A 218 21.47 -5.17 4.79
N LEU A 219 21.02 -4.49 5.84
CA LEU A 219 21.83 -3.48 6.48
C LEU A 219 22.95 -4.20 7.19
N GLU A 220 24.13 -3.82 6.73
CA GLU A 220 25.33 -4.25 7.41
C GLU A 220 25.62 -3.32 8.60
N LEU A 221 26.06 -3.95 9.69
CA LEU A 221 26.10 -3.28 10.98
C LEU A 221 27.34 -2.40 11.02
N ASP A 222 27.06 -1.17 11.30
CA ASP A 222 28.05 -0.20 11.71
C ASP A 222 28.47 -0.46 13.13
N PHE A 223 29.47 -1.33 13.22
CA PHE A 223 30.00 -1.74 14.48
C PHE A 223 31.50 -1.47 14.45
N ASP A 231 33.35 -15.98 16.97
CA ASP A 231 32.29 -16.82 16.47
C ASP A 231 31.02 -15.99 16.44
N GLY A 232 30.08 -16.47 15.64
CA GLY A 232 28.81 -15.79 15.34
C GLY A 232 27.98 -15.43 16.54
N TYR A 233 27.62 -16.41 17.40
CA TYR A 233 26.64 -16.20 18.44
C TYR A 233 27.21 -15.35 19.57
N ALA A 234 28.49 -15.59 19.92
CA ALA A 234 29.13 -14.85 20.99
C ALA A 234 29.29 -13.40 20.48
N LYS A 235 29.69 -13.18 19.23
CA LYS A 235 29.78 -11.87 18.63
C LYS A 235 28.44 -11.16 18.65
N VAL A 236 27.36 -11.85 18.30
CA VAL A 236 26.01 -11.30 18.39
C VAL A 236 25.63 -10.89 19.81
N MET A 237 25.82 -11.81 20.71
CA MET A 237 25.49 -11.66 22.12
C MET A 237 26.63 -10.95 22.86
N SER A 238 26.77 -9.68 22.56
CA SER A 238 27.77 -8.82 23.20
C SER A 238 27.14 -7.45 23.49
N ASP A 239 27.65 -6.73 24.49
CA ASP A 239 27.15 -5.42 24.87
C ASP A 239 27.24 -4.44 23.73
N ALA A 240 28.47 -4.12 23.34
CA ALA A 240 28.72 -3.12 22.34
C ALA A 240 28.14 -3.48 20.97
N PHE A 241 27.91 -4.79 20.69
CA PHE A 241 27.18 -5.21 19.49
C PHE A 241 25.75 -4.78 19.60
N ILE A 242 24.97 -5.04 20.67
CA ILE A 242 23.55 -4.64 20.79
C ILE A 242 23.47 -3.11 20.91
N LYS A 243 24.53 -2.47 21.41
CA LYS A 243 24.70 -1.02 21.38
C LYS A 243 24.73 -0.56 19.92
N ALA A 244 25.53 -1.27 19.11
CA ALA A 244 25.68 -0.94 17.70
C ALA A 244 24.42 -1.18 16.93
N GLU A 245 23.67 -2.24 17.29
CA GLU A 245 22.36 -2.52 16.72
C GLU A 245 21.42 -1.33 16.98
N MET A 246 21.24 -0.95 18.25
CA MET A 246 20.48 0.24 18.62
C MET A 246 20.92 1.50 17.91
N GLU A 247 22.21 1.73 17.86
CA GLU A 247 22.76 2.94 17.24
C GLU A 247 22.54 2.93 15.72
N LEU A 248 22.59 1.76 15.10
CA LEU A 248 22.36 1.65 13.67
C LEU A 248 20.91 2.05 13.44
N PHE A 249 19.98 1.58 14.26
CA PHE A 249 18.53 1.87 14.16
C PHE A 249 18.19 3.32 14.45
N ALA A 250 18.89 3.95 15.42
CA ALA A 250 18.72 5.36 15.72
C ALA A 250 19.10 6.26 14.55
N ALA A 251 20.23 6.00 13.87
CA ALA A 251 20.64 6.76 12.70
C ALA A 251 19.68 6.49 11.53
N GLN A 252 19.22 5.27 11.41
CA GLN A 252 18.19 4.93 10.45
C GLN A 252 16.85 5.58 10.77
N ALA A 253 16.58 5.82 12.05
CA ALA A 253 15.30 6.34 12.48
C ALA A 253 14.98 7.71 11.85
N LYS A 254 16.01 8.52 11.63
CA LYS A 254 15.79 9.81 11.00
C LYS A 254 15.38 9.69 9.54
N GLU A 255 15.57 8.54 8.89
CA GLU A 255 15.14 8.35 7.53
C GLU A 255 14.02 7.32 7.31
N VAL A 256 13.83 6.32 8.15
CA VAL A 256 12.86 5.24 7.92
C VAL A 256 11.39 5.58 8.10
N ASP A 257 10.57 4.69 7.55
CA ASP A 257 9.15 4.95 7.42
C ASP A 257 8.41 3.81 8.08
N ILE A 258 8.67 2.57 7.61
CA ILE A 258 8.07 1.40 8.23
C ILE A 258 9.18 0.66 8.91
N ILE A 259 8.95 0.30 10.15
CA ILE A 259 9.84 -0.57 10.82
C ILE A 259 8.96 -1.73 11.24
N VAL A 260 9.50 -2.92 11.01
CA VAL A 260 8.82 -4.15 11.35
C VAL A 260 9.73 -4.78 12.38
N THR A 261 9.47 -4.51 13.65
CA THR A 261 10.27 -5.07 14.72
C THR A 261 9.91 -6.50 15.05
N THR A 262 10.71 -7.40 14.49
CA THR A 262 10.36 -8.80 14.50
C THR A 262 11.26 -9.67 15.38
N ALA A 263 12.28 -9.10 16.04
CA ALA A 263 13.25 -9.95 16.69
C ALA A 263 12.83 -10.41 18.07
N LEU A 264 11.97 -11.42 18.02
CA LEU A 264 11.58 -12.11 19.24
C LEU A 264 12.50 -13.31 19.39
N ILE A 265 13.39 -13.25 20.36
CA ILE A 265 14.16 -14.44 20.75
C ILE A 265 13.09 -15.39 21.34
N PRO A 266 12.86 -16.60 20.79
CA PRO A 266 11.78 -17.52 21.16
C PRO A 266 11.77 -17.82 22.65
N GLY A 267 10.63 -17.60 23.29
CA GLY A 267 10.46 -17.92 24.70
C GLY A 267 11.13 -16.94 25.60
N LYS A 268 11.67 -15.83 25.10
CA LYS A 268 12.36 -14.86 25.93
C LYS A 268 11.79 -13.46 25.63
N PRO A 269 11.87 -12.47 26.53
CA PRO A 269 11.58 -11.11 26.18
C PRO A 269 12.50 -10.55 25.13
N ALA A 270 11.87 -10.20 24.00
CA ALA A 270 12.55 -9.57 22.87
C ALA A 270 13.38 -8.36 23.30
N PRO A 271 14.63 -8.20 22.89
CA PRO A 271 15.51 -7.08 23.26
C PRO A 271 14.88 -5.73 22.92
N LYS A 272 15.05 -4.77 23.84
CA LYS A 272 14.63 -3.41 23.49
C LYS A 272 15.77 -2.88 22.61
N LEU A 273 15.49 -2.93 21.34
CA LEU A 273 16.41 -2.46 20.31
C LEU A 273 16.04 -1.07 19.84
N ILE A 274 14.78 -0.62 20.02
CA ILE A 274 14.41 0.76 19.72
C ILE A 274 13.97 1.37 21.01
N THR A 275 14.76 2.34 21.44
CA THR A 275 14.51 3.11 22.65
C THR A 275 13.48 4.21 22.52
N ARG A 276 12.94 4.72 23.65
CA ARG A 276 11.95 5.78 23.58
C ARG A 276 12.48 7.03 22.93
N GLU A 277 13.71 7.46 23.22
CA GLU A 277 14.40 8.53 22.54
C GLU A 277 14.43 8.29 21.04
N MET A 278 14.86 7.09 20.65
CA MET A 278 14.96 6.75 19.22
C MET A 278 13.64 6.95 18.50
N VAL A 279 12.48 6.52 19.04
CA VAL A 279 11.23 6.69 18.33
C VAL A 279 10.87 8.16 18.23
N ASP A 280 11.00 8.89 19.32
CA ASP A 280 10.80 10.33 19.28
C ASP A 280 11.75 11.06 18.35
N SER A 281 12.94 10.53 18.14
CA SER A 281 13.85 11.08 17.15
C SER A 281 13.66 10.50 15.76
N MET A 282 12.55 9.77 15.54
CA MET A 282 12.36 9.10 14.26
C MET A 282 11.73 10.06 13.26
N LYS A 283 11.74 9.78 11.96
CA LYS A 283 11.08 10.61 10.99
C LYS A 283 9.60 10.28 11.11
N ALA A 284 8.71 11.29 11.22
CA ALA A 284 7.32 11.08 11.57
C ALA A 284 6.41 10.76 10.42
N GLY A 285 5.15 10.41 10.66
CA GLY A 285 4.29 9.92 9.60
C GLY A 285 4.45 8.44 9.38
N SER A 286 5.06 7.74 10.32
CA SER A 286 5.70 6.47 10.09
C SER A 286 5.27 5.43 11.12
N VAL A 287 5.50 4.13 10.88
CA VAL A 287 4.92 3.12 11.73
C VAL A 287 5.94 2.06 12.10
N ILE A 288 6.03 1.72 13.39
CA ILE A 288 6.84 0.60 13.82
C ILE A 288 5.86 -0.50 14.19
N VAL A 289 5.70 -1.52 13.38
CA VAL A 289 4.85 -2.65 13.76
C VAL A 289 5.74 -3.65 14.49
N ASP A 290 5.51 -3.74 15.78
CA ASP A 290 6.31 -4.65 16.59
C ASP A 290 5.68 -6.02 16.53
N LEU A 291 6.24 -6.80 15.62
CA LEU A 291 5.91 -8.21 15.47
C LEU A 291 6.49 -9.06 16.57
N ALA A 292 7.40 -8.59 17.41
CA ALA A 292 7.88 -9.37 18.53
C ALA A 292 6.85 -9.36 19.66
N ALA A 293 6.16 -8.23 19.79
CA ALA A 293 5.02 -8.07 20.68
C ALA A 293 4.88 -8.80 22.02
N GLN A 294 4.58 -10.10 22.00
CA GLN A 294 4.13 -10.87 23.16
C GLN A 294 5.02 -10.83 24.39
N ASN A 295 6.33 -10.90 24.24
CA ASN A 295 7.23 -10.80 25.39
C ASN A 295 8.19 -9.71 25.11
N GLY A 296 8.17 -8.65 25.94
CA GLY A 296 9.06 -7.51 25.79
C GLY A 296 8.65 -6.65 24.62
N GLY A 297 8.92 -7.11 23.39
CA GLY A 297 8.68 -6.25 22.23
C GLY A 297 9.90 -5.39 21.99
N ASN A 298 10.35 -5.28 20.74
CA ASN A 298 11.66 -4.69 20.48
C ASN A 298 11.68 -3.18 20.72
N CYS A 299 10.53 -2.52 20.62
CA CYS A 299 10.44 -1.10 20.89
C CYS A 299 10.11 -0.82 22.35
N GLU A 300 10.46 0.33 22.86
CA GLU A 300 10.06 0.72 24.21
C GLU A 300 8.66 1.33 24.31
N TYR A 301 7.91 1.32 23.19
CA TYR A 301 6.52 1.70 23.22
C TYR A 301 5.60 0.53 22.92
N THR A 302 6.15 -0.69 22.84
CA THR A 302 5.36 -1.85 22.48
C THR A 302 4.51 -2.32 23.62
N VAL A 303 3.29 -1.80 23.50
CA VAL A 303 2.18 -2.23 24.32
C VAL A 303 1.50 -3.33 23.54
N PRO A 304 1.49 -4.56 24.03
CA PRO A 304 0.76 -5.70 23.44
C PRO A 304 -0.71 -5.47 23.21
N GLY A 305 -0.98 -5.34 21.94
CA GLY A 305 -2.32 -5.09 21.45
C GLY A 305 -2.70 -3.61 21.43
N GLU A 306 -1.77 -2.66 21.29
CA GLU A 306 -2.16 -1.26 21.21
C GLU A 306 -1.32 -0.50 20.18
N ILE A 307 -1.90 0.61 19.73
CA ILE A 307 -1.27 1.64 18.93
C ILE A 307 -0.79 2.69 19.92
N PHE A 308 0.50 3.06 19.94
CA PHE A 308 0.96 4.11 20.79
C PHE A 308 1.72 5.04 19.89
N THR A 309 1.12 6.21 19.64
CA THR A 309 1.72 7.27 18.86
C THR A 309 2.78 7.97 19.72
N THR A 310 3.97 8.25 19.17
CA THR A 310 5.02 8.97 19.88
C THR A 310 4.80 10.49 19.74
N GLU A 311 5.58 11.32 20.46
CA GLU A 311 5.41 12.77 20.40
C GLU A 311 5.65 13.32 19.00
N ASN A 312 6.68 12.84 18.33
CA ASN A 312 6.95 13.24 16.97
C ASN A 312 5.86 12.81 16.00
N GLY A 313 5.25 11.65 16.22
CA GLY A 313 4.19 11.19 15.33
C GLY A 313 4.59 9.90 14.63
N VAL A 314 5.17 8.94 15.34
CA VAL A 314 5.41 7.65 14.75
C VAL A 314 4.52 6.73 15.51
N LYS A 315 3.66 5.99 14.78
CA LYS A 315 2.78 5.06 15.45
C LYS A 315 3.49 3.76 15.67
N VAL A 316 3.65 3.34 16.92
CA VAL A 316 4.19 2.03 17.24
C VAL A 316 3.01 1.13 17.50
N ILE A 317 2.96 -0.04 16.89
CA ILE A 317 1.83 -0.94 17.14
C ILE A 317 2.38 -2.26 17.60
N GLY A 318 2.18 -2.61 18.85
CA GLY A 318 2.58 -3.94 19.31
C GLY A 318 1.51 -4.96 18.96
N TYR A 319 1.14 -5.17 17.69
CA TYR A 319 0.01 -6.01 17.34
C TYR A 319 0.20 -7.50 17.47
N THR A 320 -0.04 -7.96 18.69
CA THR A 320 -0.16 -9.39 18.99
C THR A 320 -1.19 -10.09 18.12
N ASP A 321 -2.41 -9.53 18.12
CA ASP A 321 -3.61 -10.09 17.51
C ASP A 321 -3.61 -10.21 16.00
N LEU A 322 -2.51 -9.92 15.28
CA LEU A 322 -2.48 -10.04 13.83
C LEU A 322 -3.07 -11.35 13.24
N PRO A 323 -2.87 -12.57 13.79
CA PRO A 323 -3.62 -13.74 13.37
C PRO A 323 -5.12 -13.65 13.47
N GLY A 324 -5.68 -13.12 14.51
CA GLY A 324 -7.13 -12.94 14.62
C GLY A 324 -7.65 -11.95 13.61
N ARG A 325 -6.88 -10.88 13.41
CA ARG A 325 -7.13 -9.85 12.40
C ARG A 325 -7.08 -10.36 10.99
N LEU A 326 -6.35 -11.46 10.75
CA LEU A 326 -6.34 -12.17 9.44
C LEU A 326 -6.94 -13.57 9.66
N PRO A 327 -8.25 -13.65 9.91
CA PRO A 327 -8.89 -14.84 10.46
C PRO A 327 -8.73 -16.10 9.63
N THR A 328 -9.21 -16.09 8.40
CA THR A 328 -9.25 -17.29 7.62
C THR A 328 -7.83 -17.76 7.35
N GLN A 329 -6.87 -16.85 7.15
CA GLN A 329 -5.55 -17.27 6.73
C GLN A 329 -4.79 -17.91 7.85
N SER A 330 -5.01 -17.48 9.10
CA SER A 330 -4.46 -18.15 10.25
C SER A 330 -5.08 -19.52 10.33
N SER A 331 -6.42 -19.62 10.26
CA SER A 331 -7.14 -20.87 10.29
C SER A 331 -6.77 -21.80 9.10
N GLN A 332 -6.26 -21.24 8.00
CA GLN A 332 -5.80 -21.99 6.86
C GLN A 332 -4.35 -22.34 7.13
N LEU A 333 -3.41 -21.41 7.00
CA LEU A 333 -1.97 -21.67 7.14
C LEU A 333 -1.54 -22.34 8.46
N TYR A 334 -1.77 -21.66 9.60
CA TYR A 334 -1.42 -22.19 10.92
C TYR A 334 -2.26 -23.45 11.15
N GLY A 335 -3.53 -23.44 10.66
CA GLY A 335 -4.39 -24.61 10.64
C GLY A 335 -3.72 -25.80 9.97
N THR A 336 -3.11 -25.55 8.82
CA THR A 336 -2.34 -26.56 8.08
C THR A 336 -1.03 -26.86 8.80
N ASN A 337 -0.42 -26.00 9.63
CA ASN A 337 0.79 -26.34 10.40
C ASN A 337 0.43 -27.49 11.34
N LEU A 338 -0.64 -27.30 12.13
CA LEU A 338 -1.30 -28.31 12.96
C LEU A 338 -1.55 -29.60 12.16
N VAL A 339 -2.22 -29.43 11.02
CA VAL A 339 -2.50 -30.53 10.13
C VAL A 339 -1.23 -31.16 9.52
N ASN A 340 -0.13 -30.49 9.23
CA ASN A 340 1.05 -31.12 8.67
C ASN A 340 1.78 -31.93 9.73
N LEU A 341 1.72 -31.54 10.99
CA LEU A 341 2.07 -32.40 12.11
C LEU A 341 1.18 -33.64 12.14
N LEU A 342 -0.16 -33.47 12.10
CA LEU A 342 -1.05 -34.57 11.88
C LEU A 342 -0.76 -35.39 10.66
N LYS A 343 -0.30 -34.87 9.53
CA LYS A 343 0.08 -35.68 8.39
C LYS A 343 1.21 -36.64 8.69
N LEU A 344 2.25 -36.11 9.37
CA LEU A 344 3.34 -36.96 9.86
C LEU A 344 2.89 -38.03 10.83
N LEU A 345 1.92 -37.67 11.66
CA LEU A 345 1.23 -38.56 12.56
C LEU A 345 0.34 -39.53 11.79
N CYS A 346 -0.24 -39.16 10.66
CA CYS A 346 -0.98 -40.05 9.80
C CYS A 346 0.05 -40.85 8.95
N LYS A 347 0.47 -41.99 9.54
CA LYS A 347 1.36 -42.93 8.91
C LYS A 347 0.54 -43.70 7.89
N GLU A 348 -0.43 -44.48 8.40
CA GLU A 348 -1.29 -45.29 7.59
C GLU A 348 -2.49 -44.49 7.12
N LYS A 349 -2.72 -43.39 7.83
CA LYS A 349 -3.83 -42.47 7.54
C LYS A 349 -5.21 -43.05 7.82
N ASP A 350 -5.72 -43.55 8.96
CA ASP A 350 -5.00 -44.01 10.14
C ASP A 350 -6.04 -44.33 11.22
N GLY A 351 -7.12 -43.55 11.37
CA GLY A 351 -8.16 -43.80 12.34
C GLY A 351 -7.79 -43.23 13.70
N ASN A 352 -6.72 -43.74 14.25
CA ASN A 352 -6.08 -43.18 15.42
C ASN A 352 -4.69 -42.77 14.90
N ILE A 353 -4.28 -41.52 15.23
CA ILE A 353 -2.96 -40.99 14.84
C ILE A 353 -1.80 -41.78 15.44
N THR A 354 -0.63 -41.53 14.84
CA THR A 354 0.51 -42.25 15.25
C THR A 354 1.53 -41.18 15.63
N VAL A 355 1.55 -40.84 16.90
CA VAL A 355 2.46 -39.86 17.46
C VAL A 355 3.78 -40.59 17.59
N ASP A 356 4.55 -40.63 16.52
CA ASP A 356 5.86 -41.28 16.53
C ASP A 356 6.89 -40.50 17.32
N PHE A 357 7.51 -41.19 18.26
CA PHE A 357 8.51 -40.65 19.13
C PHE A 357 9.98 -40.84 18.76
N ASP A 358 10.23 -41.61 17.68
CA ASP A 358 11.60 -41.69 17.20
C ASP A 358 11.99 -40.41 16.52
N ASP A 359 11.03 -39.88 15.75
CA ASP A 359 11.23 -38.66 15.02
C ASP A 359 11.31 -37.46 15.93
N VAL A 360 12.50 -36.88 15.98
CA VAL A 360 12.78 -35.73 16.83
C VAL A 360 11.93 -34.49 16.58
N VAL A 361 11.30 -34.30 15.41
CA VAL A 361 10.46 -33.12 15.23
C VAL A 361 9.15 -33.44 15.91
N ILE A 362 8.59 -34.62 15.65
CA ILE A 362 7.29 -34.99 16.22
C ILE A 362 7.44 -35.07 17.73
N ARG A 363 8.41 -35.90 18.18
CA ARG A 363 8.85 -35.90 19.56
C ARG A 363 9.08 -34.50 20.12
N GLY A 364 9.78 -33.63 19.37
CA GLY A 364 10.06 -32.26 19.84
C GLY A 364 8.79 -31.49 20.10
N VAL A 365 7.84 -31.45 19.16
CA VAL A 365 6.64 -30.64 19.30
C VAL A 365 5.85 -31.15 20.49
N THR A 366 5.88 -32.49 20.70
CA THR A 366 5.10 -33.08 21.74
C THR A 366 5.76 -32.81 23.11
N VAL A 367 5.24 -31.72 23.68
CA VAL A 367 5.75 -31.30 24.97
C VAL A 367 5.16 -32.08 26.14
N ILE A 368 3.98 -32.69 25.99
CA ILE A 368 3.37 -33.55 27.00
C ILE A 368 2.84 -34.73 26.22
N ARG A 369 3.26 -35.96 26.45
CA ARG A 369 2.58 -37.10 25.83
C ARG A 369 1.81 -37.75 26.98
N ALA A 370 0.49 -37.67 26.86
CA ALA A 370 -0.49 -38.19 27.80
C ALA A 370 -0.12 -38.17 29.25
N GLY A 371 -0.22 -36.98 29.80
CA GLY A 371 0.12 -36.78 31.24
C GLY A 371 1.61 -36.50 31.43
N GLU A 372 2.45 -37.37 30.84
CA GLU A 372 3.86 -37.30 30.98
C GLU A 372 4.33 -36.06 30.20
N ILE A 373 4.90 -35.13 30.94
CA ILE A 373 5.48 -33.95 30.36
C ILE A 373 6.81 -34.33 29.67
N THR A 374 6.69 -34.43 28.37
CA THR A 374 7.79 -34.85 27.51
C THR A 374 8.66 -33.72 26.92
N TRP A 375 8.49 -32.49 27.39
CA TRP A 375 9.46 -31.37 27.20
C TRP A 375 10.79 -31.87 27.81
N PRO A 376 12.00 -31.55 27.33
CA PRO A 376 12.26 -30.65 26.22
C PRO A 376 12.18 -31.32 24.86
N ALA A 377 12.52 -30.55 23.82
CA ALA A 377 12.82 -31.12 22.52
C ALA A 377 14.29 -31.58 22.51
N PRO A 378 14.64 -32.76 21.94
CA PRO A 378 16.01 -33.28 21.82
C PRO A 378 16.92 -32.32 21.05
N PRO A 379 18.15 -32.04 21.50
CA PRO A 379 19.12 -31.15 20.83
C PRO A 379 19.54 -31.53 19.39
N ILE A 380 19.65 -32.70 19.05
N HIS B 5 3.55 43.04 4.72
CA HIS B 5 2.53 42.08 4.41
C HIS B 5 3.19 40.80 3.99
N HIS B 6 2.57 39.65 4.23
CA HIS B 6 3.20 38.39 3.89
C HIS B 6 3.12 38.09 2.41
N HIS B 7 3.98 38.77 1.67
CA HIS B 7 3.84 38.81 0.22
C HIS B 7 4.22 37.51 -0.41
N GLY B 8 3.24 36.89 -1.09
CA GLY B 8 3.44 35.57 -1.70
C GLY B 8 3.69 34.50 -0.65
N ARG B 9 3.16 34.73 0.57
CA ARG B 9 3.23 33.67 1.57
C ARG B 9 1.91 32.96 1.52
N ILE B 10 2.05 31.65 1.53
CA ILE B 10 1.00 30.68 1.69
C ILE B 10 0.80 30.53 3.18
N GLY B 11 -0.45 30.21 3.53
CA GLY B 11 -0.76 29.70 4.84
C GLY B 11 -1.34 28.34 4.69
N ILE B 12 -0.87 27.37 5.45
CA ILE B 12 -1.49 26.06 5.49
C ILE B 12 -2.27 26.03 6.78
N PRO B 13 -3.61 26.04 6.78
CA PRO B 13 -4.38 25.88 8.02
C PRO B 13 -4.55 24.42 8.39
N ARG B 14 -4.75 24.26 9.69
CA ARG B 14 -5.16 23.01 10.28
C ARG B 14 -6.63 22.89 10.00
N GLU B 15 -6.95 21.87 9.20
CA GLU B 15 -8.30 21.59 8.80
C GLU B 15 -9.34 21.50 9.90
N ARG B 16 -10.60 21.57 9.48
CA ARG B 16 -11.73 21.50 10.36
C ARG B 16 -12.87 20.78 9.64
N LEU B 17 -12.70 19.53 9.19
CA LEU B 17 -13.79 18.76 8.59
C LEU B 17 -14.24 17.73 9.63
N THR B 18 -15.49 17.31 9.58
CA THR B 18 -15.97 16.14 10.33
C THR B 18 -15.16 14.91 9.91
N ASN B 19 -14.37 14.35 10.85
CA ASN B 19 -13.51 13.18 10.64
C ASN B 19 -12.54 13.40 9.47
N GLU B 20 -11.45 14.13 9.69
CA GLU B 20 -10.49 14.42 8.63
C GLU B 20 -9.07 14.50 9.20
N THR B 21 -8.15 13.96 8.39
CA THR B 21 -6.75 13.93 8.80
C THR B 21 -5.85 14.51 7.72
N ARG B 22 -6.42 15.00 6.63
CA ARG B 22 -5.65 15.68 5.62
C ARG B 22 -5.30 17.09 6.08
N VAL B 23 -4.11 17.52 5.67
CA VAL B 23 -3.75 18.94 5.64
C VAL B 23 -3.23 19.29 4.22
N ALA B 24 -2.76 20.51 3.97
CA ALA B 24 -2.35 20.87 2.64
C ALA B 24 -0.84 20.68 2.34
N ALA B 25 -0.06 20.05 3.24
CA ALA B 25 1.37 19.90 3.00
C ALA B 25 2.06 18.89 3.89
N THR B 26 3.07 18.23 3.36
CA THR B 26 4.06 17.57 4.18
C THR B 26 5.26 18.51 4.25
N PRO B 27 6.30 18.25 5.05
CA PRO B 27 7.59 18.91 4.97
C PRO B 27 8.12 18.92 3.54
N LYS B 28 8.19 17.82 2.78
CA LYS B 28 8.51 17.77 1.36
C LYS B 28 7.71 18.79 0.55
N THR B 29 6.39 18.85 0.75
CA THR B 29 5.52 19.74 0.00
C THR B 29 5.91 21.20 0.25
N VAL B 30 6.39 21.56 1.45
CA VAL B 30 6.83 22.92 1.71
C VAL B 30 8.04 23.22 0.81
N GLU B 31 9.02 22.34 0.78
CA GLU B 31 10.18 22.46 -0.10
C GLU B 31 9.76 22.50 -1.56
N GLN B 32 8.64 21.84 -1.92
CA GLN B 32 8.14 21.89 -3.29
C GLN B 32 7.65 23.29 -3.70
N LEU B 33 6.94 23.91 -2.75
CA LEU B 33 6.38 25.25 -2.90
C LEU B 33 7.51 26.28 -2.91
N LEU B 34 8.53 26.03 -2.06
CA LEU B 34 9.74 26.85 -2.01
C LEU B 34 10.56 26.71 -3.29
N LYS B 35 10.47 25.58 -4.01
CA LYS B 35 11.02 25.45 -5.36
C LYS B 35 10.40 26.44 -6.33
N LEU B 36 9.10 26.74 -6.14
CA LEU B 36 8.42 27.72 -6.96
C LEU B 36 8.57 29.15 -6.37
N GLY B 37 9.43 29.35 -5.36
CA GLY B 37 9.54 30.66 -4.70
C GLY B 37 8.55 30.91 -3.59
N PHE B 38 7.55 30.09 -3.41
CA PHE B 38 6.47 30.42 -2.49
C PHE B 38 6.84 30.20 -1.04
N THR B 39 6.78 31.29 -0.24
CA THR B 39 7.10 31.23 1.16
C THR B 39 5.93 30.52 1.84
N VAL B 40 6.20 29.54 2.70
CA VAL B 40 5.10 28.72 3.22
C VAL B 40 5.03 28.91 4.74
N ALA B 41 3.84 29.21 5.21
CA ALA B 41 3.57 29.15 6.65
C ALA B 41 2.65 27.97 6.96
N VAL B 42 2.85 27.27 8.11
CA VAL B 42 2.01 26.15 8.52
C VAL B 42 1.48 26.44 9.92
N GLU B 43 0.17 26.29 10.16
CA GLU B 43 -0.45 26.47 11.47
C GLU B 43 -0.08 25.28 12.36
N SER B 44 0.15 25.44 13.66
CA SER B 44 0.37 24.27 14.52
C SER B 44 -0.90 23.39 14.63
N GLY B 45 -0.69 22.07 14.56
CA GLY B 45 -1.75 21.09 14.56
C GLY B 45 -1.99 20.54 13.15
N ALA B 46 -1.57 21.31 12.13
CA ALA B 46 -1.61 20.89 10.75
C ALA B 46 -0.67 19.73 10.53
N GLY B 47 0.52 19.79 11.16
CA GLY B 47 1.46 18.65 11.24
C GLY B 47 0.80 17.43 11.81
N GLN B 48 0.17 17.62 12.98
CA GLN B 48 -0.51 16.52 13.65
C GLN B 48 -1.61 15.88 12.84
N LEU B 49 -2.28 16.60 11.95
CA LEU B 49 -3.17 16.01 10.98
C LEU B 49 -2.35 15.18 10.00
N ALA B 50 -1.31 15.71 9.36
CA ALA B 50 -0.45 14.92 8.51
C ALA B 50 0.51 13.92 9.20
N SER B 51 0.13 13.38 10.38
CA SER B 51 0.96 12.52 11.24
C SER B 51 2.39 12.98 11.53
N PHE B 52 2.57 14.25 11.67
CA PHE B 52 3.87 14.79 11.83
C PHE B 52 3.98 15.72 13.00
N ASP B 53 5.24 15.98 13.39
CA ASP B 53 5.61 17.14 14.16
C ASP B 53 5.44 18.39 13.31
N ASP B 54 4.93 19.52 13.84
CA ASP B 54 4.88 20.75 13.06
C ASP B 54 6.27 21.28 12.79
N LYS B 55 7.18 21.15 13.77
CA LYS B 55 8.50 21.74 13.63
C LYS B 55 9.35 21.04 12.61
N ALA B 56 8.97 19.82 12.18
CA ALA B 56 9.55 19.20 10.98
C ALA B 56 9.31 20.07 9.74
N PHE B 57 8.14 20.72 9.68
CA PHE B 57 7.92 21.73 8.65
C PHE B 57 8.86 22.97 8.84
N VAL B 58 9.23 23.38 10.05
CA VAL B 58 10.16 24.50 10.23
C VAL B 58 11.54 24.06 9.73
N GLN B 59 11.90 22.78 9.83
CA GLN B 59 13.13 22.27 9.25
C GLN B 59 13.10 22.43 7.71
N ALA B 60 11.91 22.21 7.09
CA ALA B 60 11.78 22.34 5.65
C ALA B 60 11.69 23.83 5.21
N GLY B 61 11.30 24.74 6.11
CA GLY B 61 11.26 26.16 5.82
C GLY B 61 9.89 26.76 5.93
N ALA B 62 9.06 26.23 6.81
CA ALA B 62 7.74 26.77 6.99
C ALA B 62 7.70 27.61 8.25
N GLU B 63 7.08 28.76 8.11
CA GLU B 63 6.84 29.66 9.22
C GLU B 63 5.70 29.05 10.03
N ILE B 64 6.03 28.47 11.20
CA ILE B 64 5.01 27.82 12.06
C ILE B 64 4.27 28.92 12.79
N VAL B 65 3.26 29.41 12.12
CA VAL B 65 2.46 30.47 12.71
C VAL B 65 1.01 30.00 12.87
N GLU B 66 0.48 30.07 14.11
CA GLU B 66 -0.88 29.62 14.35
C GLU B 66 -1.87 30.78 14.17
N GLY B 67 -3.10 30.38 13.85
CA GLY B 67 -4.24 31.25 13.85
C GLY B 67 -4.18 32.34 12.80
N ASN B 68 -4.73 33.50 13.15
CA ASN B 68 -4.81 34.66 12.30
C ASN B 68 -3.48 35.15 11.71
N SER B 69 -2.36 34.77 12.33
CA SER B 69 -1.06 34.88 11.73
C SER B 69 -0.97 34.09 10.46
N VAL B 70 -1.34 32.83 10.44
CA VAL B 70 -1.32 32.02 9.21
C VAL B 70 -2.32 32.56 8.22
N TRP B 71 -3.51 33.02 8.66
CA TRP B 71 -4.51 33.58 7.76
C TRP B 71 -4.11 34.89 7.10
N GLN B 72 -3.15 35.65 7.65
CA GLN B 72 -2.63 36.75 6.88
C GLN B 72 -1.57 36.14 5.97
N SER B 73 -2.04 35.74 4.81
CA SER B 73 -1.22 35.18 3.76
C SER B 73 -1.89 35.42 2.46
N GLU B 74 -1.12 35.55 1.39
CA GLU B 74 -1.72 35.74 0.07
C GLU B 74 -2.24 34.45 -0.57
N ILE B 75 -1.82 33.29 -0.10
CA ILE B 75 -2.41 32.06 -0.59
C ILE B 75 -2.83 31.34 0.69
N ILE B 76 -3.94 30.63 0.71
CA ILE B 76 -4.25 29.68 1.75
C ILE B 76 -4.45 28.40 0.98
N LEU B 77 -3.48 27.51 1.07
CA LEU B 77 -3.60 26.21 0.43
C LEU B 77 -4.32 25.39 1.49
N LYS B 78 -5.48 24.84 1.17
CA LYS B 78 -6.34 24.23 2.16
C LYS B 78 -7.05 23.06 1.51
N VAL B 79 -7.54 22.10 2.31
CA VAL B 79 -8.16 20.93 1.75
C VAL B 79 -9.66 21.20 1.59
N ASN B 80 -10.39 21.13 2.71
CA ASN B 80 -11.83 21.07 2.63
C ASN B 80 -12.37 22.45 2.73
N ALA B 81 -13.47 22.67 2.02
CA ALA B 81 -14.09 23.98 1.88
C ALA B 81 -14.34 24.70 3.19
N PRO B 82 -13.66 25.85 3.40
CA PRO B 82 -13.67 26.59 4.65
C PRO B 82 -15.03 26.74 5.33
N LEU B 83 -14.96 26.53 6.64
CA LEU B 83 -16.13 26.75 7.47
C LEU B 83 -16.39 28.23 7.52
N ASP B 84 -17.60 28.61 8.01
CA ASP B 84 -17.98 30.01 7.97
C ASP B 84 -16.95 30.86 8.76
N ASP B 85 -16.41 30.32 9.84
CA ASP B 85 -15.45 31.06 10.66
C ASP B 85 -14.14 31.23 9.87
N GLU B 86 -13.80 30.17 9.15
CA GLU B 86 -12.63 30.19 8.28
C GLU B 86 -12.89 31.15 7.10
N ILE B 87 -14.15 31.37 6.66
CA ILE B 87 -14.48 32.29 5.61
C ILE B 87 -14.27 33.70 6.13
N ALA B 88 -14.60 33.94 7.40
CA ALA B 88 -14.31 35.24 8.01
C ALA B 88 -12.82 35.45 8.09
N LEU B 89 -12.09 34.45 8.55
CA LEU B 89 -10.64 34.43 8.65
C LEU B 89 -9.95 34.75 7.33
N LEU B 90 -10.40 34.16 6.22
CA LEU B 90 -9.88 34.46 4.90
C LEU B 90 -10.05 35.94 4.61
N ASN B 91 -8.92 36.56 4.28
CA ASN B 91 -8.86 37.99 4.13
C ASN B 91 -9.04 38.33 2.66
N PRO B 92 -9.66 39.46 2.27
CA PRO B 92 -9.91 39.86 0.90
C PRO B 92 -8.69 39.85 0.00
N GLY B 93 -8.82 39.07 -1.06
CA GLY B 93 -7.82 38.95 -2.12
C GLY B 93 -6.94 37.73 -1.96
N THR B 94 -6.91 37.08 -0.80
CA THR B 94 -6.17 35.85 -0.63
C THR B 94 -6.72 34.74 -1.52
N THR B 95 -5.80 34.09 -2.17
CA THR B 95 -6.10 32.95 -3.00
C THR B 95 -6.42 31.74 -2.17
N LEU B 96 -7.70 31.54 -1.88
CA LEU B 96 -8.16 30.34 -1.24
C LEU B 96 -8.22 29.22 -2.29
N VAL B 97 -7.44 28.16 -2.03
CA VAL B 97 -7.54 26.97 -2.84
C VAL B 97 -8.11 25.87 -1.94
N SER B 98 -9.24 25.24 -2.30
CA SER B 98 -9.81 24.18 -1.51
C SER B 98 -10.70 23.32 -2.37
N PHE B 99 -11.09 22.13 -1.91
CA PHE B 99 -12.27 21.44 -2.44
C PHE B 99 -13.49 22.30 -2.14
N ILE B 100 -13.90 23.09 -3.13
CA ILE B 100 -15.00 24.03 -2.92
C ILE B 100 -16.36 23.42 -3.20
N TRP B 101 -16.39 22.44 -4.08
CA TRP B 101 -17.63 21.79 -4.50
C TRP B 101 -18.72 22.76 -4.94
N PRO B 102 -18.48 23.68 -5.90
CA PRO B 102 -19.29 24.84 -6.20
C PRO B 102 -20.81 24.66 -6.18
N ALA B 103 -21.40 23.75 -6.94
CA ALA B 103 -22.83 23.56 -6.98
C ALA B 103 -23.37 23.02 -5.65
N GLN B 104 -22.58 22.11 -5.07
CA GLN B 104 -22.90 21.52 -3.79
C GLN B 104 -22.81 22.53 -2.68
N ASN B 105 -22.06 23.62 -2.86
CA ASN B 105 -21.83 24.57 -1.81
C ASN B 105 -22.19 25.96 -2.29
N PRO B 106 -23.49 26.25 -2.52
CA PRO B 106 -23.97 27.52 -3.09
C PRO B 106 -23.64 28.69 -2.11
N GLU B 107 -24.26 28.61 -0.88
CA GLU B 107 -24.05 29.60 0.18
C GLU B 107 -22.59 29.89 0.50
N LEU B 108 -21.76 28.84 0.61
CA LEU B 108 -20.30 28.98 0.81
C LEU B 108 -19.68 29.79 -0.33
N MET B 109 -20.02 29.45 -1.56
CA MET B 109 -19.51 30.19 -2.72
C MET B 109 -19.87 31.69 -2.65
N GLN B 110 -21.12 32.00 -2.26
CA GLN B 110 -21.64 33.36 -2.35
C GLN B 110 -20.97 34.17 -1.27
N LYS B 111 -20.81 33.57 -0.07
CA LYS B 111 -20.11 34.15 1.04
C LYS B 111 -18.62 34.41 0.79
N LEU B 112 -17.91 33.50 0.12
CA LEU B 112 -16.54 33.67 -0.33
C LEU B 112 -16.44 34.80 -1.38
N ALA B 113 -17.43 34.91 -2.29
CA ALA B 113 -17.49 36.02 -3.20
C ALA B 113 -17.60 37.37 -2.50
N GLU B 114 -18.49 37.50 -1.49
CA GLU B 114 -18.55 38.66 -0.64
C GLU B 114 -17.24 38.97 0.03
N ARG B 115 -16.58 37.93 0.55
CA ARG B 115 -15.29 38.08 1.20
C ARG B 115 -14.15 38.41 0.21
N ASN B 116 -14.44 38.40 -1.08
CA ASN B 116 -13.52 38.88 -2.11
C ASN B 116 -12.24 38.13 -2.18
N VAL B 117 -12.26 36.86 -1.80
CA VAL B 117 -11.13 35.97 -1.91
C VAL B 117 -11.00 35.33 -3.29
N THR B 118 -9.78 34.95 -3.69
CA THR B 118 -9.52 34.29 -4.97
C THR B 118 -9.71 32.81 -4.82
N VAL B 119 -10.93 32.38 -5.08
CA VAL B 119 -11.32 31.03 -4.75
C VAL B 119 -11.08 30.05 -5.89
N MET B 120 -10.34 28.98 -5.61
CA MET B 120 -9.97 28.00 -6.61
C MET B 120 -10.48 26.69 -6.06
N ALA B 121 -11.25 25.95 -6.86
CA ALA B 121 -11.84 24.70 -6.48
C ALA B 121 -11.07 23.51 -7.05
N MET B 122 -10.46 22.79 -6.13
CA MET B 122 -9.55 21.69 -6.44
C MET B 122 -10.19 20.47 -7.08
N ASP B 123 -11.51 20.44 -6.86
CA ASP B 123 -12.42 19.51 -7.46
C ASP B 123 -12.83 19.94 -8.88
N SER B 124 -13.32 21.17 -9.06
CA SER B 124 -13.91 21.63 -10.32
C SER B 124 -12.87 22.24 -11.25
N VAL B 125 -12.01 21.34 -11.73
CA VAL B 125 -10.97 21.74 -12.68
C VAL B 125 -11.54 21.46 -14.07
N PRO B 126 -11.49 22.37 -15.05
CA PRO B 126 -11.90 22.16 -16.43
C PRO B 126 -11.08 21.08 -17.12
N ARG B 127 -11.74 20.01 -17.48
CA ARG B 127 -11.02 18.80 -17.90
C ARG B 127 -10.57 18.85 -19.33
N ILE B 128 -9.40 19.45 -19.48
CA ILE B 128 -8.49 19.12 -20.56
C ILE B 128 -7.23 18.74 -19.80
N SER B 129 -6.50 17.74 -20.28
CA SER B 129 -5.52 17.02 -19.49
C SER B 129 -4.65 17.74 -18.46
N ARG B 130 -4.09 18.92 -18.72
CA ARG B 130 -3.32 19.71 -17.77
C ARG B 130 -3.96 19.90 -16.41
N ALA B 131 -5.31 19.94 -16.42
CA ALA B 131 -6.15 19.90 -15.22
C ALA B 131 -5.72 18.87 -14.18
N GLN B 132 -5.44 17.63 -14.58
CA GLN B 132 -5.04 16.54 -13.71
C GLN B 132 -3.88 16.82 -12.76
N SER B 133 -2.98 17.73 -13.12
CA SER B 133 -1.88 18.06 -12.23
C SER B 133 -2.36 18.84 -11.02
N LEU B 134 -3.42 19.65 -11.27
CA LEU B 134 -4.09 20.42 -10.26
C LEU B 134 -5.19 19.60 -9.60
N ASP B 135 -5.86 18.67 -10.32
CA ASP B 135 -7.00 17.91 -9.86
C ASP B 135 -6.73 17.10 -8.61
N ALA B 136 -7.24 17.65 -7.54
CA ALA B 136 -7.16 16.98 -6.27
C ALA B 136 -7.91 15.67 -6.22
N LEU B 137 -8.99 15.54 -7.01
CA LEU B 137 -9.74 14.29 -7.01
C LEU B 137 -8.92 13.17 -7.62
N SER B 138 -8.02 13.39 -8.57
CA SER B 138 -7.17 12.30 -9.07
C SER B 138 -6.32 11.74 -7.94
N SER B 139 -5.59 12.60 -7.24
CA SER B 139 -4.81 12.24 -6.11
C SER B 139 -5.61 11.57 -4.99
N MET B 140 -6.72 12.18 -4.61
CA MET B 140 -7.53 11.69 -3.47
C MET B 140 -8.09 10.33 -3.78
N ALA B 141 -8.48 10.12 -5.04
CA ALA B 141 -8.86 8.83 -5.51
C ALA B 141 -7.66 7.87 -5.44
N ASN B 142 -6.46 8.28 -5.93
CA ASN B 142 -5.23 7.49 -5.91
C ASN B 142 -4.91 6.95 -4.51
N ILE B 143 -4.93 7.86 -3.53
CA ILE B 143 -4.87 7.55 -2.11
C ILE B 143 -5.92 6.51 -1.79
N ALA B 144 -7.20 6.80 -2.08
CA ALA B 144 -8.29 5.90 -1.72
C ALA B 144 -8.08 4.55 -2.40
N GLY B 145 -7.44 4.48 -3.56
CA GLY B 145 -7.18 3.21 -4.26
C GLY B 145 -6.21 2.36 -3.43
N TYR B 146 -5.02 2.88 -3.14
CA TYR B 146 -4.04 2.18 -2.29
C TYR B 146 -4.63 1.79 -0.93
N ARG B 147 -5.29 2.76 -0.31
CA ARG B 147 -5.90 2.60 1.00
C ARG B 147 -7.08 1.62 0.93
N ALA B 148 -7.74 1.39 -0.21
CA ALA B 148 -8.74 0.32 -0.35
C ALA B 148 -8.12 -1.03 -0.18
N ILE B 149 -6.96 -1.23 -0.84
CA ILE B 149 -6.21 -2.47 -0.71
C ILE B 149 -5.79 -2.69 0.73
N VAL B 150 -5.31 -1.64 1.39
CA VAL B 150 -5.05 -1.69 2.82
C VAL B 150 -6.24 -2.12 3.66
N GLU B 151 -7.28 -1.28 3.77
CA GLU B 151 -8.43 -1.59 4.62
C GLU B 151 -9.11 -2.88 4.20
N ALA B 152 -9.02 -3.24 2.93
CA ALA B 152 -9.43 -4.58 2.47
C ALA B 152 -8.63 -5.61 3.22
N ALA B 153 -7.31 -5.69 3.08
CA ALA B 153 -6.47 -6.67 3.76
C ALA B 153 -6.54 -6.63 5.29
N HIS B 154 -6.99 -5.49 5.83
CA HIS B 154 -7.33 -5.29 7.22
C HIS B 154 -8.46 -6.22 7.55
N GLU B 155 -9.63 -6.06 6.94
CA GLU B 155 -10.74 -6.96 7.28
C GLU B 155 -10.88 -8.27 6.50
N PHE B 156 -9.95 -8.46 5.55
CA PHE B 156 -9.93 -9.63 4.72
C PHE B 156 -9.53 -10.85 5.53
N GLY B 157 -10.17 -11.98 5.22
CA GLY B 157 -9.86 -13.26 5.80
C GLY B 157 -8.47 -13.77 5.40
N ARG B 158 -7.98 -13.53 4.19
CA ARG B 158 -6.95 -14.29 3.52
C ARG B 158 -5.80 -13.39 3.16
N PHE B 159 -4.69 -13.89 2.58
CA PHE B 159 -3.70 -13.00 1.97
C PHE B 159 -4.22 -12.55 0.61
N PHE B 160 -3.72 -11.42 0.14
CA PHE B 160 -3.82 -11.06 -1.24
C PHE B 160 -2.96 -12.00 -2.07
N THR B 161 -1.72 -12.12 -1.62
CA THR B 161 -0.67 -12.86 -2.22
C THR B 161 -0.90 -14.35 -2.37
N GLY B 162 -0.82 -14.89 -3.58
CA GLY B 162 -0.94 -16.31 -3.75
C GLY B 162 0.30 -17.02 -3.27
N GLN B 163 0.55 -17.04 -1.96
CA GLN B 163 1.81 -17.47 -1.49
C GLN B 163 1.80 -18.90 -1.00
N ILE B 164 2.78 -19.66 -1.44
CA ILE B 164 2.98 -21.02 -0.97
C ILE B 164 3.79 -20.79 0.27
N THR B 165 3.09 -20.84 1.42
CA THR B 165 3.69 -20.46 2.67
C THR B 165 3.86 -21.69 3.52
N ALA B 166 5.10 -22.19 3.55
CA ALA B 166 5.53 -23.43 4.24
C ALA B 166 4.52 -24.60 4.45
N ALA B 167 3.57 -24.36 5.38
CA ALA B 167 2.47 -25.24 5.68
C ALA B 167 1.46 -25.35 4.57
N GLY B 168 0.96 -24.26 3.98
CA GLY B 168 -0.17 -24.37 3.06
C GLY B 168 0.05 -23.50 1.83
N LYS B 169 -1.05 -23.45 1.06
CA LYS B 169 -1.11 -22.60 -0.11
C LYS B 169 -2.11 -21.48 0.14
N VAL B 170 -1.81 -20.26 -0.28
CA VAL B 170 -2.77 -19.21 -0.24
C VAL B 170 -3.36 -19.06 -1.62
N PRO B 171 -4.69 -19.00 -1.82
CA PRO B 171 -5.29 -18.69 -3.09
C PRO B 171 -5.06 -17.21 -3.44
N PRO B 172 -4.78 -16.92 -4.73
CA PRO B 172 -4.56 -15.58 -5.20
C PRO B 172 -5.85 -14.73 -5.13
N ALA B 173 -5.89 -13.67 -4.30
CA ALA B 173 -7.11 -12.88 -4.17
C ALA B 173 -7.51 -12.17 -5.46
N LYS B 174 -8.72 -12.40 -5.91
CA LYS B 174 -9.25 -11.81 -7.13
C LYS B 174 -9.90 -10.52 -6.67
N VAL B 175 -9.33 -9.44 -7.13
CA VAL B 175 -9.71 -8.09 -6.74
C VAL B 175 -10.52 -7.47 -7.87
N MET B 176 -11.86 -7.53 -7.78
CA MET B 176 -12.73 -6.92 -8.77
C MET B 176 -12.82 -5.41 -8.55
N VAL B 177 -11.99 -4.69 -9.29
CA VAL B 177 -12.02 -3.23 -9.26
C VAL B 177 -13.13 -2.80 -10.18
N ILE B 178 -14.17 -2.16 -9.69
CA ILE B 178 -15.18 -1.64 -10.60
C ILE B 178 -14.85 -0.18 -10.76
N GLY B 179 -14.43 0.14 -11.98
CA GLY B 179 -14.13 1.50 -12.39
C GLY B 179 -12.67 1.71 -12.30
N ALA B 180 -11.97 1.46 -13.42
CA ALA B 180 -10.53 1.76 -13.54
C ALA B 180 -10.27 3.25 -13.72
N GLY B 181 -10.67 4.03 -12.74
CA GLY B 181 -10.32 5.45 -12.65
C GLY B 181 -8.90 5.61 -12.11
N VAL B 182 -8.47 6.82 -11.77
CA VAL B 182 -7.14 7.00 -11.15
C VAL B 182 -7.00 6.15 -9.86
N ALA B 183 -8.05 6.16 -9.01
CA ALA B 183 -8.15 5.29 -7.83
C ALA B 183 -8.01 3.84 -8.18
N GLY B 184 -8.81 3.44 -9.19
CA GLY B 184 -8.78 2.08 -9.69
C GLY B 184 -7.36 1.71 -10.08
N LEU B 185 -6.66 2.58 -10.83
CA LEU B 185 -5.34 2.21 -11.33
C LEU B 185 -4.31 2.04 -10.22
N ALA B 186 -4.40 2.85 -9.14
CA ALA B 186 -3.50 2.71 -7.99
C ALA B 186 -3.83 1.46 -7.16
N ALA B 187 -5.10 1.09 -7.08
CA ALA B 187 -5.53 -0.16 -6.46
C ALA B 187 -5.05 -1.34 -7.28
N ILE B 188 -5.17 -1.26 -8.61
CA ILE B 188 -4.64 -2.29 -9.52
C ILE B 188 -3.12 -2.50 -9.34
N GLY B 189 -2.39 -1.38 -9.28
CA GLY B 189 -1.00 -1.34 -8.97
C GLY B 189 -0.68 -2.05 -7.67
N ALA B 190 -1.33 -1.67 -6.57
CA ALA B 190 -1.08 -2.27 -5.25
C ALA B 190 -1.36 -3.77 -5.20
N ALA B 191 -2.52 -4.19 -5.67
CA ALA B 191 -2.90 -5.61 -5.58
C ALA B 191 -2.02 -6.46 -6.52
N ASN B 192 -1.63 -5.92 -7.67
CA ASN B 192 -0.69 -6.63 -8.58
C ASN B 192 0.70 -6.72 -7.98
N SER B 193 1.11 -5.63 -7.34
CA SER B 193 2.26 -5.65 -6.42
C SER B 193 2.14 -6.75 -5.34
N LEU B 194 0.98 -6.89 -4.75
CA LEU B 194 0.75 -7.93 -3.78
C LEU B 194 0.51 -9.29 -4.38
N GLY B 195 0.47 -9.41 -5.69
CA GLY B 195 0.30 -10.69 -6.37
C GLY B 195 -1.11 -11.22 -6.22
N ALA B 196 -2.06 -10.33 -6.35
CA ALA B 196 -3.48 -10.74 -6.39
C ALA B 196 -3.99 -10.66 -7.83
N ILE B 197 -5.01 -11.43 -8.21
CA ILE B 197 -5.59 -11.43 -9.56
C ILE B 197 -6.56 -10.25 -9.68
N VAL B 198 -6.07 -9.12 -10.17
CA VAL B 198 -6.92 -7.92 -10.27
C VAL B 198 -7.81 -8.08 -11.50
N ARG B 199 -9.12 -7.94 -11.25
CA ARG B 199 -10.14 -8.00 -12.30
C ARG B 199 -10.72 -6.62 -12.40
N ALA B 200 -10.25 -5.71 -13.30
CA ALA B 200 -10.80 -4.36 -13.34
C ALA B 200 -11.75 -4.09 -14.48
N PHE B 201 -12.87 -3.47 -14.19
CA PHE B 201 -13.85 -3.09 -15.19
C PHE B 201 -13.74 -1.59 -15.29
N ASP B 202 -14.17 -1.09 -16.45
CA ASP B 202 -14.49 0.30 -16.66
C ASP B 202 -15.24 0.43 -17.97
N THR B 203 -16.14 1.36 -18.03
CA THR B 203 -16.88 1.60 -19.25
C THR B 203 -16.06 2.17 -20.40
N ARG B 204 -15.06 2.96 -20.12
CA ARG B 204 -14.22 3.56 -21.14
C ARG B 204 -13.21 2.57 -21.65
N PRO B 205 -12.95 2.56 -22.96
CA PRO B 205 -11.96 1.65 -23.56
C PRO B 205 -10.49 1.88 -23.24
N GLU B 206 -9.97 3.11 -23.13
CA GLU B 206 -8.54 3.31 -23.04
C GLU B 206 -7.84 2.71 -21.83
N VAL B 207 -8.60 2.64 -20.72
CA VAL B 207 -8.11 2.00 -19.51
C VAL B 207 -7.86 0.50 -19.69
N LYS B 208 -8.57 -0.18 -20.59
CA LYS B 208 -8.37 -1.61 -20.92
C LYS B 208 -6.90 -2.04 -21.09
N GLU B 209 -6.22 -1.35 -22.01
CA GLU B 209 -4.80 -1.51 -22.26
C GLU B 209 -3.95 -1.30 -21.02
N GLN B 210 -4.31 -0.32 -20.15
CA GLN B 210 -3.57 -0.06 -18.93
C GLN B 210 -3.57 -1.32 -18.06
N VAL B 211 -4.78 -1.81 -17.84
CA VAL B 211 -5.04 -2.92 -16.94
C VAL B 211 -4.32 -4.19 -17.43
N GLN B 212 -4.46 -4.47 -18.71
CA GLN B 212 -3.80 -5.55 -19.41
C GLN B 212 -2.32 -5.49 -19.20
N SER B 213 -1.69 -4.33 -19.40
CA SER B 213 -0.25 -4.23 -19.27
C SER B 213 0.24 -4.11 -17.82
N MET B 214 -0.69 -4.04 -16.86
CA MET B 214 -0.39 -4.28 -15.47
C MET B 214 -0.28 -5.75 -15.17
N GLY B 215 -0.87 -6.63 -15.96
CA GLY B 215 -0.88 -8.04 -15.61
C GLY B 215 -2.20 -8.38 -14.90
N ALA B 216 -3.31 -7.82 -15.41
CA ALA B 216 -4.59 -7.89 -14.77
C ALA B 216 -5.73 -8.00 -15.78
N GLU B 217 -6.79 -8.76 -15.49
CA GLU B 217 -7.82 -9.02 -16.48
C GLU B 217 -8.78 -7.82 -16.51
N PHE B 218 -9.07 -7.29 -17.71
CA PHE B 218 -9.97 -6.16 -17.80
C PHE B 218 -11.36 -6.75 -18.12
N LEU B 219 -12.24 -6.65 -17.14
CA LEU B 219 -13.60 -7.12 -17.27
C LEU B 219 -14.27 -6.17 -18.23
N GLU B 220 -14.92 -6.76 -19.24
CA GLU B 220 -15.44 -5.96 -20.35
C GLU B 220 -16.95 -6.01 -20.41
N LEU B 221 -17.54 -5.08 -21.16
CA LEU B 221 -18.95 -4.86 -21.09
C LEU B 221 -19.70 -6.03 -21.73
N ASP B 222 -20.80 -6.48 -21.11
CA ASP B 222 -21.46 -7.74 -21.49
C ASP B 222 -22.30 -7.55 -22.76
N MET B 237 -23.21 6.69 -21.72
CA MET B 237 -24.04 6.34 -20.61
C MET B 237 -24.67 7.61 -20.03
N SER B 238 -25.94 7.79 -19.64
CA SER B 238 -27.07 6.84 -19.68
C SER B 238 -27.03 5.66 -18.72
N ASP B 239 -28.07 4.85 -18.66
CA ASP B 239 -28.00 3.67 -17.81
C ASP B 239 -28.05 2.49 -18.77
N ALA B 240 -29.05 1.59 -18.75
CA ALA B 240 -29.18 0.40 -19.59
C ALA B 240 -28.04 -0.60 -19.50
N PHE B 241 -26.79 -0.24 -19.84
CA PHE B 241 -25.69 -1.22 -19.74
C PHE B 241 -25.51 -1.73 -18.32
N ILE B 242 -25.89 -0.95 -17.28
CA ILE B 242 -26.07 -1.44 -15.91
C ILE B 242 -26.54 -2.89 -15.78
N LYS B 243 -27.53 -3.32 -16.57
CA LYS B 243 -28.06 -4.66 -16.43
C LYS B 243 -26.97 -5.67 -16.77
N ALA B 244 -26.18 -5.35 -17.80
CA ALA B 244 -25.05 -6.17 -18.21
C ALA B 244 -23.95 -6.16 -17.17
N GLU B 245 -23.53 -4.99 -16.76
CA GLU B 245 -22.52 -4.76 -15.71
C GLU B 245 -22.88 -5.54 -14.47
N MET B 246 -23.99 -5.20 -13.81
CA MET B 246 -24.40 -5.85 -12.56
C MET B 246 -24.45 -7.36 -12.59
N GLU B 247 -24.94 -7.88 -13.71
CA GLU B 247 -24.92 -9.31 -13.96
C GLU B 247 -23.50 -9.86 -13.88
N LEU B 248 -22.57 -9.19 -14.60
CA LEU B 248 -21.19 -9.66 -14.72
C LEU B 248 -20.48 -9.60 -13.38
N PHE B 249 -20.81 -8.55 -12.64
CA PHE B 249 -20.24 -8.33 -11.34
C PHE B 249 -20.71 -9.41 -10.37
N ALA B 250 -22.00 -9.76 -10.43
CA ALA B 250 -22.58 -10.79 -9.56
C ALA B 250 -21.92 -12.13 -9.87
N ALA B 251 -21.67 -12.46 -11.13
CA ALA B 251 -20.96 -13.67 -11.50
C ALA B 251 -19.49 -13.60 -11.04
N GLN B 252 -18.89 -12.43 -11.07
CA GLN B 252 -17.61 -12.24 -10.43
C GLN B 252 -17.68 -12.27 -8.90
N ALA B 253 -18.79 -11.92 -8.28
CA ALA B 253 -18.91 -11.85 -6.83
C ALA B 253 -18.58 -13.20 -6.17
N LYS B 254 -19.12 -14.29 -6.75
CA LYS B 254 -18.77 -15.63 -6.33
C LYS B 254 -17.28 -15.97 -6.55
N GLU B 255 -16.67 -15.40 -7.58
CA GLU B 255 -15.26 -15.62 -7.84
C GLU B 255 -14.36 -14.82 -6.91
N VAL B 256 -14.67 -13.54 -6.68
CA VAL B 256 -13.70 -12.58 -6.19
C VAL B 256 -13.50 -12.63 -4.68
N ASP B 257 -12.62 -11.73 -4.25
CA ASP B 257 -12.14 -11.69 -2.88
C ASP B 257 -12.19 -10.27 -2.37
N ILE B 258 -11.89 -9.30 -3.21
CA ILE B 258 -12.01 -7.92 -2.85
C ILE B 258 -12.80 -7.28 -3.99
N ILE B 259 -13.75 -6.39 -3.70
CA ILE B 259 -14.36 -5.54 -4.71
C ILE B 259 -13.88 -4.15 -4.33
N VAL B 260 -13.11 -3.54 -5.20
CA VAL B 260 -12.62 -2.16 -5.05
C VAL B 260 -13.62 -1.37 -5.88
N THR B 261 -14.70 -0.99 -5.27
CA THR B 261 -15.76 -0.34 -5.99
C THR B 261 -15.52 1.16 -5.99
N THR B 262 -15.09 1.52 -7.16
CA THR B 262 -14.56 2.85 -7.44
C THR B 262 -15.48 3.69 -8.36
N ALA B 263 -16.58 3.13 -8.90
CA ALA B 263 -17.29 3.66 -10.03
C ALA B 263 -18.06 4.93 -9.70
N LEU B 264 -17.31 6.04 -9.67
CA LEU B 264 -17.95 7.33 -9.57
C LEU B 264 -18.16 7.83 -11.00
N ILE B 265 -19.39 8.09 -11.41
CA ILE B 265 -19.64 8.65 -12.72
C ILE B 265 -19.38 10.14 -12.49
N PRO B 266 -18.36 10.78 -13.06
CA PRO B 266 -17.97 12.14 -12.73
C PRO B 266 -19.05 13.20 -12.90
N GLY B 267 -19.70 13.43 -11.76
CA GLY B 267 -20.71 14.47 -11.57
C GLY B 267 -21.85 13.88 -10.83
N LYS B 268 -22.28 12.70 -11.23
CA LYS B 268 -23.27 11.95 -10.50
C LYS B 268 -22.80 11.43 -9.13
N PRO B 269 -23.68 11.05 -8.20
CA PRO B 269 -23.33 10.15 -7.14
C PRO B 269 -22.89 8.79 -7.68
N ALA B 270 -22.12 8.01 -6.93
CA ALA B 270 -21.80 6.69 -7.36
C ALA B 270 -23.01 5.79 -7.41
N PRO B 271 -23.20 5.12 -8.55
CA PRO B 271 -24.33 4.26 -8.80
C PRO B 271 -24.26 3.02 -7.92
N LYS B 272 -25.37 2.60 -7.35
CA LYS B 272 -25.47 1.44 -6.52
C LYS B 272 -25.47 0.17 -7.35
N LEU B 273 -24.30 -0.13 -7.92
CA LEU B 273 -24.10 -1.32 -8.68
C LEU B 273 -24.10 -2.56 -7.77
N ILE B 274 -23.45 -2.45 -6.63
CA ILE B 274 -23.35 -3.56 -5.71
C ILE B 274 -24.66 -3.62 -4.92
N THR B 275 -25.55 -4.44 -5.45
CA THR B 275 -26.77 -4.83 -4.78
C THR B 275 -26.53 -5.55 -3.48
N ARG B 276 -27.44 -5.49 -2.50
CA ARG B 276 -27.29 -6.31 -1.29
C ARG B 276 -27.19 -7.81 -1.64
N GLU B 277 -27.97 -8.20 -2.64
CA GLU B 277 -27.91 -9.47 -3.33
C GLU B 277 -26.48 -9.95 -3.66
N MET B 278 -25.74 -9.06 -4.37
CA MET B 278 -24.42 -9.34 -4.89
C MET B 278 -23.46 -9.58 -3.74
N VAL B 279 -23.66 -8.88 -2.63
CA VAL B 279 -22.79 -9.00 -1.46
C VAL B 279 -22.96 -10.42 -0.89
N ASP B 280 -24.21 -10.84 -0.73
CA ASP B 280 -24.53 -12.20 -0.33
C ASP B 280 -24.19 -13.25 -1.38
N SER B 281 -23.93 -12.85 -2.62
CA SER B 281 -23.37 -13.71 -3.63
C SER B 281 -21.85 -13.77 -3.64
N MET B 282 -21.18 -13.04 -2.75
CA MET B 282 -19.73 -13.14 -2.61
C MET B 282 -19.31 -14.29 -1.77
N LYS B 283 -18.06 -14.68 -2.02
CA LYS B 283 -17.30 -15.59 -1.20
C LYS B 283 -17.15 -14.94 0.17
N ALA B 284 -17.12 -15.78 1.18
CA ALA B 284 -17.04 -15.32 2.57
C ALA B 284 -15.68 -14.79 2.98
N GLY B 285 -15.65 -13.86 3.90
CA GLY B 285 -14.42 -13.23 4.41
C GLY B 285 -13.68 -12.47 3.32
N SER B 286 -14.47 -11.65 2.68
CA SER B 286 -14.01 -10.94 1.50
C SER B 286 -14.47 -9.52 1.68
N VAL B 287 -13.81 -8.52 1.09
CA VAL B 287 -14.13 -7.16 1.45
C VAL B 287 -14.61 -6.42 0.21
N ILE B 288 -15.66 -5.59 0.38
CA ILE B 288 -16.07 -4.64 -0.61
C ILE B 288 -15.65 -3.28 -0.08
N VAL B 289 -14.53 -2.83 -0.64
CA VAL B 289 -14.08 -1.53 -0.28
C VAL B 289 -14.71 -0.54 -1.25
N ASP B 290 -15.54 0.29 -0.66
CA ASP B 290 -16.25 1.31 -1.42
C ASP B 290 -15.41 2.58 -1.32
N LEU B 291 -14.82 2.88 -2.46
CA LEU B 291 -14.05 4.09 -2.68
C LEU B 291 -15.00 5.20 -3.08
N ALA B 292 -16.05 4.78 -3.79
CA ALA B 292 -17.07 5.69 -4.23
C ALA B 292 -17.97 6.09 -3.06
N ALA B 293 -17.86 5.43 -1.90
CA ALA B 293 -18.51 5.85 -0.65
C ALA B 293 -18.51 7.31 -0.29
N GLN B 294 -17.48 8.13 -0.68
CA GLN B 294 -17.51 9.55 -0.34
C GLN B 294 -18.66 10.24 -1.05
N ASN B 295 -18.95 9.85 -2.29
CA ASN B 295 -20.04 10.43 -3.04
C ASN B 295 -20.99 9.35 -3.46
N GLY B 296 -22.08 9.19 -2.74
CA GLY B 296 -23.09 8.20 -3.09
C GLY B 296 -22.79 6.80 -2.59
N GLY B 297 -21.67 6.19 -3.03
CA GLY B 297 -21.35 4.82 -2.64
C GLY B 297 -21.91 3.81 -3.64
N ASN B 298 -21.07 2.90 -4.13
CA ASN B 298 -21.46 1.95 -5.12
C ASN B 298 -22.20 0.77 -4.47
N CYS B 299 -21.83 0.43 -3.23
CA CYS B 299 -22.45 -0.65 -2.55
C CYS B 299 -23.61 -0.12 -1.75
N GLU B 300 -24.71 -0.87 -1.71
CA GLU B 300 -25.80 -0.54 -0.85
C GLU B 300 -25.45 -0.65 0.63
N TYR B 301 -24.79 -1.74 1.02
CA TYR B 301 -24.46 -1.95 2.44
C TYR B 301 -23.52 -0.96 3.09
N THR B 302 -22.82 -0.18 2.28
CA THR B 302 -21.89 0.81 2.77
C THR B 302 -22.59 1.84 3.66
N VAL B 303 -22.14 1.90 4.91
CA VAL B 303 -22.42 3.03 5.81
C VAL B 303 -21.42 4.07 5.37
N PRO B 304 -21.74 5.30 4.92
CA PRO B 304 -20.77 6.28 4.44
C PRO B 304 -19.80 6.68 5.56
N GLY B 305 -18.67 5.99 5.63
CA GLY B 305 -17.63 6.31 6.57
C GLY B 305 -17.42 5.20 7.58
N GLU B 306 -17.72 3.92 7.30
CA GLU B 306 -17.61 2.85 8.28
C GLU B 306 -17.35 1.45 7.72
N ILE B 307 -17.06 0.46 8.59
CA ILE B 307 -17.09 -0.93 8.22
C ILE B 307 -18.51 -1.50 8.42
N PHE B 308 -18.87 -2.60 7.78
CA PHE B 308 -20.09 -3.36 8.05
C PHE B 308 -19.77 -4.81 7.72
N THR B 309 -20.56 -5.78 8.20
CA THR B 309 -20.43 -7.20 7.84
C THR B 309 -21.80 -7.78 7.59
N THR B 310 -21.90 -8.59 6.55
CA THR B 310 -23.17 -9.02 6.01
C THR B 310 -23.61 -10.40 6.48
N GLU B 311 -24.86 -10.80 6.23
CA GLU B 311 -25.40 -12.10 6.62
C GLU B 311 -24.50 -13.25 6.27
N ASN B 312 -24.03 -13.30 5.04
CA ASN B 312 -23.12 -14.32 4.61
C ASN B 312 -21.72 -14.25 5.23
N GLY B 313 -21.16 -13.06 5.41
CA GLY B 313 -19.87 -12.95 6.04
C GLY B 313 -18.93 -12.13 5.16
N VAL B 314 -19.44 -11.19 4.38
CA VAL B 314 -18.57 -10.31 3.63
C VAL B 314 -18.48 -8.99 4.41
N LYS B 315 -17.35 -8.26 4.37
CA LYS B 315 -17.19 -7.07 5.17
C LYS B 315 -17.13 -5.90 4.16
N VAL B 316 -17.94 -4.87 4.34
CA VAL B 316 -17.98 -3.75 3.43
C VAL B 316 -17.35 -2.62 4.22
N ILE B 317 -16.39 -1.94 3.64
CA ILE B 317 -15.71 -0.82 4.27
C ILE B 317 -15.82 0.30 3.29
N GLY B 318 -16.57 1.33 3.66
CA GLY B 318 -16.73 2.43 2.74
C GLY B 318 -16.50 3.66 3.58
N TYR B 319 -15.47 4.46 3.27
CA TYR B 319 -15.17 5.65 4.03
C TYR B 319 -15.29 6.86 3.17
N THR B 320 -16.05 7.79 3.69
CA THR B 320 -16.05 9.14 3.12
C THR B 320 -14.68 9.76 3.42
N ASP B 321 -14.04 9.35 4.51
CA ASP B 321 -12.72 9.82 4.93
C ASP B 321 -11.55 8.99 4.36
N LEU B 322 -11.72 8.20 3.28
CA LEU B 322 -10.62 7.45 2.70
C LEU B 322 -9.34 8.20 2.45
N PRO B 323 -9.27 9.45 1.97
CA PRO B 323 -8.04 10.25 1.92
C PRO B 323 -7.51 10.54 3.31
N GLY B 324 -8.41 10.94 4.22
CA GLY B 324 -8.06 11.10 5.61
C GLY B 324 -7.47 9.87 6.29
N ARG B 325 -7.90 8.68 5.85
CA ARG B 325 -7.31 7.40 6.26
C ARG B 325 -5.80 7.32 5.99
N LEU B 326 -5.25 8.09 5.05
CA LEU B 326 -3.82 8.10 4.81
C LEU B 326 -3.37 9.55 4.89
N PRO B 327 -3.18 10.10 6.08
CA PRO B 327 -2.93 11.52 6.30
C PRO B 327 -1.73 12.17 5.64
N THR B 328 -0.51 11.76 5.97
CA THR B 328 0.70 12.37 5.46
C THR B 328 0.68 12.34 3.92
N GLN B 329 0.30 11.21 3.35
CA GLN B 329 0.41 11.02 1.90
C GLN B 329 -0.63 11.79 1.15
N SER B 330 -1.83 11.90 1.69
CA SER B 330 -2.80 12.83 1.16
C SER B 330 -2.35 14.27 1.20
N SER B 331 -1.79 14.71 2.33
CA SER B 331 -1.23 16.07 2.48
C SER B 331 -0.13 16.31 1.46
N GLN B 332 0.71 15.29 1.18
CA GLN B 332 1.67 15.35 0.11
C GLN B 332 1.02 15.49 -1.29
N LEU B 333 0.04 14.67 -1.61
CA LEU B 333 -0.47 14.59 -2.95
C LEU B 333 -1.41 15.71 -3.28
N TYR B 334 -2.40 16.00 -2.39
CA TYR B 334 -3.23 17.18 -2.49
C TYR B 334 -2.32 18.39 -2.49
N GLY B 335 -1.31 18.37 -1.62
CA GLY B 335 -0.26 19.34 -1.60
C GLY B 335 0.40 19.52 -2.95
N THR B 336 0.84 18.45 -3.64
CA THR B 336 1.43 18.57 -4.96
C THR B 336 0.41 19.06 -5.98
N ASN B 337 -0.87 18.77 -5.80
CA ASN B 337 -1.90 19.34 -6.67
C ASN B 337 -1.91 20.86 -6.59
N LEU B 338 -1.91 21.31 -5.33
CA LEU B 338 -1.75 22.70 -4.94
C LEU B 338 -0.49 23.35 -5.52
N VAL B 339 0.64 22.62 -5.42
CA VAL B 339 1.88 23.01 -6.07
C VAL B 339 1.64 23.23 -7.55
N ASN B 340 1.00 22.32 -8.29
CA ASN B 340 0.80 22.46 -9.74
C ASN B 340 -0.20 23.56 -10.10
N LEU B 341 -1.13 23.86 -9.22
CA LEU B 341 -2.08 24.96 -9.42
C LEU B 341 -1.26 26.24 -9.37
N LEU B 342 -0.45 26.37 -8.28
CA LEU B 342 0.43 27.50 -8.09
C LEU B 342 1.48 27.57 -9.20
N LYS B 343 1.91 26.45 -9.80
CA LYS B 343 2.74 26.47 -11.01
C LYS B 343 1.94 27.07 -12.16
N LEU B 344 0.70 26.68 -12.37
CA LEU B 344 -0.03 27.13 -13.51
C LEU B 344 -0.52 28.56 -13.37
N LEU B 345 -0.57 29.12 -12.15
CA LEU B 345 -0.77 30.53 -11.92
C LEU B 345 0.55 31.24 -12.15
N CYS B 346 1.48 30.94 -11.23
CA CYS B 346 2.74 31.61 -11.19
C CYS B 346 3.63 31.03 -12.30
N LYS B 347 3.40 31.55 -13.53
CA LYS B 347 4.22 31.21 -14.64
C LYS B 347 5.65 31.64 -14.44
N GLU B 348 5.84 32.69 -13.65
CA GLU B 348 7.14 33.27 -13.39
C GLU B 348 7.92 32.60 -12.27
N LYS B 349 7.29 31.63 -11.57
CA LYS B 349 7.87 31.02 -10.38
C LYS B 349 8.64 31.95 -9.44
N ASP B 350 8.06 33.14 -9.27
CA ASP B 350 8.69 34.13 -8.45
C ASP B 350 8.18 33.94 -7.04
N GLY B 351 7.10 33.16 -6.87
CA GLY B 351 6.52 33.00 -5.57
C GLY B 351 5.46 34.04 -5.27
N ASN B 352 4.76 34.59 -6.26
CA ASN B 352 3.54 35.33 -6.00
C ASN B 352 2.50 34.92 -7.03
N ILE B 353 1.23 35.19 -6.73
CA ILE B 353 0.16 34.82 -7.65
C ILE B 353 0.28 35.69 -8.91
N THR B 354 0.84 35.15 -10.01
CA THR B 354 0.65 35.77 -11.31
C THR B 354 -0.82 35.46 -11.65
N VAL B 355 -1.63 36.50 -11.54
CA VAL B 355 -3.06 36.41 -11.74
C VAL B 355 -3.35 36.15 -13.22
N ASP B 356 -3.31 34.89 -13.62
CA ASP B 356 -3.73 34.47 -14.93
C ASP B 356 -5.23 34.33 -15.00
N PHE B 357 -5.74 34.27 -16.23
CA PHE B 357 -7.00 33.72 -16.61
C PHE B 357 -6.99 33.28 -18.08
N ASP B 358 -5.86 33.37 -18.77
CA ASP B 358 -5.81 33.30 -20.21
C ASP B 358 -6.05 31.88 -20.73
N ASP B 359 -5.59 30.91 -19.95
CA ASP B 359 -5.91 29.52 -20.16
C ASP B 359 -7.25 29.14 -19.56
N VAL B 360 -7.96 28.28 -20.24
CA VAL B 360 -9.28 27.81 -19.85
C VAL B 360 -9.31 27.03 -18.53
N VAL B 361 -8.20 26.39 -18.19
CA VAL B 361 -8.12 25.63 -16.93
C VAL B 361 -8.13 26.64 -15.83
N ILE B 362 -7.27 27.68 -15.87
CA ILE B 362 -7.25 28.69 -14.83
C ILE B 362 -8.54 29.43 -14.73
N ARG B 363 -9.05 29.85 -15.92
CA ARG B 363 -10.37 30.43 -16.08
C ARG B 363 -11.44 29.67 -15.36
N GLY B 364 -11.30 28.35 -15.25
CA GLY B 364 -12.34 27.55 -14.63
C GLY B 364 -12.09 27.23 -13.19
N VAL B 365 -10.88 26.81 -12.87
CA VAL B 365 -10.54 26.39 -11.51
C VAL B 365 -10.60 27.55 -10.54
N THR B 366 -10.22 28.75 -10.98
CA THR B 366 -10.40 29.94 -10.18
C THR B 366 -11.87 30.28 -10.25
N VAL B 367 -12.68 29.61 -9.45
CA VAL B 367 -14.11 29.71 -9.52
C VAL B 367 -14.65 31.07 -9.08
N ILE B 368 -13.90 31.81 -8.26
CA ILE B 368 -14.28 33.15 -7.87
C ILE B 368 -13.01 33.97 -8.05
N ARG B 369 -12.75 34.71 -9.13
CA ARG B 369 -11.51 35.47 -9.18
C ARG B 369 -11.66 36.75 -8.37
N ALA B 370 -11.26 36.62 -7.10
CA ALA B 370 -11.07 37.73 -6.16
C ALA B 370 -12.27 38.63 -5.92
N GLY B 371 -13.46 38.04 -6.01
CA GLY B 371 -14.66 38.79 -5.74
C GLY B 371 -15.81 38.31 -6.61
N GLU B 372 -15.73 38.65 -7.89
CA GLU B 372 -16.72 38.13 -8.85
C GLU B 372 -16.57 36.66 -9.12
N ILE B 373 -17.70 36.00 -9.24
CA ILE B 373 -17.74 34.55 -9.42
C ILE B 373 -17.59 34.15 -10.88
N THR B 374 -16.45 33.52 -11.09
CA THR B 374 -15.96 33.17 -12.42
C THR B 374 -16.27 31.72 -12.80
N TRP B 375 -16.97 30.97 -11.94
CA TRP B 375 -17.53 29.69 -12.29
C TRP B 375 -18.72 29.95 -13.22
N PRO B 376 -18.88 29.17 -14.29
CA PRO B 376 -17.93 28.16 -14.72
C PRO B 376 -16.97 28.70 -15.77
N ALA B 377 -16.08 27.84 -16.25
CA ALA B 377 -15.20 28.09 -17.41
C ALA B 377 -16.04 27.95 -18.68
N PRO B 378 -15.63 28.42 -19.86
CA PRO B 378 -16.23 28.10 -21.15
C PRO B 378 -16.30 26.55 -21.36
N PRO B 379 -17.47 25.95 -21.69
CA PRO B 379 -17.73 24.52 -21.79
C PRO B 379 -16.55 23.73 -22.39
N ILE B 380 -15.92 22.96 -21.50
CA ILE B 380 -14.71 22.19 -21.72
C ILE B 380 -14.97 20.85 -22.38
N GLN B 381 -14.13 20.51 -23.34
CA GLN B 381 -14.15 19.21 -24.01
C GLN B 381 -13.33 18.22 -23.26
N VAL B 382 -14.07 17.40 -22.53
CA VAL B 382 -13.55 16.31 -21.75
C VAL B 382 -13.16 15.18 -22.71
N SER B 383 -12.01 14.81 -22.75
N ALA C 20 20.45 1.67 -34.53
CA ALA C 20 20.63 1.86 -33.11
C ALA C 20 21.97 2.52 -32.80
N GLU C 21 23.07 2.33 -33.56
CA GLU C 21 24.36 2.93 -33.28
C GLU C 21 24.37 4.45 -33.23
N GLU C 22 23.39 5.07 -33.89
CA GLU C 22 23.15 6.51 -33.79
C GLU C 22 23.04 6.91 -32.34
N THR C 23 22.16 6.21 -31.64
CA THR C 23 21.86 6.48 -30.26
C THR C 23 23.08 6.16 -29.39
N ALA C 24 23.75 5.02 -29.64
CA ALA C 24 24.94 4.61 -28.92
C ALA C 24 26.03 5.68 -28.98
N GLU C 25 26.18 6.39 -30.09
CA GLU C 25 27.06 7.55 -30.18
C GLU C 25 26.48 8.80 -29.50
N LEU C 26 25.29 9.22 -29.96
CA LEU C 26 24.57 10.38 -29.49
C LEU C 26 24.48 10.51 -27.98
N LEU C 27 24.18 9.40 -27.28
CA LEU C 27 24.05 9.42 -25.81
C LEU C 27 25.33 9.79 -25.10
N LYS C 28 26.46 9.13 -25.45
CA LYS C 28 27.71 9.46 -24.79
C LYS C 28 28.18 10.88 -25.14
N ASN C 29 27.86 11.34 -26.35
CA ASN C 29 28.02 12.73 -26.76
C ASN C 29 27.14 13.69 -25.91
N SER C 30 25.89 13.30 -25.64
CA SER C 30 24.87 14.21 -25.16
C SER C 30 25.12 15.21 -24.07
N HIS C 31 26.01 14.90 -23.12
CA HIS C 31 26.29 15.73 -21.95
C HIS C 31 25.14 15.73 -20.99
N SER C 32 23.99 16.22 -21.42
CA SER C 32 22.73 15.93 -20.74
C SER C 32 21.90 14.99 -21.62
N VAL C 33 21.24 14.01 -20.99
CA VAL C 33 20.32 13.11 -21.66
C VAL C 33 19.02 13.27 -20.90
N ILE C 34 17.87 13.40 -21.54
CA ILE C 34 16.59 13.25 -20.88
C ILE C 34 16.03 11.98 -21.41
N ILE C 35 15.69 11.05 -20.54
CA ILE C 35 14.99 9.82 -20.93
C ILE C 35 13.58 9.96 -20.39
N THR C 36 12.64 9.83 -21.32
CA THR C 36 11.24 9.79 -20.99
C THR C 36 10.71 8.36 -21.16
N PRO C 37 10.57 7.62 -20.04
CA PRO C 37 9.98 6.29 -20.00
C PRO C 37 8.53 6.33 -20.45
N GLY C 38 8.31 6.33 -21.76
CA GLY C 38 6.99 6.16 -22.29
C GLY C 38 6.67 4.68 -22.45
N TYR C 39 6.14 4.35 -23.61
CA TYR C 39 5.35 3.15 -23.84
C TYR C 39 6.13 1.91 -23.51
N GLY C 40 7.28 1.78 -24.20
CA GLY C 40 8.11 0.58 -24.11
C GLY C 40 8.50 0.24 -22.70
N MET C 41 8.72 1.23 -21.85
CA MET C 41 9.11 0.94 -20.47
C MET C 41 7.87 0.77 -19.60
N ALA C 42 6.83 1.57 -19.85
CA ALA C 42 5.60 1.52 -19.07
C ALA C 42 4.71 0.34 -19.50
N VAL C 43 5.11 -0.44 -20.51
CA VAL C 43 4.52 -1.71 -20.82
C VAL C 43 5.43 -2.91 -20.56
N ALA C 44 6.71 -2.85 -20.94
CA ALA C 44 7.59 -4.00 -20.98
C ALA C 44 8.93 -3.65 -20.39
N GLN C 45 9.79 -4.67 -20.36
CA GLN C 45 11.05 -4.63 -19.64
C GLN C 45 12.14 -3.65 -20.03
N ALA C 46 11.93 -2.58 -20.80
CA ALA C 46 12.98 -1.63 -21.19
C ALA C 46 13.67 -0.93 -20.04
N GLN C 47 13.03 -0.98 -18.86
CA GLN C 47 13.57 -0.48 -17.63
C GLN C 47 14.83 -1.23 -17.24
N TYR C 48 14.92 -2.57 -17.31
CA TYR C 48 16.16 -3.24 -16.98
C TYR C 48 17.28 -2.80 -17.94
N PRO C 49 17.16 -2.73 -19.27
CA PRO C 49 18.14 -2.12 -20.16
C PRO C 49 18.50 -0.69 -19.81
N VAL C 50 17.54 0.15 -19.47
CA VAL C 50 17.82 1.56 -19.25
C VAL C 50 18.71 1.76 -18.04
N ALA C 51 18.58 0.95 -16.99
CA ALA C 51 19.53 0.89 -15.87
C ALA C 51 20.95 0.63 -16.32
N GLU C 52 21.08 -0.42 -17.16
CA GLU C 52 22.36 -0.85 -17.68
C GLU C 52 23.03 0.10 -18.67
N ILE C 53 22.26 0.90 -19.44
CA ILE C 53 22.91 2.00 -20.16
C ILE C 53 23.28 3.22 -19.31
N THR C 54 22.31 3.65 -18.49
CA THR C 54 22.52 4.81 -17.59
C THR C 54 23.70 4.64 -16.66
N GLU C 55 23.98 3.38 -16.33
CA GLU C 55 25.18 2.94 -15.68
C GLU C 55 26.46 3.51 -16.28
N LYS C 56 26.69 3.28 -17.58
CA LYS C 56 27.88 3.76 -18.20
C LYS C 56 27.78 5.22 -18.59
N LEU C 57 26.57 5.72 -18.80
CA LEU C 57 26.37 7.17 -18.99
C LEU C 57 26.78 7.95 -17.75
N ARG C 58 26.45 7.36 -16.60
CA ARG C 58 26.80 7.96 -15.31
C ARG C 58 28.28 7.80 -15.07
N ALA C 59 28.89 6.72 -15.55
CA ALA C 59 30.35 6.59 -15.60
C ALA C 59 31.00 7.55 -16.57
N ARG C 60 30.29 8.06 -17.58
CA ARG C 60 30.75 9.17 -18.40
C ARG C 60 30.49 10.53 -17.70
N GLY C 61 29.79 10.53 -16.56
CA GLY C 61 29.48 11.73 -15.82
C GLY C 61 28.47 12.66 -16.51
N ILE C 62 27.47 12.00 -17.08
CA ILE C 62 26.40 12.68 -17.81
C ILE C 62 25.18 12.92 -16.92
N ASN C 63 24.65 14.16 -17.01
CA ASN C 63 23.36 14.55 -16.43
C ASN C 63 22.22 13.87 -17.20
N VAL C 64 21.97 12.62 -16.80
CA VAL C 64 20.96 11.81 -17.45
C VAL C 64 19.70 11.85 -16.59
N ARG C 65 18.80 12.81 -16.89
CA ARG C 65 17.61 12.96 -16.10
C ARG C 65 16.45 12.15 -16.65
N PHE C 66 15.84 11.35 -15.77
CA PHE C 66 14.65 10.56 -16.16
C PHE C 66 13.42 11.45 -16.05
N GLY C 67 13.27 12.28 -17.09
CA GLY C 67 12.18 13.22 -17.24
C GLY C 67 10.92 12.43 -17.54
N ILE C 68 10.21 12.02 -16.48
CA ILE C 68 9.03 11.18 -16.64
C ILE C 68 7.76 12.03 -16.83
N HIS C 69 6.94 11.69 -17.83
CA HIS C 69 5.60 12.28 -17.95
C HIS C 69 4.62 11.52 -17.04
N PRO C 70 3.80 12.13 -16.17
CA PRO C 70 2.91 11.41 -15.22
C PRO C 70 1.85 10.51 -15.79
N VAL C 71 0.85 11.06 -16.49
CA VAL C 71 -0.12 10.29 -17.25
C VAL C 71 0.60 9.85 -18.53
N ALA C 72 0.96 8.55 -18.71
CA ALA C 72 1.79 8.18 -19.84
C ALA C 72 1.84 6.68 -20.05
N GLY C 73 1.86 6.22 -21.31
CA GLY C 73 2.09 4.83 -21.65
C GLY C 73 1.01 3.93 -21.06
N ARG C 74 1.38 3.08 -20.11
CA ARG C 74 0.43 2.21 -19.44
C ARG C 74 0.59 2.33 -17.93
N LEU C 75 -0.40 3.02 -17.39
CA LEU C 75 -0.55 3.40 -15.99
C LEU C 75 0.45 4.46 -15.45
N PRO C 76 -0.03 5.50 -14.74
CA PRO C 76 0.79 6.41 -13.96
C PRO C 76 1.37 5.64 -12.79
N GLY C 77 2.46 6.09 -12.19
CA GLY C 77 3.19 5.27 -11.24
C GLY C 77 3.96 4.16 -11.93
N HIS C 78 3.27 3.23 -12.59
CA HIS C 78 3.86 2.00 -13.18
C HIS C 78 5.29 2.16 -13.71
N MET C 79 5.55 3.18 -14.55
CA MET C 79 6.87 3.38 -15.13
C MET C 79 7.94 3.72 -14.09
N ASN C 80 7.67 4.63 -13.13
CA ASN C 80 8.70 5.03 -12.20
C ASN C 80 8.85 3.95 -11.12
N VAL C 81 7.78 3.18 -10.84
CA VAL C 81 7.89 1.96 -10.03
C VAL C 81 8.87 1.02 -10.71
N LEU C 82 8.64 0.74 -11.99
CA LEU C 82 9.52 -0.11 -12.76
C LEU C 82 10.97 0.30 -12.83
N LEU C 83 11.24 1.61 -12.74
CA LEU C 83 12.60 2.08 -12.53
C LEU C 83 13.15 1.62 -11.17
N ALA C 84 12.40 1.73 -10.09
CA ALA C 84 12.86 1.28 -8.78
C ALA C 84 13.04 -0.24 -8.71
N GLU C 85 12.12 -0.96 -9.37
CA GLU C 85 12.30 -2.37 -9.74
C GLU C 85 13.60 -2.64 -10.44
N ALA C 86 13.86 -1.89 -11.51
CA ALA C 86 15.10 -2.10 -12.30
C ALA C 86 16.36 -1.51 -11.71
N LYS C 87 16.27 -1.06 -10.45
CA LYS C 87 17.35 -0.50 -9.64
C LYS C 87 17.99 0.74 -10.30
N VAL C 88 17.19 1.49 -11.09
CA VAL C 88 17.67 2.62 -11.86
C VAL C 88 18.03 3.72 -10.87
N PRO C 89 19.23 4.30 -10.87
CA PRO C 89 19.69 5.31 -9.92
C PRO C 89 18.70 6.44 -9.75
N TYR C 90 18.04 6.42 -8.61
CA TYR C 90 16.85 7.24 -8.39
C TYR C 90 17.17 8.73 -8.31
N ASP C 91 18.40 9.05 -7.90
CA ASP C 91 18.92 10.42 -7.87
C ASP C 91 18.55 11.31 -9.07
N ILE C 92 18.66 10.74 -10.25
CA ILE C 92 18.49 11.47 -11.49
C ILE C 92 17.08 11.52 -12.07
N VAL C 93 16.12 10.84 -11.39
CA VAL C 93 14.76 10.71 -11.89
C VAL C 93 13.85 11.92 -11.58
N LEU C 94 13.27 12.58 -12.59
CA LEU C 94 12.56 13.84 -12.38
C LEU C 94 11.19 13.71 -12.93
N GLU C 95 10.29 13.10 -12.17
CA GLU C 95 8.95 12.81 -12.64
C GLU C 95 8.11 14.07 -12.66
N MET C 96 7.90 14.56 -13.89
CA MET C 96 7.29 15.84 -14.15
C MET C 96 7.92 16.96 -13.29
N ASP C 97 9.22 17.16 -13.47
CA ASP C 97 9.86 18.33 -12.94
C ASP C 97 10.08 19.23 -14.13
N GLU C 98 9.80 20.50 -14.00
CA GLU C 98 9.83 21.41 -15.13
C GLU C 98 11.28 21.84 -15.22
N ILE C 99 12.07 20.90 -15.73
CA ILE C 99 13.48 21.09 -15.91
C ILE C 99 13.77 21.61 -17.32
N ASN C 100 13.21 22.78 -17.56
CA ASN C 100 13.12 23.47 -18.84
C ASN C 100 14.51 23.72 -19.38
N ASP C 101 15.45 23.95 -18.46
CA ASP C 101 16.85 24.22 -18.80
C ASP C 101 17.51 23.04 -19.48
N ASP C 102 17.50 21.93 -18.76
CA ASP C 102 18.01 20.67 -19.24
C ASP C 102 17.27 20.13 -20.45
N PHE C 103 15.98 20.45 -20.62
CA PHE C 103 15.24 20.08 -21.81
C PHE C 103 15.82 20.75 -23.05
N ALA C 104 16.19 22.03 -22.91
CA ALA C 104 16.82 22.74 -23.99
C ALA C 104 18.32 22.83 -23.72
N ASP C 105 18.95 21.67 -23.63
CA ASP C 105 20.38 21.56 -23.36
C ASP C 105 20.77 20.10 -23.60
N THR C 106 19.89 19.18 -23.26
CA THR C 106 20.02 17.77 -23.61
C THR C 106 20.26 17.54 -25.09
N ASP C 107 21.24 16.71 -25.43
CA ASP C 107 21.53 16.50 -26.84
C ASP C 107 20.59 15.40 -27.32
N THR C 108 20.66 14.20 -26.75
CA THR C 108 19.69 13.17 -27.15
C THR C 108 18.66 12.88 -26.07
N VAL C 109 17.40 12.89 -26.48
CA VAL C 109 16.29 12.49 -25.63
C VAL C 109 15.87 11.09 -26.02
N LEU C 110 15.71 10.25 -25.00
CA LEU C 110 15.23 8.90 -25.23
C LEU C 110 13.73 8.83 -24.95
N VAL C 111 12.88 9.20 -25.91
CA VAL C 111 11.45 8.96 -25.79
C VAL C 111 11.19 7.50 -26.09
N ILE C 112 10.93 6.73 -25.04
CA ILE C 112 10.76 5.29 -25.14
C ILE C 112 9.45 4.88 -25.76
N GLY C 113 9.35 4.99 -27.11
CA GLY C 113 8.24 4.47 -27.89
C GLY C 113 7.09 5.46 -28.09
N ALA C 114 6.56 5.90 -26.95
CA ALA C 114 5.34 6.70 -26.90
C ALA C 114 5.64 8.16 -27.15
N ASN C 115 5.47 8.48 -28.42
CA ASN C 115 5.39 9.86 -28.90
C ASN C 115 4.35 10.66 -28.15
N ASP C 116 3.07 10.23 -28.12
CA ASP C 116 2.00 11.09 -27.62
C ASP C 116 2.19 11.58 -26.18
N THR C 117 2.81 10.71 -25.36
CA THR C 117 3.30 11.05 -24.02
C THR C 117 4.04 12.41 -23.88
N VAL C 118 4.85 12.82 -24.85
CA VAL C 118 5.50 14.11 -24.91
C VAL C 118 5.23 14.81 -26.22
N ASN C 119 4.11 14.49 -26.86
CA ASN C 119 3.77 15.04 -28.16
C ASN C 119 3.30 16.47 -28.00
N PRO C 120 3.95 17.47 -28.64
CA PRO C 120 3.58 18.88 -28.59
C PRO C 120 2.14 19.17 -28.96
N ALA C 121 1.58 18.60 -30.03
CA ALA C 121 0.22 18.89 -30.49
C ALA C 121 -0.82 18.67 -29.42
N ALA C 122 -0.60 17.69 -28.54
CA ALA C 122 -1.50 17.37 -27.46
C ALA C 122 -1.80 18.57 -26.55
N GLN C 123 -0.99 19.62 -26.52
CA GLN C 123 -1.41 20.88 -25.89
C GLN C 123 -1.42 22.02 -26.89
N ASP C 124 -0.57 21.91 -27.92
CA ASP C 124 -0.30 23.01 -28.84
C ASP C 124 -1.34 23.10 -29.97
N ASP C 125 -2.17 22.07 -30.08
CA ASP C 125 -3.19 22.10 -31.13
C ASP C 125 -4.57 21.80 -30.56
N PRO C 126 -5.46 22.78 -30.28
CA PRO C 126 -6.84 22.58 -29.92
C PRO C 126 -7.69 21.96 -31.02
N LYS C 127 -7.41 20.70 -31.27
CA LYS C 127 -7.97 19.88 -32.33
C LYS C 127 -7.36 18.52 -32.15
N SER C 128 -6.15 18.36 -31.59
CA SER C 128 -5.66 17.05 -31.17
C SER C 128 -6.58 16.42 -30.13
N PRO C 129 -7.06 15.17 -30.24
CA PRO C 129 -8.05 14.54 -29.38
C PRO C 129 -7.70 14.50 -27.89
N ILE C 130 -6.49 14.10 -27.46
CA ILE C 130 -6.15 14.13 -26.03
C ILE C 130 -5.68 15.52 -25.60
N ALA C 131 -6.59 16.51 -25.71
CA ALA C 131 -6.19 17.89 -25.60
C ALA C 131 -5.75 18.39 -24.22
N GLY C 132 -4.91 19.42 -24.36
CA GLY C 132 -4.39 20.12 -23.18
C GLY C 132 -3.41 19.27 -22.40
N MET C 133 -2.78 18.25 -23.00
CA MET C 133 -1.91 17.35 -22.25
C MET C 133 -0.62 18.08 -21.94
N PRO C 134 -0.28 18.26 -20.65
CA PRO C 134 0.89 19.04 -20.29
C PRO C 134 2.12 18.31 -20.72
N VAL C 135 2.75 18.78 -21.80
CA VAL C 135 3.96 18.18 -22.33
C VAL C 135 5.00 19.29 -22.19
N LEU C 136 5.81 19.04 -21.17
CA LEU C 136 6.80 19.99 -20.81
C LEU C 136 7.97 20.02 -21.79
N GLU C 137 7.90 20.87 -22.81
CA GLU C 137 8.96 21.34 -23.69
C GLU C 137 9.89 20.37 -24.38
N VAL C 138 9.99 19.08 -24.10
CA VAL C 138 11.02 18.25 -24.70
C VAL C 138 10.68 17.79 -26.11
N TRP C 139 10.97 18.73 -27.02
CA TRP C 139 10.88 18.51 -28.46
C TRP C 139 11.68 19.64 -29.12
N LYS C 140 11.86 19.60 -30.44
CA LYS C 140 12.44 20.62 -31.29
C LYS C 140 13.92 20.90 -31.10
N ALA C 141 14.30 21.36 -29.94
CA ALA C 141 15.68 21.45 -29.58
C ALA C 141 16.33 20.09 -29.41
N GLN C 142 17.21 19.81 -30.35
CA GLN C 142 18.08 18.64 -30.33
C GLN C 142 17.41 17.29 -30.66
N ASN C 143 18.09 16.18 -30.31
CA ASN C 143 17.86 14.85 -30.90
C ASN C 143 16.81 14.14 -30.03
N VAL C 144 15.61 14.66 -30.11
CA VAL C 144 14.51 14.07 -29.39
C VAL C 144 14.12 12.80 -30.11
N ILE C 145 14.85 11.71 -29.83
CA ILE C 145 14.63 10.44 -30.50
C ILE C 145 13.46 9.66 -29.92
N VAL C 146 12.45 9.34 -30.73
CA VAL C 146 11.35 8.47 -30.33
C VAL C 146 11.75 7.13 -30.91
N PHE C 147 12.01 6.17 -30.06
CA PHE C 147 12.27 4.80 -30.50
C PHE C 147 11.07 4.20 -31.18
N LYS C 148 11.26 3.75 -32.41
CA LYS C 148 10.22 3.16 -33.23
C LYS C 148 10.52 1.79 -33.82
N ARG C 149 9.46 0.96 -33.95
CA ARG C 149 9.47 -0.19 -34.81
C ARG C 149 8.98 0.43 -36.12
N SER C 150 7.85 1.06 -36.06
CA SER C 150 7.33 1.95 -37.12
C SER C 150 6.41 2.96 -36.43
N MET C 151 5.80 3.89 -37.18
CA MET C 151 4.80 4.75 -36.61
C MET C 151 3.49 4.43 -37.32
N ASN C 152 2.62 3.85 -36.50
CA ASN C 152 1.21 3.66 -36.84
C ASN C 152 0.50 4.96 -36.48
N THR C 153 -0.75 4.99 -35.99
CA THR C 153 -1.42 6.23 -35.64
C THR C 153 -1.22 6.45 -34.13
N GLY C 154 -0.85 7.70 -33.82
CA GLY C 154 -0.59 8.12 -32.44
C GLY C 154 -1.90 8.52 -31.75
N TYR C 155 -2.08 8.42 -30.44
CA TYR C 155 -3.30 8.86 -29.78
C TYR C 155 -3.62 10.34 -29.96
N ALA C 156 -2.61 11.23 -29.93
CA ALA C 156 -2.77 12.60 -30.37
C ALA C 156 -2.56 12.63 -31.87
N GLY C 157 -1.40 12.10 -32.29
CA GLY C 157 -1.14 11.91 -33.71
C GLY C 157 -0.69 13.15 -34.43
N VAL C 158 -1.66 14.01 -34.72
CA VAL C 158 -1.56 15.06 -35.70
C VAL C 158 -0.53 16.16 -35.46
N GLN C 159 -0.20 16.83 -36.59
CA GLN C 159 0.80 17.87 -36.72
C GLN C 159 1.59 18.37 -35.53
N ASN C 160 2.84 17.94 -35.49
CA ASN C 160 3.73 18.20 -34.39
C ASN C 160 5.16 17.87 -34.77
N PRO C 161 6.18 18.66 -34.38
CA PRO C 161 7.59 18.30 -34.54
C PRO C 161 8.04 16.90 -34.17
N LEU C 162 7.41 16.31 -33.15
CA LEU C 162 7.85 15.04 -32.64
C LEU C 162 7.60 13.91 -33.64
N PHE C 163 6.63 14.04 -34.54
CA PHE C 163 6.52 13.19 -35.70
C PHE C 163 7.32 13.68 -36.91
N PHE C 164 7.30 15.01 -37.08
CA PHE C 164 7.79 15.64 -38.27
C PHE C 164 9.30 15.70 -38.41
N LYS C 165 10.04 16.22 -37.43
CA LYS C 165 11.41 16.69 -37.64
C LYS C 165 12.48 15.66 -37.90
N GLU C 166 13.61 16.17 -38.38
CA GLU C 166 14.85 15.48 -38.63
C GLU C 166 15.60 15.11 -37.34
N ASN C 167 15.62 16.01 -36.34
CA ASN C 167 16.41 15.81 -35.11
C ASN C 167 15.51 15.38 -33.99
N THR C 168 14.40 16.05 -33.82
CA THR C 168 13.31 15.47 -33.04
C THR C 168 12.74 14.42 -33.98
N HIS C 169 13.25 13.20 -33.85
CA HIS C 169 13.03 12.19 -34.88
C HIS C 169 12.58 10.81 -34.37
N MET C 170 11.59 10.29 -35.09
CA MET C 170 11.20 8.92 -34.89
C MET C 170 12.25 8.02 -35.51
N LEU C 171 13.11 7.46 -34.67
CA LEU C 171 14.25 6.72 -35.15
C LEU C 171 13.84 5.25 -35.05
N PHE C 172 14.00 4.48 -36.11
CA PHE C 172 13.64 3.08 -36.10
C PHE C 172 14.63 2.23 -35.36
N GLY C 173 14.28 2.01 -34.12
CA GLY C 173 14.90 1.03 -33.24
C GLY C 173 13.88 0.71 -32.19
N ASP C 174 13.70 -0.58 -31.88
CA ASP C 174 12.76 -1.00 -30.87
C ASP C 174 13.11 -0.40 -29.50
N ALA C 175 12.10 -0.05 -28.74
CA ALA C 175 12.24 0.66 -27.48
C ALA C 175 12.95 -0.14 -26.40
N LYS C 176 12.80 -1.46 -26.41
CA LYS C 176 13.65 -2.29 -25.56
C LYS C 176 14.90 -2.54 -26.40
N ALA C 177 14.79 -3.19 -27.55
CA ALA C 177 15.94 -3.79 -28.26
C ALA C 177 17.18 -2.89 -28.47
N SER C 178 16.93 -1.63 -28.88
CA SER C 178 18.01 -0.68 -29.06
C SER C 178 18.66 -0.36 -27.72
N VAL C 179 17.89 -0.16 -26.65
CA VAL C 179 18.50 0.16 -25.35
C VAL C 179 19.25 -1.08 -24.85
N ASP C 180 18.64 -2.24 -25.05
CA ASP C 180 19.22 -3.51 -24.77
C ASP C 180 20.49 -3.79 -25.59
N ALA C 181 20.69 -3.24 -26.79
CA ALA C 181 21.93 -3.33 -27.51
C ALA C 181 22.98 -2.36 -26.99
N ILE C 182 22.60 -1.10 -26.89
CA ILE C 182 23.49 0.00 -26.52
C ILE C 182 24.04 -0.20 -25.09
N LEU C 183 23.35 -0.90 -24.19
CA LEU C 183 23.86 -1.22 -22.89
C LEU C 183 25.14 -2.02 -22.90
N LYS C 184 25.34 -2.79 -23.97
CA LYS C 184 26.52 -3.60 -24.21
C LYS C 184 27.43 -2.74 -25.07
N ALA C 185 26.91 -2.20 -26.16
CA ALA C 185 27.71 -1.43 -27.14
C ALA C 185 28.22 -0.09 -26.62
N LEU C 186 27.38 0.93 -26.44
CA LEU C 186 27.78 2.34 -26.37
C LEU C 186 28.93 2.76 -27.31
PA NAD D . -13.77 8.90 -10.93
O1A NAD D . -12.68 8.68 -9.94
O2A NAD D . -14.76 9.99 -10.73
O5B NAD D . -14.58 7.49 -11.03
C5B NAD D . -13.90 6.25 -11.20
C4B NAD D . -14.38 5.53 -12.45
O4B NAD D . -15.71 5.00 -12.40
C3B NAD D . -14.31 6.38 -13.72
O3B NAD D . -13.09 6.03 -14.35
C2B NAD D . -15.47 5.94 -14.57
O2B NAD D . -15.12 5.61 -15.92
C1B NAD D . -15.95 4.73 -13.79
N9A NAD D . -17.35 4.34 -14.12
C8A NAD D . -18.35 5.13 -14.50
N7A NAD D . -19.42 4.42 -14.89
C5A NAD D . -19.01 3.19 -14.74
C6A NAD D . -19.78 2.08 -15.08
N6A NAD D . -21.01 2.21 -15.58
N1A NAD D . -19.23 0.85 -14.89
C2A NAD D . -17.98 0.75 -14.41
N3A NAD D . -17.24 1.81 -14.11
C4A NAD D . -17.73 3.07 -14.26
O3 NAD D . -13.09 9.00 -12.39
PN NAD D . -11.61 9.27 -12.96
O1N NAD D . -11.44 8.49 -14.22
O2N NAD D . -10.57 9.09 -11.91
O5D NAD D . -11.67 10.82 -13.36
C5D NAD D . -12.40 11.18 -14.56
C4D NAD D . -12.24 12.66 -14.79
O4D NAD D . -10.83 12.96 -14.76
C3D NAD D . -12.74 13.02 -16.16
O3D NAD D . -13.30 14.34 -16.19
C2D NAD D . -11.52 12.93 -17.05
O2D NAD D . -11.64 13.93 -18.07
C1D NAD D . -10.36 13.20 -16.13
N1N NAD D . -9.18 12.43 -16.54
C2N NAD D . -8.38 12.94 -17.56
C3N NAD D . -7.26 12.23 -18.01
C7N NAD D . -6.40 12.77 -19.17
O7N NAD D . -5.22 12.49 -19.26
N7N NAD D . -7.00 13.59 -20.04
C4N NAD D . -6.96 11.00 -17.43
C5N NAD D . -7.73 10.48 -16.38
C6N NAD D . -8.84 11.20 -15.93
HO3A NAD D . -13.24 5.13 -14.78
HO2A NAD D . -14.93 4.62 -15.97
H61A NAD D . -21.51 1.39 -15.86
H62A NAD D . -21.41 3.13 -15.76
HO3N NAD D . -12.93 14.77 -17.03
HO2N NAD D . -10.92 13.75 -18.78
H71N NAD D . -7.98 13.79 -20.03
H72N NAD D . -6.43 14.03 -20.74
PA NAP E . 0.03 4.84 -28.58
O1A NAP E . -0.13 6.00 -29.49
O2A NAP E . -0.96 3.76 -28.68
O5B NAP E . 1.46 4.19 -28.84
C5B NAP E . 2.55 5.07 -29.08
C4B NAP E . 3.73 4.31 -29.68
O4B NAP E . 4.37 3.38 -28.78
C3B NAP E . 3.34 3.53 -30.90
O3B NAP E . 3.59 4.34 -32.07
C2B NAP E . 4.35 2.39 -30.86
O2B NAP E . 5.22 2.36 -31.99
C1B NAP E . 5.21 2.64 -29.62
N9A NAP E . 5.91 1.42 -29.14
C8A NAP E . 5.44 0.44 -28.33
N7A NAP E . 6.37 -0.53 -28.18
C5A NAP E . 7.37 -0.13 -28.91
C6A NAP E . 8.56 -0.83 -29.05
N6A NAP E . 8.79 -1.97 -28.41
N1A NAP E . 9.47 -0.25 -29.87
C2A NAP E . 9.28 0.93 -30.44
N3A NAP E . 8.12 1.61 -30.28
C4A NAP E . 7.15 1.08 -29.50
O3 NAP E . 0.14 5.37 -27.05
PN NAP E . 0.92 6.49 -26.20
O1N NAP E . 1.82 7.31 -27.03
O2N NAP E . 1.48 5.80 -25.03
O5D NAP E . -0.21 7.47 -25.63
C5D NAP E . 0.02 8.18 -24.41
C4D NAP E . -1.21 8.94 -23.97
O4D NAP E . -2.26 8.03 -23.56
C3D NAP E . -0.94 9.75 -22.74
O3D NAP E . -0.28 10.98 -23.02
C2D NAP E . -2.37 10.05 -22.31
O2D NAP E . -2.83 11.20 -23.02
C1D NAP E . -3.14 8.78 -22.71
N1N NAP E . -3.49 7.95 -21.50
C2N NAP E . -2.47 7.35 -20.75
C3N NAP E . -2.76 6.75 -19.53
C7N NAP E . -1.60 6.39 -18.59
O7N NAP E . -1.34 7.06 -17.60
N7N NAP E . -0.84 5.39 -18.99
C4N NAP E . -4.09 6.71 -19.12
C5N NAP E . -5.13 7.25 -19.88
C6N NAP E . -4.83 7.90 -21.07
P2B NAP E . 5.23 1.07 -32.92
O1X NAP E . 6.68 1.05 -33.23
O2X NAP E . 4.27 1.29 -34.04
O3X NAP E . 4.84 -0.05 -32.04
HO3A NAP E . 2.82 4.18 -32.73
H61A NAP E . 8.04 -2.38 -27.84
H62A NAP E . 9.62 -2.49 -28.57
HO3N NAP E . -0.99 11.57 -23.42
HO2N NAP E . -3.73 11.44 -22.66
H71N NAP E . -1.15 4.77 -19.75
H72N NAP E . 0.06 5.30 -18.59
N HIS A 7 -14.34 -40.61 18.93
CA HIS A 7 -13.92 -41.09 17.63
C HIS A 7 -12.76 -40.19 17.21
N GLY A 8 -11.90 -40.60 16.32
CA GLY A 8 -11.07 -39.64 15.58
C GLY A 8 -11.93 -38.56 14.94
N ARG A 9 -12.15 -37.53 15.73
CA ARG A 9 -12.94 -36.41 15.32
C ARG A 9 -11.96 -35.33 15.72
N ILE A 10 -11.75 -34.43 14.77
CA ILE A 10 -10.91 -33.29 15.03
C ILE A 10 -11.86 -32.15 15.30
N GLY A 11 -11.82 -31.75 16.57
CA GLY A 11 -12.48 -30.54 17.00
C GLY A 11 -11.65 -29.31 16.60
N ILE A 12 -12.37 -28.36 16.01
CA ILE A 12 -11.82 -27.09 15.50
C ILE A 12 -12.56 -26.04 16.29
N PRO A 13 -12.02 -25.61 17.45
CA PRO A 13 -12.56 -24.49 18.21
C PRO A 13 -12.30 -23.16 17.52
N ARG A 14 -13.05 -22.19 18.00
CA ARG A 14 -12.68 -20.80 17.76
C ARG A 14 -11.75 -20.48 18.90
N GLU A 15 -10.69 -19.70 18.60
CA GLU A 15 -9.75 -19.29 19.61
C GLU A 15 -10.35 -18.39 20.68
N ARG A 16 -9.77 -18.50 21.88
CA ARG A 16 -10.25 -17.82 23.07
C ARG A 16 -9.25 -16.87 23.72
N LEU A 17 -8.46 -16.15 22.91
CA LEU A 17 -7.42 -15.30 23.48
C LEU A 17 -7.98 -13.86 23.55
N THR A 18 -7.18 -12.92 24.07
CA THR A 18 -7.51 -11.49 24.02
C THR A 18 -7.57 -11.07 22.53
N ASN A 19 -8.53 -10.23 22.14
CA ASN A 19 -8.58 -9.58 20.83
C ASN A 19 -8.73 -10.53 19.65
N GLU A 20 -9.45 -11.65 19.83
CA GLU A 20 -9.26 -12.79 18.96
C GLU A 20 -10.23 -12.96 17.83
N THR A 21 -9.77 -13.57 16.76
CA THR A 21 -10.56 -13.76 15.54
C THR A 21 -10.40 -15.16 14.97
N ARG A 22 -9.38 -15.93 15.37
CA ARG A 22 -9.07 -17.23 14.77
C ARG A 22 -10.05 -18.38 15.04
N VAL A 23 -10.09 -19.28 14.06
CA VAL A 23 -10.59 -20.63 14.27
C VAL A 23 -9.36 -21.52 14.07
N ALA A 24 -9.41 -22.78 14.45
CA ALA A 24 -8.25 -23.63 14.21
C ALA A 24 -8.00 -23.91 12.73
N ALA A 25 -8.99 -24.29 11.91
CA ALA A 25 -8.78 -24.64 10.48
C ALA A 25 -10.01 -24.22 9.68
N THR A 26 -9.78 -23.56 8.54
CA THR A 26 -10.82 -23.04 7.66
C THR A 26 -11.21 -24.08 6.60
N PRO A 27 -12.25 -23.91 5.75
CA PRO A 27 -12.70 -24.82 4.68
C PRO A 27 -11.70 -25.79 4.05
N LYS A 28 -10.75 -25.33 3.22
CA LYS A 28 -9.80 -26.23 2.63
C LYS A 28 -9.05 -27.11 3.63
N THR A 29 -8.56 -26.57 4.76
CA THR A 29 -7.90 -27.36 5.82
C THR A 29 -8.87 -28.33 6.50
N VAL A 30 -10.12 -27.96 6.71
CA VAL A 30 -11.14 -28.87 7.17
C VAL A 30 -11.32 -30.01 6.19
N GLU A 31 -11.40 -29.70 4.89
CA GLU A 31 -11.40 -30.69 3.86
C GLU A 31 -10.14 -31.56 3.83
N GLN A 32 -8.96 -31.03 4.18
CA GLN A 32 -7.77 -31.81 4.37
C GLN A 32 -7.89 -32.76 5.53
N LEU A 33 -8.52 -32.36 6.61
CA LEU A 33 -8.75 -33.28 7.71
C LEU A 33 -9.74 -34.37 7.30
N LEU A 34 -10.75 -34.03 6.45
CA LEU A 34 -11.62 -35.05 5.85
C LEU A 34 -10.82 -36.02 5.01
N LYS A 35 -9.85 -35.49 4.24
CA LYS A 35 -8.83 -36.29 3.54
C LYS A 35 -8.15 -37.29 4.47
N LEU A 36 -7.66 -36.85 5.62
CA LEU A 36 -7.01 -37.70 6.60
C LEU A 36 -7.94 -38.73 7.25
N GLY A 37 -9.23 -38.62 7.06
CA GLY A 37 -10.17 -39.61 7.54
C GLY A 37 -10.66 -39.33 8.93
N PHE A 38 -10.69 -38.04 9.32
CA PHE A 38 -11.19 -37.67 10.61
C PHE A 38 -12.36 -36.77 10.42
N THR A 39 -13.51 -37.07 11.04
CA THR A 39 -14.68 -36.19 10.98
C THR A 39 -14.37 -34.91 11.72
N VAL A 40 -14.72 -33.74 11.16
CA VAL A 40 -14.31 -32.47 11.73
C VAL A 40 -15.50 -31.85 12.45
N ALA A 41 -15.32 -31.34 13.65
CA ALA A 41 -16.39 -30.72 14.43
C ALA A 41 -15.93 -29.32 14.71
N VAL A 42 -16.55 -28.38 13.98
CA VAL A 42 -16.15 -26.99 14.02
C VAL A 42 -17.08 -26.25 14.94
N GLU A 43 -16.56 -25.35 15.75
CA GLU A 43 -17.38 -24.49 16.57
C GLU A 43 -18.38 -23.65 15.76
N SER A 44 -19.62 -23.70 16.23
CA SER A 44 -20.70 -22.98 15.59
C SER A 44 -20.47 -21.49 15.57
N GLY A 45 -20.65 -20.81 14.44
CA GLY A 45 -20.57 -19.37 14.43
C GLY A 45 -19.13 -18.89 14.47
N ALA A 46 -18.14 -19.79 14.62
CA ALA A 46 -16.74 -19.41 14.64
C ALA A 46 -16.26 -18.78 13.38
N GLY A 47 -16.72 -19.32 12.25
CA GLY A 47 -16.29 -18.87 10.94
C GLY A 47 -16.66 -17.42 10.62
N GLN A 48 -17.61 -16.84 11.35
CA GLN A 48 -17.92 -15.43 11.23
C GLN A 48 -16.72 -14.55 11.62
N LEU A 49 -16.10 -14.87 12.76
CA LEU A 49 -14.78 -14.29 13.11
C LEU A 49 -13.70 -14.72 12.15
N ALA A 50 -13.50 -16.04 12.04
CA ALA A 50 -12.49 -16.63 11.16
C ALA A 50 -12.63 -16.30 9.68
N SER A 51 -13.73 -15.65 9.32
CA SER A 51 -13.96 -15.05 8.00
C SER A 51 -14.14 -16.15 6.92
N PHE A 52 -14.69 -17.28 7.30
CA PHE A 52 -15.13 -18.32 6.37
C PHE A 52 -16.14 -19.08 7.20
N ASP A 53 -17.42 -18.91 6.88
CA ASP A 53 -18.48 -18.97 7.87
C ASP A 53 -18.96 -20.35 8.31
N ASP A 54 -19.85 -20.29 9.29
CA ASP A 54 -20.44 -21.44 9.92
C ASP A 54 -20.96 -22.47 8.92
N LYS A 55 -21.73 -22.05 7.93
CA LYS A 55 -22.23 -22.93 6.89
C LYS A 55 -21.12 -23.26 5.89
N ALA A 56 -20.08 -22.44 5.67
CA ALA A 56 -18.96 -22.81 4.81
C ALA A 56 -18.23 -24.03 5.38
N PHE A 57 -18.24 -24.19 6.70
CA PHE A 57 -17.73 -25.40 7.34
C PHE A 57 -18.53 -26.62 6.94
N VAL A 58 -19.87 -26.51 6.85
CA VAL A 58 -20.67 -27.61 6.30
C VAL A 58 -20.37 -27.83 4.83
N GLN A 59 -20.23 -26.75 4.07
CA GLN A 59 -19.87 -26.81 2.64
C GLN A 59 -18.56 -27.56 2.44
N ALA A 60 -17.60 -27.31 3.33
CA ALA A 60 -16.39 -28.11 3.41
C ALA A 60 -16.64 -29.56 3.76
N GLY A 61 -17.42 -29.82 4.82
CA GLY A 61 -17.82 -31.15 5.19
C GLY A 61 -17.62 -31.44 6.66
N ALA A 62 -18.07 -30.53 7.51
CA ALA A 62 -17.86 -30.67 8.94
C ALA A 62 -19.12 -30.56 9.78
N GLU A 63 -19.10 -31.24 10.92
CA GLU A 63 -20.15 -31.18 11.91
C GLU A 63 -20.01 -29.84 12.59
N ILE A 64 -21.07 -29.05 12.61
CA ILE A 64 -21.06 -27.79 13.37
C ILE A 64 -21.52 -28.13 14.77
N VAL A 65 -20.72 -27.78 15.78
CA VAL A 65 -21.02 -28.10 17.16
C VAL A 65 -21.23 -26.80 17.89
N GLU A 66 -22.26 -26.75 18.70
CA GLU A 66 -22.58 -25.54 19.45
C GLU A 66 -21.69 -25.30 20.65
N GLY A 67 -20.48 -24.76 20.33
CA GLY A 67 -19.55 -24.28 21.31
C GLY A 67 -18.87 -25.50 21.95
N ASN A 68 -18.96 -25.59 23.27
CA ASN A 68 -18.27 -26.59 24.11
C ASN A 68 -18.33 -28.07 23.70
N SER A 69 -19.35 -28.46 22.93
CA SER A 69 -19.40 -29.79 22.34
C SER A 69 -18.18 -30.22 21.54
N VAL A 70 -17.46 -29.22 21.04
CA VAL A 70 -16.18 -29.44 20.39
C VAL A 70 -15.21 -30.40 21.09
N TRP A 71 -15.17 -30.44 22.43
CA TRP A 71 -14.13 -31.17 23.13
C TRP A 71 -14.32 -32.68 23.05
N GLN A 72 -15.52 -33.21 22.80
CA GLN A 72 -15.66 -34.64 22.56
C GLN A 72 -15.02 -35.02 21.19
N SER A 73 -13.71 -34.99 21.05
CA SER A 73 -12.99 -35.18 19.77
C SER A 73 -11.59 -35.56 20.26
N GLU A 74 -11.07 -36.71 19.85
CA GLU A 74 -9.74 -37.14 20.32
C GLU A 74 -8.62 -36.35 19.68
N ILE A 75 -8.94 -35.37 18.82
CA ILE A 75 -7.95 -34.42 18.36
C ILE A 75 -8.61 -33.06 18.58
N ILE A 76 -7.92 -32.15 19.25
CA ILE A 76 -8.36 -30.76 19.35
C ILE A 76 -7.19 -29.94 18.86
N LEU A 77 -7.45 -29.17 17.82
CA LEU A 77 -6.40 -28.30 17.26
C LEU A 77 -6.72 -26.92 17.79
N LYS A 78 -5.70 -26.24 18.27
CA LYS A 78 -5.85 -24.90 18.81
C LYS A 78 -4.75 -24.06 18.22
N VAL A 79 -5.02 -22.80 17.89
CA VAL A 79 -4.01 -21.91 17.33
C VAL A 79 -3.32 -21.13 18.40
N ASN A 80 -3.72 -21.24 19.66
CA ASN A 80 -3.07 -20.67 20.85
C ASN A 80 -3.25 -21.76 21.89
N ALA A 81 -2.41 -21.71 22.93
CA ALA A 81 -2.51 -22.55 24.11
C ALA A 81 -3.95 -22.69 24.62
N PRO A 82 -4.35 -23.88 25.08
CA PRO A 82 -5.55 -24.03 25.86
C PRO A 82 -5.34 -23.34 27.16
N LEU A 83 -5.89 -22.13 27.18
CA LEU A 83 -5.71 -21.23 28.30
C LEU A 83 -6.52 -21.73 29.47
N ASP A 84 -6.28 -21.17 30.69
CA ASP A 84 -6.95 -21.67 31.89
C ASP A 84 -8.40 -21.99 31.86
N ASP A 85 -9.20 -21.26 31.06
CA ASP A 85 -10.59 -21.60 30.95
C ASP A 85 -10.76 -22.82 30.09
N GLU A 86 -10.05 -22.92 28.96
CA GLU A 86 -10.10 -24.16 28.20
C GLU A 86 -9.61 -25.37 29.00
N ILE A 87 -8.54 -25.17 29.78
CA ILE A 87 -8.02 -26.21 30.65
C ILE A 87 -9.17 -26.72 31.54
N ALA A 88 -9.87 -25.77 32.17
CA ALA A 88 -11.02 -26.10 33.01
C ALA A 88 -12.12 -26.87 32.25
N LEU A 89 -12.30 -26.61 30.96
CA LEU A 89 -13.25 -27.33 30.11
C LEU A 89 -12.69 -28.59 29.47
N LEU A 90 -11.37 -28.81 29.40
CA LEU A 90 -10.74 -29.78 28.50
C LEU A 90 -11.02 -31.27 28.79
N ASN A 91 -11.36 -31.99 27.71
CA ASN A 91 -11.54 -33.42 27.72
C ASN A 91 -10.25 -34.20 27.74
N PRO A 92 -10.02 -35.10 28.71
CA PRO A 92 -8.86 -35.99 28.76
C PRO A 92 -8.73 -36.97 27.59
N GLY A 93 -7.54 -37.47 27.28
CA GLY A 93 -7.32 -38.43 26.21
C GLY A 93 -7.58 -37.77 24.87
N THR A 94 -6.73 -36.81 24.53
CA THR A 94 -6.90 -35.93 23.37
C THR A 94 -5.53 -35.61 22.84
N THR A 95 -5.40 -35.64 21.51
CA THR A 95 -4.26 -35.07 20.82
C THR A 95 -4.57 -33.58 20.78
N LEU A 96 -4.03 -32.85 21.74
CA LEU A 96 -4.24 -31.41 21.88
C LEU A 96 -3.06 -30.74 21.17
N VAL A 97 -3.24 -30.54 19.88
CA VAL A 97 -2.16 -29.97 19.10
C VAL A 97 -2.43 -28.49 19.10
N SER A 98 -1.50 -27.69 19.60
CA SER A 98 -1.72 -26.27 19.87
C SER A 98 -0.43 -25.44 19.81
N PHE A 99 -0.45 -24.14 19.47
CA PHE A 99 0.73 -23.27 19.62
C PHE A 99 0.79 -22.93 21.10
N ILE A 100 1.78 -23.46 21.83
CA ILE A 100 1.75 -23.37 23.28
C ILE A 100 2.46 -22.14 23.81
N TRP A 101 3.65 -21.85 23.27
CA TRP A 101 4.67 -21.05 23.93
C TRP A 101 5.01 -21.61 25.32
N PRO A 102 5.60 -22.79 25.41
CA PRO A 102 5.91 -23.50 26.64
C PRO A 102 6.69 -22.71 27.70
N ALA A 103 7.63 -21.83 27.32
CA ALA A 103 8.43 -21.10 28.31
C ALA A 103 7.54 -20.05 28.98
N GLN A 104 6.56 -19.48 28.26
CA GLN A 104 5.59 -18.61 28.88
C GLN A 104 4.54 -19.38 29.64
N ASN A 105 4.33 -20.65 29.36
CA ASN A 105 3.23 -21.37 29.94
C ASN A 105 3.56 -22.60 30.81
N PRO A 106 4.59 -22.63 31.65
CA PRO A 106 5.08 -23.85 32.32
C PRO A 106 4.07 -24.41 33.35
N GLU A 107 3.21 -23.52 33.87
CA GLU A 107 2.14 -23.88 34.77
C GLU A 107 0.90 -24.36 34.05
N LEU A 108 0.55 -23.71 32.92
CA LEU A 108 -0.44 -24.22 32.00
C LEU A 108 -0.06 -25.63 31.57
N MET A 109 1.22 -25.89 31.34
CA MET A 109 1.70 -27.26 31.02
C MET A 109 1.37 -28.28 32.07
N GLN A 110 1.59 -27.94 33.34
CA GLN A 110 1.20 -28.81 34.44
C GLN A 110 -0.26 -29.17 34.41
N LYS A 111 -1.13 -28.19 34.11
CA LYS A 111 -2.57 -28.43 34.14
C LYS A 111 -3.03 -29.31 32.97
N LEU A 112 -2.50 -29.08 31.79
CA LEU A 112 -2.78 -29.95 30.65
C LEU A 112 -2.18 -31.34 30.79
N ALA A 113 -1.01 -31.51 31.45
CA ALA A 113 -0.51 -32.82 31.87
C ALA A 113 -1.55 -33.46 32.76
N GLU A 114 -2.07 -32.83 33.82
CA GLU A 114 -3.21 -33.28 34.60
C GLU A 114 -4.50 -33.51 33.78
N ARG A 115 -4.72 -32.83 32.62
CA ARG A 115 -5.83 -33.14 31.74
C ARG A 115 -5.54 -34.36 30.88
N ASN A 116 -4.34 -34.94 30.93
CA ASN A 116 -4.02 -36.23 30.33
C ASN A 116 -4.19 -36.14 28.81
N VAL A 117 -3.62 -35.09 28.23
CA VAL A 117 -3.67 -34.87 26.81
C VAL A 117 -2.27 -34.88 26.19
N THR A 118 -2.17 -35.37 24.96
CA THR A 118 -0.95 -35.34 24.20
C THR A 118 -0.86 -33.98 23.54
N VAL A 119 -0.15 -33.09 24.24
CA VAL A 119 -0.06 -31.70 23.80
C VAL A 119 1.12 -31.54 22.89
N MET A 120 0.81 -31.14 21.65
CA MET A 120 1.81 -31.00 20.64
C MET A 120 1.96 -29.51 20.37
N ALA A 121 3.09 -28.93 20.79
CA ALA A 121 3.36 -27.53 20.59
C ALA A 121 3.96 -27.28 19.23
N MET A 122 3.11 -26.67 18.41
CA MET A 122 3.47 -26.36 17.05
C MET A 122 4.51 -25.27 16.87
N ASP A 123 4.83 -24.47 17.91
CA ASP A 123 6.06 -23.67 17.97
C ASP A 123 7.28 -24.56 18.17
N SER A 124 7.10 -25.62 18.97
CA SER A 124 8.16 -26.55 19.28
C SER A 124 8.42 -27.60 18.21
N VAL A 125 8.06 -27.32 16.96
CA VAL A 125 8.53 -28.15 15.87
C VAL A 125 10.03 -27.82 15.76
N PRO A 126 10.96 -28.78 15.71
CA PRO A 126 12.39 -28.49 15.60
C PRO A 126 12.75 -27.65 14.35
N ARG A 127 13.76 -26.80 14.50
CA ARG A 127 14.22 -25.90 13.47
C ARG A 127 14.84 -26.62 12.28
N ILE A 128 15.07 -27.93 12.44
CA ILE A 128 15.70 -28.71 11.41
C ILE A 128 14.92 -28.76 10.09
N SER A 129 15.63 -28.93 9.01
CA SER A 129 15.11 -28.98 7.68
C SER A 129 13.89 -29.87 7.40
N ARG A 130 13.85 -31.17 7.73
CA ARG A 130 12.69 -32.04 7.46
C ARG A 130 11.38 -31.52 8.07
N ALA A 131 11.52 -30.69 9.12
CA ALA A 131 10.38 -30.28 9.88
C ALA A 131 9.76 -29.01 9.33
N GLN A 132 10.50 -28.20 8.56
CA GLN A 132 10.06 -26.84 8.31
C GLN A 132 8.72 -26.66 7.58
N SER A 133 8.29 -27.62 6.78
CA SER A 133 6.96 -27.65 6.20
C SER A 133 5.88 -27.86 7.27
N LEU A 134 6.16 -28.70 8.27
CA LEU A 134 5.23 -28.92 9.39
C LEU A 134 5.28 -27.76 10.38
N ASP A 135 6.45 -27.15 10.48
CA ASP A 135 6.76 -26.06 11.39
C ASP A 135 5.80 -24.90 11.28
N ALA A 136 5.03 -24.81 12.35
CA ALA A 136 4.08 -23.74 12.49
C ALA A 136 4.73 -22.45 12.96
N LEU A 137 5.80 -22.52 13.78
CA LEU A 137 6.46 -21.32 14.29
C LEU A 137 6.87 -20.39 13.15
N SER A 138 7.57 -20.95 12.16
CA SER A 138 7.95 -20.26 10.92
C SER A 138 6.75 -19.58 10.28
N SER A 139 5.66 -20.35 10.14
CA SER A 139 4.49 -19.91 9.39
C SER A 139 3.73 -18.87 10.15
N MET A 140 3.53 -19.02 11.45
CA MET A 140 2.86 -18.04 12.25
C MET A 140 3.62 -16.74 12.25
N ALA A 141 4.95 -16.80 12.39
CA ALA A 141 5.77 -15.65 12.18
C ALA A 141 5.52 -14.99 10.84
N ASN A 142 5.46 -15.81 9.77
CA ASN A 142 5.18 -15.31 8.43
C ASN A 142 3.83 -14.62 8.34
N ILE A 143 2.77 -15.22 8.87
CA ILE A 143 1.42 -14.65 8.86
C ILE A 143 1.45 -13.30 9.59
N ALA A 144 2.09 -13.28 10.75
CA ALA A 144 2.29 -12.08 11.50
C ALA A 144 3.12 -11.05 10.75
N GLY A 145 4.06 -11.42 9.87
CA GLY A 145 4.88 -10.43 9.16
C GLY A 145 4.07 -9.77 8.09
N TYR A 146 3.23 -10.53 7.39
CA TYR A 146 2.37 -9.97 6.37
C TYR A 146 1.36 -9.03 7.05
N ARG A 147 0.77 -9.49 8.14
CA ARG A 147 -0.19 -8.66 8.84
C ARG A 147 0.46 -7.45 9.52
N ALA A 148 1.77 -7.55 9.84
CA ALA A 148 2.56 -6.41 10.24
C ALA A 148 2.60 -5.39 9.10
N ILE A 149 2.85 -5.79 7.85
CA ILE A 149 2.73 -4.87 6.72
C ILE A 149 1.37 -4.23 6.55
N VAL A 150 0.34 -5.07 6.69
CA VAL A 150 -1.02 -4.64 6.66
C VAL A 150 -1.26 -3.51 7.66
N GLU A 151 -1.02 -3.77 8.94
CA GLU A 151 -1.40 -2.85 9.98
C GLU A 151 -0.44 -1.68 10.00
N ALA A 152 0.78 -1.86 9.49
CA ALA A 152 1.70 -0.75 9.30
C ALA A 152 1.09 0.21 8.31
N ALA A 153 0.65 -0.29 7.16
CA ALA A 153 0.00 0.52 6.11
C ALA A 153 -1.31 1.12 6.58
N HIS A 154 -1.96 0.45 7.51
CA HIS A 154 -3.13 0.98 8.16
C HIS A 154 -2.77 2.19 9.00
N GLU A 155 -1.67 2.24 9.72
CA GLU A 155 -1.35 3.41 10.52
C GLU A 155 -0.34 4.32 9.87
N PHE A 156 0.07 4.03 8.63
CA PHE A 156 1.20 4.71 8.02
C PHE A 156 0.87 6.11 7.56
N GLY A 157 1.84 7.01 7.69
CA GLY A 157 1.71 8.34 7.13
C GLY A 157 1.79 8.27 5.62
N ARG A 158 2.78 7.60 5.09
CA ARG A 158 3.07 7.58 3.67
C ARG A 158 2.55 6.34 2.94
N PHE A 159 2.91 6.17 1.67
CA PHE A 159 2.57 5.05 0.82
C PHE A 159 3.78 4.14 0.92
N PHE A 160 3.59 2.81 0.91
CA PHE A 160 4.69 1.86 0.76
C PHE A 160 5.35 2.02 -0.60
N THR A 161 4.55 1.89 -1.65
CA THR A 161 4.93 1.95 -3.03
C THR A 161 5.53 3.26 -3.49
N GLY A 162 6.73 3.19 -4.04
CA GLY A 162 7.36 4.35 -4.61
C GLY A 162 6.69 4.77 -5.90
N GLN A 163 5.51 5.34 -5.76
CA GLN A 163 4.75 5.73 -6.92
C GLN A 163 4.64 7.22 -7.17
N ILE A 164 4.81 7.55 -8.44
CA ILE A 164 4.58 8.88 -8.93
C ILE A 164 3.14 8.94 -9.36
N THR A 165 2.33 9.68 -8.61
CA THR A 165 0.98 10.00 -9.02
C THR A 165 0.99 11.13 -10.07
N ALA A 166 -0.11 11.61 -10.68
CA ALA A 166 -0.03 12.69 -11.64
C ALA A 166 0.45 14.00 -10.98
N ALA A 167 0.25 14.08 -9.66
CA ALA A 167 1.02 15.00 -8.87
C ALA A 167 1.44 14.22 -7.67
N GLY A 168 2.74 14.30 -7.37
CA GLY A 168 3.22 13.76 -6.12
C GLY A 168 4.09 12.54 -6.33
N LYS A 169 5.35 12.71 -5.95
CA LYS A 169 6.30 11.61 -5.86
C LYS A 169 6.08 11.03 -4.49
N VAL A 170 5.92 9.72 -4.37
CA VAL A 170 6.04 9.12 -3.09
C VAL A 170 7.53 8.82 -2.86
N PRO A 171 8.13 9.24 -1.74
CA PRO A 171 9.32 8.61 -1.20
C PRO A 171 8.93 7.24 -0.62
N PRO A 172 9.28 6.10 -1.22
CA PRO A 172 8.91 4.77 -0.80
C PRO A 172 9.30 4.41 0.63
N ALA A 173 8.48 3.58 1.23
CA ALA A 173 8.72 3.09 2.59
C ALA A 173 9.93 2.22 2.64
N LYS A 174 10.85 2.52 3.58
CA LYS A 174 11.99 1.68 3.87
C LYS A 174 11.55 0.76 4.98
N VAL A 175 11.31 -0.51 4.66
CA VAL A 175 10.78 -1.48 5.61
C VAL A 175 11.99 -2.15 6.28
N MET A 176 12.40 -1.55 7.41
CA MET A 176 13.53 -2.03 8.18
C MET A 176 13.09 -3.20 9.02
N VAL A 177 13.29 -4.36 8.41
CA VAL A 177 13.03 -5.65 8.97
C VAL A 177 14.17 -5.93 9.96
N ILE A 178 13.90 -6.04 11.25
CA ILE A 178 14.91 -6.38 12.22
C ILE A 178 14.65 -7.83 12.56
N GLY A 179 15.63 -8.72 12.39
CA GLY A 179 15.42 -10.10 12.71
C GLY A 179 14.67 -10.78 11.61
N ALA A 180 15.40 -11.11 10.56
CA ALA A 180 14.81 -11.72 9.41
C ALA A 180 14.50 -13.19 9.70
N GLY A 181 13.95 -13.87 8.72
CA GLY A 181 13.52 -15.24 8.88
C GLY A 181 12.18 -15.36 8.15
N VAL A 182 11.30 -16.30 8.43
CA VAL A 182 10.13 -16.53 7.60
C VAL A 182 9.11 -15.37 7.73
N ALA A 183 9.07 -14.70 8.91
CA ALA A 183 8.28 -13.48 9.09
C ALA A 183 8.88 -12.38 8.21
N GLY A 184 10.22 -12.32 8.20
CA GLY A 184 10.98 -11.32 7.44
C GLY A 184 10.66 -11.44 5.95
N LEU A 185 10.60 -12.70 5.51
CA LEU A 185 10.30 -13.07 4.14
C LEU A 185 8.85 -12.76 3.80
N ALA A 186 7.84 -12.86 4.70
CA ALA A 186 6.48 -12.45 4.34
C ALA A 186 6.48 -10.93 4.11
N ALA A 187 7.14 -10.21 5.00
CA ALA A 187 7.25 -8.75 4.95
C ALA A 187 7.83 -8.26 3.64
N ILE A 188 8.92 -8.91 3.17
CA ILE A 188 9.52 -8.61 1.89
C ILE A 188 8.51 -8.93 0.78
N GLY A 189 8.05 -10.16 0.85
CA GLY A 189 7.12 -10.71 -0.10
C GLY A 189 5.89 -9.84 -0.29
N ALA A 190 5.51 -9.04 0.71
CA ALA A 190 4.57 -7.98 0.53
C ALA A 190 5.16 -6.67 0.04
N ALA A 191 6.08 -6.09 0.81
CA ALA A 191 6.52 -4.73 0.58
C ALA A 191 7.44 -4.54 -0.61
N ASN A 192 8.41 -5.44 -0.88
CA ASN A 192 9.24 -5.41 -2.08
C ASN A 192 8.37 -5.51 -3.31
N SER A 193 7.40 -6.42 -3.25
CA SER A 193 6.43 -6.58 -4.29
C SER A 193 5.66 -5.28 -4.53
N LEU A 194 5.21 -4.62 -3.44
CA LEU A 194 4.56 -3.33 -3.53
C LEU A 194 5.45 -2.22 -4.05
N GLY A 195 6.74 -2.35 -3.79
CA GLY A 195 7.69 -1.41 -4.31
C GLY A 195 8.15 -0.47 -3.24
N ALA A 196 8.40 -1.03 -2.05
CA ALA A 196 8.95 -0.28 -0.95
C ALA A 196 10.32 -0.89 -0.65
N ILE A 197 11.31 -0.08 -0.27
CA ILE A 197 12.68 -0.55 -0.06
C ILE A 197 12.76 -1.39 1.19
N VAL A 198 12.82 -2.72 1.07
CA VAL A 198 12.88 -3.53 2.28
C VAL A 198 14.35 -3.65 2.64
N ARG A 199 14.69 -3.20 3.84
CA ARG A 199 16.04 -3.22 4.33
C ARG A 199 16.03 -4.14 5.51
N ALA A 200 16.56 -5.35 5.34
CA ALA A 200 16.49 -6.30 6.43
C ALA A 200 17.83 -6.39 7.14
N PHE A 201 17.87 -6.17 8.45
CA PHE A 201 19.07 -6.32 9.23
C PHE A 201 18.93 -7.51 10.14
N ASP A 202 20.01 -8.27 10.29
CA ASP A 202 20.08 -9.38 11.20
C ASP A 202 21.54 -9.64 11.53
N THR A 203 21.64 -10.15 12.76
CA THR A 203 22.86 -10.67 13.35
C THR A 203 23.39 -11.81 12.47
N ARG A 204 22.47 -12.61 11.97
CA ARG A 204 22.70 -13.84 11.24
C ARG A 204 22.88 -13.54 9.74
N PRO A 205 24.06 -13.69 9.16
CA PRO A 205 24.21 -13.70 7.72
C PRO A 205 23.53 -14.90 7.08
N GLU A 206 23.12 -15.94 7.83
CA GLU A 206 22.38 -17.07 7.30
C GLU A 206 21.15 -16.72 6.53
N VAL A 207 20.50 -15.62 6.88
CA VAL A 207 19.29 -15.20 6.20
C VAL A 207 19.52 -14.22 5.05
N LYS A 208 20.74 -13.69 4.91
CA LYS A 208 21.08 -12.66 3.96
C LYS A 208 20.68 -12.99 2.50
N GLU A 209 21.20 -14.05 1.88
CA GLU A 209 20.91 -14.38 0.50
C GLU A 209 19.49 -14.84 0.30
N GLN A 210 18.84 -15.33 1.37
CA GLN A 210 17.40 -15.61 1.34
C GLN A 210 16.54 -14.36 1.13
N VAL A 211 16.83 -13.36 1.96
CA VAL A 211 16.24 -12.01 1.86
C VAL A 211 16.55 -11.40 0.50
N GLN A 212 17.80 -11.59 0.02
CA GLN A 212 18.19 -11.16 -1.31
C GLN A 212 17.53 -11.93 -2.45
N SER A 213 17.18 -13.21 -2.26
CA SER A 213 16.47 -13.95 -3.27
C SER A 213 15.00 -13.51 -3.34
N MET A 214 14.44 -13.09 -2.21
CA MET A 214 13.11 -12.46 -2.26
C MET A 214 13.16 -11.00 -2.67
N GLY A 215 14.33 -10.39 -2.64
CA GLY A 215 14.48 -9.06 -3.15
C GLY A 215 14.42 -8.08 -2.00
N ALA A 216 15.48 -7.84 -1.32
CA ALA A 216 15.53 -6.86 -0.26
C ALA A 216 16.97 -6.52 -0.01
N GLU A 217 17.27 -5.29 0.34
CA GLU A 217 18.62 -4.84 0.63
C GLU A 217 18.89 -5.39 2.03
N PHE A 218 19.94 -6.16 2.13
CA PHE A 218 20.32 -6.67 3.42
C PHE A 218 21.26 -5.63 4.04
N LEU A 219 21.09 -5.32 5.33
CA LEU A 219 21.94 -4.37 6.00
C LEU A 219 23.03 -5.15 6.68
N GLU A 220 24.22 -4.82 6.26
CA GLU A 220 25.44 -5.44 6.76
C GLU A 220 25.75 -4.97 8.17
N LEU A 221 26.28 -5.97 8.85
CA LEU A 221 26.54 -5.95 10.28
C LEU A 221 27.73 -5.07 10.65
N ASP A 222 27.48 -3.80 10.89
CA ASP A 222 28.54 -2.84 11.14
C ASP A 222 29.24 -3.01 12.50
N PHE A 223 30.26 -3.89 12.50
CA PHE A 223 30.89 -4.33 13.74
C PHE A 223 32.30 -4.86 13.38
N ASP A 231 30.77 -17.07 17.74
CA ASP A 231 29.42 -17.49 17.44
C ASP A 231 28.57 -16.23 17.32
N GLY A 232 27.66 -16.26 16.34
CA GLY A 232 26.84 -15.12 15.97
C GLY A 232 25.88 -14.75 17.06
N TYR A 233 25.26 -15.76 17.66
CA TYR A 233 24.24 -15.56 18.70
C TYR A 233 24.93 -15.10 19.96
N ALA A 234 26.09 -15.69 20.35
CA ALA A 234 26.81 -15.22 21.53
C ALA A 234 27.24 -13.77 21.29
N LYS A 235 27.66 -13.45 20.05
CA LYS A 235 27.95 -12.07 19.66
C LYS A 235 26.74 -11.16 19.87
N VAL A 236 25.55 -11.59 19.46
CA VAL A 236 24.33 -10.81 19.60
C VAL A 236 24.08 -10.35 21.03
N MET A 237 24.53 -11.16 21.98
CA MET A 237 24.31 -10.78 23.38
C MET A 237 25.28 -9.77 23.97
N SER A 238 26.47 -9.71 23.40
CA SER A 238 27.54 -8.80 23.86
C SER A 238 27.23 -7.34 23.64
N ASP A 239 27.47 -6.54 24.69
CA ASP A 239 27.26 -5.11 24.72
C ASP A 239 27.84 -4.30 23.56
N ALA A 240 29.06 -4.64 23.13
CA ALA A 240 29.73 -3.99 22.01
C ALA A 240 28.96 -4.25 20.72
N PHE A 241 28.36 -5.43 20.64
CA PHE A 241 27.62 -5.80 19.45
C PHE A 241 26.29 -5.06 19.44
N ILE A 242 25.57 -5.04 20.56
CA ILE A 242 24.33 -4.26 20.67
C ILE A 242 24.57 -2.79 20.42
N LYS A 243 25.73 -2.23 20.75
CA LYS A 243 26.07 -0.86 20.42
C LYS A 243 26.09 -0.70 18.90
N ALA A 244 26.79 -1.62 18.22
CA ALA A 244 26.84 -1.55 16.77
C ALA A 244 25.47 -1.62 16.10
N GLU A 245 24.70 -2.65 16.50
CA GLU A 245 23.35 -2.86 15.99
C GLU A 245 22.52 -1.62 16.22
N MET A 246 22.49 -1.15 17.47
CA MET A 246 21.67 0.01 17.82
C MET A 246 22.07 1.23 16.98
N GLU A 247 23.36 1.46 16.75
CA GLU A 247 23.75 2.64 16.02
C GLU A 247 23.50 2.50 14.51
N LEU A 248 23.42 1.29 13.99
CA LEU A 248 22.96 1.05 12.61
C LEU A 248 21.48 1.44 12.58
N PHE A 249 20.71 0.96 13.59
CA PHE A 249 19.31 1.34 13.70
C PHE A 249 19.19 2.84 13.87
N ALA A 250 20.08 3.53 14.57
CA ALA A 250 19.95 4.96 14.80
C ALA A 250 20.12 5.72 13.51
N ALA A 251 21.18 5.40 12.76
CA ALA A 251 21.39 6.04 11.48
C ALA A 251 20.18 5.84 10.56
N GLN A 252 19.80 4.59 10.36
CA GLN A 252 18.63 4.21 9.59
C GLN A 252 17.33 4.83 10.09
N ALA A 253 17.16 5.00 11.40
CA ALA A 253 15.90 5.52 11.93
C ALA A 253 15.50 6.88 11.35
N LYS A 254 16.53 7.67 11.00
CA LYS A 254 16.30 8.96 10.43
C LYS A 254 15.91 8.96 8.98
N GLU A 255 16.03 7.84 8.28
CA GLU A 255 15.57 7.70 6.89
C GLU A 255 14.52 6.59 6.67
N VAL A 256 14.33 5.64 7.57
CA VAL A 256 13.42 4.51 7.40
C VAL A 256 11.97 4.89 7.80
N ASP A 257 11.09 3.93 7.56
CA ASP A 257 9.67 4.14 7.65
C ASP A 257 9.04 3.00 8.41
N ILE A 258 9.13 1.75 7.91
CA ILE A 258 8.40 0.70 8.57
C ILE A 258 9.43 -0.18 9.27
N ILE A 259 9.70 0.04 10.54
CA ILE A 259 10.53 -0.90 11.28
C ILE A 259 9.64 -2.09 11.61
N VAL A 260 9.84 -3.23 10.96
CA VAL A 260 9.10 -4.42 11.35
C VAL A 260 10.08 -5.21 12.21
N THR A 261 9.89 -5.23 13.53
CA THR A 261 10.70 -6.13 14.34
C THR A 261 10.20 -7.57 14.16
N THR A 262 10.70 -8.19 13.10
CA THR A 262 10.33 -9.56 12.76
C THR A 262 10.99 -10.64 13.63
N ALA A 263 11.88 -10.23 14.53
CA ALA A 263 12.57 -11.16 15.44
C ALA A 263 11.59 -11.74 16.42
N LEU A 264 10.92 -12.82 16.01
CA LEU A 264 9.97 -13.47 16.91
C LEU A 264 10.81 -14.18 17.96
N ILE A 265 11.02 -13.43 19.04
CA ILE A 265 11.77 -13.91 20.22
C ILE A 265 10.93 -14.97 20.93
N PRO A 266 11.42 -16.16 21.32
CA PRO A 266 10.63 -17.14 22.05
C PRO A 266 10.88 -17.14 23.56
N GLY A 267 9.82 -16.99 24.39
CA GLY A 267 9.99 -17.13 25.84
C GLY A 267 10.61 -15.93 26.52
N LYS A 268 11.94 -15.96 26.45
CA LYS A 268 12.84 -14.87 26.85
C LYS A 268 12.44 -13.44 26.46
N PRO A 269 12.75 -12.41 27.26
CA PRO A 269 12.44 -11.02 26.99
C PRO A 269 13.01 -10.53 25.69
N ALA A 270 12.22 -9.69 25.02
CA ALA A 270 12.63 -9.00 23.81
C ALA A 270 13.75 -8.00 24.08
N PRO A 271 14.89 -8.13 23.41
CA PRO A 271 16.01 -7.18 23.52
C PRO A 271 15.70 -5.75 23.17
N LYS A 272 15.80 -4.88 24.16
CA LYS A 272 15.53 -3.47 23.97
C LYS A 272 16.69 -2.84 23.22
N LEU A 273 16.63 -2.85 21.88
CA LEU A 273 17.68 -2.35 21.03
C LEU A 273 17.29 -0.93 20.64
N ILE A 274 16.04 -0.75 20.22
CA ILE A 274 15.61 0.57 19.76
C ILE A 274 15.16 1.37 20.98
N THR A 275 16.13 2.11 21.48
CA THR A 275 15.94 3.06 22.59
C THR A 275 14.84 4.07 22.31
N ARG A 276 14.09 4.43 23.36
CA ARG A 276 13.04 5.47 23.30
C ARG A 276 13.53 6.73 22.64
N GLU A 277 14.78 7.14 22.86
CA GLU A 277 15.37 8.30 22.18
C GLU A 277 15.30 8.07 20.67
N MET A 278 15.77 6.88 20.23
CA MET A 278 15.95 6.61 18.80
C MET A 278 14.63 6.53 18.10
N VAL A 279 13.61 6.19 18.87
CA VAL A 279 12.25 6.17 18.37
C VAL A 279 11.78 7.59 18.04
N ASP A 280 11.95 8.54 18.97
CA ASP A 280 11.65 9.93 18.68
C ASP A 280 12.59 10.54 17.66
N SER A 281 13.82 10.07 17.53
CA SER A 281 14.68 10.47 16.40
C SER A 281 14.23 9.95 15.04
N MET A 282 13.28 9.01 14.95
CA MET A 282 12.79 8.48 13.68
C MET A 282 12.13 9.59 12.83
N LYS A 283 12.34 9.39 11.55
CA LYS A 283 11.59 10.10 10.51
C LYS A 283 10.13 9.93 10.85
N ALA A 284 9.36 11.01 10.72
CA ALA A 284 8.01 10.94 11.25
C ALA A 284 7.04 10.44 10.19
N GLY A 285 5.76 10.27 10.53
CA GLY A 285 4.81 9.62 9.65
C GLY A 285 5.20 8.15 9.39
N SER A 286 5.85 7.50 10.34
CA SER A 286 6.42 6.17 10.16
C SER A 286 5.85 5.18 11.17
N VAL A 287 6.14 3.90 11.05
CA VAL A 287 5.52 2.86 11.87
C VAL A 287 6.58 1.88 12.38
N ILE A 288 6.56 1.47 13.65
CA ILE A 288 7.41 0.40 14.14
C ILE A 288 6.41 -0.69 14.48
N VAL A 289 6.39 -1.76 13.69
CA VAL A 289 5.53 -2.89 13.97
C VAL A 289 6.43 -3.94 14.61
N ASP A 290 6.37 -3.95 15.92
CA ASP A 290 7.30 -4.76 16.65
C ASP A 290 6.62 -6.07 16.96
N LEU A 291 6.91 -7.12 16.19
CA LEU A 291 6.28 -8.43 16.47
C LEU A 291 6.71 -8.96 17.85
N ALA A 292 7.97 -8.72 18.20
CA ALA A 292 8.50 -9.03 19.52
C ALA A 292 7.82 -8.33 20.70
N ALA A 293 6.82 -7.46 20.43
CA ALA A 293 5.86 -7.04 21.41
C ALA A 293 5.40 -8.08 22.43
N GLN A 294 5.16 -9.31 21.93
CA GLN A 294 4.83 -10.48 22.74
C GLN A 294 5.78 -10.78 23.87
N ASN A 295 7.03 -10.39 23.73
CA ASN A 295 8.03 -10.61 24.75
C ASN A 295 8.48 -9.25 25.30
N GLY A 296 7.66 -8.18 25.20
CA GLY A 296 8.04 -6.89 25.69
C GLY A 296 8.33 -5.87 24.61
N GLY A 297 8.69 -6.26 23.37
CA GLY A 297 9.01 -5.28 22.36
C GLY A 297 10.48 -4.90 22.39
N ASN A 298 11.08 -5.01 21.22
CA ASN A 298 12.43 -4.61 20.96
C ASN A 298 12.65 -3.13 20.94
N CYS A 299 11.57 -2.41 20.64
CA CYS A 299 11.55 -0.99 20.89
C CYS A 299 11.17 -0.75 22.36
N GLU A 300 11.83 0.20 23.02
CA GLU A 300 11.56 0.51 24.41
C GLU A 300 10.19 1.14 24.69
N TYR A 301 9.44 1.50 23.65
CA TYR A 301 8.11 2.09 23.82
C TYR A 301 6.99 1.11 23.56
N THR A 302 7.31 -0.16 23.18
CA THR A 302 6.27 -1.07 22.68
C THR A 302 5.43 -1.68 23.78
N VAL A 303 4.24 -1.14 23.89
CA VAL A 303 3.24 -1.66 24.82
C VAL A 303 2.54 -2.83 24.12
N PRO A 304 2.54 -4.06 24.66
CA PRO A 304 1.92 -5.21 24.00
C PRO A 304 0.43 -4.96 23.89
N GLY A 305 -0.11 -5.42 22.79
CA GLY A 305 -1.53 -5.18 22.48
C GLY A 305 -1.89 -3.72 22.14
N GLU A 306 -1.00 -2.78 21.86
CA GLU A 306 -1.38 -1.39 21.69
C GLU A 306 -0.54 -0.68 20.69
N ILE A 307 -0.95 0.53 20.33
CA ILE A 307 -0.08 1.46 19.61
C ILE A 307 0.30 2.55 20.58
N PHE A 308 1.55 2.99 20.50
CA PHE A 308 1.95 4.24 21.13
C PHE A 308 2.43 5.10 19.98
N THR A 309 1.74 6.21 19.67
CA THR A 309 2.15 7.09 18.59
C THR A 309 3.00 8.15 19.31
N THR A 310 4.27 8.19 18.88
CA THR A 310 5.27 8.97 19.54
C THR A 310 5.12 10.48 19.35
N GLU A 311 5.90 11.30 20.06
CA GLU A 311 5.74 12.73 19.97
C GLU A 311 6.31 13.33 18.67
N ASN A 312 7.05 12.51 17.90
CA ASN A 312 7.39 12.89 16.54
C ASN A 312 6.26 12.53 15.57
N GLY A 313 5.76 11.31 15.73
CA GLY A 313 4.73 10.80 14.87
C GLY A 313 5.09 9.46 14.27
N VAL A 314 5.46 8.50 15.12
CA VAL A 314 5.76 7.13 14.71
C VAL A 314 4.76 6.27 15.45
N LYS A 315 4.02 5.50 14.69
CA LYS A 315 3.01 4.58 15.19
C LYS A 315 3.75 3.34 15.67
N VAL A 316 4.06 3.28 16.94
CA VAL A 316 4.71 2.10 17.46
C VAL A 316 3.61 1.10 17.77
N ILE A 317 3.36 0.26 16.75
CA ILE A 317 2.34 -0.80 16.77
C ILE A 317 2.92 -2.03 17.48
N GLY A 318 2.55 -2.27 18.72
CA GLY A 318 2.86 -3.55 19.36
C GLY A 318 1.59 -4.40 19.38
N TYR A 319 1.00 -4.76 18.24
CA TYR A 319 -0.16 -5.62 18.27
C TYR A 319 0.24 -7.08 18.36
N THR A 320 0.23 -7.54 19.61
CA THR A 320 0.59 -8.90 19.98
C THR A 320 -0.20 -9.93 19.18
N ASP A 321 -1.45 -9.56 18.95
CA ASP A 321 -2.46 -10.42 18.41
C ASP A 321 -2.42 -10.44 16.89
N LEU A 322 -1.42 -9.90 16.16
CA LEU A 322 -1.44 -9.96 14.69
C LEU A 322 -1.82 -11.26 13.98
N PRO A 323 -1.36 -12.46 14.37
CA PRO A 323 -1.86 -13.74 13.87
C PRO A 323 -3.36 -13.94 13.99
N GLY A 324 -3.95 -13.38 15.05
CA GLY A 324 -5.39 -13.48 15.19
C GLY A 324 -6.07 -12.50 14.24
N ARG A 325 -5.52 -11.30 14.10
CA ARG A 325 -6.04 -10.33 13.20
C ARG A 325 -6.10 -10.76 11.75
N LEU A 326 -5.26 -11.67 11.28
CA LEU A 326 -5.40 -12.33 9.98
C LEU A 326 -5.93 -13.74 10.19
N PRO A 327 -7.21 -13.95 10.56
CA PRO A 327 -7.72 -15.21 11.06
C PRO A 327 -7.53 -16.36 10.09
N THR A 328 -8.03 -16.23 8.84
CA THR A 328 -8.09 -17.30 7.87
C THR A 328 -6.69 -17.75 7.53
N GLN A 329 -5.74 -16.85 7.31
CA GLN A 329 -4.38 -17.30 6.99
C GLN A 329 -3.70 -18.01 8.15
N SER A 330 -4.04 -17.73 9.40
CA SER A 330 -3.67 -18.65 10.45
C SER A 330 -4.42 -19.97 10.30
N SER A 331 -5.72 -19.98 10.17
CA SER A 331 -6.53 -21.21 10.02
C SER A 331 -6.25 -22.03 8.76
N GLN A 332 -5.63 -21.39 7.78
CA GLN A 332 -5.29 -22.01 6.51
C GLN A 332 -3.82 -22.34 6.44
N LEU A 333 -2.84 -21.43 6.64
CA LEU A 333 -1.42 -21.79 6.67
C LEU A 333 -1.06 -22.59 7.89
N TYR A 334 -1.27 -22.06 9.10
CA TYR A 334 -0.99 -22.79 10.33
C TYR A 334 -1.79 -24.07 10.31
N GLY A 335 -3.00 -23.97 9.78
CA GLY A 335 -3.86 -25.09 9.43
C GLY A 335 -3.13 -26.18 8.66
N THR A 336 -2.55 -25.89 7.50
CA THR A 336 -1.86 -26.88 6.68
C THR A 336 -0.57 -27.35 7.34
N ASN A 337 0.07 -26.56 8.21
CA ASN A 337 1.16 -27.09 9.04
C ASN A 337 0.68 -28.26 9.92
N LEU A 338 -0.46 -27.98 10.62
CA LEU A 338 -1.07 -28.99 11.48
C LEU A 338 -1.34 -30.26 10.62
N VAL A 339 -1.97 -30.03 9.47
CA VAL A 339 -2.23 -31.10 8.50
C VAL A 339 -0.93 -31.79 8.09
N ASN A 340 0.16 -31.05 7.84
CA ASN A 340 1.41 -31.64 7.42
C ASN A 340 1.94 -32.66 8.41
N LEU A 341 1.96 -32.23 9.68
CA LEU A 341 2.35 -33.06 10.80
C LEU A 341 1.46 -34.32 10.82
N LEU A 342 0.14 -34.05 10.83
CA LEU A 342 -0.80 -35.13 10.93
C LEU A 342 -0.72 -36.05 9.72
N LYS A 343 -0.23 -35.67 8.54
CA LYS A 343 -0.03 -36.60 7.44
C LYS A 343 1.08 -37.58 7.73
N LEU A 344 2.14 -37.14 8.43
CA LEU A 344 3.16 -38.10 8.87
C LEU A 344 2.55 -39.00 9.91
N LEU A 345 1.79 -38.45 10.86
CA LEU A 345 1.17 -39.25 11.91
C LEU A 345 0.08 -40.21 11.48
N CYS A 346 -0.78 -39.89 10.55
CA CYS A 346 -1.88 -40.74 10.18
C CYS A 346 -1.46 -41.34 8.87
N LYS A 347 -0.64 -42.38 8.89
CA LYS A 347 0.05 -42.84 7.70
C LYS A 347 -0.85 -43.58 6.73
N GLU A 348 -1.51 -44.53 7.36
CA GLU A 348 -2.22 -45.59 6.69
C GLU A 348 -3.55 -45.10 6.13
N LYS A 349 -4.29 -44.31 6.96
CA LYS A 349 -5.55 -43.67 6.65
C LYS A 349 -6.66 -44.66 6.26
N ASP A 350 -7.24 -45.58 7.10
CA ASP A 350 -7.09 -45.73 8.54
C ASP A 350 -7.67 -44.66 9.44
N GLY A 351 -7.10 -43.46 9.54
CA GLY A 351 -7.63 -42.41 10.40
C GLY A 351 -7.22 -42.65 11.85
N ASN A 352 -5.93 -42.94 12.06
CA ASN A 352 -5.33 -42.92 13.37
C ASN A 352 -4.05 -42.12 13.36
N ILE A 353 -4.03 -41.11 14.21
CA ILE A 353 -2.82 -40.40 14.47
C ILE A 353 -1.97 -41.18 15.44
N THR A 354 -0.90 -41.66 14.82
CA THR A 354 0.10 -42.45 15.52
C THR A 354 1.19 -41.47 15.87
N VAL A 355 1.32 -41.10 17.13
CA VAL A 355 2.32 -40.12 17.53
C VAL A 355 3.59 -40.93 17.70
N ASP A 356 4.29 -41.07 16.60
CA ASP A 356 5.55 -41.79 16.56
C ASP A 356 6.67 -41.04 17.21
N PHE A 357 7.18 -41.52 18.35
CA PHE A 357 8.37 -40.97 18.98
C PHE A 357 9.68 -41.44 18.37
N ASP A 358 9.63 -42.22 17.26
CA ASP A 358 10.89 -42.55 16.62
C ASP A 358 11.41 -41.39 15.76
N ASP A 359 10.49 -40.62 15.15
CA ASP A 359 10.91 -39.41 14.49
C ASP A 359 11.00 -38.30 15.50
N VAL A 360 12.21 -37.77 15.49
CA VAL A 360 12.55 -36.72 16.41
C VAL A 360 11.70 -35.46 16.24
N VAL A 361 11.22 -35.15 15.04
CA VAL A 361 10.40 -33.96 14.87
C VAL A 361 9.06 -34.15 15.56
N ILE A 362 8.51 -35.36 15.42
CA ILE A 362 7.21 -35.66 15.95
C ILE A 362 7.31 -35.65 17.46
N ARG A 363 8.32 -36.34 18.00
CA ARG A 363 8.73 -36.26 19.39
C ARG A 363 8.97 -34.82 19.87
N GLY A 364 9.58 -33.97 19.05
CA GLY A 364 9.79 -32.54 19.31
C GLY A 364 8.47 -31.79 19.52
N VAL A 365 7.55 -31.93 18.58
CA VAL A 365 6.25 -31.27 18.62
C VAL A 365 5.48 -31.77 19.83
N THR A 366 5.56 -33.07 20.13
CA THR A 366 4.84 -33.63 21.25
C THR A 366 5.53 -33.21 22.56
N VAL A 367 5.11 -32.07 23.06
CA VAL A 367 5.63 -31.58 24.32
C VAL A 367 5.02 -32.25 25.55
N ILE A 368 3.83 -32.83 25.47
CA ILE A 368 3.28 -33.66 26.54
C ILE A 368 2.76 -34.90 25.91
N ARG A 369 3.21 -36.13 26.23
CA ARG A 369 2.51 -37.31 25.72
C ARG A 369 1.68 -37.84 26.88
N ALA A 370 0.37 -37.65 26.68
CA ALA A 370 -0.68 -38.14 27.57
C ALA A 370 -0.47 -37.97 29.06
N GLY A 371 0.10 -36.81 29.46
CA GLY A 371 0.30 -36.55 30.89
C GLY A 371 1.78 -36.35 31.23
N GLU A 372 2.65 -37.06 30.55
CA GLU A 372 4.09 -36.99 30.70
C GLU A 372 4.57 -35.79 29.87
N ILE A 373 5.26 -34.84 30.48
CA ILE A 373 5.71 -33.65 29.79
C ILE A 373 7.03 -33.98 29.11
N THR A 374 6.90 -34.49 27.89
CA THR A 374 8.05 -34.77 27.07
C THR A 374 8.84 -33.56 26.59
N TRP A 375 8.38 -32.32 26.82
CA TRP A 375 9.21 -31.14 26.68
C TRP A 375 10.39 -31.29 27.65
N PRO A 376 11.67 -30.89 27.34
CA PRO A 376 12.11 -30.29 26.06
C PRO A 376 12.09 -31.14 24.79
N ALA A 377 12.11 -30.44 23.65
CA ALA A 377 12.06 -31.08 22.35
C ALA A 377 13.43 -31.41 21.79
N PRO A 378 13.64 -32.53 21.09
CA PRO A 378 14.85 -32.82 20.34
C PRO A 378 15.29 -31.71 19.37
N PRO A 379 16.53 -31.17 19.46
CA PRO A 379 17.14 -30.22 18.53
C PRO A 379 17.49 -30.94 17.23
N ILE A 380 18.26 -31.89 17.25
N HIS B 5 1.07 43.25 4.54
CA HIS B 5 -0.04 42.38 4.86
C HIS B 5 0.58 40.97 4.72
N HIS B 6 -0.12 39.95 4.24
CA HIS B 6 0.54 38.70 3.93
C HIS B 6 0.31 38.30 2.50
N HIS B 7 0.60 39.28 1.65
CA HIS B 7 0.57 39.08 0.21
C HIS B 7 1.79 38.21 -0.16
N GLY B 8 1.52 37.04 -0.75
CA GLY B 8 2.54 36.04 -1.05
C GLY B 8 2.88 35.20 0.16
N ARG B 9 2.04 35.25 1.18
CA ARG B 9 2.17 34.26 2.22
C ARG B 9 1.02 33.29 2.12
N ILE B 10 1.46 32.05 2.09
CA ILE B 10 0.58 30.90 2.12
C ILE B 10 0.19 30.66 3.56
N GLY B 11 -0.99 30.11 3.79
CA GLY B 11 -1.42 29.67 5.09
C GLY B 11 -1.93 28.24 4.89
N ILE B 12 -1.31 27.30 5.58
CA ILE B 12 -1.74 25.90 5.62
C ILE B 12 -2.52 25.70 6.90
N PRO B 13 -3.83 25.50 6.93
CA PRO B 13 -4.58 25.20 8.14
C PRO B 13 -4.42 23.73 8.55
N ARG B 14 -4.55 23.53 9.85
CA ARG B 14 -4.85 22.22 10.36
C ARG B 14 -6.35 22.10 10.14
N GLU B 15 -6.70 21.22 9.18
CA GLU B 15 -8.04 21.19 8.60
C GLU B 15 -9.20 21.03 9.59
N ARG B 16 -10.15 21.92 9.37
CA ARG B 16 -11.26 22.12 10.31
C ARG B 16 -12.38 21.13 10.06
N LEU B 17 -12.38 20.39 8.95
CA LEU B 17 -13.32 19.31 8.71
C LEU B 17 -13.22 18.29 9.86
N THR B 18 -14.38 17.86 10.39
CA THR B 18 -14.42 17.11 11.62
C THR B 18 -13.66 15.79 11.58
N ASN B 19 -12.57 15.73 12.33
CA ASN B 19 -11.60 14.63 12.25
C ASN B 19 -11.05 14.39 10.85
N GLU B 20 -10.49 15.45 10.27
CA GLU B 20 -9.66 15.29 9.06
C GLU B 20 -8.21 15.04 9.50
N THR B 21 -7.65 14.08 8.78
CA THR B 21 -6.33 13.55 9.08
C THR B 21 -5.30 14.23 8.19
N ARG B 22 -5.72 14.70 7.03
CA ARG B 22 -4.84 15.44 6.14
C ARG B 22 -4.51 16.82 6.68
N VAL B 23 -3.26 17.20 6.46
CA VAL B 23 -2.91 18.62 6.34
C VAL B 23 -2.73 18.86 4.81
N ALA B 24 -2.62 20.12 4.37
CA ALA B 24 -2.55 20.45 2.96
C ALA B 24 -1.22 20.07 2.27
N ALA B 25 -0.11 20.20 3.01
CA ALA B 25 1.20 20.02 2.40
C ALA B 25 2.20 19.43 3.37
N THR B 26 3.21 18.71 2.91
CA THR B 26 4.33 18.26 3.73
C THR B 26 5.48 19.30 3.71
N PRO B 27 6.46 19.28 4.62
CA PRO B 27 7.67 20.15 4.59
C PRO B 27 8.32 20.15 3.25
N LYS B 28 8.40 18.97 2.63
CA LYS B 28 8.91 18.77 1.26
C LYS B 28 8.23 19.70 0.25
N THR B 29 6.89 19.73 0.34
CA THR B 29 6.14 20.61 -0.57
C THR B 29 6.18 22.06 -0.15
N VAL B 30 6.44 22.37 1.15
CA VAL B 30 6.73 23.72 1.60
C VAL B 30 8.05 24.22 1.01
N GLU B 31 9.09 23.36 0.98
CA GLU B 31 10.34 23.67 0.28
C GLU B 31 10.12 24.04 -1.16
N GLN B 32 9.33 23.20 -1.84
CA GLN B 32 8.84 23.53 -3.17
C GLN B 32 8.22 24.92 -3.27
N LEU B 33 7.31 25.30 -2.36
CA LEU B 33 6.67 26.59 -2.35
C LEU B 33 7.70 27.72 -2.27
N LEU B 34 8.74 27.54 -1.43
CA LEU B 34 9.83 28.47 -1.24
C LEU B 34 10.77 28.56 -2.43
N LYS B 35 10.88 27.46 -3.21
CA LYS B 35 11.55 27.48 -4.50
C LYS B 35 10.72 28.38 -5.38
N LEU B 36 9.41 28.20 -5.41
CA LEU B 36 8.54 29.09 -6.18
C LEU B 36 8.44 30.50 -5.60
N GLY B 37 8.94 30.71 -4.36
CA GLY B 37 9.19 32.02 -3.75
C GLY B 37 8.07 32.48 -2.85
N PHE B 38 7.13 31.60 -2.53
CA PHE B 38 6.09 31.91 -1.58
C PHE B 38 6.63 31.82 -0.17
N THR B 39 6.20 32.74 0.66
CA THR B 39 6.52 32.73 2.05
C THR B 39 5.48 31.81 2.68
N VAL B 40 5.75 30.92 3.64
CA VAL B 40 4.74 29.97 4.07
C VAL B 40 4.48 30.08 5.57
N ALA B 41 3.23 29.88 5.98
CA ALA B 41 2.81 29.73 7.36
C ALA B 41 1.94 28.47 7.47
N VAL B 42 2.03 27.75 8.60
CA VAL B 42 1.37 26.49 8.77
C VAL B 42 0.76 26.52 10.20
N GLU B 43 -0.43 25.95 10.36
CA GLU B 43 -1.09 26.06 11.68
C GLU B 43 -0.52 25.11 12.73
N SER B 44 -0.40 25.54 13.98
CA SER B 44 -0.05 24.64 15.06
C SER B 44 -0.94 23.39 15.12
N GLY B 45 -0.31 22.24 15.16
CA GLY B 45 -0.97 20.95 15.18
C GLY B 45 -1.19 20.34 13.79
N ALA B 46 -1.03 21.12 12.71
CA ALA B 46 -1.17 20.65 11.36
C ALA B 46 -0.17 19.58 11.02
N GLY B 47 1.02 19.79 11.50
CA GLY B 47 2.04 18.77 11.38
C GLY B 47 1.61 17.50 12.08
N GLN B 48 1.09 17.54 13.30
CA GLN B 48 0.73 16.30 14.02
C GLN B 48 -0.46 15.60 13.37
N LEU B 49 -1.37 16.29 12.70
CA LEU B 49 -2.35 15.67 11.83
C LEU B 49 -1.65 14.88 10.73
N ALA B 50 -0.68 15.43 9.97
CA ALA B 50 0.17 14.61 9.09
C ALA B 50 1.16 13.65 9.80
N SER B 51 0.98 13.35 11.09
CA SER B 51 1.86 12.53 11.87
C SER B 51 3.33 12.97 11.88
N PHE B 52 3.51 14.28 11.83
CA PHE B 52 4.83 14.90 11.76
C PHE B 52 4.94 15.96 12.86
N ASP B 53 6.14 16.34 13.28
CA ASP B 53 6.29 17.49 14.18
C ASP B 53 6.04 18.75 13.39
N ASP B 54 5.32 19.71 13.99
CA ASP B 54 5.08 21.02 13.40
C ASP B 54 6.36 21.70 13.04
N LYS B 55 7.36 21.57 13.90
CA LYS B 55 8.64 22.25 13.76
C LYS B 55 9.50 21.68 12.62
N ALA B 56 9.07 20.63 11.93
CA ALA B 56 9.70 20.19 10.68
C ALA B 56 9.36 21.21 9.59
N PHE B 57 8.15 21.77 9.63
CA PHE B 57 7.72 22.79 8.69
C PHE B 57 8.56 24.04 8.92
N VAL B 58 8.82 24.37 10.18
CA VAL B 58 9.80 25.38 10.54
C VAL B 58 11.14 25.15 9.86
N GLN B 59 11.74 23.97 10.10
CA GLN B 59 12.95 23.52 9.39
C GLN B 59 12.91 23.81 7.88
N ALA B 60 11.86 23.34 7.21
CA ALA B 60 11.62 23.67 5.80
C ALA B 60 11.60 25.16 5.49
N GLY B 61 11.03 25.99 6.35
CA GLY B 61 11.08 27.43 6.18
C GLY B 61 9.68 28.02 6.24
N ALA B 62 8.80 27.43 7.10
CA ALA B 62 7.45 27.90 7.28
C ALA B 62 7.34 28.46 8.69
N GLU B 63 6.52 29.49 8.89
CA GLU B 63 6.13 29.96 10.21
C GLU B 63 5.10 29.00 10.75
N ILE B 64 5.23 28.54 12.00
CA ILE B 64 4.13 27.78 12.67
C ILE B 64 3.40 28.73 13.60
N VAL B 65 2.11 28.83 13.40
CA VAL B 65 1.24 29.80 14.04
C VAL B 65 -0.12 29.24 14.38
N GLU B 66 -0.65 29.64 15.53
CA GLU B 66 -1.86 29.08 16.09
C GLU B 66 -3.06 29.76 15.40
N GLY B 67 -3.94 28.96 14.79
CA GLY B 67 -5.24 29.40 14.38
C GLY B 67 -5.22 30.60 13.43
N ASN B 68 -6.11 31.51 13.80
CA ASN B 68 -6.45 32.71 13.04
C ASN B 68 -5.30 33.39 12.34
N SER B 69 -4.15 33.47 13.04
CA SER B 69 -2.89 33.96 12.46
C SER B 69 -2.57 33.39 11.07
N VAL B 70 -2.60 32.05 10.92
CA VAL B 70 -2.31 31.39 9.66
C VAL B 70 -3.39 31.66 8.66
N TRP B 71 -4.62 31.76 9.15
CA TRP B 71 -5.74 32.11 8.33
C TRP B 71 -5.61 33.53 7.79
N GLN B 72 -4.93 34.47 8.44
CA GLN B 72 -4.66 35.76 7.84
C GLN B 72 -3.43 35.69 6.95
N SER B 73 -3.68 35.24 5.72
CA SER B 73 -2.66 35.13 4.71
C SER B 73 -3.30 35.32 3.35
N GLU B 74 -2.53 35.62 2.32
CA GLU B 74 -3.14 35.69 1.01
C GLU B 74 -3.52 34.29 0.48
N ILE B 75 -2.59 33.35 0.33
CA ILE B 75 -2.92 32.12 -0.37
C ILE B 75 -3.29 31.14 0.77
N ILE B 76 -4.55 30.81 0.96
CA ILE B 76 -4.92 29.80 1.94
C ILE B 76 -5.10 28.48 1.21
N LEU B 77 -4.18 27.60 1.44
CA LEU B 77 -4.26 26.29 0.84
C LEU B 77 -4.91 25.36 1.87
N LYS B 78 -6.23 25.30 1.74
CA LYS B 78 -6.96 24.42 2.60
C LYS B 78 -7.10 23.06 1.93
N VAL B 79 -7.41 22.04 2.75
CA VAL B 79 -7.51 20.68 2.22
C VAL B 79 -8.92 20.58 1.65
N ASN B 80 -9.86 20.85 2.54
CA ASN B 80 -11.29 20.77 2.26
C ASN B 80 -11.84 22.17 2.35
N ALA B 81 -13.13 22.29 2.00
CA ALA B 81 -13.89 23.55 2.02
C ALA B 81 -13.76 24.32 3.32
N PRO B 82 -13.79 25.65 3.32
CA PRO B 82 -13.97 26.48 4.51
C PRO B 82 -15.31 26.16 5.19
N LEU B 83 -15.32 26.36 6.48
CA LEU B 83 -16.52 26.40 7.29
C LEU B 83 -17.00 27.86 7.31
N ASP B 84 -18.23 28.15 7.74
CA ASP B 84 -18.75 29.53 7.64
C ASP B 84 -17.96 30.61 8.35
N ASP B 85 -17.49 30.28 9.55
CA ASP B 85 -16.52 31.14 10.24
C ASP B 85 -15.28 31.36 9.39
N GLU B 86 -14.75 30.30 8.76
CA GLU B 86 -13.56 30.45 7.92
C GLU B 86 -13.87 31.35 6.75
N ILE B 87 -15.14 31.39 6.25
CA ILE B 87 -15.57 32.35 5.24
C ILE B 87 -15.48 33.77 5.79
N ALA B 88 -15.88 33.98 7.04
CA ALA B 88 -15.70 35.27 7.73
C ALA B 88 -14.23 35.68 7.92
N LEU B 89 -13.33 34.69 8.05
CA LEU B 89 -11.90 34.94 8.15
C LEU B 89 -11.32 35.32 6.79
N LEU B 90 -11.91 34.85 5.68
CA LEU B 90 -11.52 35.24 4.32
C LEU B 90 -11.49 36.74 4.08
N ASN B 91 -10.24 37.16 3.83
CA ASN B 91 -9.95 38.55 3.53
C ASN B 91 -10.26 38.78 2.05
N PRO B 92 -10.79 39.92 1.58
CA PRO B 92 -11.01 40.18 0.17
C PRO B 92 -9.69 39.99 -0.60
N GLY B 93 -9.73 39.12 -1.60
CA GLY B 93 -8.56 38.84 -2.42
C GLY B 93 -7.65 37.81 -1.77
N THR B 94 -8.08 37.00 -0.78
CA THR B 94 -7.37 35.81 -0.41
C THR B 94 -7.53 34.77 -1.54
N THR B 95 -6.46 34.11 -1.94
CA THR B 95 -6.52 33.09 -2.94
C THR B 95 -6.70 31.78 -2.17
N LEU B 96 -7.94 31.34 -2.09
CA LEU B 96 -8.31 30.15 -1.33
C LEU B 96 -8.38 28.96 -2.29
N VAL B 97 -7.72 27.88 -1.91
CA VAL B 97 -7.62 26.72 -2.79
C VAL B 97 -8.14 25.60 -1.91
N SER B 98 -9.13 24.78 -2.31
CA SER B 98 -9.61 23.69 -1.50
C SER B 98 -10.33 22.64 -2.32
N PHE B 99 -10.63 21.48 -1.74
CA PHE B 99 -11.73 20.66 -2.24
C PHE B 99 -13.03 21.43 -1.97
N ILE B 100 -13.69 21.98 -2.98
CA ILE B 100 -14.87 22.79 -2.84
C ILE B 100 -16.16 22.08 -3.22
N TRP B 101 -16.09 21.22 -4.25
CA TRP B 101 -17.24 20.53 -4.82
C TRP B 101 -18.35 21.54 -5.21
N PRO B 102 -18.09 22.41 -6.20
CA PRO B 102 -18.87 23.60 -6.55
C PRO B 102 -20.38 23.48 -6.68
N ALA B 103 -20.92 22.64 -7.54
CA ALA B 103 -22.33 22.55 -7.74
C ALA B 103 -22.97 21.65 -6.67
N GLN B 104 -22.14 20.90 -5.95
CA GLN B 104 -22.58 20.22 -4.73
C GLN B 104 -22.64 21.24 -3.62
N ASN B 105 -21.95 22.34 -3.73
CA ASN B 105 -21.84 23.30 -2.64
C ASN B 105 -22.31 24.76 -2.91
N PRO B 106 -23.45 25.03 -3.58
CA PRO B 106 -23.79 26.34 -4.08
C PRO B 106 -23.81 27.48 -3.06
N GLU B 107 -24.37 27.30 -1.87
CA GLU B 107 -24.33 28.33 -0.82
C GLU B 107 -22.92 28.71 -0.39
N LEU B 108 -22.04 27.70 -0.27
CA LEU B 108 -20.64 27.96 0.06
C LEU B 108 -20.03 28.79 -1.04
N MET B 109 -20.22 28.36 -2.28
CA MET B 109 -19.75 29.08 -3.46
C MET B 109 -20.19 30.53 -3.41
N GLN B 110 -21.51 30.78 -3.27
CA GLN B 110 -22.05 32.11 -3.14
C GLN B 110 -21.33 32.93 -2.09
N LYS B 111 -21.18 32.35 -0.92
CA LYS B 111 -20.48 33.05 0.17
C LYS B 111 -19.04 33.42 -0.12
N LEU B 112 -18.31 32.54 -0.82
CA LEU B 112 -16.95 32.82 -1.22
C LEU B 112 -16.94 33.96 -2.22
N ALA B 113 -17.94 33.99 -3.11
CA ALA B 113 -18.04 35.09 -4.07
C ALA B 113 -18.37 36.36 -3.32
N GLU B 114 -19.04 36.32 -2.16
CA GLU B 114 -19.30 37.50 -1.36
C GLU B 114 -18.03 38.01 -0.77
N ARG B 115 -17.15 37.09 -0.32
CA ARG B 115 -15.90 37.49 0.31
C ARG B 115 -14.84 38.05 -0.64
N ASN B 116 -15.16 38.05 -1.92
CA ASN B 116 -14.27 38.56 -2.98
C ASN B 116 -12.92 37.88 -3.03
N VAL B 117 -12.95 36.59 -2.68
CA VAL B 117 -11.76 35.76 -2.72
C VAL B 117 -11.65 35.02 -4.04
N THR B 118 -10.49 34.46 -4.32
CA THR B 118 -10.26 33.75 -5.56
C THR B 118 -10.17 32.28 -5.20
N VAL B 119 -11.23 31.48 -5.44
CA VAL B 119 -11.28 30.11 -5.02
C VAL B 119 -10.93 29.21 -6.17
N MET B 120 -9.98 28.29 -5.93
CA MET B 120 -9.63 27.22 -6.85
C MET B 120 -10.10 25.86 -6.31
N ALA B 121 -10.92 25.09 -7.05
CA ALA B 121 -11.48 23.85 -6.54
C ALA B 121 -10.71 22.69 -7.09
N MET B 122 -9.92 22.11 -6.19
CA MET B 122 -8.91 21.12 -6.52
C MET B 122 -9.53 19.78 -6.89
N ASP B 123 -10.88 19.71 -6.82
CA ASP B 123 -11.68 18.60 -7.34
C ASP B 123 -12.17 18.87 -8.76
N SER B 124 -12.81 20.03 -8.98
CA SER B 124 -13.40 20.34 -10.27
C SER B 124 -12.38 20.98 -11.20
N VAL B 125 -11.34 20.24 -11.48
CA VAL B 125 -10.28 20.71 -12.40
C VAL B 125 -10.64 20.15 -13.77
N PRO B 126 -10.41 20.77 -14.94
CA PRO B 126 -10.66 20.13 -16.25
C PRO B 126 -9.83 18.87 -16.47
N ARG B 127 -10.42 17.90 -17.18
CA ARG B 127 -9.91 16.53 -17.27
C ARG B 127 -8.85 16.40 -18.39
N ILE B 128 -7.81 17.23 -18.26
CA ILE B 128 -6.74 17.32 -19.25
C ILE B 128 -5.36 17.28 -18.62
N SER B 129 -4.35 17.03 -19.44
CA SER B 129 -3.02 16.61 -19.01
C SER B 129 -2.33 17.37 -17.88
N ARG B 130 -1.94 18.66 -17.97
CA ARG B 130 -1.25 19.39 -16.89
C ARG B 130 -2.21 19.65 -15.71
N ALA B 131 -3.49 19.76 -16.08
CA ALA B 131 -4.59 19.94 -15.13
C ALA B 131 -4.63 18.74 -14.21
N GLN B 132 -4.42 17.50 -14.69
CA GLN B 132 -4.31 16.36 -13.80
C GLN B 132 -3.16 16.41 -12.78
N SER B 133 -2.09 17.16 -13.06
CA SER B 133 -1.14 17.48 -12.01
C SER B 133 -1.66 18.43 -10.94
N LEU B 134 -2.49 19.40 -11.33
CA LEU B 134 -3.16 20.26 -10.38
C LEU B 134 -4.27 19.51 -9.65
N ASP B 135 -4.87 18.53 -10.35
CA ASP B 135 -6.09 17.87 -9.92
C ASP B 135 -5.86 17.11 -8.65
N ALA B 136 -6.27 17.66 -7.53
CA ALA B 136 -6.18 16.89 -6.31
C ALA B 136 -7.23 15.77 -6.29
N LEU B 137 -8.30 15.86 -7.06
CA LEU B 137 -9.20 14.71 -7.24
C LEU B 137 -8.51 13.45 -7.75
N SER B 138 -7.40 13.56 -8.46
CA SER B 138 -6.62 12.38 -8.82
C SER B 138 -5.79 11.85 -7.69
N SER B 139 -5.00 12.72 -7.07
CA SER B 139 -4.19 12.36 -5.93
C SER B 139 -4.96 11.79 -4.72
N MET B 140 -6.04 12.44 -4.27
CA MET B 140 -6.82 11.93 -3.14
C MET B 140 -7.57 10.68 -3.53
N ALA B 141 -8.06 10.56 -4.77
CA ALA B 141 -8.49 9.28 -5.29
C ALA B 141 -7.40 8.22 -5.25
N ASN B 142 -6.15 8.54 -5.64
CA ASN B 142 -5.05 7.60 -5.59
C ASN B 142 -4.84 7.04 -4.19
N ILE B 143 -4.79 7.99 -3.25
CA ILE B 143 -4.74 7.66 -1.85
C ILE B 143 -5.85 6.71 -1.45
N ALA B 144 -7.10 7.09 -1.68
CA ALA B 144 -8.26 6.24 -1.36
C ALA B 144 -8.22 4.87 -2.01
N GLY B 145 -7.62 4.78 -3.20
CA GLY B 145 -7.52 3.48 -3.90
C GLY B 145 -6.58 2.55 -3.15
N TYR B 146 -5.38 3.02 -2.79
CA TYR B 146 -4.49 2.24 -1.96
C TYR B 146 -5.06 1.98 -0.59
N ARG B 147 -5.62 3.04 -0.02
CA ARG B 147 -6.16 2.96 1.33
C ARG B 147 -7.30 1.98 1.40
N ALA B 148 -8.09 1.85 0.34
CA ALA B 148 -9.05 0.79 0.19
C ALA B 148 -8.41 -0.60 0.32
N ILE B 149 -7.31 -0.85 -0.41
CA ILE B 149 -6.58 -2.11 -0.26
C ILE B 149 -6.11 -2.26 1.18
N VAL B 150 -5.72 -1.20 1.85
CA VAL B 150 -5.22 -1.21 3.21
C VAL B 150 -6.33 -1.53 4.22
N GLU B 151 -7.47 -0.86 4.09
CA GLU B 151 -8.54 -1.00 5.02
C GLU B 151 -9.13 -2.37 4.81
N ALA B 152 -9.30 -2.79 3.55
CA ALA B 152 -9.67 -4.16 3.23
C ALA B 152 -8.73 -5.16 3.88
N ALA B 153 -7.40 -4.92 3.79
CA ALA B 153 -6.41 -5.83 4.36
C ALA B 153 -6.56 -5.88 5.86
N HIS B 154 -6.84 -4.76 6.54
CA HIS B 154 -7.17 -4.68 7.97
C HIS B 154 -8.40 -5.53 8.25
N GLU B 155 -9.36 -5.62 7.33
CA GLU B 155 -10.51 -6.47 7.60
C GLU B 155 -10.37 -7.87 7.05
N PHE B 156 -9.36 -8.12 6.22
CA PHE B 156 -9.20 -9.35 5.47
C PHE B 156 -8.65 -10.41 6.39
N GLY B 157 -9.12 -11.62 6.16
CA GLY B 157 -8.62 -12.78 6.85
C GLY B 157 -7.51 -13.50 6.11
N ARG B 158 -7.43 -13.26 4.80
CA ARG B 158 -6.58 -14.03 3.88
C ARG B 158 -5.44 -13.18 3.34
N PHE B 159 -4.41 -13.75 2.70
CA PHE B 159 -3.35 -13.00 2.07
C PHE B 159 -3.85 -12.48 0.72
N PHE B 160 -3.24 -11.41 0.26
CA PHE B 160 -3.39 -10.98 -1.11
C PHE B 160 -2.42 -11.75 -1.99
N THR B 161 -1.19 -11.86 -1.44
CA THR B 161 -0.11 -12.53 -2.10
C THR B 161 -0.35 -14.03 -2.19
N GLY B 162 -0.21 -14.53 -3.41
CA GLY B 162 -0.28 -15.94 -3.69
C GLY B 162 1.03 -16.62 -3.23
N GLN B 163 1.34 -16.64 -1.93
CA GLN B 163 2.67 -16.87 -1.44
C GLN B 163 2.94 -18.38 -1.36
N ILE B 164 3.95 -18.84 -2.06
CA ILE B 164 4.39 -20.23 -1.96
C ILE B 164 5.05 -20.38 -0.59
N THR B 165 4.26 -20.83 0.37
CA THR B 165 4.75 -20.91 1.72
C THR B 165 4.93 -22.41 2.07
N ALA B 166 6.01 -22.83 2.78
CA ALA B 166 6.19 -24.23 3.14
C ALA B 166 5.04 -24.85 3.94
N ALA B 167 4.34 -24.03 4.75
CA ALA B 167 3.09 -24.40 5.36
C ALA B 167 2.11 -24.91 4.33
N GLY B 168 1.88 -24.10 3.27
CA GLY B 168 0.96 -24.46 2.20
C GLY B 168 0.97 -23.35 1.19
N LYS B 169 0.63 -23.59 -0.07
CA LYS B 169 0.60 -22.51 -1.04
C LYS B 169 -0.63 -21.63 -0.88
N VAL B 170 -0.48 -20.31 -0.77
CA VAL B 170 -1.62 -19.43 -0.66
C VAL B 170 -2.21 -19.18 -2.04
N PRO B 171 -3.52 -19.35 -2.22
CA PRO B 171 -4.23 -18.82 -3.39
C PRO B 171 -4.25 -17.27 -3.38
N PRO B 172 -4.13 -16.60 -4.50
CA PRO B 172 -4.33 -15.17 -4.59
C PRO B 172 -5.69 -14.69 -4.18
N ALA B 173 -5.69 -13.43 -3.75
CA ALA B 173 -6.95 -12.74 -3.56
C ALA B 173 -7.38 -12.19 -4.90
N LYS B 174 -8.66 -11.85 -5.13
CA LYS B 174 -9.08 -11.34 -6.42
C LYS B 174 -9.72 -10.00 -6.13
N VAL B 175 -9.16 -8.93 -6.68
CA VAL B 175 -9.64 -7.60 -6.36
C VAL B 175 -10.45 -7.02 -7.51
N MET B 176 -11.77 -6.99 -7.35
CA MET B 176 -12.67 -6.48 -8.39
C MET B 176 -12.73 -4.97 -8.31
N VAL B 177 -11.93 -4.30 -9.15
CA VAL B 177 -11.86 -2.83 -9.13
C VAL B 177 -12.90 -2.27 -10.06
N ILE B 178 -13.85 -1.47 -9.60
CA ILE B 178 -14.94 -1.01 -10.44
C ILE B 178 -14.77 0.52 -10.59
N GLY B 179 -14.86 1.00 -11.82
CA GLY B 179 -14.67 2.41 -12.13
C GLY B 179 -13.22 2.78 -11.95
N ALA B 180 -12.36 2.19 -12.75
CA ALA B 180 -10.90 2.38 -12.59
C ALA B 180 -10.37 3.70 -13.17
N GLY B 181 -10.65 4.77 -12.41
CA GLY B 181 -10.00 6.04 -12.66
C GLY B 181 -8.69 6.03 -11.86
N VAL B 182 -8.01 7.14 -11.63
CA VAL B 182 -6.69 7.19 -10.95
C VAL B 182 -6.64 6.41 -9.64
N ALA B 183 -7.76 6.50 -8.92
CA ALA B 183 -8.02 5.70 -7.74
C ALA B 183 -7.98 4.21 -7.98
N GLY B 184 -8.74 3.76 -9.00
CA GLY B 184 -8.75 2.38 -9.42
C GLY B 184 -7.39 1.94 -9.86
N LEU B 185 -6.75 2.72 -10.70
CA LEU B 185 -5.37 2.46 -11.11
C LEU B 185 -4.38 2.29 -9.95
N ALA B 186 -4.50 3.07 -8.88
CA ALA B 186 -3.63 2.85 -7.72
C ALA B 186 -3.97 1.56 -6.98
N ALA B 187 -5.27 1.27 -6.89
CA ALA B 187 -5.72 0.02 -6.30
C ALA B 187 -5.25 -1.23 -7.04
N ILE B 188 -5.38 -1.23 -8.38
CA ILE B 188 -4.86 -2.27 -9.24
C ILE B 188 -3.35 -2.38 -9.03
N GLY B 189 -2.67 -1.19 -9.07
CA GLY B 189 -1.22 -1.09 -8.89
C GLY B 189 -0.78 -1.83 -7.62
N ALA B 190 -1.40 -1.52 -6.49
CA ALA B 190 -1.11 -2.16 -5.22
C ALA B 190 -1.42 -3.66 -5.19
N ALA B 191 -2.63 -4.01 -5.60
CA ALA B 191 -3.06 -5.39 -5.44
C ALA B 191 -2.31 -6.33 -6.37
N ASN B 192 -2.13 -5.91 -7.61
CA ASN B 192 -1.33 -6.64 -8.61
C ASN B 192 0.08 -6.86 -8.11
N SER B 193 0.71 -5.81 -7.60
CA SER B 193 2.06 -5.95 -7.06
C SER B 193 2.13 -6.98 -5.93
N LEU B 194 1.09 -6.98 -5.05
CA LEU B 194 0.98 -8.02 -4.04
C LEU B 194 0.83 -9.41 -4.62
N GLY B 195 0.14 -9.53 -5.75
CA GLY B 195 -0.11 -10.80 -6.36
C GLY B 195 -1.62 -11.07 -6.48
N ALA B 196 -2.44 -10.20 -5.89
CA ALA B 196 -3.88 -10.32 -5.94
C ALA B 196 -4.42 -10.08 -7.32
N ILE B 197 -5.14 -11.07 -7.89
CA ILE B 197 -5.58 -11.01 -9.25
C ILE B 197 -6.60 -9.93 -9.42
N VAL B 198 -6.22 -8.89 -10.14
CA VAL B 198 -7.10 -7.75 -10.32
C VAL B 198 -8.08 -8.09 -11.43
N ARG B 199 -9.36 -7.92 -11.18
CA ARG B 199 -10.44 -8.07 -12.14
C ARG B 199 -11.06 -6.68 -12.18
N ALA B 200 -10.58 -5.81 -13.07
CA ALA B 200 -11.04 -4.43 -13.04
C ALA B 200 -12.05 -4.08 -14.11
N PHE B 201 -12.82 -3.02 -13.94
CA PHE B 201 -13.79 -2.57 -14.89
C PHE B 201 -13.89 -1.05 -14.76
N ASP B 202 -14.26 -0.48 -15.86
CA ASP B 202 -14.66 0.90 -15.97
C ASP B 202 -15.48 0.94 -17.25
N THR B 203 -16.38 1.89 -17.35
CA THR B 203 -17.13 2.20 -18.56
C THR B 203 -16.19 2.54 -19.72
N ARG B 204 -14.99 3.00 -19.44
CA ARG B 204 -14.09 3.45 -20.49
C ARG B 204 -13.20 2.32 -20.98
N PRO B 205 -12.88 2.30 -22.29
CA PRO B 205 -12.14 1.23 -22.98
C PRO B 205 -10.62 1.11 -22.68
N GLU B 206 -9.85 2.20 -22.61
CA GLU B 206 -8.39 2.12 -22.58
C GLU B 206 -7.83 1.42 -21.36
N VAL B 207 -8.57 1.52 -20.26
CA VAL B 207 -8.24 0.89 -19.02
C VAL B 207 -8.12 -0.63 -19.14
N LYS B 208 -8.84 -1.24 -20.07
CA LYS B 208 -8.66 -2.62 -20.47
C LYS B 208 -7.23 -3.01 -20.66
N GLU B 209 -6.57 -2.29 -21.59
CA GLU B 209 -5.15 -2.49 -21.87
C GLU B 209 -4.23 -2.19 -20.70
N GLN B 210 -4.67 -1.28 -19.85
CA GLN B 210 -3.96 -0.94 -18.64
C GLN B 210 -3.93 -2.14 -17.70
N VAL B 211 -5.08 -2.76 -17.52
CA VAL B 211 -5.20 -3.83 -16.53
C VAL B 211 -4.47 -5.05 -17.07
N GLN B 212 -4.65 -5.31 -18.36
CA GLN B 212 -3.92 -6.40 -19.02
C GLN B 212 -2.42 -6.27 -18.97
N SER B 213 -1.87 -5.04 -18.92
CA SER B 213 -0.46 -4.82 -18.76
C SER B 213 0.06 -5.18 -17.39
N MET B 214 -0.84 -5.44 -16.44
CA MET B 214 -0.41 -5.92 -15.14
C MET B 214 -0.51 -7.45 -15.09
N GLY B 215 -0.85 -8.10 -16.20
CA GLY B 215 -1.28 -9.50 -16.19
C GLY B 215 -2.52 -9.70 -15.34
N ALA B 216 -3.38 -8.71 -15.30
CA ALA B 216 -4.61 -8.78 -14.53
C ALA B 216 -5.75 -8.61 -15.56
N GLU B 217 -6.97 -8.95 -15.24
CA GLU B 217 -7.97 -9.08 -16.28
C GLU B 217 -8.99 -7.96 -16.23
N PHE B 218 -9.33 -7.43 -17.39
CA PHE B 218 -10.41 -6.46 -17.47
C PHE B 218 -11.69 -7.26 -17.57
N LEU B 219 -12.75 -6.81 -16.92
CA LEU B 219 -14.00 -7.51 -16.88
C LEU B 219 -14.83 -7.47 -18.15
N GLU B 220 -14.70 -8.56 -18.85
CA GLU B 220 -15.48 -8.90 -20.01
C GLU B 220 -16.84 -9.35 -19.55
N LEU B 221 -17.85 -8.66 -20.05
CA LEU B 221 -19.24 -8.91 -19.70
C LEU B 221 -19.76 -9.72 -20.86
N ASP B 222 -21.02 -10.14 -20.76
CA ASP B 222 -21.69 -10.89 -21.80
C ASP B 222 -22.32 -9.91 -22.75
N MET B 237 -22.58 4.24 -21.56
CA MET B 237 -23.32 3.65 -20.48
C MET B 237 -23.62 4.80 -19.59
N SER B 238 -24.81 5.15 -19.05
CA SER B 238 -26.14 4.57 -19.35
C SER B 238 -26.54 3.22 -18.76
N ASP B 239 -27.87 3.06 -18.69
CA ASP B 239 -28.49 1.87 -18.14
C ASP B 239 -28.69 0.80 -19.19
N ALA B 240 -29.60 -0.17 -19.04
CA ALA B 240 -29.73 -1.35 -19.88
C ALA B 240 -28.51 -2.27 -19.72
N PHE B 241 -27.35 -1.82 -20.19
CA PHE B 241 -26.07 -2.54 -20.08
C PHE B 241 -25.75 -2.87 -18.63
N ILE B 242 -26.17 -2.00 -17.73
CA ILE B 242 -26.12 -2.25 -16.29
C ILE B 242 -26.57 -3.64 -15.87
N LYS B 243 -27.60 -4.25 -16.46
CA LYS B 243 -28.03 -5.60 -16.16
C LYS B 243 -26.91 -6.60 -16.41
N ALA B 244 -26.26 -6.44 -17.56
CA ALA B 244 -25.05 -7.18 -17.89
C ALA B 244 -23.85 -6.82 -17.04
N GLU B 245 -23.72 -5.59 -16.53
CA GLU B 245 -22.70 -5.20 -15.56
C GLU B 245 -22.93 -5.96 -14.27
N MET B 246 -24.18 -6.02 -13.80
CA MET B 246 -24.55 -6.67 -12.56
C MET B 246 -24.35 -8.14 -12.71
N GLU B 247 -24.62 -8.71 -13.90
CA GLU B 247 -24.48 -10.16 -14.06
C GLU B 247 -23.00 -10.52 -14.02
N LEU B 248 -22.18 -9.69 -14.66
CA LEU B 248 -20.74 -9.79 -14.53
C LEU B 248 -20.34 -9.80 -13.07
N PHE B 249 -20.76 -8.80 -12.29
CA PHE B 249 -20.38 -8.69 -10.89
C PHE B 249 -20.91 -9.85 -10.05
N ALA B 250 -22.15 -10.28 -10.29
CA ALA B 250 -22.80 -11.36 -9.56
C ALA B 250 -21.99 -12.63 -9.73
N ALA B 251 -21.61 -13.03 -10.94
CA ALA B 251 -20.73 -14.19 -11.16
C ALA B 251 -19.37 -14.03 -10.45
N GLN B 252 -18.83 -12.82 -10.59
CA GLN B 252 -17.58 -12.48 -9.96
C GLN B 252 -17.60 -12.54 -8.42
N ALA B 253 -18.75 -12.31 -7.78
CA ALA B 253 -18.86 -12.24 -6.31
C ALA B 253 -18.35 -13.51 -5.62
N LYS B 254 -18.45 -14.62 -6.37
CA LYS B 254 -17.92 -15.88 -5.88
C LYS B 254 -16.39 -15.94 -6.05
N GLU B 255 -15.83 -15.46 -7.18
CA GLU B 255 -14.41 -15.48 -7.45
C GLU B 255 -13.65 -14.51 -6.57
N VAL B 256 -14.20 -13.32 -6.37
CA VAL B 256 -13.48 -12.19 -5.82
C VAL B 256 -13.47 -12.18 -4.29
N ASP B 257 -12.55 -11.36 -3.77
CA ASP B 257 -12.30 -11.23 -2.36
C ASP B 257 -12.49 -9.77 -2.00
N ILE B 258 -11.88 -8.84 -2.72
CA ILE B 258 -12.03 -7.42 -2.40
C ILE B 258 -12.65 -6.73 -3.60
N ILE B 259 -13.85 -6.21 -3.46
CA ILE B 259 -14.42 -5.35 -4.46
C ILE B 259 -14.00 -3.93 -4.04
N VAL B 260 -13.25 -3.22 -4.88
CA VAL B 260 -12.79 -1.86 -4.62
C VAL B 260 -13.53 -1.01 -5.63
N THR B 261 -14.59 -0.31 -5.23
CA THR B 261 -15.36 0.43 -6.20
C THR B 261 -15.01 1.90 -6.07
N THR B 262 -14.12 2.17 -7.01
CA THR B 262 -13.53 3.46 -7.11
C THR B 262 -14.29 4.52 -7.89
N ALA B 263 -15.51 4.22 -8.26
CA ALA B 263 -16.29 5.11 -9.11
C ALA B 263 -16.80 6.37 -8.40
N LEU B 264 -16.03 7.43 -8.47
CA LEU B 264 -16.37 8.72 -7.83
C LEU B 264 -16.71 9.62 -9.02
N ILE B 265 -17.99 9.85 -9.31
CA ILE B 265 -18.31 10.68 -10.50
C ILE B 265 -18.50 12.16 -10.08
N PRO B 266 -17.85 13.16 -10.71
CA PRO B 266 -18.15 14.56 -10.49
C PRO B 266 -19.64 14.80 -10.83
N GLY B 267 -20.32 15.37 -9.85
CA GLY B 267 -21.74 15.70 -9.97
C GLY B 267 -22.57 14.45 -9.70
N LYS B 268 -22.68 13.49 -10.59
CA LYS B 268 -23.56 12.34 -10.39
C LYS B 268 -23.29 11.50 -9.13
N PRO B 269 -24.29 10.87 -8.51
CA PRO B 269 -24.09 9.85 -7.49
C PRO B 269 -23.76 8.48 -8.06
N ALA B 270 -22.57 7.96 -7.72
CA ALA B 270 -22.19 6.56 -7.87
C ALA B 270 -23.37 5.65 -7.61
N PRO B 271 -23.71 4.80 -8.60
CA PRO B 271 -24.91 3.99 -8.53
C PRO B 271 -24.74 2.80 -7.62
N LYS B 272 -25.85 2.25 -7.14
CA LYS B 272 -25.76 1.10 -6.29
C LYS B 272 -25.51 -0.17 -7.12
N LEU B 273 -24.28 -0.33 -7.59
CA LEU B 273 -23.84 -1.42 -8.42
C LEU B 273 -23.87 -2.75 -7.68
N ILE B 274 -23.21 -2.78 -6.53
CA ILE B 274 -23.09 -4.00 -5.77
C ILE B 274 -24.30 -4.08 -4.84
N THR B 275 -25.24 -4.87 -5.35
CA THR B 275 -26.54 -5.04 -4.72
C THR B 275 -26.49 -5.89 -3.46
N ARG B 276 -27.48 -5.74 -2.55
CA ARG B 276 -27.46 -6.45 -1.27
C ARG B 276 -27.35 -7.97 -1.41
N GLU B 277 -28.07 -8.50 -2.38
CA GLU B 277 -27.99 -9.91 -2.75
C GLU B 277 -26.57 -10.29 -3.17
N MET B 278 -25.96 -9.45 -4.03
CA MET B 278 -24.61 -9.70 -4.54
C MET B 278 -23.62 -9.81 -3.39
N VAL B 279 -23.72 -8.82 -2.49
CA VAL B 279 -22.88 -8.82 -1.28
C VAL B 279 -23.06 -10.10 -0.46
N ASP B 280 -24.34 -10.45 -0.19
CA ASP B 280 -24.69 -11.66 0.52
C ASP B 280 -24.23 -12.94 -0.14
N SER B 281 -24.12 -12.95 -1.47
CA SER B 281 -23.70 -14.08 -2.28
C SER B 281 -22.18 -14.24 -2.42
N MET B 282 -21.42 -13.27 -1.91
CA MET B 282 -20.00 -13.23 -2.05
C MET B 282 -19.29 -14.34 -1.30
N LYS B 283 -18.02 -14.53 -1.65
CA LYS B 283 -17.08 -15.37 -0.92
C LYS B 283 -17.03 -14.91 0.53
N ALA B 284 -17.03 -15.82 1.49
CA ALA B 284 -17.05 -15.46 2.91
C ALA B 284 -15.74 -14.79 3.32
N GLY B 285 -15.82 -13.79 4.16
CA GLY B 285 -14.64 -13.17 4.67
C GLY B 285 -13.90 -12.30 3.65
N SER B 286 -14.64 -11.38 3.09
CA SER B 286 -14.19 -10.67 1.95
C SER B 286 -14.62 -9.23 2.10
N VAL B 287 -14.03 -8.28 1.38
CA VAL B 287 -14.29 -6.88 1.70
C VAL B 287 -14.82 -6.17 0.48
N ILE B 288 -15.77 -5.29 0.69
CA ILE B 288 -16.19 -4.38 -0.42
C ILE B 288 -15.89 -2.98 0.07
N VAL B 289 -14.77 -2.42 -0.36
CA VAL B 289 -14.47 -1.05 -0.03
C VAL B 289 -15.13 -0.19 -1.10
N ASP B 290 -16.17 0.49 -0.64
CA ASP B 290 -16.84 1.51 -1.42
C ASP B 290 -16.15 2.78 -0.99
N LEU B 291 -15.43 3.34 -1.96
CA LEU B 291 -14.82 4.64 -1.83
C LEU B 291 -15.94 5.66 -1.95
N ALA B 292 -16.89 5.44 -2.87
CA ALA B 292 -17.75 6.47 -3.39
C ALA B 292 -18.87 6.90 -2.45
N ALA B 293 -18.87 6.51 -1.17
CA ALA B 293 -19.86 6.92 -0.17
C ALA B 293 -20.20 8.40 -0.04
N GLN B 294 -19.16 9.23 -0.06
CA GLN B 294 -19.33 10.70 -0.11
C GLN B 294 -19.93 11.15 -1.43
N ASN B 295 -19.67 10.40 -2.50
CA ASN B 295 -20.19 10.72 -3.83
C ASN B 295 -21.63 10.25 -4.08
N GLY B 296 -22.00 9.11 -3.51
CA GLY B 296 -23.27 8.50 -3.83
C GLY B 296 -23.37 7.03 -3.38
N GLY B 297 -22.23 6.38 -3.20
CA GLY B 297 -22.21 5.01 -2.68
C GLY B 297 -22.51 3.97 -3.77
N ASN B 298 -21.54 3.16 -4.15
CA ASN B 298 -21.71 2.10 -5.15
C ASN B 298 -22.17 0.75 -4.58
N CYS B 299 -22.04 0.57 -3.30
CA CYS B 299 -22.50 -0.64 -2.65
C CYS B 299 -23.79 -0.44 -1.86
N GLU B 300 -24.70 -1.42 -1.84
CA GLU B 300 -25.99 -1.33 -1.17
C GLU B 300 -26.04 -1.29 0.34
N TYR B 301 -24.96 -1.66 1.02
CA TYR B 301 -24.93 -1.70 2.46
C TYR B 301 -24.08 -0.57 3.08
N THR B 302 -23.51 0.27 2.25
CA THR B 302 -22.65 1.35 2.67
C THR B 302 -23.23 2.31 3.71
N VAL B 303 -22.64 2.34 4.89
CA VAL B 303 -22.96 3.35 5.85
C VAL B 303 -21.87 4.37 5.64
N PRO B 304 -22.16 5.63 5.30
CA PRO B 304 -21.17 6.67 5.03
C PRO B 304 -20.10 6.87 6.08
N GLY B 305 -18.88 6.57 5.66
CA GLY B 305 -17.74 6.59 6.59
C GLY B 305 -17.81 5.53 7.69
N GLU B 306 -18.20 4.30 7.35
CA GLU B 306 -18.22 3.19 8.32
C GLU B 306 -18.02 1.85 7.62
N ILE B 307 -17.92 0.78 8.40
CA ILE B 307 -17.94 -0.58 7.86
C ILE B 307 -19.27 -1.23 8.28
N PHE B 308 -19.92 -1.86 7.33
CA PHE B 308 -20.98 -2.80 7.69
C PHE B 308 -20.54 -4.22 7.46
N THR B 309 -20.59 -5.11 8.44
CA THR B 309 -20.24 -6.51 8.23
C THR B 309 -21.51 -7.27 7.89
N THR B 310 -21.59 -8.02 6.81
CA THR B 310 -22.67 -8.98 6.61
C THR B 310 -22.44 -10.30 7.31
N GLU B 311 -23.43 -11.20 7.25
CA GLU B 311 -23.41 -12.48 7.97
C GLU B 311 -22.39 -13.40 7.34
N ASN B 312 -22.17 -13.24 6.03
CA ASN B 312 -21.12 -13.97 5.32
C ASN B 312 -19.76 -13.34 5.42
N GLY B 313 -19.57 -12.41 6.34
CA GLY B 313 -18.28 -11.82 6.61
C GLY B 313 -17.84 -10.95 5.49
N VAL B 314 -18.76 -10.29 4.78
CA VAL B 314 -18.36 -9.33 3.77
C VAL B 314 -18.48 -7.97 4.45
N LYS B 315 -17.30 -7.39 4.69
CA LYS B 315 -17.21 -6.10 5.34
C LYS B 315 -17.32 -5.04 4.25
N VAL B 316 -18.53 -4.51 4.12
CA VAL B 316 -18.78 -3.37 3.24
C VAL B 316 -18.18 -2.15 3.85
N ILE B 317 -16.94 -1.81 3.56
CA ILE B 317 -16.29 -0.62 4.04
C ILE B 317 -16.66 0.59 3.13
N GLY B 318 -17.57 1.38 3.64
CA GLY B 318 -17.98 2.57 2.92
C GLY B 318 -17.30 3.79 3.45
N TYR B 319 -15.98 3.90 3.36
CA TYR B 319 -15.30 5.05 3.97
C TYR B 319 -15.32 6.31 3.10
N THR B 320 -16.24 7.20 3.46
CA THR B 320 -16.29 8.57 2.97
C THR B 320 -14.91 9.25 3.14
N ASP B 321 -14.19 8.98 4.22
CA ASP B 321 -13.04 9.70 4.68
C ASP B 321 -11.72 9.05 4.24
N LEU B 322 -11.81 8.14 3.26
CA LEU B 322 -10.64 7.50 2.67
C LEU B 322 -9.52 8.42 2.20
N PRO B 323 -9.63 9.50 1.42
CA PRO B 323 -8.55 10.43 1.08
C PRO B 323 -7.79 10.97 2.30
N GLY B 324 -8.49 11.18 3.42
CA GLY B 324 -7.85 11.62 4.64
C GLY B 324 -6.91 10.57 5.23
N ARG B 325 -7.34 9.32 5.36
CA ARG B 325 -6.68 8.25 6.07
C ARG B 325 -5.22 7.87 5.89
N LEU B 326 -4.43 8.51 5.01
CA LEU B 326 -3.02 8.20 4.87
C LEU B 326 -2.31 9.53 5.02
N PRO B 327 -2.23 10.11 6.24
CA PRO B 327 -1.96 11.54 6.47
C PRO B 327 -0.86 12.23 5.68
N THR B 328 0.40 11.92 5.99
CA THR B 328 1.56 12.49 5.33
C THR B 328 1.54 12.32 3.82
N GLN B 329 1.05 11.18 3.37
CA GLN B 329 1.13 10.90 1.96
C GLN B 329 0.13 11.72 1.22
N SER B 330 -1.07 11.81 1.78
CA SER B 330 -2.06 12.74 1.25
C SER B 330 -1.57 14.18 1.27
N SER B 331 -0.90 14.61 2.34
CA SER B 331 -0.24 15.90 2.31
C SER B 331 0.91 16.05 1.30
N GLN B 332 1.53 14.93 0.91
CA GLN B 332 2.56 14.94 -0.12
C GLN B 332 1.91 15.13 -1.48
N LEU B 333 0.89 14.35 -1.83
CA LEU B 333 0.32 14.41 -3.14
C LEU B 333 -0.48 15.71 -3.26
N TYR B 334 -1.42 16.02 -2.31
CA TYR B 334 -2.11 17.30 -2.24
C TYR B 334 -1.13 18.48 -2.27
N GLY B 335 -0.07 18.39 -1.48
CA GLY B 335 1.01 19.39 -1.46
C GLY B 335 1.55 19.68 -2.84
N THR B 336 1.92 18.59 -3.53
CA THR B 336 2.50 18.71 -4.85
C THR B 336 1.41 19.26 -5.80
N ASN B 337 0.11 18.92 -5.67
CA ASN B 337 -0.95 19.42 -6.50
C ASN B 337 -1.05 20.94 -6.37
N LEU B 338 -1.05 21.40 -5.09
CA LEU B 338 -0.97 22.80 -4.79
C LEU B 338 0.26 23.45 -5.39
N VAL B 339 1.43 22.79 -5.32
CA VAL B 339 2.66 23.33 -5.91
C VAL B 339 2.50 23.53 -7.40
N ASN B 340 1.91 22.54 -8.06
CA ASN B 340 1.72 22.55 -9.52
C ASN B 340 0.81 23.69 -9.91
N LEU B 341 -0.29 23.83 -9.16
CA LEU B 341 -1.21 24.93 -9.33
C LEU B 341 -0.44 26.25 -9.30
N LEU B 342 0.34 26.41 -8.25
CA LEU B 342 1.14 27.59 -8.01
C LEU B 342 2.35 27.72 -8.94
N LYS B 343 2.86 26.69 -9.63
CA LYS B 343 3.84 26.81 -10.69
C LYS B 343 3.20 27.55 -11.83
N LEU B 344 1.99 27.13 -12.23
CA LEU B 344 1.26 27.74 -13.34
C LEU B 344 0.68 29.11 -12.93
N LEU B 345 0.32 29.31 -11.65
CA LEU B 345 -0.08 30.63 -11.14
C LEU B 345 1.12 31.57 -11.06
N CYS B 346 2.18 31.12 -10.42
CA CYS B 346 3.30 31.99 -10.18
C CYS B 346 4.33 31.75 -11.27
N LYS B 347 3.92 32.22 -12.45
CA LYS B 347 4.71 32.17 -13.70
C LYS B 347 6.09 32.79 -13.53
N GLU B 348 6.16 33.89 -12.79
CA GLU B 348 7.42 34.56 -12.54
C GLU B 348 8.03 34.19 -11.18
N LYS B 349 7.63 33.07 -10.58
CA LYS B 349 8.32 32.32 -9.54
C LYS B 349 8.99 33.14 -8.39
N ASP B 350 8.26 34.18 -8.03
CA ASP B 350 8.60 35.08 -6.98
C ASP B 350 7.64 34.93 -5.85
N GLY B 351 6.63 34.09 -5.98
CA GLY B 351 5.56 34.01 -5.02
C GLY B 351 4.44 34.97 -5.35
N ASN B 352 4.19 35.38 -6.61
CA ASN B 352 3.01 36.22 -6.90
C ASN B 352 2.03 35.56 -7.82
N ILE B 353 0.79 35.44 -7.35
CA ILE B 353 -0.27 34.73 -8.03
C ILE B 353 -0.71 35.48 -9.30
N THR B 354 -0.45 34.87 -10.47
CA THR B 354 -1.00 35.40 -11.69
C THR B 354 -2.13 34.43 -12.06
N VAL B 355 -3.38 34.81 -11.90
CA VAL B 355 -4.47 33.85 -12.15
C VAL B 355 -4.69 33.82 -13.66
N ASP B 356 -4.14 32.77 -14.29
CA ASP B 356 -4.17 32.66 -15.72
C ASP B 356 -5.56 32.31 -16.23
N PHE B 357 -6.20 33.23 -16.95
CA PHE B 357 -7.50 32.96 -17.54
C PHE B 357 -7.36 32.61 -19.03
N ASP B 358 -6.14 32.75 -19.55
CA ASP B 358 -5.83 32.34 -20.90
C ASP B 358 -5.68 30.80 -20.99
N ASP B 359 -5.26 30.16 -19.90
CA ASP B 359 -5.00 28.71 -19.84
C ASP B 359 -6.34 28.12 -19.47
N VAL B 360 -6.83 27.15 -20.23
CA VAL B 360 -8.10 26.47 -19.96
C VAL B 360 -8.07 25.71 -18.62
N VAL B 361 -6.86 25.28 -18.22
CA VAL B 361 -6.60 24.64 -16.93
C VAL B 361 -6.85 25.56 -15.74
N ILE B 362 -6.18 26.71 -15.71
CA ILE B 362 -6.38 27.66 -14.65
C ILE B 362 -7.78 28.27 -14.76
N ARG B 363 -8.24 28.68 -15.95
CA ARG B 363 -9.61 29.11 -16.16
C ARG B 363 -10.68 28.13 -15.61
N GLY B 364 -10.36 26.83 -15.63
CA GLY B 364 -11.21 25.81 -15.07
C GLY B 364 -11.16 25.76 -13.57
N VAL B 365 -9.97 25.48 -13.02
CA VAL B 365 -9.85 25.24 -11.60
C VAL B 365 -10.18 26.48 -10.81
N THR B 366 -9.91 27.69 -11.31
CA THR B 366 -10.30 28.91 -10.63
C THR B 366 -11.81 29.06 -10.76
N VAL B 367 -12.49 28.35 -9.86
CA VAL B 367 -13.93 28.31 -9.87
C VAL B 367 -14.53 29.63 -9.43
N ILE B 368 -13.79 30.40 -8.62
CA ILE B 368 -14.19 31.75 -8.32
C ILE B 368 -12.96 32.64 -8.51
N ARG B 369 -13.01 33.60 -9.42
CA ARG B 369 -11.91 34.54 -9.49
C ARG B 369 -12.45 35.83 -8.90
N ALA B 370 -11.71 36.32 -7.90
CA ALA B 370 -11.97 37.57 -7.22
C ALA B 370 -13.41 37.86 -6.81
N GLY B 371 -14.08 36.80 -6.39
CA GLY B 371 -15.45 36.89 -5.94
C GLY B 371 -16.53 36.81 -7.02
N GLU B 372 -16.15 36.36 -8.19
CA GLU B 372 -17.12 35.94 -9.19
C GLU B 372 -17.04 34.43 -9.31
N ILE B 373 -18.19 33.77 -9.36
CA ILE B 373 -18.23 32.35 -9.60
C ILE B 373 -17.82 32.15 -11.06
N THR B 374 -16.53 31.96 -11.28
CA THR B 374 -16.02 31.70 -12.61
C THR B 374 -16.02 30.24 -13.06
N TRP B 375 -16.68 29.36 -12.32
CA TRP B 375 -16.97 28.02 -12.83
C TRP B 375 -18.16 28.13 -13.79
N PRO B 376 -18.16 27.44 -14.94
CA PRO B 376 -17.05 26.62 -15.39
C PRO B 376 -16.06 27.29 -16.33
N ALA B 377 -15.01 26.58 -16.79
CA ALA B 377 -14.26 27.05 -17.95
C ALA B 377 -15.00 26.62 -19.19
N PRO B 378 -14.96 27.32 -20.36
CA PRO B 378 -15.59 26.88 -21.60
C PRO B 378 -15.22 25.44 -21.91
N PRO B 379 -16.18 24.51 -22.02
CA PRO B 379 -15.94 23.06 -22.17
C PRO B 379 -14.93 22.61 -23.24
N ILE B 380 -13.75 22.30 -22.76
CA ILE B 380 -12.75 21.72 -23.62
C ILE B 380 -13.16 20.26 -23.81
N GLN B 381 -13.27 19.84 -25.05
CA GLN B 381 -13.66 18.51 -25.42
C GLN B 381 -12.51 17.52 -25.09
N VAL B 382 -12.79 16.79 -24.02
CA VAL B 382 -11.93 15.74 -23.49
C VAL B 382 -12.47 14.41 -24.04
N SER B 383 -11.77 13.67 -24.71
N ALA C 20 20.63 2.49 -34.41
CA ALA C 20 20.58 3.02 -33.10
C ALA C 20 21.91 3.52 -32.56
N GLU C 21 23.01 3.06 -33.14
CA GLU C 21 24.36 3.43 -32.79
C GLU C 21 24.56 4.91 -32.99
N GLU C 22 23.89 5.53 -33.95
CA GLU C 22 23.99 6.98 -34.12
C GLU C 22 23.39 7.68 -32.90
N THR C 23 22.32 7.13 -32.31
CA THR C 23 21.82 7.64 -31.06
C THR C 23 22.84 7.36 -29.94
N ALA C 24 23.59 6.25 -29.97
CA ALA C 24 24.56 5.94 -28.94
C ALA C 24 25.74 6.93 -28.98
N GLU C 25 26.33 7.13 -30.16
CA GLU C 25 27.19 8.29 -30.44
C GLU C 25 26.66 9.59 -29.88
N LEU C 26 25.45 9.98 -30.26
CA LEU C 26 24.77 11.17 -29.71
C LEU C 26 24.54 11.12 -28.23
N LEU C 27 24.44 9.95 -27.60
CA LEU C 27 24.37 9.81 -26.15
C LEU C 27 25.59 10.41 -25.51
N LYS C 28 26.81 9.97 -25.87
CA LYS C 28 28.02 10.50 -25.25
C LYS C 28 28.22 11.98 -25.66
N ASN C 29 27.76 12.30 -26.87
CA ASN C 29 27.65 13.68 -27.34
C ASN C 29 26.63 14.53 -26.56
N SER C 30 25.58 13.95 -25.95
CA SER C 30 24.57 14.68 -25.22
C SER C 30 25.03 15.38 -23.95
N HIS C 31 26.01 14.77 -23.29
CA HIS C 31 26.57 15.25 -22.05
C HIS C 31 25.52 15.28 -20.96
N SER C 32 24.40 16.03 -21.04
CA SER C 32 23.21 15.70 -20.29
C SER C 32 22.42 14.71 -21.13
N VAL C 33 21.87 13.66 -20.52
CA VAL C 33 21.00 12.73 -21.23
C VAL C 33 19.72 12.62 -20.38
N ILE C 34 18.66 13.40 -20.65
CA ILE C 34 17.39 13.11 -20.00
C ILE C 34 16.80 11.87 -20.66
N ILE C 35 16.78 10.80 -19.89
CA ILE C 35 16.07 9.60 -20.28
C ILE C 35 14.67 9.82 -19.79
N THR C 36 13.67 9.94 -20.68
CA THR C 36 12.29 10.15 -20.26
C THR C 36 11.56 8.82 -20.15
N PRO C 37 11.23 8.29 -18.97
CA PRO C 37 10.48 7.04 -18.82
C PRO C 37 9.09 7.11 -19.45
N GLY C 38 9.06 6.71 -20.71
CA GLY C 38 7.85 6.46 -21.43
C GLY C 38 7.41 5.02 -21.17
N TYR C 39 6.19 4.72 -21.59
CA TYR C 39 5.58 3.41 -21.38
C TYR C 39 6.37 2.26 -21.95
N GLY C 40 7.16 2.48 -23.01
CA GLY C 40 7.95 1.42 -23.63
C GLY C 40 8.91 0.77 -22.66
N MET C 41 9.40 1.60 -21.73
CA MET C 41 10.30 1.17 -20.68
C MET C 41 9.69 0.04 -19.87
N ALA C 42 8.41 0.17 -19.53
CA ALA C 42 7.72 -0.84 -18.78
C ALA C 42 7.34 -2.02 -19.65
N VAL C 43 6.67 -1.77 -20.77
CA VAL C 43 6.08 -2.88 -21.52
C VAL C 43 7.10 -3.81 -22.13
N ALA C 44 8.18 -3.29 -22.69
CA ALA C 44 9.19 -4.09 -23.27
C ALA C 44 10.28 -4.39 -22.26
N GLN C 45 9.99 -4.26 -20.97
CA GLN C 45 10.97 -4.25 -19.88
C GLN C 45 12.37 -3.71 -20.19
N ALA C 46 12.33 -2.47 -20.65
CA ALA C 46 13.52 -1.72 -21.06
C ALA C 46 14.32 -1.15 -19.90
N GLN C 47 13.77 -1.10 -18.70
CA GLN C 47 14.48 -0.58 -17.54
C GLN C 47 15.68 -1.42 -17.11
N TYR C 48 15.67 -2.70 -17.39
CA TYR C 48 16.84 -3.51 -17.18
C TYR C 48 18.02 -3.05 -18.07
N PRO C 49 17.93 -2.88 -19.39
CA PRO C 49 18.99 -2.24 -20.18
C PRO C 49 19.24 -0.76 -19.82
N VAL C 50 18.16 -0.01 -19.55
CA VAL C 50 18.28 1.39 -19.15
C VAL C 50 19.10 1.53 -17.89
N ALA C 51 19.03 0.65 -16.87
CA ALA C 51 19.75 0.83 -15.62
C ALA C 51 21.24 0.86 -15.91
N GLU C 52 21.66 -0.11 -16.72
CA GLU C 52 23.04 -0.26 -17.08
C GLU C 52 23.55 0.86 -17.99
N ILE C 53 22.80 1.31 -19.00
CA ILE C 53 23.23 2.49 -19.79
C ILE C 53 23.37 3.74 -18.94
N THR C 54 22.44 3.92 -18.00
CA THR C 54 22.51 5.00 -17.00
C THR C 54 23.77 4.88 -16.13
N GLU C 55 24.05 3.68 -15.64
CA GLU C 55 25.21 3.31 -14.85
C GLU C 55 26.50 3.69 -15.59
N LYS C 56 26.58 3.27 -16.84
CA LYS C 56 27.67 3.58 -17.76
C LYS C 56 27.93 5.05 -18.02
N LEU C 57 26.88 5.80 -18.36
CA LEU C 57 27.01 7.26 -18.53
C LEU C 57 27.41 7.94 -17.23
N ARG C 58 26.84 7.52 -16.12
CA ARG C 58 27.08 8.18 -14.83
C ARG C 58 28.53 7.98 -14.40
N ALA C 59 29.09 6.77 -14.47
CA ALA C 59 30.50 6.59 -14.15
C ALA C 59 31.40 7.34 -15.12
N ARG C 60 30.99 7.50 -16.39
CA ARG C 60 31.67 8.33 -17.39
C ARG C 60 31.68 9.79 -16.95
N GLY C 61 30.67 10.18 -16.17
CA GLY C 61 30.53 11.56 -15.72
C GLY C 61 29.42 12.27 -16.48
N ILE C 62 28.70 11.61 -17.39
CA ILE C 62 27.62 12.16 -18.18
C ILE C 62 26.41 12.33 -17.23
N ASN C 63 25.80 13.46 -17.42
CA ASN C 63 24.66 13.94 -16.66
C ASN C 63 23.37 13.33 -17.17
N VAL C 64 23.26 12.03 -16.96
CA VAL C 64 22.05 11.32 -17.26
C VAL C 64 21.09 11.61 -16.09
N ARG C 65 19.86 12.06 -16.42
CA ARG C 65 18.88 12.49 -15.45
C ARG C 65 17.59 11.88 -15.95
N PHE C 66 16.68 11.53 -15.02
CA PHE C 66 15.45 10.88 -15.40
C PHE C 66 14.28 11.82 -15.29
N GLY C 67 13.59 12.07 -16.40
CA GLY C 67 12.48 13.00 -16.41
C GLY C 67 11.21 12.20 -16.29
N ILE C 68 10.78 11.82 -15.07
CA ILE C 68 9.56 11.03 -14.98
C ILE C 68 8.34 11.92 -15.27
N HIS C 69 7.54 11.46 -16.22
CA HIS C 69 6.35 12.19 -16.65
C HIS C 69 5.14 11.35 -16.38
N PRO C 70 4.52 11.51 -15.21
CA PRO C 70 3.49 10.61 -14.67
C PRO C 70 2.25 10.33 -15.54
N VAL C 71 1.77 11.34 -16.22
CA VAL C 71 0.73 11.19 -17.21
C VAL C 71 1.40 10.48 -18.37
N ALA C 72 1.25 9.15 -18.40
CA ALA C 72 1.98 8.33 -19.36
C ALA C 72 1.33 6.96 -19.50
N GLY C 73 0.65 6.68 -20.60
CA GLY C 73 0.43 5.32 -21.06
C GLY C 73 -0.56 4.52 -20.22
N ARG C 74 -0.08 3.81 -19.21
CA ARG C 74 -0.87 2.82 -18.44
C ARG C 74 -0.37 2.88 -17.00
N LEU C 75 -1.31 3.33 -16.16
CA LEU C 75 -1.14 3.40 -14.71
C LEU C 75 0.00 4.29 -14.19
N PRO C 76 -0.31 5.33 -13.39
CA PRO C 76 0.66 6.09 -12.63
C PRO C 76 1.28 5.19 -11.56
N GLY C 77 2.39 5.61 -10.96
CA GLY C 77 3.17 4.74 -10.10
C GLY C 77 3.92 3.73 -10.93
N HIS C 78 3.62 2.44 -10.78
CA HIS C 78 3.84 1.40 -11.80
C HIS C 78 5.25 1.39 -12.39
N MET C 79 5.58 2.27 -13.33
CA MET C 79 6.89 2.27 -13.98
C MET C 79 7.95 2.67 -12.98
N ASN C 80 7.63 3.59 -12.08
CA ASN C 80 8.59 4.07 -11.10
C ASN C 80 9.00 2.92 -10.20
N VAL C 81 8.06 2.01 -9.92
CA VAL C 81 8.34 0.83 -9.13
C VAL C 81 9.31 -0.09 -9.85
N LEU C 82 9.12 -0.25 -11.15
CA LEU C 82 9.95 -1.08 -12.00
C LEU C 82 11.36 -0.48 -12.10
N LEU C 83 11.44 0.85 -11.99
CA LEU C 83 12.72 1.53 -11.92
C LEU C 83 13.42 1.18 -10.61
N ALA C 84 12.73 1.25 -9.47
CA ALA C 84 13.32 0.88 -8.20
C ALA C 84 13.82 -0.56 -8.15
N GLU C 85 12.99 -1.53 -8.57
CA GLU C 85 13.38 -2.95 -8.58
C GLU C 85 14.61 -3.11 -9.46
N ALA C 86 14.62 -2.69 -10.71
CA ALA C 86 15.79 -2.76 -11.60
C ALA C 86 16.94 -1.83 -11.18
N LYS C 87 16.93 -1.16 -10.02
CA LYS C 87 18.04 -0.36 -9.45
C LYS C 87 18.42 0.87 -10.25
N VAL C 88 17.43 1.45 -10.94
CA VAL C 88 17.63 2.70 -11.64
C VAL C 88 17.71 3.74 -10.53
N PRO C 89 18.80 4.51 -10.38
CA PRO C 89 19.03 5.42 -9.24
C PRO C 89 17.96 6.46 -8.99
N TYR C 90 17.28 6.39 -7.83
CA TYR C 90 16.32 7.44 -7.43
C TYR C 90 16.95 8.80 -7.26
N ASP C 91 18.29 8.79 -7.04
CA ASP C 91 19.18 9.93 -7.15
C ASP C 91 18.90 10.76 -8.40
N ILE C 92 18.94 10.13 -9.56
CA ILE C 92 18.71 10.88 -10.80
C ILE C 92 17.25 10.74 -11.27
N VAL C 93 16.50 9.86 -10.68
CA VAL C 93 15.06 9.74 -11.00
C VAL C 93 14.27 10.90 -10.39
N LEU C 94 13.80 11.81 -11.26
CA LEU C 94 12.99 12.91 -10.82
C LEU C 94 11.55 12.71 -11.23
N GLU C 95 10.76 12.17 -10.28
CA GLU C 95 9.36 11.93 -10.48
C GLU C 95 8.58 13.25 -10.49
N MET C 96 8.44 13.76 -11.72
CA MET C 96 7.83 15.05 -12.01
C MET C 96 8.34 16.24 -11.21
N ASP C 97 9.25 16.96 -11.87
CA ASP C 97 9.90 18.16 -11.33
C ASP C 97 10.41 18.97 -12.51
N GLU C 98 10.75 20.25 -12.35
CA GLU C 98 11.32 20.99 -13.46
C GLU C 98 12.84 20.78 -13.55
N ILE C 99 13.08 19.81 -14.41
CA ILE C 99 14.43 19.60 -14.96
C ILE C 99 14.45 20.23 -16.38
N ASN C 100 13.82 21.40 -16.51
CA ASN C 100 13.39 21.99 -17.75
C ASN C 100 14.62 22.58 -18.47
N ASP C 101 15.60 23.04 -17.67
CA ASP C 101 16.90 23.45 -18.13
C ASP C 101 17.70 22.32 -18.76
N ASP C 102 18.01 21.28 -17.95
CA ASP C 102 18.80 20.14 -18.45
C ASP C 102 18.05 19.36 -19.53
N PHE C 103 16.71 19.50 -19.59
CA PHE C 103 15.91 18.98 -20.67
C PHE C 103 16.39 19.55 -22.02
N ALA C 104 16.35 20.85 -22.17
CA ALA C 104 16.91 21.52 -23.36
C ALA C 104 18.42 21.34 -23.50
N ASP C 105 19.14 21.23 -22.39
CA ASP C 105 20.55 20.94 -22.39
C ASP C 105 20.85 19.56 -22.95
N THR C 106 19.97 18.57 -22.87
CA THR C 106 20.21 17.26 -23.43
C THR C 106 20.12 17.35 -24.96
N ASP C 107 21.18 16.89 -25.57
CA ASP C 107 21.27 16.90 -27.03
C ASP C 107 20.33 15.84 -27.64
N THR C 108 20.30 14.61 -27.07
CA THR C 108 19.44 13.55 -27.55
C THR C 108 18.57 12.98 -26.42
N VAL C 109 17.30 13.35 -26.45
CA VAL C 109 16.39 13.06 -25.37
C VAL C 109 15.79 11.66 -25.60
N LEU C 110 15.98 10.73 -24.67
CA LEU C 110 15.60 9.36 -24.89
C LEU C 110 14.17 9.17 -24.42
N VAL C 111 13.20 9.31 -25.34
CA VAL C 111 11.83 8.96 -25.02
C VAL C 111 11.61 7.47 -25.24
N ILE C 112 11.44 6.68 -24.15
CA ILE C 112 11.35 5.24 -24.29
C ILE C 112 9.97 4.82 -24.76
N GLY C 113 9.81 4.75 -26.08
CA GLY C 113 8.66 4.15 -26.69
C GLY C 113 7.49 5.11 -26.88
N ALA C 114 6.85 5.44 -25.79
CA ALA C 114 5.58 6.14 -25.81
C ALA C 114 5.72 7.64 -26.15
N ASN C 115 5.28 7.95 -27.35
CA ASN C 115 5.31 9.30 -27.90
C ASN C 115 4.40 10.32 -27.19
N ASP C 116 3.10 10.07 -27.11
CA ASP C 116 2.14 11.12 -26.68
C ASP C 116 2.36 11.72 -25.31
N THR C 117 3.13 10.98 -24.52
CA THR C 117 3.64 11.35 -23.21
C THR C 117 4.18 12.79 -23.22
N VAL C 118 4.94 13.15 -24.28
CA VAL C 118 5.56 14.47 -24.42
C VAL C 118 5.16 15.11 -25.74
N ASN C 119 3.89 14.92 -26.14
CA ASN C 119 3.45 15.44 -27.44
C ASN C 119 3.20 16.96 -27.37
N PRO C 120 3.98 17.78 -28.06
CA PRO C 120 3.87 19.24 -28.09
C PRO C 120 2.60 19.74 -28.69
N ALA C 121 2.07 19.02 -29.70
CA ALA C 121 0.76 19.41 -30.23
C ALA C 121 -0.31 19.24 -29.18
N ALA C 122 -0.10 18.26 -28.27
CA ALA C 122 -1.00 18.07 -27.13
C ALA C 122 -0.93 19.20 -26.11
N GLN C 123 0.11 20.02 -26.05
CA GLN C 123 -0.05 21.28 -25.35
C GLN C 123 -0.60 22.44 -26.23
N ASP C 124 0.19 22.68 -27.24
CA ASP C 124 0.05 23.85 -28.08
C ASP C 124 -1.25 23.90 -28.89
N ASP C 125 -1.60 22.78 -29.51
CA ASP C 125 -2.69 22.70 -30.50
C ASP C 125 -4.10 22.61 -29.91
N PRO C 126 -4.98 23.56 -30.22
CA PRO C 126 -6.37 23.57 -29.84
C PRO C 126 -7.13 22.60 -30.72
N LYS C 127 -6.99 21.32 -30.41
CA LYS C 127 -7.50 20.19 -31.16
C LYS C 127 -6.99 18.91 -30.53
N SER C 128 -5.85 18.90 -29.81
CA SER C 128 -5.43 17.70 -29.13
C SER C 128 -6.35 17.35 -27.98
N PRO C 129 -6.88 16.13 -27.92
CA PRO C 129 -7.77 15.68 -26.86
C PRO C 129 -7.16 15.80 -25.47
N ILE C 130 -6.02 15.14 -25.22
CA ILE C 130 -5.25 15.29 -24.02
C ILE C 130 -4.52 16.62 -23.96
N ALA C 131 -5.30 17.70 -23.88
CA ALA C 131 -4.80 19.03 -24.02
C ALA C 131 -4.00 19.50 -22.81
N GLY C 132 -3.07 20.39 -23.16
CA GLY C 132 -2.20 21.01 -22.16
C GLY C 132 -1.30 19.95 -21.61
N MET C 133 -0.60 19.21 -22.45
CA MET C 133 0.37 18.23 -22.00
C MET C 133 1.66 18.91 -21.54
N PRO C 134 2.19 18.62 -20.36
CA PRO C 134 3.51 19.08 -19.89
C PRO C 134 4.62 18.51 -20.77
N VAL C 135 5.14 19.33 -21.65
CA VAL C 135 6.20 18.94 -22.57
C VAL C 135 7.26 19.94 -22.17
N LEU C 136 8.16 19.56 -21.26
CA LEU C 136 9.10 20.49 -20.66
C LEU C 136 10.21 20.89 -21.63
N GLU C 137 9.86 21.81 -22.52
CA GLU C 137 10.55 22.23 -23.72
C GLU C 137 11.06 21.21 -24.71
N VAL C 138 10.75 19.95 -24.45
CA VAL C 138 11.27 18.83 -25.21
C VAL C 138 10.68 18.56 -26.60
N TRP C 139 10.84 19.55 -27.49
CA TRP C 139 10.49 19.42 -28.88
C TRP C 139 11.27 20.45 -29.71
N LYS C 140 11.05 20.39 -31.02
CA LYS C 140 11.55 21.31 -32.03
C LYS C 140 13.07 21.36 -32.19
N ALA C 141 13.81 21.68 -31.13
CA ALA C 141 15.26 21.55 -31.15
C ALA C 141 15.60 20.15 -30.65
N GLN C 142 16.91 19.83 -30.72
CA GLN C 142 17.49 18.62 -30.17
C GLN C 142 17.04 17.29 -30.77
N ASN C 143 17.83 16.24 -30.64
CA ASN C 143 17.51 14.89 -31.10
C ASN C 143 16.59 14.28 -30.07
N VAL C 144 15.33 14.64 -30.12
CA VAL C 144 14.37 14.13 -29.15
C VAL C 144 13.88 12.81 -29.70
N ILE C 145 14.67 11.81 -29.41
CA ILE C 145 14.45 10.52 -30.03
C ILE C 145 13.49 9.58 -29.27
N VAL C 146 12.36 9.48 -29.95
CA VAL C 146 11.26 8.64 -29.48
C VAL C 146 11.38 7.29 -30.21
N PHE C 147 11.77 6.27 -29.45
CA PHE C 147 11.91 4.94 -30.05
C PHE C 147 10.53 4.41 -30.37
N LYS C 148 10.09 4.45 -31.62
CA LYS C 148 8.74 4.06 -31.98
C LYS C 148 8.78 3.09 -33.16
N ARG C 149 8.02 2.01 -33.04
CA ARG C 149 7.91 1.04 -34.12
C ARG C 149 6.84 1.61 -35.06
N SER C 150 5.56 1.28 -34.94
CA SER C 150 4.53 1.83 -35.84
C SER C 150 4.31 3.31 -35.57
N MET C 151 4.30 4.15 -36.58
CA MET C 151 3.73 5.47 -36.45
C MET C 151 2.19 5.34 -36.46
N ASN C 152 1.72 5.23 -35.23
CA ASN C 152 0.34 5.10 -34.90
C ASN C 152 -0.02 6.06 -33.76
N THR C 153 -1.25 6.48 -33.73
CA THR C 153 -1.79 7.25 -32.64
C THR C 153 -1.79 6.45 -31.34
N GLY C 154 -1.68 7.12 -30.17
CA GLY C 154 -1.99 6.44 -28.91
C GLY C 154 -3.25 7.07 -28.36
N TYR C 155 -3.12 8.22 -27.68
CA TYR C 155 -4.23 9.01 -27.19
C TYR C 155 -4.35 10.30 -27.94
N ALA C 156 -3.25 11.05 -28.14
CA ALA C 156 -3.29 12.15 -29.09
C ALA C 156 -2.96 11.66 -30.48
N GLY C 157 -1.69 11.26 -30.69
CA GLY C 157 -1.16 10.93 -32.00
C GLY C 157 -1.40 11.99 -33.08
N VAL C 158 -1.45 13.25 -32.71
CA VAL C 158 -1.68 14.35 -33.62
C VAL C 158 -0.36 14.90 -34.13
N GLN C 159 -0.40 15.50 -35.33
CA GLN C 159 0.75 16.16 -35.94
C GLN C 159 1.66 17.02 -35.10
N ASN C 160 2.89 16.58 -34.88
CA ASN C 160 3.75 17.27 -33.97
C ASN C 160 5.22 16.97 -34.28
N PRO C 161 6.16 17.84 -33.83
CA PRO C 161 7.62 17.64 -33.98
C PRO C 161 8.03 16.17 -33.80
N LEU C 162 7.75 15.51 -32.67
CA LEU C 162 8.17 14.14 -32.37
C LEU C 162 8.04 13.12 -33.52
N PHE C 163 7.02 13.37 -34.33
CA PHE C 163 6.76 12.53 -35.49
C PHE C 163 7.55 13.09 -36.63
N PHE C 164 7.32 14.34 -37.00
CA PHE C 164 7.72 14.84 -38.29
C PHE C 164 9.12 15.49 -38.37
N LYS C 165 9.79 15.75 -37.23
CA LYS C 165 11.08 16.39 -37.25
C LYS C 165 12.17 15.36 -37.46
N GLU C 166 13.25 15.87 -38.05
CA GLU C 166 14.46 15.08 -38.27
C GLU C 166 15.28 14.99 -36.98
N ASN C 167 15.24 16.04 -36.18
CA ASN C 167 15.91 16.07 -34.88
C ASN C 167 14.93 15.62 -33.80
N THR C 168 13.79 16.28 -33.50
CA THR C 168 12.81 15.73 -32.56
C THR C 168 12.17 14.58 -33.35
N HIS C 169 12.52 13.32 -33.09
CA HIS C 169 12.42 12.32 -34.14
C HIS C 169 11.99 10.98 -33.62
N MET C 170 11.08 10.33 -34.33
CA MET C 170 10.83 8.92 -34.16
C MET C 170 12.05 8.14 -34.62
N LEU C 171 12.69 7.37 -33.73
CA LEU C 171 13.70 6.40 -34.13
C LEU C 171 12.99 5.14 -34.57
N PHE C 172 13.46 4.41 -35.55
CA PHE C 172 12.70 3.36 -36.18
C PHE C 172 13.03 2.13 -35.37
N GLY C 173 12.13 1.79 -34.46
CA GLY C 173 12.20 0.49 -33.83
C GLY C 173 11.52 0.54 -32.47
N ASP C 174 11.29 -0.66 -31.95
CA ASP C 174 10.85 -0.96 -30.59
C ASP C 174 11.71 -0.26 -29.53
N ALA C 175 11.12 0.00 -28.36
CA ALA C 175 11.76 0.65 -27.24
C ALA C 175 12.97 -0.16 -26.77
N LYS C 176 12.77 -1.44 -26.42
CA LYS C 176 13.85 -2.26 -25.91
C LYS C 176 14.90 -2.58 -26.98
N ALA C 177 14.46 -2.87 -28.21
CA ALA C 177 15.30 -3.17 -29.33
C ALA C 177 16.34 -2.05 -29.55
N SER C 178 15.84 -0.82 -29.45
CA SER C 178 16.70 0.33 -29.57
C SER C 178 17.55 0.54 -28.30
N VAL C 179 17.01 0.38 -27.08
CA VAL C 179 17.78 0.55 -25.86
C VAL C 179 18.92 -0.47 -25.75
N ASP C 180 18.70 -1.78 -25.83
CA ASP C 180 19.76 -2.77 -25.78
C ASP C 180 20.84 -2.55 -26.82
N ALA C 181 20.48 -2.15 -28.02
CA ALA C 181 21.44 -1.70 -29.00
C ALA C 181 22.29 -0.59 -28.44
N ILE C 182 21.73 0.53 -27.96
CA ILE C 182 22.58 1.65 -27.51
C ILE C 182 23.41 1.36 -26.27
N LEU C 183 22.82 0.50 -25.40
CA LEU C 183 23.44 -0.12 -24.23
C LEU C 183 24.79 -0.73 -24.52
N LYS C 184 24.79 -1.64 -25.49
CA LYS C 184 25.99 -2.33 -25.85
C LYS C 184 26.94 -1.45 -26.68
N ALA C 185 26.32 -0.61 -27.46
CA ALA C 185 27.05 0.34 -28.27
C ALA C 185 27.75 1.40 -27.38
N LEU C 186 27.11 2.52 -27.09
CA LEU C 186 27.77 3.78 -26.81
C LEU C 186 28.80 4.16 -27.88
PA NAD D . -13.72 9.63 -12.12
O1A NAD D . -13.11 8.72 -11.14
O2A NAD D . -13.70 11.10 -11.88
O5B NAD D . -15.25 9.16 -12.39
C5B NAD D . -15.71 7.83 -12.09
C4B NAD D . -15.09 6.74 -12.96
O4B NAD D . -15.86 5.54 -12.82
C3B NAD D . -15.09 7.08 -14.42
O3B NAD D . -13.95 6.54 -15.10
C2B NAD D . -16.40 6.47 -14.91
O2B NAD D . -16.31 6.19 -16.31
C1B NAD D . -16.46 5.19 -14.07
N9A NAD D . -17.83 4.62 -13.96
C8A NAD D . -19.01 5.26 -14.02
N7A NAD D . -20.03 4.41 -14.03
C5A NAD D . -19.45 3.23 -13.95
C6A NAD D . -20.11 2.02 -14.00
N6A NAD D . -21.43 1.94 -14.22
N1A NAD D . -19.35 0.92 -14.01
C2A NAD D . -18.01 0.99 -13.97
N3A NAD D . -17.37 2.14 -13.94
C4A NAD D . -18.06 3.32 -13.92
O3 NAD D . -13.04 9.35 -13.57
PN NAD D . -11.60 9.22 -14.23
O1N NAD D . -11.61 8.25 -15.37
O2N NAD D . -10.58 9.06 -13.16
O5D NAD D . -11.32 10.69 -14.86
C5D NAD D . -12.15 11.35 -15.84
C4D NAD D . -11.49 11.58 -17.18
O4D NAD D . -10.16 12.14 -17.07
C3D NAD D . -11.26 10.30 -17.97
O3D NAD D . -12.40 9.85 -18.71
C2D NAD D . -10.20 10.70 -18.97
O2D NAD D . -10.83 11.12 -20.22
C1D NAD D . -9.46 11.86 -18.30
N1N NAD D . -8.04 11.56 -18.07
C2N NAD D . -7.11 12.52 -18.57
C3N NAD D . -5.73 12.33 -18.27
C7N NAD D . -4.66 13.25 -18.78
O7N NAD D . -3.62 13.43 -18.16
N7N NAD D . -4.91 13.89 -19.94
C4N NAD D . -5.36 11.24 -17.49
C5N NAD D . -6.27 10.29 -16.98
C6N NAD D . -7.62 10.46 -17.31
HO3A NAD D . -13.99 5.55 -15.12
HO2A NAD D . -15.71 5.39 -16.47
H61A NAD D . -21.91 1.04 -14.25
H62A NAD D . -21.92 2.78 -14.45
HO3N NAD D . -12.00 9.30 -19.45
HO2N NAD D . -11.68 11.59 -19.95
H71N NAD D . -5.78 13.78 -20.43
H72N NAD D . -4.20 14.48 -20.40
PA NAP E . -0.07 5.78 -25.34
O1A NAP E . -0.80 6.90 -26.02
O2A NAP E . -0.85 4.66 -24.72
O5B NAP E . 1.02 5.11 -26.33
C5B NAP E . 1.73 5.92 -27.31
C4B NAP E . 2.69 5.07 -28.12
O4B NAP E . 3.53 4.26 -27.31
C3B NAP E . 2.03 4.09 -29.08
O3B NAP E . 1.66 4.77 -30.31
C2B NAP E . 3.08 3.03 -29.30
O2B NAP E . 3.57 3.04 -30.66
C1B NAP E . 4.17 3.41 -28.28
N9A NAP E . 4.89 2.24 -27.71
C8A NAP E . 4.45 1.45 -26.72
N7A NAP E . 5.34 0.47 -26.46
C5A NAP E . 6.31 0.72 -27.31
C6A NAP E . 7.42 -0.10 -27.55
N6A NAP E . 7.61 -1.28 -26.93
N1A NAP E . 8.23 0.27 -28.55
C2A NAP E . 7.98 1.32 -29.32
N3A NAP E . 6.91 2.11 -29.12
C4A NAP E . 6.07 1.81 -28.11
O3 NAP E . 0.84 6.41 -24.17
PN NAP E . 1.59 7.80 -23.91
O1N NAP E . 2.47 8.18 -25.03
O2N NAP E . 2.23 7.75 -22.56
O5D NAP E . 0.37 8.86 -23.82
C5D NAP E . 0.13 9.60 -22.60
C4D NAP E . -1.31 9.35 -22.25
O4D NAP E . -1.56 8.08 -21.62
C3D NAP E . -1.84 10.37 -21.29
O3D NAP E . -2.14 11.63 -21.89
C2D NAP E . -3.13 9.69 -20.87
O2D NAP E . -4.21 10.07 -21.73
C1D NAP E . -2.84 8.21 -20.97
N1N NAP E . -2.96 7.56 -19.65
C2N NAP E . -1.96 7.71 -18.67
C3N NAP E . -2.19 7.27 -17.37
C7N NAP E . -1.18 7.59 -16.27
O7N NAP E . -1.54 8.28 -15.30
N7N NAP E . 0.05 7.14 -16.40
C4N NAP E . -3.38 6.64 -17.06
C5N NAP E . -4.41 6.49 -18.02
C6N NAP E . -4.20 6.95 -19.32
P2B NAP E . 4.12 1.71 -31.39
O1X NAP E . 5.44 2.17 -31.88
O2X NAP E . 3.14 1.33 -32.42
O3X NAP E . 4.16 0.72 -30.29
HO3A NAP E . 1.07 4.12 -30.81
H61A NAP E . 6.89 -1.63 -26.35
H62A NAP E . 8.36 -1.90 -27.19
HO3N NAP E . -3.14 11.69 -22.08
HO2N NAP E . -5.06 9.57 -21.47
H71N NAP E . 0.27 6.47 -17.12
H72N NAP E . 0.74 7.48 -15.78
N HIS A 7 -13.97 -42.01 18.25
CA HIS A 7 -13.33 -41.95 16.98
C HIS A 7 -12.39 -40.74 17.06
N GLY A 8 -11.47 -40.58 16.08
CA GLY A 8 -10.62 -39.41 15.95
C GLY A 8 -11.43 -38.19 15.52
N ARG A 9 -12.31 -37.71 16.39
CA ARG A 9 -13.01 -36.48 16.11
C ARG A 9 -12.09 -35.29 16.45
N ILE A 10 -11.86 -34.40 15.52
CA ILE A 10 -11.15 -33.16 15.79
C ILE A 10 -12.21 -32.08 16.04
N GLY A 11 -12.04 -31.29 17.10
CA GLY A 11 -12.89 -30.13 17.33
C GLY A 11 -12.10 -28.88 16.99
N ILE A 12 -12.65 -28.00 16.14
CA ILE A 12 -12.06 -26.71 15.89
C ILE A 12 -12.94 -25.78 16.69
N PRO A 13 -12.44 -25.21 17.80
CA PRO A 13 -13.14 -24.18 18.53
C PRO A 13 -13.07 -22.85 17.77
N ARG A 14 -13.93 -21.96 18.26
CA ARG A 14 -13.77 -20.52 18.10
C ARG A 14 -12.83 -20.16 19.23
N GLU A 15 -11.79 -19.40 18.97
CA GLU A 15 -10.83 -19.05 20.01
C GLU A 15 -11.37 -18.36 21.25
N ARG A 16 -10.91 -18.85 22.37
CA ARG A 16 -11.45 -18.46 23.64
C ARG A 16 -10.56 -17.43 24.32
N LEU A 17 -9.45 -17.05 23.69
CA LEU A 17 -8.62 -15.92 24.11
C LEU A 17 -9.43 -14.65 23.82
N THR A 18 -9.49 -13.68 24.73
CA THR A 18 -10.33 -12.48 24.59
C THR A 18 -9.99 -11.76 23.29
N ASN A 19 -11.01 -11.33 22.52
CA ASN A 19 -10.87 -10.59 21.29
C ASN A 19 -10.11 -11.27 20.18
N GLU A 20 -10.13 -12.58 20.16
CA GLU A 20 -9.30 -13.28 19.17
C GLU A 20 -10.08 -13.45 17.89
N THR A 21 -9.34 -13.43 16.81
CA THR A 21 -9.89 -13.64 15.49
C THR A 21 -9.29 -14.92 14.84
N ARG A 22 -8.21 -15.41 15.42
CA ARG A 22 -7.63 -16.68 15.00
C ARG A 22 -8.53 -17.89 15.27
N VAL A 23 -8.77 -18.66 14.18
CA VAL A 23 -9.32 -19.98 14.27
C VAL A 23 -8.30 -20.93 13.64
N ALA A 24 -8.25 -22.19 14.09
CA ALA A 24 -7.29 -23.16 13.60
C ALA A 24 -7.31 -23.48 12.12
N ALA A 25 -8.47 -23.84 11.59
CA ALA A 25 -8.57 -24.41 10.25
C ALA A 25 -9.63 -23.71 9.39
N THR A 26 -9.32 -23.57 8.08
CA THR A 26 -10.28 -23.15 7.07
C THR A 26 -11.14 -24.33 6.64
N PRO A 27 -12.17 -24.17 5.79
CA PRO A 27 -12.88 -25.30 5.14
C PRO A 27 -11.89 -26.23 4.40
N LYS A 28 -10.88 -25.59 3.84
CA LYS A 28 -9.76 -26.28 3.22
C LYS A 28 -9.09 -27.26 4.16
N THR A 29 -8.61 -26.79 5.28
CA THR A 29 -7.85 -27.65 6.18
C THR A 29 -8.73 -28.59 6.99
N VAL A 30 -10.02 -28.25 7.14
CA VAL A 30 -11.03 -29.21 7.59
C VAL A 30 -11.05 -30.40 6.63
N GLU A 31 -11.14 -30.14 5.32
CA GLU A 31 -11.12 -31.23 4.34
C GLU A 31 -9.81 -31.97 4.28
N GLN A 32 -8.66 -31.30 4.51
CA GLN A 32 -7.39 -31.99 4.67
C GLN A 32 -7.42 -32.99 5.82
N LEU A 33 -7.87 -32.64 7.04
CA LEU A 33 -7.99 -33.58 8.16
C LEU A 33 -8.91 -34.76 7.89
N LEU A 34 -10.00 -34.44 7.20
CA LEU A 34 -10.92 -35.44 6.69
C LEU A 34 -10.23 -36.42 5.73
N LYS A 35 -9.34 -35.98 4.86
CA LYS A 35 -8.54 -36.85 4.00
C LYS A 35 -7.49 -37.64 4.75
N LEU A 36 -7.02 -37.15 5.88
CA LEU A 36 -6.30 -37.96 6.86
C LEU A 36 -7.22 -39.03 7.46
N GLY A 37 -8.47 -38.73 7.76
CA GLY A 37 -9.35 -39.73 8.34
C GLY A 37 -9.77 -39.32 9.73
N PHE A 38 -9.57 -38.06 10.09
CA PHE A 38 -10.18 -37.57 11.30
C PHE A 38 -11.53 -36.96 10.91
N THR A 39 -12.49 -37.05 11.79
CA THR A 39 -13.79 -36.47 11.53
C THR A 39 -13.86 -35.14 12.25
N VAL A 40 -14.03 -34.09 11.47
CA VAL A 40 -13.92 -32.74 11.99
C VAL A 40 -15.28 -32.21 12.50
N ALA A 41 -15.24 -31.47 13.62
CA ALA A 41 -16.38 -30.85 14.19
C ALA A 41 -15.98 -29.40 14.37
N VAL A 42 -16.83 -28.43 14.02
CA VAL A 42 -16.46 -27.03 14.12
C VAL A 42 -17.41 -26.29 15.06
N GLU A 43 -16.91 -25.35 15.81
CA GLU A 43 -17.74 -24.55 16.69
C GLU A 43 -18.59 -23.59 15.89
N SER A 44 -19.90 -23.53 16.15
CA SER A 44 -20.69 -22.43 15.65
C SER A 44 -20.12 -21.16 16.26
N GLY A 45 -19.51 -20.33 15.43
CA GLY A 45 -18.80 -19.17 15.93
C GLY A 45 -17.41 -19.09 15.33
N ALA A 46 -16.83 -20.26 15.07
CA ALA A 46 -15.46 -20.36 14.56
C ALA A 46 -15.41 -19.73 13.19
N GLY A 47 -16.44 -19.92 12.34
CA GLY A 47 -16.60 -19.19 11.09
C GLY A 47 -16.51 -17.69 11.29
N GLN A 48 -17.25 -17.19 12.29
CA GLN A 48 -17.34 -15.75 12.54
C GLN A 48 -16.00 -15.18 12.97
N LEU A 49 -15.13 -15.91 13.68
CA LEU A 49 -13.76 -15.47 13.80
C LEU A 49 -13.02 -15.59 12.48
N ALA A 50 -12.95 -16.77 11.87
CA ALA A 50 -12.15 -17.00 10.66
C ALA A 50 -12.73 -16.27 9.41
N SER A 51 -13.70 -15.36 9.59
CA SER A 51 -14.25 -14.53 8.56
C SER A 51 -14.97 -15.30 7.45
N PHE A 52 -15.98 -16.02 7.95
CA PHE A 52 -16.92 -16.84 7.18
C PHE A 52 -18.24 -16.84 7.97
N ASP A 53 -19.36 -17.29 7.42
CA ASP A 53 -20.41 -17.86 8.24
C ASP A 53 -20.23 -19.38 8.18
N ASP A 54 -20.66 -20.04 9.26
CA ASP A 54 -20.32 -21.42 9.51
C ASP A 54 -20.79 -22.40 8.42
N LYS A 55 -21.73 -22.06 7.53
CA LYS A 55 -22.12 -22.90 6.41
C LYS A 55 -20.92 -23.28 5.56
N ALA A 56 -19.82 -22.48 5.53
CA ALA A 56 -18.56 -22.85 4.90
C ALA A 56 -18.04 -24.20 5.39
N PHE A 57 -17.93 -24.31 6.70
CA PHE A 57 -17.44 -25.52 7.32
C PHE A 57 -18.34 -26.73 7.06
N VAL A 58 -19.66 -26.50 6.98
CA VAL A 58 -20.62 -27.51 6.60
C VAL A 58 -20.34 -27.96 5.17
N GLN A 59 -20.04 -27.02 4.30
CA GLN A 59 -19.81 -27.27 2.89
C GLN A 59 -18.61 -28.14 2.67
N ALA A 60 -17.55 -27.82 3.44
CA ALA A 60 -16.38 -28.66 3.53
C ALA A 60 -16.74 -30.02 4.06
N GLY A 61 -17.43 -30.04 5.20
CA GLY A 61 -17.79 -31.29 5.82
C GLY A 61 -17.24 -31.35 7.20
N ALA A 62 -17.87 -30.61 8.09
CA ALA A 62 -17.49 -30.55 9.48
C ALA A 62 -18.78 -30.47 10.26
N GLU A 63 -18.92 -31.38 11.25
CA GLU A 63 -20.08 -31.41 12.12
C GLU A 63 -20.21 -30.13 12.95
N ILE A 64 -21.29 -29.37 12.81
CA ILE A 64 -21.42 -28.12 13.54
C ILE A 64 -22.08 -28.36 14.91
N VAL A 65 -21.31 -27.90 15.90
CA VAL A 65 -21.62 -28.06 17.29
C VAL A 65 -21.16 -26.80 18.00
N GLU A 66 -21.73 -26.55 19.16
CA GLU A 66 -21.34 -25.40 19.99
C GLU A 66 -20.17 -25.71 20.94
N GLY A 67 -19.59 -24.64 21.54
CA GLY A 67 -18.39 -24.71 22.36
C GLY A 67 -18.13 -25.98 23.16
N ASN A 68 -18.91 -26.29 24.19
CA ASN A 68 -18.56 -27.37 25.10
C ASN A 68 -18.56 -28.73 24.41
N SER A 69 -19.49 -28.84 23.44
CA SER A 69 -19.68 -30.05 22.65
C SER A 69 -18.51 -30.15 21.65
N VAL A 70 -18.02 -29.07 20.99
CA VAL A 70 -16.92 -29.17 20.05
C VAL A 70 -15.61 -29.51 20.77
N TRP A 71 -15.55 -29.14 22.04
CA TRP A 71 -14.42 -29.51 22.88
C TRP A 71 -14.35 -30.98 23.13
N GLN A 72 -15.50 -31.65 23.14
CA GLN A 72 -15.54 -33.07 23.49
C GLN A 72 -15.14 -33.85 22.26
N SER A 73 -13.84 -33.91 22.01
CA SER A 73 -13.28 -34.46 20.78
C SER A 73 -11.94 -35.10 21.09
N GLU A 74 -11.47 -35.98 20.19
CA GLU A 74 -10.25 -36.73 20.38
C GLU A 74 -9.10 -35.75 20.27
N ILE A 75 -9.13 -34.85 19.31
CA ILE A 75 -8.08 -33.88 19.08
C ILE A 75 -8.80 -32.54 19.21
N ILE A 76 -8.19 -31.55 19.85
CA ILE A 76 -8.73 -30.19 19.83
C ILE A 76 -7.67 -29.34 19.19
N LEU A 77 -8.05 -28.58 18.15
CA LEU A 77 -7.17 -27.65 17.54
C LEU A 77 -7.63 -26.26 17.93
N LYS A 78 -7.12 -25.80 19.05
CA LYS A 78 -7.23 -24.42 19.43
C LYS A 78 -6.05 -23.69 18.81
N VAL A 79 -6.05 -22.34 18.89
CA VAL A 79 -4.86 -21.64 18.50
C VAL A 79 -4.10 -21.27 19.80
N ASN A 80 -4.54 -20.23 20.51
CA ASN A 80 -3.69 -19.58 21.47
C ASN A 80 -4.10 -20.06 22.85
N ALA A 81 -3.12 -20.30 23.70
CA ALA A 81 -3.23 -20.60 25.13
C ALA A 81 -4.49 -21.30 25.66
N PRO A 82 -4.46 -22.60 25.97
CA PRO A 82 -5.60 -23.31 26.52
C PRO A 82 -5.75 -22.98 27.99
N LEU A 83 -6.55 -21.93 28.24
CA LEU A 83 -6.66 -21.36 29.55
C LEU A 83 -7.41 -22.23 30.56
N ASP A 84 -7.55 -21.76 31.79
CA ASP A 84 -8.12 -22.55 32.86
C ASP A 84 -9.50 -23.13 32.62
N ASP A 85 -10.39 -22.39 31.93
CA ASP A 85 -11.68 -22.87 31.52
C ASP A 85 -11.54 -23.97 30.49
N GLU A 86 -10.69 -23.75 29.43
CA GLU A 86 -10.39 -24.78 28.44
C GLU A 86 -9.90 -26.05 29.11
N ILE A 87 -9.13 -25.96 30.18
CA ILE A 87 -8.70 -27.13 30.92
C ILE A 87 -9.91 -27.97 31.37
N ALA A 88 -10.97 -27.39 31.93
CA ALA A 88 -12.11 -28.19 32.35
C ALA A 88 -12.77 -28.84 31.13
N LEU A 89 -12.75 -28.13 29.99
CA LEU A 89 -13.31 -28.65 28.74
C LEU A 89 -12.50 -29.77 28.14
N LEU A 90 -11.17 -29.80 28.39
CA LEU A 90 -10.32 -30.89 27.94
C LEU A 90 -10.81 -32.23 28.44
N ASN A 91 -10.85 -33.19 27.49
CA ASN A 91 -11.26 -34.57 27.78
C ASN A 91 -9.92 -35.20 28.20
N PRO A 92 -9.80 -35.84 29.35
CA PRO A 92 -8.56 -36.43 29.83
C PRO A 92 -7.83 -37.43 28.95
N GLY A 93 -7.34 -37.01 27.78
CA GLY A 93 -6.84 -37.90 26.76
C GLY A 93 -6.53 -37.11 25.49
N THR A 94 -7.32 -36.07 25.25
CA THR A 94 -7.30 -35.22 24.05
C THR A 94 -5.93 -34.76 23.57
N THR A 95 -5.75 -34.96 22.27
CA THR A 95 -4.59 -34.42 21.59
C THR A 95 -4.81 -32.93 21.37
N LEU A 96 -4.30 -32.12 22.32
CA LEU A 96 -4.47 -30.67 22.26
C LEU A 96 -3.29 -30.08 21.50
N VAL A 97 -3.48 -29.92 20.20
CA VAL A 97 -2.39 -29.50 19.28
C VAL A 97 -2.66 -28.01 19.12
N SER A 98 -1.92 -27.18 19.85
CA SER A 98 -2.17 -25.75 19.86
C SER A 98 -0.95 -24.87 20.18
N PHE A 99 -0.99 -23.55 19.95
CA PHE A 99 -0.07 -22.61 20.55
C PHE A 99 -0.30 -22.54 22.08
N ILE A 100 0.38 -23.42 22.78
CA ILE A 100 0.18 -23.58 24.22
C ILE A 100 0.93 -22.53 25.00
N TRP A 101 2.07 -22.13 24.45
CA TRP A 101 3.05 -21.29 25.09
C TRP A 101 3.61 -21.95 26.36
N PRO A 102 4.03 -23.24 26.33
CA PRO A 102 4.36 -24.03 27.52
C PRO A 102 5.40 -23.44 28.45
N ALA A 103 6.51 -22.90 27.91
CA ALA A 103 7.58 -22.31 28.68
C ALA A 103 7.11 -21.05 29.36
N GLN A 104 6.22 -20.34 28.67
CA GLN A 104 5.64 -19.10 29.18
C GLN A 104 4.44 -19.40 30.07
N ASN A 105 4.04 -20.67 30.16
CA ASN A 105 2.90 -21.08 30.95
C ASN A 105 3.17 -22.26 31.88
N PRO A 106 4.04 -22.10 32.87
CA PRO A 106 4.47 -23.16 33.76
C PRO A 106 3.37 -23.79 34.58
N GLU A 107 2.48 -22.97 35.14
CA GLU A 107 1.37 -23.51 35.92
C GLU A 107 0.40 -24.20 34.98
N LEU A 108 0.11 -23.59 33.82
CA LEU A 108 -0.80 -24.15 32.83
C LEU A 108 -0.31 -25.54 32.39
N MET A 109 1.00 -25.71 32.21
CA MET A 109 1.62 -27.01 31.92
C MET A 109 1.28 -28.06 32.96
N GLN A 110 1.40 -27.75 34.26
CA GLN A 110 1.11 -28.65 35.35
C GLN A 110 -0.32 -29.08 35.31
N LYS A 111 -1.22 -28.14 35.04
CA LYS A 111 -2.66 -28.40 35.03
C LYS A 111 -3.07 -29.19 33.81
N LEU A 112 -2.40 -28.96 32.68
CA LEU A 112 -2.62 -29.74 31.47
C LEU A 112 -2.10 -31.17 31.69
N ALA A 113 -1.00 -31.32 32.45
CA ALA A 113 -0.56 -32.65 32.84
C ALA A 113 -1.53 -33.34 33.78
N GLU A 114 -2.10 -32.61 34.73
CA GLU A 114 -3.21 -32.98 35.58
C GLU A 114 -4.45 -33.42 34.82
N ARG A 115 -4.70 -32.84 33.64
CA ARG A 115 -5.74 -33.27 32.74
C ARG A 115 -5.42 -34.50 31.91
N ASN A 116 -4.36 -35.27 32.14
CA ASN A 116 -4.08 -36.55 31.46
C ASN A 116 -4.08 -36.47 29.92
N VAL A 117 -3.90 -35.30 29.33
CA VAL A 117 -4.03 -35.06 27.89
C VAL A 117 -2.72 -35.23 27.11
N THR A 118 -2.75 -35.14 25.79
CA THR A 118 -1.55 -35.17 24.95
C THR A 118 -1.41 -33.80 24.33
N VAL A 119 -0.68 -32.92 25.03
CA VAL A 119 -0.55 -31.53 24.68
C VAL A 119 0.67 -31.32 23.80
N MET A 120 0.35 -31.01 22.55
CA MET A 120 1.33 -30.72 21.55
C MET A 120 1.42 -29.23 21.31
N ALA A 121 2.59 -28.70 21.63
CA ALA A 121 2.78 -27.28 21.66
C ALA A 121 3.32 -26.80 20.33
N MET A 122 2.43 -26.38 19.44
CA MET A 122 2.82 -25.93 18.11
C MET A 122 3.81 -24.79 18.09
N ASP A 123 3.70 -23.88 19.06
CA ASP A 123 4.64 -22.77 19.24
C ASP A 123 6.04 -23.32 19.52
N SER A 124 6.13 -24.39 20.30
CA SER A 124 7.42 -24.95 20.70
C SER A 124 7.93 -26.09 19.81
N VAL A 125 7.53 -26.11 18.53
CA VAL A 125 8.16 -26.98 17.57
C VAL A 125 9.68 -26.81 17.53
N PRO A 126 10.53 -27.82 17.39
CA PRO A 126 11.95 -27.65 17.11
C PRO A 126 12.13 -27.05 15.73
N ARG A 127 12.83 -25.94 15.53
CA ARG A 127 12.66 -25.15 14.31
C ARG A 127 13.35 -25.66 13.05
N ILE A 128 13.69 -26.94 13.06
CA ILE A 128 14.57 -27.57 12.08
C ILE A 128 13.96 -27.76 10.70
N SER A 129 14.81 -28.10 9.72
CA SER A 129 14.37 -28.29 8.34
C SER A 129 13.33 -29.39 8.24
N ARG A 130 13.43 -30.51 8.95
CA ARG A 130 12.42 -31.57 8.98
C ARG A 130 11.09 -30.96 9.41
N ALA A 131 11.12 -29.99 10.34
CA ALA A 131 9.90 -29.39 10.82
C ALA A 131 9.20 -28.44 9.86
N GLN A 132 9.85 -27.81 8.90
CA GLN A 132 9.22 -26.73 8.13
C GLN A 132 7.81 -26.86 7.55
N SER A 133 7.28 -28.06 7.34
CA SER A 133 5.89 -28.20 6.93
C SER A 133 4.99 -28.20 8.18
N LEU A 134 5.48 -28.79 9.26
CA LEU A 134 4.86 -28.86 10.57
C LEU A 134 5.13 -27.61 11.41
N ASP A 135 6.16 -26.79 11.12
CA ASP A 135 6.61 -25.64 11.94
C ASP A 135 5.60 -24.52 11.86
N ALA A 136 4.75 -24.61 12.86
CA ALA A 136 3.71 -23.65 13.09
C ALA A 136 4.28 -22.28 13.35
N LEU A 137 5.38 -22.11 14.12
CA LEU A 137 5.93 -20.80 14.45
C LEU A 137 6.46 -20.16 13.20
N SER A 138 6.92 -20.92 12.18
CA SER A 138 7.28 -20.30 10.91
C SER A 138 6.11 -19.74 10.16
N SER A 139 5.08 -20.53 9.88
CA SER A 139 3.91 -20.06 9.16
C SER A 139 3.17 -18.97 9.88
N MET A 140 2.94 -19.05 11.18
CA MET A 140 2.29 -18.04 11.98
C MET A 140 3.08 -16.75 11.91
N ALA A 141 4.42 -16.81 11.97
CA ALA A 141 5.28 -15.66 11.82
C ALA A 141 5.11 -15.08 10.42
N ASN A 142 5.10 -15.94 9.40
CA ASN A 142 4.96 -15.48 8.04
C ASN A 142 3.69 -14.69 7.79
N ILE A 143 2.59 -15.22 8.28
CA ILE A 143 1.28 -14.57 8.30
C ILE A 143 1.38 -13.23 9.01
N ALA A 144 1.98 -13.24 10.21
CA ALA A 144 2.17 -12.00 10.99
C ALA A 144 3.05 -10.97 10.31
N GLY A 145 4.03 -11.38 9.53
CA GLY A 145 4.92 -10.47 8.80
C GLY A 145 4.21 -9.76 7.64
N TYR A 146 3.41 -10.53 6.87
CA TYR A 146 2.66 -9.93 5.75
C TYR A 146 1.63 -8.99 6.36
N ARG A 147 0.92 -9.48 7.34
CA ARG A 147 -0.10 -8.72 7.98
C ARG A 147 0.45 -7.50 8.77
N ALA A 148 1.74 -7.60 9.21
CA ALA A 148 2.45 -6.44 9.72
C ALA A 148 2.51 -5.37 8.65
N ILE A 149 3.01 -5.73 7.45
CA ILE A 149 2.96 -4.82 6.29
C ILE A 149 1.55 -4.26 6.05
N VAL A 150 0.49 -5.08 6.12
CA VAL A 150 -0.85 -4.58 5.97
C VAL A 150 -1.20 -3.52 6.99
N GLU A 151 -1.20 -3.85 8.29
CA GLU A 151 -1.60 -2.88 9.31
C GLU A 151 -0.63 -1.70 9.36
N ALA A 152 0.62 -1.91 9.02
CA ALA A 152 1.55 -0.84 8.75
C ALA A 152 1.04 0.12 7.69
N ALA A 153 0.86 -0.34 6.45
CA ALA A 153 0.29 0.48 5.36
C ALA A 153 -1.05 1.11 5.70
N HIS A 154 -1.77 0.52 6.66
CA HIS A 154 -2.97 1.10 7.24
C HIS A 154 -2.61 2.34 8.03
N GLU A 155 -1.91 2.24 9.16
CA GLU A 155 -1.60 3.38 9.98
C GLU A 155 -0.51 4.34 9.46
N PHE A 156 0.15 3.89 8.38
CA PHE A 156 1.15 4.62 7.65
C PHE A 156 0.59 5.92 7.08
N GLY A 157 1.48 6.90 7.05
CA GLY A 157 1.19 8.16 6.42
C GLY A 157 1.38 8.03 4.91
N ARG A 158 2.39 7.32 4.39
CA ARG A 158 2.78 7.49 3.01
C ARG A 158 2.53 6.29 2.12
N PHE A 159 3.03 6.28 0.89
CA PHE A 159 3.09 5.05 0.12
C PHE A 159 4.30 4.21 0.42
N PHE A 160 4.11 2.90 0.20
CA PHE A 160 5.21 2.00 -0.04
C PHE A 160 5.77 2.31 -1.42
N THR A 161 4.91 2.40 -2.40
CA THR A 161 5.25 2.40 -3.82
C THR A 161 5.80 3.73 -4.32
N GLY A 162 7.06 3.64 -4.73
CA GLY A 162 7.71 4.76 -5.44
C GLY A 162 7.05 4.82 -6.80
N GLN A 163 6.25 5.85 -7.04
CA GLN A 163 5.48 5.92 -8.27
C GLN A 163 5.04 7.38 -8.61
N ILE A 164 4.14 7.59 -9.58
CA ILE A 164 3.77 8.88 -10.13
C ILE A 164 2.29 8.97 -10.32
N THR A 165 1.80 10.17 -10.03
CA THR A 165 0.39 10.52 -10.20
C THR A 165 0.19 11.14 -11.59
N ALA A 166 -0.70 12.15 -11.68
CA ALA A 166 -0.58 13.07 -12.77
C ALA A 166 0.03 14.34 -12.19
N ALA A 167 0.10 14.52 -10.86
CA ALA A 167 0.80 15.63 -10.22
C ALA A 167 2.31 15.55 -10.16
N GLY A 168 2.83 14.51 -9.55
CA GLY A 168 4.25 14.37 -9.22
C GLY A 168 4.51 13.11 -8.44
N LYS A 169 5.71 13.12 -7.87
CA LYS A 169 6.32 12.00 -7.20
C LYS A 169 5.54 11.59 -5.95
N VAL A 170 5.31 10.28 -5.94
CA VAL A 170 4.87 9.56 -4.79
C VAL A 170 6.16 8.90 -4.24
N PRO A 171 6.63 9.27 -3.04
CA PRO A 171 7.89 8.76 -2.43
C PRO A 171 7.88 7.32 -1.91
N PRO A 172 8.94 6.54 -2.16
CA PRO A 172 9.11 5.17 -1.64
C PRO A 172 9.42 5.04 -0.15
N ALA A 173 8.76 4.05 0.46
CA ALA A 173 9.00 3.70 1.85
C ALA A 173 10.25 2.82 2.01
N LYS A 174 10.94 3.11 3.11
CA LYS A 174 12.05 2.26 3.48
C LYS A 174 11.56 1.33 4.61
N VAL A 175 11.54 0.05 4.26
CA VAL A 175 10.98 -0.93 5.18
C VAL A 175 12.11 -1.63 5.93
N MET A 176 12.47 -1.08 7.07
CA MET A 176 13.48 -1.70 7.91
C MET A 176 12.91 -2.90 8.69
N VAL A 177 13.06 -4.07 8.09
CA VAL A 177 12.68 -5.29 8.76
C VAL A 177 13.77 -5.72 9.70
N ILE A 178 13.50 -5.63 10.99
CA ILE A 178 14.49 -6.09 11.97
C ILE A 178 14.24 -7.59 12.23
N GLY A 179 15.20 -8.46 11.97
CA GLY A 179 15.08 -9.90 12.21
C GLY A 179 14.43 -10.50 10.95
N ALA A 180 15.18 -10.87 9.93
CA ALA A 180 14.63 -11.52 8.75
C ALA A 180 14.50 -13.02 8.95
N GLY A 181 13.75 -13.39 9.98
CA GLY A 181 13.17 -14.72 10.08
C GLY A 181 12.02 -14.84 9.11
N VAL A 182 11.16 -15.87 9.31
CA VAL A 182 10.08 -16.20 8.38
C VAL A 182 9.07 -15.06 8.28
N ALA A 183 8.88 -14.44 9.42
CA ALA A 183 8.13 -13.21 9.52
C ALA A 183 8.72 -12.05 8.75
N GLY A 184 10.03 -11.92 8.85
CA GLY A 184 10.79 -10.92 8.13
C GLY A 184 10.69 -11.15 6.64
N LEU A 185 10.93 -12.37 6.19
CA LEU A 185 10.80 -12.73 4.80
C LEU A 185 9.46 -12.37 4.22
N ALA A 186 8.39 -12.80 4.91
CA ALA A 186 7.02 -12.40 4.50
C ALA A 186 6.85 -10.89 4.29
N ALA A 187 7.37 -10.14 5.29
CA ALA A 187 7.39 -8.69 5.21
C ALA A 187 8.18 -8.09 4.05
N ILE A 188 9.35 -8.68 3.75
CA ILE A 188 10.16 -8.29 2.60
C ILE A 188 9.41 -8.61 1.33
N GLY A 189 8.87 -9.82 1.15
CA GLY A 189 8.10 -10.21 -0.02
C GLY A 189 7.01 -9.19 -0.29
N ALA A 190 6.19 -8.94 0.72
CA ALA A 190 5.10 -8.01 0.59
C ALA A 190 5.48 -6.57 0.23
N ALA A 191 6.45 -5.97 0.92
CA ALA A 191 6.90 -4.61 0.61
C ALA A 191 7.63 -4.52 -0.74
N ASN A 192 8.52 -5.47 -1.05
CA ASN A 192 9.20 -5.51 -2.30
C ASN A 192 8.19 -5.64 -3.46
N SER A 193 7.20 -6.51 -3.32
CA SER A 193 6.02 -6.51 -4.14
C SER A 193 5.36 -5.13 -4.30
N LEU A 194 5.29 -4.33 -3.24
CA LEU A 194 4.82 -2.96 -3.32
C LEU A 194 5.90 -1.91 -3.57
N GLY A 195 7.00 -2.30 -4.18
CA GLY A 195 8.03 -1.38 -4.65
C GLY A 195 8.82 -0.66 -3.57
N ALA A 196 8.66 -1.04 -2.30
CA ALA A 196 9.32 -0.41 -1.17
C ALA A 196 10.78 -0.86 -1.03
N ILE A 197 11.62 0.06 -0.60
CA ILE A 197 13.04 -0.22 -0.45
C ILE A 197 13.16 -1.02 0.85
N VAL A 198 13.04 -2.34 0.77
CA VAL A 198 13.11 -3.12 1.97
C VAL A 198 14.57 -3.19 2.37
N ARG A 199 14.86 -2.80 3.59
CA ARG A 199 16.16 -2.99 4.18
C ARG A 199 15.95 -3.99 5.33
N ALA A 200 16.25 -5.28 5.13
CA ALA A 200 16.14 -6.31 6.17
C ALA A 200 17.46 -6.50 6.90
N PHE A 201 17.36 -6.77 8.19
CA PHE A 201 18.51 -7.14 8.98
C PHE A 201 18.15 -8.41 9.71
N ASP A 202 19.19 -9.16 10.10
CA ASP A 202 19.06 -10.27 11.00
C ASP A 202 20.43 -10.56 11.49
N THR A 203 20.49 -11.02 12.72
CA THR A 203 21.71 -11.35 13.37
C THR A 203 22.28 -12.67 12.91
N ARG A 204 21.47 -13.46 12.19
CA ARG A 204 21.96 -14.69 11.56
C ARG A 204 22.35 -14.31 10.13
N PRO A 205 23.63 -14.40 9.73
CA PRO A 205 24.05 -14.07 8.37
C PRO A 205 23.50 -15.02 7.28
N GLU A 206 22.99 -16.17 7.70
CA GLU A 206 22.42 -17.16 6.81
C GLU A 206 21.40 -16.58 5.87
N VAL A 207 20.39 -15.91 6.43
CA VAL A 207 19.24 -15.50 5.66
C VAL A 207 19.48 -14.37 4.68
N LYS A 208 20.68 -13.80 4.62
CA LYS A 208 21.02 -12.74 3.71
C LYS A 208 20.76 -13.11 2.26
N GLU A 209 20.99 -14.36 1.87
CA GLU A 209 20.73 -14.80 0.51
C GLU A 209 19.24 -14.88 0.24
N GLN A 210 18.44 -15.30 1.20
CA GLN A 210 16.99 -15.23 1.08
C GLN A 210 16.47 -13.81 0.97
N VAL A 211 17.10 -12.89 1.72
CA VAL A 211 16.83 -11.46 1.63
C VAL A 211 17.07 -10.94 0.20
N GLN A 212 18.22 -11.32 -0.37
CA GLN A 212 18.55 -11.09 -1.77
C GLN A 212 17.51 -11.62 -2.73
N SER A 213 17.16 -12.91 -2.61
CA SER A 213 16.14 -13.52 -3.46
C SER A 213 14.76 -12.90 -3.31
N MET A 214 14.27 -12.59 -2.10
CA MET A 214 12.99 -11.93 -1.94
C MET A 214 13.02 -10.43 -2.23
N GLY A 215 14.23 -9.87 -2.33
CA GLY A 215 14.43 -8.56 -2.88
C GLY A 215 14.53 -7.51 -1.77
N ALA A 216 15.49 -7.61 -0.85
CA ALA A 216 15.78 -6.50 0.04
C ALA A 216 17.28 -6.27 0.14
N GLU A 217 17.64 -5.02 0.40
CA GLU A 217 19.00 -4.71 0.83
C GLU A 217 19.14 -5.11 2.30
N PHE A 218 20.32 -5.57 2.70
CA PHE A 218 20.49 -5.98 4.08
C PHE A 218 21.05 -4.78 4.84
N LEU A 219 20.91 -4.76 6.18
CA LEU A 219 21.56 -3.76 6.97
C LEU A 219 22.96 -4.31 7.22
N GLU A 220 23.94 -3.71 6.51
CA GLU A 220 25.32 -3.98 6.84
C GLU A 220 25.68 -3.26 8.14
N LEU A 221 25.61 -4.02 9.26
CA LEU A 221 25.80 -3.47 10.58
C LEU A 221 27.24 -2.96 10.73
N ASP A 222 27.38 -1.63 10.62
CA ASP A 222 28.64 -0.97 10.83
C ASP A 222 29.08 -1.23 12.27
N PHE A 223 29.99 -2.20 12.35
CA PHE A 223 30.60 -2.63 13.59
C PHE A 223 32.07 -2.36 13.36
N ASP A 231 32.21 -17.33 16.57
CA ASP A 231 31.11 -17.99 15.93
C ASP A 231 29.89 -17.07 15.94
N GLY A 232 28.83 -17.42 15.18
CA GLY A 232 27.68 -16.53 14.96
C GLY A 232 27.01 -16.09 16.24
N TYR A 233 26.92 -16.97 17.23
CA TYR A 233 26.30 -16.62 18.49
C TYR A 233 27.21 -15.73 19.31
N ALA A 234 28.52 -16.02 19.39
CA ALA A 234 29.47 -15.16 20.11
C ALA A 234 29.46 -13.74 19.54
N LYS A 235 29.52 -13.64 18.20
CA LYS A 235 29.38 -12.34 17.53
C LYS A 235 28.01 -11.76 17.81
N VAL A 236 26.90 -12.27 17.24
CA VAL A 236 25.59 -11.63 17.36
C VAL A 236 25.13 -11.24 18.75
N MET A 237 25.33 -12.08 19.77
CA MET A 237 24.85 -11.75 21.12
C MET A 237 25.84 -10.90 21.93
N SER A 238 27.01 -10.48 21.42
CA SER A 238 27.93 -9.72 22.25
C SER A 238 27.46 -8.29 22.41
N ASP A 239 27.66 -7.71 23.58
CA ASP A 239 27.18 -6.35 23.96
C ASP A 239 27.51 -5.31 22.92
N ALA A 240 28.74 -5.28 22.47
CA ALA A 240 29.15 -4.41 21.34
C ALA A 240 28.39 -4.69 20.07
N PHE A 241 28.03 -5.93 19.76
CA PHE A 241 27.29 -6.21 18.53
C PHE A 241 25.90 -5.61 18.66
N ILE A 242 25.24 -5.91 19.78
CA ILE A 242 23.94 -5.36 20.12
C ILE A 242 24.02 -3.83 20.19
N LYS A 243 25.15 -3.24 20.63
CA LYS A 243 25.35 -1.82 20.55
C LYS A 243 25.34 -1.41 19.10
N ALA A 244 26.03 -2.12 18.19
CA ALA A 244 26.02 -1.79 16.78
C ALA A 244 24.62 -1.86 16.17
N GLU A 245 23.80 -2.77 16.64
CA GLU A 245 22.39 -2.77 16.32
C GLU A 245 21.68 -1.48 16.67
N MET A 246 21.86 -1.04 17.92
CA MET A 246 21.28 0.19 18.45
C MET A 246 21.70 1.41 17.65
N GLU A 247 23.01 1.51 17.36
CA GLU A 247 23.52 2.61 16.54
C GLU A 247 22.90 2.63 15.16
N LEU A 248 22.79 1.47 14.52
CA LEU A 248 22.18 1.39 13.20
C LEU A 248 20.72 1.79 13.21
N PHE A 249 20.04 1.38 14.28
CA PHE A 249 18.63 1.69 14.40
C PHE A 249 18.41 3.16 14.67
N ALA A 250 19.24 3.80 15.50
CA ALA A 250 19.23 5.25 15.79
C ALA A 250 19.54 6.15 14.59
N ALA A 251 20.34 5.58 13.70
CA ALA A 251 20.63 6.19 12.44
C ALA A 251 19.43 6.08 11.51
N GLN A 252 19.12 4.85 11.11
CA GLN A 252 18.05 4.51 10.19
C GLN A 252 16.70 5.10 10.57
N ALA A 253 16.45 5.27 11.87
CA ALA A 253 15.24 5.90 12.42
C ALA A 253 14.90 7.19 11.69
N LYS A 254 15.90 8.06 11.44
CA LYS A 254 15.65 9.32 10.76
C LYS A 254 15.29 9.17 9.29
N GLU A 255 15.56 8.06 8.65
CA GLU A 255 15.23 7.92 7.24
C GLU A 255 14.15 6.91 6.91
N VAL A 256 14.00 5.86 7.70
CA VAL A 256 13.11 4.75 7.37
C VAL A 256 11.62 5.04 7.65
N ASP A 257 10.75 4.13 7.22
CA ASP A 257 9.31 4.33 7.30
C ASP A 257 8.65 3.25 8.09
N ILE A 258 8.72 2.02 7.59
CA ILE A 258 8.15 0.88 8.24
C ILE A 258 9.29 0.15 8.87
N ILE A 259 9.17 -0.02 10.18
CA ILE A 259 10.03 -0.95 10.86
C ILE A 259 9.21 -2.19 11.20
N VAL A 260 9.73 -3.40 11.00
CA VAL A 260 8.99 -4.62 11.32
C VAL A 260 9.83 -5.31 12.36
N THR A 261 9.44 -5.38 13.63
CA THR A 261 10.24 -6.04 14.63
C THR A 261 9.78 -7.47 14.94
N THR A 262 10.41 -8.46 14.28
CA THR A 262 9.89 -9.82 14.24
C THR A 262 9.95 -10.68 15.49
N ALA A 263 10.91 -10.36 16.38
CA ALA A 263 11.49 -11.34 17.24
C ALA A 263 10.62 -11.91 18.36
N LEU A 264 9.69 -12.76 17.97
CA LEU A 264 8.98 -13.57 18.93
C LEU A 264 9.96 -14.60 19.45
N ILE A 265 10.77 -14.16 20.40
CA ILE A 265 11.69 -15.02 21.14
C ILE A 265 10.81 -15.79 22.11
N PRO A 266 10.97 -17.11 22.28
CA PRO A 266 10.11 -17.89 23.22
C PRO A 266 10.30 -17.51 24.71
N GLY A 267 9.47 -16.60 25.22
CA GLY A 267 9.34 -16.37 26.64
C GLY A 267 10.23 -15.28 27.14
N LYS A 268 11.53 -15.43 26.89
CA LYS A 268 12.46 -14.35 27.21
C LYS A 268 12.11 -13.16 26.34
N PRO A 269 11.75 -11.98 26.90
CA PRO A 269 11.30 -10.82 26.15
C PRO A 269 12.27 -10.33 25.11
N ALA A 270 11.73 -10.04 23.91
CA ALA A 270 12.56 -9.52 22.81
C ALA A 270 13.16 -8.18 23.21
N PRO A 271 14.50 -8.02 23.17
CA PRO A 271 15.23 -6.82 23.61
C PRO A 271 14.74 -5.47 23.05
N LYS A 272 14.60 -4.47 23.93
CA LYS A 272 14.19 -3.15 23.55
C LYS A 272 15.29 -2.51 22.71
N LEU A 273 15.31 -2.81 21.42
CA LEU A 273 16.33 -2.34 20.48
C LEU A 273 15.99 -0.93 20.10
N ILE A 274 14.70 -0.71 19.87
CA ILE A 274 14.28 0.59 19.46
C ILE A 274 13.79 1.26 20.74
N THR A 275 14.72 1.95 21.38
CA THR A 275 14.42 2.71 22.55
C THR A 275 13.60 3.95 22.22
N ARG A 276 12.82 4.43 23.19
CA ARG A 276 11.90 5.56 23.05
C ARG A 276 12.60 6.74 22.36
N GLU A 277 13.80 7.12 22.86
CA GLU A 277 14.66 8.11 22.25
C GLU A 277 14.76 7.97 20.74
N MET A 278 14.98 6.75 20.25
CA MET A 278 15.05 6.49 18.82
C MET A 278 13.72 6.66 18.14
N VAL A 279 12.64 6.20 18.75
CA VAL A 279 11.32 6.28 18.14
C VAL A 279 10.90 7.72 18.02
N ASP A 280 11.12 8.51 19.09
CA ASP A 280 10.95 9.97 19.11
C ASP A 280 11.76 10.63 18.01
N SER A 281 13.01 10.25 17.79
CA SER A 281 13.81 10.87 16.73
C SER A 281 13.64 10.23 15.34
N MET A 282 12.64 9.39 15.15
CA MET A 282 12.32 8.85 13.83
C MET A 282 11.72 9.91 12.95
N LYS A 283 11.78 9.62 11.67
CA LYS A 283 11.02 10.34 10.66
C LYS A 283 9.55 9.99 10.91
N ALA A 284 8.65 10.97 10.91
CA ALA A 284 7.25 10.76 11.21
C ALA A 284 6.39 10.32 10.04
N GLY A 285 5.09 10.10 10.25
CA GLY A 285 4.23 9.53 9.24
C GLY A 285 4.61 8.06 9.02
N SER A 286 5.16 7.36 10.02
CA SER A 286 5.84 6.06 9.86
C SER A 286 5.31 5.06 10.86
N VAL A 287 5.69 3.76 10.83
CA VAL A 287 5.05 2.73 11.65
C VAL A 287 6.20 1.83 12.10
N ILE A 288 6.06 1.32 13.32
CA ILE A 288 6.85 0.23 13.80
C ILE A 288 5.78 -0.82 14.10
N VAL A 289 5.68 -1.85 13.27
CA VAL A 289 4.83 -3.01 13.54
C VAL A 289 5.70 -4.03 14.26
N ASP A 290 5.44 -4.07 15.56
CA ASP A 290 6.21 -4.93 16.44
C ASP A 290 5.46 -6.24 16.63
N LEU A 291 6.11 -7.28 16.13
CA LEU A 291 5.55 -8.60 16.08
C LEU A 291 5.79 -9.36 17.35
N ALA A 292 6.92 -9.01 18.01
CA ALA A 292 7.28 -9.56 19.28
C ALA A 292 6.28 -9.22 20.34
N ALA A 293 5.80 -7.96 20.32
CA ALA A 293 4.74 -7.42 21.17
C ALA A 293 4.41 -8.08 22.52
N GLN A 294 3.74 -9.21 22.49
CA GLN A 294 3.38 -9.91 23.71
C GLN A 294 4.62 -10.31 24.49
N ASN A 295 5.59 -10.80 23.75
CA ASN A 295 6.87 -11.20 24.28
C ASN A 295 7.77 -9.97 24.36
N GLY A 296 7.43 -9.00 25.20
CA GLY A 296 8.27 -7.83 25.42
C GLY A 296 8.06 -6.75 24.40
N GLY A 297 8.23 -7.04 23.13
CA GLY A 297 8.22 -6.03 22.09
C GLY A 297 9.63 -5.42 22.00
N ASN A 298 10.25 -5.35 20.81
CA ASN A 298 11.59 -4.80 20.62
C ASN A 298 11.60 -3.29 20.72
N CYS A 299 10.46 -2.61 20.51
CA CYS A 299 10.40 -1.18 20.69
C CYS A 299 9.85 -0.90 22.07
N GLU A 300 10.28 0.20 22.68
CA GLU A 300 9.77 0.55 24.01
C GLU A 300 8.36 1.13 23.93
N TYR A 301 8.05 1.95 22.92
CA TYR A 301 6.69 2.46 22.70
C TYR A 301 5.67 1.40 22.33
N THR A 302 6.07 0.17 22.11
CA THR A 302 5.16 -0.96 21.87
C THR A 302 4.18 -1.12 23.03
N VAL A 303 2.90 -0.91 22.77
CA VAL A 303 1.89 -1.26 23.75
C VAL A 303 1.43 -2.62 23.27
N PRO A 304 1.61 -3.76 23.95
CA PRO A 304 1.13 -5.08 23.55
C PRO A 304 -0.38 -5.07 23.29
N GLY A 305 -0.70 -5.39 22.04
CA GLY A 305 -2.08 -5.44 21.53
C GLY A 305 -2.49 -4.18 20.77
N GLU A 306 -1.77 -3.06 20.89
CA GLU A 306 -2.31 -1.81 20.40
C GLU A 306 -1.33 -0.94 19.60
N ILE A 307 -1.94 -0.01 18.88
CA ILE A 307 -1.23 1.09 18.26
C ILE A 307 -0.83 2.12 19.28
N PHE A 308 0.35 2.72 19.21
CA PHE A 308 0.54 3.98 19.87
C PHE A 308 1.15 4.96 18.88
N THR A 309 0.44 6.07 18.62
CA THR A 309 1.00 7.16 17.80
C THR A 309 1.91 7.90 18.75
N THR A 310 3.17 8.06 18.37
CA THR A 310 4.12 8.79 19.19
C THR A 310 4.11 10.28 18.99
N GLU A 311 4.93 11.07 19.68
CA GLU A 311 4.85 12.52 19.69
C GLU A 311 5.20 13.11 18.34
N ASN A 312 6.15 12.45 17.69
CA ASN A 312 6.55 12.76 16.34
C ASN A 312 5.51 12.27 15.33
N GLY A 313 4.96 11.08 15.54
CA GLY A 313 3.96 10.54 14.63
C GLY A 313 4.49 9.27 14.01
N VAL A 314 4.83 8.30 14.86
CA VAL A 314 5.23 7.02 14.40
C VAL A 314 4.27 6.13 15.14
N LYS A 315 3.52 5.39 14.34
CA LYS A 315 2.49 4.48 14.80
C LYS A 315 3.17 3.18 15.24
N VAL A 316 3.46 3.00 16.51
CA VAL A 316 4.06 1.77 16.95
C VAL A 316 2.93 0.74 17.23
N ILE A 317 2.63 -0.04 16.22
CA ILE A 317 1.53 -0.98 16.24
C ILE A 317 2.11 -2.26 16.79
N GLY A 318 1.95 -2.46 18.11
CA GLY A 318 2.45 -3.62 18.76
C GLY A 318 1.39 -4.73 18.80
N TYR A 319 0.84 -5.18 17.65
CA TYR A 319 -0.31 -6.06 17.66
C TYR A 319 -0.04 -7.51 17.93
N THR A 320 -0.56 -7.93 19.09
CA THR A 320 -0.33 -9.33 19.52
C THR A 320 -1.14 -10.28 18.66
N ASP A 321 -2.35 -9.76 18.41
CA ASP A 321 -3.36 -10.37 17.56
C ASP A 321 -3.05 -10.38 16.07
N LEU A 322 -1.94 -9.85 15.56
CA LEU A 322 -1.60 -9.87 14.11
C LEU A 322 -1.87 -11.10 13.27
N PRO A 323 -1.53 -12.35 13.67
CA PRO A 323 -1.98 -13.55 13.00
C PRO A 323 -3.50 -13.57 12.94
N GLY A 324 -4.16 -13.29 14.07
CA GLY A 324 -5.59 -13.32 14.21
C GLY A 324 -6.25 -12.36 13.30
N ARG A 325 -5.75 -11.14 13.22
CA ARG A 325 -6.24 -10.13 12.29
C ARG A 325 -6.12 -10.53 10.81
N LEU A 326 -5.35 -11.54 10.37
CA LEU A 326 -5.49 -12.07 9.04
C LEU A 326 -6.09 -13.46 9.25
N PRO A 327 -7.38 -13.55 9.61
CA PRO A 327 -7.95 -14.75 10.27
C PRO A 327 -7.81 -16.00 9.43
N THR A 328 -8.40 -15.88 8.23
CA THR A 328 -8.42 -16.98 7.28
C THR A 328 -7.05 -17.46 6.88
N GLN A 329 -6.03 -16.60 6.87
CA GLN A 329 -4.70 -17.05 6.57
C GLN A 329 -4.12 -17.81 7.75
N SER A 330 -4.34 -17.36 8.98
CA SER A 330 -4.02 -18.21 10.13
C SER A 330 -4.67 -19.56 9.96
N SER A 331 -5.99 -19.58 9.72
CA SER A 331 -6.70 -20.85 9.45
C SER A 331 -6.20 -21.59 8.21
N GLN A 332 -5.62 -20.96 7.19
CA GLN A 332 -5.00 -21.63 6.07
C GLN A 332 -3.66 -22.21 6.48
N LEU A 333 -2.67 -21.37 6.87
CA LEU A 333 -1.32 -21.86 7.07
C LEU A 333 -1.10 -22.60 8.39
N TYR A 334 -1.56 -22.07 9.53
CA TYR A 334 -1.45 -22.78 10.83
C TYR A 334 -2.23 -24.08 10.64
N GLY A 335 -3.44 -24.02 10.09
CA GLY A 335 -4.20 -25.17 9.62
C GLY A 335 -3.36 -26.24 8.89
N THR A 336 -2.62 -25.85 7.86
CA THR A 336 -1.84 -26.76 7.04
C THR A 336 -0.67 -27.36 7.90
N ASN A 337 -0.08 -26.57 8.81
CA ASN A 337 0.94 -27.08 9.72
C ASN A 337 0.32 -28.16 10.57
N LEU A 338 -0.89 -27.90 11.09
CA LEU A 338 -1.60 -28.83 11.96
C LEU A 338 -1.82 -30.14 11.24
N VAL A 339 -2.35 -30.06 10.03
CA VAL A 339 -2.51 -31.21 9.15
C VAL A 339 -1.18 -31.89 8.89
N ASN A 340 -0.08 -31.16 8.70
CA ASN A 340 1.24 -31.78 8.48
C ASN A 340 1.79 -32.49 9.67
N LEU A 341 1.60 -31.94 10.86
CA LEU A 341 1.96 -32.64 12.10
C LEU A 341 1.11 -33.92 12.15
N LEU A 342 -0.19 -33.78 11.91
CA LEU A 342 -1.07 -34.92 11.84
C LEU A 342 -0.89 -35.77 10.60
N LYS A 343 -0.05 -35.44 9.63
CA LYS A 343 0.43 -36.40 8.64
C LYS A 343 1.46 -37.34 9.23
N LEU A 344 2.41 -36.75 9.98
CA LEU A 344 3.34 -37.59 10.72
C LEU A 344 2.68 -38.48 11.76
N LEU A 345 1.69 -37.88 12.47
CA LEU A 345 0.85 -38.62 13.38
C LEU A 345 -0.11 -39.55 12.68
N CYS A 346 -1.15 -39.11 11.96
CA CYS A 346 -1.96 -40.02 11.16
C CYS A 346 -1.12 -40.49 10.02
N LYS A 347 -0.46 -41.62 10.25
CA LYS A 347 0.61 -42.06 9.42
C LYS A 347 0.02 -42.79 8.24
N GLU A 348 -0.67 -43.88 8.48
CA GLU A 348 -1.25 -44.74 7.45
C GLU A 348 -2.49 -44.16 6.81
N LYS A 349 -3.33 -43.45 7.60
CA LYS A 349 -4.54 -42.81 7.16
C LYS A 349 -5.59 -43.80 6.62
N ASP A 350 -6.49 -44.51 7.30
CA ASP A 350 -6.51 -44.89 8.72
C ASP A 350 -6.97 -43.89 9.76
N GLY A 351 -6.17 -42.90 10.21
CA GLY A 351 -6.62 -41.92 11.18
C GLY A 351 -6.03 -42.22 12.58
N ASN A 352 -5.06 -43.11 12.76
CA ASN A 352 -4.40 -43.33 14.05
C ASN A 352 -3.46 -42.19 14.44
N ILE A 353 -3.57 -41.68 15.66
CA ILE A 353 -2.69 -40.63 16.13
C ILE A 353 -1.38 -41.23 16.55
N THR A 354 -0.48 -41.55 15.62
CA THR A 354 0.82 -42.08 15.97
C THR A 354 1.69 -41.07 16.72
N VAL A 355 1.53 -40.99 18.04
CA VAL A 355 2.33 -40.07 18.83
C VAL A 355 3.66 -40.77 18.93
N ASP A 356 4.51 -40.31 18.06
CA ASP A 356 5.84 -40.85 17.95
C ASP A 356 6.78 -40.15 18.90
N PHE A 357 7.64 -40.94 19.54
CA PHE A 357 8.66 -40.44 20.43
C PHE A 357 10.11 -40.49 19.95
N ASP A 358 10.35 -41.20 18.86
CA ASP A 358 11.69 -41.30 18.29
C ASP A 358 12.01 -40.02 17.56
N ASP A 359 11.11 -39.55 16.70
CA ASP A 359 11.35 -38.36 15.91
C ASP A 359 11.45 -37.09 16.76
N VAL A 360 12.62 -36.46 16.68
CA VAL A 360 12.88 -35.19 17.29
C VAL A 360 11.76 -34.14 17.21
N VAL A 361 11.10 -33.89 16.08
CA VAL A 361 10.13 -32.80 16.04
C VAL A 361 8.83 -33.26 16.72
N ILE A 362 8.34 -34.48 16.49
CA ILE A 362 7.09 -35.01 17.04
C ILE A 362 7.22 -35.08 18.54
N ARG A 363 8.34 -35.67 18.99
CA ARG A 363 8.74 -35.71 20.38
C ARG A 363 8.89 -34.30 21.01
N GLY A 364 9.46 -33.35 20.26
CA GLY A 364 9.65 -31.98 20.70
C GLY A 364 8.33 -31.27 20.88
N VAL A 365 7.38 -31.48 19.97
CA VAL A 365 6.05 -30.88 20.08
C VAL A 365 5.23 -31.53 21.16
N THR A 366 5.35 -32.83 21.39
CA THR A 366 4.61 -33.47 22.48
C THR A 366 5.20 -33.09 23.82
N VAL A 367 4.71 -31.97 24.36
CA VAL A 367 5.20 -31.48 25.62
C VAL A 367 4.46 -32.14 26.79
N ILE A 368 3.23 -32.63 26.62
CA ILE A 368 2.62 -33.42 27.67
C ILE A 368 2.21 -34.68 26.92
N ARG A 369 2.76 -35.87 27.21
CA ARG A 369 2.22 -37.08 26.60
C ARG A 369 1.34 -37.80 27.58
N ALA A 370 0.02 -37.71 27.39
CA ALA A 370 -0.95 -38.44 28.20
C ALA A 370 -0.81 -38.22 29.70
N GLY A 371 -0.77 -36.96 30.08
CA GLY A 371 -0.55 -36.58 31.46
C GLY A 371 0.87 -36.45 31.93
N GLU A 372 1.85 -37.15 31.36
CA GLU A 372 3.22 -37.03 31.79
C GLU A 372 3.78 -35.79 31.11
N ILE A 373 4.57 -34.96 31.80
CA ILE A 373 5.14 -33.77 31.23
C ILE A 373 6.38 -34.22 30.52
N THR A 374 6.20 -34.33 29.22
CA THR A 374 7.31 -34.75 28.39
C THR A 374 8.05 -33.52 27.83
N TRP A 375 7.76 -32.32 28.30
CA TRP A 375 8.67 -31.20 28.10
C TRP A 375 9.86 -31.44 29.03
N PRO A 376 11.09 -30.98 28.74
CA PRO A 376 11.55 -30.24 27.58
C PRO A 376 11.60 -30.87 26.22
N ALA A 377 11.84 -30.05 25.19
CA ALA A 377 11.93 -30.51 23.80
C ALA A 377 13.34 -30.93 23.51
N PRO A 378 13.53 -32.16 23.05
CA PRO A 378 14.85 -32.68 22.69
C PRO A 378 15.41 -32.04 21.43
N PRO A 379 16.62 -31.50 21.51
CA PRO A 379 17.38 -31.05 20.36
C PRO A 379 17.98 -32.29 19.65
N ILE A 380 18.71 -33.07 20.25
N HIS B 5 2.09 42.84 5.31
CA HIS B 5 1.01 41.94 5.61
C HIS B 5 1.61 40.58 5.46
N HIS B 6 0.93 39.58 4.85
CA HIS B 6 1.56 38.29 4.61
C HIS B 6 1.45 37.93 3.15
N HIS B 7 1.98 38.85 2.31
CA HIS B 7 2.01 38.70 0.87
C HIS B 7 3.02 37.64 0.44
N GLY B 8 2.69 36.91 -0.63
CA GLY B 8 3.48 35.77 -1.06
C GLY B 8 3.48 34.64 -0.03
N ARG B 9 2.69 34.75 1.05
CA ARG B 9 2.76 33.77 2.10
C ARG B 9 1.52 32.87 1.96
N ILE B 10 1.69 31.60 2.19
CA ILE B 10 0.61 30.62 2.22
C ILE B 10 0.31 30.37 3.70
N GLY B 11 -0.95 30.36 4.10
CA GLY B 11 -1.32 29.68 5.29
C GLY B 11 -1.79 28.24 4.98
N ILE B 12 -1.32 27.28 5.76
CA ILE B 12 -1.83 25.89 5.72
C ILE B 12 -2.69 25.81 6.99
N PRO B 13 -4.05 25.84 6.90
CA PRO B 13 -4.98 25.62 8.02
C PRO B 13 -4.97 24.22 8.61
N ARG B 14 -5.42 24.16 9.85
CA ARG B 14 -5.61 22.91 10.51
C ARG B 14 -7.00 22.38 10.14
N GLU B 15 -7.00 21.43 9.21
CA GLU B 15 -8.23 20.88 8.68
C GLU B 15 -9.29 20.44 9.67
N ARG B 16 -10.50 20.88 9.33
CA ARG B 16 -11.63 20.90 10.26
C ARG B 16 -12.67 19.87 9.99
N LEU B 17 -12.64 19.17 8.86
CA LEU B 17 -13.68 18.22 8.47
C LEU B 17 -13.78 17.05 9.43
N THR B 18 -15.00 16.55 9.65
CA THR B 18 -15.21 15.34 10.43
C THR B 18 -14.10 14.28 10.32
N ASN B 19 -13.31 14.16 11.40
CA ASN B 19 -12.16 13.27 11.51
C ASN B 19 -11.24 13.34 10.29
N GLU B 20 -10.89 14.57 9.90
CA GLU B 20 -9.98 14.71 8.77
C GLU B 20 -8.57 14.46 9.27
N THR B 21 -7.85 13.65 8.52
CA THR B 21 -6.51 13.30 8.87
C THR B 21 -5.58 13.92 7.81
N ARG B 22 -6.09 14.46 6.73
CA ARG B 22 -5.28 15.18 5.73
C ARG B 22 -4.95 16.55 6.22
N VAL B 23 -3.68 16.98 6.19
CA VAL B 23 -3.41 18.42 6.12
C VAL B 23 -3.14 18.77 4.66
N ALA B 24 -2.92 20.02 4.30
CA ALA B 24 -2.72 20.35 2.89
C ALA B 24 -1.31 20.03 2.37
N ALA B 25 -0.29 19.88 3.22
CA ALA B 25 1.07 19.86 2.74
C ALA B 25 2.03 19.09 3.63
N THR B 26 3.04 18.43 3.07
CA THR B 26 4.12 17.86 3.88
C THR B 26 5.28 18.86 4.12
N PRO B 27 6.28 18.57 4.96
CA PRO B 27 7.53 19.34 4.98
C PRO B 27 8.28 19.44 3.67
N LYS B 28 8.29 18.40 2.83
CA LYS B 28 8.63 18.52 1.41
C LYS B 28 7.82 19.55 0.69
N THR B 29 6.46 19.51 0.80
CA THR B 29 5.62 20.46 0.14
C THR B 29 6.08 21.88 0.49
N VAL B 30 6.48 22.13 1.74
CA VAL B 30 7.04 23.40 2.17
C VAL B 30 8.21 23.77 1.24
N GLU B 31 9.18 22.87 1.07
CA GLU B 31 10.32 23.11 0.20
C GLU B 31 9.92 23.42 -1.25
N GLN B 32 8.94 22.67 -1.77
CA GLN B 32 8.41 22.84 -3.11
C GLN B 32 7.86 24.25 -3.33
N LEU B 33 7.06 24.69 -2.37
CA LEU B 33 6.47 26.01 -2.45
C LEU B 33 7.52 27.08 -2.21
N LEU B 34 8.52 26.82 -1.34
CA LEU B 34 9.60 27.76 -1.14
C LEU B 34 10.33 28.04 -2.45
N LYS B 35 10.51 26.96 -3.24
CA LYS B 35 11.05 27.10 -4.58
C LYS B 35 10.21 28.01 -5.44
N LEU B 36 8.91 27.97 -5.27
CA LEU B 36 8.02 28.88 -5.96
C LEU B 36 7.93 30.30 -5.43
N GLY B 37 8.65 30.57 -4.34
CA GLY B 37 8.79 31.87 -3.72
C GLY B 37 7.71 32.08 -2.67
N PHE B 38 7.18 31.01 -2.09
CA PHE B 38 6.10 31.15 -1.12
C PHE B 38 6.69 30.93 0.23
N THR B 39 6.45 31.87 1.17
CA THR B 39 6.73 31.64 2.57
C THR B 39 5.64 30.67 2.99
N VAL B 40 5.95 29.47 3.53
CA VAL B 40 4.87 28.57 3.92
C VAL B 40 4.65 28.88 5.41
N ALA B 41 3.43 29.02 5.85
CA ALA B 41 3.09 29.15 7.25
C ALA B 41 2.11 28.00 7.51
N VAL B 42 2.23 27.35 8.66
CA VAL B 42 1.49 26.12 8.90
C VAL B 42 0.86 26.32 10.27
N GLU B 43 -0.43 25.98 10.45
CA GLU B 43 -1.12 26.08 11.74
C GLU B 43 -0.61 25.00 12.70
N SER B 44 -0.70 25.38 13.98
CA SER B 44 -0.32 24.48 15.05
C SER B 44 -1.22 23.29 15.15
N GLY B 45 -0.69 22.08 15.22
CA GLY B 45 -1.47 20.86 15.26
C GLY B 45 -1.68 20.29 13.89
N ALA B 46 -1.44 21.09 12.85
CA ALA B 46 -1.78 20.71 11.50
C ALA B 46 -0.86 19.64 10.94
N GLY B 47 0.42 19.69 11.33
CA GLY B 47 1.33 18.57 11.08
C GLY B 47 0.82 17.31 11.76
N GLN B 48 0.54 17.40 13.09
CA GLN B 48 0.09 16.26 13.89
C GLN B 48 -1.20 15.68 13.37
N LEU B 49 -2.07 16.44 12.68
CA LEU B 49 -3.18 15.86 11.93
C LEU B 49 -2.72 14.81 10.94
N ALA B 50 -1.70 15.16 10.15
CA ALA B 50 -1.16 14.26 9.11
C ALA B 50 -0.07 13.35 9.67
N SER B 51 -0.16 12.86 10.90
CA SER B 51 0.87 12.02 11.53
C SER B 51 2.29 12.54 11.42
N PHE B 52 2.47 13.89 11.39
CA PHE B 52 3.81 14.42 11.35
C PHE B 52 4.00 15.39 12.50
N ASP B 53 5.22 15.45 13.00
CA ASP B 53 5.56 16.45 14.00
C ASP B 53 5.61 17.82 13.31
N ASP B 54 4.82 18.78 13.82
CA ASP B 54 4.77 20.15 13.35
C ASP B 54 6.13 20.83 13.44
N LYS B 55 7.03 20.46 14.38
CA LYS B 55 8.40 20.98 14.38
C LYS B 55 9.21 20.55 13.15
N ALA B 56 8.83 19.44 12.44
CA ALA B 56 9.43 19.15 11.15
C ALA B 56 9.10 20.21 10.09
N PHE B 57 7.96 20.91 10.23
CA PHE B 57 7.70 22.10 9.40
C PHE B 57 8.63 23.25 9.75
N VAL B 58 8.93 23.52 11.04
CA VAL B 58 9.89 24.57 11.34
C VAL B 58 11.30 24.15 10.96
N GLN B 59 11.64 22.85 10.99
CA GLN B 59 12.87 22.34 10.39
C GLN B 59 12.93 22.62 8.90
N ALA B 60 11.85 22.31 8.18
CA ALA B 60 11.71 22.55 6.76
C ALA B 60 11.72 24.02 6.34
N GLY B 61 11.51 24.93 7.29
CA GLY B 61 11.56 26.36 7.06
C GLY B 61 10.18 26.91 6.89
N ALA B 62 9.15 26.35 7.55
CA ALA B 62 7.81 26.89 7.51
C ALA B 62 7.47 27.46 8.88
N GLU B 63 6.76 28.56 8.96
CA GLU B 63 6.52 29.28 10.22
C GLU B 63 5.24 28.75 10.86
N ILE B 64 5.34 28.14 12.03
CA ILE B 64 4.18 27.66 12.72
C ILE B 64 3.51 28.89 13.34
N VAL B 65 2.36 29.29 12.80
CA VAL B 65 1.59 30.43 13.32
C VAL B 65 0.15 30.04 13.65
N GLU B 66 -0.25 30.33 14.88
CA GLU B 66 -1.41 29.73 15.47
C GLU B 66 -2.68 30.52 15.12
N GLY B 67 -3.63 29.78 14.55
CA GLY B 67 -5.00 30.24 14.38
C GLY B 67 -5.12 31.30 13.31
N ASN B 68 -5.68 32.46 13.63
CA ASN B 68 -5.95 33.52 12.69
C ASN B 68 -4.76 34.00 11.96
N SER B 69 -3.62 33.94 12.65
CA SER B 69 -2.32 34.29 12.12
C SER B 69 -2.14 33.52 10.82
N VAL B 70 -2.33 32.20 10.75
CA VAL B 70 -2.09 31.44 9.54
C VAL B 70 -3.10 31.86 8.46
N TRP B 71 -4.35 32.09 8.86
CA TRP B 71 -5.38 32.60 8.00
C TRP B 71 -5.16 33.96 7.38
N GLN B 72 -4.57 34.96 8.02
CA GLN B 72 -4.23 36.20 7.34
C GLN B 72 -3.01 35.86 6.49
N SER B 73 -3.20 35.77 5.19
CA SER B 73 -2.16 35.41 4.25
C SER B 73 -2.61 35.78 2.84
N GLU B 74 -1.63 35.76 1.92
CA GLU B 74 -1.89 35.85 0.52
C GLU B 74 -2.66 34.62 0.00
N ILE B 75 -2.14 33.44 0.26
CA ILE B 75 -2.70 32.23 -0.30
C ILE B 75 -3.09 31.43 0.96
N ILE B 76 -4.17 30.68 0.87
CA ILE B 76 -4.56 29.70 1.87
C ILE B 76 -4.77 28.42 1.07
N LEU B 77 -3.95 27.40 1.38
CA LEU B 77 -4.07 26.11 0.73
C LEU B 77 -4.69 25.22 1.80
N LYS B 78 -5.91 24.78 1.52
CA LYS B 78 -6.76 24.13 2.49
C LYS B 78 -7.33 22.91 1.82
N VAL B 79 -7.70 21.85 2.58
CA VAL B 79 -8.15 20.61 1.93
C VAL B 79 -9.61 20.74 1.62
N ASN B 80 -10.44 20.81 2.62
CA ASN B 80 -11.88 20.69 2.45
C ASN B 80 -12.44 22.08 2.64
N ALA B 81 -13.69 22.17 2.21
CA ALA B 81 -14.41 23.45 2.12
C ALA B 81 -14.36 24.27 3.41
N PRO B 82 -14.12 25.59 3.41
CA PRO B 82 -14.22 26.42 4.56
C PRO B 82 -15.60 26.44 5.16
N LEU B 83 -15.66 26.08 6.42
CA LEU B 83 -16.86 26.15 7.23
C LEU B 83 -17.17 27.63 7.48
N ASP B 84 -18.40 27.97 7.86
CA ASP B 84 -18.81 29.35 8.00
C ASP B 84 -17.89 30.36 8.69
N ASP B 85 -17.30 29.88 9.80
CA ASP B 85 -16.29 30.65 10.51
C ASP B 85 -14.99 30.78 9.70
N GLU B 86 -14.53 29.69 9.09
CA GLU B 86 -13.30 29.66 8.28
C GLU B 86 -13.49 30.63 7.09
N ILE B 87 -14.70 30.76 6.50
CA ILE B 87 -15.03 31.74 5.48
C ILE B 87 -14.73 33.13 6.04
N ALA B 88 -15.21 33.50 7.24
CA ALA B 88 -14.95 34.84 7.79
C ALA B 88 -13.45 35.08 8.07
N LEU B 89 -12.74 34.01 8.47
CA LEU B 89 -11.28 34.05 8.65
C LEU B 89 -10.55 34.41 7.37
N LEU B 90 -11.02 33.89 6.25
CA LEU B 90 -10.51 34.28 4.93
C LEU B 90 -10.67 35.78 4.70
N ASN B 91 -9.80 36.29 3.84
CA ASN B 91 -9.47 37.72 3.81
C ASN B 91 -9.75 38.21 2.40
N PRO B 92 -10.02 39.50 2.17
CA PRO B 92 -10.13 40.10 0.85
C PRO B 92 -8.92 39.76 0.01
N GLY B 93 -9.10 39.27 -1.22
CA GLY B 93 -7.95 38.98 -2.07
C GLY B 93 -7.48 37.51 -1.98
N THR B 94 -7.37 37.00 -0.77
CA THR B 94 -6.65 35.76 -0.47
C THR B 94 -6.97 34.59 -1.39
N THR B 95 -5.96 34.09 -2.10
CA THR B 95 -6.09 33.00 -3.03
C THR B 95 -6.36 31.74 -2.20
N LEU B 96 -7.62 31.30 -2.13
CA LEU B 96 -7.98 30.05 -1.47
C LEU B 96 -8.06 28.93 -2.47
N VAL B 97 -7.36 27.83 -2.14
CA VAL B 97 -7.38 26.65 -2.99
C VAL B 97 -7.86 25.50 -2.09
N SER B 98 -9.03 24.89 -2.39
CA SER B 98 -9.56 23.79 -1.62
C SER B 98 -10.52 22.95 -2.48
N PHE B 99 -10.90 21.74 -2.08
CA PHE B 99 -12.12 21.10 -2.57
C PHE B 99 -13.28 21.92 -2.10
N ILE B 100 -13.83 22.68 -3.03
CA ILE B 100 -14.90 23.58 -2.73
C ILE B 100 -16.23 22.96 -3.01
N TRP B 101 -16.26 22.18 -4.09
CA TRP B 101 -17.48 21.49 -4.57
C TRP B 101 -18.50 22.56 -4.88
N PRO B 102 -18.36 23.38 -5.96
CA PRO B 102 -19.18 24.55 -6.24
C PRO B 102 -20.69 24.30 -6.30
N ALA B 103 -21.16 23.41 -7.19
CA ALA B 103 -22.56 23.12 -7.32
C ALA B 103 -23.12 22.45 -6.08
N GLN B 104 -22.24 21.85 -5.31
CA GLN B 104 -22.61 21.09 -4.13
C GLN B 104 -22.62 22.06 -2.97
N ASN B 105 -21.95 23.22 -3.02
CA ASN B 105 -21.88 24.15 -1.91
C ASN B 105 -22.10 25.60 -2.40
N PRO B 106 -23.20 25.96 -3.10
CA PRO B 106 -23.44 27.27 -3.67
C PRO B 106 -23.39 28.51 -2.76
N GLU B 107 -24.07 28.49 -1.63
CA GLU B 107 -23.99 29.57 -0.62
C GLU B 107 -22.59 29.78 -0.07
N LEU B 108 -21.87 28.67 0.17
CA LEU B 108 -20.50 28.65 0.63
C LEU B 108 -19.65 29.40 -0.41
N MET B 109 -19.82 29.06 -1.69
CA MET B 109 -19.34 29.86 -2.82
C MET B 109 -19.73 31.34 -2.75
N GLN B 110 -20.95 31.71 -2.43
CA GLN B 110 -21.33 33.12 -2.33
C GLN B 110 -20.59 33.78 -1.18
N LYS B 111 -20.50 33.12 -0.02
CA LYS B 111 -19.85 33.63 1.17
C LYS B 111 -18.38 33.92 0.90
N LEU B 112 -17.74 33.06 0.12
CA LEU B 112 -16.39 33.26 -0.38
C LEU B 112 -16.24 34.46 -1.29
N ALA B 113 -17.23 34.65 -2.18
CA ALA B 113 -17.33 35.73 -3.15
C ALA B 113 -17.46 37.05 -2.39
N GLU B 114 -18.31 37.10 -1.35
CA GLU B 114 -18.36 38.22 -0.43
C GLU B 114 -16.98 38.50 0.14
N ARG B 115 -16.25 37.50 0.65
CA ARG B 115 -14.93 37.74 1.21
C ARG B 115 -13.96 38.13 0.12
N ASN B 116 -14.26 37.91 -1.14
CA ASN B 116 -13.46 38.33 -2.28
C ASN B 116 -12.15 37.58 -2.40
N VAL B 117 -12.18 36.35 -1.91
CA VAL B 117 -11.05 35.45 -2.03
C VAL B 117 -10.95 34.98 -3.47
N THR B 118 -9.73 34.66 -3.93
CA THR B 118 -9.57 34.13 -5.28
C THR B 118 -9.56 32.61 -5.16
N VAL B 119 -10.62 31.95 -5.57
CA VAL B 119 -10.79 30.53 -5.29
C VAL B 119 -10.47 29.61 -6.44
N MET B 120 -9.59 28.64 -6.16
CA MET B 120 -9.43 27.50 -7.06
C MET B 120 -10.06 26.32 -6.36
N ALA B 121 -10.95 25.68 -7.10
CA ALA B 121 -11.64 24.55 -6.57
C ALA B 121 -10.99 23.30 -7.11
N MET B 122 -10.25 22.67 -6.20
CA MET B 122 -9.41 21.53 -6.46
C MET B 122 -10.12 20.29 -7.00
N ASP B 123 -11.40 20.25 -6.69
CA ASP B 123 -12.27 19.20 -7.14
C ASP B 123 -12.70 19.39 -8.58
N SER B 124 -12.85 20.65 -9.03
CA SER B 124 -13.29 20.98 -10.35
C SER B 124 -12.15 21.62 -11.11
N VAL B 125 -11.00 20.96 -11.06
CA VAL B 125 -9.89 21.26 -11.94
C VAL B 125 -10.26 20.66 -13.28
N PRO B 126 -10.03 21.25 -14.45
CA PRO B 126 -10.31 20.61 -15.73
C PRO B 126 -9.77 19.20 -15.96
N ARG B 127 -10.60 18.39 -16.62
CA ARG B 127 -10.26 17.03 -16.97
C ARG B 127 -9.28 16.86 -18.14
N ILE B 128 -8.27 17.75 -18.27
CA ILE B 128 -7.32 17.73 -19.39
C ILE B 128 -5.94 17.52 -18.78
N SER B 129 -5.17 16.74 -19.52
CA SER B 129 -3.85 16.30 -19.14
C SER B 129 -2.97 17.28 -18.35
N ARG B 130 -2.79 18.56 -18.70
CA ARG B 130 -1.99 19.45 -17.88
C ARG B 130 -2.68 19.88 -16.62
N ALA B 131 -4.00 20.10 -16.64
CA ALA B 131 -4.77 20.51 -15.48
C ALA B 131 -4.83 19.37 -14.46
N GLN B 132 -4.70 18.13 -14.99
CA GLN B 132 -4.55 16.96 -14.15
C GLN B 132 -3.33 16.95 -13.24
N SER B 133 -2.35 17.83 -13.45
CA SER B 133 -1.30 17.98 -12.47
C SER B 133 -1.67 18.80 -11.26
N LEU B 134 -2.58 19.73 -11.54
CA LEU B 134 -3.19 20.61 -10.54
C LEU B 134 -4.34 19.90 -9.89
N ASP B 135 -4.96 18.92 -10.57
CA ASP B 135 -6.15 18.24 -10.10
C ASP B 135 -5.94 17.32 -8.89
N ALA B 136 -6.67 17.74 -7.87
CA ALA B 136 -6.68 17.00 -6.62
C ALA B 136 -7.26 15.63 -6.81
N LEU B 137 -8.38 15.51 -7.52
CA LEU B 137 -9.09 14.25 -7.66
C LEU B 137 -8.26 13.10 -8.18
N SER B 138 -7.41 13.33 -9.15
CA SER B 138 -6.51 12.29 -9.68
C SER B 138 -5.53 11.76 -8.64
N SER B 139 -4.86 12.61 -7.88
CA SER B 139 -4.01 12.23 -6.81
C SER B 139 -4.79 11.56 -5.70
N MET B 140 -5.93 12.12 -5.25
CA MET B 140 -6.80 11.52 -4.27
C MET B 140 -7.35 10.15 -4.66
N ALA B 141 -7.56 9.95 -5.98
CA ALA B 141 -7.95 8.64 -6.50
C ALA B 141 -6.71 7.74 -6.49
N ASN B 142 -5.49 8.23 -6.75
CA ASN B 142 -4.27 7.42 -6.68
C ASN B 142 -4.07 6.89 -5.28
N ILE B 143 -4.32 7.75 -4.27
CA ILE B 143 -4.35 7.37 -2.86
C ILE B 143 -5.42 6.32 -2.69
N ALA B 144 -6.67 6.63 -3.07
CA ALA B 144 -7.86 5.81 -2.88
C ALA B 144 -7.77 4.42 -3.45
N GLY B 145 -7.23 4.18 -4.63
CA GLY B 145 -7.13 2.84 -5.17
C GLY B 145 -6.21 1.97 -4.34
N TYR B 146 -5.04 2.52 -3.96
CA TYR B 146 -4.08 1.79 -3.14
C TYR B 146 -4.66 1.58 -1.74
N ARG B 147 -5.29 2.62 -1.22
CA ARG B 147 -5.82 2.62 0.12
C ARG B 147 -6.98 1.66 0.19
N ALA B 148 -7.74 1.49 -0.90
CA ALA B 148 -8.75 0.44 -1.01
C ALA B 148 -8.18 -0.95 -0.79
N ILE B 149 -7.13 -1.29 -1.55
CA ILE B 149 -6.39 -2.55 -1.40
C ILE B 149 -5.94 -2.73 0.05
N VAL B 150 -5.42 -1.67 0.65
CA VAL B 150 -4.99 -1.64 2.06
C VAL B 150 -6.12 -1.91 3.05
N GLU B 151 -7.16 -1.09 3.14
CA GLU B 151 -8.22 -1.33 4.10
C GLU B 151 -8.91 -2.62 3.84
N ALA B 152 -9.06 -3.00 2.56
CA ALA B 152 -9.52 -4.33 2.22
C ALA B 152 -8.63 -5.37 2.89
N ALA B 153 -7.30 -5.26 2.77
CA ALA B 153 -6.40 -6.22 3.35
C ALA B 153 -6.45 -6.16 4.87
N HIS B 154 -6.79 -5.01 5.44
CA HIS B 154 -7.09 -4.92 6.87
C HIS B 154 -8.24 -5.87 7.27
N GLU B 155 -9.36 -5.92 6.53
CA GLU B 155 -10.40 -6.85 6.94
C GLU B 155 -10.34 -8.16 6.21
N PHE B 156 -9.42 -8.30 5.24
CA PHE B 156 -9.26 -9.49 4.42
C PHE B 156 -8.75 -10.62 5.29
N GLY B 157 -9.32 -11.80 5.09
CA GLY B 157 -8.84 -12.97 5.78
C GLY B 157 -7.54 -13.51 5.24
N ARG B 158 -7.07 -13.21 4.02
CA ARG B 158 -6.10 -14.03 3.30
C ARG B 158 -4.91 -13.25 2.72
N PHE B 159 -3.95 -13.92 2.10
CA PHE B 159 -2.91 -13.19 1.36
C PHE B 159 -3.45 -12.80 0.00
N PHE B 160 -2.74 -11.82 -0.59
CA PHE B 160 -2.88 -11.53 -2.01
C PHE B 160 -2.03 -12.51 -2.81
N THR B 161 -0.80 -12.57 -2.35
CA THR B 161 0.27 -13.24 -3.06
C THR B 161 0.13 -14.73 -2.87
N GLY B 162 0.11 -15.49 -3.98
CA GLY B 162 -0.10 -16.91 -3.94
C GLY B 162 1.20 -17.62 -3.60
N GLN B 163 1.68 -17.38 -2.37
CA GLN B 163 3.00 -17.79 -1.87
C GLN B 163 3.22 -19.32 -1.70
N ILE B 164 4.45 -19.80 -1.91
CA ILE B 164 4.79 -21.19 -1.64
C ILE B 164 5.26 -21.12 -0.20
N THR B 165 4.69 -21.93 0.69
CA THR B 165 5.22 -22.00 2.04
C THR B 165 5.39 -23.51 2.25
N ALA B 166 6.50 -23.97 2.86
CA ALA B 166 6.77 -25.38 3.06
C ALA B 166 5.63 -26.04 3.87
N ALA B 167 4.98 -25.24 4.76
CA ALA B 167 3.73 -25.64 5.35
C ALA B 167 2.68 -25.99 4.32
N GLY B 168 2.34 -25.04 3.45
CA GLY B 168 1.17 -25.11 2.61
C GLY B 168 1.24 -23.96 1.61
N LYS B 169 0.80 -24.16 0.37
CA LYS B 169 0.73 -23.09 -0.62
C LYS B 169 -0.48 -22.24 -0.36
N VAL B 170 -0.29 -20.93 -0.48
CA VAL B 170 -1.37 -19.98 -0.29
C VAL B 170 -2.03 -19.85 -1.65
N PRO B 171 -3.35 -19.89 -1.73
CA PRO B 171 -4.09 -19.59 -2.94
C PRO B 171 -4.01 -18.12 -3.36
N PRO B 172 -3.98 -17.70 -4.61
CA PRO B 172 -3.98 -16.30 -4.97
C PRO B 172 -5.28 -15.58 -4.60
N ALA B 173 -5.17 -14.27 -4.36
CA ALA B 173 -6.39 -13.47 -4.26
C ALA B 173 -6.75 -12.99 -5.68
N LYS B 174 -8.04 -12.93 -5.96
CA LYS B 174 -8.55 -12.37 -7.19
C LYS B 174 -9.20 -11.04 -6.84
N VAL B 175 -8.68 -9.94 -7.36
CA VAL B 175 -9.14 -8.61 -7.01
C VAL B 175 -10.02 -8.15 -8.15
N MET B 176 -11.30 -7.97 -7.90
CA MET B 176 -12.22 -7.50 -8.90
C MET B 176 -12.43 -5.99 -8.79
N VAL B 177 -11.70 -5.23 -9.62
CA VAL B 177 -11.77 -3.79 -9.63
C VAL B 177 -12.87 -3.38 -10.60
N ILE B 178 -13.88 -2.64 -10.16
CA ILE B 178 -14.95 -2.18 -11.04
C ILE B 178 -14.75 -0.66 -11.12
N GLY B 179 -14.76 -0.08 -12.30
CA GLY B 179 -14.47 1.31 -12.52
C GLY B 179 -12.97 1.48 -12.54
N ALA B 180 -12.31 0.89 -13.52
CA ALA B 180 -10.85 0.93 -13.60
C ALA B 180 -10.27 2.33 -13.79
N GLY B 181 -11.10 3.32 -14.00
CA GLY B 181 -10.69 4.73 -14.10
C GLY B 181 -9.95 5.21 -12.86
N VAL B 182 -8.80 5.79 -13.15
CA VAL B 182 -7.95 6.47 -12.19
C VAL B 182 -7.66 5.67 -10.92
N ALA B 183 -8.57 5.72 -9.95
CA ALA B 183 -8.39 5.01 -8.70
C ALA B 183 -8.38 3.50 -8.89
N GLY B 184 -9.32 3.09 -9.73
CA GLY B 184 -9.40 1.68 -10.13
C GLY B 184 -8.07 1.26 -10.74
N LEU B 185 -7.49 2.08 -11.62
CA LEU B 185 -6.20 1.86 -12.27
C LEU B 185 -5.12 1.73 -11.19
N ALA B 186 -5.09 2.64 -10.22
CA ALA B 186 -4.16 2.51 -9.13
C ALA B 186 -4.32 1.22 -8.33
N ALA B 187 -5.54 0.77 -8.08
CA ALA B 187 -5.81 -0.48 -7.38
C ALA B 187 -5.34 -1.69 -8.17
N ILE B 188 -5.57 -1.77 -9.49
CA ILE B 188 -4.97 -2.80 -10.33
C ILE B 188 -3.47 -2.77 -10.17
N GLY B 189 -2.87 -1.58 -10.26
CA GLY B 189 -1.45 -1.42 -10.10
C GLY B 189 -0.92 -1.93 -8.76
N ALA B 190 -1.51 -1.57 -7.62
CA ALA B 190 -1.08 -2.03 -6.30
C ALA B 190 -1.25 -3.54 -6.11
N ALA B 191 -2.43 -4.08 -6.43
CA ALA B 191 -2.68 -5.50 -6.27
C ALA B 191 -1.83 -6.28 -7.28
N ASN B 192 -1.64 -5.81 -8.51
CA ASN B 192 -0.75 -6.47 -9.45
C ASN B 192 0.69 -6.47 -8.93
N SER B 193 1.08 -5.42 -8.22
CA SER B 193 2.37 -5.36 -7.58
C SER B 193 2.49 -6.36 -6.46
N LEU B 194 1.48 -6.45 -5.61
CA LEU B 194 1.36 -7.51 -4.61
C LEU B 194 1.30 -8.91 -5.27
N GLY B 195 0.86 -9.06 -6.53
CA GLY B 195 0.88 -10.36 -7.21
C GLY B 195 -0.44 -11.11 -7.08
N ALA B 196 -1.52 -10.33 -7.06
CA ALA B 196 -2.88 -10.87 -6.99
C ALA B 196 -3.49 -10.77 -8.39
N ILE B 197 -4.34 -11.72 -8.76
CA ILE B 197 -4.86 -11.79 -10.10
C ILE B 197 -5.91 -10.71 -10.09
N VAL B 198 -5.64 -9.66 -10.82
CA VAL B 198 -6.62 -8.59 -10.88
C VAL B 198 -7.52 -8.85 -12.09
N ARG B 199 -8.82 -8.83 -11.81
CA ARG B 199 -9.80 -8.80 -12.84
C ARG B 199 -10.52 -7.46 -12.73
N ALA B 200 -10.25 -6.56 -13.68
CA ALA B 200 -10.76 -5.22 -13.59
C ALA B 200 -11.75 -4.94 -14.69
N PHE B 201 -12.76 -4.13 -14.46
CA PHE B 201 -13.77 -3.77 -15.46
C PHE B 201 -14.00 -2.28 -15.37
N ASP B 202 -14.29 -1.70 -16.51
CA ASP B 202 -14.70 -0.30 -16.60
C ASP B 202 -15.51 -0.29 -17.87
N THR B 203 -16.44 0.62 -18.01
CA THR B 203 -17.36 0.55 -19.11
C THR B 203 -16.78 1.21 -20.35
N ARG B 204 -15.48 1.10 -20.67
CA ARG B 204 -14.77 1.90 -21.69
C ARG B 204 -13.77 1.07 -22.50
N PRO B 205 -13.26 1.57 -23.60
CA PRO B 205 -12.12 0.94 -24.30
C PRO B 205 -10.73 1.04 -23.69
N GLU B 206 -10.15 2.24 -23.56
CA GLU B 206 -8.72 2.36 -23.23
C GLU B 206 -8.26 1.61 -21.97
N VAL B 207 -9.15 1.57 -20.98
CA VAL B 207 -8.96 0.78 -19.76
C VAL B 207 -8.45 -0.63 -19.96
N LYS B 208 -8.95 -1.36 -20.95
CA LYS B 208 -8.48 -2.71 -21.21
C LYS B 208 -6.96 -2.71 -21.47
N GLU B 209 -6.51 -1.86 -22.38
CA GLU B 209 -5.11 -1.79 -22.73
C GLU B 209 -4.22 -1.40 -21.53
N GLN B 210 -4.81 -0.63 -20.59
CA GLN B 210 -4.14 -0.30 -19.34
C GLN B 210 -4.01 -1.56 -18.52
N VAL B 211 -5.06 -2.39 -18.38
CA VAL B 211 -4.97 -3.62 -17.61
C VAL B 211 -3.97 -4.61 -18.24
N GLN B 212 -3.88 -4.62 -19.57
CA GLN B 212 -2.88 -5.35 -20.30
C GLN B 212 -1.50 -4.83 -19.95
N SER B 213 -1.32 -3.53 -19.70
CA SER B 213 -0.03 -3.05 -19.23
C SER B 213 0.32 -3.41 -17.79
N MET B 214 -0.62 -4.09 -17.11
CA MET B 214 -0.31 -4.75 -15.86
C MET B 214 -0.04 -6.23 -16.02
N GLY B 215 -0.45 -6.87 -17.11
CA GLY B 215 -0.47 -8.35 -17.22
C GLY B 215 -1.59 -8.94 -16.35
N ALA B 216 -2.76 -8.33 -16.41
CA ALA B 216 -3.90 -8.72 -15.59
C ALA B 216 -5.13 -9.00 -16.42
N GLU B 217 -6.16 -9.61 -15.86
CA GLU B 217 -7.35 -9.92 -16.62
C GLU B 217 -8.22 -8.67 -16.71
N PHE B 218 -8.61 -8.20 -17.89
CA PHE B 218 -9.69 -7.21 -17.99
C PHE B 218 -10.96 -8.03 -18.16
N LEU B 219 -11.99 -7.75 -17.37
CA LEU B 219 -13.33 -8.29 -17.62
C LEU B 219 -13.89 -7.47 -18.78
N GLU B 220 -13.96 -8.10 -19.92
CA GLU B 220 -14.34 -7.38 -21.11
C GLU B 220 -15.85 -7.11 -21.16
N LEU B 221 -16.14 -6.02 -21.82
CA LEU B 221 -17.51 -5.61 -22.06
C LEU B 221 -18.30 -6.63 -22.86
N ASP B 222 -19.47 -7.03 -22.34
CA ASP B 222 -20.30 -8.14 -22.79
C ASP B 222 -21.05 -7.76 -24.06
N MET B 237 -22.25 3.90 -23.09
CA MET B 237 -22.48 3.65 -21.71
C MET B 237 -22.54 5.07 -21.13
N SER B 238 -23.57 5.73 -20.58
CA SER B 238 -24.91 5.25 -20.34
C SER B 238 -25.04 4.02 -19.45
N ASP B 239 -26.26 3.69 -19.03
CA ASP B 239 -26.57 2.49 -18.25
C ASP B 239 -26.17 1.25 -19.08
N ALA B 240 -26.62 1.19 -20.35
CA ALA B 240 -26.29 0.17 -21.33
C ALA B 240 -26.07 -1.27 -20.86
N PHE B 241 -24.95 -1.64 -20.28
CA PHE B 241 -24.67 -3.03 -20.07
C PHE B 241 -25.12 -3.46 -18.69
N ILE B 242 -25.70 -2.62 -17.83
CA ILE B 242 -26.08 -2.89 -16.42
C ILE B 242 -26.55 -4.30 -16.03
N LYS B 243 -27.24 -5.03 -16.92
CA LYS B 243 -27.58 -6.42 -16.64
C LYS B 243 -26.43 -7.39 -16.89
N ALA B 244 -25.66 -7.15 -17.97
CA ALA B 244 -24.44 -7.88 -18.16
C ALA B 244 -23.48 -7.56 -17.03
N GLU B 245 -23.29 -6.26 -16.70
CA GLU B 245 -22.48 -5.84 -15.55
C GLU B 245 -22.82 -6.61 -14.30
N MET B 246 -24.07 -6.50 -13.82
CA MET B 246 -24.53 -7.10 -12.57
C MET B 246 -24.24 -8.58 -12.52
N GLU B 247 -24.62 -9.31 -13.57
CA GLU B 247 -24.47 -10.75 -13.63
C GLU B 247 -23.06 -11.29 -13.79
N LEU B 248 -22.16 -10.54 -14.43
CA LEU B 248 -20.73 -10.81 -14.49
C LEU B 248 -20.21 -10.73 -13.08
N PHE B 249 -20.54 -9.65 -12.38
CA PHE B 249 -20.16 -9.50 -10.97
C PHE B 249 -20.72 -10.62 -10.12
N ALA B 250 -21.95 -11.06 -10.30
CA ALA B 250 -22.48 -12.22 -9.60
C ALA B 250 -21.72 -13.51 -9.85
N ALA B 251 -21.37 -13.83 -11.11
CA ALA B 251 -20.53 -15.00 -11.36
C ALA B 251 -19.17 -14.85 -10.66
N GLN B 252 -18.47 -13.75 -10.87
CA GLN B 252 -17.25 -13.48 -10.13
C GLN B 252 -17.37 -13.44 -8.62
N ALA B 253 -18.52 -13.06 -8.06
CA ALA B 253 -18.71 -12.95 -6.61
C ALA B 253 -18.29 -14.22 -5.85
N LYS B 254 -18.47 -15.38 -6.45
CA LYS B 254 -18.07 -16.62 -5.84
C LYS B 254 -16.57 -16.85 -5.92
N GLU B 255 -15.89 -16.37 -6.95
CA GLU B 255 -14.45 -16.48 -7.13
C GLU B 255 -13.68 -15.40 -6.41
N VAL B 256 -14.11 -14.13 -6.44
CA VAL B 256 -13.26 -13.02 -6.08
C VAL B 256 -13.15 -12.78 -4.60
N ASP B 257 -12.07 -12.07 -4.30
CA ASP B 257 -11.75 -11.67 -2.97
C ASP B 257 -11.96 -10.18 -2.71
N ILE B 258 -11.12 -9.36 -3.33
CA ILE B 258 -11.17 -7.91 -3.07
C ILE B 258 -11.88 -7.26 -4.22
N ILE B 259 -13.14 -6.89 -4.03
CA ILE B 259 -13.83 -6.04 -4.99
C ILE B 259 -13.46 -4.62 -4.67
N VAL B 260 -12.77 -3.92 -5.60
CA VAL B 260 -12.46 -2.50 -5.44
C VAL B 260 -13.48 -1.77 -6.31
N THR B 261 -14.64 -1.46 -5.74
CA THR B 261 -15.67 -0.89 -6.53
C THR B 261 -15.63 0.63 -6.47
N THR B 262 -15.35 1.14 -7.67
CA THR B 262 -14.88 2.48 -7.84
C THR B 262 -15.61 3.13 -9.01
N ALA B 263 -16.68 2.48 -9.54
CA ALA B 263 -17.35 2.91 -10.75
C ALA B 263 -18.14 4.19 -10.57
N LEU B 264 -17.43 5.29 -10.72
CA LEU B 264 -17.95 6.65 -10.58
C LEU B 264 -18.08 7.29 -11.92
N ILE B 265 -19.25 7.82 -12.24
CA ILE B 265 -19.38 8.66 -13.40
C ILE B 265 -18.80 9.99 -12.93
N PRO B 266 -17.91 10.66 -13.64
CA PRO B 266 -17.48 12.04 -13.35
C PRO B 266 -18.62 13.05 -13.50
N GLY B 267 -19.58 12.98 -12.59
CA GLY B 267 -20.82 13.76 -12.70
C GLY B 267 -21.91 13.01 -11.94
N LYS B 268 -22.52 11.99 -12.57
CA LYS B 268 -23.54 11.18 -11.97
C LYS B 268 -23.08 10.37 -10.77
N PRO B 269 -23.89 10.29 -9.71
CA PRO B 269 -23.74 9.35 -8.61
C PRO B 269 -23.72 7.92 -9.12
N ALA B 270 -22.72 7.22 -8.59
CA ALA B 270 -22.39 5.85 -8.96
C ALA B 270 -23.57 4.91 -8.69
N PRO B 271 -23.99 4.11 -9.68
CA PRO B 271 -25.06 3.13 -9.56
C PRO B 271 -24.76 2.02 -8.58
N LYS B 272 -25.78 1.51 -7.88
CA LYS B 272 -25.68 0.29 -7.11
C LYS B 272 -25.62 -0.88 -8.09
N LEU B 273 -24.41 -1.32 -8.35
CA LEU B 273 -24.11 -2.53 -9.11
C LEU B 273 -23.91 -3.77 -8.20
N ILE B 274 -23.13 -3.59 -7.18
CA ILE B 274 -22.78 -4.67 -6.29
C ILE B 274 -23.92 -4.74 -5.31
N THR B 275 -24.95 -5.44 -5.82
CA THR B 275 -26.20 -5.56 -5.09
C THR B 275 -26.05 -6.69 -4.07
N ARG B 276 -27.05 -6.91 -3.23
CA ARG B 276 -27.07 -8.00 -2.29
C ARG B 276 -26.82 -9.33 -2.96
N GLU B 277 -27.43 -9.50 -4.13
CA GLU B 277 -27.20 -10.70 -4.90
C GLU B 277 -25.77 -10.95 -5.32
N MET B 278 -24.89 -9.94 -5.36
CA MET B 278 -23.48 -10.21 -5.38
C MET B 278 -22.95 -10.41 -3.97
N VAL B 279 -23.25 -9.45 -3.11
CA VAL B 279 -22.65 -9.34 -1.79
C VAL B 279 -22.87 -10.58 -0.96
N ASP B 280 -24.10 -10.97 -0.67
CA ASP B 280 -24.37 -12.16 0.13
C ASP B 280 -23.86 -13.44 -0.52
N SER B 281 -23.91 -13.53 -1.84
CA SER B 281 -23.44 -14.71 -2.55
C SER B 281 -21.92 -14.75 -2.59
N MET B 282 -21.24 -13.64 -2.31
CA MET B 282 -19.79 -13.60 -2.28
C MET B 282 -19.06 -14.59 -1.42
N LYS B 283 -17.90 -15.01 -1.92
CA LYS B 283 -17.00 -15.81 -1.10
C LYS B 283 -16.57 -15.00 0.12
N ALA B 284 -16.66 -15.57 1.33
CA ALA B 284 -16.31 -14.95 2.58
C ALA B 284 -14.83 -14.57 2.80
N GLY B 285 -14.61 -13.74 3.82
CA GLY B 285 -13.29 -13.22 4.20
C GLY B 285 -12.66 -12.29 3.19
N SER B 286 -13.57 -11.67 2.47
CA SER B 286 -13.25 -10.91 1.28
C SER B 286 -13.89 -9.56 1.47
N VAL B 287 -13.43 -8.59 0.75
CA VAL B 287 -13.76 -7.22 1.07
C VAL B 287 -14.30 -6.54 -0.18
N ILE B 288 -15.46 -5.90 -0.04
CA ILE B 288 -15.97 -5.06 -1.09
C ILE B 288 -15.65 -3.62 -0.70
N VAL B 289 -14.55 -3.06 -1.22
CA VAL B 289 -14.30 -1.66 -0.94
C VAL B 289 -15.13 -0.76 -1.86
N ASP B 290 -16.10 -0.06 -1.34
CA ASP B 290 -16.83 0.89 -2.09
C ASP B 290 -16.13 2.24 -1.94
N LEU B 291 -15.29 2.49 -2.93
CA LEU B 291 -14.62 3.76 -3.06
C LEU B 291 -15.54 4.81 -3.58
N ALA B 292 -16.63 4.41 -4.27
CA ALA B 292 -17.60 5.38 -4.81
C ALA B 292 -18.71 5.79 -3.84
N ALA B 293 -18.63 5.41 -2.58
CA ALA B 293 -19.64 5.74 -1.59
C ALA B 293 -20.11 7.20 -1.44
N GLN B 294 -19.16 8.18 -1.46
CA GLN B 294 -19.52 9.60 -1.36
C GLN B 294 -20.34 10.12 -2.51
N ASN B 295 -20.16 9.51 -3.69
CA ASN B 295 -20.94 9.91 -4.87
C ASN B 295 -21.71 8.69 -5.37
N GLY B 296 -22.80 8.31 -4.70
CA GLY B 296 -23.63 7.21 -5.13
C GLY B 296 -23.37 5.89 -4.42
N GLY B 297 -22.17 5.30 -4.48
CA GLY B 297 -21.90 4.02 -3.86
C GLY B 297 -22.37 2.87 -4.70
N ASN B 298 -21.44 2.00 -5.11
CA ASN B 298 -21.75 0.89 -6.00
C ASN B 298 -22.34 -0.32 -5.31
N CYS B 299 -22.07 -0.53 -4.02
CA CYS B 299 -22.57 -1.66 -3.27
C CYS B 299 -23.83 -1.30 -2.51
N GLU B 300 -24.76 -2.25 -2.38
CA GLU B 300 -25.97 -1.99 -1.64
C GLU B 300 -25.76 -1.84 -0.14
N TYR B 301 -24.80 -2.57 0.46
CA TYR B 301 -24.61 -2.52 1.91
C TYR B 301 -23.80 -1.35 2.45
N THR B 302 -23.52 -0.40 1.56
CA THR B 302 -22.66 0.71 1.88
C THR B 302 -23.29 1.72 2.82
N VAL B 303 -22.81 1.71 4.03
CA VAL B 303 -22.89 2.88 4.85
C VAL B 303 -21.55 3.58 4.61
N PRO B 304 -21.55 4.85 4.17
CA PRO B 304 -20.34 5.61 3.96
C PRO B 304 -19.51 5.80 5.20
N GLY B 305 -18.21 5.62 5.00
CA GLY B 305 -17.26 5.77 6.08
C GLY B 305 -17.33 4.64 7.11
N GLU B 306 -17.50 3.41 6.58
CA GLU B 306 -17.75 2.28 7.46
C GLU B 306 -17.21 0.96 6.95
N ILE B 307 -16.92 0.11 7.93
CA ILE B 307 -16.66 -1.31 7.64
C ILE B 307 -18.01 -1.94 8.00
N PHE B 308 -18.79 -2.36 6.99
CA PHE B 308 -20.04 -3.05 7.21
C PHE B 308 -19.83 -4.51 6.92
N THR B 309 -19.71 -5.32 7.97
CA THR B 309 -19.54 -6.77 7.78
C THR B 309 -20.86 -7.44 7.57
N THR B 310 -20.95 -8.07 6.42
CA THR B 310 -22.11 -8.85 6.06
C THR B 310 -22.03 -10.19 6.71
N GLU B 311 -23.18 -10.67 7.22
CA GLU B 311 -23.21 -11.91 7.98
C GLU B 311 -22.49 -13.13 7.38
N ASN B 312 -22.44 -13.21 6.04
CA ASN B 312 -21.75 -14.21 5.26
C ASN B 312 -20.26 -14.28 5.45
N GLY B 313 -19.64 -13.20 5.96
CA GLY B 313 -18.21 -13.15 6.21
C GLY B 313 -17.53 -12.14 5.28
N VAL B 314 -18.27 -11.48 4.43
CA VAL B 314 -17.69 -10.45 3.60
C VAL B 314 -17.75 -9.10 4.34
N LYS B 315 -16.77 -8.24 4.09
CA LYS B 315 -16.78 -6.94 4.70
C LYS B 315 -17.02 -5.90 3.59
N VAL B 316 -18.15 -5.20 3.61
CA VAL B 316 -18.37 -4.09 2.71
C VAL B 316 -17.71 -2.85 3.33
N ILE B 317 -16.49 -2.57 2.89
CA ILE B 317 -15.76 -1.39 3.37
C ILE B 317 -16.12 -0.21 2.50
N GLY B 318 -17.15 0.51 2.92
CA GLY B 318 -17.63 1.65 2.21
C GLY B 318 -16.90 2.89 2.66
N TYR B 319 -15.83 3.31 2.03
CA TYR B 319 -15.12 4.46 2.56
C TYR B 319 -15.06 5.70 1.70
N THR B 320 -15.46 6.80 2.35
CA THR B 320 -15.37 8.12 1.79
C THR B 320 -13.93 8.64 1.97
N ASP B 321 -13.57 8.62 3.25
CA ASP B 321 -12.32 9.19 3.73
C ASP B 321 -11.01 8.49 3.35
N LEU B 322 -10.99 7.67 2.30
CA LEU B 322 -9.81 6.95 1.84
C LEU B 322 -8.51 7.77 1.62
N PRO B 323 -8.52 9.03 1.19
CA PRO B 323 -7.34 9.90 1.26
C PRO B 323 -6.88 10.14 2.71
N GLY B 324 -7.76 10.60 3.58
CA GLY B 324 -7.41 10.91 4.96
C GLY B 324 -6.83 9.72 5.70
N ARG B 325 -7.31 8.54 5.36
CA ARG B 325 -6.80 7.31 5.95
C ARG B 325 -5.32 7.09 5.70
N LEU B 326 -4.80 7.64 4.60
CA LEU B 326 -3.38 7.66 4.33
C LEU B 326 -2.97 9.14 4.43
N PRO B 327 -2.81 9.70 5.63
CA PRO B 327 -2.76 11.15 5.85
C PRO B 327 -1.63 11.89 5.11
N THR B 328 -0.39 11.59 5.46
CA THR B 328 0.77 12.31 4.97
C THR B 328 0.89 12.21 3.45
N GLN B 329 0.58 11.08 2.84
CA GLN B 329 0.76 10.89 1.43
C GLN B 329 -0.27 11.70 0.67
N SER B 330 -1.46 11.77 1.26
CA SER B 330 -2.46 12.66 0.75
C SER B 330 -2.00 14.11 0.82
N SER B 331 -1.46 14.58 1.93
CA SER B 331 -0.88 15.91 2.04
C SER B 331 0.29 16.13 1.07
N GLN B 332 1.03 15.08 0.70
CA GLN B 332 2.10 15.21 -0.25
C GLN B 332 1.52 15.34 -1.65
N LEU B 333 0.57 14.52 -2.06
CA LEU B 333 0.08 14.53 -3.45
C LEU B 333 -0.82 15.73 -3.66
N TYR B 334 -1.74 15.98 -2.74
CA TYR B 334 -2.57 17.19 -2.77
C TYR B 334 -1.69 18.41 -2.74
N GLY B 335 -0.68 18.42 -1.83
CA GLY B 335 0.31 19.48 -1.79
C GLY B 335 0.99 19.64 -3.14
N THR B 336 1.41 18.56 -3.80
CA THR B 336 2.05 18.67 -5.10
C THR B 336 1.05 19.13 -6.16
N ASN B 337 -0.23 18.92 -6.02
CA ASN B 337 -1.22 19.47 -6.97
C ASN B 337 -1.26 20.98 -6.75
N LEU B 338 -1.35 21.41 -5.50
CA LEU B 338 -1.33 22.81 -5.14
C LEU B 338 -0.08 23.46 -5.64
N VAL B 339 1.10 22.81 -5.59
CA VAL B 339 2.34 23.27 -6.20
C VAL B 339 2.17 23.56 -7.68
N ASN B 340 1.65 22.60 -8.44
CA ASN B 340 1.49 22.73 -9.88
C ASN B 340 0.54 23.86 -10.21
N LEU B 341 -0.57 23.93 -9.50
CA LEU B 341 -1.49 25.04 -9.61
C LEU B 341 -0.83 26.39 -9.41
N LEU B 342 -0.02 26.51 -8.36
CA LEU B 342 0.64 27.75 -8.04
C LEU B 342 1.85 27.94 -8.94
N LYS B 343 2.34 26.89 -9.64
CA LYS B 343 3.32 27.07 -10.71
C LYS B 343 2.64 27.70 -11.92
N LEU B 344 1.39 27.37 -12.24
CA LEU B 344 0.66 28.11 -13.24
C LEU B 344 0.34 29.54 -12.82
N LEU B 345 0.07 29.82 -11.54
CA LEU B 345 -0.23 31.19 -11.12
C LEU B 345 1.02 32.06 -10.90
N CYS B 346 2.02 31.49 -10.24
CA CYS B 346 3.24 32.19 -9.93
C CYS B 346 4.29 31.64 -10.92
N LYS B 347 4.07 31.80 -12.23
CA LYS B 347 4.94 31.25 -13.22
C LYS B 347 6.39 31.69 -13.15
N GLU B 348 6.62 32.82 -12.50
CA GLU B 348 7.99 33.34 -12.34
C GLU B 348 8.75 32.77 -11.13
N LYS B 349 8.10 31.97 -10.29
CA LYS B 349 8.65 31.42 -9.06
C LYS B 349 9.14 32.51 -8.12
N ASP B 350 8.22 33.39 -7.82
CA ASP B 350 8.50 34.64 -7.14
C ASP B 350 7.56 34.95 -5.98
N GLY B 351 6.58 34.07 -5.74
CA GLY B 351 5.49 34.35 -4.79
C GLY B 351 4.24 35.07 -5.33
N ASN B 352 4.40 35.94 -6.36
CA ASN B 352 3.26 36.74 -6.74
C ASN B 352 2.38 35.99 -7.72
N ILE B 353 1.12 35.87 -7.35
CA ILE B 353 0.14 35.14 -8.13
C ILE B 353 -0.32 36.07 -9.25
N THR B 354 -0.03 35.65 -10.50
CA THR B 354 -0.63 36.18 -11.71
C THR B 354 -1.96 35.51 -11.94
N VAL B 355 -3.02 36.27 -11.69
CA VAL B 355 -4.34 35.73 -11.80
C VAL B 355 -4.72 35.83 -13.26
N ASP B 356 -4.45 34.74 -13.96
CA ASP B 356 -4.71 34.65 -15.40
C ASP B 356 -6.23 34.63 -15.64
N PHE B 357 -6.62 34.80 -16.89
CA PHE B 357 -8.00 34.58 -17.30
C PHE B 357 -8.05 33.72 -18.56
N ASP B 358 -7.15 34.02 -19.48
CA ASP B 358 -7.08 33.40 -20.79
C ASP B 358 -6.77 31.93 -20.76
N ASP B 359 -5.86 31.50 -19.91
CA ASP B 359 -5.46 30.09 -19.81
C ASP B 359 -6.62 29.19 -19.42
N VAL B 360 -7.06 28.32 -20.35
CA VAL B 360 -8.20 27.43 -20.14
C VAL B 360 -8.17 26.66 -18.81
N VAL B 361 -6.99 26.24 -18.38
CA VAL B 361 -6.83 25.48 -17.15
C VAL B 361 -7.14 26.33 -15.94
N ILE B 362 -6.45 27.47 -15.86
CA ILE B 362 -6.72 28.43 -14.83
C ILE B 362 -8.15 28.90 -14.77
N ARG B 363 -8.73 29.34 -15.88
CA ARG B 363 -10.10 29.75 -15.99
C ARG B 363 -11.13 28.72 -15.56
N GLY B 364 -10.82 27.42 -15.76
CA GLY B 364 -11.58 26.28 -15.29
C GLY B 364 -11.50 26.20 -13.77
N VAL B 365 -10.27 26.08 -13.23
CA VAL B 365 -10.09 25.81 -11.80
C VAL B 365 -10.44 27.00 -10.93
N THR B 366 -10.13 28.22 -11.39
CA THR B 366 -10.35 29.42 -10.63
C THR B 366 -11.86 29.68 -10.78
N VAL B 367 -12.54 29.15 -9.78
CA VAL B 367 -14.01 29.17 -9.74
C VAL B 367 -14.51 30.52 -9.26
N ILE B 368 -13.68 31.19 -8.44
CA ILE B 368 -13.99 32.55 -8.06
C ILE B 368 -12.75 33.40 -8.35
N ARG B 369 -12.81 34.22 -9.39
CA ARG B 369 -11.73 35.17 -9.63
C ARG B 369 -12.03 36.36 -8.74
N ALA B 370 -11.48 36.27 -7.52
CA ALA B 370 -11.46 37.37 -6.55
C ALA B 370 -12.80 38.05 -6.39
N GLY B 371 -13.72 37.31 -5.75
CA GLY B 371 -15.11 37.78 -5.65
C GLY B 371 -16.02 37.45 -6.79
N GLU B 372 -15.54 37.56 -8.01
CA GLU B 372 -16.37 37.28 -9.21
C GLU B 372 -16.42 35.77 -9.35
N ILE B 373 -17.60 35.16 -9.15
CA ILE B 373 -17.80 33.74 -9.32
C ILE B 373 -17.67 33.43 -10.78
N THR B 374 -16.48 33.05 -11.22
CA THR B 374 -16.15 32.68 -12.60
C THR B 374 -16.53 31.26 -12.96
N TRP B 375 -17.05 30.48 -12.00
CA TRP B 375 -17.67 29.21 -12.29
C TRP B 375 -19.12 29.60 -12.60
N PRO B 376 -19.81 29.12 -13.66
CA PRO B 376 -19.35 28.01 -14.55
C PRO B 376 -18.11 28.16 -15.42
N ALA B 377 -17.38 27.08 -15.48
CA ALA B 377 -16.09 27.04 -16.17
C ALA B 377 -16.37 26.70 -17.64
N PRO B 378 -15.51 26.94 -18.65
CA PRO B 378 -15.72 26.56 -20.04
C PRO B 378 -15.99 25.05 -20.19
N PRO B 379 -16.70 24.56 -21.22
CA PRO B 379 -17.01 23.15 -21.39
C PRO B 379 -15.78 22.26 -21.60
N ILE B 380 -15.53 21.40 -20.62
CA ILE B 380 -14.31 20.62 -20.62
C ILE B 380 -14.58 19.28 -21.28
N GLN B 381 -13.76 18.89 -22.23
CA GLN B 381 -13.76 17.52 -22.74
C GLN B 381 -13.22 16.60 -21.66
N VAL B 382 -14.06 15.65 -21.29
CA VAL B 382 -13.76 14.64 -20.30
C VAL B 382 -13.62 13.30 -21.00
N SER B 383 -12.63 12.60 -20.84
N ALA C 20 20.07 2.91 -34.24
CA ALA C 20 20.24 3.43 -32.89
C ALA C 20 21.71 3.37 -32.51
N GLU C 21 22.58 2.67 -33.27
CA GLU C 21 24.02 2.81 -33.05
C GLU C 21 24.50 4.26 -32.95
N GLU C 22 23.87 5.12 -33.76
CA GLU C 22 24.08 6.56 -33.83
C GLU C 22 23.86 7.15 -32.44
N THR C 23 22.84 6.71 -31.72
CA THR C 23 22.56 7.26 -30.41
C THR C 23 23.68 6.94 -29.42
N ALA C 24 24.37 5.78 -29.50
CA ALA C 24 25.52 5.44 -28.66
C ALA C 24 26.68 6.39 -28.91
N GLU C 25 26.93 6.58 -30.20
CA GLU C 25 27.92 7.54 -30.65
C GLU C 25 27.66 8.94 -30.18
N LEU C 26 26.39 9.26 -30.11
CA LEU C 26 25.93 10.54 -29.61
C LEU C 26 26.21 10.69 -28.13
N LEU C 27 25.60 9.79 -27.35
CA LEU C 27 25.56 9.90 -25.85
C LEU C 27 26.92 10.19 -25.23
N LYS C 28 28.00 9.53 -25.67
CA LYS C 28 29.29 9.79 -25.09
C LYS C 28 29.75 11.27 -25.17
N ASN C 29 29.32 11.96 -26.22
CA ASN C 29 29.58 13.38 -26.37
C ASN C 29 28.48 14.29 -25.84
N SER C 30 27.26 13.81 -25.74
CA SER C 30 26.08 14.64 -25.47
C SER C 30 26.01 15.50 -24.22
N HIS C 31 26.85 15.24 -23.23
CA HIS C 31 26.82 15.92 -21.94
C HIS C 31 25.50 15.92 -21.19
N SER C 32 24.38 16.38 -21.73
CA SER C 32 23.10 16.13 -21.07
C SER C 32 22.31 15.15 -21.85
N VAL C 33 21.74 14.16 -21.11
CA VAL C 33 20.85 13.17 -21.66
C VAL C 33 19.67 13.09 -20.70
N ILE C 34 18.50 13.48 -21.18
CA ILE C 34 17.29 13.38 -20.36
C ILE C 34 16.50 12.21 -20.93
N ILE C 35 16.60 11.08 -20.26
CA ILE C 35 15.96 9.86 -20.69
C ILE C 35 14.52 10.01 -20.20
N THR C 36 13.56 10.22 -21.07
CA THR C 36 12.19 10.56 -20.70
C THR C 36 11.34 9.30 -20.90
N PRO C 37 11.08 8.48 -19.85
CA PRO C 37 10.21 7.32 -19.96
C PRO C 37 8.77 7.68 -20.28
N GLY C 38 8.34 7.28 -21.45
CA GLY C 38 6.92 7.12 -21.78
C GLY C 38 6.50 5.67 -21.61
N TYR C 39 5.31 5.28 -22.11
CA TYR C 39 4.83 3.88 -22.10
C TYR C 39 5.84 2.88 -22.64
N GLY C 40 6.85 3.26 -23.43
CA GLY C 40 7.83 2.30 -23.95
C GLY C 40 8.56 1.62 -22.84
N MET C 41 8.90 2.34 -21.76
CA MET C 41 9.59 1.73 -20.63
C MET C 41 8.70 0.84 -19.77
N ALA C 42 7.40 0.78 -19.96
CA ALA C 42 6.46 -0.03 -19.18
C ALA C 42 6.15 -1.31 -19.96
N VAL C 43 5.73 -1.13 -21.23
CA VAL C 43 5.40 -2.29 -22.07
C VAL C 43 6.65 -3.10 -22.35
N ALA C 44 7.74 -2.43 -22.70
CA ALA C 44 8.98 -3.15 -22.88
C ALA C 44 9.73 -3.04 -21.59
N GLN C 45 10.46 -4.07 -21.20
CA GLN C 45 11.30 -4.04 -20.00
C GLN C 45 12.58 -3.18 -20.19
N ALA C 46 12.39 -1.90 -20.59
CA ALA C 46 13.47 -1.04 -20.98
C ALA C 46 14.25 -0.55 -19.77
N GLN C 47 13.66 -0.68 -18.59
CA GLN C 47 14.36 -0.29 -17.39
C GLN C 47 15.55 -1.13 -16.96
N TYR C 48 15.49 -2.46 -17.10
CA TYR C 48 16.57 -3.33 -16.62
C TYR C 48 17.90 -3.07 -17.30
N PRO C 49 17.96 -2.76 -18.58
CA PRO C 49 19.16 -2.20 -19.20
C PRO C 49 19.41 -0.72 -18.89
N VAL C 50 18.40 0.14 -18.62
CA VAL C 50 18.65 1.56 -18.54
C VAL C 50 19.65 1.98 -17.47
N ALA C 51 19.67 1.32 -16.32
CA ALA C 51 20.66 1.65 -15.31
C ALA C 51 22.09 1.35 -15.70
N GLU C 52 22.26 0.36 -16.59
CA GLU C 52 23.57 0.01 -17.12
C GLU C 52 24.11 1.07 -18.08
N ILE C 53 23.25 1.80 -18.82
CA ILE C 53 23.71 2.95 -19.59
C ILE C 53 23.93 4.08 -18.62
N THR C 54 23.06 4.33 -17.63
CA THR C 54 23.29 5.31 -16.57
C THR C 54 24.59 5.11 -15.84
N GLU C 55 25.11 3.89 -15.79
CA GLU C 55 26.43 3.59 -15.24
C GLU C 55 27.48 4.41 -16.01
N LYS C 56 27.52 4.24 -17.33
CA LYS C 56 28.53 4.91 -18.13
C LYS C 56 28.27 6.38 -18.33
N LEU C 57 27.01 6.82 -18.31
CA LEU C 57 26.68 8.21 -18.47
C LEU C 57 27.22 8.96 -17.25
N ARG C 58 26.94 8.40 -16.05
CA ARG C 58 27.40 9.01 -14.82
C ARG C 58 28.93 8.96 -14.73
N ALA C 59 29.51 7.81 -15.06
CA ALA C 59 30.97 7.71 -15.17
C ALA C 59 31.66 8.71 -16.13
N ARG C 60 30.93 9.12 -17.19
CA ARG C 60 31.42 10.14 -18.10
C ARG C 60 31.06 11.57 -17.71
N GLY C 61 30.48 11.76 -16.51
CA GLY C 61 30.10 13.07 -16.07
C GLY C 61 28.97 13.61 -16.92
N ILE C 62 28.03 12.75 -17.34
CA ILE C 62 26.93 13.21 -18.17
C ILE C 62 25.77 13.52 -17.24
N ASN C 63 25.28 14.73 -17.38
CA ASN C 63 24.05 15.19 -16.74
C ASN C 63 22.87 14.36 -17.25
N VAL C 64 22.58 13.27 -16.53
CA VAL C 64 21.49 12.42 -16.95
C VAL C 64 20.32 12.60 -15.97
N ARG C 65 19.11 12.83 -16.51
CA ARG C 65 17.89 12.94 -15.72
C ARG C 65 16.92 11.99 -16.33
N PHE C 66 15.93 11.54 -15.56
CA PHE C 66 14.94 10.65 -16.06
C PHE C 66 13.58 11.34 -15.95
N GLY C 67 13.09 11.77 -17.11
CA GLY C 67 11.86 12.56 -17.20
C GLY C 67 10.67 11.63 -17.19
N ILE C 68 10.20 11.13 -16.07
CA ILE C 68 9.04 10.23 -16.11
C ILE C 68 7.78 11.02 -16.45
N HIS C 69 7.06 10.58 -17.48
CA HIS C 69 5.90 11.34 -17.85
C HIS C 69 4.67 10.72 -17.16
N PRO C 70 3.87 11.50 -16.43
CA PRO C 70 2.63 11.01 -15.81
C PRO C 70 1.64 10.44 -16.83
N VAL C 71 1.17 11.28 -17.75
CA VAL C 71 0.46 10.75 -18.91
C VAL C 71 1.46 9.91 -19.70
N ALA C 72 1.47 8.62 -19.37
CA ALA C 72 2.43 7.71 -19.93
C ALA C 72 2.05 7.14 -21.28
N GLY C 73 0.75 6.99 -21.44
CA GLY C 73 0.21 6.29 -22.59
C GLY C 73 -0.77 5.25 -22.12
N ARG C 74 -0.32 4.44 -21.19
CA ARG C 74 -1.14 3.62 -20.37
C ARG C 74 -0.60 3.94 -19.00
N LEU C 75 -1.56 4.27 -18.13
CA LEU C 75 -1.40 4.56 -16.72
C LEU C 75 -0.67 5.87 -16.40
N PRO C 76 -0.93 6.48 -15.24
CA PRO C 76 -0.04 7.42 -14.61
C PRO C 76 1.33 6.79 -14.36
N GLY C 77 2.18 6.90 -15.37
CA GLY C 77 3.58 6.45 -15.35
C GLY C 77 3.88 5.07 -14.78
N HIS C 78 3.19 3.97 -15.17
CA HIS C 78 3.42 2.64 -14.62
C HIS C 78 4.85 2.17 -14.59
N MET C 79 5.71 2.71 -15.46
CA MET C 79 7.12 2.33 -15.54
C MET C 79 7.88 2.69 -14.28
N ASN C 80 7.42 3.70 -13.53
CA ASN C 80 8.16 4.14 -12.35
C ASN C 80 8.11 3.09 -11.21
N VAL C 81 7.12 2.20 -11.23
CA VAL C 81 7.08 1.03 -10.35
C VAL C 81 8.24 0.14 -10.78
N LEU C 82 8.33 -0.20 -12.07
CA LEU C 82 9.39 -1.01 -12.63
C LEU C 82 10.78 -0.47 -12.42
N LEU C 83 10.94 0.87 -12.33
CA LEU C 83 12.25 1.46 -12.15
C LEU C 83 12.88 1.10 -10.82
N ALA C 84 12.13 0.70 -9.78
CA ALA C 84 12.65 0.23 -8.53
C ALA C 84 13.34 -1.13 -8.65
N GLU C 85 12.84 -2.03 -9.52
CA GLU C 85 13.48 -3.30 -9.83
C GLU C 85 14.74 -2.95 -10.59
N ALA C 86 14.69 -2.00 -11.53
CA ALA C 86 15.91 -1.60 -12.25
C ALA C 86 16.97 -0.91 -11.43
N LYS C 87 16.58 -0.35 -10.29
CA LYS C 87 17.40 0.27 -9.26
C LYS C 87 17.96 1.59 -9.81
N VAL C 88 17.10 2.39 -10.46
CA VAL C 88 17.48 3.72 -10.94
C VAL C 88 17.37 4.69 -9.75
N PRO C 89 18.36 5.57 -9.42
CA PRO C 89 18.24 6.54 -8.33
C PRO C 89 17.12 7.58 -8.54
N TYR C 90 16.12 7.52 -7.62
CA TYR C 90 14.93 8.37 -7.65
C TYR C 90 15.23 9.87 -7.55
N ASP C 91 16.47 10.18 -7.18
CA ASP C 91 17.06 11.50 -7.30
C ASP C 91 17.12 12.07 -8.71
N ILE C 92 17.65 11.34 -9.67
CA ILE C 92 17.63 11.79 -11.06
C ILE C 92 16.31 11.45 -11.71
N VAL C 93 15.48 10.58 -11.13
CA VAL C 93 14.16 10.28 -11.64
C VAL C 93 13.21 11.43 -11.30
N LEU C 94 13.00 12.26 -12.31
CA LEU C 94 12.12 13.43 -12.26
C LEU C 94 10.79 13.20 -12.98
N GLU C 95 9.76 12.91 -12.22
CA GLU C 95 8.43 12.62 -12.69
C GLU C 95 7.80 13.97 -12.97
N MET C 96 7.95 14.39 -14.21
CA MET C 96 7.58 15.70 -14.67
C MET C 96 8.05 16.85 -13.80
N ASP C 97 9.36 17.13 -13.88
CA ASP C 97 9.88 18.35 -13.29
C ASP C 97 9.85 19.37 -14.39
N GLU C 98 9.56 20.63 -14.05
CA GLU C 98 9.43 21.68 -15.04
C GLU C 98 10.72 22.43 -15.26
N ILE C 99 11.71 21.61 -15.52
CA ILE C 99 13.10 21.97 -15.51
C ILE C 99 13.48 22.49 -16.89
N ASN C 100 12.90 23.66 -17.08
CA ASN C 100 12.95 24.39 -18.33
C ASN C 100 14.34 24.65 -18.86
N ASP C 101 15.25 25.22 -18.05
CA ASP C 101 16.61 25.46 -18.46
C ASP C 101 17.35 24.17 -18.77
N ASP C 102 17.22 23.11 -17.95
CA ASP C 102 18.01 21.91 -18.15
C ASP C 102 17.56 21.24 -19.41
N PHE C 103 16.24 21.24 -19.65
CA PHE C 103 15.67 20.85 -20.94
C PHE C 103 16.24 21.63 -22.10
N ALA C 104 16.21 22.96 -22.01
CA ALA C 104 16.76 23.82 -23.04
C ALA C 104 18.26 23.63 -23.28
N ASP C 105 18.96 23.16 -22.25
CA ASP C 105 20.37 22.84 -22.38
C ASP C 105 20.58 21.53 -23.14
N THR C 106 19.75 20.52 -22.89
CA THR C 106 20.08 19.14 -23.24
C THR C 106 20.31 18.85 -24.71
N ASP C 107 21.27 18.00 -25.03
CA ASP C 107 21.38 17.32 -26.32
C ASP C 107 20.28 16.28 -26.41
N THR C 108 20.57 15.07 -25.92
CA THR C 108 19.74 13.95 -26.23
C THR C 108 18.61 13.78 -25.25
N VAL C 109 17.41 14.01 -25.76
CA VAL C 109 16.25 13.76 -24.92
C VAL C 109 15.67 12.44 -25.40
N LEU C 110 15.91 11.39 -24.61
CA LEU C 110 15.52 10.04 -25.03
C LEU C 110 14.12 9.68 -24.64
N VAL C 111 13.15 9.96 -25.54
CA VAL C 111 11.75 9.69 -25.24
C VAL C 111 11.50 8.20 -25.51
N ILE C 112 11.40 7.44 -24.41
CA ILE C 112 11.33 6.01 -24.45
C ILE C 112 9.90 5.60 -24.84
N GLY C 113 9.82 5.32 -26.13
CA GLY C 113 8.70 4.62 -26.68
C GLY C 113 7.53 5.53 -27.04
N ALA C 114 6.85 6.08 -26.08
CA ALA C 114 5.54 6.63 -26.38
C ALA C 114 5.62 8.08 -26.83
N ASN C 115 5.12 8.37 -28.03
CA ASN C 115 5.25 9.68 -28.66
C ASN C 115 4.18 10.65 -28.23
N ASP C 116 2.87 10.36 -28.37
CA ASP C 116 1.77 11.29 -28.06
C ASP C 116 1.93 11.84 -26.63
N THR C 117 2.34 10.93 -25.74
CA THR C 117 2.85 11.16 -24.42
C THR C 117 3.66 12.42 -24.14
N VAL C 118 4.48 12.87 -25.09
CA VAL C 118 5.32 14.05 -24.92
C VAL C 118 4.96 15.11 -25.97
N ASN C 119 3.97 14.94 -26.85
CA ASN C 119 3.79 15.74 -28.04
C ASN C 119 3.78 17.24 -27.82
N PRO C 120 4.75 17.99 -28.42
CA PRO C 120 4.88 19.45 -28.45
C PRO C 120 3.54 20.09 -28.76
N ALA C 121 2.98 19.77 -29.95
CA ALA C 121 1.66 20.26 -30.34
C ALA C 121 0.57 20.11 -29.30
N ALA C 122 0.55 18.99 -28.55
CA ALA C 122 -0.51 18.83 -27.58
C ALA C 122 -0.48 19.86 -26.44
N GLN C 123 0.63 20.58 -26.22
CA GLN C 123 0.51 21.72 -25.36
C GLN C 123 0.45 23.01 -26.18
N ASP C 124 1.26 23.14 -27.23
CA ASP C 124 1.39 24.32 -28.09
C ASP C 124 0.10 24.71 -28.82
N ASP C 125 -0.39 23.77 -29.65
CA ASP C 125 -1.69 23.91 -30.32
C ASP C 125 -2.84 23.49 -29.39
N PRO C 126 -3.77 24.37 -29.01
CA PRO C 126 -4.94 24.06 -28.19
C PRO C 126 -5.92 23.17 -28.92
N LYS C 127 -5.93 23.23 -30.24
CA LYS C 127 -6.89 22.52 -31.05
C LYS C 127 -6.75 20.99 -30.96
N SER C 128 -5.49 20.55 -30.69
CA SER C 128 -5.17 19.21 -30.28
C SER C 128 -6.20 18.46 -29.44
N PRO C 129 -6.79 17.34 -29.90
CA PRO C 129 -7.76 16.56 -29.16
C PRO C 129 -7.27 16.25 -27.74
N ILE C 130 -6.05 15.75 -27.54
CA ILE C 130 -5.45 15.66 -26.24
C ILE C 130 -5.02 17.07 -25.80
N ALA C 131 -5.95 17.83 -25.23
CA ALA C 131 -5.71 19.22 -24.93
C ALA C 131 -4.83 19.48 -23.72
N GLY C 132 -3.70 20.12 -23.99
CA GLY C 132 -2.72 20.54 -22.95
C GLY C 132 -1.93 19.38 -22.39
N MET C 133 -0.92 18.91 -23.10
CA MET C 133 -0.02 17.92 -22.55
C MET C 133 0.94 18.60 -21.58
N PRO C 134 1.09 18.20 -20.31
CA PRO C 134 2.07 18.79 -19.39
C PRO C 134 3.48 18.43 -19.71
N VAL C 135 4.04 19.22 -20.58
CA VAL C 135 5.41 19.00 -20.99
C VAL C 135 6.19 20.29 -21.03
N LEU C 136 7.42 20.16 -20.51
CA LEU C 136 8.40 21.20 -20.70
C LEU C 136 9.38 20.70 -21.72
N GLU C 137 9.68 21.67 -22.57
CA GLU C 137 10.74 21.74 -23.54
C GLU C 137 11.41 20.51 -24.09
N VAL C 138 10.58 19.50 -24.37
CA VAL C 138 11.06 18.29 -25.02
C VAL C 138 10.99 18.47 -26.55
N TRP C 139 11.54 19.62 -26.92
CA TRP C 139 11.49 20.13 -28.27
C TRP C 139 12.63 21.11 -28.34
N LYS C 140 13.15 21.16 -29.57
CA LYS C 140 14.27 22.01 -30.00
C LYS C 140 15.64 21.75 -29.40
N ALA C 141 15.70 21.18 -28.18
CA ALA C 141 16.86 20.52 -27.61
C ALA C 141 17.54 19.57 -28.56
N GLN C 142 18.85 19.47 -28.44
CA GLN C 142 19.68 19.14 -29.58
C GLN C 142 19.44 17.83 -30.35
N ASN C 143 18.94 16.81 -29.65
CA ASN C 143 18.53 15.59 -30.33
C ASN C 143 17.47 14.92 -29.49
N VAL C 144 16.20 15.28 -29.67
CA VAL C 144 15.10 14.65 -28.94
C VAL C 144 14.77 13.35 -29.64
N ILE C 145 15.45 12.28 -29.21
CA ILE C 145 15.33 10.99 -29.90
C ILE C 145 14.21 10.20 -29.22
N VAL C 146 13.14 10.18 -29.95
CA VAL C 146 11.96 9.45 -29.58
C VAL C 146 12.13 8.04 -30.10
N PHE C 147 12.48 7.09 -29.25
CA PHE C 147 12.59 5.70 -29.69
C PHE C 147 11.26 5.14 -30.15
N LYS C 148 11.01 5.21 -31.44
CA LYS C 148 9.78 4.74 -32.06
C LYS C 148 10.11 3.83 -33.20
N ARG C 149 9.81 2.51 -33.08
CA ARG C 149 10.02 1.62 -34.20
C ARG C 149 9.37 1.98 -35.54
N SER C 150 8.20 2.64 -35.54
CA SER C 150 7.40 2.88 -36.72
C SER C 150 6.60 4.14 -36.45
N MET C 151 6.15 4.89 -37.45
CA MET C 151 5.34 6.09 -37.18
C MET C 151 3.88 5.67 -37.10
N ASN C 152 3.59 4.90 -36.07
CA ASN C 152 2.25 4.55 -35.68
C ASN C 152 1.83 5.54 -34.63
N THR C 153 0.80 6.28 -34.99
CA THR C 153 0.15 7.18 -34.04
C THR C 153 -0.47 6.30 -32.93
N GLY C 154 -0.36 6.73 -31.66
CA GLY C 154 -0.91 5.99 -30.55
C GLY C 154 -2.37 6.37 -30.34
N TYR C 155 -2.65 7.65 -30.20
CA TYR C 155 -4.01 8.15 -30.32
C TYR C 155 -4.00 9.37 -31.23
N ALA C 156 -3.59 10.51 -30.69
CA ALA C 156 -3.74 11.76 -31.44
C ALA C 156 -2.60 12.06 -32.38
N GLY C 157 -1.37 12.22 -31.83
CA GLY C 157 -0.12 12.55 -32.52
C GLY C 157 -0.21 13.72 -33.50
N VAL C 158 -1.14 14.63 -33.21
CA VAL C 158 -1.34 15.80 -34.04
C VAL C 158 -0.17 16.72 -34.34
N GLN C 159 -0.13 17.15 -35.61
CA GLN C 159 0.80 18.13 -36.13
C GLN C 159 1.94 18.67 -35.32
N ASN C 160 3.10 18.03 -35.45
CA ASN C 160 4.27 18.39 -34.63
C ASN C 160 5.58 18.14 -35.33
N PRO C 161 6.66 18.87 -35.02
CA PRO C 161 8.02 18.54 -35.42
C PRO C 161 8.58 17.29 -34.77
N LEU C 162 8.18 16.87 -33.56
CA LEU C 162 8.70 15.67 -32.90
C LEU C 162 8.89 14.37 -33.70
N PHE C 163 8.02 14.20 -34.70
CA PHE C 163 8.14 13.15 -35.66
C PHE C 163 9.07 13.59 -36.78
N PHE C 164 8.60 14.67 -37.41
CA PHE C 164 9.02 15.01 -38.76
C PHE C 164 10.33 15.78 -38.81
N LYS C 165 10.85 16.17 -37.65
CA LYS C 165 12.07 16.96 -37.64
C LYS C 165 13.30 16.05 -37.54
N GLU C 166 14.47 16.69 -37.58
CA GLU C 166 15.73 15.97 -37.62
C GLU C 166 16.22 15.83 -36.19
N ASN C 167 16.31 16.93 -35.44
CA ASN C 167 16.73 16.82 -34.03
C ASN C 167 15.61 16.36 -33.16
N THR C 168 14.42 16.93 -33.33
CA THR C 168 13.28 16.51 -32.55
C THR C 168 12.71 15.39 -33.42
N HIS C 169 13.07 14.12 -33.16
CA HIS C 169 12.85 13.08 -34.17
C HIS C 169 12.61 11.72 -33.55
N MET C 170 11.55 11.05 -34.06
CA MET C 170 11.35 9.65 -33.82
C MET C 170 12.53 8.93 -34.52
N LEU C 171 13.40 8.37 -33.70
CA LEU C 171 14.46 7.53 -34.22
C LEU C 171 13.85 6.14 -34.21
N PHE C 172 13.87 5.57 -35.41
CA PHE C 172 13.29 4.29 -35.68
C PHE C 172 14.00 3.09 -35.07
N GLY C 173 13.68 2.87 -33.80
CA GLY C 173 14.24 1.77 -33.05
C GLY C 173 13.28 1.49 -31.91
N ASP C 174 13.19 0.23 -31.51
CA ASP C 174 12.44 -0.14 -30.33
C ASP C 174 13.04 0.43 -29.06
N ALA C 175 12.23 0.75 -28.06
CA ALA C 175 12.69 1.27 -26.77
C ALA C 175 13.78 0.43 -26.11
N LYS C 176 13.45 -0.85 -25.82
CA LYS C 176 14.29 -1.75 -25.04
C LYS C 176 15.49 -2.04 -25.89
N ALA C 177 15.17 -2.40 -27.13
CA ALA C 177 16.18 -2.81 -28.10
C ALA C 177 17.24 -1.72 -28.24
N SER C 178 16.85 -0.45 -28.47
CA SER C 178 17.83 0.62 -28.65
C SER C 178 18.58 0.89 -27.34
N VAL C 179 17.96 0.73 -26.17
CA VAL C 179 18.66 0.90 -24.90
C VAL C 179 19.74 -0.15 -24.81
N ASP C 180 19.43 -1.41 -25.13
CA ASP C 180 20.46 -2.45 -25.10
C ASP C 180 21.51 -2.23 -26.19
N ALA C 181 21.11 -1.60 -27.32
CA ALA C 181 22.06 -1.35 -28.41
C ALA C 181 23.11 -0.38 -27.92
N ILE C 182 22.70 0.79 -27.43
CA ILE C 182 23.65 1.82 -26.95
C ILE C 182 24.43 1.38 -25.74
N LEU C 183 23.78 0.55 -24.90
CA LEU C 183 24.19 0.08 -23.60
C LEU C 183 25.65 -0.12 -23.32
N LYS C 184 26.35 -0.82 -24.19
CA LYS C 184 27.78 -0.86 -24.10
C LYS C 184 28.43 -0.41 -25.41
N ALA C 185 27.60 -0.21 -26.45
CA ALA C 185 28.10 0.03 -27.81
C ALA C 185 28.93 1.32 -27.81
N LEU C 186 28.43 2.38 -27.16
CA LEU C 186 29.05 3.72 -27.06
C LEU C 186 30.11 4.18 -28.04
PA NAD D . -13.90 8.39 -12.17
O1A NAD D . -12.52 8.34 -11.66
O2A NAD D . -14.83 9.35 -11.51
O5B NAD D . -14.59 6.92 -12.07
C5B NAD D . -13.90 5.74 -12.47
C4B NAD D . -14.59 5.02 -13.63
O4B NAD D . -15.84 4.41 -13.34
C3B NAD D . -14.87 5.89 -14.84
O3B NAD D . -13.93 5.66 -15.90
C2B NAD D . -16.22 5.36 -15.35
O2B NAD D . -16.20 5.20 -16.77
C1B NAD D . -16.38 4.04 -14.60
N9A NAD D . -17.77 3.47 -14.64
C8A NAD D . -18.91 4.15 -14.53
N7A NAD D . -19.95 3.31 -14.59
C5A NAD D . -19.39 2.12 -14.70
C6A NAD D . -20.10 0.92 -14.54
N6A NAD D . -21.42 0.90 -14.47
N1A NAD D . -19.34 -0.19 -14.42
C2A NAD D . -18.01 -0.15 -14.48
N3A NAD D . -17.37 1.00 -14.65
C4A NAD D . -18.04 2.18 -14.73
O3 NAD D . -13.92 8.69 -13.75
PN NAD D . -12.87 8.68 -14.96
O1N NAD D . -13.63 8.70 -16.25
O2N NAD D . -11.82 7.63 -14.79
O5D NAD D . -12.16 10.12 -14.76
C5D NAD D . -12.52 11.27 -15.53
C4D NAD D . -11.45 11.71 -16.49
O4D NAD D . -10.19 11.78 -15.83
C3D NAD D . -11.22 10.71 -17.61
O3D NAD D . -12.21 10.87 -18.64
C2D NAD D . -9.84 11.05 -18.09
O2D NAD D . -9.89 11.85 -19.27
C1D NAD D . -9.22 11.83 -16.93
N1N NAD D . -7.92 11.25 -16.56
C2N NAD D . -6.78 12.01 -16.77
C3N NAD D . -5.51 11.45 -16.56
C7N NAD D . -4.23 12.20 -16.83
O7N NAD D . -3.13 11.75 -16.51
N7N NAD D . -4.34 13.30 -17.57
C4N NAD D . -5.44 10.12 -16.10
C5N NAD D . -6.58 9.35 -15.85
C6N NAD D . -7.82 9.90 -16.10
HO3A NAD D . -13.99 4.69 -16.16
HO2A NAD D . -16.23 4.21 -16.94
H61A NAD D . -21.87 0.02 -14.31
H62A NAD D . -21.94 1.75 -14.67
HO3N NAD D . -12.01 11.72 -19.12
HO2N NAD D . -9.73 11.23 -20.05
H71N NAD D . -5.21 13.57 -17.99
H72N NAD D . -3.58 13.94 -17.68
PA NAP E . 0.19 4.59 -26.60
O1A NAP E . -0.95 4.83 -27.54
O2A NAP E . 0.01 3.61 -25.50
O5B NAP E . 1.48 4.17 -27.45
C5B NAP E . 1.92 5.00 -28.57
C4B NAP E . 3.21 4.49 -29.18
O4B NAP E . 4.09 3.95 -28.19
C3B NAP E . 2.99 3.35 -30.17
O3B NAP E . 2.75 3.89 -31.46
C2B NAP E . 4.33 2.68 -30.16
O2B NAP E . 5.09 3.07 -31.35
C1B NAP E . 5.07 3.26 -29.00
N9A NAP E . 5.84 2.19 -28.28
C8A NAP E . 5.37 1.28 -27.42
N7A NAP E . 6.33 0.40 -27.09
C5A NAP E . 7.38 0.84 -27.75
C6A NAP E . 8.55 0.13 -27.94
N6A NAP E . 8.70 -1.07 -27.35
N1A NAP E . 9.41 0.57 -28.90
C2A NAP E . 9.15 1.66 -29.60
N3A NAP E . 8.02 2.36 -29.43
C4A NAP E . 7.13 1.95 -28.50
O3 NAP E . 0.60 5.98 -25.97
PN NAP E . 0.49 7.53 -26.42
O1N NAP E . -0.67 7.66 -27.31
O2N NAP E . 1.82 8.02 -26.88
O5D NAP E . 0.16 8.26 -25.03
C5D NAP E . -0.66 9.43 -24.94
C4D NAP E . -2.11 8.95 -24.88
O4D NAP E . -2.35 8.11 -23.74
C3D NAP E . -3.04 10.16 -24.75
O3D NAP E . -3.61 10.42 -26.05
C2D NAP E . -4.10 9.73 -23.77
O2D NAP E . -5.46 9.96 -24.13
C1D NAP E . -3.76 8.28 -23.52
N1N NAP E . -4.15 7.80 -22.17
C2N NAP E . -3.43 8.21 -21.03
C3N NAP E . -3.79 7.73 -19.77
C7N NAP E . -3.15 8.35 -18.53
O7N NAP E . -2.81 7.63 -17.61
N7N NAP E . -2.93 9.67 -18.55
C4N NAP E . -4.86 6.86 -19.68
C5N NAP E . -5.56 6.42 -20.81
C6N NAP E . -5.23 6.93 -22.08
P2B NAP E . 5.61 1.91 -32.36
O1X NAP E . 6.71 2.68 -32.99
O2X NAP E . 4.51 1.47 -33.23
O3X NAP E . 6.14 0.87 -31.44
HO3A NAP E . 2.07 3.30 -31.95
H61A NAP E . 7.99 -1.43 -26.70
H62A NAP E . 9.54 -1.59 -27.54
HO3N NAP E . -4.57 10.11 -26.08
HO2N NAP E . -5.97 10.18 -23.28
H71N NAP E . -3.21 10.19 -19.35
H72N NAP E . -2.63 10.14 -17.73
N HIS A 7 -10.61 -42.07 18.41
CA HIS A 7 -11.03 -41.95 17.04
C HIS A 7 -10.82 -40.49 16.72
N GLY A 8 -10.28 -40.18 15.53
CA GLY A 8 -9.94 -38.82 15.19
C GLY A 8 -11.18 -37.98 14.85
N ARG A 9 -11.93 -37.50 15.81
CA ARG A 9 -12.71 -36.30 15.60
C ARG A 9 -11.78 -35.13 15.94
N ILE A 10 -11.74 -34.14 15.08
CA ILE A 10 -10.96 -32.95 15.30
C ILE A 10 -12.00 -31.95 15.75
N GLY A 11 -11.82 -31.33 16.91
CA GLY A 11 -12.60 -30.16 17.23
C GLY A 11 -11.86 -28.95 16.69
N ILE A 12 -12.57 -28.10 15.94
CA ILE A 12 -12.03 -26.86 15.47
C ILE A 12 -12.55 -25.79 16.44
N PRO A 13 -11.71 -25.37 17.41
CA PRO A 13 -12.03 -24.27 18.32
C PRO A 13 -11.97 -22.98 17.57
N ARG A 14 -13.07 -22.26 17.81
CA ARG A 14 -13.09 -20.83 17.70
C ARG A 14 -12.32 -20.26 18.90
N GLU A 15 -11.27 -19.50 18.68
CA GLU A 15 -10.34 -19.22 19.74
C GLU A 15 -10.89 -18.25 20.77
N ARG A 16 -10.69 -18.64 22.03
CA ARG A 16 -11.25 -17.91 23.15
C ARG A 16 -10.21 -16.97 23.78
N LEU A 17 -9.05 -16.80 23.12
CA LEU A 17 -8.20 -15.73 23.57
C LEU A 17 -8.90 -14.43 23.18
N THR A 18 -8.72 -13.41 24.03
CA THR A 18 -9.22 -12.07 23.76
C THR A 18 -8.70 -11.56 22.38
N ASN A 19 -9.52 -10.76 21.69
CA ASN A 19 -9.29 -10.24 20.35
C ASN A 19 -9.16 -11.22 19.21
N GLU A 20 -9.04 -12.51 19.49
CA GLU A 20 -8.51 -13.43 18.54
C GLU A 20 -9.40 -13.67 17.35
N THR A 21 -8.80 -13.21 16.28
CA THR A 21 -9.31 -13.37 14.95
C THR A 21 -9.41 -14.82 14.48
N ARG A 22 -8.56 -15.66 15.04
CA ARG A 22 -8.42 -17.02 14.56
C ARG A 22 -9.48 -18.01 15.02
N VAL A 23 -9.59 -18.93 14.09
CA VAL A 23 -10.16 -20.24 14.33
C VAL A 23 -9.05 -21.26 14.13
N ALA A 24 -9.25 -22.55 14.49
CA ALA A 24 -8.23 -23.57 14.30
C ALA A 24 -7.85 -23.79 12.84
N ALA A 25 -8.86 -23.90 11.97
CA ALA A 25 -8.66 -24.20 10.58
C ALA A 25 -9.84 -23.68 9.82
N THR A 26 -9.64 -22.99 8.70
CA THR A 26 -10.71 -22.48 7.84
C THR A 26 -11.21 -23.48 6.81
N PRO A 27 -12.34 -23.32 6.08
CA PRO A 27 -12.90 -24.36 5.15
C PRO A 27 -11.96 -25.11 4.22
N LYS A 28 -11.11 -24.49 3.42
CA LYS A 28 -10.21 -25.24 2.54
C LYS A 28 -9.30 -26.19 3.32
N THR A 29 -8.85 -25.66 4.45
CA THR A 29 -8.00 -26.38 5.36
C THR A 29 -8.77 -27.58 5.96
N VAL A 30 -10.05 -27.36 6.29
CA VAL A 30 -10.92 -28.40 6.80
C VAL A 30 -11.05 -29.55 5.78
N GLU A 31 -11.19 -29.20 4.49
CA GLU A 31 -11.17 -30.23 3.40
C GLU A 31 -9.97 -31.16 3.52
N GLN A 32 -8.77 -30.60 3.75
CA GLN A 32 -7.55 -31.37 3.85
C GLN A 32 -7.55 -32.24 5.10
N LEU A 33 -8.16 -31.79 6.19
CA LEU A 33 -8.23 -32.57 7.43
C LEU A 33 -9.10 -33.80 7.29
N LEU A 34 -10.21 -33.54 6.61
CA LEU A 34 -11.14 -34.58 6.24
C LEU A 34 -10.39 -35.55 5.32
N LYS A 35 -9.69 -35.09 4.28
CA LYS A 35 -8.82 -35.88 3.46
C LYS A 35 -7.81 -36.74 4.18
N LEU A 36 -7.14 -36.29 5.25
CA LEU A 36 -6.19 -37.09 5.97
C LEU A 36 -6.92 -38.17 6.77
N GLY A 37 -8.25 -38.10 6.89
CA GLY A 37 -9.07 -39.19 7.38
C GLY A 37 -9.65 -38.90 8.75
N PHE A 38 -9.97 -37.64 9.03
CA PHE A 38 -10.52 -37.27 10.32
C PHE A 38 -11.92 -36.70 10.13
N THR A 39 -12.71 -36.81 11.20
CA THR A 39 -14.04 -36.25 11.26
C THR A 39 -13.83 -34.83 11.72
N VAL A 40 -14.14 -33.84 10.89
CA VAL A 40 -13.90 -32.46 11.30
C VAL A 40 -15.16 -32.02 12.03
N ALA A 41 -15.10 -31.51 13.28
CA ALA A 41 -16.24 -30.94 13.98
C ALA A 41 -15.86 -29.50 14.20
N VAL A 42 -16.66 -28.53 13.80
CA VAL A 42 -16.35 -27.12 13.94
C VAL A 42 -17.40 -26.56 14.91
N GLU A 43 -17.03 -25.60 15.74
CA GLU A 43 -17.96 -24.93 16.61
C GLU A 43 -18.94 -24.04 15.84
N SER A 44 -20.22 -24.13 16.15
CA SER A 44 -21.15 -23.14 15.64
C SER A 44 -20.78 -21.69 15.96
N GLY A 45 -20.65 -20.88 14.93
CA GLY A 45 -20.31 -19.48 15.10
C GLY A 45 -18.86 -19.21 14.86
N ALA A 46 -18.08 -20.29 14.69
CA ALA A 46 -16.66 -20.22 14.42
C ALA A 46 -16.31 -19.57 13.10
N GLY A 47 -17.22 -19.84 12.16
CA GLY A 47 -17.10 -19.23 10.88
C GLY A 47 -17.13 -17.71 10.89
N GLN A 48 -17.64 -17.06 11.94
CA GLN A 48 -17.67 -15.63 12.01
C GLN A 48 -16.31 -15.07 12.31
N LEU A 49 -15.58 -15.65 13.29
CA LEU A 49 -14.18 -15.25 13.54
C LEU A 49 -13.28 -15.58 12.33
N ALA A 50 -13.42 -16.86 11.91
CA ALA A 50 -12.80 -17.37 10.72
C ALA A 50 -13.09 -16.55 9.46
N SER A 51 -14.19 -15.78 9.44
CA SER A 51 -14.64 -14.94 8.34
C SER A 51 -14.76 -15.77 7.05
N PHE A 52 -15.37 -16.96 7.22
CA PHE A 52 -15.64 -17.92 6.17
C PHE A 52 -16.59 -18.86 6.91
N ASP A 53 -17.87 -18.76 6.65
CA ASP A 53 -18.85 -19.10 7.65
C ASP A 53 -19.19 -20.59 7.71
N ASP A 54 -19.90 -20.91 8.77
CA ASP A 54 -20.24 -22.29 9.16
C ASP A 54 -20.76 -23.19 8.02
N LYS A 55 -21.69 -22.65 7.21
CA LYS A 55 -22.06 -23.34 5.97
C LYS A 55 -20.90 -23.67 5.04
N ALA A 56 -19.93 -22.78 4.86
CA ALA A 56 -18.75 -23.07 4.03
C ALA A 56 -17.89 -24.20 4.62
N PHE A 57 -17.86 -24.33 5.96
CA PHE A 57 -17.26 -25.47 6.59
C PHE A 57 -17.99 -26.73 6.26
N VAL A 58 -19.33 -26.73 6.26
CA VAL A 58 -20.12 -27.91 5.91
C VAL A 58 -19.76 -28.25 4.47
N GLN A 59 -19.74 -27.24 3.56
CA GLN A 59 -19.32 -27.40 2.16
C GLN A 59 -17.93 -27.99 2.05
N ALA A 60 -16.98 -27.65 2.93
CA ALA A 60 -15.70 -28.29 2.98
C ALA A 60 -15.80 -29.77 3.31
N GLY A 61 -16.67 -30.08 4.26
CA GLY A 61 -16.83 -31.45 4.72
C GLY A 61 -16.51 -31.41 6.20
N ALA A 62 -17.50 -31.02 6.99
CA ALA A 62 -17.31 -30.80 8.41
C ALA A 62 -18.66 -30.81 9.09
N GLU A 63 -18.67 -31.58 10.18
CA GLU A 63 -19.76 -31.48 11.11
C GLU A 63 -19.61 -30.14 11.83
N ILE A 64 -20.70 -29.42 11.98
CA ILE A 64 -20.69 -28.26 12.83
C ILE A 64 -21.43 -28.76 14.06
N VAL A 65 -20.87 -28.66 15.23
CA VAL A 65 -21.51 -28.97 16.47
C VAL A 65 -21.88 -27.64 17.04
N GLU A 66 -23.09 -27.54 17.55
CA GLU A 66 -23.56 -26.31 18.17
C GLU A 66 -22.89 -25.97 19.48
N GLY A 67 -21.68 -25.49 19.39
CA GLY A 67 -20.97 -25.09 20.57
C GLY A 67 -20.33 -26.29 21.31
N ASN A 68 -20.59 -26.32 22.62
CA ASN A 68 -19.72 -27.01 23.58
C ASN A 68 -19.25 -28.42 23.24
N SER A 69 -20.07 -29.28 22.67
CA SER A 69 -19.69 -30.64 22.36
C SER A 69 -18.62 -30.82 21.25
N VAL A 70 -18.29 -29.75 20.53
CA VAL A 70 -17.16 -29.75 19.64
C VAL A 70 -15.85 -29.96 20.37
N TRP A 71 -15.82 -29.56 21.65
CA TRP A 71 -14.68 -29.69 22.54
C TRP A 71 -14.44 -31.13 22.97
N GLN A 72 -15.48 -31.95 22.91
CA GLN A 72 -15.39 -33.36 23.20
C GLN A 72 -14.92 -34.09 21.97
N SER A 73 -13.65 -33.96 21.65
CA SER A 73 -13.09 -34.59 20.46
C SER A 73 -11.64 -35.00 20.71
N GLU A 74 -11.13 -35.87 19.83
CA GLU A 74 -9.79 -36.42 19.98
C GLU A 74 -8.76 -35.35 19.66
N ILE A 75 -8.63 -34.87 18.44
CA ILE A 75 -7.64 -33.86 18.08
C ILE A 75 -8.35 -32.52 18.32
N ILE A 76 -7.93 -31.80 19.32
CA ILE A 76 -8.38 -30.42 19.44
C ILE A 76 -7.24 -29.54 18.95
N LEU A 77 -7.53 -28.78 17.91
CA LEU A 77 -6.57 -27.87 17.30
C LEU A 77 -6.62 -26.51 18.00
N LYS A 78 -6.07 -26.42 19.21
CA LYS A 78 -6.17 -25.17 19.95
C LYS A 78 -5.31 -24.11 19.34
N VAL A 79 -5.90 -22.96 19.09
CA VAL A 79 -5.27 -21.99 18.18
C VAL A 79 -4.22 -21.19 18.94
N ASN A 80 -4.45 -21.00 20.23
CA ASN A 80 -3.49 -20.42 21.16
C ASN A 80 -3.36 -21.35 22.35
N ALA A 81 -2.66 -20.95 23.43
CA ALA A 81 -2.62 -21.73 24.67
C ALA A 81 -4.02 -22.03 25.21
N PRO A 82 -4.26 -23.22 25.77
CA PRO A 82 -5.50 -23.54 26.42
C PRO A 82 -5.66 -22.85 27.77
N LEU A 83 -6.79 -22.20 28.02
CA LEU A 83 -6.99 -21.49 29.29
C LEU A 83 -7.94 -22.38 30.05
N ASP A 84 -8.04 -22.11 31.39
CA ASP A 84 -8.78 -22.90 32.36
C ASP A 84 -10.02 -23.60 31.86
N ASP A 85 -10.98 -22.85 31.33
CA ASP A 85 -12.25 -23.43 30.92
C ASP A 85 -12.12 -24.44 29.81
N GLU A 86 -11.30 -24.12 28.81
CA GLU A 86 -11.03 -25.05 27.73
C GLU A 86 -10.31 -26.30 28.17
N ILE A 87 -9.40 -26.05 29.11
CA ILE A 87 -8.65 -27.13 29.74
C ILE A 87 -9.62 -28.16 30.31
N ALA A 88 -10.56 -27.71 31.14
CA ALA A 88 -11.54 -28.61 31.76
C ALA A 88 -12.41 -29.39 30.76
N LEU A 89 -12.57 -28.81 29.57
CA LEU A 89 -13.29 -29.48 28.51
C LEU A 89 -12.43 -30.54 27.85
N LEU A 90 -11.15 -30.27 27.60
CA LEU A 90 -10.26 -31.19 26.94
C LEU A 90 -10.19 -32.56 27.63
N ASN A 91 -10.15 -33.57 26.76
CA ASN A 91 -10.58 -34.89 27.13
C ASN A 91 -9.34 -35.75 27.40
N PRO A 92 -9.39 -36.78 28.23
CA PRO A 92 -8.27 -37.73 28.34
C PRO A 92 -8.00 -38.50 27.08
N GLY A 93 -6.89 -38.19 26.44
CA GLY A 93 -6.65 -38.76 25.12
C GLY A 93 -6.70 -37.73 24.00
N THR A 94 -7.10 -36.50 24.33
CA THR A 94 -7.12 -35.43 23.38
C THR A 94 -5.74 -35.10 22.90
N THR A 95 -5.49 -35.25 21.62
CA THR A 95 -4.28 -34.82 21.04
C THR A 95 -4.49 -33.34 20.76
N LEU A 96 -4.05 -32.61 21.76
CA LEU A 96 -4.21 -31.17 21.88
C LEU A 96 -3.08 -30.50 21.12
N VAL A 97 -3.30 -30.27 19.84
CA VAL A 97 -2.29 -29.61 19.00
C VAL A 97 -2.50 -28.10 19.24
N SER A 98 -1.53 -27.35 19.74
CA SER A 98 -1.75 -25.99 20.22
C SER A 98 -0.52 -25.09 20.18
N PHE A 99 -0.72 -23.80 19.86
CA PHE A 99 0.33 -22.78 20.03
C PHE A 99 0.33 -22.27 21.45
N ILE A 100 1.00 -23.08 22.30
CA ILE A 100 0.94 -22.90 23.72
C ILE A 100 2.09 -22.12 24.38
N TRP A 101 3.28 -22.24 23.82
CA TRP A 101 4.52 -21.76 24.45
C TRP A 101 4.78 -22.42 25.83
N PRO A 102 5.22 -23.70 25.84
CA PRO A 102 5.37 -24.52 27.05
C PRO A 102 6.33 -23.98 28.11
N ALA A 103 7.48 -23.43 27.65
CA ALA A 103 8.49 -22.85 28.56
C ALA A 103 7.97 -21.67 29.37
N GLN A 104 6.99 -20.96 28.78
CA GLN A 104 6.39 -19.81 29.38
C GLN A 104 5.31 -20.34 30.30
N ASN A 105 4.75 -21.54 30.09
CA ASN A 105 3.55 -21.98 30.80
C ASN A 105 3.71 -23.29 31.59
N PRO A 106 4.66 -23.46 32.53
CA PRO A 106 4.91 -24.70 33.28
C PRO A 106 3.69 -25.21 34.06
N GLU A 107 2.99 -24.29 34.67
CA GLU A 107 1.78 -24.59 35.43
C GLU A 107 0.67 -25.11 34.55
N LEU A 108 0.49 -24.38 33.44
CA LEU A 108 -0.52 -24.74 32.44
C LEU A 108 -0.29 -26.17 31.89
N MET A 109 0.99 -26.47 31.66
CA MET A 109 1.42 -27.79 31.27
C MET A 109 0.97 -28.81 32.31
N GLN A 110 1.21 -28.58 33.59
CA GLN A 110 0.89 -29.57 34.62
C GLN A 110 -0.62 -29.81 34.71
N LYS A 111 -1.45 -28.77 34.50
CA LYS A 111 -2.89 -28.97 34.52
C LYS A 111 -3.28 -29.87 33.35
N LEU A 112 -2.71 -29.62 32.16
CA LEU A 112 -3.03 -30.41 30.99
C LEU A 112 -2.50 -31.85 31.09
N ALA A 113 -1.38 -32.02 31.77
CA ALA A 113 -0.94 -33.34 32.20
C ALA A 113 -1.98 -34.10 33.02
N GLU A 114 -2.55 -33.43 34.03
CA GLU A 114 -3.65 -33.99 34.79
C GLU A 114 -4.82 -34.46 33.95
N ARG A 115 -5.22 -33.61 32.99
CA ARG A 115 -6.25 -33.97 32.01
C ARG A 115 -5.87 -35.21 31.20
N ASN A 116 -4.57 -35.53 31.12
CA ASN A 116 -4.03 -36.65 30.36
C ASN A 116 -4.18 -36.45 28.87
N VAL A 117 -3.86 -35.25 28.41
CA VAL A 117 -3.86 -34.92 26.99
C VAL A 117 -2.48 -35.12 26.35
N THR A 118 -2.42 -35.13 25.02
CA THR A 118 -1.18 -35.01 24.28
C THR A 118 -1.04 -33.61 23.73
N VAL A 119 -0.24 -32.75 24.37
CA VAL A 119 -0.06 -31.36 23.92
C VAL A 119 1.11 -31.29 22.95
N MET A 120 0.88 -30.91 21.72
CA MET A 120 1.89 -30.76 20.72
C MET A 120 2.02 -29.30 20.38
N ALA A 121 3.11 -28.70 20.80
CA ALA A 121 3.30 -27.26 20.69
C ALA A 121 3.78 -26.87 19.30
N MET A 122 2.94 -26.11 18.59
CA MET A 122 3.28 -25.75 17.22
C MET A 122 4.33 -24.66 17.09
N ASP A 123 4.43 -23.94 18.17
CA ASP A 123 5.57 -23.08 18.44
C ASP A 123 6.83 -23.87 18.56
N SER A 124 6.86 -24.91 19.37
CA SER A 124 8.03 -25.70 19.64
C SER A 124 8.52 -26.69 18.59
N VAL A 125 8.14 -26.46 17.33
CA VAL A 125 8.57 -27.26 16.19
C VAL A 125 10.08 -27.02 16.04
N PRO A 126 10.89 -28.11 15.91
CA PRO A 126 12.29 -27.94 15.66
C PRO A 126 12.43 -27.23 14.32
N ARG A 127 13.29 -26.22 14.33
CA ARG A 127 13.27 -25.19 13.30
C ARG A 127 13.93 -25.59 11.97
N ILE A 128 13.74 -26.80 11.49
CA ILE A 128 14.55 -27.34 10.41
C ILE A 128 13.75 -27.64 9.16
N SER A 129 14.45 -27.63 8.04
CA SER A 129 13.92 -27.86 6.72
C SER A 129 12.68 -28.76 6.61
N ARG A 130 12.76 -30.05 6.99
CA ARG A 130 11.66 -30.97 6.76
C ARG A 130 10.46 -30.66 7.62
N ALA A 131 10.72 -29.96 8.73
CA ALA A 131 9.68 -29.47 9.61
C ALA A 131 8.94 -28.23 9.12
N GLN A 132 9.40 -27.48 8.11
CA GLN A 132 8.87 -26.11 7.82
C GLN A 132 7.39 -25.94 7.50
N SER A 133 6.75 -26.96 6.91
CA SER A 133 5.29 -26.97 6.81
C SER A 133 4.53 -27.17 8.12
N LEU A 134 5.22 -27.75 9.11
CA LEU A 134 4.65 -27.96 10.42
C LEU A 134 4.97 -26.66 11.20
N ASP A 135 6.20 -26.18 11.11
CA ASP A 135 6.70 -25.02 11.81
C ASP A 135 5.85 -23.76 11.72
N ALA A 136 5.24 -23.45 12.84
CA ALA A 136 4.45 -22.24 12.96
C ALA A 136 5.30 -21.00 13.17
N LEU A 137 6.48 -21.09 13.82
CA LEU A 137 7.36 -19.93 13.96
C LEU A 137 8.04 -19.58 12.63
N SER A 138 7.84 -20.43 11.63
CA SER A 138 8.08 -20.03 10.26
C SER A 138 6.73 -19.56 9.68
N SER A 139 5.67 -20.39 9.67
CA SER A 139 4.46 -20.08 8.94
C SER A 139 3.57 -19.06 9.64
N MET A 140 3.17 -19.16 10.89
CA MET A 140 2.44 -18.09 11.58
C MET A 140 3.27 -16.80 11.57
N ALA A 141 4.58 -16.92 11.73
CA ALA A 141 5.45 -15.75 11.67
C ALA A 141 5.44 -15.15 10.25
N ASN A 142 5.33 -15.97 9.22
CA ASN A 142 5.17 -15.53 7.83
C ASN A 142 3.88 -14.71 7.71
N ILE A 143 2.79 -15.21 8.29
CA ILE A 143 1.53 -14.43 8.37
C ILE A 143 1.74 -13.09 9.10
N ALA A 144 2.36 -13.07 10.27
CA ALA A 144 2.78 -11.85 10.91
C ALA A 144 3.67 -10.94 10.03
N GLY A 145 4.59 -11.50 9.22
CA GLY A 145 5.47 -10.72 8.36
C GLY A 145 4.69 -9.94 7.31
N TYR A 146 3.70 -10.62 6.75
CA TYR A 146 2.75 -10.06 5.77
C TYR A 146 1.78 -9.06 6.46
N ARG A 147 1.20 -9.46 7.63
CA ARG A 147 0.25 -8.59 8.34
C ARG A 147 1.02 -7.38 8.87
N ALA A 148 2.36 -7.46 9.00
CA ALA A 148 3.21 -6.34 9.34
C ALA A 148 3.07 -5.32 8.21
N ILE A 149 3.19 -5.73 6.93
CA ILE A 149 3.08 -4.81 5.81
C ILE A 149 1.69 -4.22 5.76
N VAL A 150 0.68 -5.08 5.96
CA VAL A 150 -0.71 -4.66 6.03
C VAL A 150 -0.96 -3.55 7.08
N GLU A 151 -0.68 -3.80 8.38
CA GLU A 151 -1.01 -2.84 9.41
C GLU A 151 -0.12 -1.61 9.35
N ALA A 152 1.10 -1.77 8.87
CA ALA A 152 2.00 -0.63 8.70
C ALA A 152 1.34 0.30 7.70
N ALA A 153 0.87 -0.23 6.56
CA ALA A 153 0.07 0.55 5.63
C ALA A 153 -1.21 1.12 6.20
N HIS A 154 -1.88 0.38 7.15
CA HIS A 154 -3.07 0.89 7.83
C HIS A 154 -2.76 2.16 8.64
N GLU A 155 -1.55 2.32 9.18
CA GLU A 155 -1.24 3.54 9.88
C GLU A 155 -0.24 4.47 9.18
N PHE A 156 0.22 4.07 7.99
CA PHE A 156 1.30 4.68 7.26
C PHE A 156 0.95 6.09 6.86
N GLY A 157 1.92 6.99 6.99
CA GLY A 157 1.77 8.33 6.48
C GLY A 157 1.87 8.31 4.96
N ARG A 158 2.97 7.77 4.43
CA ARG A 158 3.27 7.79 3.00
C ARG A 158 2.80 6.54 2.28
N PHE A 159 3.04 6.45 0.97
CA PHE A 159 2.77 5.15 0.34
C PHE A 159 3.96 4.22 0.46
N PHE A 160 3.77 2.91 0.30
CA PHE A 160 4.87 1.96 0.28
C PHE A 160 5.60 2.10 -1.05
N THR A 161 4.87 1.90 -2.12
CA THR A 161 5.31 2.08 -3.50
C THR A 161 5.69 3.54 -3.75
N GLY A 162 6.92 3.79 -4.20
CA GLY A 162 7.30 5.14 -4.58
C GLY A 162 6.77 5.46 -5.99
N GLN A 163 5.45 5.62 -6.11
CA GLN A 163 4.82 5.64 -7.42
C GLN A 163 4.74 7.06 -7.97
N ILE A 164 4.99 7.25 -9.25
CA ILE A 164 4.71 8.51 -9.87
C ILE A 164 3.17 8.62 -10.03
N THR A 165 2.56 9.54 -9.29
CA THR A 165 1.12 9.76 -9.33
C THR A 165 0.81 10.84 -10.38
N ALA A 166 -0.48 11.08 -10.63
CA ALA A 166 -0.91 12.22 -11.38
C ALA A 166 -0.33 13.55 -10.95
N ALA A 167 -0.23 13.69 -9.64
CA ALA A 167 0.36 14.88 -9.08
C ALA A 167 1.86 14.89 -8.94
N GLY A 168 2.42 13.83 -8.40
CA GLY A 168 3.85 13.85 -8.04
C GLY A 168 4.45 12.52 -7.61
N LYS A 169 5.75 12.64 -7.32
CA LYS A 169 6.55 11.51 -6.91
C LYS A 169 6.24 11.19 -5.45
N VAL A 170 5.67 10.01 -5.21
CA VAL A 170 5.51 9.52 -3.86
C VAL A 170 6.88 9.18 -3.28
N PRO A 171 7.33 9.60 -2.09
CA PRO A 171 8.63 9.23 -1.53
C PRO A 171 8.61 7.82 -0.94
N PRO A 172 9.17 6.81 -1.60
CA PRO A 172 9.10 5.41 -1.24
C PRO A 172 9.37 5.04 0.22
N ALA A 173 8.77 3.95 0.69
CA ALA A 173 8.97 3.48 2.05
C ALA A 173 10.31 2.74 2.14
N LYS A 174 11.03 3.02 3.21
CA LYS A 174 12.23 2.24 3.51
C LYS A 174 11.77 1.23 4.57
N VAL A 175 11.63 -0.01 4.12
CA VAL A 175 11.14 -1.09 4.96
C VAL A 175 12.36 -1.71 5.57
N MET A 176 12.74 -1.19 6.75
CA MET A 176 13.81 -1.79 7.51
C MET A 176 13.21 -2.98 8.27
N VAL A 177 13.68 -4.18 7.96
CA VAL A 177 13.22 -5.37 8.71
C VAL A 177 14.19 -5.54 9.86
N ILE A 178 13.73 -5.81 11.09
CA ILE A 178 14.65 -6.17 12.15
C ILE A 178 14.38 -7.64 12.40
N GLY A 179 15.42 -8.44 12.22
CA GLY A 179 15.34 -9.84 12.52
C GLY A 179 14.82 -10.59 11.31
N ALA A 180 15.72 -10.85 10.37
CA ALA A 180 15.35 -11.53 9.14
C ALA A 180 15.44 -13.03 9.35
N GLY A 181 14.30 -13.69 9.18
CA GLY A 181 14.19 -15.11 9.00
C GLY A 181 12.99 -15.34 8.10
N VAL A 182 12.26 -16.46 8.21
CA VAL A 182 11.15 -16.80 7.32
C VAL A 182 10.08 -15.70 7.31
N ALA A 183 9.80 -15.19 8.53
CA ALA A 183 8.87 -14.10 8.73
C ALA A 183 9.32 -12.82 7.96
N GLY A 184 10.58 -12.45 8.14
CA GLY A 184 11.15 -11.28 7.51
C GLY A 184 11.03 -11.44 6.01
N LEU A 185 11.40 -12.60 5.49
CA LEU A 185 11.27 -12.92 4.06
C LEU A 185 9.84 -12.85 3.56
N ALA A 186 8.82 -13.11 4.42
CA ALA A 186 7.45 -12.81 4.01
C ALA A 186 7.30 -11.33 3.69
N ALA A 187 7.67 -10.52 4.67
CA ALA A 187 7.63 -9.06 4.50
C ALA A 187 8.43 -8.54 3.31
N ILE A 188 9.62 -9.09 3.15
CA ILE A 188 10.52 -8.70 2.08
C ILE A 188 9.85 -9.01 0.75
N GLY A 189 9.36 -10.25 0.69
CA GLY A 189 8.68 -10.78 -0.48
C GLY A 189 7.52 -9.92 -0.95
N ALA A 190 6.82 -9.31 -0.03
CA ALA A 190 5.83 -8.32 -0.39
C ALA A 190 6.46 -6.99 -0.83
N ALA A 191 7.19 -6.33 0.09
CA ALA A 191 7.59 -4.94 -0.08
C ALA A 191 8.44 -4.72 -1.33
N ASN A 192 9.23 -5.74 -1.68
CA ASN A 192 10.02 -5.80 -2.89
C ASN A 192 9.17 -5.62 -4.13
N SER A 193 8.13 -6.45 -4.22
CA SER A 193 7.19 -6.46 -5.31
C SER A 193 6.44 -5.15 -5.33
N LEU A 194 6.10 -4.66 -4.16
CA LEU A 194 5.49 -3.33 -4.00
C LEU A 194 6.28 -2.16 -4.58
N GLY A 195 7.60 -2.26 -4.52
CA GLY A 195 8.48 -1.20 -4.98
C GLY A 195 8.87 -0.23 -3.85
N ALA A 196 9.29 -0.85 -2.73
CA ALA A 196 9.83 -0.08 -1.62
C ALA A 196 11.31 -0.44 -1.47
N ILE A 197 12.04 0.42 -0.78
CA ILE A 197 13.45 0.17 -0.57
C ILE A 197 13.50 -0.76 0.66
N VAL A 198 13.72 -2.06 0.47
CA VAL A 198 13.75 -2.95 1.60
C VAL A 198 15.18 -3.12 2.06
N ARG A 199 15.38 -3.20 3.38
CA ARG A 199 16.68 -3.42 3.97
C ARG A 199 16.49 -4.30 5.18
N ALA A 200 16.91 -5.55 5.16
CA ALA A 200 16.76 -6.38 6.36
C ALA A 200 18.01 -6.45 7.23
N PHE A 201 17.84 -6.01 8.48
CA PHE A 201 18.83 -6.27 9.48
C PHE A 201 18.66 -7.69 10.01
N ASP A 202 19.71 -8.45 10.08
CA ASP A 202 19.81 -9.54 11.04
C ASP A 202 21.28 -9.69 11.34
N THR A 203 21.72 -10.58 12.21
CA THR A 203 23.10 -10.83 12.48
C THR A 203 23.52 -12.10 11.79
N ARG A 204 22.62 -13.07 11.63
CA ARG A 204 22.90 -14.34 11.02
C ARG A 204 23.14 -14.16 9.51
N PRO A 205 24.17 -14.74 8.90
CA PRO A 205 24.39 -14.72 7.45
C PRO A 205 23.41 -15.48 6.56
N GLU A 206 22.76 -16.55 7.03
CA GLU A 206 21.98 -17.49 6.22
C GLU A 206 20.89 -16.84 5.41
N VAL A 207 20.01 -16.09 6.06
CA VAL A 207 18.96 -15.34 5.40
C VAL A 207 19.38 -14.39 4.30
N LYS A 208 20.64 -13.91 4.33
CA LYS A 208 21.12 -12.98 3.30
C LYS A 208 20.82 -13.38 1.87
N GLU A 209 21.02 -14.65 1.53
CA GLU A 209 20.85 -15.10 0.17
C GLU A 209 19.48 -14.75 -0.43
N GLN A 210 18.48 -15.14 0.38
CA GLN A 210 17.11 -14.86 0.02
C GLN A 210 16.77 -13.40 0.13
N VAL A 211 17.21 -12.70 1.18
CA VAL A 211 17.06 -11.23 1.35
C VAL A 211 17.39 -10.46 0.08
N GLN A 212 18.55 -10.80 -0.45
CA GLN A 212 19.03 -10.18 -1.66
C GLN A 212 18.21 -10.55 -2.87
N SER A 213 18.04 -11.86 -3.07
CA SER A 213 17.40 -12.33 -4.29
C SER A 213 15.93 -11.93 -4.37
N MET A 214 15.24 -11.76 -3.22
CA MET A 214 13.93 -11.11 -3.19
C MET A 214 14.16 -9.66 -3.57
N GLY A 215 14.83 -8.86 -2.76
CA GLY A 215 15.10 -7.47 -3.14
C GLY A 215 15.31 -6.55 -1.95
N ALA A 216 16.32 -6.92 -1.22
CA ALA A 216 16.67 -6.18 -0.04
C ALA A 216 18.16 -6.08 0.13
N GLU A 217 18.63 -4.96 0.66
CA GLU A 217 19.97 -4.85 1.19
C GLU A 217 19.91 -5.63 2.52
N PHE A 218 21.08 -6.09 2.91
CA PHE A 218 21.29 -6.53 4.28
C PHE A 218 21.87 -5.32 5.01
N LEU A 219 21.30 -5.02 6.18
CA LEU A 219 21.79 -3.99 7.06
C LEU A 219 22.82 -4.63 7.97
N GLU A 220 24.06 -4.25 7.67
CA GLU A 220 25.14 -4.75 8.44
C GLU A 220 25.26 -3.92 9.72
N LEU A 221 25.40 -4.67 10.80
CA LEU A 221 25.64 -4.17 12.13
C LEU A 221 26.67 -3.05 12.10
N ASP A 222 26.44 -1.93 12.80
CA ASP A 222 27.36 -0.79 12.80
C ASP A 222 28.59 -1.00 13.67
N PHE A 223 29.49 -1.83 13.12
CA PHE A 223 30.66 -2.32 13.82
C PHE A 223 31.49 -2.93 12.68
N ASP A 231 31.60 -17.99 18.10
CA ASP A 231 30.56 -18.65 17.38
C ASP A 231 29.46 -17.63 17.13
N GLY A 232 28.43 -18.01 16.41
CA GLY A 232 27.37 -17.12 16.01
C GLY A 232 26.55 -16.49 17.15
N TYR A 233 26.14 -17.22 18.17
CA TYR A 233 25.43 -16.61 19.28
C TYR A 233 26.35 -15.78 20.18
N ALA A 234 27.57 -16.25 20.54
CA ALA A 234 28.43 -15.43 21.42
C ALA A 234 28.95 -14.19 20.72
N LYS A 235 29.08 -14.23 19.40
CA LYS A 235 29.23 -13.03 18.58
C LYS A 235 27.96 -12.19 18.77
N VAL A 236 26.78 -12.74 18.41
CA VAL A 236 25.52 -12.00 18.46
C VAL A 236 25.17 -11.31 19.77
N MET A 237 25.01 -11.97 20.92
CA MET A 237 24.56 -11.29 22.13
C MET A 237 25.66 -10.72 23.01
N SER A 238 26.55 -9.99 22.35
CA SER A 238 27.65 -9.35 23.06
C SER A 238 27.30 -7.87 23.30
N ASP A 239 28.03 -7.24 24.21
CA ASP A 239 27.79 -5.86 24.54
C ASP A 239 28.10 -4.96 23.37
N ALA A 240 29.14 -5.33 22.63
CA ALA A 240 29.56 -4.71 21.38
C ALA A 240 28.48 -4.78 20.32
N PHE A 241 28.00 -6.01 20.04
CA PHE A 241 26.95 -6.19 19.05
C PHE A 241 25.65 -5.49 19.37
N ILE A 242 25.07 -5.69 20.56
CA ILE A 242 23.90 -4.93 20.97
C ILE A 242 24.10 -3.41 20.95
N LYS A 243 25.34 -2.97 21.23
CA LYS A 243 25.68 -1.59 21.06
C LYS A 243 25.46 -1.14 19.63
N ALA A 244 26.15 -1.86 18.72
CA ALA A 244 26.15 -1.55 17.34
C ALA A 244 24.85 -1.83 16.60
N GLU A 245 23.90 -2.57 17.22
CA GLU A 245 22.55 -2.74 16.71
C GLU A 245 21.88 -1.38 16.80
N MET A 246 21.70 -0.82 18.02
CA MET A 246 21.09 0.48 18.21
C MET A 246 21.82 1.59 17.49
N GLU A 247 23.14 1.51 17.41
CA GLU A 247 23.91 2.50 16.67
C GLU A 247 23.66 2.38 15.17
N LEU A 248 23.29 1.20 14.69
CA LEU A 248 22.77 1.10 13.34
C LEU A 248 21.39 1.74 13.30
N PHE A 249 20.50 1.23 14.16
CA PHE A 249 19.08 1.50 14.09
C PHE A 249 18.78 2.99 14.17
N ALA A 250 19.46 3.75 15.05
CA ALA A 250 19.18 5.17 15.29
C ALA A 250 19.54 6.02 14.10
N ALA A 251 20.65 5.72 13.41
CA ALA A 251 20.98 6.45 12.17
C ALA A 251 19.91 6.20 11.10
N GLN A 252 19.61 4.90 10.90
CA GLN A 252 18.62 4.43 9.96
C GLN A 252 17.26 5.00 10.30
N ALA A 253 16.94 5.20 11.58
CA ALA A 253 15.70 5.80 11.99
C ALA A 253 15.45 7.23 11.55
N LYS A 254 16.49 7.96 11.13
CA LYS A 254 16.29 9.28 10.58
C LYS A 254 15.87 9.26 9.11
N GLU A 255 15.80 8.05 8.53
CA GLU A 255 15.37 7.88 7.15
C GLU A 255 14.29 6.83 6.98
N VAL A 256 14.26 5.72 7.73
CA VAL A 256 13.36 4.64 7.35
C VAL A 256 11.90 4.89 7.71
N ASP A 257 11.05 4.11 7.05
CA ASP A 257 9.63 4.29 7.20
C ASP A 257 9.05 3.13 8.00
N ILE A 258 9.20 1.91 7.47
CA ILE A 258 8.48 0.77 8.01
C ILE A 258 9.52 -0.15 8.70
N ILE A 259 9.43 -0.26 10.03
CA ILE A 259 10.32 -1.15 10.73
C ILE A 259 9.46 -2.37 11.00
N VAL A 260 9.71 -3.40 10.21
CA VAL A 260 9.08 -4.71 10.35
C VAL A 260 9.93 -5.42 11.37
N THR A 261 9.53 -5.44 12.62
CA THR A 261 10.39 -5.85 13.70
C THR A 261 10.09 -7.36 13.88
N THR A 262 10.51 -8.20 12.92
CA THR A 262 10.21 -9.61 12.90
C THR A 262 11.05 -10.49 13.83
N ALA A 263 11.98 -9.92 14.59
CA ALA A 263 12.78 -10.67 15.55
C ALA A 263 12.08 -11.31 16.74
N LEU A 264 11.28 -12.34 16.44
CA LEU A 264 10.60 -13.11 17.47
C LEU A 264 11.65 -14.04 18.06
N ILE A 265 12.29 -13.56 19.12
CA ILE A 265 13.33 -14.30 19.83
C ILE A 265 12.69 -15.55 20.45
N PRO A 266 13.28 -16.73 20.23
CA PRO A 266 12.74 -17.99 20.67
C PRO A 266 12.67 -18.02 22.18
N GLY A 267 11.46 -17.94 22.71
CA GLY A 267 11.25 -18.21 24.11
C GLY A 267 11.54 -17.01 25.01
N LYS A 268 12.79 -16.56 25.08
CA LYS A 268 13.21 -15.35 25.77
C LYS A 268 12.62 -14.10 25.08
N PRO A 269 12.11 -13.11 25.83
CA PRO A 269 11.61 -11.85 25.27
C PRO A 269 12.54 -11.10 24.34
N ALA A 270 11.99 -10.45 23.31
CA ALA A 270 12.79 -9.64 22.38
C ALA A 270 13.37 -8.42 23.08
N PRO A 271 14.67 -8.09 22.91
CA PRO A 271 15.36 -6.97 23.53
C PRO A 271 14.78 -5.63 23.08
N LYS A 272 14.77 -4.65 23.98
CA LYS A 272 14.20 -3.34 23.66
C LYS A 272 15.19 -2.55 22.83
N LEU A 273 15.22 -2.89 21.55
CA LEU A 273 16.21 -2.37 20.64
C LEU A 273 15.79 -1.01 20.11
N ILE A 274 14.50 -0.84 19.87
CA ILE A 274 13.99 0.43 19.40
C ILE A 274 13.57 1.13 20.65
N THR A 275 14.46 2.00 21.13
CA THR A 275 14.22 2.71 22.37
C THR A 275 13.12 3.74 22.21
N ARG A 276 12.48 4.14 23.31
CA ARG A 276 11.58 5.29 23.32
C ARG A 276 12.26 6.52 22.75
N GLU A 277 13.52 6.70 23.13
CA GLU A 277 14.46 7.61 22.45
C GLU A 277 14.37 7.49 20.92
N MET A 278 14.67 6.36 20.32
CA MET A 278 14.74 6.20 18.90
C MET A 278 13.42 6.55 18.23
N VAL A 279 12.33 6.07 18.82
CA VAL A 279 11.00 6.25 18.23
C VAL A 279 10.59 7.72 18.23
N ASP A 280 10.74 8.44 19.34
CA ASP A 280 10.50 9.88 19.32
C ASP A 280 11.53 10.71 18.60
N SER A 281 12.58 10.03 18.13
CA SER A 281 13.47 10.62 17.16
C SER A 281 13.47 9.98 15.77
N MET A 282 12.46 9.17 15.48
CA MET A 282 12.39 8.48 14.19
C MET A 282 11.72 9.41 13.19
N LYS A 283 11.90 9.12 11.92
CA LYS A 283 11.24 9.83 10.84
C LYS A 283 9.72 9.63 10.96
N ALA A 284 9.06 10.79 10.83
CA ALA A 284 7.63 10.88 11.07
C ALA A 284 6.78 10.20 9.99
N GLY A 285 5.52 9.89 10.23
CA GLY A 285 4.65 9.30 9.19
C GLY A 285 5.06 7.90 8.79
N SER A 286 5.69 7.23 9.75
CA SER A 286 6.38 5.97 9.53
C SER A 286 5.94 5.00 10.64
N VAL A 287 6.01 3.70 10.36
CA VAL A 287 5.44 2.71 11.26
C VAL A 287 6.43 1.64 11.68
N ILE A 288 6.63 1.47 12.97
CA ILE A 288 7.32 0.33 13.49
C ILE A 288 6.21 -0.71 13.79
N VAL A 289 6.12 -1.78 12.99
CA VAL A 289 5.26 -2.88 13.34
C VAL A 289 6.03 -3.86 14.19
N ASP A 290 5.59 -4.20 15.40
CA ASP A 290 6.35 -5.12 16.20
C ASP A 290 5.80 -6.54 16.04
N LEU A 291 6.67 -7.47 15.60
CA LEU A 291 6.26 -8.85 15.32
C LEU A 291 6.76 -9.80 16.36
N ALA A 292 7.65 -9.31 17.23
CA ALA A 292 7.94 -10.06 18.46
C ALA A 292 6.77 -9.84 19.42
N ALA A 293 6.15 -8.64 19.27
CA ALA A 293 4.95 -8.19 19.94
C ALA A 293 4.63 -8.76 21.29
N GLN A 294 4.02 -9.94 21.38
CA GLN A 294 3.72 -10.53 22.67
C GLN A 294 4.95 -10.93 23.46
N ASN A 295 5.97 -11.52 22.85
CA ASN A 295 7.16 -11.92 23.59
C ASN A 295 8.16 -10.79 23.73
N GLY A 296 7.96 -9.91 24.70
CA GLY A 296 8.75 -8.73 24.95
C GLY A 296 8.46 -7.63 23.91
N GLY A 297 8.84 -7.90 22.68
CA GLY A 297 8.68 -6.94 21.58
C GLY A 297 9.92 -6.03 21.48
N ASN A 298 10.51 -5.86 20.31
CA ASN A 298 11.79 -5.14 20.23
C ASN A 298 11.69 -3.63 20.41
N CYS A 299 10.48 -3.10 20.26
CA CYS A 299 10.22 -1.70 20.53
C CYS A 299 9.78 -1.51 21.99
N GLU A 300 10.17 -0.36 22.56
CA GLU A 300 9.75 0.10 23.87
C GLU A 300 8.33 0.66 23.94
N TYR A 301 7.66 0.84 22.81
CA TYR A 301 6.28 1.27 22.81
C TYR A 301 5.29 0.17 22.38
N THR A 302 5.64 -1.08 22.59
CA THR A 302 4.80 -2.18 22.16
C THR A 302 3.70 -2.39 23.20
N VAL A 303 2.68 -1.57 23.08
CA VAL A 303 1.59 -1.59 24.01
C VAL A 303 0.70 -2.80 23.69
N PRO A 304 0.42 -3.72 24.62
CA PRO A 304 -0.19 -5.01 24.35
C PRO A 304 -1.54 -4.96 23.65
N GLY A 305 -1.43 -5.17 22.36
CA GLY A 305 -2.58 -5.26 21.50
C GLY A 305 -3.08 -3.89 21.09
N GLU A 306 -2.16 -2.99 20.86
CA GLU A 306 -2.51 -1.64 20.49
C GLU A 306 -1.49 -1.08 19.52
N ILE A 307 -2.03 -0.14 18.75
CA ILE A 307 -1.19 0.79 18.05
C ILE A 307 -0.89 1.88 19.05
N PHE A 308 0.20 2.59 18.80
CA PHE A 308 0.63 3.72 19.60
C PHE A 308 1.09 4.77 18.58
N THR A 309 0.92 6.04 18.86
CA THR A 309 1.52 7.04 18.01
C THR A 309 2.32 7.93 18.91
N THR A 310 3.54 8.25 18.52
CA THR A 310 4.35 9.16 19.28
C THR A 310 3.99 10.61 19.02
N GLU A 311 4.61 11.54 19.75
CA GLU A 311 4.48 12.96 19.46
C GLU A 311 4.81 13.26 18.00
N ASN A 312 6.03 12.88 17.55
CA ASN A 312 6.47 13.03 16.16
C ASN A 312 5.78 12.15 15.11
N GLY A 313 4.70 11.47 15.50
CA GLY A 313 3.82 10.78 14.58
C GLY A 313 4.45 9.54 13.96
N VAL A 314 5.21 8.82 14.77
CA VAL A 314 5.69 7.51 14.37
C VAL A 314 4.72 6.60 15.08
N LYS A 315 4.27 5.66 14.29
CA LYS A 315 3.33 4.70 14.81
C LYS A 315 4.10 3.46 15.26
N VAL A 316 3.75 2.92 16.42
CA VAL A 316 4.26 1.63 16.89
C VAL A 316 3.08 0.71 17.03
N ILE A 317 3.05 -0.36 16.23
CA ILE A 317 1.95 -1.29 16.24
C ILE A 317 2.45 -2.49 17.04
N GLY A 318 2.05 -2.48 18.29
CA GLY A 318 2.35 -3.59 19.19
C GLY A 318 1.06 -4.39 19.33
N TYR A 319 0.42 -4.76 18.20
CA TYR A 319 -0.73 -5.69 18.22
C TYR A 319 -0.13 -7.05 18.51
N THR A 320 -0.26 -7.48 19.78
CA THR A 320 0.19 -8.78 20.25
C THR A 320 -0.35 -9.90 19.38
N ASP A 321 -1.54 -9.71 18.85
CA ASP A 321 -2.16 -10.62 17.90
C ASP A 321 -1.76 -10.54 16.45
N LEU A 322 -0.77 -9.79 16.00
CA LEU A 322 -0.41 -9.70 14.58
C LEU A 322 -0.26 -10.99 13.78
N PRO A 323 0.30 -12.12 14.25
CA PRO A 323 0.30 -13.40 13.52
C PRO A 323 -1.09 -13.89 13.18
N GLY A 324 -2.01 -13.66 14.12
CA GLY A 324 -3.36 -14.13 13.96
C GLY A 324 -4.34 -13.15 13.36
N ARG A 325 -3.96 -11.87 13.28
CA ARG A 325 -4.86 -10.82 12.81
C ARG A 325 -5.31 -10.88 11.36
N LEU A 326 -5.04 -11.90 10.57
CA LEU A 326 -5.61 -11.98 9.25
C LEU A 326 -6.50 -13.21 9.22
N PRO A 327 -7.73 -13.15 9.78
CA PRO A 327 -8.47 -14.29 10.27
C PRO A 327 -8.43 -15.56 9.46
N THR A 328 -8.85 -15.56 8.19
CA THR A 328 -8.93 -16.76 7.41
C THR A 328 -7.56 -17.25 7.06
N GLN A 329 -6.57 -16.37 6.85
CA GLN A 329 -5.27 -16.79 6.35
C GLN A 329 -4.38 -17.24 7.48
N SER A 330 -4.45 -16.54 8.59
CA SER A 330 -4.03 -17.12 9.85
C SER A 330 -4.56 -18.52 10.09
N SER A 331 -5.88 -18.69 10.07
CA SER A 331 -6.47 -20.01 10.29
C SER A 331 -6.22 -20.99 9.13
N GLN A 332 -5.82 -20.47 7.97
CA GLN A 332 -5.42 -21.26 6.82
C GLN A 332 -4.04 -21.75 7.17
N LEU A 333 -3.05 -20.89 7.26
CA LEU A 333 -1.69 -21.34 7.36
C LEU A 333 -1.36 -21.94 8.71
N TYR A 334 -1.75 -21.38 9.88
CA TYR A 334 -1.61 -22.10 11.15
C TYR A 334 -2.38 -23.40 11.05
N GLY A 335 -3.59 -23.35 10.47
CA GLY A 335 -4.39 -24.56 10.25
C GLY A 335 -3.63 -25.54 9.39
N THR A 336 -2.89 -25.10 8.41
CA THR A 336 -2.14 -26.00 7.56
C THR A 336 -0.87 -26.51 8.24
N ASN A 337 -0.26 -25.77 9.16
CA ASN A 337 0.73 -26.30 10.06
C ASN A 337 0.19 -27.47 10.85
N LEU A 338 -1.01 -27.35 11.44
CA LEU A 338 -1.69 -28.41 12.15
C LEU A 338 -1.87 -29.63 11.26
N VAL A 339 -2.47 -29.41 10.08
CA VAL A 339 -2.67 -30.40 9.02
C VAL A 339 -1.40 -31.15 8.73
N ASN A 340 -0.33 -30.39 8.58
CA ASN A 340 0.97 -30.94 8.24
C ASN A 340 1.60 -31.72 9.34
N LEU A 341 1.34 -31.40 10.62
CA LEU A 341 1.75 -32.25 11.73
C LEU A 341 1.02 -33.57 11.60
N LEU A 342 -0.31 -33.52 11.38
CA LEU A 342 -1.17 -34.69 11.33
C LEU A 342 -0.81 -35.56 10.12
N LYS A 343 -0.20 -34.96 9.09
CA LYS A 343 0.40 -35.71 8.01
C LYS A 343 1.52 -36.66 8.47
N LEU A 344 2.36 -36.10 9.32
CA LEU A 344 3.47 -36.82 9.88
C LEU A 344 3.06 -37.82 10.95
N LEU A 345 2.10 -37.42 11.77
CA LEU A 345 1.56 -38.20 12.89
C LEU A 345 0.69 -39.35 12.40
N CYS A 346 -0.36 -39.03 11.63
CA CYS A 346 -1.28 -40.05 11.14
C CYS A 346 -0.76 -40.47 9.77
N LYS A 347 0.39 -41.13 9.87
CA LYS A 347 1.35 -41.29 8.79
C LYS A 347 0.84 -42.32 7.83
N GLU A 348 0.41 -43.46 8.34
CA GLU A 348 0.00 -44.54 7.47
C GLU A 348 -1.29 -44.26 6.71
N LYS A 349 -2.14 -43.38 7.27
CA LYS A 349 -3.42 -42.96 6.73
C LYS A 349 -4.43 -44.07 6.32
N ASP A 350 -5.11 -44.93 7.07
CA ASP A 350 -5.10 -45.10 8.51
C ASP A 350 -5.67 -44.00 9.41
N GLY A 351 -4.86 -43.01 9.82
CA GLY A 351 -5.36 -41.96 10.65
C GLY A 351 -5.34 -42.22 12.14
N ASN A 352 -4.57 -43.20 12.60
CA ASN A 352 -4.19 -43.24 13.98
C ASN A 352 -3.03 -42.28 14.20
N ILE A 353 -3.01 -41.62 15.34
CA ILE A 353 -2.13 -40.50 15.59
C ILE A 353 -0.88 -41.13 16.21
N THR A 354 0.13 -41.31 15.39
CA THR A 354 1.39 -41.87 15.80
C THR A 354 2.17 -40.69 16.37
N VAL A 355 2.19 -40.53 17.69
CA VAL A 355 2.92 -39.40 18.26
C VAL A 355 4.32 -39.95 18.59
N ASP A 356 5.13 -40.02 17.53
CA ASP A 356 6.40 -40.75 17.56
C ASP A 356 7.53 -40.04 18.27
N PHE A 357 8.24 -40.82 19.10
CA PHE A 357 9.37 -40.34 19.86
C PHE A 357 10.65 -40.28 19.03
N ASP A 358 10.81 -41.09 18.01
CA ASP A 358 12.11 -41.17 17.35
C ASP A 358 12.32 -40.14 16.26
N ASP A 359 11.25 -39.78 15.60
CA ASP A 359 11.29 -38.64 14.69
C ASP A 359 11.59 -37.37 15.47
N VAL A 360 12.67 -36.67 15.10
CA VAL A 360 13.09 -35.48 15.79
C VAL A 360 12.04 -34.40 15.85
N VAL A 361 11.36 -34.12 14.74
CA VAL A 361 10.45 -33.00 14.72
C VAL A 361 9.14 -33.36 15.42
N ILE A 362 8.60 -34.58 15.29
CA ILE A 362 7.42 -34.97 16.04
C ILE A 362 7.76 -34.94 17.56
N ARG A 363 8.83 -35.64 17.97
CA ARG A 363 9.27 -35.63 19.37
C ARG A 363 9.51 -34.23 19.89
N GLY A 364 10.07 -33.41 19.02
CA GLY A 364 10.28 -31.98 19.31
C GLY A 364 8.99 -31.25 19.60
N VAL A 365 7.92 -31.42 18.81
CA VAL A 365 6.62 -30.73 19.06
C VAL A 365 5.90 -31.39 20.20
N THR A 366 6.12 -32.69 20.46
CA THR A 366 5.47 -33.35 21.56
C THR A 366 5.88 -32.82 22.94
N VAL A 367 5.09 -31.91 23.50
CA VAL A 367 5.42 -31.31 24.79
C VAL A 367 4.71 -31.99 25.94
N ILE A 368 3.53 -32.54 25.74
CA ILE A 368 2.98 -33.50 26.69
C ILE A 368 2.52 -34.63 25.77
N ARG A 369 2.78 -35.89 26.08
CA ARG A 369 2.07 -36.97 25.39
C ARG A 369 1.42 -37.78 26.50
N ALA A 370 0.10 -37.95 26.37
CA ALA A 370 -0.63 -38.84 27.26
C ALA A 370 -0.32 -38.62 28.73
N GLY A 371 -0.54 -37.38 29.12
CA GLY A 371 -0.37 -36.97 30.50
C GLY A 371 1.06 -36.66 30.84
N GLU A 372 2.04 -37.47 30.39
CA GLU A 372 3.46 -37.30 30.71
C GLU A 372 3.93 -36.08 29.97
N ILE A 373 4.53 -35.16 30.75
CA ILE A 373 5.09 -33.92 30.22
C ILE A 373 6.37 -34.29 29.49
N THR A 374 6.28 -34.46 28.18
CA THR A 374 7.42 -34.77 27.34
C THR A 374 8.27 -33.57 26.88
N TRP A 375 7.87 -32.39 27.35
CA TRP A 375 8.70 -31.21 27.37
C TRP A 375 9.62 -31.41 28.57
N PRO A 376 10.93 -31.20 28.56
CA PRO A 376 11.78 -30.66 27.49
C PRO A 376 11.79 -31.35 26.13
N ALA A 377 11.61 -30.57 25.06
CA ALA A 377 11.62 -31.05 23.68
C ALA A 377 13.05 -31.40 23.23
N PRO A 378 13.40 -32.66 22.99
CA PRO A 378 14.74 -33.09 22.70
C PRO A 378 15.36 -32.64 21.41
N PRO A 379 16.50 -31.93 21.48
CA PRO A 379 17.36 -31.71 20.33
C PRO A 379 18.09 -33.00 19.99
N ILE A 380 18.87 -33.51 20.79
N HIS B 5 1.59 42.94 6.27
CA HIS B 5 0.82 41.74 5.92
C HIS B 5 1.79 40.54 5.97
N HIS B 6 1.34 39.38 5.50
CA HIS B 6 2.21 38.27 5.19
C HIS B 6 2.03 37.90 3.70
N HIS B 7 2.32 38.88 2.85
CA HIS B 7 2.21 38.71 1.41
C HIS B 7 3.45 37.92 1.06
N GLY B 8 3.24 36.97 0.15
CA GLY B 8 4.27 36.01 -0.15
C GLY B 8 4.28 34.86 0.88
N ARG B 9 3.41 34.87 1.89
CA ARG B 9 3.39 33.76 2.85
C ARG B 9 2.11 32.98 2.57
N ILE B 10 2.22 31.68 2.82
CA ILE B 10 1.11 30.76 2.78
C ILE B 10 0.73 30.49 4.25
N GLY B 11 -0.57 30.28 4.46
CA GLY B 11 -1.04 29.76 5.71
C GLY B 11 -1.47 28.33 5.51
N ILE B 12 -0.88 27.37 6.25
CA ILE B 12 -1.36 26.01 6.24
C ILE B 12 -2.09 25.80 7.56
N PRO B 13 -3.42 25.74 7.55
CA PRO B 13 -4.26 25.61 8.73
C PRO B 13 -4.26 24.16 9.18
N ARG B 14 -4.92 23.87 10.28
CA ARG B 14 -5.28 22.53 10.67
C ARG B 14 -6.59 22.17 10.00
N GLU B 15 -6.67 21.00 9.36
CA GLU B 15 -7.94 20.58 8.81
C GLU B 15 -9.08 20.20 9.76
N ARG B 16 -10.26 20.72 9.36
CA ARG B 16 -11.45 20.80 10.20
C ARG B 16 -12.49 19.72 9.98
N LEU B 17 -12.30 18.83 9.00
CA LEU B 17 -13.22 17.73 8.85
C LEU B 17 -13.31 16.86 10.10
N THR B 18 -14.51 16.45 10.45
CA THR B 18 -14.75 15.57 11.57
C THR B 18 -13.99 14.25 11.33
N ASN B 19 -12.97 14.06 12.16
CA ASN B 19 -11.98 13.01 12.07
C ASN B 19 -11.25 13.19 10.76
N GLU B 20 -10.14 13.91 10.82
CA GLU B 20 -9.35 14.21 9.63
C GLU B 20 -7.91 13.90 9.90
N THR B 21 -7.41 13.20 8.88
CA THR B 21 -6.02 12.79 8.74
C THR B 21 -5.01 13.83 8.27
N ARG B 22 -5.48 14.73 7.43
CA ARG B 22 -4.68 15.57 6.57
C ARG B 22 -4.38 16.95 7.11
N VAL B 23 -3.33 17.52 6.53
CA VAL B 23 -3.09 18.97 6.54
C VAL B 23 -2.86 19.30 5.06
N ALA B 24 -2.53 20.51 4.66
CA ALA B 24 -2.36 20.84 3.27
C ALA B 24 -0.94 20.68 2.69
N ALA B 25 0.07 20.43 3.55
CA ALA B 25 1.44 20.31 3.08
C ALA B 25 2.27 19.56 4.08
N THR B 26 3.24 18.80 3.57
CA THR B 26 4.23 18.15 4.42
C THR B 26 5.62 18.79 4.27
N PRO B 27 6.66 18.60 5.10
CA PRO B 27 8.00 19.13 4.89
C PRO B 27 8.61 18.94 3.49
N LYS B 28 8.46 17.75 2.91
CA LYS B 28 8.79 17.54 1.48
C LYS B 28 8.16 18.57 0.56
N THR B 29 6.88 18.90 0.83
CA THR B 29 6.15 19.90 0.07
C THR B 29 6.63 21.29 0.39
N VAL B 30 6.95 21.56 1.65
CA VAL B 30 7.41 22.88 2.11
C VAL B 30 8.53 23.46 1.24
N GLU B 31 9.53 22.58 1.01
CA GLU B 31 10.64 22.85 0.13
C GLU B 31 10.14 23.28 -1.24
N GLN B 32 9.19 22.57 -1.84
CA GLN B 32 8.72 22.84 -3.20
C GLN B 32 8.12 24.24 -3.29
N LEU B 33 7.32 24.57 -2.27
CA LEU B 33 6.68 25.85 -2.16
C LEU B 33 7.63 27.04 -1.99
N LEU B 34 8.69 26.86 -1.20
CA LEU B 34 9.75 27.80 -1.01
C LEU B 34 10.50 27.99 -2.33
N LYS B 35 10.74 26.88 -3.06
CA LYS B 35 11.46 26.96 -4.32
C LYS B 35 10.69 27.78 -5.33
N LEU B 36 9.35 27.68 -5.30
CA LEU B 36 8.46 28.54 -6.07
C LEU B 36 8.69 29.97 -5.66
N GLY B 37 8.43 30.29 -4.42
CA GLY B 37 8.83 31.57 -3.86
C GLY B 37 7.78 32.07 -2.89
N PHE B 38 7.33 31.16 -2.05
CA PHE B 38 6.34 31.49 -1.03
C PHE B 38 6.80 30.89 0.32
N THR B 39 6.93 31.77 1.29
CA THR B 39 7.29 31.47 2.65
C THR B 39 6.16 30.64 3.27
N VAL B 40 6.48 29.56 3.94
CA VAL B 40 5.45 28.60 4.37
C VAL B 40 5.30 28.76 5.88
N ALA B 41 4.05 28.97 6.31
CA ALA B 41 3.73 28.89 7.73
C ALA B 41 2.63 27.85 7.98
N VAL B 42 2.73 27.04 9.03
CA VAL B 42 1.77 25.97 9.28
C VAL B 42 1.28 26.18 10.72
N GLU B 43 0.04 25.81 11.05
CA GLU B 43 -0.39 25.81 12.44
C GLU B 43 0.39 24.84 13.32
N SER B 44 0.56 25.28 14.55
CA SER B 44 1.13 24.40 15.55
C SER B 44 0.07 23.35 15.85
N GLY B 45 0.50 22.16 16.17
CA GLY B 45 -0.44 21.07 16.31
C GLY B 45 -0.77 20.45 14.94
N ALA B 46 -1.19 21.26 13.96
CA ALA B 46 -1.39 20.83 12.58
C ALA B 46 -0.19 20.14 12.02
N GLY B 47 1.00 20.61 12.30
CA GLY B 47 2.20 19.85 11.93
C GLY B 47 2.23 18.45 12.55
N GLN B 48 1.98 18.37 13.84
CA GLN B 48 1.92 17.11 14.57
C GLN B 48 0.85 16.20 13.98
N LEU B 49 -0.30 16.76 13.61
CA LEU B 49 -1.48 15.99 13.19
C LEU B 49 -1.30 15.23 11.89
N ALA B 50 -0.43 15.67 11.00
CA ALA B 50 -0.28 14.96 9.73
C ALA B 50 0.66 13.77 9.86
N SER B 51 0.60 13.02 10.96
CA SER B 51 1.56 12.04 11.39
C SER B 51 2.98 12.59 11.23
N PHE B 52 3.19 13.77 11.86
CA PHE B 52 4.45 14.46 11.70
C PHE B 52 4.81 15.15 13.01
N ASP B 53 5.81 16.03 12.95
CA ASP B 53 6.21 16.86 14.07
C ASP B 53 6.30 18.25 13.52
N ASP B 54 5.84 19.17 14.37
CA ASP B 54 5.87 20.59 14.11
C ASP B 54 7.28 21.12 14.10
N LYS B 55 8.20 20.64 14.98
CA LYS B 55 9.54 21.16 14.95
C LYS B 55 10.31 20.54 13.77
N ALA B 56 9.89 19.35 13.30
CA ALA B 56 10.31 18.84 12.01
C ALA B 56 9.92 19.79 10.87
N PHE B 57 8.70 20.38 10.84
CA PHE B 57 8.38 21.42 9.89
C PHE B 57 9.28 22.65 10.06
N VAL B 58 9.66 23.06 11.27
CA VAL B 58 10.61 24.15 11.47
C VAL B 58 11.94 23.77 10.79
N GLN B 59 12.45 22.56 10.96
CA GLN B 59 13.65 22.15 10.22
C GLN B 59 13.52 22.07 8.70
N ALA B 60 12.31 21.91 8.19
CA ALA B 60 11.99 22.01 6.77
C ALA B 60 11.90 23.45 6.30
N GLY B 61 12.00 24.46 7.17
CA GLY B 61 11.95 25.86 6.78
C GLY B 61 10.53 26.35 6.76
N ALA B 62 9.72 25.82 7.68
CA ALA B 62 8.38 26.31 7.83
C ALA B 62 8.28 26.97 9.19
N GLU B 63 7.61 28.10 9.16
CA GLU B 63 7.28 28.81 10.39
C GLU B 63 6.10 28.02 10.97
N ILE B 64 6.12 27.74 12.27
CA ILE B 64 5.01 27.10 12.90
C ILE B 64 4.35 28.15 13.77
N VAL B 65 3.18 28.58 13.27
CA VAL B 65 2.39 29.69 13.82
C VAL B 65 1.50 29.12 14.92
N GLU B 66 1.48 29.79 16.07
CA GLU B 66 0.50 29.49 17.07
C GLU B 66 -0.88 29.99 16.65
N GLY B 67 -1.69 29.10 16.06
CA GLY B 67 -3.10 29.35 15.86
C GLY B 67 -3.48 30.19 14.66
N ASN B 68 -4.62 30.88 14.85
CA ASN B 68 -5.32 31.53 13.75
C ASN B 68 -4.59 32.58 12.93
N SER B 69 -3.52 33.18 13.46
CA SER B 69 -2.67 34.12 12.73
C SER B 69 -2.17 33.54 11.42
N VAL B 70 -2.12 32.18 11.29
CA VAL B 70 -1.71 31.51 10.04
C VAL B 70 -2.52 32.01 8.84
N TRP B 71 -3.79 32.31 9.08
CA TRP B 71 -4.66 32.86 8.06
C TRP B 71 -4.26 34.23 7.48
N GLN B 72 -3.49 35.04 8.21
CA GLN B 72 -3.00 36.28 7.62
C GLN B 72 -1.73 35.98 6.81
N SER B 73 -2.01 35.74 5.54
CA SER B 73 -1.05 35.33 4.56
C SER B 73 -1.50 35.89 3.20
N GLU B 74 -0.73 35.62 2.15
CA GLU B 74 -1.20 35.83 0.81
C GLU B 74 -2.02 34.64 0.35
N ILE B 75 -1.50 33.41 0.48
CA ILE B 75 -2.25 32.22 0.10
C ILE B 75 -2.63 31.51 1.38
N ILE B 76 -3.80 30.89 1.42
CA ILE B 76 -4.14 29.83 2.32
C ILE B 76 -4.21 28.61 1.45
N LEU B 77 -3.35 27.65 1.75
CA LEU B 77 -3.52 26.35 1.08
C LEU B 77 -4.17 25.44 2.07
N LYS B 78 -5.35 24.99 1.72
CA LYS B 78 -6.18 24.28 2.67
C LYS B 78 -6.91 23.12 1.99
N VAL B 79 -7.39 22.13 2.74
CA VAL B 79 -7.96 20.94 2.13
C VAL B 79 -9.47 21.13 2.04
N ASN B 80 -10.18 21.11 3.16
CA ASN B 80 -11.65 21.08 3.13
C ASN B 80 -12.16 22.50 3.31
N ALA B 81 -13.34 22.75 2.77
CA ALA B 81 -13.98 24.05 2.68
C ALA B 81 -14.08 24.74 4.02
N PRO B 82 -13.70 26.02 4.08
CA PRO B 82 -13.60 26.76 5.33
C PRO B 82 -14.92 26.86 6.12
N LEU B 83 -14.84 26.53 7.41
CA LEU B 83 -15.99 26.74 8.31
C LEU B 83 -16.14 28.27 8.58
N ASP B 84 -17.30 28.80 9.00
CA ASP B 84 -17.58 30.23 9.11
C ASP B 84 -16.58 31.08 9.87
N ASP B 85 -15.90 30.43 10.85
CA ASP B 85 -14.80 31.07 11.56
C ASP B 85 -13.60 31.29 10.62
N GLU B 86 -13.26 30.25 9.84
CA GLU B 86 -12.17 30.28 8.88
C GLU B 86 -12.46 31.31 7.83
N ILE B 87 -13.72 31.35 7.42
CA ILE B 87 -14.22 32.34 6.48
C ILE B 87 -14.01 33.74 7.06
N ALA B 88 -14.37 33.97 8.32
CA ALA B 88 -14.11 35.24 8.97
C ALA B 88 -12.63 35.60 8.98
N LEU B 89 -11.78 34.63 9.20
CA LEU B 89 -10.33 34.78 9.27
C LEU B 89 -9.77 35.29 7.93
N LEU B 90 -10.31 34.84 6.79
CA LEU B 90 -9.90 35.29 5.49
C LEU B 90 -10.04 36.80 5.37
N ASN B 91 -8.92 37.48 5.09
CA ASN B 91 -8.91 38.92 4.91
C ASN B 91 -9.48 39.21 3.49
N PRO B 92 -10.15 40.34 3.30
CA PRO B 92 -10.53 40.83 1.96
C PRO B 92 -9.48 40.65 0.88
N GLY B 93 -9.74 39.62 0.07
CA GLY B 93 -8.94 39.24 -1.08
C GLY B 93 -7.75 38.37 -0.77
N THR B 94 -7.75 37.59 0.29
CA THR B 94 -6.76 36.55 0.49
C THR B 94 -6.98 35.46 -0.58
N THR B 95 -5.94 34.72 -0.88
CA THR B 95 -6.07 33.59 -1.79
C THR B 95 -6.48 32.40 -0.91
N LEU B 96 -7.50 31.70 -1.32
CA LEU B 96 -7.92 30.47 -0.67
C LEU B 96 -7.90 29.38 -1.68
N VAL B 97 -7.22 28.29 -1.36
CA VAL B 97 -7.22 27.17 -2.26
C VAL B 97 -7.81 26.05 -1.42
N SER B 98 -8.93 25.43 -1.81
CA SER B 98 -9.54 24.35 -1.02
C SER B 98 -10.55 23.62 -1.89
N PHE B 99 -10.89 22.40 -1.50
CA PHE B 99 -12.14 21.73 -1.91
C PHE B 99 -13.36 22.53 -1.46
N ILE B 100 -13.93 23.30 -2.40
CA ILE B 100 -14.98 24.21 -2.04
C ILE B 100 -16.34 23.55 -2.28
N TRP B 101 -16.41 22.62 -3.25
CA TRP B 101 -17.69 21.99 -3.61
C TRP B 101 -18.79 23.03 -3.93
N PRO B 102 -18.57 23.96 -4.87
CA PRO B 102 -19.32 25.20 -5.04
C PRO B 102 -20.81 25.05 -5.17
N ALA B 103 -21.31 24.19 -6.06
CA ALA B 103 -22.75 23.99 -6.20
C ALA B 103 -23.34 23.31 -4.97
N GLN B 104 -22.56 22.50 -4.27
CA GLN B 104 -22.98 21.95 -3.00
C GLN B 104 -22.78 22.94 -1.86
N ASN B 105 -21.97 23.99 -2.03
CA ASN B 105 -21.80 25.00 -1.02
C ASN B 105 -22.05 26.43 -1.50
N PRO B 106 -23.26 26.78 -1.97
CA PRO B 106 -23.60 28.13 -2.43
C PRO B 106 -23.45 29.18 -1.35
N GLU B 107 -23.81 28.88 -0.12
CA GLU B 107 -23.83 29.81 0.98
C GLU B 107 -22.38 30.15 1.30
N LEU B 108 -21.55 29.11 1.37
CA LEU B 108 -20.11 29.26 1.62
C LEU B 108 -19.52 30.12 0.49
N MET B 109 -19.80 29.83 -0.79
CA MET B 109 -19.40 30.69 -1.89
C MET B 109 -19.77 32.15 -1.71
N GLN B 110 -21.02 32.41 -1.32
CA GLN B 110 -21.47 33.76 -1.08
C GLN B 110 -20.73 34.43 0.07
N LYS B 111 -20.46 33.70 1.16
CA LYS B 111 -19.67 34.21 2.28
C LYS B 111 -18.25 34.62 1.85
N LEU B 112 -17.59 33.77 1.06
CA LEU B 112 -16.26 34.03 0.52
C LEU B 112 -16.31 35.24 -0.38
N ALA B 113 -17.39 35.39 -1.18
CA ALA B 113 -17.66 36.59 -1.97
C ALA B 113 -17.74 37.84 -1.11
N GLU B 114 -18.29 37.80 0.10
CA GLU B 114 -18.25 38.94 1.01
C GLU B 114 -16.85 39.21 1.51
N ARG B 115 -16.11 38.16 1.92
CA ARG B 115 -14.69 38.23 2.22
C ARG B 115 -13.87 38.64 0.98
N ASN B 116 -14.47 38.64 -0.23
CA ASN B 116 -13.86 39.16 -1.44
C ASN B 116 -12.62 38.42 -1.87
N VAL B 117 -12.51 37.16 -1.47
CA VAL B 117 -11.30 36.38 -1.65
C VAL B 117 -11.22 35.77 -3.03
N THR B 118 -10.03 35.24 -3.36
CA THR B 118 -9.79 34.63 -4.64
C THR B 118 -9.62 33.15 -4.37
N VAL B 119 -10.61 32.37 -4.83
CA VAL B 119 -10.72 31.02 -4.38
C VAL B 119 -10.45 30.13 -5.54
N MET B 120 -9.42 29.29 -5.38
CA MET B 120 -9.20 28.14 -6.24
C MET B 120 -9.81 26.91 -5.59
N ALA B 121 -10.94 26.45 -6.11
CA ALA B 121 -11.60 25.26 -5.62
C ALA B 121 -11.02 24.07 -6.31
N MET B 122 -10.27 23.34 -5.50
CA MET B 122 -9.47 22.21 -5.94
C MET B 122 -10.31 21.02 -6.42
N ASP B 123 -11.58 20.99 -6.07
CA ASP B 123 -12.50 20.00 -6.62
C ASP B 123 -12.95 20.44 -8.01
N SER B 124 -13.12 21.72 -8.30
CA SER B 124 -13.79 22.25 -9.46
C SER B 124 -12.89 22.44 -10.67
N VAL B 125 -11.87 21.59 -10.80
CA VAL B 125 -10.90 21.70 -11.88
C VAL B 125 -11.53 21.14 -13.15
N PRO B 126 -11.36 21.78 -14.30
CA PRO B 126 -11.80 21.28 -15.58
C PRO B 126 -11.06 19.99 -15.88
N ARG B 127 -11.77 18.94 -16.29
CA ARG B 127 -11.26 17.57 -16.21
C ARG B 127 -10.16 17.12 -17.18
N ILE B 128 -9.31 18.02 -17.64
CA ILE B 128 -8.40 17.69 -18.73
C ILE B 128 -7.11 17.15 -18.19
N SER B 129 -6.38 16.51 -19.10
CA SER B 129 -5.15 15.82 -18.80
C SER B 129 -4.12 16.63 -18.04
N ARG B 130 -3.90 17.93 -18.35
CA ARG B 130 -2.97 18.76 -17.57
C ARG B 130 -3.53 19.11 -16.19
N ALA B 131 -4.83 19.45 -16.17
CA ALA B 131 -5.50 19.72 -14.93
C ALA B 131 -5.39 18.62 -13.90
N GLN B 132 -5.36 17.36 -14.30
CA GLN B 132 -5.23 16.30 -13.32
C GLN B 132 -3.97 16.30 -12.43
N SER B 133 -2.90 16.97 -12.82
CA SER B 133 -1.76 17.19 -11.92
C SER B 133 -2.09 18.18 -10.82
N LEU B 134 -2.89 19.17 -11.18
CA LEU B 134 -3.33 20.20 -10.25
C LEU B 134 -4.57 19.80 -9.48
N ASP B 135 -5.28 18.78 -9.97
CA ASP B 135 -6.51 18.29 -9.35
C ASP B 135 -6.37 17.47 -8.08
N ALA B 136 -6.95 18.10 -7.08
CA ALA B 136 -6.93 17.60 -5.70
C ALA B 136 -7.83 16.33 -5.66
N LEU B 137 -8.90 16.30 -6.45
CA LEU B 137 -9.80 15.17 -6.55
C LEU B 137 -9.08 13.95 -7.07
N SER B 138 -8.10 14.07 -7.97
CA SER B 138 -7.33 12.95 -8.45
C SER B 138 -6.42 12.46 -7.35
N SER B 139 -5.60 13.32 -6.70
CA SER B 139 -4.73 12.88 -5.62
C SER B 139 -5.49 12.18 -4.48
N MET B 140 -6.63 12.73 -4.06
CA MET B 140 -7.41 12.16 -2.98
C MET B 140 -8.08 10.88 -3.41
N ALA B 141 -8.50 10.75 -4.67
CA ALA B 141 -8.96 9.46 -5.14
C ALA B 141 -7.81 8.46 -5.16
N ASN B 142 -6.60 8.85 -5.55
CA ASN B 142 -5.44 7.95 -5.53
C ASN B 142 -5.03 7.54 -4.14
N ILE B 143 -5.25 8.42 -3.15
CA ILE B 143 -5.24 8.06 -1.74
C ILE B 143 -6.25 6.99 -1.47
N ALA B 144 -7.53 7.24 -1.79
CA ALA B 144 -8.60 6.28 -1.60
C ALA B 144 -8.33 4.95 -2.24
N GLY B 145 -7.71 4.95 -3.41
CA GLY B 145 -7.47 3.72 -4.14
C GLY B 145 -6.40 2.88 -3.47
N TYR B 146 -5.34 3.51 -2.98
CA TYR B 146 -4.32 2.80 -2.24
C TYR B 146 -4.93 2.35 -0.91
N ARG B 147 -5.71 3.26 -0.29
CA ARG B 147 -6.32 2.95 0.99
C ARG B 147 -7.42 1.93 0.83
N ALA B 148 -7.97 1.73 -0.36
CA ALA B 148 -8.90 0.65 -0.60
C ALA B 148 -8.20 -0.66 -0.32
N ILE B 149 -7.04 -0.86 -0.93
CA ILE B 149 -6.27 -2.08 -0.72
C ILE B 149 -5.78 -2.21 0.72
N VAL B 150 -5.42 -1.09 1.33
CA VAL B 150 -4.95 -1.04 2.69
C VAL B 150 -6.04 -1.44 3.70
N GLU B 151 -7.12 -0.63 3.84
CA GLU B 151 -8.22 -0.93 4.74
C GLU B 151 -8.86 -2.28 4.49
N ALA B 152 -8.87 -2.70 3.22
CA ALA B 152 -9.25 -4.03 2.83
C ALA B 152 -8.36 -5.03 3.53
N ALA B 153 -7.04 -4.91 3.33
CA ALA B 153 -6.10 -5.84 3.91
C ALA B 153 -6.20 -5.92 5.44
N HIS B 154 -6.40 -4.75 6.04
CA HIS B 154 -6.72 -4.63 7.47
C HIS B 154 -7.88 -5.53 7.85
N GLU B 155 -9.04 -5.41 7.22
CA GLU B 155 -10.18 -6.20 7.57
C GLU B 155 -10.33 -7.52 6.80
N PHE B 156 -9.39 -7.86 5.93
CA PHE B 156 -9.42 -9.02 5.05
C PHE B 156 -9.20 -10.29 5.87
N GLY B 157 -9.75 -11.39 5.34
CA GLY B 157 -9.46 -12.70 5.86
C GLY B 157 -8.20 -13.31 5.25
N ARG B 158 -7.86 -13.13 3.97
CA ARG B 158 -6.79 -13.90 3.34
C ARG B 158 -5.59 -13.08 2.81
N PHE B 159 -4.57 -13.67 2.17
CA PHE B 159 -3.51 -12.85 1.59
C PHE B 159 -3.94 -12.32 0.24
N PHE B 160 -3.18 -11.34 -0.23
CA PHE B 160 -3.24 -10.90 -1.60
C PHE B 160 -2.40 -11.80 -2.52
N THR B 161 -1.15 -12.04 -2.13
CA THR B 161 -0.17 -12.80 -2.89
C THR B 161 -0.59 -14.28 -3.02
N GLY B 162 -0.37 -14.96 -4.16
CA GLY B 162 -0.53 -16.39 -4.29
C GLY B 162 0.70 -17.07 -3.73
N GLN B 163 0.80 -17.03 -2.41
CA GLN B 163 2.06 -17.30 -1.74
C GLN B 163 2.20 -18.78 -1.44
N ILE B 164 3.19 -19.37 -2.11
CA ILE B 164 3.68 -20.71 -1.77
C ILE B 164 4.37 -20.58 -0.40
N THR B 165 3.64 -20.87 0.67
CA THR B 165 4.14 -20.64 2.01
C THR B 165 4.73 -21.92 2.53
N ALA B 166 5.63 -21.83 3.49
CA ALA B 166 6.20 -22.99 4.15
C ALA B 166 5.13 -24.03 4.57
N ALA B 167 4.09 -23.58 5.29
CA ALA B 167 2.94 -24.40 5.63
C ALA B 167 2.11 -24.90 4.44
N GLY B 168 1.60 -23.99 3.62
CA GLY B 168 0.62 -24.35 2.62
C GLY B 168 0.55 -23.31 1.52
N LYS B 169 -0.29 -23.50 0.51
CA LYS B 169 -0.40 -22.59 -0.61
C LYS B 169 -1.53 -21.63 -0.31
N VAL B 170 -1.29 -20.38 -0.67
CA VAL B 170 -2.30 -19.35 -0.52
C VAL B 170 -3.08 -19.09 -1.80
N PRO B 171 -4.41 -19.11 -1.81
CA PRO B 171 -5.22 -18.75 -2.99
C PRO B 171 -5.11 -17.24 -3.21
N PRO B 172 -4.81 -16.72 -4.42
CA PRO B 172 -4.54 -15.29 -4.64
C PRO B 172 -5.81 -14.45 -4.43
N ALA B 173 -5.67 -13.24 -3.93
CA ALA B 173 -6.78 -12.30 -3.89
C ALA B 173 -7.15 -11.83 -5.27
N LYS B 174 -8.38 -12.12 -5.61
CA LYS B 174 -8.98 -11.60 -6.83
C LYS B 174 -9.63 -10.25 -6.48
N VAL B 175 -8.82 -9.26 -6.80
CA VAL B 175 -9.19 -7.88 -6.53
C VAL B 175 -9.95 -7.33 -7.73
N MET B 176 -11.26 -7.31 -7.59
CA MET B 176 -12.11 -6.80 -8.64
C MET B 176 -12.21 -5.30 -8.51
N VAL B 177 -11.28 -4.61 -9.17
CA VAL B 177 -11.33 -3.17 -9.16
C VAL B 177 -12.32 -2.70 -10.24
N ILE B 178 -13.49 -2.25 -9.77
CA ILE B 178 -14.56 -1.78 -10.64
C ILE B 178 -14.29 -0.29 -10.84
N GLY B 179 -13.49 -0.02 -11.86
CA GLY B 179 -13.14 1.32 -12.23
C GLY B 179 -11.66 1.43 -12.48
N ALA B 180 -11.19 1.33 -13.74
CA ALA B 180 -9.77 1.34 -14.02
C ALA B 180 -9.24 2.73 -14.32
N GLY B 181 -9.63 3.69 -13.50
CA GLY B 181 -9.31 5.10 -13.68
C GLY B 181 -8.84 5.67 -12.35
N VAL B 182 -7.99 6.70 -12.36
CA VAL B 182 -7.38 7.37 -11.20
C VAL B 182 -7.26 6.51 -9.94
N ALA B 183 -8.33 6.45 -9.12
CA ALA B 183 -8.30 5.75 -7.86
C ALA B 183 -8.05 4.25 -8.05
N GLY B 184 -8.72 3.73 -9.10
CA GLY B 184 -8.58 2.34 -9.48
C GLY B 184 -7.19 2.08 -10.06
N LEU B 185 -6.53 3.02 -10.73
CA LEU B 185 -5.15 2.87 -11.23
C LEU B 185 -4.25 2.57 -10.04
N ALA B 186 -4.39 3.38 -8.98
CA ALA B 186 -3.65 3.15 -7.75
C ALA B 186 -3.96 1.83 -7.11
N ALA B 187 -5.26 1.51 -7.02
CA ALA B 187 -5.68 0.25 -6.44
C ALA B 187 -5.07 -0.97 -7.15
N ILE B 188 -5.10 -0.97 -8.50
CA ILE B 188 -4.50 -1.96 -9.38
C ILE B 188 -3.00 -1.97 -9.12
N GLY B 189 -2.35 -0.80 -9.13
CA GLY B 189 -0.95 -0.66 -8.81
C GLY B 189 -0.55 -1.38 -7.55
N ALA B 190 -1.24 -1.02 -6.45
CA ALA B 190 -0.99 -1.59 -5.14
C ALA B 190 -1.28 -3.10 -5.13
N ALA B 191 -2.47 -3.53 -5.58
CA ALA B 191 -2.84 -4.94 -5.50
C ALA B 191 -1.92 -5.87 -6.29
N ASN B 192 -1.56 -5.48 -7.51
CA ASN B 192 -0.69 -6.26 -8.36
C ASN B 192 0.70 -6.28 -7.75
N SER B 193 1.20 -5.18 -7.19
CA SER B 193 2.46 -5.17 -6.48
C SER B 193 2.42 -5.99 -5.17
N LEU B 194 1.23 -6.18 -4.59
CA LEU B 194 1.05 -7.17 -3.55
C LEU B 194 0.79 -8.57 -4.10
N GLY B 195 0.88 -8.85 -5.39
CA GLY B 195 0.79 -10.23 -5.88
C GLY B 195 -0.64 -10.75 -6.05
N ALA B 196 -1.65 -9.86 -6.04
CA ALA B 196 -3.02 -10.23 -6.19
C ALA B 196 -3.46 -10.27 -7.62
N ILE B 197 -4.32 -11.19 -8.01
CA ILE B 197 -4.91 -11.24 -9.34
C ILE B 197 -5.97 -10.15 -9.35
N VAL B 198 -5.63 -8.98 -9.87
CA VAL B 198 -6.58 -7.90 -10.01
C VAL B 198 -7.48 -8.30 -11.17
N ARG B 199 -8.77 -8.53 -10.92
CA ARG B 199 -9.73 -8.80 -11.97
C ARG B 199 -10.53 -7.50 -12.16
N ALA B 200 -9.91 -6.55 -12.87
CA ALA B 200 -10.49 -5.23 -12.99
C ALA B 200 -11.46 -5.07 -14.14
N PHE B 201 -12.36 -4.10 -14.00
CA PHE B 201 -13.37 -3.83 -14.98
C PHE B 201 -13.44 -2.31 -15.06
N ASP B 202 -13.57 -1.88 -16.30
CA ASP B 202 -13.96 -0.51 -16.60
C ASP B 202 -14.79 -0.68 -17.88
N THR B 203 -15.78 0.17 -18.13
CA THR B 203 -16.54 0.09 -19.36
C THR B 203 -15.72 0.55 -20.57
N ARG B 204 -14.75 1.44 -20.36
CA ARG B 204 -13.98 2.12 -21.38
C ARG B 204 -12.77 1.35 -21.92
N PRO B 205 -12.56 1.26 -23.24
CA PRO B 205 -11.47 0.48 -23.83
C PRO B 205 -10.08 0.99 -23.63
N GLU B 206 -9.92 2.31 -23.53
CA GLU B 206 -8.62 2.94 -23.38
C GLU B 206 -7.81 2.41 -22.20
N VAL B 207 -8.47 1.90 -21.17
CA VAL B 207 -7.81 1.50 -19.96
C VAL B 207 -7.87 0.01 -19.67
N LYS B 208 -8.11 -0.76 -20.72
CA LYS B 208 -8.17 -2.19 -20.64
C LYS B 208 -6.80 -2.79 -20.38
N GLU B 209 -5.86 -2.47 -21.25
CA GLU B 209 -4.59 -3.21 -21.31
C GLU B 209 -3.81 -3.28 -20.03
N GLN B 210 -3.75 -2.15 -19.36
CA GLN B 210 -2.98 -1.99 -18.15
C GLN B 210 -3.03 -3.08 -17.09
N VAL B 211 -4.21 -3.65 -16.88
CA VAL B 211 -4.43 -4.67 -15.88
C VAL B 211 -3.74 -5.95 -16.40
N GLN B 212 -3.95 -6.29 -17.66
CA GLN B 212 -3.28 -7.42 -18.31
C GLN B 212 -1.77 -7.17 -18.35
N SER B 213 -1.31 -5.98 -18.71
CA SER B 213 0.07 -5.53 -18.72
C SER B 213 0.77 -5.55 -17.40
N MET B 214 -0.01 -5.52 -16.31
CA MET B 214 0.55 -5.63 -14.99
C MET B 214 0.68 -7.09 -14.55
N GLY B 215 -0.11 -7.99 -15.13
CA GLY B 215 -0.14 -9.40 -14.73
C GLY B 215 -1.27 -9.56 -13.76
N ALA B 216 -2.42 -9.50 -14.39
CA ALA B 216 -3.71 -9.60 -13.75
C ALA B 216 -4.73 -9.74 -14.87
N GLU B 217 -6.06 -9.69 -14.63
CA GLU B 217 -7.06 -9.98 -15.66
C GLU B 217 -8.05 -8.83 -15.82
N PHE B 218 -8.55 -8.63 -17.04
CA PHE B 218 -9.61 -7.65 -17.23
C PHE B 218 -10.87 -8.45 -17.45
N LEU B 219 -11.95 -7.99 -16.86
CA LEU B 219 -13.24 -8.61 -17.02
C LEU B 219 -13.97 -8.07 -18.23
N GLU B 220 -14.41 -9.04 -19.03
CA GLU B 220 -15.17 -8.68 -20.21
C GLU B 220 -16.66 -8.72 -19.94
N LEU B 221 -17.36 -7.79 -20.59
CA LEU B 221 -18.77 -7.60 -20.40
C LEU B 221 -19.52 -8.35 -21.46
N ASP B 222 -20.75 -8.73 -21.14
CA ASP B 222 -21.58 -9.50 -22.05
C ASP B 222 -22.05 -8.71 -23.23
N MET B 237 -23.76 4.10 -19.23
CA MET B 237 -23.93 2.69 -19.03
C MET B 237 -24.55 2.72 -17.63
N SER B 238 -25.83 2.68 -17.21
CA SER B 238 -27.12 2.78 -17.93
C SER B 238 -27.96 1.58 -17.54
N ASP B 239 -29.29 1.67 -17.46
CA ASP B 239 -30.14 0.61 -16.94
C ASP B 239 -30.04 -0.62 -17.82
N ALA B 240 -30.23 -1.82 -17.21
CA ALA B 240 -30.00 -3.12 -17.82
C ALA B 240 -28.55 -3.39 -18.16
N PHE B 241 -27.76 -2.44 -18.71
CA PHE B 241 -26.32 -2.60 -18.89
C PHE B 241 -25.64 -2.88 -17.58
N ILE B 242 -25.99 -2.03 -16.64
CA ILE B 242 -25.63 -2.16 -15.23
C ILE B 242 -26.04 -3.49 -14.63
N LYS B 243 -27.14 -4.12 -15.06
CA LYS B 243 -27.46 -5.47 -14.63
C LYS B 243 -26.57 -6.53 -15.30
N ALA B 244 -26.09 -6.30 -16.52
CA ALA B 244 -25.08 -7.15 -17.13
C ALA B 244 -23.79 -7.07 -16.36
N GLU B 245 -23.42 -5.85 -15.95
CA GLU B 245 -22.33 -5.65 -15.01
C GLU B 245 -22.53 -6.43 -13.73
N MET B 246 -23.69 -6.27 -13.10
CA MET B 246 -24.10 -7.03 -11.92
C MET B 246 -23.93 -8.52 -12.06
N GLU B 247 -24.36 -9.04 -13.20
CA GLU B 247 -24.28 -10.47 -13.50
C GLU B 247 -22.83 -10.90 -13.59
N LEU B 248 -21.95 -10.07 -14.13
CA LEU B 248 -20.53 -10.38 -14.28
C LEU B 248 -19.95 -10.54 -12.87
N PHE B 249 -20.33 -9.60 -12.02
CA PHE B 249 -19.89 -9.54 -10.64
C PHE B 249 -20.49 -10.71 -9.86
N ALA B 250 -21.73 -11.12 -10.09
CA ALA B 250 -22.37 -12.26 -9.49
C ALA B 250 -21.60 -13.54 -9.88
N ALA B 251 -21.02 -13.62 -11.09
CA ALA B 251 -20.18 -14.75 -11.45
C ALA B 251 -18.90 -14.75 -10.59
N GLN B 252 -18.31 -13.57 -10.54
CA GLN B 252 -17.12 -13.33 -9.72
C GLN B 252 -17.37 -13.49 -8.23
N ALA B 253 -18.59 -13.32 -7.70
CA ALA B 253 -18.96 -13.42 -6.29
C ALA B 253 -18.25 -14.39 -5.32
N LYS B 254 -18.13 -15.68 -5.67
CA LYS B 254 -17.40 -16.63 -4.83
C LYS B 254 -15.91 -16.63 -5.15
N GLU B 255 -15.44 -16.11 -6.30
CA GLU B 255 -14.02 -15.98 -6.50
C GLU B 255 -13.45 -14.75 -5.84
N VAL B 256 -14.08 -13.59 -6.02
CA VAL B 256 -13.48 -12.30 -5.63
C VAL B 256 -13.38 -12.06 -4.15
N ASP B 257 -12.20 -11.53 -3.88
CA ASP B 257 -11.75 -11.24 -2.54
C ASP B 257 -11.95 -9.78 -2.19
N ILE B 258 -11.48 -8.87 -3.04
CA ILE B 258 -11.53 -7.43 -2.71
C ILE B 258 -12.22 -6.75 -3.88
N ILE B 259 -13.41 -6.23 -3.65
CA ILE B 259 -14.07 -5.50 -4.71
C ILE B 259 -13.82 -4.04 -4.41
N VAL B 260 -12.98 -3.42 -5.24
CA VAL B 260 -12.69 -1.99 -5.12
C VAL B 260 -13.75 -1.37 -6.03
N THR B 261 -14.93 -1.12 -5.51
CA THR B 261 -16.00 -0.60 -6.34
C THR B 261 -15.80 0.91 -6.28
N THR B 262 -15.12 1.31 -7.31
CA THR B 262 -14.72 2.68 -7.48
C THR B 262 -15.80 3.42 -8.24
N ALA B 263 -15.94 3.18 -9.54
CA ALA B 263 -16.90 3.80 -10.44
C ALA B 263 -17.18 5.32 -10.46
N LEU B 264 -16.53 6.20 -9.66
CA LEU B 264 -16.82 7.62 -9.63
C LEU B 264 -16.46 8.35 -10.94
N ILE B 265 -17.51 8.42 -11.77
CA ILE B 265 -17.53 9.23 -13.01
C ILE B 265 -17.70 10.71 -12.64
N PRO B 266 -17.00 11.70 -13.22
CA PRO B 266 -16.89 13.04 -12.71
C PRO B 266 -18.20 13.77 -12.46
N GLY B 267 -18.47 14.03 -11.18
CA GLY B 267 -19.62 14.77 -10.77
C GLY B 267 -20.78 13.82 -10.53
N LYS B 268 -20.96 12.75 -11.29
CA LYS B 268 -22.12 11.88 -11.15
C LYS B 268 -21.89 11.03 -9.88
N PRO B 269 -22.93 10.90 -9.05
CA PRO B 269 -23.04 9.85 -8.04
C PRO B 269 -23.02 8.46 -8.62
N ALA B 270 -22.43 7.50 -7.91
CA ALA B 270 -22.31 6.15 -8.43
C ALA B 270 -23.58 5.33 -8.23
N PRO B 271 -24.14 4.67 -9.24
CA PRO B 271 -25.23 3.70 -9.05
C PRO B 271 -24.86 2.44 -8.25
N LYS B 272 -25.86 1.85 -7.59
CA LYS B 272 -25.67 0.73 -6.69
C LYS B 272 -25.47 -0.55 -7.49
N LEU B 273 -24.22 -0.80 -7.81
CA LEU B 273 -23.86 -2.01 -8.54
C LEU B 273 -23.75 -3.26 -7.71
N ILE B 274 -23.12 -3.20 -6.51
CA ILE B 274 -22.99 -4.38 -5.70
C ILE B 274 -24.24 -4.45 -4.87
N THR B 275 -25.13 -5.32 -5.31
CA THR B 275 -26.44 -5.55 -4.69
C THR B 275 -26.34 -6.31 -3.37
N ARG B 276 -27.38 -6.19 -2.55
CA ARG B 276 -27.52 -6.99 -1.33
C ARG B 276 -27.44 -8.48 -1.66
N GLU B 277 -28.13 -8.90 -2.73
CA GLU B 277 -28.04 -10.27 -3.18
C GLU B 277 -26.63 -10.74 -3.49
N MET B 278 -25.86 -9.87 -4.11
CA MET B 278 -24.50 -10.17 -4.52
C MET B 278 -23.61 -10.37 -3.29
N VAL B 279 -23.69 -9.46 -2.32
CA VAL B 279 -22.86 -9.52 -1.12
C VAL B 279 -23.20 -10.75 -0.28
N ASP B 280 -24.47 -11.09 -0.10
CA ASP B 280 -24.86 -12.33 0.57
C ASP B 280 -24.41 -13.57 -0.18
N SER B 281 -24.41 -13.49 -1.50
CA SER B 281 -23.88 -14.55 -2.31
C SER B 281 -22.35 -14.66 -2.25
N MET B 282 -21.63 -13.58 -1.93
CA MET B 282 -20.17 -13.54 -1.97
C MET B 282 -19.42 -14.51 -1.04
N LYS B 283 -18.15 -14.61 -1.43
CA LYS B 283 -17.11 -15.20 -0.62
C LYS B 283 -16.94 -14.38 0.64
N ALA B 284 -16.90 -15.03 1.79
CA ALA B 284 -16.80 -14.33 3.07
C ALA B 284 -15.34 -14.05 3.37
N GLY B 285 -15.07 -13.18 4.36
CA GLY B 285 -13.74 -12.70 4.64
C GLY B 285 -13.16 -11.91 3.49
N SER B 286 -14.06 -11.27 2.78
CA SER B 286 -13.73 -10.52 1.60
C SER B 286 -14.28 -9.15 1.79
N VAL B 287 -13.57 -8.16 1.24
CA VAL B 287 -13.93 -6.78 1.54
C VAL B 287 -14.32 -6.08 0.25
N ILE B 288 -15.42 -5.34 0.36
CA ILE B 288 -15.95 -4.55 -0.74
C ILE B 288 -15.70 -3.12 -0.31
N VAL B 289 -14.73 -2.50 -0.87
CA VAL B 289 -14.31 -1.18 -0.48
C VAL B 289 -15.06 -0.33 -1.48
N ASP B 290 -16.02 0.41 -0.95
CA ASP B 290 -16.76 1.34 -1.78
C ASP B 290 -16.02 2.67 -1.79
N LEU B 291 -15.40 2.96 -2.92
CA LEU B 291 -14.64 4.20 -3.01
C LEU B 291 -15.58 5.39 -3.25
N ALA B 292 -16.82 5.12 -3.69
CA ALA B 292 -17.76 6.20 -3.92
C ALA B 292 -18.77 6.31 -2.80
N ALA B 293 -18.34 5.92 -1.60
CA ALA B 293 -19.09 5.97 -0.33
C ALA B 293 -19.70 7.31 0.02
N GLN B 294 -19.03 8.41 -0.30
CA GLN B 294 -19.55 9.76 -0.18
C GLN B 294 -20.39 10.11 -1.45
N ASN B 295 -19.92 9.68 -2.61
CA ASN B 295 -20.50 10.07 -3.88
C ASN B 295 -21.46 9.02 -4.41
N GLY B 296 -22.60 8.90 -3.77
CA GLY B 296 -23.63 7.96 -4.22
C GLY B 296 -23.47 6.57 -3.66
N GLY B 297 -22.29 6.02 -3.56
CA GLY B 297 -22.10 4.66 -3.02
C GLY B 297 -22.57 3.57 -4.00
N ASN B 298 -21.63 2.73 -4.40
CA ASN B 298 -21.83 1.66 -5.41
C ASN B 298 -22.39 0.39 -4.71
N CYS B 299 -22.25 0.16 -3.41
CA CYS B 299 -22.76 -1.06 -2.81
C CYS B 299 -23.93 -0.78 -1.90
N GLU B 300 -25.00 -1.55 -2.06
CA GLU B 300 -26.22 -1.39 -1.27
C GLU B 300 -25.94 -1.53 0.23
N TYR B 301 -25.11 -2.49 0.59
CA TYR B 301 -24.83 -2.67 2.01
C TYR B 301 -23.90 -1.66 2.62
N THR B 302 -23.30 -0.80 1.79
CA THR B 302 -22.49 0.34 2.24
C THR B 302 -23.25 1.23 3.22
N VAL B 303 -22.66 1.38 4.42
CA VAL B 303 -23.00 2.49 5.34
C VAL B 303 -22.03 3.58 4.90
N PRO B 304 -22.50 4.62 4.21
CA PRO B 304 -21.69 5.73 3.68
C PRO B 304 -20.92 6.54 4.73
N GLY B 305 -19.83 5.91 5.18
CA GLY B 305 -18.96 6.45 6.19
C GLY B 305 -18.31 5.35 7.02
N GLU B 306 -18.74 4.09 7.04
CA GLU B 306 -18.22 3.06 7.89
C GLU B 306 -18.08 1.73 7.18
N ILE B 307 -17.71 0.71 7.98
CA ILE B 307 -17.80 -0.66 7.56
C ILE B 307 -19.17 -1.21 7.91
N PHE B 308 -19.84 -1.90 6.99
CA PHE B 308 -20.91 -2.80 7.39
C PHE B 308 -20.39 -4.22 7.18
N THR B 309 -20.29 -4.98 8.27
CA THR B 309 -19.98 -6.39 8.18
C THR B 309 -21.30 -7.12 7.93
N THR B 310 -21.45 -7.70 6.75
CA THR B 310 -22.63 -8.50 6.51
C THR B 310 -22.56 -9.83 7.23
N GLU B 311 -23.73 -10.45 7.36
CA GLU B 311 -23.96 -11.62 8.21
C GLU B 311 -22.96 -12.75 8.02
N ASN B 312 -22.69 -13.13 6.79
CA ASN B 312 -21.72 -14.18 6.49
C ASN B 312 -20.27 -13.82 6.74
N GLY B 313 -19.95 -12.54 6.72
CA GLY B 313 -18.58 -12.05 6.97
C GLY B 313 -17.98 -11.39 5.73
N VAL B 314 -18.78 -10.93 4.75
CA VAL B 314 -18.28 -9.99 3.74
C VAL B 314 -18.31 -8.61 4.39
N LYS B 315 -17.21 -7.82 4.36
CA LYS B 315 -17.18 -6.54 5.03
C LYS B 315 -17.17 -5.45 4.00
N VAL B 316 -18.19 -4.63 3.92
CA VAL B 316 -18.26 -3.54 3.01
C VAL B 316 -17.68 -2.29 3.65
N ILE B 317 -16.46 -1.93 3.27
CA ILE B 317 -15.82 -0.74 3.84
C ILE B 317 -16.15 0.37 2.90
N GLY B 318 -17.08 1.22 3.29
CA GLY B 318 -17.47 2.34 2.46
C GLY B 318 -17.26 3.56 3.36
N TYR B 319 -16.01 4.05 3.45
CA TYR B 319 -15.73 5.28 4.24
C TYR B 319 -15.81 6.52 3.39
N THR B 320 -16.42 7.57 3.94
CA THR B 320 -16.34 8.88 3.33
C THR B 320 -14.86 9.31 3.32
N ASP B 321 -14.19 8.91 4.39
CA ASP B 321 -12.81 9.26 4.67
C ASP B 321 -11.73 8.43 4.03
N LEU B 322 -12.08 7.60 3.06
CA LEU B 322 -11.10 6.91 2.23
C LEU B 322 -10.13 7.83 1.46
N PRO B 323 -10.54 8.94 0.84
CA PRO B 323 -9.60 9.93 0.30
C PRO B 323 -8.82 10.67 1.39
N GLY B 324 -9.09 10.43 2.67
CA GLY B 324 -8.33 11.05 3.76
C GLY B 324 -7.12 10.19 4.14
N ARG B 325 -7.42 8.94 4.49
CA ARG B 325 -6.53 8.12 5.30
C ARG B 325 -5.20 7.59 4.77
N LEU B 326 -4.33 8.45 4.26
CA LEU B 326 -2.88 8.24 4.27
C LEU B 326 -2.30 9.57 4.72
N PRO B 327 -2.35 9.95 6.02
CA PRO B 327 -2.07 11.30 6.49
C PRO B 327 -1.01 12.16 5.81
N THR B 328 0.23 11.79 6.01
CA THR B 328 1.37 12.40 5.33
C THR B 328 1.29 12.39 3.81
N GLN B 329 0.89 11.28 3.18
CA GLN B 329 0.94 11.16 1.71
C GLN B 329 -0.16 12.00 1.11
N SER B 330 -1.33 12.06 1.75
CA SER B 330 -2.45 12.89 1.38
C SER B 330 -1.98 14.37 1.46
N SER B 331 -1.43 14.82 2.59
CA SER B 331 -0.86 16.14 2.68
C SER B 331 0.22 16.44 1.61
N GLN B 332 1.01 15.44 1.25
CA GLN B 332 1.96 15.54 0.17
C GLN B 332 1.25 15.67 -1.17
N LEU B 333 0.36 14.75 -1.60
CA LEU B 333 -0.10 14.69 -2.98
C LEU B 333 -1.08 15.86 -3.21
N TYR B 334 -1.85 16.25 -2.17
CA TYR B 334 -2.66 17.44 -2.12
C TYR B 334 -1.70 18.60 -2.29
N GLY B 335 -0.70 18.68 -1.42
CA GLY B 335 0.37 19.69 -1.56
C GLY B 335 0.98 19.75 -2.95
N THR B 336 1.22 18.60 -3.60
CA THR B 336 1.87 18.58 -4.88
C THR B 336 0.94 19.10 -5.97
N ASN B 337 -0.37 18.92 -5.84
CA ASN B 337 -1.36 19.54 -6.72
C ASN B 337 -1.31 21.05 -6.57
N LEU B 338 -1.28 21.51 -5.31
CA LEU B 338 -1.16 22.91 -4.96
C LEU B 338 0.07 23.57 -5.63
N VAL B 339 1.21 22.88 -5.50
CA VAL B 339 2.43 23.22 -6.25
C VAL B 339 2.14 23.34 -7.73
N ASN B 340 1.61 22.31 -8.39
CA ASN B 340 1.35 22.32 -9.83
C ASN B 340 0.48 23.52 -10.25
N LEU B 341 -0.48 23.83 -9.38
CA LEU B 341 -1.38 24.96 -9.58
C LEU B 341 -0.63 26.28 -9.56
N LEU B 342 0.21 26.44 -8.50
CA LEU B 342 1.00 27.63 -8.29
C LEU B 342 1.97 27.81 -9.44
N LYS B 343 2.48 26.71 -9.99
CA LYS B 343 3.28 26.76 -11.22
C LYS B 343 2.53 27.36 -12.37
N LEU B 344 1.25 27.03 -12.56
CA LEU B 344 0.44 27.63 -13.60
C LEU B 344 0.07 29.07 -13.30
N LEU B 345 -0.18 29.44 -12.07
CA LEU B 345 -0.53 30.79 -11.72
C LEU B 345 0.71 31.64 -11.80
N CYS B 346 1.61 31.44 -10.83
CA CYS B 346 2.79 32.23 -10.72
C CYS B 346 3.91 31.77 -11.63
N LYS B 347 3.68 32.00 -12.92
CA LYS B 347 4.62 31.71 -13.98
C LYS B 347 5.88 32.56 -13.97
N GLU B 348 5.95 33.56 -13.10
CA GLU B 348 7.13 34.38 -12.91
C GLU B 348 7.99 33.86 -11.76
N LYS B 349 7.38 33.14 -10.80
CA LYS B 349 8.01 32.65 -9.56
C LYS B 349 8.66 33.76 -8.77
N ASP B 350 8.01 34.92 -8.85
CA ASP B 350 8.52 36.17 -8.31
C ASP B 350 8.25 36.29 -6.83
N GLY B 351 7.14 35.69 -6.42
CA GLY B 351 6.71 35.75 -5.01
C GLY B 351 5.39 36.47 -4.89
N ASN B 352 4.56 36.54 -5.93
CA ASN B 352 3.24 37.10 -5.80
C ASN B 352 2.27 36.18 -6.51
N ILE B 353 1.08 35.96 -5.92
CA ILE B 353 -0.03 35.26 -6.54
C ILE B 353 -0.50 36.05 -7.75
N THR B 354 0.14 35.62 -8.82
CA THR B 354 -0.13 36.11 -10.16
C THR B 354 -1.40 35.31 -10.50
N VAL B 355 -2.54 35.96 -10.35
CA VAL B 355 -3.80 35.27 -10.58
C VAL B 355 -4.04 35.28 -12.09
N ASP B 356 -3.76 34.13 -12.68
CA ASP B 356 -3.96 33.92 -14.09
C ASP B 356 -5.45 33.97 -14.43
N PHE B 357 -5.77 34.12 -15.71
CA PHE B 357 -7.14 34.13 -16.19
C PHE B 357 -7.17 33.56 -17.61
N ASP B 358 -6.02 33.04 -18.09
CA ASP B 358 -5.90 32.57 -19.45
C ASP B 358 -6.19 31.09 -19.64
N ASP B 359 -5.47 30.20 -18.93
CA ASP B 359 -5.58 28.78 -19.11
C ASP B 359 -6.94 28.30 -18.73
N VAL B 360 -7.47 27.46 -19.59
CA VAL B 360 -8.77 26.80 -19.31
C VAL B 360 -8.94 26.16 -17.94
N VAL B 361 -7.85 25.54 -17.48
CA VAL B 361 -7.74 24.98 -16.13
C VAL B 361 -7.97 26.09 -15.10
N ILE B 362 -7.11 27.11 -15.16
CA ILE B 362 -7.12 28.18 -14.17
C ILE B 362 -8.46 28.88 -14.19
N ARG B 363 -9.04 29.18 -15.33
CA ARG B 363 -10.37 29.78 -15.43
C ARG B 363 -11.49 28.93 -14.80
N GLY B 364 -11.27 27.63 -14.70
CA GLY B 364 -12.21 26.72 -14.08
C GLY B 364 -12.04 26.74 -12.56
N VAL B 365 -10.87 26.24 -12.16
CA VAL B 365 -10.48 26.08 -10.75
C VAL B 365 -10.55 27.35 -9.90
N THR B 366 -10.24 28.52 -10.46
CA THR B 366 -10.32 29.78 -9.72
C THR B 366 -11.74 30.29 -9.79
N VAL B 367 -12.48 29.70 -8.86
CA VAL B 367 -13.92 29.82 -8.88
C VAL B 367 -14.39 31.18 -8.40
N ILE B 368 -13.59 31.90 -7.63
CA ILE B 368 -13.89 33.25 -7.26
C ILE B 368 -12.57 33.95 -7.53
N ARG B 369 -12.62 35.06 -8.27
CA ARG B 369 -11.50 35.98 -8.42
C ARG B 369 -11.88 37.28 -7.75
N ALA B 370 -11.28 37.50 -6.57
CA ALA B 370 -11.35 38.75 -5.84
C ALA B 370 -12.80 39.24 -5.69
N GLY B 371 -13.66 38.47 -5.05
CA GLY B 371 -15.04 38.84 -4.85
C GLY B 371 -15.93 38.25 -5.95
N GLU B 372 -15.47 38.31 -7.23
CA GLU B 372 -16.26 37.89 -8.39
C GLU B 372 -16.35 36.37 -8.42
N ILE B 373 -17.54 35.79 -8.32
CA ILE B 373 -17.69 34.33 -8.48
C ILE B 373 -17.55 33.98 -9.99
N THR B 374 -16.30 33.61 -10.30
CA THR B 374 -15.88 33.37 -11.66
C THR B 374 -16.30 31.99 -12.22
N TRP B 375 -16.70 31.18 -11.23
CA TRP B 375 -17.33 29.88 -11.44
C TRP B 375 -18.61 30.14 -12.22
N PRO B 376 -19.08 29.37 -13.22
CA PRO B 376 -18.50 28.11 -13.66
C PRO B 376 -17.26 28.15 -14.54
N ALA B 377 -16.83 26.92 -14.81
CA ALA B 377 -15.67 26.66 -15.66
C ALA B 377 -16.02 26.85 -17.14
N PRO B 378 -15.13 27.26 -18.06
CA PRO B 378 -15.40 27.24 -19.48
C PRO B 378 -15.64 25.83 -20.04
N PRO B 379 -16.54 25.61 -20.99
CA PRO B 379 -16.81 24.33 -21.61
C PRO B 379 -15.69 23.85 -22.51
N ILE B 380 -14.57 23.43 -21.94
CA ILE B 380 -13.45 22.81 -22.64
C ILE B 380 -13.82 21.37 -22.88
N GLN B 381 -13.59 20.86 -24.08
CA GLN B 381 -13.96 19.51 -24.46
C GLN B 381 -12.97 18.55 -23.79
N VAL B 382 -13.55 17.75 -22.90
CA VAL B 382 -12.80 16.77 -22.12
C VAL B 382 -13.07 15.40 -22.74
N SER B 383 -12.20 14.81 -23.37
N ALA C 20 20.24 2.44 -35.39
CA ALA C 20 20.42 2.51 -33.95
C ALA C 20 21.79 3.06 -33.56
N GLU C 21 22.82 2.64 -34.28
CA GLU C 21 24.17 3.13 -34.10
C GLU C 21 24.29 4.66 -34.16
N GLU C 22 23.65 5.41 -35.08
CA GLU C 22 23.71 6.87 -35.11
C GLU C 22 23.28 7.40 -33.77
N THR C 23 22.19 6.82 -33.25
CA THR C 23 21.68 7.19 -31.95
C THR C 23 22.68 6.86 -30.83
N ALA C 24 23.42 5.74 -30.89
CA ALA C 24 24.46 5.47 -29.92
C ALA C 24 25.54 6.61 -29.95
N GLU C 25 26.04 6.91 -31.13
CA GLU C 25 26.97 8.02 -31.37
C GLU C 25 26.39 9.34 -30.86
N LEU C 26 25.08 9.55 -30.92
CA LEU C 26 24.40 10.71 -30.29
C LEU C 26 24.53 10.67 -28.77
N LEU C 27 24.12 9.58 -28.15
CA LEU C 27 24.06 9.34 -26.72
C LEU C 27 25.33 9.76 -25.98
N LYS C 28 26.47 9.14 -26.37
CA LYS C 28 27.78 9.45 -25.76
C LYS C 28 28.14 10.93 -25.94
N ASN C 29 27.76 11.51 -27.09
CA ASN C 29 28.12 12.89 -27.41
C ASN C 29 27.24 13.94 -26.73
N SER C 30 25.97 13.59 -26.47
CA SER C 30 24.92 14.51 -26.07
C SER C 30 25.14 15.60 -25.05
N HIS C 31 25.96 15.26 -24.04
CA HIS C 31 26.22 16.04 -22.83
C HIS C 31 24.98 16.11 -21.93
N SER C 32 23.77 16.30 -22.46
CA SER C 32 22.56 15.99 -21.68
C SER C 32 21.75 14.95 -22.41
N VAL C 33 21.18 13.98 -21.70
CA VAL C 33 20.28 12.97 -22.23
C VAL C 33 19.04 12.96 -21.33
N ILE C 34 17.83 13.10 -21.85
CA ILE C 34 16.62 12.88 -21.07
C ILE C 34 16.07 11.55 -21.52
N ILE C 35 15.89 10.63 -20.58
CA ILE C 35 15.22 9.38 -20.89
C ILE C 35 13.78 9.54 -20.38
N THR C 36 12.80 9.28 -21.24
CA THR C 36 11.41 9.38 -20.97
C THR C 36 10.79 7.99 -21.01
N PRO C 37 10.40 7.39 -19.86
CA PRO C 37 9.63 6.15 -19.80
C PRO C 37 8.24 6.36 -20.42
N GLY C 38 8.06 5.60 -21.48
CA GLY C 38 6.75 5.40 -22.00
C GLY C 38 6.35 3.93 -21.87
N TYR C 39 5.42 3.51 -22.73
CA TYR C 39 4.82 2.18 -22.66
C TYR C 39 5.85 1.09 -22.96
N GLY C 40 6.67 1.34 -23.98
CA GLY C 40 7.67 0.40 -24.40
C GLY C 40 8.65 0.11 -23.29
N MET C 41 9.10 1.08 -22.46
CA MET C 41 10.00 0.82 -21.33
C MET C 41 9.43 -0.20 -20.38
N ALA C 42 8.13 -0.09 -20.07
CA ALA C 42 7.53 -0.91 -19.04
C ALA C 42 7.13 -2.30 -19.54
N VAL C 43 6.66 -2.39 -20.78
CA VAL C 43 6.26 -3.62 -21.43
C VAL C 43 7.46 -4.39 -21.91
N ALA C 44 8.20 -3.81 -22.83
CA ALA C 44 9.30 -4.53 -23.48
C ALA C 44 10.60 -4.20 -22.77
N GLN C 45 10.66 -4.66 -21.52
CA GLN C 45 11.80 -4.61 -20.61
C GLN C 45 12.99 -3.69 -20.81
N ALA C 46 12.77 -2.48 -21.31
CA ALA C 46 13.87 -1.60 -21.58
C ALA C 46 14.57 -0.95 -20.44
N GLN C 47 13.99 -0.96 -19.25
CA GLN C 47 14.59 -0.32 -18.10
C GLN C 47 15.89 -0.94 -17.63
N TYR C 48 16.09 -2.26 -17.45
CA TYR C 48 17.45 -2.75 -17.10
C TYR C 48 18.51 -2.55 -18.20
N PRO C 49 18.21 -2.61 -19.54
CA PRO C 49 19.14 -2.12 -20.57
C PRO C 49 19.45 -0.62 -20.38
N VAL C 50 18.46 0.23 -20.11
CA VAL C 50 18.70 1.63 -19.77
C VAL C 50 19.66 1.71 -18.58
N ALA C 51 19.55 0.85 -17.52
CA ALA C 51 20.51 0.88 -16.45
C ALA C 51 21.93 0.70 -16.93
N GLU C 52 22.13 -0.23 -17.87
CA GLU C 52 23.44 -0.42 -18.52
C GLU C 52 23.92 0.83 -19.28
N ILE C 53 23.06 1.57 -20.00
CA ILE C 53 23.53 2.77 -20.66
C ILE C 53 23.70 3.87 -19.62
N THR C 54 22.89 3.88 -18.56
CA THR C 54 22.90 4.98 -17.60
C THR C 54 24.15 5.01 -16.78
N GLU C 55 24.79 3.86 -16.56
CA GLU C 55 26.15 3.78 -16.10
C GLU C 55 27.01 4.68 -16.96
N LYS C 56 27.17 4.30 -18.24
CA LYS C 56 28.09 4.97 -19.13
C LYS C 56 27.85 6.43 -19.31
N LEU C 57 26.56 6.83 -19.43
CA LEU C 57 26.16 8.20 -19.58
C LEU C 57 26.60 8.99 -18.35
N ARG C 58 26.26 8.57 -17.14
CA ARG C 58 26.57 9.40 -15.97
C ARG C 58 28.08 9.41 -15.75
N ALA C 59 28.75 8.27 -16.01
CA ALA C 59 30.19 8.17 -15.98
C ALA C 59 30.94 9.09 -16.93
N ARG C 60 30.31 9.48 -18.03
CA ARG C 60 30.87 10.43 -18.97
C ARG C 60 30.49 11.86 -18.54
N GLY C 61 29.80 12.10 -17.42
CA GLY C 61 29.43 13.43 -16.99
C GLY C 61 28.13 13.88 -17.62
N ILE C 62 27.47 13.03 -18.40
CA ILE C 62 26.25 13.39 -19.09
C ILE C 62 25.13 13.64 -18.06
N ASN C 63 24.44 14.77 -18.19
CA ASN C 63 23.23 15.06 -17.48
C ASN C 63 22.11 14.18 -18.00
N VAL C 64 22.16 12.94 -17.59
CA VAL C 64 21.07 12.03 -17.91
C VAL C 64 20.02 12.18 -16.83
N ARG C 65 18.95 12.89 -17.18
CA ARG C 65 17.81 13.00 -16.32
C ARG C 65 16.67 12.21 -16.90
N PHE C 66 15.83 11.74 -16.01
CA PHE C 66 14.74 10.91 -16.48
C PHE C 66 13.45 11.72 -16.40
N GLY C 67 12.77 12.07 -17.48
CA GLY C 67 11.51 12.79 -17.39
C GLY C 67 10.41 11.74 -17.56
N ILE C 68 9.86 11.31 -16.43
CA ILE C 68 8.81 10.32 -16.40
C ILE C 68 7.47 11.04 -16.47
N HIS C 69 6.52 10.50 -17.22
CA HIS C 69 5.20 11.08 -17.31
C HIS C 69 4.26 10.08 -16.68
N PRO C 70 3.47 10.38 -15.64
CA PRO C 70 2.57 9.40 -14.99
C PRO C 70 1.51 8.86 -15.94
N VAL C 71 0.83 9.81 -16.61
CA VAL C 71 -0.02 9.47 -17.72
C VAL C 71 0.93 9.09 -18.86
N ALA C 72 1.18 7.79 -19.01
CA ALA C 72 2.00 7.25 -20.10
C ALA C 72 1.57 5.79 -20.21
N GLY C 73 1.24 5.36 -21.41
CA GLY C 73 1.08 3.95 -21.69
C GLY C 73 -0.12 3.37 -20.96
N ARG C 74 0.17 2.66 -19.86
CA ARG C 74 -0.85 1.92 -19.15
C ARG C 74 -0.37 1.73 -17.72
N LEU C 75 -1.20 2.23 -16.79
CA LEU C 75 -0.96 2.23 -15.37
C LEU C 75 0.22 3.16 -15.00
N PRO C 76 -0.07 4.24 -14.24
CA PRO C 76 0.96 5.07 -13.62
C PRO C 76 1.74 4.39 -12.50
N GLY C 77 2.80 5.05 -12.01
CA GLY C 77 3.72 4.32 -11.16
C GLY C 77 4.47 3.34 -12.05
N HIS C 78 4.13 2.05 -11.96
CA HIS C 78 4.40 1.00 -12.95
C HIS C 78 5.69 1.13 -13.72
N MET C 79 5.78 2.01 -14.72
CA MET C 79 6.94 2.13 -15.58
C MET C 79 8.18 2.54 -14.83
N ASN C 80 7.97 3.48 -13.92
CA ASN C 80 9.07 4.00 -13.15
C ASN C 80 9.36 3.15 -11.92
N VAL C 81 8.32 2.44 -11.50
CA VAL C 81 8.50 1.43 -10.45
C VAL C 81 9.47 0.39 -11.04
N LEU C 82 9.21 -0.12 -12.23
CA LEU C 82 10.14 -0.94 -12.95
C LEU C 82 11.48 -0.26 -13.24
N LEU C 83 11.56 1.05 -13.38
CA LEU C 83 12.82 1.78 -13.40
C LEU C 83 13.58 1.62 -12.07
N ALA C 84 12.89 1.60 -10.91
CA ALA C 84 13.55 1.30 -9.65
C ALA C 84 13.98 -0.15 -9.62
N GLU C 85 13.15 -1.12 -10.05
CA GLU C 85 13.54 -2.51 -10.18
C GLU C 85 14.70 -2.72 -11.13
N ALA C 86 14.81 -1.88 -12.14
CA ALA C 86 15.94 -1.84 -13.04
C ALA C 86 17.18 -1.22 -12.39
N LYS C 87 17.12 -0.68 -11.16
CA LYS C 87 18.23 -0.06 -10.46
C LYS C 87 18.79 1.23 -11.06
N VAL C 88 17.88 1.93 -11.72
CA VAL C 88 18.15 3.24 -12.24
C VAL C 88 17.95 4.19 -11.08
N PRO C 89 18.94 4.99 -10.71
CA PRO C 89 18.92 5.92 -9.58
C PRO C 89 17.84 7.02 -9.60
N TYR C 90 16.82 6.79 -8.79
CA TYR C 90 15.67 7.71 -8.58
C TYR C 90 16.01 9.16 -8.25
N ASP C 91 17.27 9.44 -7.85
CA ASP C 91 17.81 10.80 -7.80
C ASP C 91 17.84 11.40 -9.19
N ILE C 92 18.52 10.87 -10.22
CA ILE C 92 18.61 11.55 -11.52
C ILE C 92 17.30 11.42 -12.31
N VAL C 93 16.49 10.44 -11.87
CA VAL C 93 15.14 10.19 -12.29
C VAL C 93 14.28 11.34 -11.70
N LEU C 94 13.37 11.92 -12.48
CA LEU C 94 12.51 13.02 -12.01
C LEU C 94 11.10 12.76 -12.54
N GLU C 95 10.31 12.28 -11.61
CA GLU C 95 8.92 11.89 -11.86
C GLU C 95 8.05 13.11 -11.99
N MET C 96 8.04 13.65 -13.21
CA MET C 96 7.24 14.77 -13.63
C MET C 96 7.11 15.98 -12.73
N ASP C 97 8.28 16.52 -12.51
CA ASP C 97 8.47 17.65 -11.60
C ASP C 97 9.03 18.79 -12.47
N GLU C 98 9.82 19.79 -12.02
CA GLU C 98 10.31 20.90 -12.85
C GLU C 98 11.47 20.51 -13.78
N ILE C 99 11.24 19.46 -14.58
CA ILE C 99 12.27 18.92 -15.49
C ILE C 99 12.39 19.78 -16.76
N ASN C 100 11.60 20.89 -16.79
CA ASN C 100 11.55 21.90 -17.85
C ASN C 100 12.94 22.34 -18.35
N ASP C 101 13.77 22.73 -17.40
CA ASP C 101 15.11 23.31 -17.66
C ASP C 101 15.97 22.34 -18.48
N ASP C 102 16.09 21.12 -17.93
CA ASP C 102 16.96 20.10 -18.52
C ASP C 102 16.35 19.68 -19.83
N PHE C 103 15.00 19.50 -19.88
CA PHE C 103 14.38 18.92 -21.06
C PHE C 103 14.60 19.71 -22.33
N ALA C 104 14.23 20.99 -22.38
CA ALA C 104 14.42 21.76 -23.58
C ALA C 104 15.90 22.04 -23.87
N ASP C 105 16.83 21.87 -22.94
CA ASP C 105 18.28 22.01 -23.14
C ASP C 105 18.84 20.80 -23.95
N THR C 106 18.28 19.63 -23.60
CA THR C 106 18.82 18.31 -23.97
C THR C 106 19.10 18.10 -25.47
N ASP C 107 20.15 17.32 -25.67
CA ASP C 107 20.37 16.75 -26.98
C ASP C 107 19.48 15.51 -27.13
N THR C 108 19.87 14.33 -26.64
CA THR C 108 19.09 13.15 -26.89
C THR C 108 18.05 12.91 -25.85
N VAL C 109 16.79 12.92 -26.28
CA VAL C 109 15.64 12.49 -25.50
C VAL C 109 15.22 11.09 -25.92
N LEU C 110 15.62 10.09 -25.15
CA LEU C 110 15.25 8.70 -25.39
C LEU C 110 13.78 8.51 -25.02
N VAL C 111 12.86 8.63 -25.96
CA VAL C 111 11.44 8.41 -25.68
C VAL C 111 11.22 6.90 -25.82
N ILE C 112 11.30 6.19 -24.68
CA ILE C 112 11.28 4.74 -24.73
C ILE C 112 9.85 4.21 -24.87
N GLY C 113 9.43 4.01 -26.10
CA GLY C 113 8.22 3.29 -26.43
C GLY C 113 7.01 4.17 -26.17
N ALA C 114 6.87 5.26 -26.92
CA ALA C 114 5.83 6.23 -26.67
C ALA C 114 5.76 7.25 -27.78
N ASN C 115 5.03 8.35 -27.55
CA ASN C 115 5.07 9.56 -28.38
C ASN C 115 4.22 10.60 -27.68
N ASP C 116 2.96 10.26 -27.36
CA ASP C 116 1.98 11.21 -26.84
C ASP C 116 2.41 11.83 -25.52
N THR C 117 3.24 11.08 -24.81
CA THR C 117 3.85 11.49 -23.56
C THR C 117 4.54 12.85 -23.60
N VAL C 118 5.27 13.02 -24.67
CA VAL C 118 6.07 14.20 -24.89
C VAL C 118 5.74 14.88 -26.18
N ASN C 119 4.61 14.57 -26.88
CA ASN C 119 4.25 15.21 -28.15
C ASN C 119 3.91 16.66 -27.98
N PRO C 120 4.70 17.62 -28.50
CA PRO C 120 4.52 19.04 -28.33
C PRO C 120 3.08 19.55 -28.53
N ALA C 121 2.40 19.09 -29.60
CA ALA C 121 1.08 19.50 -29.97
C ALA C 121 0.08 19.26 -28.85
N ALA C 122 0.28 18.24 -28.04
CA ALA C 122 -0.67 17.85 -27.02
C ALA C 122 -0.79 18.90 -25.90
N GLN C 123 0.14 19.87 -25.81
CA GLN C 123 -0.18 21.09 -25.08
C GLN C 123 -0.42 22.26 -26.04
N ASP C 124 0.33 22.29 -27.15
CA ASP C 124 0.32 23.44 -28.06
C ASP C 124 -1.03 23.61 -28.72
N ASP C 125 -1.33 22.60 -29.52
CA ASP C 125 -2.51 22.58 -30.37
C ASP C 125 -3.77 22.11 -29.63
N PRO C 126 -4.84 22.92 -29.50
CA PRO C 126 -6.08 22.57 -28.84
C PRO C 126 -6.89 21.55 -29.61
N LYS C 127 -6.53 21.26 -30.86
CA LYS C 127 -7.23 20.23 -31.61
C LYS C 127 -6.84 18.82 -31.19
N SER C 128 -5.89 18.72 -30.22
CA SER C 128 -5.54 17.45 -29.62
C SER C 128 -6.70 16.71 -28.92
N PRO C 129 -7.05 15.47 -29.32
CA PRO C 129 -8.04 14.60 -28.66
C PRO C 129 -7.79 14.25 -27.21
N ILE C 130 -6.57 13.86 -26.84
CA ILE C 130 -6.20 13.80 -25.44
C ILE C 130 -6.13 15.24 -24.96
N ALA C 131 -7.29 15.65 -24.42
CA ALA C 131 -7.61 17.00 -24.08
C ALA C 131 -6.66 17.56 -23.05
N GLY C 132 -5.89 18.48 -23.62
CA GLY C 132 -4.79 19.20 -22.96
C GLY C 132 -3.81 18.29 -22.25
N MET C 133 -2.99 17.55 -23.00
CA MET C 133 -2.05 16.62 -22.38
C MET C 133 -0.79 17.37 -21.91
N PRO C 134 -0.36 17.25 -20.65
CA PRO C 134 0.75 18.00 -20.07
C PRO C 134 2.13 17.45 -20.47
N VAL C 135 2.41 17.59 -21.77
CA VAL C 135 3.63 17.09 -22.35
C VAL C 135 4.86 17.87 -21.88
N LEU C 136 5.87 17.08 -21.57
CA LEU C 136 7.08 17.61 -21.00
C LEU C 136 7.90 18.27 -22.09
N GLU C 137 8.72 19.24 -21.64
CA GLU C 137 9.33 20.26 -22.48
C GLU C 137 10.38 19.82 -23.48
N VAL C 138 10.09 18.93 -24.45
CA VAL C 138 11.11 18.40 -25.33
C VAL C 138 11.42 19.34 -26.52
N TRP C 139 11.07 20.61 -26.33
CA TRP C 139 10.94 21.50 -27.45
C TRP C 139 12.33 21.80 -28.01
N LYS C 140 12.41 21.70 -29.35
CA LYS C 140 13.65 21.70 -30.14
C LYS C 140 14.90 21.00 -29.50
N ALA C 141 14.72 19.85 -28.90
CA ALA C 141 15.86 19.09 -28.40
C ALA C 141 16.66 18.44 -29.53
N GLN C 142 17.95 18.25 -29.28
CA GLN C 142 18.91 18.07 -30.36
C GLN C 142 18.86 16.68 -30.99
N ASN C 143 18.12 15.76 -30.39
CA ASN C 143 17.78 14.44 -30.93
C ASN C 143 16.64 13.87 -30.11
N VAL C 144 15.42 14.07 -30.60
CA VAL C 144 14.26 13.48 -29.92
C VAL C 144 14.05 12.10 -30.53
N ILE C 145 14.50 11.03 -29.85
CA ILE C 145 14.58 9.75 -30.49
C ILE C 145 13.54 8.88 -29.89
N VAL C 146 12.47 8.76 -30.69
CA VAL C 146 11.27 8.16 -30.16
C VAL C 146 11.20 6.68 -30.50
N PHE C 147 11.54 5.80 -29.55
CA PHE C 147 11.47 4.38 -29.80
C PHE C 147 10.02 3.97 -30.13
N LYS C 148 9.84 3.51 -31.35
CA LYS C 148 8.62 2.84 -31.75
C LYS C 148 9.03 1.72 -32.66
N ARG C 149 8.40 0.60 -32.48
CA ARG C 149 8.57 -0.57 -33.34
C ARG C 149 8.20 -0.25 -34.79
N SER C 150 7.15 0.54 -35.08
CA SER C 150 6.88 0.95 -36.46
C SER C 150 6.24 2.36 -36.44
N MET C 151 6.23 3.00 -37.60
CA MET C 151 5.51 4.25 -37.80
C MET C 151 4.08 4.10 -37.42
N ASN C 152 3.70 4.71 -36.32
CA ASN C 152 2.36 4.52 -35.78
C ASN C 152 1.96 5.72 -34.93
N THR C 153 0.82 6.31 -35.27
CA THR C 153 0.23 7.38 -34.52
C THR C 153 -0.11 6.85 -33.14
N GLY C 154 0.16 7.60 -32.08
CA GLY C 154 -0.28 7.23 -30.76
C GLY C 154 -1.76 7.52 -30.59
N TYR C 155 -2.20 7.90 -29.39
CA TYR C 155 -3.57 8.30 -29.16
C TYR C 155 -3.92 9.52 -30.02
N ALA C 156 -3.22 10.62 -29.76
CA ALA C 156 -3.50 11.84 -30.45
C ALA C 156 -2.79 11.85 -31.79
N GLY C 157 -1.48 11.60 -31.79
CA GLY C 157 -0.66 11.90 -32.94
C GLY C 157 -0.62 13.41 -33.19
N VAL C 158 -1.62 13.91 -33.92
CA VAL C 158 -1.81 15.30 -34.32
C VAL C 158 -0.57 16.16 -34.53
N GLN C 159 -0.29 16.37 -35.81
CA GLN C 159 0.94 16.99 -36.29
C GLN C 159 2.25 16.41 -35.74
N ASN C 160 2.22 15.25 -35.07
CA ASN C 160 3.25 14.77 -34.14
C ASN C 160 4.70 14.76 -34.64
N PRO C 161 5.43 15.83 -34.34
CA PRO C 161 6.77 16.10 -34.93
C PRO C 161 7.70 14.93 -34.62
N LEU C 162 7.54 14.32 -33.43
CA LEU C 162 8.39 13.23 -32.92
C LEU C 162 8.56 12.01 -33.82
N PHE C 163 7.65 11.88 -34.78
CA PHE C 163 7.67 10.79 -35.77
C PHE C 163 8.46 11.27 -36.98
N PHE C 164 8.11 12.50 -37.34
CA PHE C 164 8.34 13.01 -38.65
C PHE C 164 9.73 13.61 -38.81
N LYS C 165 10.11 14.53 -37.92
CA LYS C 165 11.15 15.51 -38.22
C LYS C 165 12.59 14.91 -38.26
N GLU C 166 13.58 15.80 -38.46
CA GLU C 166 14.93 15.43 -38.82
C GLU C 166 15.58 14.74 -37.62
N ASN C 167 15.87 15.50 -36.55
CA ASN C 167 16.38 14.93 -35.31
C ASN C 167 15.28 14.46 -34.39
N THR C 168 14.07 14.96 -34.63
CA THR C 168 12.89 14.57 -33.87
C THR C 168 12.20 13.44 -34.61
N HIS C 169 12.63 12.19 -34.37
CA HIS C 169 12.29 11.11 -35.27
C HIS C 169 12.23 9.83 -34.46
N MET C 170 11.46 8.85 -34.97
CA MET C 170 11.39 7.56 -34.30
C MET C 170 12.62 6.72 -34.46
N LEU C 171 13.02 6.04 -33.40
CA LEU C 171 13.99 5.00 -33.44
C LEU C 171 13.16 3.72 -33.65
N PHE C 172 13.28 3.24 -34.87
CA PHE C 172 12.49 2.11 -35.32
C PHE C 172 13.04 0.82 -34.79
N GLY C 173 12.35 0.32 -33.75
CA GLY C 173 12.73 -0.98 -33.21
C GLY C 173 12.05 -1.22 -31.89
N ASP C 174 12.25 -2.42 -31.37
CA ASP C 174 11.77 -2.76 -30.01
C ASP C 174 12.44 -1.91 -28.96
N ALA C 175 11.78 -1.60 -27.83
CA ALA C 175 12.30 -0.81 -26.74
C ALA C 175 13.57 -1.38 -26.12
N LYS C 176 13.48 -2.61 -25.60
CA LYS C 176 14.62 -3.33 -25.02
C LYS C 176 15.72 -3.38 -26.06
N ALA C 177 15.46 -4.10 -27.15
CA ALA C 177 16.41 -4.30 -28.21
C ALA C 177 17.13 -3.08 -28.75
N SER C 178 16.47 -1.92 -28.90
CA SER C 178 17.19 -0.71 -29.30
C SER C 178 18.13 -0.24 -28.19
N VAL C 179 17.72 -0.23 -26.92
CA VAL C 179 18.67 0.14 -25.87
C VAL C 179 19.80 -0.92 -25.82
N ASP C 180 19.46 -2.20 -26.00
CA ASP C 180 20.48 -3.25 -26.05
C ASP C 180 21.52 -3.01 -27.14
N ALA C 181 21.01 -2.66 -28.32
CA ALA C 181 21.86 -2.34 -29.44
C ALA C 181 22.88 -1.22 -29.18
N ILE C 182 22.52 -0.27 -28.32
CA ILE C 182 23.40 0.84 -28.04
C ILE C 182 24.20 0.68 -26.77
N LEU C 183 23.72 -0.10 -25.82
CA LEU C 183 24.21 -0.11 -24.45
C LEU C 183 25.65 -0.43 -24.16
N LYS C 184 26.26 -1.10 -25.13
CA LYS C 184 27.65 -1.52 -25.03
C LYS C 184 28.35 -1.00 -26.24
N ALA C 185 27.67 -0.95 -27.38
CA ALA C 185 28.23 -0.46 -28.62
C ALA C 185 28.39 1.06 -28.67
N LEU C 186 27.77 1.83 -27.76
CA LEU C 186 27.63 3.28 -27.81
C LEU C 186 28.72 4.13 -28.45
PA NAD D . -12.36 7.77 -10.28
O1A NAD D . -10.94 7.34 -10.24
O2A NAD D . -12.96 8.20 -9.00
O5B NAD D . -13.31 6.61 -10.88
C5B NAD D . -12.63 5.59 -11.63
C4B NAD D . -13.36 5.07 -12.85
O4B NAD D . -14.61 4.39 -12.60
C3B NAD D . -13.69 6.09 -13.89
O3B NAD D . -12.56 6.34 -14.72
C2B NAD D . -14.75 5.36 -14.71
O2B NAD D . -14.22 5.06 -16.02
C1B NAD D . -15.03 4.09 -13.95
N9A NAD D . -16.40 3.55 -14.16
C8A NAD D . -17.49 4.21 -14.58
N7A NAD D . -18.46 3.35 -14.93
C5A NAD D . -17.94 2.16 -14.67
C6A NAD D . -18.55 0.94 -14.91
N6A NAD D . -19.69 0.82 -15.61
N1A NAD D . -17.83 -0.16 -14.65
C2A NAD D . -16.58 -0.07 -14.16
N3A NAD D . -16.00 1.10 -13.96
C4A NAD D . -16.66 2.25 -14.20
O3 NAD D . -12.49 9.00 -11.32
PN NAD D . -12.07 9.30 -12.83
O1N NAD D . -13.26 9.47 -13.68
O2N NAD D . -11.08 8.30 -13.25
O5D NAD D . -11.28 10.69 -12.68
C5D NAD D . -11.92 11.93 -13.00
C4D NAD D . -11.35 12.50 -14.29
O4D NAD D . -9.94 12.26 -14.43
C3D NAD D . -11.93 11.87 -15.55
O3D NAD D . -13.22 12.38 -15.90
C2D NAD D . -10.92 12.23 -16.61
O2D NAD D . -11.36 13.35 -17.38
C1D NAD D . -9.62 12.45 -15.84
N1N NAD D . -8.55 11.52 -16.25
C2N NAD D . -7.66 11.96 -17.24
C3N NAD D . -6.70 11.08 -17.72
C7N NAD D . -5.83 11.45 -18.92
O7N NAD D . -4.88 10.74 -19.22
N7N NAD D . -6.14 12.55 -19.57
C4N NAD D . -6.55 9.81 -17.15
C5N NAD D . -7.44 9.36 -16.16
C6N NAD D . -8.44 10.23 -15.74
HO3A NAD D . -12.89 6.30 -15.66
HO2A NAD D . -14.00 4.07 -16.05
H61A NAD D . -20.08 -0.11 -15.73
H62A NAD D . -20.25 1.57 -15.91
HO3N NAD D . -13.11 13.30 -16.29
HO2N NAD D . -10.72 14.13 -17.26
H71N NAD D . -6.90 13.13 -19.30
H72N NAD D . -5.65 12.80 -20.41
PA NAP E . 0.79 5.47 -27.48
O1A NAP E . 1.87 5.92 -28.38
O2A NAP E . -0.60 5.63 -27.97
O5B NAP E . 0.89 3.92 -27.17
C5B NAP E . 2.13 3.22 -26.85
C4B NAP E . 3.07 3.01 -28.03
O4B NAP E . 4.17 2.14 -27.68
C3B NAP E . 2.38 2.30 -29.19
O3B NAP E . 1.97 3.29 -30.13
C2B NAP E . 3.44 1.43 -29.84
O2B NAP E . 3.81 1.84 -31.15
C1B NAP E . 4.64 1.56 -28.91
N9A NAP E . 5.32 0.25 -28.66
C8A NAP E . 4.71 -0.87 -28.23
N7A NAP E . 5.56 -1.90 -28.15
C5A NAP E . 6.70 -1.38 -28.57
C6A NAP E . 7.92 -2.03 -28.48
N6A NAP E . 8.00 -3.33 -28.27
N1A NAP E . 9.00 -1.24 -28.68
C2A NAP E . 8.90 0.06 -28.96
N3A NAP E . 7.71 0.67 -29.06
C4A NAP E . 6.59 -0.03 -28.89
O3 NAP E . 0.92 6.18 -26.04
PN NAP E . 2.08 6.76 -25.09
O1N NAP E . 2.63 8.03 -25.65
O2N NAP E . 3.03 5.65 -24.80
O5D NAP E . 1.39 7.10 -23.68
C5D NAP E . 0.54 8.25 -23.52
C4D NAP E . -0.90 7.76 -23.44
O4D NAP E . -1.09 6.80 -22.39
C3D NAP E . -1.84 8.89 -23.11
O3D NAP E . -2.32 9.54 -24.31
C2D NAP E . -3.02 8.16 -22.43
O2D NAP E . -4.19 8.16 -23.26
C1D NAP E . -2.52 6.75 -22.21
N1N NAP E . -2.89 6.24 -20.88
C2N NAP E . -2.11 6.52 -19.71
C3N NAP E . -2.48 5.97 -18.48
C7N NAP E . -1.65 6.30 -17.24
O7N NAP E . -2.14 6.89 -16.28
N7N NAP E . -0.41 5.84 -17.24
C4N NAP E . -3.60 5.15 -18.38
C5N NAP E . -4.34 4.85 -19.53
C6N NAP E . -3.99 5.38 -20.76
P2B NAP E . 4.26 0.73 -32.22
O1X NAP E . 5.72 0.77 -32.04
O2X NAP E . 3.74 1.14 -33.53
O3X NAP E . 3.69 -0.55 -31.75
HO3A NAP E . 1.43 2.82 -30.81
H61A NAP E . 7.12 -3.84 -28.24
H62A NAP E . 8.85 -3.80 -28.09
HO3N NAP E . -3.22 9.19 -24.56
HO2N NAP E . -4.98 7.88 -22.69
H71N NAP E . -0.09 5.25 -18.00
H72N NAP E . 0.21 6.12 -16.53
N HIS A 7 -11.26 -42.20 18.07
CA HIS A 7 -11.74 -41.95 16.71
C HIS A 7 -11.20 -40.56 16.43
N GLY A 8 -10.39 -40.48 15.39
CA GLY A 8 -9.74 -39.27 14.96
C GLY A 8 -10.76 -38.23 14.44
N ARG A 9 -11.37 -37.53 15.37
CA ARG A 9 -12.27 -36.48 15.05
C ARG A 9 -11.50 -35.29 15.66
N ILE A 10 -11.23 -34.33 14.78
CA ILE A 10 -10.58 -33.14 15.18
C ILE A 10 -11.69 -32.08 15.37
N GLY A 11 -11.78 -31.53 16.56
CA GLY A 11 -12.56 -30.33 16.80
C GLY A 11 -11.74 -29.13 16.35
N ILE A 12 -12.31 -28.17 15.63
CA ILE A 12 -11.71 -26.89 15.29
C ILE A 12 -12.55 -25.92 16.12
N PRO A 13 -12.10 -25.51 17.33
CA PRO A 13 -12.76 -24.45 18.08
C PRO A 13 -12.51 -23.11 17.44
N ARG A 14 -13.23 -22.18 18.02
CA ARG A 14 -13.02 -20.77 17.74
C ARG A 14 -12.29 -20.19 18.93
N GLU A 15 -11.32 -19.27 18.74
CA GLU A 15 -10.61 -18.74 19.89
C GLU A 15 -11.49 -17.92 20.80
N ARG A 16 -11.21 -18.05 22.10
CA ARG A 16 -11.91 -17.30 23.15
C ARG A 16 -11.05 -16.22 23.79
N LEU A 17 -10.03 -15.81 23.06
CA LEU A 17 -9.22 -14.65 23.41
C LEU A 17 -10.01 -13.41 23.00
N THR A 18 -9.90 -12.24 23.66
CA THR A 18 -10.76 -11.08 23.33
C THR A 18 -10.30 -10.44 22.01
N ASN A 19 -11.28 -9.96 21.26
CA ASN A 19 -11.15 -9.38 19.94
C ASN A 19 -10.17 -10.12 19.05
N GLU A 20 -10.61 -11.35 18.81
CA GLU A 20 -9.78 -12.33 18.19
C GLU A 20 -10.64 -12.95 17.12
N THR A 21 -10.01 -13.36 16.02
CA THR A 21 -10.75 -14.01 14.95
C THR A 21 -10.18 -15.39 14.59
N ARG A 22 -9.12 -15.86 15.26
CA ARG A 22 -8.51 -17.12 14.92
C ARG A 22 -9.41 -18.29 15.22
N VAL A 23 -9.47 -19.11 14.16
CA VAL A 23 -10.06 -20.43 14.18
C VAL A 23 -9.03 -21.29 13.49
N ALA A 24 -8.82 -22.51 13.96
CA ALA A 24 -7.71 -23.32 13.44
C ALA A 24 -7.65 -23.57 11.93
N ALA A 25 -8.78 -23.77 11.25
CA ALA A 25 -8.72 -24.32 9.89
C ALA A 25 -9.66 -23.56 8.96
N THR A 26 -9.30 -23.32 7.69
CA THR A 26 -10.30 -22.93 6.70
C THR A 26 -11.07 -24.18 6.27
N PRO A 27 -12.11 -24.03 5.48
CA PRO A 27 -12.74 -25.14 4.75
C PRO A 27 -11.74 -25.89 3.87
N LYS A 28 -10.73 -25.20 3.28
CA LYS A 28 -9.72 -25.85 2.48
C LYS A 28 -8.90 -26.82 3.32
N THR A 29 -8.43 -26.36 4.46
CA THR A 29 -7.71 -27.24 5.36
C THR A 29 -8.58 -28.35 5.96
N VAL A 30 -9.85 -28.08 6.11
CA VAL A 30 -10.83 -29.07 6.57
C VAL A 30 -10.87 -30.19 5.54
N GLU A 31 -10.91 -29.87 4.24
CA GLU A 31 -10.80 -30.89 3.22
C GLU A 31 -9.48 -31.66 3.32
N GLN A 32 -8.33 -31.00 3.53
CA GLN A 32 -7.06 -31.68 3.85
C GLN A 32 -7.14 -32.60 5.05
N LEU A 33 -7.85 -32.22 6.11
CA LEU A 33 -8.01 -33.05 7.28
C LEU A 33 -8.86 -34.26 6.94
N LEU A 34 -9.86 -34.04 6.12
CA LEU A 34 -10.77 -35.08 5.69
C LEU A 34 -9.98 -36.14 4.86
N LYS A 35 -9.09 -35.66 3.97
CA LYS A 35 -8.21 -36.51 3.17
C LYS A 35 -7.32 -37.34 4.10
N LEU A 36 -6.82 -36.71 5.17
CA LEU A 36 -6.06 -37.43 6.18
C LEU A 36 -6.86 -38.37 7.11
N GLY A 37 -8.13 -38.55 6.83
CA GLY A 37 -8.95 -39.53 7.50
C GLY A 37 -9.71 -38.94 8.65
N PHE A 38 -9.51 -37.69 9.01
CA PHE A 38 -10.10 -37.17 10.22
C PHE A 38 -11.49 -36.69 9.85
N THR A 39 -12.46 -36.99 10.72
CA THR A 39 -13.70 -36.27 10.66
C THR A 39 -13.40 -34.93 11.31
N VAL A 40 -13.74 -33.88 10.59
CA VAL A 40 -13.56 -32.52 11.11
C VAL A 40 -14.93 -32.20 11.72
N ALA A 41 -14.88 -31.65 12.92
CA ALA A 41 -16.05 -31.14 13.60
C ALA A 41 -15.69 -29.74 13.99
N VAL A 42 -16.41 -28.74 13.44
CA VAL A 42 -16.07 -27.35 13.64
C VAL A 42 -17.10 -26.70 14.54
N GLU A 43 -16.67 -25.79 15.44
CA GLU A 43 -17.57 -25.10 16.32
C GLU A 43 -18.48 -24.23 15.45
N SER A 44 -19.75 -24.19 15.81
CA SER A 44 -20.70 -23.34 15.12
C SER A 44 -20.40 -21.91 15.59
N GLY A 45 -20.31 -20.98 14.64
CA GLY A 45 -19.93 -19.61 14.92
C GLY A 45 -18.46 -19.41 14.57
N ALA A 46 -17.69 -20.51 14.50
CA ALA A 46 -16.27 -20.40 14.19
C ALA A 46 -16.06 -19.94 12.76
N GLY A 47 -16.95 -20.37 11.84
CA GLY A 47 -16.86 -19.98 10.43
C GLY A 47 -16.96 -18.45 10.28
N GLN A 48 -17.91 -17.94 11.06
CA GLN A 48 -18.10 -16.51 11.23
C GLN A 48 -16.84 -15.78 11.63
N LEU A 49 -16.07 -16.20 12.63
CA LEU A 49 -14.87 -15.51 12.99
C LEU A 49 -13.70 -15.78 12.08
N ALA A 50 -13.53 -17.02 11.62
CA ALA A 50 -12.57 -17.33 10.59
C ALA A 50 -12.86 -16.62 9.27
N SER A 51 -14.06 -16.06 9.09
CA SER A 51 -14.40 -15.24 7.94
C SER A 51 -14.44 -16.13 6.69
N PHE A 52 -14.88 -17.39 6.90
CA PHE A 52 -14.97 -18.40 5.88
C PHE A 52 -15.92 -19.39 6.54
N ASP A 53 -17.18 -19.23 6.12
CA ASP A 53 -18.33 -19.52 6.96
C ASP A 53 -18.70 -20.94 7.29
N ASP A 54 -19.56 -21.02 8.29
CA ASP A 54 -20.14 -22.26 8.84
C ASP A 54 -20.64 -23.15 7.74
N LYS A 55 -21.52 -22.71 6.81
CA LYS A 55 -22.01 -23.58 5.73
C LYS A 55 -20.90 -23.96 4.81
N ALA A 56 -19.98 -23.06 4.49
CA ALA A 56 -18.84 -23.45 3.68
C ALA A 56 -17.97 -24.52 4.36
N PHE A 57 -17.93 -24.53 5.71
CA PHE A 57 -17.33 -25.64 6.41
C PHE A 57 -18.06 -26.96 6.15
N VAL A 58 -19.36 -26.98 6.31
CA VAL A 58 -20.11 -28.23 6.14
C VAL A 58 -19.95 -28.74 4.70
N GLN A 59 -20.03 -27.84 3.72
CA GLN A 59 -19.77 -28.12 2.31
C GLN A 59 -18.42 -28.80 2.14
N ALA A 60 -17.42 -28.26 2.87
CA ALA A 60 -16.06 -28.75 2.76
C ALA A 60 -15.91 -30.19 3.28
N GLY A 61 -16.53 -30.40 4.45
CA GLY A 61 -16.46 -31.68 5.16
C GLY A 61 -16.51 -31.55 6.67
N ALA A 62 -17.25 -30.59 7.20
CA ALA A 62 -17.25 -30.40 8.65
C ALA A 62 -18.58 -30.78 9.21
N GLU A 63 -18.54 -31.45 10.35
CA GLU A 63 -19.68 -31.70 11.20
C GLU A 63 -19.78 -30.43 12.04
N ILE A 64 -20.88 -29.66 12.05
CA ILE A 64 -20.97 -28.49 12.89
C ILE A 64 -21.44 -28.92 14.27
N VAL A 65 -20.64 -28.59 15.26
CA VAL A 65 -20.82 -29.03 16.64
C VAL A 65 -20.91 -27.75 17.46
N GLU A 66 -21.71 -27.80 18.52
CA GLU A 66 -22.00 -26.57 19.25
C GLU A 66 -21.57 -26.68 20.72
N GLY A 67 -20.94 -25.58 21.11
CA GLY A 67 -20.35 -25.44 22.44
C GLY A 67 -19.33 -26.53 22.77
N ASN A 68 -19.33 -26.99 24.02
CA ASN A 68 -18.36 -27.99 24.50
C ASN A 68 -18.17 -29.21 23.63
N SER A 69 -19.14 -29.58 22.84
CA SER A 69 -19.08 -30.71 21.92
C SER A 69 -17.95 -30.58 20.85
N VAL A 70 -17.45 -29.39 20.57
CA VAL A 70 -16.24 -29.27 19.76
C VAL A 70 -15.06 -29.78 20.62
N TRP A 71 -14.98 -29.30 21.85
CA TRP A 71 -13.87 -29.54 22.76
C TRP A 71 -13.78 -31.00 23.12
N GLN A 72 -14.94 -31.61 23.13
CA GLN A 72 -15.06 -33.04 23.31
C GLN A 72 -14.73 -33.74 22.00
N SER A 73 -13.45 -33.91 21.71
CA SER A 73 -13.01 -34.72 20.58
C SER A 73 -11.69 -35.45 20.88
N GLU A 74 -11.15 -36.21 19.93
CA GLU A 74 -9.86 -36.86 20.03
C GLU A 74 -8.79 -35.77 19.98
N ILE A 75 -8.76 -35.07 18.83
CA ILE A 75 -7.78 -34.02 18.62
C ILE A 75 -8.55 -32.71 18.72
N ILE A 76 -7.93 -31.70 19.31
CA ILE A 76 -8.49 -30.36 19.24
C ILE A 76 -7.37 -29.51 18.65
N LEU A 77 -7.64 -28.89 17.52
CA LEU A 77 -6.73 -27.93 16.96
C LEU A 77 -7.28 -26.60 17.39
N LYS A 78 -6.88 -26.15 18.58
CA LYS A 78 -7.09 -24.77 19.03
C LYS A 78 -5.93 -23.97 18.42
N VAL A 79 -6.08 -22.63 18.37
CA VAL A 79 -4.98 -21.79 17.92
C VAL A 79 -4.07 -21.42 19.07
N ASN A 80 -4.40 -20.34 19.78
CA ASN A 80 -3.49 -19.80 20.75
C ASN A 80 -3.69 -20.58 22.03
N ALA A 81 -2.64 -20.65 22.82
CA ALA A 81 -2.64 -21.18 24.17
C ALA A 81 -3.94 -20.91 24.97
N PRO A 82 -4.64 -21.96 25.42
CA PRO A 82 -5.88 -21.89 26.15
C PRO A 82 -5.83 -21.06 27.42
N LEU A 83 -6.74 -20.13 27.53
CA LEU A 83 -6.98 -19.39 28.75
C LEU A 83 -7.65 -20.31 29.75
N ASP A 84 -7.56 -20.02 31.04
CA ASP A 84 -8.12 -20.87 32.08
C ASP A 84 -9.52 -21.42 31.90
N ASP A 85 -10.47 -20.62 31.37
CA ASP A 85 -11.79 -21.13 31.04
C ASP A 85 -11.67 -22.20 29.98
N GLU A 86 -10.91 -21.86 28.94
CA GLU A 86 -10.72 -22.77 27.82
C GLU A 86 -10.03 -24.04 28.31
N ILE A 87 -9.14 -23.94 29.31
CA ILE A 87 -8.53 -25.11 29.92
C ILE A 87 -9.61 -25.96 30.57
N ALA A 88 -10.58 -25.39 31.33
CA ALA A 88 -11.68 -26.16 31.90
C ALA A 88 -12.55 -26.81 30.83
N LEU A 89 -12.60 -26.24 29.61
CA LEU A 89 -13.31 -26.86 28.53
C LEU A 89 -12.50 -27.95 27.85
N LEU A 90 -11.16 -27.86 27.97
CA LEU A 90 -10.24 -28.87 27.43
C LEU A 90 -10.48 -30.22 28.07
N ASN A 91 -10.81 -31.15 27.18
CA ASN A 91 -11.35 -32.43 27.62
C ASN A 91 -10.24 -33.39 28.00
N PRO A 92 -10.28 -34.14 29.13
CA PRO A 92 -9.26 -35.07 29.54
C PRO A 92 -8.71 -36.09 28.54
N GLY A 93 -7.44 -35.90 28.19
CA GLY A 93 -6.74 -36.78 27.30
C GLY A 93 -6.56 -36.22 25.90
N THR A 94 -7.46 -35.34 25.49
CA THR A 94 -7.50 -34.77 24.15
C THR A 94 -6.21 -34.21 23.56
N THR A 95 -5.85 -34.63 22.35
CA THR A 95 -4.68 -34.15 21.67
C THR A 95 -4.80 -32.69 21.24
N LEU A 96 -4.39 -31.84 22.14
CA LEU A 96 -4.48 -30.41 21.96
C LEU A 96 -3.24 -30.05 21.15
N VAL A 97 -3.41 -29.92 19.83
CA VAL A 97 -2.32 -29.47 18.97
C VAL A 97 -2.53 -27.99 18.81
N SER A 98 -1.69 -27.14 19.40
CA SER A 98 -1.88 -25.71 19.36
C SER A 98 -0.64 -24.84 19.46
N PHE A 99 -0.74 -23.57 19.08
CA PHE A 99 0.27 -22.59 19.30
C PHE A 99 0.25 -22.22 20.79
N ILE A 100 0.85 -23.09 21.60
CA ILE A 100 0.79 -23.11 23.04
C ILE A 100 1.73 -22.15 23.74
N TRP A 101 2.98 -22.08 23.25
CA TRP A 101 4.05 -21.33 23.83
C TRP A 101 4.53 -21.85 25.20
N PRO A 102 5.02 -23.07 25.34
CA PRO A 102 5.50 -23.65 26.61
C PRO A 102 6.60 -22.84 27.30
N ALA A 103 7.43 -22.21 26.46
CA ALA A 103 8.46 -21.31 26.93
C ALA A 103 7.86 -20.12 27.69
N GLN A 104 6.90 -19.44 27.08
CA GLN A 104 6.23 -18.33 27.75
C GLN A 104 5.18 -18.72 28.73
N ASN A 105 4.75 -19.97 28.71
CA ASN A 105 3.64 -20.40 29.53
C ASN A 105 3.90 -21.57 30.43
N PRO A 106 4.76 -21.51 31.45
CA PRO A 106 5.11 -22.65 32.27
C PRO A 106 3.95 -23.15 33.12
N GLU A 107 3.16 -22.24 33.70
CA GLU A 107 1.97 -22.61 34.47
C GLU A 107 0.97 -23.40 33.65
N LEU A 108 0.80 -22.93 32.41
CA LEU A 108 -0.13 -23.51 31.45
C LEU A 108 0.16 -24.97 31.28
N MET A 109 1.44 -25.33 31.29
CA MET A 109 1.90 -26.69 31.10
C MET A 109 1.33 -27.56 32.22
N GLN A 110 1.43 -27.03 33.43
CA GLN A 110 0.96 -27.72 34.61
C GLN A 110 -0.56 -27.92 34.59
N LYS A 111 -1.28 -26.86 34.22
CA LYS A 111 -2.72 -26.82 34.15
C LYS A 111 -3.23 -27.84 33.12
N LEU A 112 -2.56 -27.95 31.96
CA LEU A 112 -2.96 -28.87 30.90
C LEU A 112 -2.58 -30.30 31.29
N ALA A 113 -1.47 -30.46 31.98
CA ALA A 113 -1.02 -31.75 32.49
C ALA A 113 -2.03 -32.28 33.49
N GLU A 114 -2.61 -31.41 34.33
CA GLU A 114 -3.73 -31.75 35.19
C GLU A 114 -4.93 -32.18 34.36
N ARG A 115 -5.17 -31.48 33.24
CA ARG A 115 -6.22 -31.93 32.34
C ARG A 115 -5.83 -33.12 31.48
N ASN A 116 -4.59 -33.65 31.61
CA ASN A 116 -4.13 -34.84 30.91
C ASN A 116 -4.12 -34.72 29.39
N VAL A 117 -4.23 -33.52 28.87
CA VAL A 117 -4.46 -33.28 27.44
C VAL A 117 -3.14 -33.45 26.69
N THR A 118 -3.17 -34.20 25.59
CA THR A 118 -1.97 -34.49 24.84
C THR A 118 -1.53 -33.25 24.04
N VAL A 119 -0.63 -32.42 24.60
CA VAL A 119 -0.32 -31.13 23.99
C VAL A 119 0.86 -31.22 23.05
N MET A 120 0.54 -30.96 21.80
CA MET A 120 1.55 -30.86 20.76
C MET A 120 1.60 -29.37 20.44
N ALA A 121 2.67 -28.74 20.90
CA ALA A 121 2.82 -27.32 20.73
C ALA A 121 3.47 -26.99 19.39
N MET A 122 2.65 -26.44 18.52
CA MET A 122 3.07 -26.15 17.15
C MET A 122 4.14 -25.08 17.00
N ASP A 123 4.23 -24.25 18.04
CA ASP A 123 5.32 -23.30 18.19
C ASP A 123 6.60 -24.03 18.57
N SER A 124 6.49 -25.12 19.33
CA SER A 124 7.66 -25.83 19.80
C SER A 124 8.27 -26.81 18.81
N VAL A 125 7.88 -26.77 17.54
CA VAL A 125 8.57 -27.51 16.45
C VAL A 125 9.99 -26.94 16.33
N PRO A 126 11.10 -27.68 16.42
CA PRO A 126 12.46 -27.18 16.18
C PRO A 126 12.55 -26.56 14.78
N ARG A 127 13.18 -25.41 14.72
CA ARG A 127 13.10 -24.47 13.60
C ARG A 127 13.75 -24.84 12.24
N ILE A 128 14.05 -26.13 12.03
CA ILE A 128 14.94 -26.58 10.95
C ILE A 128 14.22 -26.76 9.63
N SER A 129 14.91 -27.01 8.52
CA SER A 129 14.34 -27.22 7.20
C SER A 129 13.25 -28.27 7.16
N ARG A 130 13.46 -29.52 7.62
CA ARG A 130 12.38 -30.52 7.56
C ARG A 130 11.13 -30.22 8.40
N ALA A 131 11.19 -29.11 9.11
CA ALA A 131 10.09 -28.66 9.96
C ALA A 131 9.33 -27.46 9.41
N GLN A 132 9.81 -26.76 8.37
CA GLN A 132 9.22 -25.49 7.94
C GLN A 132 7.78 -25.54 7.58
N SER A 133 7.33 -26.70 7.09
CA SER A 133 5.92 -26.95 6.91
C SER A 133 5.10 -27.00 8.19
N LEU A 134 5.67 -27.62 9.21
CA LEU A 134 5.06 -27.72 10.53
C LEU A 134 5.31 -26.44 11.33
N ASP A 135 6.39 -25.71 11.10
CA ASP A 135 6.89 -24.70 12.00
C ASP A 135 5.91 -23.53 12.05
N ALA A 136 5.12 -23.48 13.10
CA ALA A 136 4.18 -22.39 13.33
C ALA A 136 4.93 -21.13 13.80
N LEU A 137 6.03 -21.24 14.56
CA LEU A 137 6.82 -20.10 14.98
C LEU A 137 7.35 -19.39 13.75
N SER A 138 7.52 -20.11 12.64
CA SER A 138 7.77 -19.48 11.35
C SER A 138 6.46 -19.08 10.70
N SER A 139 5.52 -20.00 10.46
CA SER A 139 4.37 -19.76 9.63
C SER A 139 3.28 -18.86 10.19
N MET A 140 2.90 -19.01 11.46
CA MET A 140 2.03 -18.03 12.13
C MET A 140 2.62 -16.62 12.14
N ALA A 141 3.92 -16.60 12.48
CA ALA A 141 4.72 -15.39 12.35
C ALA A 141 4.70 -14.87 10.91
N ASN A 142 4.73 -15.72 9.89
CA ASN A 142 4.62 -15.30 8.51
C ASN A 142 3.32 -14.57 8.20
N ILE A 143 2.18 -15.16 8.57
CA ILE A 143 0.86 -14.52 8.48
C ILE A 143 0.93 -13.15 9.18
N ALA A 144 1.50 -13.11 10.38
CA ALA A 144 1.72 -11.88 11.15
C ALA A 144 2.72 -10.94 10.52
N GLY A 145 3.66 -11.42 9.74
CA GLY A 145 4.64 -10.54 9.11
C GLY A 145 4.01 -9.78 7.94
N TYR A 146 3.23 -10.48 7.11
CA TYR A 146 2.42 -9.85 6.09
C TYR A 146 1.41 -8.90 6.77
N ARG A 147 0.72 -9.35 7.82
CA ARG A 147 -0.20 -8.50 8.56
C ARG A 147 0.47 -7.35 9.21
N ALA A 148 1.75 -7.46 9.62
CA ALA A 148 2.50 -6.33 10.13
C ALA A 148 2.66 -5.26 9.05
N ILE A 149 2.98 -5.63 7.80
CA ILE A 149 2.92 -4.72 6.66
C ILE A 149 1.54 -4.08 6.52
N VAL A 150 0.49 -4.88 6.63
CA VAL A 150 -0.89 -4.39 6.58
C VAL A 150 -1.24 -3.39 7.69
N GLU A 151 -1.11 -3.66 8.98
CA GLU A 151 -1.44 -2.72 10.04
C GLU A 151 -0.44 -1.58 10.05
N ALA A 152 0.75 -1.81 9.49
CA ALA A 152 1.66 -0.68 9.24
C ALA A 152 1.02 0.26 8.20
N ALA A 153 0.66 -0.22 7.02
CA ALA A 153 -0.06 0.57 6.05
C ALA A 153 -1.40 1.09 6.57
N HIS A 154 -2.00 0.50 7.60
CA HIS A 154 -3.13 1.09 8.26
C HIS A 154 -2.75 2.41 8.99
N GLU A 155 -1.60 2.47 9.67
CA GLU A 155 -1.23 3.66 10.42
C GLU A 155 -0.13 4.49 9.79
N PHE A 156 0.39 4.02 8.65
CA PHE A 156 1.47 4.70 7.95
C PHE A 156 0.99 5.99 7.32
N GLY A 157 1.90 6.92 7.24
CA GLY A 157 1.62 8.13 6.52
C GLY A 157 1.67 7.96 5.00
N ARG A 158 2.75 7.36 4.49
CA ARG A 158 3.04 7.35 3.04
C ARG A 158 2.61 6.08 2.34
N PHE A 159 2.68 6.12 1.00
CA PHE A 159 2.59 4.94 0.20
C PHE A 159 3.91 4.15 0.35
N PHE A 160 3.80 2.84 0.37
CA PHE A 160 4.93 1.96 0.27
C PHE A 160 5.76 2.15 -1.00
N THR A 161 5.13 2.22 -2.15
CA THR A 161 5.76 2.36 -3.47
C THR A 161 6.32 3.77 -3.61
N GLY A 162 7.47 3.99 -4.29
CA GLY A 162 7.90 5.34 -4.64
C GLY A 162 7.08 5.82 -5.81
N GLN A 163 5.79 6.00 -5.65
CA GLN A 163 4.90 6.19 -6.76
C GLN A 163 4.79 7.64 -7.02
N ILE A 164 4.85 8.00 -8.28
CA ILE A 164 4.40 9.30 -8.76
C ILE A 164 2.98 9.08 -9.25
N THR A 165 2.11 10.00 -8.89
CA THR A 165 0.74 9.98 -9.40
C THR A 165 0.57 10.86 -10.63
N ALA A 166 -0.34 11.84 -10.67
CA ALA A 166 -0.21 12.89 -11.64
C ALA A 166 0.73 13.93 -11.03
N ALA A 167 0.45 14.21 -9.77
CA ALA A 167 1.31 14.99 -8.96
C ALA A 167 1.60 14.19 -7.71
N GLY A 168 2.76 14.48 -7.12
CA GLY A 168 3.16 13.77 -5.92
C GLY A 168 3.89 12.49 -6.19
N LYS A 169 5.17 12.60 -6.00
CA LYS A 169 6.10 11.48 -6.01
C LYS A 169 6.40 11.17 -4.56
N VAL A 170 6.13 9.95 -4.14
CA VAL A 170 6.35 9.52 -2.76
C VAL A 170 7.80 9.15 -2.58
N PRO A 171 8.56 9.55 -1.56
CA PRO A 171 9.78 8.88 -1.20
C PRO A 171 9.46 7.55 -0.53
N PRO A 172 9.72 6.40 -1.18
CA PRO A 172 9.29 5.03 -0.78
C PRO A 172 9.57 4.57 0.65
N ALA A 173 8.84 3.54 1.04
CA ALA A 173 8.90 3.02 2.40
C ALA A 173 10.21 2.25 2.54
N LYS A 174 11.05 2.65 3.48
CA LYS A 174 12.15 1.84 3.90
C LYS A 174 11.64 0.92 5.00
N VAL A 175 11.45 -0.32 4.61
CA VAL A 175 10.88 -1.32 5.48
C VAL A 175 12.01 -2.08 6.15
N MET A 176 12.40 -1.54 7.31
CA MET A 176 13.42 -2.09 8.18
C MET A 176 12.90 -3.28 9.00
N VAL A 177 13.09 -4.46 8.40
CA VAL A 177 12.62 -5.68 9.01
C VAL A 177 13.75 -6.18 9.92
N ILE A 178 13.54 -6.16 11.21
CA ILE A 178 14.53 -6.62 12.17
C ILE A 178 14.20 -8.06 12.59
N GLY A 179 15.18 -8.96 12.38
CA GLY A 179 15.04 -10.35 12.69
C GLY A 179 14.25 -11.11 11.67
N ALA A 180 14.97 -11.44 10.62
CA ALA A 180 14.36 -12.02 9.48
C ALA A 180 14.19 -13.50 9.71
N GLY A 181 13.14 -13.88 10.45
CA GLY A 181 12.70 -15.25 10.44
C GLY A 181 11.77 -15.43 9.25
N VAL A 182 10.88 -16.42 9.24
CA VAL A 182 9.93 -16.58 8.14
C VAL A 182 8.86 -15.50 8.26
N ALA A 183 8.60 -15.02 9.48
CA ALA A 183 7.92 -13.77 9.70
C ALA A 183 8.52 -12.62 8.87
N GLY A 184 9.83 -12.54 8.95
CA GLY A 184 10.63 -11.57 8.20
C GLY A 184 10.44 -11.80 6.70
N LEU A 185 10.62 -13.02 6.20
CA LEU A 185 10.43 -13.32 4.76
C LEU A 185 9.06 -12.89 4.24
N ALA A 186 7.94 -13.11 4.95
CA ALA A 186 6.65 -12.59 4.50
C ALA A 186 6.55 -11.08 4.54
N ALA A 187 7.19 -10.40 5.50
CA ALA A 187 7.19 -8.94 5.55
C ALA A 187 7.95 -8.40 4.35
N ILE A 188 9.13 -9.00 4.09
CA ILE A 188 10.02 -8.64 3.00
C ILE A 188 9.30 -8.79 1.68
N GLY A 189 8.73 -9.97 1.49
CA GLY A 189 7.93 -10.34 0.36
C GLY A 189 6.83 -9.32 0.13
N ALA A 190 6.02 -9.05 1.14
CA ALA A 190 4.88 -8.16 1.00
C ALA A 190 5.23 -6.72 0.70
N ALA A 191 6.24 -6.19 1.38
CA ALA A 191 6.69 -4.85 1.23
C ALA A 191 7.32 -4.67 -0.14
N ASN A 192 8.17 -5.63 -0.58
CA ASN A 192 8.74 -5.62 -1.92
C ASN A 192 7.60 -5.79 -2.96
N SER A 193 6.54 -6.58 -2.71
CA SER A 193 5.38 -6.57 -3.59
C SER A 193 4.72 -5.18 -3.67
N LEU A 194 4.66 -4.41 -2.60
CA LEU A 194 4.26 -3.00 -2.65
C LEU A 194 5.39 -2.05 -3.05
N GLY A 195 6.47 -2.53 -3.67
CA GLY A 195 7.47 -1.62 -4.24
C GLY A 195 8.43 -1.00 -3.24
N ALA A 196 8.30 -1.37 -1.98
CA ALA A 196 9.06 -0.82 -0.88
C ALA A 196 10.52 -1.28 -0.87
N ILE A 197 11.42 -0.43 -0.33
CA ILE A 197 12.83 -0.71 -0.21
C ILE A 197 12.91 -1.45 1.11
N VAL A 198 13.02 -2.75 0.96
CA VAL A 198 13.07 -3.59 2.15
C VAL A 198 14.54 -3.67 2.58
N ARG A 199 14.77 -3.37 3.86
CA ARG A 199 16.07 -3.48 4.46
C ARG A 199 15.94 -4.47 5.60
N ALA A 200 16.45 -5.68 5.47
CA ALA A 200 16.22 -6.67 6.52
C ALA A 200 17.50 -6.91 7.29
N PHE A 201 17.44 -6.67 8.59
CA PHE A 201 18.51 -7.07 9.48
C PHE A 201 18.10 -8.44 10.01
N ASP A 202 19.14 -9.25 10.27
CA ASP A 202 19.06 -10.34 11.23
C ASP A 202 20.47 -10.49 11.81
N THR A 203 20.59 -11.07 13.01
CA THR A 203 21.87 -11.33 13.59
C THR A 203 22.50 -12.43 12.70
N ARG A 204 21.71 -13.43 12.29
CA ARG A 204 22.19 -14.56 11.53
C ARG A 204 22.49 -14.18 10.09
N PRO A 205 23.73 -14.26 9.57
CA PRO A 205 24.08 -14.00 8.18
C PRO A 205 23.45 -14.91 7.15
N GLU A 206 23.13 -16.12 7.58
CA GLU A 206 22.59 -17.18 6.75
C GLU A 206 21.34 -16.74 6.01
N VAL A 207 20.50 -15.91 6.58
CA VAL A 207 19.33 -15.44 5.87
C VAL A 207 19.54 -14.39 4.77
N LYS A 208 20.74 -13.80 4.66
CA LYS A 208 21.06 -12.74 3.72
C LYS A 208 20.65 -13.12 2.28
N GLU A 209 20.96 -14.32 1.81
CA GLU A 209 20.70 -14.64 0.40
C GLU A 209 19.21 -14.82 0.19
N GLN A 210 18.50 -15.29 1.24
CA GLN A 210 17.06 -15.37 1.20
C GLN A 210 16.51 -13.96 1.13
N VAL A 211 17.07 -13.01 1.89
CA VAL A 211 16.67 -11.60 1.91
C VAL A 211 16.86 -11.00 0.52
N GLN A 212 18.04 -11.17 -0.11
CA GLN A 212 18.29 -10.76 -1.46
C GLN A 212 17.34 -11.36 -2.48
N SER A 213 17.09 -12.66 -2.35
CA SER A 213 16.07 -13.31 -3.22
C SER A 213 14.68 -12.73 -3.11
N MET A 214 14.26 -12.28 -1.95
CA MET A 214 12.94 -11.68 -1.78
C MET A 214 12.99 -10.14 -1.95
N GLY A 215 14.12 -9.63 -2.43
CA GLY A 215 14.22 -8.28 -2.86
C GLY A 215 14.37 -7.31 -1.66
N ALA A 216 15.33 -7.66 -0.82
CA ALA A 216 15.68 -6.74 0.24
C ALA A 216 17.18 -6.45 0.35
N GLU A 217 17.56 -5.21 0.68
CA GLU A 217 18.91 -4.82 1.07
C GLU A 217 19.15 -5.45 2.43
N PHE A 218 20.27 -6.10 2.62
CA PHE A 218 20.53 -6.67 3.91
C PHE A 218 21.18 -5.54 4.72
N LEU A 219 20.70 -5.39 5.94
CA LEU A 219 21.39 -4.61 6.95
C LEU A 219 22.41 -5.49 7.62
N GLU A 220 23.66 -5.18 7.31
CA GLU A 220 24.75 -5.98 7.80
C GLU A 220 25.06 -5.61 9.26
N LEU A 221 25.46 -6.60 10.05
CA LEU A 221 25.80 -6.32 11.45
C LEU A 221 27.22 -5.73 11.51
N ASP A 222 27.20 -4.41 11.30
CA ASP A 222 28.39 -3.59 11.23
C ASP A 222 28.84 -3.43 12.67
N PHE A 223 29.98 -4.03 12.99
CA PHE A 223 30.53 -4.08 14.34
C PHE A 223 32.00 -3.71 14.26
N ASP A 231 31.46 -19.57 18.60
CA ASP A 231 30.17 -20.17 18.39
C ASP A 231 29.06 -19.11 18.36
N GLY A 232 28.01 -19.50 17.64
CA GLY A 232 26.76 -18.76 17.47
C GLY A 232 26.25 -18.14 18.75
N TYR A 233 26.03 -18.94 19.81
CA TYR A 233 25.50 -18.49 21.06
C TYR A 233 26.43 -17.45 21.71
N ALA A 234 27.73 -17.69 21.79
CA ALA A 234 28.64 -16.65 22.34
C ALA A 234 28.68 -15.37 21.54
N LYS A 235 28.60 -15.51 20.22
CA LYS A 235 28.55 -14.35 19.34
C LYS A 235 27.28 -13.55 19.58
N VAL A 236 26.07 -14.11 19.40
CA VAL A 236 24.83 -13.42 19.68
C VAL A 236 24.75 -12.86 21.09
N MET A 237 25.08 -13.67 22.12
CA MET A 237 25.08 -13.20 23.51
C MET A 237 26.41 -12.64 23.93
N SER A 238 26.74 -11.50 23.36
CA SER A 238 27.83 -10.71 23.90
C SER A 238 27.44 -9.23 23.77
N ASP A 239 27.60 -8.47 24.83
CA ASP A 239 27.13 -7.08 24.92
C ASP A 239 27.49 -6.17 23.76
N ALA A 240 28.70 -6.22 23.23
CA ALA A 240 29.11 -5.48 22.06
C ALA A 240 28.28 -5.82 20.83
N PHE A 241 27.94 -7.08 20.65
CA PHE A 241 27.00 -7.48 19.62
C PHE A 241 25.65 -6.76 19.70
N ILE A 242 24.94 -6.93 20.81
CA ILE A 242 23.61 -6.37 21.00
C ILE A 242 23.67 -4.85 20.84
N LYS A 243 24.71 -4.30 21.43
CA LYS A 243 25.12 -2.94 21.17
C LYS A 243 25.27 -2.59 19.69
N ALA A 244 26.02 -3.35 18.90
CA ALA A 244 26.27 -3.05 17.51
C ALA A 244 25.00 -3.09 16.73
N GLU A 245 24.05 -3.97 17.09
CA GLU A 245 22.68 -3.99 16.57
C GLU A 245 22.07 -2.61 16.83
N MET A 246 22.00 -2.18 18.09
CA MET A 246 21.47 -0.87 18.44
C MET A 246 22.18 0.28 17.75
N GLU A 247 23.49 0.10 17.48
CA GLU A 247 24.26 1.06 16.74
C GLU A 247 23.78 1.21 15.31
N LEU A 248 23.40 0.13 14.65
CA LEU A 248 22.88 0.22 13.28
C LEU A 248 21.54 0.97 13.32
N PHE A 249 20.74 0.53 14.28
CA PHE A 249 19.34 0.95 14.32
C PHE A 249 19.18 2.44 14.54
N ALA A 250 20.06 3.10 15.31
CA ALA A 250 19.95 4.52 15.58
C ALA A 250 20.01 5.37 14.34
N ALA A 251 21.03 5.25 13.47
CA ALA A 251 21.11 6.01 12.26
C ALA A 251 20.01 5.61 11.30
N GLN A 252 19.74 4.30 11.16
CA GLN A 252 18.64 3.79 10.30
C GLN A 252 17.31 4.42 10.64
N ALA A 253 16.98 4.60 11.94
CA ALA A 253 15.72 5.18 12.40
C ALA A 253 15.47 6.56 11.78
N LYS A 254 16.51 7.36 11.61
CA LYS A 254 16.46 8.66 11.01
C LYS A 254 15.83 8.59 9.60
N GLU A 255 16.08 7.52 8.85
CA GLU A 255 15.60 7.44 7.46
C GLU A 255 14.51 6.42 7.23
N VAL A 256 14.35 5.43 8.10
CA VAL A 256 13.41 4.35 7.81
C VAL A 256 11.93 4.70 8.05
N ASP A 257 11.06 3.89 7.47
CA ASP A 257 9.63 4.06 7.61
C ASP A 257 9.02 2.97 8.46
N ILE A 258 9.16 1.72 8.03
CA ILE A 258 8.40 0.68 8.70
C ILE A 258 9.44 -0.19 9.40
N ILE A 259 9.63 -0.05 10.71
CA ILE A 259 10.40 -1.04 11.42
C ILE A 259 9.43 -2.15 11.66
N VAL A 260 9.69 -3.34 11.11
CA VAL A 260 8.85 -4.48 11.37
C VAL A 260 9.73 -5.25 12.35
N THR A 261 9.34 -5.30 13.59
CA THR A 261 10.13 -5.98 14.59
C THR A 261 9.69 -7.44 14.71
N THR A 262 10.24 -8.21 13.78
CA THR A 262 9.89 -9.60 13.63
C THR A 262 10.69 -10.56 14.51
N ALA A 263 11.84 -10.05 15.03
CA ALA A 263 12.75 -10.79 15.91
C ALA A 263 12.15 -11.35 17.23
N LEU A 264 11.22 -12.29 17.13
CA LEU A 264 10.58 -12.87 18.28
C LEU A 264 11.44 -14.01 18.86
N ILE A 265 12.10 -13.63 19.91
CA ILE A 265 12.88 -14.54 20.74
C ILE A 265 11.92 -15.23 21.72
N PRO A 266 11.82 -16.56 21.72
CA PRO A 266 11.01 -17.34 22.67
C PRO A 266 11.66 -17.36 24.05
N GLY A 267 10.85 -17.43 25.08
CA GLY A 267 11.34 -17.54 26.43
C GLY A 267 11.89 -16.21 26.91
N LYS A 268 13.17 -15.94 26.67
CA LYS A 268 13.80 -14.65 26.95
C LYS A 268 13.02 -13.55 26.19
N PRO A 269 12.53 -12.51 26.88
CA PRO A 269 11.82 -11.39 26.27
C PRO A 269 12.71 -10.75 25.22
N ALA A 270 12.11 -10.45 24.05
CA ALA A 270 12.88 -9.86 22.93
C ALA A 270 13.52 -8.57 23.37
N PRO A 271 14.82 -8.36 23.14
CA PRO A 271 15.55 -7.18 23.59
C PRO A 271 15.07 -5.83 23.09
N LYS A 272 15.17 -4.84 23.95
CA LYS A 272 14.82 -3.48 23.65
C LYS A 272 15.99 -2.89 22.89
N LEU A 273 15.86 -3.18 21.60
CA LEU A 273 16.82 -2.79 20.60
C LEU A 273 16.51 -1.36 20.15
N ILE A 274 15.21 -1.05 19.96
CA ILE A 274 14.81 0.26 19.52
C ILE A 274 14.39 0.93 20.84
N THR A 275 15.23 1.87 21.26
CA THR A 275 15.03 2.62 22.47
C THR A 275 14.06 3.76 22.34
N ARG A 276 13.58 4.25 23.48
CA ARG A 276 12.59 5.34 23.53
C ARG A 276 13.11 6.57 22.80
N GLU A 277 14.43 6.83 23.00
CA GLU A 277 15.15 7.87 22.36
C GLU A 277 15.12 7.65 20.84
N MET A 278 15.53 6.45 20.40
CA MET A 278 15.61 6.09 19.00
C MET A 278 14.28 6.21 18.28
N VAL A 279 13.18 5.87 18.95
CA VAL A 279 11.84 6.00 18.36
C VAL A 279 11.51 7.48 18.17
N ASP A 280 11.73 8.31 19.18
CA ASP A 280 11.52 9.74 18.98
C ASP A 280 12.46 10.36 17.93
N SER A 281 13.66 9.80 17.73
CA SER A 281 14.58 10.21 16.67
C SER A 281 14.16 9.75 15.28
N MET A 282 13.19 8.84 15.12
CA MET A 282 12.79 8.33 13.82
C MET A 282 12.21 9.40 12.89
N LYS A 283 12.30 9.11 11.57
CA LYS A 283 11.64 9.90 10.53
C LYS A 283 10.15 9.81 10.80
N ALA A 284 9.42 10.94 10.76
CA ALA A 284 8.03 10.91 11.18
C ALA A 284 7.12 10.16 10.16
N GLY A 285 5.85 10.00 10.51
CA GLY A 285 4.83 9.37 9.67
C GLY A 285 5.11 7.89 9.47
N SER A 286 5.76 7.25 10.41
CA SER A 286 6.30 5.95 10.17
C SER A 286 5.83 4.93 11.17
N VAL A 287 6.08 3.64 11.00
CA VAL A 287 5.42 2.61 11.80
C VAL A 287 6.47 1.67 12.33
N ILE A 288 6.41 1.34 13.62
CA ILE A 288 7.17 0.23 14.15
C ILE A 288 6.11 -0.81 14.50
N VAL A 289 5.93 -1.81 13.66
CA VAL A 289 5.00 -2.91 13.87
C VAL A 289 5.77 -4.02 14.56
N ASP A 290 5.63 -4.07 15.88
CA ASP A 290 6.41 -4.98 16.70
C ASP A 290 5.67 -6.29 16.74
N LEU A 291 6.21 -7.31 16.06
CA LEU A 291 5.70 -8.68 16.15
C LEU A 291 6.23 -9.34 17.44
N ALA A 292 7.47 -9.00 17.78
CA ALA A 292 8.12 -9.55 18.95
C ALA A 292 7.42 -9.17 20.27
N ALA A 293 6.49 -8.19 20.19
CA ALA A 293 5.49 -7.97 21.21
C ALA A 293 4.84 -9.19 21.81
N GLN A 294 4.73 -10.29 21.04
CA GLN A 294 4.31 -11.57 21.57
C GLN A 294 5.11 -11.94 22.81
N ASN A 295 6.42 -11.70 22.83
CA ASN A 295 7.21 -12.04 23.99
C ASN A 295 8.26 -10.96 24.24
N GLY A 296 8.00 -9.98 25.14
CA GLY A 296 8.93 -8.91 25.43
C GLY A 296 8.69 -7.69 24.58
N GLY A 297 8.78 -7.77 23.25
CA GLY A 297 8.74 -6.61 22.34
C GLY A 297 10.05 -5.89 22.20
N ASN A 298 10.46 -5.68 20.95
CA ASN A 298 11.80 -5.19 20.69
C ASN A 298 11.99 -3.68 20.81
N CYS A 299 10.91 -2.94 20.68
CA CYS A 299 10.93 -1.52 20.90
C CYS A 299 10.52 -1.40 22.35
N GLU A 300 11.10 -0.42 23.05
CA GLU A 300 10.67 -0.12 24.39
C GLU A 300 9.20 0.40 24.31
N TYR A 301 8.98 1.39 23.45
CA TYR A 301 7.64 1.98 23.28
C TYR A 301 6.45 1.08 22.95
N THR A 302 6.72 -0.11 22.47
CA THR A 302 5.73 -1.13 22.37
C THR A 302 4.96 -1.32 23.65
N VAL A 303 3.75 -0.80 23.63
CA VAL A 303 2.76 -1.17 24.64
C VAL A 303 2.17 -2.42 24.01
N PRO A 304 2.22 -3.60 24.68
CA PRO A 304 1.73 -4.86 24.11
C PRO A 304 0.22 -4.72 23.92
N GLY A 305 -0.21 -4.96 22.70
CA GLY A 305 -1.60 -4.87 22.34
C GLY A 305 -1.98 -3.52 21.79
N GLU A 306 -1.14 -2.49 21.71
CA GLU A 306 -1.59 -1.18 21.21
C GLU A 306 -0.75 -0.51 20.13
N ILE A 307 -1.33 0.58 19.63
CA ILE A 307 -0.61 1.46 18.74
C ILE A 307 -0.17 2.57 19.70
N PHE A 308 1.08 2.49 20.16
CA PHE A 308 1.69 3.69 20.73
C PHE A 308 1.95 4.58 19.53
N THR A 309 1.87 5.88 19.74
CA THR A 309 2.33 6.83 18.74
C THR A 309 3.21 7.83 19.49
N THR A 310 4.28 8.26 18.87
CA THR A 310 5.10 9.36 19.29
C THR A 310 4.46 10.67 18.85
N GLU A 311 4.89 11.77 19.43
CA GLU A 311 4.37 13.11 19.15
C GLU A 311 4.49 13.41 17.66
N ASN A 312 5.67 13.18 17.11
CA ASN A 312 5.98 13.43 15.70
C ASN A 312 5.20 12.53 14.72
N GLY A 313 4.72 11.43 15.28
CA GLY A 313 3.92 10.50 14.55
C GLY A 313 4.73 9.33 14.05
N VAL A 314 5.28 8.57 14.99
CA VAL A 314 5.76 7.23 14.69
C VAL A 314 4.97 6.23 15.52
N LYS A 315 4.20 5.40 14.83
CA LYS A 315 3.25 4.52 15.48
C LYS A 315 3.84 3.15 15.77
N VAL A 316 4.07 2.90 17.02
CA VAL A 316 4.74 1.71 17.52
C VAL A 316 3.62 0.74 17.90
N ILE A 317 3.21 0.07 16.85
CA ILE A 317 2.10 -0.81 16.84
C ILE A 317 2.55 -2.15 17.40
N GLY A 318 2.43 -2.39 18.72
CA GLY A 318 2.83 -3.65 19.30
C GLY A 318 1.69 -4.69 19.27
N TYR A 319 1.37 -5.19 18.07
CA TYR A 319 0.21 -6.05 17.96
C TYR A 319 0.55 -7.50 18.15
N THR A 320 0.39 -7.90 19.40
CA THR A 320 0.48 -9.26 19.88
C THR A 320 -0.45 -10.16 19.06
N ASP A 321 -1.62 -9.65 18.68
CA ASP A 321 -2.66 -10.35 17.94
C ASP A 321 -2.55 -10.40 16.41
N LEU A 322 -1.47 -9.87 15.81
CA LEU A 322 -1.23 -9.82 14.36
C LEU A 322 -1.68 -11.03 13.51
N PRO A 323 -1.37 -12.32 13.75
CA PRO A 323 -1.97 -13.46 13.01
C PRO A 323 -3.48 -13.43 13.01
N GLY A 324 -4.06 -13.19 14.19
CA GLY A 324 -5.49 -13.22 14.39
C GLY A 324 -6.27 -12.16 13.63
N ARG A 325 -5.56 -11.04 13.41
CA ARG A 325 -6.16 -9.94 12.69
C ARG A 325 -6.49 -10.21 11.22
N LEU A 326 -5.82 -11.22 10.72
CA LEU A 326 -5.94 -11.72 9.37
C LEU A 326 -6.44 -13.18 9.54
N PRO A 327 -7.71 -13.40 9.93
CA PRO A 327 -8.19 -14.70 10.43
C PRO A 327 -7.97 -15.86 9.47
N THR A 328 -8.44 -15.75 8.22
CA THR A 328 -8.53 -16.85 7.26
C THR A 328 -7.15 -17.31 6.86
N GLN A 329 -6.20 -16.41 6.67
CA GLN A 329 -4.84 -16.81 6.35
C GLN A 329 -4.19 -17.48 7.53
N SER A 330 -4.58 -17.20 8.77
CA SER A 330 -4.17 -18.05 9.89
C SER A 330 -4.75 -19.43 9.74
N SER A 331 -6.06 -19.48 9.57
CA SER A 331 -6.79 -20.75 9.36
C SER A 331 -6.24 -21.58 8.17
N GLN A 332 -5.66 -20.90 7.19
CA GLN A 332 -5.11 -21.62 6.09
C GLN A 332 -3.69 -22.07 6.39
N LEU A 333 -2.82 -21.15 6.81
CA LEU A 333 -1.39 -21.47 6.96
C LEU A 333 -1.12 -22.21 8.24
N TYR A 334 -1.58 -21.68 9.38
CA TYR A 334 -1.55 -22.40 10.64
C TYR A 334 -2.31 -23.71 10.54
N GLY A 335 -3.48 -23.62 9.89
CA GLY A 335 -4.30 -24.77 9.51
C GLY A 335 -3.46 -25.82 8.78
N THR A 336 -2.70 -25.43 7.79
CA THR A 336 -1.86 -26.41 7.14
C THR A 336 -0.67 -26.83 8.00
N ASN A 337 -0.13 -26.02 8.91
CA ASN A 337 0.95 -26.49 9.80
C ASN A 337 0.44 -27.67 10.63
N LEU A 338 -0.79 -27.49 11.11
CA LEU A 338 -1.51 -28.50 11.87
C LEU A 338 -1.66 -29.72 10.99
N VAL A 339 -2.10 -29.55 9.76
CA VAL A 339 -2.21 -30.61 8.76
C VAL A 339 -0.90 -31.34 8.57
N ASN A 340 0.20 -30.60 8.41
CA ASN A 340 1.50 -31.21 8.18
C ASN A 340 2.02 -32.12 9.29
N LEU A 341 1.70 -31.79 10.55
CA LEU A 341 1.99 -32.65 11.67
C LEU A 341 1.04 -33.83 11.57
N LEU A 342 -0.24 -33.56 11.36
CA LEU A 342 -1.24 -34.62 11.32
C LEU A 342 -1.09 -35.64 10.19
N LYS A 343 -0.39 -35.31 9.09
CA LYS A 343 0.10 -36.28 8.10
C LYS A 343 0.98 -37.35 8.73
N LEU A 344 1.86 -36.89 9.62
CA LEU A 344 2.75 -37.80 10.31
C LEU A 344 2.03 -38.51 11.45
N LEU A 345 1.09 -37.83 12.10
CA LEU A 345 0.26 -38.45 13.11
C LEU A 345 -0.68 -39.53 12.57
N CYS A 346 -1.25 -39.37 11.39
CA CYS A 346 -1.96 -40.43 10.73
C CYS A 346 -1.31 -40.83 9.42
N LYS A 347 -0.37 -41.75 9.59
CA LYS A 347 0.38 -42.21 8.47
C LYS A 347 -0.48 -43.15 7.63
N GLU A 348 -1.04 -44.19 8.31
CA GLU A 348 -1.87 -45.19 7.66
C GLU A 348 -3.24 -44.62 7.34
N LYS A 349 -3.81 -43.91 8.33
CA LYS A 349 -5.15 -43.37 8.33
C LYS A 349 -6.23 -44.45 8.22
N ASP A 350 -6.86 -45.09 9.22
CA ASP A 350 -6.56 -45.01 10.65
C ASP A 350 -6.92 -43.68 11.32
N GLY A 351 -7.04 -43.69 12.64
CA GLY A 351 -7.28 -42.46 13.35
C GLY A 351 -6.51 -42.41 14.66
N ASN A 352 -5.70 -43.42 14.96
CA ASN A 352 -4.88 -43.52 16.15
C ASN A 352 -3.63 -42.66 15.92
N ILE A 353 -3.89 -41.41 16.24
CA ILE A 353 -2.89 -40.35 16.09
C ILE A 353 -1.60 -40.70 16.81
N THR A 354 -0.51 -40.83 16.02
CA THR A 354 0.80 -41.22 16.53
C THR A 354 1.34 -39.92 17.15
N VAL A 355 1.21 -39.72 18.45
CA VAL A 355 1.89 -38.62 19.06
C VAL A 355 3.34 -39.07 19.17
N ASP A 356 4.01 -38.84 18.05
CA ASP A 356 5.33 -39.38 17.82
C ASP A 356 6.41 -38.69 18.64
N PHE A 357 7.43 -39.48 18.94
CA PHE A 357 8.62 -38.99 19.56
C PHE A 357 9.75 -39.10 18.56
N ASP A 358 9.70 -40.07 17.66
CA ASP A 358 10.87 -40.56 16.95
C ASP A 358 11.45 -39.57 15.96
N ASP A 359 10.67 -38.62 15.46
CA ASP A 359 11.22 -37.63 14.56
C ASP A 359 11.65 -36.45 15.44
N VAL A 360 12.83 -35.89 15.16
CA VAL A 360 13.37 -34.74 15.88
C VAL A 360 12.37 -33.59 15.97
N VAL A 361 11.66 -33.34 14.87
CA VAL A 361 10.76 -32.22 14.89
C VAL A 361 9.58 -32.53 15.79
N ILE A 362 9.04 -33.76 15.71
CA ILE A 362 7.84 -34.09 16.49
C ILE A 362 8.16 -34.29 17.97
N ARG A 363 9.38 -34.72 18.30
CA ARG A 363 9.84 -34.74 19.67
C ARG A 363 9.87 -33.35 20.29
N GLY A 364 9.98 -32.29 19.50
CA GLY A 364 9.93 -30.93 19.99
C GLY A 364 8.49 -30.47 20.15
N VAL A 365 7.62 -31.00 19.26
CA VAL A 365 6.22 -30.60 19.24
C VAL A 365 5.50 -31.28 20.40
N THR A 366 5.71 -32.58 20.60
CA THR A 366 5.15 -33.37 21.71
C THR A 366 5.68 -32.88 23.05
N VAL A 367 5.01 -31.85 23.57
CA VAL A 367 5.42 -31.20 24.85
C VAL A 367 4.70 -31.83 26.05
N ILE A 368 3.44 -32.25 25.91
CA ILE A 368 2.77 -32.99 26.96
C ILE A 368 2.13 -34.21 26.28
N ARG A 369 2.58 -35.45 26.46
CA ARG A 369 1.80 -36.56 25.97
C ARG A 369 0.94 -37.05 27.12
N ALA A 370 -0.37 -37.06 26.97
CA ALA A 370 -1.29 -37.76 27.87
C ALA A 370 -0.98 -37.56 29.34
N GLY A 371 -1.07 -36.29 29.74
CA GLY A 371 -0.76 -35.94 31.13
C GLY A 371 0.74 -35.66 31.34
N GLU A 372 1.61 -36.51 30.83
CA GLU A 372 3.02 -36.38 31.10
C GLU A 372 3.60 -35.27 30.24
N ILE A 373 4.34 -34.38 30.89
CA ILE A 373 5.01 -33.30 30.19
C ILE A 373 6.28 -33.93 29.62
N THR A 374 6.14 -34.36 28.40
CA THR A 374 7.23 -34.92 27.64
C THR A 374 8.27 -33.88 27.19
N TRP A 375 7.93 -32.60 27.37
CA TRP A 375 8.90 -31.51 27.30
C TRP A 375 9.88 -31.71 28.49
N PRO A 376 11.18 -31.45 28.46
CA PRO A 376 11.94 -30.88 27.33
C PRO A 376 12.12 -31.71 26.08
N ALA A 377 12.58 -31.04 25.03
CA ALA A 377 12.79 -31.61 23.73
C ALA A 377 14.31 -31.67 23.51
N PRO A 378 14.91 -32.85 23.28
CA PRO A 378 16.34 -32.98 22.96
C PRO A 378 16.70 -32.04 21.81
N PRO A 379 17.86 -31.33 21.76
CA PRO A 379 18.23 -30.44 20.69
C PRO A 379 18.28 -31.15 19.34
N ILE A 380 18.58 -32.35 19.29
N HIS B 5 4.16 43.08 3.74
CA HIS B 5 2.94 42.35 3.97
C HIS B 5 3.15 40.86 3.79
N HIS B 6 2.23 39.95 4.07
CA HIS B 6 2.47 38.55 3.90
C HIS B 6 2.32 38.14 2.43
N HIS B 7 3.07 38.80 1.59
CA HIS B 7 2.97 38.69 0.12
C HIS B 7 3.57 37.39 -0.38
N GLY B 8 2.81 36.61 -1.13
CA GLY B 8 3.19 35.26 -1.48
C GLY B 8 3.24 34.33 -0.26
N ARG B 9 2.62 34.68 0.88
CA ARG B 9 2.64 33.77 2.01
C ARG B 9 1.46 32.83 1.98
N ILE B 10 1.82 31.57 1.88
CA ILE B 10 0.92 30.47 2.06
C ILE B 10 0.59 30.27 3.55
N GLY B 11 -0.62 29.77 3.85
CA GLY B 11 -0.97 29.25 5.16
C GLY B 11 -1.45 27.82 5.05
N ILE B 12 -0.78 26.86 5.68
CA ILE B 12 -1.25 25.48 5.74
C ILE B 12 -1.96 25.34 7.12
N PRO B 13 -3.28 25.05 7.20
CA PRO B 13 -4.01 24.93 8.47
C PRO B 13 -3.94 23.52 9.05
N ARG B 14 -4.25 23.42 10.35
CA ARG B 14 -4.58 22.17 10.98
C ARG B 14 -6.02 21.95 10.51
N GLU B 15 -6.21 21.08 9.50
CA GLU B 15 -7.56 20.85 8.97
C GLU B 15 -8.55 20.34 10.01
N ARG B 16 -9.75 20.85 9.92
CA ARG B 16 -10.67 20.77 11.03
C ARG B 16 -11.43 19.47 10.98
N LEU B 17 -11.59 18.86 9.81
CA LEU B 17 -12.67 17.91 9.58
C LEU B 17 -12.68 16.68 10.52
N THR B 18 -13.85 16.09 10.69
CA THR B 18 -14.00 14.87 11.43
C THR B 18 -13.19 13.72 10.79
N ASN B 19 -12.27 13.21 11.60
CA ASN B 19 -11.36 12.12 11.24
C ASN B 19 -10.36 12.53 10.17
N GLU B 20 -9.86 13.72 10.33
CA GLU B 20 -8.98 14.32 9.37
C GLU B 20 -7.53 14.26 9.84
N THR B 21 -6.70 13.77 8.94
CA THR B 21 -5.26 13.71 9.20
C THR B 21 -4.49 14.42 8.07
N ARG B 22 -5.12 14.76 6.95
CA ARG B 22 -4.44 15.34 5.81
C ARG B 22 -4.09 16.82 6.02
N VAL B 23 -2.87 17.12 6.41
CA VAL B 23 -2.41 18.50 6.37
C VAL B 23 -1.65 18.64 5.04
N ALA B 24 -1.83 19.80 4.41
CA ALA B 24 -1.64 19.92 2.98
C ALA B 24 -0.28 19.67 2.41
N ALA B 25 0.83 20.07 3.04
CA ALA B 25 2.13 20.05 2.41
C ALA B 25 3.16 19.33 3.26
N THR B 26 4.15 18.70 2.62
CA THR B 26 5.36 18.24 3.30
C THR B 26 6.40 19.37 3.42
N PRO B 27 7.47 19.29 4.24
CA PRO B 27 8.60 20.18 4.16
C PRO B 27 9.25 20.22 2.75
N LYS B 28 9.36 19.10 2.06
CA LYS B 28 9.87 19.13 0.70
C LYS B 28 9.02 20.04 -0.21
N THR B 29 7.69 19.88 -0.18
CA THR B 29 6.86 20.67 -1.04
C THR B 29 6.78 22.13 -0.52
N VAL B 30 6.95 22.40 0.79
CA VAL B 30 7.21 23.73 1.31
C VAL B 30 8.41 24.31 0.57
N GLU B 31 9.50 23.58 0.49
CA GLU B 31 10.73 24.04 -0.18
C GLU B 31 10.54 24.29 -1.66
N GLN B 32 9.71 23.48 -2.31
CA GLN B 32 9.34 23.71 -3.70
C GLN B 32 8.55 25.03 -3.82
N LEU B 33 7.61 25.30 -2.89
CA LEU B 33 6.88 26.56 -2.88
C LEU B 33 7.72 27.81 -2.63
N LEU B 34 8.73 27.65 -1.78
CA LEU B 34 9.76 28.67 -1.58
C LEU B 34 10.51 28.91 -2.88
N LYS B 35 10.91 27.85 -3.59
CA LYS B 35 11.52 27.96 -4.93
C LYS B 35 10.60 28.59 -5.97
N LEU B 36 9.28 28.41 -5.83
CA LEU B 36 8.34 29.23 -6.59
C LEU B 36 8.33 30.69 -6.14
N GLY B 37 8.59 30.96 -4.87
CA GLY B 37 8.62 32.34 -4.37
C GLY B 37 7.46 32.52 -3.40
N PHE B 38 7.06 31.48 -2.69
CA PHE B 38 5.94 31.55 -1.79
C PHE B 38 6.38 31.07 -0.41
N THR B 39 6.41 31.98 0.58
CA THR B 39 6.81 31.66 1.93
C THR B 39 5.68 30.81 2.55
N VAL B 40 5.98 29.72 3.30
CA VAL B 40 4.94 28.87 3.87
C VAL B 40 4.80 29.06 5.36
N ALA B 41 3.62 29.49 5.80
CA ALA B 41 3.30 29.49 7.20
C ALA B 41 2.54 28.20 7.48
N VAL B 42 2.77 27.51 8.61
CA VAL B 42 2.09 26.25 8.89
C VAL B 42 1.60 26.35 10.33
N GLU B 43 0.39 25.85 10.64
CA GLU B 43 -0.07 25.83 12.01
C GLU B 43 0.74 24.92 12.90
N SER B 44 0.96 25.33 14.12
CA SER B 44 1.55 24.51 15.13
C SER B 44 0.71 23.24 15.38
N GLY B 45 1.30 22.05 15.26
CA GLY B 45 0.61 20.79 15.43
C GLY B 45 0.12 20.25 14.09
N ALA B 46 0.01 21.08 13.05
CA ALA B 46 -0.46 20.66 11.75
C ALA B 46 0.51 19.67 11.10
N GLY B 47 1.82 19.93 11.23
CA GLY B 47 2.89 19.01 10.83
C GLY B 47 2.72 17.69 11.52
N GLN B 48 2.56 17.71 12.86
CA GLN B 48 2.24 16.48 13.61
C GLN B 48 0.96 15.82 13.15
N LEU B 49 -0.06 16.51 12.63
CA LEU B 49 -1.25 15.82 12.13
C LEU B 49 -0.93 15.07 10.85
N ALA B 50 -0.26 15.76 9.93
CA ALA B 50 0.24 15.21 8.69
C ALA B 50 1.31 14.14 8.94
N SER B 51 1.88 14.16 10.17
CA SER B 51 2.84 13.20 10.66
C SER B 51 4.16 13.37 9.93
N PHE B 52 4.53 14.64 9.88
CA PHE B 52 5.82 15.04 9.40
C PHE B 52 6.00 16.26 10.31
N ASP B 53 6.84 16.17 11.34
CA ASP B 53 6.84 17.13 12.45
C ASP B 53 7.04 18.58 12.06
N ASP B 54 6.37 19.38 12.87
CA ASP B 54 6.39 20.82 12.79
C ASP B 54 7.85 21.33 12.70
N LYS B 55 8.71 20.75 13.52
CA LYS B 55 10.15 21.08 13.52
C LYS B 55 10.86 20.68 12.23
N ALA B 56 10.39 19.65 11.54
CA ALA B 56 10.87 19.39 10.20
C ALA B 56 10.44 20.49 9.23
N PHE B 57 9.27 21.14 9.44
CA PHE B 57 8.95 22.32 8.67
C PHE B 57 9.84 23.46 9.11
N VAL B 58 10.22 23.54 10.42
CA VAL B 58 11.23 24.50 10.85
C VAL B 58 12.57 24.30 10.13
N GLN B 59 12.97 23.06 9.94
CA GLN B 59 14.13 22.76 9.11
C GLN B 59 13.95 23.23 7.66
N ALA B 60 12.74 23.07 7.13
CA ALA B 60 12.40 23.62 5.83
C ALA B 60 12.33 25.16 5.83
N GLY B 61 12.13 25.76 6.99
CA GLY B 61 11.94 27.18 7.12
C GLY B 61 10.54 27.57 6.67
N ALA B 62 9.57 26.99 7.34
CA ALA B 62 8.18 27.44 7.24
C ALA B 62 7.79 28.10 8.57
N GLU B 63 7.04 29.18 8.56
CA GLU B 63 6.72 29.92 9.76
C GLU B 63 5.61 29.18 10.51
N ILE B 64 6.04 28.38 11.48
CA ILE B 64 5.16 27.64 12.38
C ILE B 64 4.55 28.66 13.33
N VAL B 65 3.28 28.85 13.10
CA VAL B 65 2.48 29.82 13.78
C VAL B 65 1.24 29.17 14.37
N GLU B 66 0.81 29.64 15.54
CA GLU B 66 -0.41 29.09 16.15
C GLU B 66 -1.64 29.65 15.47
N GLY B 67 -2.47 28.74 14.99
CA GLY B 67 -3.84 29.05 14.61
C GLY B 67 -4.05 30.22 13.70
N ASN B 68 -4.60 31.28 14.28
CA ASN B 68 -5.19 32.40 13.55
C ASN B 68 -4.16 33.13 12.71
N SER B 69 -2.92 33.06 13.20
CA SER B 69 -1.79 33.62 12.49
C SER B 69 -1.68 33.08 11.08
N VAL B 70 -1.92 31.77 10.86
CA VAL B 70 -1.81 31.17 9.52
C VAL B 70 -2.77 31.76 8.50
N TRP B 71 -3.90 32.28 8.99
CA TRP B 71 -4.90 32.90 8.16
C TRP B 71 -4.44 34.24 7.62
N GLN B 72 -3.55 34.92 8.35
CA GLN B 72 -3.01 36.18 7.88
C GLN B 72 -1.93 35.89 6.85
N SER B 73 -2.38 35.62 5.62
CA SER B 73 -1.53 35.16 4.55
C SER B 73 -2.18 35.49 3.20
N GLU B 74 -1.35 35.42 2.15
CA GLU B 74 -1.84 35.74 0.82
C GLU B 74 -2.58 34.54 0.25
N ILE B 75 -2.10 33.33 0.48
CA ILE B 75 -2.75 32.14 -0.04
C ILE B 75 -3.02 31.29 1.19
N ILE B 76 -4.17 30.62 1.29
CA ILE B 76 -4.34 29.56 2.28
C ILE B 76 -4.43 28.31 1.46
N LEU B 77 -3.79 27.22 1.80
CA LEU B 77 -3.87 26.01 1.01
C LEU B 77 -4.56 24.99 1.88
N LYS B 78 -5.86 25.16 1.99
CA LYS B 78 -6.73 24.29 2.77
C LYS B 78 -6.94 22.96 2.08
N VAL B 79 -7.22 21.91 2.87
CA VAL B 79 -7.50 20.61 2.32
C VAL B 79 -9.00 20.41 2.15
N ASN B 80 -9.79 21.00 3.02
CA ASN B 80 -11.25 20.95 2.98
C ASN B 80 -11.84 22.30 2.64
N ALA B 81 -13.15 22.49 2.80
CA ALA B 81 -13.77 23.81 2.82
C ALA B 81 -13.44 24.59 4.10
N PRO B 82 -13.61 25.92 4.15
CA PRO B 82 -13.64 26.64 5.40
C PRO B 82 -14.95 26.50 6.18
N LEU B 83 -14.90 26.45 7.51
CA LEU B 83 -16.11 26.53 8.31
C LEU B 83 -16.42 28.02 8.64
N ASP B 84 -17.49 28.38 9.33
CA ASP B 84 -17.89 29.79 9.51
C ASP B 84 -16.86 30.65 10.25
N ASP B 85 -16.10 30.06 11.18
CA ASP B 85 -15.07 30.78 11.87
C ASP B 85 -13.91 31.12 10.94
N GLU B 86 -13.58 30.15 10.08
CA GLU B 86 -12.48 30.24 9.16
C GLU B 86 -12.81 31.29 8.08
N ILE B 87 -14.08 31.38 7.67
CA ILE B 87 -14.58 32.43 6.79
C ILE B 87 -14.38 33.80 7.42
N ALA B 88 -14.70 33.97 8.72
CA ALA B 88 -14.42 35.21 9.46
C ALA B 88 -12.95 35.53 9.53
N LEU B 89 -12.16 34.50 9.72
CA LEU B 89 -10.72 34.58 9.67
C LEU B 89 -10.12 34.88 8.31
N LEU B 90 -10.73 34.41 7.22
CA LEU B 90 -10.33 34.71 5.86
C LEU B 90 -10.33 36.22 5.62
N ASN B 91 -9.10 36.69 5.43
CA ASN B 91 -8.90 38.10 5.12
C ASN B 91 -9.39 38.48 3.74
N PRO B 92 -10.10 39.61 3.54
CA PRO B 92 -10.46 40.14 2.22
C PRO B 92 -9.33 40.30 1.21
N GLY B 93 -9.38 39.44 0.20
CA GLY B 93 -8.32 39.34 -0.78
C GLY B 93 -7.37 38.16 -0.58
N THR B 94 -7.62 37.26 0.40
CA THR B 94 -6.77 36.08 0.52
C THR B 94 -7.12 35.10 -0.59
N THR B 95 -6.08 34.68 -1.30
CA THR B 95 -6.17 33.59 -2.26
C THR B 95 -6.56 32.34 -1.44
N LEU B 96 -7.81 31.89 -1.40
CA LEU B 96 -8.22 30.77 -0.59
C LEU B 96 -8.20 29.58 -1.54
N VAL B 97 -7.26 28.69 -1.35
CA VAL B 97 -7.27 27.42 -2.02
C VAL B 97 -7.95 26.45 -1.08
N SER B 98 -9.00 25.80 -1.51
CA SER B 98 -9.72 24.84 -0.71
C SER B 98 -10.47 23.84 -1.60
N PHE B 99 -10.88 22.75 -0.98
CA PHE B 99 -11.69 21.77 -1.63
C PHE B 99 -13.11 22.24 -1.24
N ILE B 100 -13.74 22.99 -2.13
CA ILE B 100 -15.00 23.63 -1.84
C ILE B 100 -16.18 22.72 -2.06
N TRP B 101 -16.29 22.09 -3.24
CA TRP B 101 -17.57 21.64 -3.78
C TRP B 101 -18.56 22.81 -3.79
N PRO B 102 -18.45 23.77 -4.73
CA PRO B 102 -19.22 25.02 -4.77
C PRO B 102 -20.71 24.82 -4.78
N ALA B 103 -21.24 23.96 -5.65
CA ALA B 103 -22.66 23.73 -5.75
C ALA B 103 -23.18 22.96 -4.56
N GLN B 104 -22.29 22.35 -3.77
CA GLN B 104 -22.62 21.57 -2.62
C GLN B 104 -22.35 22.35 -1.36
N ASN B 105 -21.78 23.56 -1.46
CA ASN B 105 -21.71 24.51 -0.36
C ASN B 105 -22.03 25.90 -0.87
N PRO B 106 -23.23 26.19 -1.39
CA PRO B 106 -23.65 27.41 -2.08
C PRO B 106 -23.61 28.67 -1.20
N GLU B 107 -24.13 28.57 0.05
CA GLU B 107 -24.11 29.64 1.01
C GLU B 107 -22.66 29.91 1.42
N LEU B 108 -21.85 28.85 1.56
CA LEU B 108 -20.44 28.99 1.94
C LEU B 108 -19.73 29.84 0.88
N MET B 109 -19.93 29.47 -0.38
CA MET B 109 -19.49 30.23 -1.53
C MET B 109 -19.95 31.68 -1.49
N GLN B 110 -21.22 31.94 -1.16
CA GLN B 110 -21.70 33.33 -1.03
C GLN B 110 -20.99 34.11 0.08
N LYS B 111 -20.60 33.48 1.19
CA LYS B 111 -19.82 34.10 2.24
C LYS B 111 -18.39 34.33 1.81
N LEU B 112 -17.83 33.47 0.97
CA LEU B 112 -16.51 33.67 0.42
C LEU B 112 -16.50 34.90 -0.51
N ALA B 113 -17.61 35.11 -1.20
CA ALA B 113 -17.86 36.34 -1.93
C ALA B 113 -17.89 37.55 -1.01
N GLU B 114 -18.59 37.44 0.10
CA GLU B 114 -18.58 38.49 1.10
C GLU B 114 -17.24 38.86 1.69
N ARG B 115 -16.52 37.78 2.08
CA ARG B 115 -15.15 37.90 2.50
C ARG B 115 -14.23 38.26 1.33
N ASN B 116 -14.71 38.21 0.09
CA ASN B 116 -13.99 38.72 -1.06
C ASN B 116 -12.65 38.03 -1.24
N VAL B 117 -12.69 36.70 -1.06
CA VAL B 117 -11.45 35.93 -1.14
C VAL B 117 -11.29 35.41 -2.57
N THR B 118 -10.07 35.24 -2.98
CA THR B 118 -9.74 34.70 -4.31
C THR B 118 -9.72 33.18 -4.24
N VAL B 119 -10.82 32.48 -4.52
CA VAL B 119 -10.88 31.06 -4.22
C VAL B 119 -10.50 30.23 -5.42
N MET B 120 -9.52 29.37 -5.21
CA MET B 120 -9.25 28.27 -6.12
C MET B 120 -9.79 27.01 -5.50
N ALA B 121 -10.79 26.44 -6.18
CA ALA B 121 -11.37 25.22 -5.67
C ALA B 121 -10.70 24.00 -6.30
N MET B 122 -9.90 23.34 -5.50
CA MET B 122 -9.12 22.20 -5.95
C MET B 122 -9.89 20.97 -6.40
N ASP B 123 -11.19 20.97 -6.14
CA ASP B 123 -12.13 20.01 -6.68
C ASP B 123 -12.59 20.48 -8.06
N SER B 124 -12.88 21.77 -8.27
CA SER B 124 -13.45 22.30 -9.48
C SER B 124 -12.33 22.74 -10.43
N VAL B 125 -11.24 22.00 -10.49
CA VAL B 125 -10.26 22.19 -11.56
C VAL B 125 -10.88 21.47 -12.75
N PRO B 126 -10.69 21.87 -14.02
CA PRO B 126 -11.07 21.08 -15.17
C PRO B 126 -10.41 19.70 -15.23
N ARG B 127 -10.89 18.78 -16.05
CA ARG B 127 -10.31 17.44 -16.11
C ARG B 127 -9.22 17.34 -17.17
N ILE B 128 -8.90 18.39 -17.91
CA ILE B 128 -7.80 18.35 -18.88
C ILE B 128 -6.50 18.26 -18.11
N SER B 129 -5.57 17.49 -18.64
CA SER B 129 -4.48 16.94 -17.86
C SER B 129 -3.55 17.93 -17.13
N ARG B 130 -3.35 19.18 -17.60
CA ARG B 130 -2.57 20.15 -16.85
C ARG B 130 -3.34 20.48 -15.59
N ALA B 131 -4.67 20.59 -15.72
CA ALA B 131 -5.50 20.87 -14.56
C ALA B 131 -5.46 19.63 -13.67
N GLN B 132 -5.44 18.40 -14.24
CA GLN B 132 -5.18 17.20 -13.45
C GLN B 132 -3.95 17.17 -12.55
N SER B 133 -2.83 17.72 -13.01
CA SER B 133 -1.64 17.82 -12.18
C SER B 133 -1.79 18.81 -11.03
N LEU B 134 -2.76 19.73 -11.16
CA LEU B 134 -3.12 20.64 -10.07
C LEU B 134 -4.21 19.98 -9.23
N ASP B 135 -5.11 19.24 -9.86
CA ASP B 135 -6.36 18.79 -9.32
C ASP B 135 -6.25 17.88 -8.13
N ALA B 136 -7.02 18.24 -7.08
CA ALA B 136 -6.96 17.49 -5.85
C ALA B 136 -7.65 16.15 -6.11
N LEU B 137 -8.73 16.08 -6.90
CA LEU B 137 -9.54 14.87 -7.07
C LEU B 137 -8.74 13.70 -7.63
N SER B 138 -7.63 13.96 -8.35
CA SER B 138 -6.76 12.91 -8.85
C SER B 138 -6.09 12.30 -7.61
N SER B 139 -5.34 13.13 -6.91
CA SER B 139 -4.61 12.74 -5.75
C SER B 139 -5.45 12.23 -4.59
N MET B 140 -6.64 12.78 -4.38
CA MET B 140 -7.55 12.39 -3.31
C MET B 140 -8.18 11.05 -3.57
N ALA B 141 -8.48 10.80 -4.87
CA ALA B 141 -8.83 9.45 -5.34
C ALA B 141 -7.66 8.47 -5.09
N ASN B 142 -6.40 8.90 -5.29
CA ASN B 142 -5.27 8.06 -4.91
C ASN B 142 -5.22 7.73 -3.46
N ILE B 143 -5.33 8.74 -2.58
CA ILE B 143 -5.32 8.60 -1.14
C ILE B 143 -6.37 7.58 -0.74
N ALA B 144 -7.59 7.78 -1.22
CA ALA B 144 -8.66 6.85 -1.00
C ALA B 144 -8.43 5.48 -1.57
N GLY B 145 -7.79 5.35 -2.72
CA GLY B 145 -7.53 4.07 -3.39
C GLY B 145 -6.49 3.31 -2.62
N TYR B 146 -5.43 3.99 -2.13
CA TYR B 146 -4.48 3.37 -1.19
C TYR B 146 -5.20 2.98 0.09
N ARG B 147 -5.89 3.91 0.74
CA ARG B 147 -6.59 3.63 2.00
C ARG B 147 -7.65 2.55 1.81
N ALA B 148 -8.18 2.36 0.59
CA ALA B 148 -9.03 1.24 0.23
C ALA B 148 -8.27 -0.06 0.37
N ILE B 149 -7.11 -0.20 -0.29
CA ILE B 149 -6.28 -1.37 -0.24
C ILE B 149 -5.90 -1.62 1.21
N VAL B 150 -5.60 -0.53 1.90
CA VAL B 150 -5.26 -0.55 3.33
C VAL B 150 -6.38 -1.13 4.18
N GLU B 151 -7.54 -0.48 4.29
CA GLU B 151 -8.66 -0.89 5.16
C GLU B 151 -9.20 -2.27 4.79
N ALA B 152 -9.14 -2.57 3.48
CA ALA B 152 -9.50 -3.88 2.95
C ALA B 152 -8.55 -4.89 3.61
N ALA B 153 -7.23 -4.78 3.45
CA ALA B 153 -6.30 -5.68 4.05
C ALA B 153 -6.44 -5.72 5.59
N HIS B 154 -6.77 -4.60 6.20
CA HIS B 154 -7.07 -4.48 7.62
C HIS B 154 -8.25 -5.38 8.04
N GLU B 155 -9.30 -5.38 7.26
CA GLU B 155 -10.47 -6.14 7.57
C GLU B 155 -10.54 -7.49 6.90
N PHE B 156 -9.57 -7.69 6.01
CA PHE B 156 -9.47 -8.90 5.18
C PHE B 156 -8.95 -10.06 5.99
N GLY B 157 -9.42 -11.24 5.58
CA GLY B 157 -8.93 -12.45 6.16
C GLY B 157 -7.77 -13.09 5.44
N ARG B 158 -7.53 -12.77 4.17
CA ARG B 158 -6.57 -13.54 3.37
C ARG B 158 -5.46 -12.64 2.87
N PHE B 159 -4.43 -13.14 2.15
CA PHE B 159 -3.39 -12.31 1.55
C PHE B 159 -3.87 -11.82 0.20
N PHE B 160 -3.31 -10.69 -0.22
CA PHE B 160 -3.42 -10.27 -1.62
C PHE B 160 -2.50 -11.12 -2.47
N THR B 161 -1.27 -11.24 -1.97
CA THR B 161 -0.18 -12.01 -2.61
C THR B 161 -0.48 -13.50 -2.51
N GLY B 162 -0.54 -14.22 -3.64
CA GLY B 162 -0.65 -15.69 -3.58
C GLY B 162 0.72 -16.21 -3.21
N GLN B 163 0.87 -16.60 -1.95
CA GLN B 163 2.17 -16.91 -1.42
C GLN B 163 2.16 -18.43 -1.17
N ILE B 164 2.95 -19.20 -1.91
CA ILE B 164 3.09 -20.59 -1.60
C ILE B 164 4.14 -20.58 -0.48
N THR B 165 3.60 -20.62 0.73
CA THR B 165 4.31 -20.29 1.95
C THR B 165 4.86 -21.60 2.53
N ALA B 166 5.93 -21.57 3.30
CA ALA B 166 6.48 -22.77 3.98
C ALA B 166 5.44 -23.78 4.53
N ALA B 167 4.48 -23.23 5.32
CA ALA B 167 3.30 -24.01 5.73
C ALA B 167 2.49 -24.62 4.58
N GLY B 168 2.04 -23.81 3.65
CA GLY B 168 1.17 -24.30 2.59
C GLY B 168 0.77 -23.12 1.70
N LYS B 169 -0.23 -23.29 0.87
CA LYS B 169 -0.48 -22.34 -0.19
C LYS B 169 -1.54 -21.28 0.18
N VAL B 170 -1.35 -20.12 -0.43
CA VAL B 170 -2.35 -19.08 -0.46
C VAL B 170 -2.71 -18.89 -1.89
N PRO B 171 -3.99 -19.07 -2.24
CA PRO B 171 -4.51 -18.68 -3.56
C PRO B 171 -4.52 -17.16 -3.66
N PRO B 172 -4.13 -16.52 -4.79
CA PRO B 172 -4.07 -15.05 -4.90
C PRO B 172 -5.43 -14.39 -4.76
N ALA B 173 -5.41 -13.18 -4.23
CA ALA B 173 -6.63 -12.41 -4.12
C ALA B 173 -7.03 -11.91 -5.50
N LYS B 174 -8.22 -12.27 -5.95
CA LYS B 174 -8.81 -11.72 -7.15
C LYS B 174 -9.37 -10.34 -6.75
N VAL B 175 -8.64 -9.30 -7.15
CA VAL B 175 -8.90 -7.97 -6.70
C VAL B 175 -9.63 -7.26 -7.82
N MET B 176 -10.95 -7.18 -7.69
CA MET B 176 -11.72 -6.49 -8.68
C MET B 176 -11.68 -4.99 -8.41
N VAL B 177 -11.03 -4.23 -9.30
CA VAL B 177 -10.90 -2.80 -9.09
C VAL B 177 -11.91 -2.15 -10.05
N ILE B 178 -13.00 -1.61 -9.55
CA ILE B 178 -14.01 -1.03 -10.43
C ILE B 178 -13.78 0.50 -10.46
N GLY B 179 -13.68 1.01 -11.67
CA GLY B 179 -13.46 2.42 -11.98
C GLY B 179 -11.97 2.67 -12.02
N ALA B 180 -11.38 2.06 -13.03
CA ALA B 180 -9.94 2.19 -13.28
C ALA B 180 -9.43 3.51 -13.88
N GLY B 181 -9.95 4.64 -13.40
CA GLY B 181 -9.29 5.92 -13.67
C GLY B 181 -8.11 6.11 -12.71
N VAL B 182 -7.68 7.34 -12.41
CA VAL B 182 -6.51 7.55 -11.52
C VAL B 182 -6.54 6.76 -10.21
N ALA B 183 -7.65 6.85 -9.47
CA ALA B 183 -7.94 6.05 -8.28
C ALA B 183 -7.70 4.57 -8.48
N GLY B 184 -8.32 4.10 -9.58
CA GLY B 184 -8.27 2.70 -9.92
C GLY B 184 -6.84 2.27 -10.23
N LEU B 185 -6.17 3.04 -11.09
CA LEU B 185 -4.81 2.80 -11.50
C LEU B 185 -3.85 2.74 -10.33
N ALA B 186 -4.16 3.54 -9.31
CA ALA B 186 -3.44 3.48 -8.05
C ALA B 186 -3.59 2.11 -7.41
N ALA B 187 -4.81 1.66 -7.12
CA ALA B 187 -5.06 0.33 -6.55
C ALA B 187 -4.52 -0.82 -7.40
N ILE B 188 -4.67 -0.72 -8.73
CA ILE B 188 -4.09 -1.63 -9.68
C ILE B 188 -2.59 -1.68 -9.46
N GLY B 189 -1.95 -0.53 -9.32
CA GLY B 189 -0.50 -0.42 -9.12
C GLY B 189 -0.08 -1.24 -7.94
N ALA B 190 -0.71 -0.98 -6.77
CA ALA B 190 -0.49 -1.78 -5.58
C ALA B 190 -0.77 -3.29 -5.76
N ALA B 191 -2.00 -3.66 -6.10
CA ALA B 191 -2.44 -5.04 -6.08
C ALA B 191 -1.76 -5.85 -7.13
N ASN B 192 -1.46 -5.30 -8.32
CA ASN B 192 -0.75 -6.04 -9.37
C ASN B 192 0.66 -6.33 -8.92
N SER B 193 1.34 -5.32 -8.38
CA SER B 193 2.71 -5.54 -7.91
C SER B 193 2.80 -6.52 -6.72
N LEU B 194 1.76 -6.54 -5.85
CA LEU B 194 1.55 -7.61 -4.86
C LEU B 194 1.42 -8.98 -5.48
N GLY B 195 1.04 -9.14 -6.73
CA GLY B 195 0.88 -10.44 -7.40
C GLY B 195 -0.56 -10.92 -7.18
N ALA B 196 -1.45 -10.00 -6.88
CA ALA B 196 -2.86 -10.28 -6.76
C ALA B 196 -3.51 -10.28 -8.16
N ILE B 197 -4.56 -11.06 -8.42
CA ILE B 197 -5.13 -11.14 -9.76
C ILE B 197 -6.05 -9.91 -9.96
N VAL B 198 -5.47 -8.84 -10.48
CA VAL B 198 -6.24 -7.58 -10.55
C VAL B 198 -7.19 -7.75 -11.72
N ARG B 199 -8.46 -7.90 -11.42
CA ARG B 199 -9.50 -7.92 -12.40
C ARG B 199 -10.15 -6.55 -12.38
N ALA B 200 -9.52 -5.69 -13.17
CA ALA B 200 -9.90 -4.28 -13.11
C ALA B 200 -10.93 -3.95 -14.15
N PHE B 201 -11.73 -2.94 -13.89
CA PHE B 201 -12.81 -2.56 -14.76
C PHE B 201 -12.90 -1.05 -14.67
N ASP B 202 -13.29 -0.50 -15.78
CA ASP B 202 -13.81 0.87 -15.87
C ASP B 202 -14.58 0.83 -17.17
N THR B 203 -15.59 1.69 -17.32
CA THR B 203 -16.41 1.63 -18.50
C THR B 203 -15.67 2.18 -19.73
N ARG B 204 -14.72 3.09 -19.51
CA ARG B 204 -13.90 3.61 -20.59
C ARG B 204 -12.89 2.51 -21.04
N PRO B 205 -13.08 1.79 -22.17
CA PRO B 205 -12.43 0.52 -22.52
C PRO B 205 -10.91 0.46 -22.55
N GLU B 206 -10.18 1.55 -22.79
CA GLU B 206 -8.73 1.48 -22.87
C GLU B 206 -8.06 1.01 -21.58
N VAL B 207 -8.79 0.96 -20.45
CA VAL B 207 -8.32 0.38 -19.21
C VAL B 207 -7.93 -1.07 -19.38
N LYS B 208 -8.44 -1.70 -20.41
CA LYS B 208 -7.95 -3.00 -20.88
C LYS B 208 -6.43 -3.00 -21.07
N GLU B 209 -5.90 -2.08 -21.87
CA GLU B 209 -4.46 -2.00 -22.08
C GLU B 209 -3.77 -1.50 -20.81
N GLN B 210 -4.41 -0.61 -20.05
CA GLN B 210 -3.87 -0.15 -18.79
C GLN B 210 -3.44 -1.29 -17.89
N VAL B 211 -4.36 -2.24 -17.68
CA VAL B 211 -4.06 -3.43 -16.92
C VAL B 211 -3.19 -4.41 -17.70
N GLN B 212 -3.35 -4.55 -19.02
CA GLN B 212 -2.46 -5.38 -19.82
C GLN B 212 -1.00 -5.05 -19.70
N SER B 213 -0.61 -3.77 -19.63
CA SER B 213 0.80 -3.38 -19.41
C SER B 213 1.28 -3.96 -18.07
N MET B 214 0.48 -3.83 -17.00
CA MET B 214 0.82 -4.40 -15.72
C MET B 214 0.79 -5.92 -15.69
N GLY B 215 0.11 -6.54 -16.68
CA GLY B 215 -0.11 -8.00 -16.65
C GLY B 215 -1.22 -8.30 -15.68
N ALA B 216 -2.37 -7.69 -15.90
CA ALA B 216 -3.56 -7.87 -15.10
C ALA B 216 -4.80 -7.92 -15.98
N GLU B 217 -5.90 -8.48 -15.48
CA GLU B 217 -7.03 -8.87 -16.28
C GLU B 217 -8.02 -7.71 -16.39
N PHE B 218 -8.52 -7.50 -17.60
CA PHE B 218 -9.66 -6.60 -17.79
C PHE B 218 -10.93 -7.43 -17.60
N LEU B 219 -11.94 -6.84 -16.98
CA LEU B 219 -13.25 -7.42 -16.98
C LEU B 219 -14.00 -7.08 -18.27
N GLU B 220 -14.09 -8.05 -19.19
CA GLU B 220 -14.72 -7.83 -20.51
C GLU B 220 -16.19 -8.04 -20.23
N LEU B 221 -16.96 -7.02 -20.60
CA LEU B 221 -18.41 -6.98 -20.39
C LEU B 221 -19.10 -8.00 -21.26
N ASP B 222 -20.34 -8.32 -20.99
CA ASP B 222 -21.20 -9.10 -21.86
C ASP B 222 -21.49 -8.23 -23.08
N MET B 237 -22.38 4.13 -22.29
CA MET B 237 -22.86 2.87 -21.80
C MET B 237 -23.07 3.17 -20.31
N SER B 238 -24.20 3.44 -19.63
CA SER B 238 -25.57 3.74 -20.07
C SER B 238 -26.61 2.68 -19.72
N ASP B 239 -27.83 3.15 -19.65
CA ASP B 239 -29.02 2.35 -19.39
C ASP B 239 -29.11 1.02 -20.11
N ALA B 240 -29.59 0.02 -19.37
CA ALA B 240 -29.51 -1.36 -19.76
C ALA B 240 -28.12 -1.97 -19.78
N PHE B 241 -27.15 -1.38 -20.49
CA PHE B 241 -25.77 -1.84 -20.53
C PHE B 241 -25.10 -1.80 -19.16
N ILE B 242 -25.59 -1.00 -18.21
CA ILE B 242 -25.33 -1.18 -16.77
C ILE B 242 -25.41 -2.63 -16.33
N LYS B 243 -26.34 -3.43 -16.86
CA LYS B 243 -26.38 -4.84 -16.56
C LYS B 243 -25.23 -5.60 -17.16
N ALA B 244 -24.63 -5.23 -18.30
CA ALA B 244 -23.43 -5.88 -18.75
C ALA B 244 -22.28 -5.69 -17.75
N GLU B 245 -22.30 -4.54 -17.06
CA GLU B 245 -21.42 -4.26 -15.91
C GLU B 245 -21.76 -5.13 -14.72
N MET B 246 -22.99 -5.01 -14.18
CA MET B 246 -23.45 -5.72 -13.00
C MET B 246 -23.41 -7.23 -13.12
N GLU B 247 -23.85 -7.83 -14.21
CA GLU B 247 -23.89 -9.31 -14.30
C GLU B 247 -22.51 -9.93 -14.35
N LEU B 248 -21.58 -9.21 -15.02
CA LEU B 248 -20.18 -9.51 -14.92
C LEU B 248 -19.72 -9.52 -13.47
N PHE B 249 -20.05 -8.50 -12.70
CA PHE B 249 -19.68 -8.43 -11.29
C PHE B 249 -20.27 -9.55 -10.43
N ALA B 250 -21.52 -9.88 -10.74
CA ALA B 250 -22.14 -11.07 -10.14
C ALA B 250 -21.34 -12.34 -10.48
N ALA B 251 -20.85 -12.50 -11.72
CA ALA B 251 -20.05 -13.68 -12.08
C ALA B 251 -18.62 -13.58 -11.57
N GLN B 252 -18.26 -12.41 -11.05
CA GLN B 252 -17.06 -12.26 -10.24
C GLN B 252 -17.23 -12.66 -8.79
N ALA B 253 -18.46 -12.56 -8.27
CA ALA B 253 -18.70 -12.66 -6.84
C ALA B 253 -18.19 -13.87 -6.09
N LYS B 254 -18.25 -15.04 -6.67
CA LYS B 254 -17.66 -16.20 -6.02
C LYS B 254 -16.15 -16.19 -5.94
N GLU B 255 -15.50 -15.56 -6.92
CA GLU B 255 -14.06 -15.49 -6.96
C GLU B 255 -13.45 -14.34 -6.16
N VAL B 256 -14.08 -13.18 -6.19
CA VAL B 256 -13.47 -11.93 -5.78
C VAL B 256 -13.20 -11.79 -4.31
N ASP B 257 -11.99 -11.30 -4.07
CA ASP B 257 -11.50 -11.11 -2.72
C ASP B 257 -11.69 -9.67 -2.28
N ILE B 258 -11.31 -8.70 -3.12
CA ILE B 258 -11.55 -7.32 -2.73
C ILE B 258 -12.26 -6.74 -3.95
N ILE B 259 -13.44 -6.14 -3.79
CA ILE B 259 -13.95 -5.20 -4.77
C ILE B 259 -13.46 -3.83 -4.36
N VAL B 260 -12.39 -3.33 -4.96
CA VAL B 260 -11.89 -2.00 -4.73
C VAL B 260 -12.72 -1.15 -5.66
N THR B 261 -13.84 -0.61 -5.17
CA THR B 261 -14.64 0.17 -6.09
C THR B 261 -14.16 1.60 -6.02
N THR B 262 -13.12 1.79 -6.81
CA THR B 262 -12.43 3.06 -6.98
C THR B 262 -13.23 4.13 -7.70
N ALA B 263 -14.27 3.69 -8.38
CA ALA B 263 -15.20 4.54 -9.07
C ALA B 263 -15.84 5.57 -8.17
N LEU B 264 -15.16 6.69 -7.92
CA LEU B 264 -15.75 7.79 -7.16
C LEU B 264 -16.36 8.59 -8.34
N ILE B 265 -17.58 8.24 -8.78
CA ILE B 265 -18.16 8.89 -9.97
C ILE B 265 -18.19 10.40 -9.83
N PRO B 266 -17.64 11.16 -10.73
CA PRO B 266 -17.55 12.62 -10.68
C PRO B 266 -18.92 13.27 -10.53
N GLY B 267 -19.25 13.85 -9.39
CA GLY B 267 -20.50 14.58 -9.20
C GLY B 267 -21.72 13.66 -8.99
N LYS B 268 -22.26 13.10 -10.06
CA LYS B 268 -23.41 12.22 -10.06
C LYS B 268 -23.35 11.12 -8.98
N PRO B 269 -24.34 10.95 -8.08
CA PRO B 269 -24.35 9.88 -7.06
C PRO B 269 -24.18 8.50 -7.71
N ALA B 270 -23.11 7.82 -7.29
CA ALA B 270 -22.77 6.51 -7.83
C ALA B 270 -23.90 5.46 -7.90
N PRO B 271 -24.15 4.94 -9.13
CA PRO B 271 -25.16 3.92 -9.40
C PRO B 271 -24.93 2.65 -8.59
N LYS B 272 -26.02 2.04 -8.11
CA LYS B 272 -25.91 0.85 -7.29
C LYS B 272 -25.58 -0.37 -8.13
N LEU B 273 -24.29 -0.50 -8.41
CA LEU B 273 -23.76 -1.58 -9.21
C LEU B 273 -23.76 -2.86 -8.41
N ILE B 274 -23.08 -2.78 -7.27
CA ILE B 274 -22.90 -3.97 -6.44
C ILE B 274 -24.18 -4.02 -5.61
N THR B 275 -25.14 -4.71 -6.20
CA THR B 275 -26.46 -4.86 -5.65
C THR B 275 -26.52 -5.94 -4.58
N ARG B 276 -27.57 -5.91 -3.74
CA ARG B 276 -27.61 -6.72 -2.54
C ARG B 276 -27.39 -8.22 -2.69
N GLU B 277 -28.19 -8.83 -3.54
CA GLU B 277 -28.10 -10.25 -3.82
C GLU B 277 -26.72 -10.72 -4.29
N MET B 278 -26.10 -9.89 -5.13
CA MET B 278 -24.68 -10.06 -5.47
C MET B 278 -23.86 -10.02 -4.19
N VAL B 279 -23.93 -8.95 -3.36
CA VAL B 279 -23.13 -8.85 -2.13
C VAL B 279 -23.31 -10.06 -1.24
N ASP B 280 -24.49 -10.39 -0.77
CA ASP B 280 -24.71 -11.57 0.02
C ASP B 280 -24.58 -12.97 -0.61
N SER B 281 -24.00 -13.07 -1.79
CA SER B 281 -23.65 -14.35 -2.39
C SER B 281 -22.15 -14.39 -2.73
N MET B 282 -21.44 -13.28 -2.48
CA MET B 282 -20.00 -13.20 -2.70
C MET B 282 -19.19 -14.14 -1.84
N LYS B 283 -17.93 -14.38 -2.22
CA LYS B 283 -17.00 -15.19 -1.43
C LYS B 283 -16.81 -14.67 -0.02
N ALA B 284 -16.85 -15.60 0.95
CA ALA B 284 -16.83 -15.23 2.37
C ALA B 284 -15.53 -14.55 2.82
N GLY B 285 -15.69 -13.57 3.68
CA GLY B 285 -14.54 -12.83 4.20
C GLY B 285 -13.88 -11.95 3.14
N SER B 286 -14.66 -11.58 2.15
CA SER B 286 -14.22 -10.69 1.09
C SER B 286 -14.63 -9.28 1.42
N VAL B 287 -13.93 -8.27 0.93
CA VAL B 287 -14.13 -6.87 1.36
C VAL B 287 -14.59 -6.08 0.12
N ILE B 288 -15.48 -5.09 0.19
CA ILE B 288 -15.79 -4.18 -0.91
C ILE B 288 -15.45 -2.84 -0.28
N VAL B 289 -14.52 -2.10 -0.85
CA VAL B 289 -14.27 -0.76 -0.32
C VAL B 289 -14.83 0.23 -1.36
N ASP B 290 -15.86 0.92 -0.93
CA ASP B 290 -16.53 1.90 -1.76
C ASP B 290 -15.87 3.23 -1.63
N LEU B 291 -15.06 3.59 -2.64
CA LEU B 291 -14.51 4.91 -2.69
C LEU B 291 -15.53 5.99 -2.97
N ALA B 292 -16.68 5.64 -3.62
CA ALA B 292 -17.74 6.60 -3.86
C ALA B 292 -18.72 6.66 -2.70
N ALA B 293 -18.36 6.13 -1.52
CA ALA B 293 -19.14 6.19 -0.29
C ALA B 293 -19.73 7.54 0.04
N GLN B 294 -19.01 8.61 -0.21
CA GLN B 294 -19.52 9.95 0.01
C GLN B 294 -20.44 10.42 -1.12
N ASN B 295 -20.24 9.82 -2.30
CA ASN B 295 -20.83 10.23 -3.55
C ASN B 295 -21.77 9.13 -4.03
N GLY B 296 -22.84 8.85 -3.31
CA GLY B 296 -23.87 7.98 -3.81
C GLY B 296 -23.69 6.52 -3.44
N GLY B 297 -22.48 5.97 -3.44
CA GLY B 297 -22.29 4.59 -3.07
C GLY B 297 -22.46 3.65 -4.25
N ASN B 298 -21.43 2.91 -4.66
CA ASN B 298 -21.57 1.92 -5.73
C ASN B 298 -22.24 0.65 -5.21
N CYS B 299 -22.08 0.30 -3.92
CA CYS B 299 -22.71 -0.89 -3.33
C CYS B 299 -24.01 -0.45 -2.64
N GLU B 300 -25.04 -1.27 -2.63
CA GLU B 300 -26.28 -1.05 -1.89
C GLU B 300 -26.13 -1.15 -0.39
N TYR B 301 -25.33 -2.11 0.06
CA TYR B 301 -25.08 -2.27 1.49
C TYR B 301 -24.14 -1.20 2.07
N THR B 302 -23.59 -0.29 1.27
CA THR B 302 -22.71 0.76 1.77
C THR B 302 -23.44 1.65 2.80
N VAL B 303 -22.98 1.48 4.04
CA VAL B 303 -23.26 2.45 5.07
C VAL B 303 -22.30 3.62 4.81
N PRO B 304 -22.65 4.75 4.21
CA PRO B 304 -21.75 5.83 3.92
C PRO B 304 -21.21 6.51 5.18
N GLY B 305 -20.24 5.84 5.79
CA GLY B 305 -19.62 6.29 7.02
C GLY B 305 -18.75 5.19 7.56
N GLU B 306 -19.32 3.97 7.52
CA GLU B 306 -18.79 2.83 8.25
C GLU B 306 -18.68 1.55 7.47
N ILE B 307 -18.22 0.49 8.11
CA ILE B 307 -18.23 -0.84 7.52
C ILE B 307 -19.61 -1.42 7.73
N PHE B 308 -20.13 -2.13 6.74
CA PHE B 308 -21.27 -2.99 7.00
C PHE B 308 -20.78 -4.38 6.62
N THR B 309 -20.63 -5.27 7.58
CA THR B 309 -20.44 -6.67 7.26
C THR B 309 -21.81 -7.32 6.92
N THR B 310 -21.86 -8.14 5.88
CA THR B 310 -23.08 -8.84 5.50
C THR B 310 -23.21 -10.23 6.08
N GLU B 311 -24.27 -10.96 5.80
CA GLU B 311 -24.56 -12.21 6.49
C GLU B 311 -23.62 -13.32 5.97
N ASN B 312 -23.17 -13.23 4.74
CA ASN B 312 -22.17 -14.15 4.17
C ASN B 312 -20.76 -13.69 4.53
N GLY B 313 -20.65 -12.62 5.32
CA GLY B 313 -19.37 -12.13 5.81
C GLY B 313 -18.58 -11.31 4.76
N VAL B 314 -19.28 -10.50 3.98
CA VAL B 314 -18.60 -9.60 3.10
C VAL B 314 -18.58 -8.22 3.70
N LYS B 315 -17.42 -7.59 3.82
CA LYS B 315 -17.29 -6.36 4.54
C LYS B 315 -17.33 -5.19 3.59
N VAL B 316 -18.49 -4.51 3.45
CA VAL B 316 -18.59 -3.33 2.62
C VAL B 316 -18.07 -2.15 3.47
N ILE B 317 -16.83 -1.76 3.24
CA ILE B 317 -16.27 -0.61 3.89
C ILE B 317 -16.72 0.61 3.08
N GLY B 318 -17.66 1.42 3.61
CA GLY B 318 -18.03 2.61 2.86
C GLY B 318 -17.68 3.88 3.62
N TYR B 319 -16.40 4.11 3.90
CA TYR B 319 -16.03 5.27 4.69
C TYR B 319 -15.99 6.51 3.77
N THR B 320 -16.77 7.55 4.12
CA THR B 320 -16.68 8.89 3.54
C THR B 320 -15.27 9.39 3.69
N ASP B 321 -14.79 9.22 4.91
CA ASP B 321 -13.49 9.66 5.37
C ASP B 321 -12.27 8.87 4.87
N LEU B 322 -12.39 8.07 3.80
CA LEU B 322 -11.27 7.30 3.26
C LEU B 322 -10.04 8.14 2.94
N PRO B 323 -10.09 9.34 2.32
CA PRO B 323 -8.96 10.24 2.23
C PRO B 323 -8.51 10.77 3.59
N GLY B 324 -9.43 11.29 4.42
CA GLY B 324 -9.17 11.88 5.74
C GLY B 324 -8.36 11.02 6.67
N ARG B 325 -8.59 9.72 6.56
CA ARG B 325 -7.87 8.74 7.32
C ARG B 325 -6.38 8.57 7.04
N LEU B 326 -5.81 9.23 6.01
CA LEU B 326 -4.43 8.98 5.65
C LEU B 326 -3.66 10.29 5.57
N PRO B 327 -2.65 10.43 6.44
CA PRO B 327 -1.79 11.64 6.48
C PRO B 327 -0.74 11.92 5.41
N THR B 328 0.53 11.53 5.65
CA THR B 328 1.70 12.03 4.91
C THR B 328 1.66 11.87 3.39
N GLN B 329 0.97 10.79 3.00
CA GLN B 329 0.69 10.51 1.59
C GLN B 329 0.04 11.71 0.96
N SER B 330 -1.01 12.19 1.60
CA SER B 330 -1.67 13.42 1.17
C SER B 330 -0.76 14.63 1.24
N SER B 331 -0.07 14.83 2.36
CA SER B 331 0.91 15.91 2.47
C SER B 331 1.92 15.98 1.33
N GLN B 332 2.32 14.83 0.81
CA GLN B 332 3.25 14.76 -0.32
C GLN B 332 2.54 15.06 -1.61
N LEU B 333 1.53 14.23 -1.97
CA LEU B 333 0.85 14.34 -3.22
C LEU B 333 0.14 15.68 -3.33
N TYR B 334 -0.79 15.99 -2.41
CA TYR B 334 -1.56 17.22 -2.49
C TYR B 334 -0.64 18.42 -2.36
N GLY B 335 0.32 18.30 -1.48
CA GLY B 335 1.45 19.22 -1.49
C GLY B 335 2.03 19.54 -2.86
N THR B 336 2.30 18.52 -3.68
CA THR B 336 2.85 18.73 -5.01
C THR B 336 1.78 19.32 -5.93
N ASN B 337 0.52 18.91 -5.75
CA ASN B 337 -0.61 19.48 -6.44
C ASN B 337 -0.66 21.00 -6.22
N LEU B 338 -0.49 21.47 -4.99
CA LEU B 338 -0.50 22.88 -4.67
C LEU B 338 0.71 23.58 -5.30
N VAL B 339 1.86 22.92 -5.25
CA VAL B 339 3.05 23.41 -5.92
C VAL B 339 2.76 23.63 -7.41
N ASN B 340 2.15 22.62 -8.04
CA ASN B 340 1.75 22.67 -9.45
C ASN B 340 0.73 23.75 -9.72
N LEU B 341 -0.18 24.02 -8.75
CA LEU B 341 -1.21 25.06 -8.85
C LEU B 341 -0.57 26.40 -8.89
N LEU B 342 0.20 26.70 -7.86
CA LEU B 342 0.88 27.98 -7.74
C LEU B 342 1.87 28.24 -8.88
N LYS B 343 2.57 27.19 -9.29
CA LYS B 343 3.42 27.19 -10.46
C LYS B 343 2.71 27.61 -11.71
N LEU B 344 1.48 27.09 -11.93
CA LEU B 344 0.76 27.35 -13.16
C LEU B 344 -0.06 28.65 -13.13
N LEU B 345 -0.45 29.10 -11.92
CA LEU B 345 -1.05 30.41 -11.75
C LEU B 345 0.04 31.43 -11.92
N CYS B 346 0.96 31.45 -10.97
CA CYS B 346 2.03 32.45 -10.87
C CYS B 346 3.18 31.95 -11.74
N LYS B 347 3.06 32.02 -13.06
CA LYS B 347 4.02 31.47 -14.03
C LYS B 347 5.33 32.24 -14.01
N GLU B 348 5.27 33.49 -13.53
CA GLU B 348 6.47 34.27 -13.35
C GLU B 348 7.25 33.90 -12.13
N LYS B 349 6.74 33.09 -11.21
CA LYS B 349 7.39 32.60 -10.00
C LYS B 349 7.97 33.74 -9.17
N ASP B 350 7.17 34.78 -9.08
CA ASP B 350 7.46 36.03 -8.41
C ASP B 350 6.69 36.09 -7.12
N GLY B 351 5.41 35.71 -7.20
CA GLY B 351 4.58 35.71 -6.02
C GLY B 351 3.27 36.37 -6.34
N ASN B 352 3.09 37.02 -7.50
CA ASN B 352 1.80 37.58 -7.87
C ASN B 352 0.91 36.49 -8.47
N ILE B 353 -0.23 36.29 -7.80
CA ILE B 353 -1.12 35.23 -8.19
C ILE B 353 -1.72 35.52 -9.54
N THR B 354 -1.07 35.06 -10.59
CA THR B 354 -1.50 35.29 -11.96
C THR B 354 -2.71 34.41 -12.27
N VAL B 355 -3.89 34.99 -12.02
CA VAL B 355 -5.15 34.40 -12.41
C VAL B 355 -5.39 34.81 -13.86
N ASP B 356 -4.87 33.89 -14.66
CA ASP B 356 -5.06 34.00 -16.09
C ASP B 356 -6.46 33.53 -16.42
N PHE B 357 -7.06 34.14 -17.46
CA PHE B 357 -8.40 33.73 -17.82
C PHE B 357 -8.49 32.96 -19.12
N ASP B 358 -7.45 33.03 -19.95
CA ASP B 358 -7.53 32.38 -21.26
C ASP B 358 -7.03 30.96 -21.29
N ASP B 359 -6.29 30.52 -20.28
CA ASP B 359 -6.23 29.08 -20.06
C ASP B 359 -7.44 28.76 -19.24
N VAL B 360 -8.33 27.96 -19.85
CA VAL B 360 -9.58 27.50 -19.27
C VAL B 360 -9.30 26.81 -17.94
N VAL B 361 -8.11 26.27 -17.77
CA VAL B 361 -7.74 25.68 -16.48
C VAL B 361 -7.69 26.74 -15.39
N ILE B 362 -6.99 27.86 -15.60
CA ILE B 362 -6.91 28.86 -14.53
C ILE B 362 -8.26 29.57 -14.33
N ARG B 363 -8.85 29.87 -15.47
CA ARG B 363 -10.21 30.32 -15.55
C ARG B 363 -11.18 29.40 -14.82
N GLY B 364 -11.03 28.07 -14.83
CA GLY B 364 -11.92 27.18 -14.06
C GLY B 364 -11.54 27.11 -12.61
N VAL B 365 -10.29 26.83 -12.29
CA VAL B 365 -9.90 26.55 -10.91
C VAL B 365 -10.12 27.75 -9.99
N THR B 366 -9.92 29.00 -10.47
CA THR B 366 -10.09 30.15 -9.64
C THR B 366 -11.57 30.41 -9.72
N VAL B 367 -12.28 29.79 -8.85
CA VAL B 367 -13.73 29.85 -8.82
C VAL B 367 -14.24 31.22 -8.38
N ILE B 368 -13.47 31.98 -7.60
CA ILE B 368 -13.85 33.33 -7.21
C ILE B 368 -12.54 34.10 -7.31
N ARG B 369 -12.50 35.32 -7.87
CA ARG B 369 -11.29 36.16 -7.80
C ARG B 369 -11.72 37.43 -7.08
N ALA B 370 -11.24 37.55 -5.83
CA ALA B 370 -11.68 38.59 -4.90
C ALA B 370 -13.16 38.96 -4.96
N GLY B 371 -13.94 38.09 -4.37
CA GLY B 371 -15.36 38.36 -4.28
C GLY B 371 -16.15 38.04 -5.53
N GLU B 372 -15.68 38.41 -6.72
CA GLU B 372 -16.35 38.16 -7.97
C GLU B 372 -16.39 36.67 -8.30
N ILE B 373 -17.56 36.07 -8.37
CA ILE B 373 -17.69 34.64 -8.69
C ILE B 373 -17.30 34.43 -10.16
N THR B 374 -16.19 33.78 -10.43
CA THR B 374 -15.86 33.32 -11.77
C THR B 374 -16.39 31.91 -12.15
N TRP B 375 -16.70 31.09 -11.12
CA TRP B 375 -17.28 29.75 -11.31
C TRP B 375 -18.58 29.84 -12.10
N PRO B 376 -18.95 28.84 -12.97
CA PRO B 376 -18.13 27.69 -13.34
C PRO B 376 -17.03 27.98 -14.36
N ALA B 377 -16.40 26.91 -14.81
CA ALA B 377 -15.53 26.95 -15.98
C ALA B 377 -16.42 26.93 -17.25
N PRO B 378 -15.94 27.31 -18.44
CA PRO B 378 -16.58 26.98 -19.73
C PRO B 378 -16.66 25.45 -19.86
N PRO B 379 -17.56 24.79 -20.58
CA PRO B 379 -17.70 23.35 -20.70
C PRO B 379 -16.47 22.62 -21.22
N ILE B 380 -15.84 21.82 -20.40
CA ILE B 380 -14.61 21.15 -20.71
C ILE B 380 -14.87 19.77 -21.29
N GLN B 381 -14.41 19.53 -22.51
CA GLN B 381 -14.49 18.21 -23.12
C GLN B 381 -13.20 17.47 -22.81
N VAL B 382 -13.40 16.28 -22.28
CA VAL B 382 -12.33 15.48 -21.72
C VAL B 382 -12.35 14.14 -22.41
N SER B 383 -11.38 13.79 -23.05
N ALA C 20 19.71 2.77 -34.07
CA ALA C 20 20.31 2.91 -32.78
C ALA C 20 21.78 3.23 -32.86
N GLU C 21 22.52 2.88 -33.94
CA GLU C 21 23.93 3.18 -34.00
C GLU C 21 24.23 4.68 -34.02
N GLU C 22 23.27 5.50 -34.46
CA GLU C 22 23.29 6.95 -34.25
C GLU C 22 23.46 7.28 -32.76
N THR C 23 22.59 6.64 -31.96
CA THR C 23 22.46 6.92 -30.56
C THR C 23 23.74 6.57 -29.84
N ALA C 24 24.35 5.47 -30.27
CA ALA C 24 25.61 5.04 -29.72
C ALA C 24 26.74 6.04 -29.89
N GLU C 25 26.71 6.72 -31.03
CA GLU C 25 27.60 7.82 -31.31
C GLU C 25 27.29 9.04 -30.45
N LEU C 26 26.02 9.46 -30.49
CA LEU C 26 25.57 10.67 -29.82
C LEU C 26 25.73 10.63 -28.31
N LEU C 27 25.39 9.50 -27.64
CA LEU C 27 25.46 9.37 -26.19
C LEU C 27 26.82 9.76 -25.59
N LYS C 28 27.89 9.17 -26.14
CA LYS C 28 29.22 9.52 -25.70
C LYS C 28 29.65 10.95 -26.01
N ASN C 29 29.09 11.58 -27.04
CA ASN C 29 29.26 13.00 -27.32
C ASN C 29 28.47 13.83 -26.31
N SER C 30 27.32 13.30 -25.92
CA SER C 30 26.34 14.08 -25.20
C SER C 30 26.73 14.82 -23.92
N HIS C 31 27.46 14.28 -22.95
CA HIS C 31 27.53 14.74 -21.57
C HIS C 31 26.19 15.14 -20.89
N SER C 32 25.05 15.41 -21.54
CA SER C 32 23.78 15.54 -20.88
C SER C 32 22.80 14.77 -21.75
N VAL C 33 22.08 13.87 -21.10
CA VAL C 33 21.16 12.94 -21.75
C VAL C 33 19.93 12.94 -20.86
N ILE C 34 18.73 13.18 -21.41
CA ILE C 34 17.49 13.04 -20.62
C ILE C 34 16.81 11.79 -21.19
N ILE C 35 16.35 10.88 -20.34
CA ILE C 35 15.53 9.77 -20.76
C ILE C 35 14.08 10.16 -20.46
N THR C 36 13.24 10.26 -21.49
CA THR C 36 11.84 10.52 -21.28
C THR C 36 10.99 9.32 -21.73
N PRO C 37 10.55 8.49 -20.77
CA PRO C 37 9.70 7.33 -21.00
C PRO C 37 8.23 7.63 -21.14
N GLY C 38 7.61 6.83 -21.97
CA GLY C 38 6.19 6.78 -22.01
C GLY C 38 5.78 5.45 -22.66
N TYR C 39 5.03 4.66 -21.87
CA TYR C 39 4.56 3.29 -22.23
C TYR C 39 5.72 2.29 -22.46
N GLY C 40 6.55 2.42 -23.52
CA GLY C 40 7.53 1.39 -23.92
C GLY C 40 8.41 0.85 -22.82
N MET C 41 8.89 1.74 -21.95
CA MET C 41 9.73 1.40 -20.81
C MET C 41 9.19 0.23 -20.00
N ALA C 42 7.90 0.33 -19.71
CA ALA C 42 7.22 -0.70 -18.93
C ALA C 42 6.89 -1.90 -19.83
N VAL C 43 6.14 -1.66 -20.94
CA VAL C 43 5.57 -2.74 -21.70
C VAL C 43 6.56 -3.74 -22.38
N ALA C 44 7.75 -3.28 -22.76
CA ALA C 44 8.71 -4.16 -23.40
C ALA C 44 9.73 -4.59 -22.38
N GLN C 45 9.45 -4.48 -21.08
CA GLN C 45 10.45 -4.42 -20.01
C GLN C 45 11.73 -3.66 -20.44
N ALA C 46 11.50 -2.50 -21.05
CA ALA C 46 12.62 -1.72 -21.61
C ALA C 46 13.52 -1.13 -20.56
N GLN C 47 13.00 -0.98 -19.34
CA GLN C 47 13.79 -0.49 -18.24
C GLN C 47 15.04 -1.28 -17.91
N TYR C 48 14.97 -2.61 -18.00
CA TYR C 48 16.13 -3.47 -17.79
C TYR C 48 17.32 -3.20 -18.74
N PRO C 49 17.16 -2.95 -20.06
CA PRO C 49 18.21 -2.37 -20.91
C PRO C 49 18.50 -0.94 -20.52
N VAL C 50 17.46 -0.13 -20.18
CA VAL C 50 17.71 1.25 -19.81
C VAL C 50 18.65 1.32 -18.59
N ALA C 51 18.59 0.36 -17.65
CA ALA C 51 19.49 0.29 -16.52
C ALA C 51 20.90 0.15 -17.08
N GLU C 52 21.09 -0.84 -17.94
CA GLU C 52 22.41 -1.08 -18.51
C GLU C 52 23.04 0.14 -19.22
N ILE C 53 22.26 0.96 -19.92
CA ILE C 53 22.79 2.12 -20.57
C ILE C 53 23.02 3.25 -19.59
N THR C 54 22.05 3.51 -18.68
CA THR C 54 22.18 4.57 -17.68
C THR C 54 23.38 4.32 -16.82
N GLU C 55 23.71 3.05 -16.52
CA GLU C 55 24.78 2.67 -15.64
C GLU C 55 26.08 3.24 -16.20
N LYS C 56 26.40 2.99 -17.47
CA LYS C 56 27.65 3.49 -18.00
C LYS C 56 27.61 4.98 -18.28
N LEU C 57 26.47 5.55 -18.67
CA LEU C 57 26.36 7.02 -18.82
C LEU C 57 26.62 7.72 -17.48
N ARG C 58 26.10 7.21 -16.36
CA ARG C 58 26.35 7.85 -15.09
C ARG C 58 27.73 7.53 -14.57
N ALA C 59 28.27 6.34 -14.95
CA ALA C 59 29.63 5.96 -14.64
C ALA C 59 30.61 6.87 -15.37
N ARG C 60 30.28 7.33 -16.59
CA ARG C 60 31.10 8.30 -17.29
C ARG C 60 30.85 9.71 -16.77
N GLY C 61 30.00 9.89 -15.74
CA GLY C 61 29.75 11.19 -15.14
C GLY C 61 28.98 12.09 -16.08
N ILE C 62 28.05 11.47 -16.83
CA ILE C 62 27.18 12.20 -17.75
C ILE C 62 25.99 12.71 -16.93
N ASN C 63 25.53 13.95 -17.17
CA ASN C 63 24.23 14.41 -16.66
C ASN C 63 23.12 13.65 -17.36
N VAL C 64 22.93 12.39 -16.95
CA VAL C 64 21.83 11.59 -17.46
C VAL C 64 20.74 11.72 -16.42
N ARG C 65 19.63 12.27 -16.85
CA ARG C 65 18.56 12.58 -15.94
C ARG C 65 17.27 11.93 -16.42
N PHE C 66 16.40 11.45 -15.56
CA PHE C 66 15.22 10.77 -16.00
C PHE C 66 13.99 11.65 -15.99
N GLY C 67 13.64 12.21 -17.16
CA GLY C 67 12.51 13.11 -17.29
C GLY C 67 11.23 12.30 -17.46
N ILE C 68 10.71 11.88 -16.34
CA ILE C 68 9.48 11.12 -16.30
C ILE C 68 8.26 12.02 -16.48
N HIS C 69 7.60 11.83 -17.62
CA HIS C 69 6.27 12.36 -17.84
C HIS C 69 5.33 11.31 -17.27
N PRO C 70 4.96 11.28 -15.97
CA PRO C 70 4.32 10.16 -15.31
C PRO C 70 3.12 9.51 -15.99
N VAL C 71 2.18 10.36 -16.32
CA VAL C 71 0.97 9.99 -17.00
C VAL C 71 1.45 9.90 -18.48
N ALA C 72 1.85 8.69 -18.85
CA ALA C 72 2.28 8.42 -20.20
C ALA C 72 2.10 6.97 -20.61
N GLY C 73 1.07 6.82 -21.42
CA GLY C 73 0.76 5.52 -21.98
C GLY C 73 -0.13 4.79 -20.99
N ARG C 74 0.46 3.92 -20.17
CA ARG C 74 -0.35 3.03 -19.36
C ARG C 74 0.04 3.08 -17.90
N LEU C 75 -0.88 3.63 -17.10
CA LEU C 75 -0.71 3.97 -15.71
C LEU C 75 0.20 5.19 -15.52
N PRO C 76 -0.18 6.14 -14.68
CA PRO C 76 0.71 7.17 -14.23
C PRO C 76 1.81 6.51 -13.37
N GLY C 77 3.04 6.76 -13.79
CA GLY C 77 4.20 6.41 -12.99
C GLY C 77 4.57 4.92 -13.04
N HIS C 78 3.87 4.17 -13.86
CA HIS C 78 4.10 2.75 -14.06
C HIS C 78 5.54 2.42 -14.45
N MET C 79 6.16 3.36 -15.17
CA MET C 79 7.58 3.25 -15.48
C MET C 79 8.47 3.26 -14.23
N ASN C 80 8.20 4.14 -13.29
CA ASN C 80 8.98 4.29 -12.08
C ASN C 80 8.83 3.03 -11.22
N VAL C 81 7.60 2.46 -11.23
CA VAL C 81 7.27 1.25 -10.49
C VAL C 81 8.15 0.11 -10.98
N LEU C 82 8.37 -0.07 -12.29
CA LEU C 82 9.30 -1.06 -12.78
C LEU C 82 10.74 -0.56 -12.75
N LEU C 83 10.99 0.74 -12.65
CA LEU C 83 12.32 1.34 -12.57
C LEU C 83 13.03 0.87 -11.31
N ALA C 84 12.30 0.64 -10.24
CA ALA C 84 12.83 -0.01 -9.07
C ALA C 84 13.48 -1.38 -9.32
N GLU C 85 13.00 -2.18 -10.25
CA GLU C 85 13.69 -3.36 -10.75
C GLU C 85 14.96 -3.03 -11.55
N ALA C 86 14.82 -2.05 -12.43
CA ALA C 86 15.92 -1.52 -13.25
C ALA C 86 17.03 -0.82 -12.45
N LYS C 87 16.81 -0.53 -11.16
CA LYS C 87 17.86 -0.07 -10.23
C LYS C 87 18.43 1.29 -10.60
N VAL C 88 17.64 2.06 -11.35
CA VAL C 88 18.02 3.43 -11.63
C VAL C 88 17.54 4.27 -10.42
N PRO C 89 18.46 4.98 -9.75
CA PRO C 89 18.21 5.88 -8.64
C PRO C 89 17.12 6.90 -8.89
N TYR C 90 16.10 6.93 -7.99
CA TYR C 90 15.01 7.92 -8.14
C TYR C 90 15.45 9.38 -8.03
N ASP C 91 16.66 9.62 -7.48
CA ASP C 91 17.22 10.94 -7.35
C ASP C 91 17.42 11.61 -8.69
N ILE C 92 17.86 10.91 -9.74
CA ILE C 92 17.93 11.47 -11.06
C ILE C 92 16.61 11.64 -11.82
N VAL C 93 15.53 11.07 -11.27
CA VAL C 93 14.22 11.09 -11.90
C VAL C 93 13.54 12.37 -11.46
N LEU C 94 13.19 13.15 -12.47
CA LEU C 94 12.31 14.29 -12.33
C LEU C 94 10.94 13.92 -12.89
N GLU C 95 10.03 13.52 -11.98
CA GLU C 95 8.69 13.11 -12.32
C GLU C 95 7.87 14.40 -12.49
N MET C 96 7.77 14.90 -13.73
CA MET C 96 7.02 16.08 -14.12
C MET C 96 7.45 17.31 -13.35
N ASP C 97 8.72 17.32 -12.96
CA ASP C 97 9.37 18.46 -12.33
C ASP C 97 10.00 19.27 -13.46
N GLU C 98 10.52 20.47 -13.12
CA GLU C 98 11.18 21.33 -14.10
C GLU C 98 12.49 20.77 -14.62
N ILE C 99 12.27 19.98 -15.67
CA ILE C 99 13.34 19.37 -16.45
C ILE C 99 13.54 20.15 -17.75
N ASN C 100 12.88 21.31 -17.94
CA ASN C 100 12.84 22.07 -19.22
C ASN C 100 14.21 22.49 -19.68
N ASP C 101 14.98 23.06 -18.76
CA ASP C 101 16.27 23.62 -19.12
C ASP C 101 17.35 22.52 -19.22
N ASP C 102 17.17 21.44 -18.44
CA ASP C 102 17.96 20.27 -18.62
C ASP C 102 17.74 19.61 -19.96
N PHE C 103 16.54 19.68 -20.54
CA PHE C 103 16.29 19.28 -21.89
C PHE C 103 17.07 20.15 -22.87
N ALA C 104 16.98 21.45 -22.68
CA ALA C 104 17.74 22.36 -23.53
C ALA C 104 19.24 22.16 -23.42
N ASP C 105 19.71 21.70 -22.28
CA ASP C 105 21.12 21.36 -22.06
C ASP C 105 21.52 20.08 -22.81
N THR C 106 20.59 19.14 -22.74
CA THR C 106 20.81 17.81 -23.28
C THR C 106 21.11 17.76 -24.79
N ASP C 107 22.00 16.82 -25.11
CA ASP C 107 22.34 16.54 -26.49
C ASP C 107 21.43 15.43 -26.99
N THR C 108 21.51 14.24 -26.41
CA THR C 108 20.70 13.11 -26.84
C THR C 108 19.62 12.79 -25.82
N VAL C 109 18.39 12.75 -26.35
CA VAL C 109 17.23 12.48 -25.54
C VAL C 109 16.76 11.11 -25.92
N LEU C 110 16.75 10.24 -24.91
CA LEU C 110 16.26 8.88 -25.09
C LEU C 110 14.78 8.80 -24.78
N VAL C 111 13.96 8.99 -25.81
CA VAL C 111 12.50 9.04 -25.66
C VAL C 111 12.02 7.62 -25.83
N ILE C 112 11.76 7.01 -24.66
CA ILE C 112 11.47 5.60 -24.66
C ILE C 112 10.04 5.35 -25.06
N GLY C 113 9.90 5.03 -26.35
CA GLY C 113 8.59 4.75 -26.92
C GLY C 113 7.87 6.08 -27.06
N ALA C 114 7.00 6.25 -26.08
CA ALA C 114 6.43 7.56 -25.75
C ALA C 114 5.67 8.46 -26.67
N ASN C 115 6.23 8.86 -27.82
CA ASN C 115 5.68 9.90 -28.69
C ASN C 115 4.76 10.99 -28.12
N ASP C 116 3.44 10.79 -27.88
CA ASP C 116 2.52 11.81 -27.39
C ASP C 116 2.82 12.31 -26.00
N THR C 117 3.61 11.54 -25.28
CA THR C 117 4.23 11.92 -23.99
C THR C 117 4.84 13.33 -24.05
N VAL C 118 5.42 13.72 -25.20
CA VAL C 118 6.04 14.99 -25.42
C VAL C 118 5.52 15.69 -26.65
N ASN C 119 4.35 15.35 -27.15
CA ASN C 119 3.75 15.99 -28.32
C ASN C 119 3.24 17.40 -27.99
N PRO C 120 3.87 18.48 -28.45
CA PRO C 120 3.56 19.84 -28.08
C PRO C 120 2.14 20.27 -28.31
N ALA C 121 1.52 19.62 -29.31
CA ALA C 121 0.12 19.88 -29.59
C ALA C 121 -0.75 19.67 -28.37
N ALA C 122 -0.46 18.66 -27.59
CA ALA C 122 -1.23 18.41 -26.37
C ALA C 122 -1.29 19.53 -25.34
N GLN C 123 -0.30 20.45 -25.38
CA GLN C 123 -0.46 21.64 -24.59
C GLN C 123 -0.90 22.84 -25.42
N ASP C 124 -0.31 23.09 -26.59
CA ASP C 124 -0.62 24.34 -27.27
C ASP C 124 -1.97 24.29 -27.97
N ASP C 125 -2.38 23.09 -28.43
CA ASP C 125 -3.51 22.89 -29.28
C ASP C 125 -4.57 22.25 -28.40
N PRO C 126 -5.60 22.93 -27.89
CA PRO C 126 -6.71 22.30 -27.20
C PRO C 126 -7.42 21.22 -28.00
N LYS C 127 -7.60 21.41 -29.32
CA LYS C 127 -8.25 20.45 -30.22
C LYS C 127 -7.68 19.05 -30.17
N SER C 128 -6.44 18.88 -29.71
CA SER C 128 -5.86 17.59 -29.48
C SER C 128 -6.78 16.64 -28.68
N PRO C 129 -6.89 15.39 -29.13
CA PRO C 129 -7.58 14.33 -28.44
C PRO C 129 -7.15 14.01 -27.03
N ILE C 130 -5.83 14.10 -26.81
CA ILE C 130 -5.33 14.06 -25.42
C ILE C 130 -5.55 15.40 -24.76
N ALA C 131 -6.55 15.39 -23.90
CA ALA C 131 -7.10 16.59 -23.32
C ALA C 131 -6.08 17.31 -22.45
N GLY C 132 -5.74 18.51 -22.93
CA GLY C 132 -4.78 19.45 -22.33
C GLY C 132 -3.67 18.78 -21.54
N MET C 133 -2.74 18.08 -22.18
CA MET C 133 -1.68 17.44 -21.45
C MET C 133 -0.41 18.26 -21.42
N PRO C 134 0.14 18.54 -20.21
CA PRO C 134 1.47 19.11 -20.00
C PRO C 134 2.46 18.09 -20.46
N VAL C 135 2.66 18.07 -21.75
CA VAL C 135 3.71 17.30 -22.41
C VAL C 135 5.05 17.93 -22.07
N LEU C 136 5.99 17.07 -21.79
CA LEU C 136 7.21 17.47 -21.16
C LEU C 136 8.21 18.11 -22.14
N GLU C 137 8.05 19.40 -22.40
CA GLU C 137 9.01 20.32 -22.93
C GLU C 137 10.03 20.09 -24.09
N VAL C 138 10.50 18.88 -24.41
CA VAL C 138 11.72 18.64 -25.17
C VAL C 138 11.67 18.91 -26.67
N TRP C 139 10.65 19.63 -27.14
CA TRP C 139 10.57 19.99 -28.55
C TRP C 139 11.67 21.00 -28.85
N LYS C 140 12.24 20.83 -30.06
CA LYS C 140 13.49 21.44 -30.54
C LYS C 140 14.70 21.38 -29.60
N ALA C 141 14.71 20.41 -28.67
CA ALA C 141 15.85 20.29 -27.77
C ALA C 141 16.79 19.16 -28.24
N GLN C 142 17.45 19.48 -29.36
CA GLN C 142 18.52 18.63 -29.86
C GLN C 142 18.06 17.23 -30.33
N ASN C 143 18.79 16.15 -29.98
CA ASN C 143 18.50 14.89 -30.63
C ASN C 143 17.39 14.20 -29.89
N VAL C 144 16.16 14.52 -30.22
CA VAL C 144 15.02 14.02 -29.46
C VAL C 144 14.71 12.71 -30.16
N ILE C 145 15.35 11.62 -29.73
CA ILE C 145 15.24 10.34 -30.40
C ILE C 145 14.07 9.60 -29.80
N VAL C 146 12.96 9.71 -30.53
CA VAL C 146 11.76 9.03 -30.07
C VAL C 146 11.83 7.61 -30.60
N PHE C 147 12.15 6.61 -29.78
CA PHE C 147 12.20 5.22 -30.22
C PHE C 147 10.79 4.75 -30.57
N LYS C 148 10.42 4.89 -31.84
CA LYS C 148 9.12 4.47 -32.31
C LYS C 148 9.28 3.40 -33.38
N ARG C 149 8.90 2.15 -33.05
CA ARG C 149 9.04 0.97 -33.91
C ARG C 149 8.18 1.14 -35.16
N SER C 150 7.01 1.74 -35.07
CA SER C 150 6.14 1.93 -36.20
C SER C 150 5.58 3.35 -36.01
N MET C 151 5.48 4.16 -37.04
CA MET C 151 4.79 5.42 -36.99
C MET C 151 3.27 5.17 -37.06
N ASN C 152 2.74 5.19 -35.84
CA ASN C 152 1.29 5.03 -35.61
C ASN C 152 0.85 5.98 -34.51
N THR C 153 -0.43 6.39 -34.55
CA THR C 153 -1.04 7.23 -33.54
C THR C 153 -1.07 6.44 -32.23
N GLY C 154 -0.39 7.04 -31.26
CA GLY C 154 -0.49 6.62 -29.90
C GLY C 154 -1.77 7.17 -29.33
N TYR C 155 -1.58 8.05 -28.35
CA TYR C 155 -2.76 8.68 -27.71
C TYR C 155 -3.35 9.84 -28.49
N ALA C 156 -2.56 10.84 -28.86
CA ALA C 156 -3.06 11.98 -29.64
C ALA C 156 -2.84 11.68 -31.12
N GLY C 157 -1.58 11.49 -31.45
CA GLY C 157 -1.12 11.28 -32.82
C GLY C 157 -1.52 12.39 -33.73
N VAL C 158 -1.32 13.62 -33.26
CA VAL C 158 -1.68 14.82 -33.98
C VAL C 158 -0.49 15.74 -34.18
N GLN C 159 -0.67 16.57 -35.20
CA GLN C 159 0.25 17.60 -35.65
C GLN C 159 1.16 18.33 -34.67
N ASN C 160 2.46 18.25 -34.98
CA ASN C 160 3.55 18.78 -34.21
C ASN C 160 4.83 18.75 -35.02
N PRO C 161 5.91 19.48 -34.67
CA PRO C 161 7.23 19.33 -35.26
C PRO C 161 8.03 18.12 -34.78
N LEU C 162 7.89 17.78 -33.50
CA LEU C 162 8.75 16.84 -32.80
C LEU C 162 8.81 15.45 -33.43
N PHE C 163 7.73 14.90 -34.01
CA PHE C 163 7.79 13.59 -34.63
C PHE C 163 8.57 13.58 -35.93
N PHE C 164 8.57 14.74 -36.59
CA PHE C 164 8.93 14.85 -38.00
C PHE C 164 10.33 15.40 -38.25
N LYS C 165 10.94 16.07 -37.26
CA LYS C 165 12.18 16.78 -37.54
C LYS C 165 13.35 15.82 -37.72
N GLU C 166 14.54 16.36 -37.92
CA GLU C 166 15.66 15.59 -38.43
C GLU C 166 16.41 14.97 -37.27
N ASN C 167 17.00 15.77 -36.38
CA ASN C 167 17.55 15.25 -35.14
C ASN C 167 16.52 15.18 -34.05
N THR C 168 15.47 16.00 -34.07
CA THR C 168 14.30 15.78 -33.22
C THR C 168 13.37 14.89 -34.03
N HIS C 169 13.50 13.59 -33.87
CA HIS C 169 13.02 12.61 -34.80
C HIS C 169 12.57 11.34 -34.09
N MET C 170 11.45 10.77 -34.49
CA MET C 170 11.17 9.42 -34.15
C MET C 170 12.12 8.50 -34.90
N LEU C 171 13.08 7.90 -34.22
CA LEU C 171 13.94 6.88 -34.80
C LEU C 171 13.20 5.57 -34.80
N PHE C 172 13.22 4.95 -35.97
CA PHE C 172 12.32 3.83 -36.19
C PHE C 172 12.90 2.54 -35.60
N GLY C 173 12.64 2.34 -34.31
CA GLY C 173 13.21 1.26 -33.51
C GLY C 173 12.43 1.05 -32.24
N ASP C 174 12.45 -0.22 -31.79
CA ASP C 174 11.81 -0.62 -30.54
C ASP C 174 12.53 -0.04 -29.32
N ALA C 175 11.80 0.22 -28.25
CA ALA C 175 12.32 0.87 -27.05
C ALA C 175 13.30 -0.07 -26.38
N LYS C 176 12.93 -1.31 -26.12
CA LYS C 176 13.84 -2.27 -25.51
C LYS C 176 14.93 -2.55 -26.55
N ALA C 177 14.59 -2.95 -27.77
CA ALA C 177 15.60 -3.35 -28.77
C ALA C 177 16.69 -2.33 -29.05
N SER C 178 16.34 -1.11 -29.43
CA SER C 178 17.37 -0.09 -29.71
C SER C 178 18.24 0.18 -28.47
N VAL C 179 17.66 0.18 -27.26
CA VAL C 179 18.46 0.34 -26.02
C VAL C 179 19.34 -0.89 -25.81
N ASP C 180 18.83 -2.08 -26.13
CA ASP C 180 19.56 -3.36 -26.12
C ASP C 180 20.76 -3.28 -27.07
N ALA C 181 20.60 -2.63 -28.22
CA ALA C 181 21.74 -2.40 -29.11
C ALA C 181 22.77 -1.54 -28.41
N ILE C 182 22.41 -0.38 -27.85
CA ILE C 182 23.36 0.55 -27.25
C ILE C 182 23.87 0.10 -25.87
N LEU C 183 23.22 -0.78 -25.13
CA LEU C 183 23.52 -1.04 -23.72
C LEU C 183 24.94 -1.49 -23.42
N LYS C 184 25.46 -2.43 -24.22
CA LYS C 184 26.87 -2.72 -24.16
C LYS C 184 27.64 -1.94 -25.24
N ALA C 185 26.95 -1.36 -26.24
CA ALA C 185 27.68 -0.68 -27.32
C ALA C 185 28.12 0.70 -26.91
N LEU C 186 27.14 1.64 -26.87
CA LEU C 186 27.33 3.06 -26.69
C LEU C 186 28.60 3.69 -27.32
PA NAD D . -12.87 9.80 -10.05
O1A NAD D . -12.28 9.96 -8.70
O2A NAD D . -13.88 10.77 -10.53
O5B NAD D . -13.49 8.31 -10.15
C5B NAD D . -12.67 7.18 -10.48
C4B NAD D . -13.06 6.59 -11.83
O4B NAD D . -14.40 6.09 -11.84
C3B NAD D . -13.07 7.65 -12.93
O3B NAD D . -11.79 7.89 -13.51
C2B NAD D . -14.00 7.06 -13.98
O2B NAD D . -13.27 6.67 -15.16
C1B NAD D . -14.65 5.88 -13.25
N9A NAD D . -16.06 5.70 -13.56
C8A NAD D . -16.98 6.65 -13.77
N7A NAD D . -18.21 6.13 -13.94
C5A NAD D . -18.00 4.82 -13.84
C6A NAD D . -19.00 3.90 -13.91
N6A NAD D . -20.28 4.26 -13.85
N1A NAD D . -18.63 2.61 -13.72
C2A NAD D . -17.34 2.27 -13.49
N3A NAD D . -16.38 3.21 -13.44
C4A NAD D . -16.68 4.51 -13.60
O3 NAD D . -11.71 9.82 -11.17
PN NAD D . -10.10 9.81 -11.18
O1N NAD D . -9.62 9.43 -12.52
O2N NAD D . -9.58 8.99 -10.06
O5D NAD D . -9.65 11.34 -10.92
C5D NAD D . -10.50 12.46 -11.22
C4D NAD D . -10.78 12.76 -12.68
O4D NAD D . -9.72 12.36 -13.55
C3D NAD D . -12.00 12.07 -13.25
O3D NAD D . -13.23 12.70 -12.96
C2D NAD D . -11.73 12.02 -14.73
O2D NAD D . -12.63 12.89 -15.47
C1D NAD D . -10.31 12.52 -14.84
N1N NAD D . -9.55 11.86 -15.92
C2N NAD D . -8.78 12.66 -16.79
C3N NAD D . -7.92 12.11 -17.72
C7N NAD D . -7.00 12.94 -18.61
O7N NAD D . -6.28 12.40 -19.45
N7N NAD D . -7.03 14.25 -18.42
C4N NAD D . -7.81 10.72 -17.77
C5N NAD D . -8.57 9.89 -16.90
C6N NAD D . -9.44 10.47 -15.98
HO3A NAD D . -11.89 7.82 -14.54
HO2A NAD D . -13.42 5.68 -15.28
H61A NAD D . -20.95 3.52 -13.89
H62A NAD D . -20.51 5.23 -13.74
HO3N NAD D . -13.57 13.09 -13.83
HO2N NAD D . -12.67 12.60 -16.43
H71N NAD D . -7.65 14.69 -17.78
H72N NAD D . -6.44 14.80 -19.01
PA NAP E . 0.37 5.04 -25.81
O1A NAP E . -0.54 5.82 -26.68
O2A NAP E . -0.21 4.03 -24.88
O5B NAP E . 1.56 4.40 -26.66
C5B NAP E . 2.18 5.19 -27.69
C4B NAP E . 3.23 4.41 -28.47
O4B NAP E . 4.22 3.75 -27.66
C3B NAP E . 2.71 3.32 -29.41
O3B NAP E . 2.20 3.89 -30.61
C2B NAP E . 3.90 2.45 -29.66
O2B NAP E . 4.37 2.66 -30.98
C1B NAP E . 4.91 2.92 -28.65
N9A NAP E . 5.67 1.82 -28.02
C8A NAP E . 5.22 0.88 -27.16
N7A NAP E . 6.16 -0.02 -26.89
C5A NAP E . 7.18 0.37 -27.63
C6A NAP E . 8.29 -0.41 -27.95
N6A NAP E . 8.42 -1.65 -27.49
N1A NAP E . 9.09 0.06 -28.95
C2A NAP E . 8.82 1.19 -29.61
N3A NAP E . 7.74 1.90 -29.35
C4A NAP E . 6.89 1.50 -28.37
O3 NAP E . 1.19 6.07 -24.88
PN NAP E . 1.84 7.52 -25.05
O1N NAP E . 1.98 7.92 -26.45
O2N NAP E . 3.02 7.56 -24.18
O5D NAP E . 0.67 8.45 -24.44
C5D NAP E . 0.94 9.53 -23.55
C4D NAP E . -0.37 10.18 -23.18
O4D NAP E . -1.34 9.21 -22.76
C3D NAP E . -0.23 11.16 -22.06
O3D NAP E . 0.24 12.44 -22.45
C2D NAP E . -1.68 11.27 -21.65
O2D NAP E . -2.33 12.34 -22.30
C1D NAP E . -2.37 9.98 -22.09
N1N NAP E . -2.98 9.25 -20.96
C2N NAP E . -2.22 8.36 -20.19
C3N NAP E . -2.80 7.63 -19.15
C7N NAP E . -1.96 6.74 -18.19
O7N NAP E . -2.51 6.02 -17.35
N7N NAP E . -0.65 6.87 -18.28
C4N NAP E . -4.16 7.78 -18.92
C5N NAP E . -4.94 8.67 -19.69
C6N NAP E . -4.35 9.39 -20.71
P2B NAP E . 5.10 1.46 -31.82
O1X NAP E . 6.40 2.06 -32.16
O2X NAP E . 4.27 1.10 -32.94
O3X NAP E . 5.22 0.39 -30.81
HO3A NAP E . 1.54 3.22 -31.01
H61A NAP E . 7.70 -2.04 -26.96
H62A NAP E . 9.23 -2.20 -27.72
HO3N NAP E . -0.50 12.86 -22.97
HO2N NAP E . -3.27 12.50 -21.98
H71N NAP E . -0.27 7.40 -19.03
H72N NAP E . -0.03 6.37 -17.64
N HIS A 7 -12.96 -40.88 19.71
CA HIS A 7 -13.09 -41.58 18.43
C HIS A 7 -12.48 -40.59 17.46
N GLY A 8 -11.99 -41.05 16.30
CA GLY A 8 -11.17 -40.26 15.41
C GLY A 8 -11.95 -39.12 14.75
N ARG A 9 -12.14 -38.09 15.54
CA ARG A 9 -12.79 -36.89 15.17
C ARG A 9 -11.76 -35.81 15.52
N ILE A 10 -11.59 -34.76 14.73
CA ILE A 10 -10.81 -33.63 15.14
C ILE A 10 -11.83 -32.53 15.45
N GLY A 11 -11.73 -31.97 16.64
CA GLY A 11 -12.49 -30.79 16.96
C GLY A 11 -11.71 -29.53 16.68
N ILE A 12 -12.42 -28.56 16.08
CA ILE A 12 -11.92 -27.22 15.85
C ILE A 12 -12.72 -26.36 16.82
N PRO A 13 -12.21 -25.97 17.99
CA PRO A 13 -12.86 -25.07 18.92
C PRO A 13 -12.69 -23.61 18.53
N ARG A 14 -13.76 -22.86 18.80
CA ARG A 14 -13.76 -21.42 18.71
C ARG A 14 -13.01 -20.87 19.92
N GLU A 15 -12.44 -19.66 19.82
CA GLU A 15 -11.69 -19.14 20.96
C GLU A 15 -12.44 -18.46 22.06
N ARG A 16 -11.88 -18.67 23.26
CA ARG A 16 -12.23 -17.90 24.43
C ARG A 16 -11.47 -16.60 24.47
N LEU A 17 -10.25 -16.58 23.91
CA LEU A 17 -9.37 -15.43 23.83
C LEU A 17 -10.06 -14.20 23.32
N THR A 18 -9.80 -13.06 23.99
CA THR A 18 -10.42 -11.79 23.67
C THR A 18 -9.86 -11.34 22.30
N ASN A 19 -10.73 -10.66 21.58
CA ASN A 19 -10.48 -10.08 20.27
C ASN A 19 -10.21 -11.12 19.17
N GLU A 20 -9.87 -12.38 19.48
CA GLU A 20 -9.30 -13.35 18.56
C GLU A 20 -10.31 -13.79 17.52
N THR A 21 -10.06 -13.41 16.27
CA THR A 21 -10.88 -13.88 15.15
C THR A 21 -10.29 -15.08 14.44
N ARG A 22 -9.05 -15.48 14.66
CA ARG A 22 -8.50 -16.64 14.00
C ARG A 22 -9.09 -17.86 14.70
N VAL A 23 -9.51 -18.84 13.93
CA VAL A 23 -9.84 -20.11 14.51
C VAL A 23 -8.73 -21.09 14.06
N ALA A 24 -8.81 -22.35 14.43
CA ALA A 24 -7.76 -23.32 14.13
C ALA A 24 -7.70 -23.63 12.64
N ALA A 25 -8.86 -24.02 12.07
CA ALA A 25 -8.92 -24.49 10.71
C ALA A 25 -10.10 -23.90 9.95
N THR A 26 -9.87 -23.57 8.69
CA THR A 26 -10.90 -23.13 7.76
C THR A 26 -11.69 -24.33 7.18
N PRO A 27 -12.83 -24.20 6.52
CA PRO A 27 -13.50 -25.33 5.81
C PRO A 27 -12.58 -26.11 4.84
N LYS A 28 -11.71 -25.36 4.15
CA LYS A 28 -10.68 -25.94 3.29
C LYS A 28 -9.78 -26.90 4.05
N THR A 29 -9.27 -26.47 5.22
CA THR A 29 -8.37 -27.34 5.97
C THR A 29 -9.12 -28.48 6.64
N VAL A 30 -10.31 -28.18 7.18
CA VAL A 30 -11.24 -29.18 7.68
C VAL A 30 -11.52 -30.28 6.66
N GLU A 31 -11.71 -29.88 5.41
CA GLU A 31 -12.01 -30.78 4.30
C GLU A 31 -10.87 -31.78 4.14
N GLN A 32 -9.61 -31.33 4.22
CA GLN A 32 -8.43 -32.14 4.08
C GLN A 32 -8.29 -33.09 5.28
N LEU A 33 -8.60 -32.59 6.50
CA LEU A 33 -8.70 -33.39 7.70
C LEU A 33 -9.65 -34.54 7.55
N LEU A 34 -10.83 -34.28 7.00
CA LEU A 34 -11.75 -35.33 6.60
C LEU A 34 -11.12 -36.28 5.61
N LYS A 35 -10.40 -35.76 4.62
CA LYS A 35 -9.64 -36.57 3.64
C LYS A 35 -8.57 -37.43 4.27
N LEU A 36 -8.11 -37.14 5.49
CA LEU A 36 -7.33 -38.11 6.28
C LEU A 36 -8.16 -39.21 6.96
N GLY A 37 -9.36 -39.52 6.45
CA GLY A 37 -10.23 -40.50 7.10
C GLY A 37 -10.80 -40.01 8.42
N PHE A 38 -10.74 -38.73 8.79
CA PHE A 38 -11.25 -38.33 10.09
C PHE A 38 -12.68 -37.90 10.00
N THR A 39 -13.39 -37.92 11.11
CA THR A 39 -14.59 -37.13 11.26
C THR A 39 -14.06 -35.79 11.78
N VAL A 40 -14.78 -34.69 11.55
CA VAL A 40 -14.36 -33.39 12.04
C VAL A 40 -15.55 -32.70 12.64
N ALA A 41 -15.42 -32.13 13.85
CA ALA A 41 -16.46 -31.29 14.42
C ALA A 41 -15.92 -29.88 14.60
N VAL A 42 -16.72 -28.83 14.40
CA VAL A 42 -16.29 -27.45 14.56
C VAL A 42 -17.28 -26.74 15.47
N GLU A 43 -16.80 -25.93 16.41
CA GLU A 43 -17.69 -25.13 17.25
C GLU A 43 -18.25 -24.00 16.41
N SER A 44 -19.58 -23.94 16.26
CA SER A 44 -20.23 -23.01 15.34
C SER A 44 -19.96 -21.56 15.78
N GLY A 45 -19.81 -20.70 14.78
CA GLY A 45 -19.33 -19.36 15.06
C GLY A 45 -17.93 -19.25 14.49
N ALA A 46 -17.18 -20.36 14.48
CA ALA A 46 -15.83 -20.36 13.92
C ALA A 46 -15.75 -19.80 12.50
N GLY A 47 -16.75 -20.00 11.62
CA GLY A 47 -16.81 -19.38 10.30
C GLY A 47 -16.85 -17.87 10.38
N GLN A 48 -17.73 -17.39 11.24
CA GLN A 48 -17.91 -15.95 11.46
C GLN A 48 -16.70 -15.30 12.08
N LEU A 49 -15.95 -16.04 12.90
CA LEU A 49 -14.65 -15.58 13.36
C LEU A 49 -13.68 -15.54 12.21
N ALA A 50 -13.35 -16.72 11.67
CA ALA A 50 -12.31 -16.86 10.69
C ALA A 50 -12.68 -16.18 9.39
N SER A 51 -13.88 -15.66 9.26
CA SER A 51 -14.38 -14.94 8.10
C SER A 51 -14.41 -15.85 6.89
N PHE A 52 -15.38 -16.71 7.04
CA PHE A 52 -15.61 -17.83 6.20
C PHE A 52 -17.09 -18.12 6.44
N ASP A 53 -17.73 -18.74 5.47
CA ASP A 53 -19.07 -19.21 5.69
C ASP A 53 -19.05 -20.36 6.68
N ASP A 54 -19.81 -20.22 7.77
CA ASP A 54 -19.99 -21.25 8.79
C ASP A 54 -20.61 -22.54 8.22
N LYS A 55 -21.70 -22.42 7.45
CA LYS A 55 -22.31 -23.60 6.90
C LYS A 55 -21.45 -24.23 5.80
N ALA A 56 -20.43 -23.51 5.30
CA ALA A 56 -19.44 -24.15 4.45
C ALA A 56 -18.60 -25.21 5.18
N PHE A 57 -18.59 -25.26 6.51
CA PHE A 57 -18.06 -26.37 7.27
C PHE A 57 -18.96 -27.57 6.97
N VAL A 58 -20.30 -27.38 7.03
CA VAL A 58 -21.22 -28.46 6.65
C VAL A 58 -21.03 -28.88 5.20
N GLN A 59 -20.77 -27.95 4.28
CA GLN A 59 -20.39 -28.27 2.92
C GLN A 59 -19.23 -29.22 2.83
N ALA A 60 -18.14 -28.90 3.54
CA ALA A 60 -16.96 -29.77 3.69
C ALA A 60 -17.30 -31.09 4.36
N GLY A 61 -18.26 -31.09 5.30
CA GLY A 61 -18.72 -32.32 5.94
C GLY A 61 -18.38 -32.33 7.42
N ALA A 62 -18.04 -31.18 7.96
CA ALA A 62 -17.74 -31.05 9.35
C ALA A 62 -19.06 -30.86 10.07
N GLU A 63 -19.15 -31.50 11.24
CA GLU A 63 -20.26 -31.31 12.13
C GLU A 63 -20.20 -29.92 12.77
N ILE A 64 -21.23 -29.09 12.60
CA ILE A 64 -21.28 -27.77 13.22
C ILE A 64 -21.96 -27.99 14.57
N VAL A 65 -21.12 -27.99 15.59
CA VAL A 65 -21.55 -28.39 16.92
C VAL A 65 -21.55 -27.19 17.80
N GLU A 66 -22.07 -27.31 19.04
CA GLU A 66 -22.15 -26.23 19.96
C GLU A 66 -21.32 -26.64 21.20
N GLY A 67 -20.46 -25.75 21.64
CA GLY A 67 -19.78 -25.90 22.91
C GLY A 67 -19.04 -27.23 23.03
N ASN A 68 -19.33 -27.88 24.14
CA ASN A 68 -18.60 -29.03 24.65
C ASN A 68 -18.56 -30.19 23.65
N SER A 69 -19.53 -30.29 22.74
CA SER A 69 -19.58 -31.36 21.77
C SER A 69 -18.29 -31.43 20.93
N VAL A 70 -17.69 -30.29 20.60
CA VAL A 70 -16.42 -30.28 19.86
C VAL A 70 -15.23 -30.92 20.57
N TRP A 71 -15.22 -30.78 21.91
CA TRP A 71 -14.14 -31.33 22.74
C TRP A 71 -14.20 -32.83 22.89
N GLN A 72 -15.35 -33.40 22.56
CA GLN A 72 -15.52 -34.84 22.47
C GLN A 72 -15.01 -35.29 21.09
N SER A 73 -13.72 -35.46 21.03
CA SER A 73 -13.03 -35.84 19.81
C SER A 73 -11.72 -36.59 20.13
N GLU A 74 -11.07 -37.11 19.10
CA GLU A 74 -9.76 -37.70 19.30
C GLU A 74 -8.77 -36.56 19.42
N ILE A 75 -8.70 -35.68 18.44
CA ILE A 75 -7.74 -34.59 18.40
C ILE A 75 -8.56 -33.33 18.62
N ILE A 76 -7.93 -32.33 19.23
CA ILE A 76 -8.48 -31.02 19.38
C ILE A 76 -7.39 -30.09 18.88
N LEU A 77 -7.67 -29.30 17.84
CA LEU A 77 -6.70 -28.33 17.41
C LEU A 77 -7.12 -27.04 18.05
N LYS A 78 -6.53 -26.63 19.18
CA LYS A 78 -6.95 -25.39 19.80
C LYS A 78 -6.09 -24.27 19.25
N VAL A 79 -6.79 -23.19 19.06
CA VAL A 79 -6.30 -22.04 18.32
C VAL A 79 -5.10 -21.45 19.02
N ASN A 80 -5.20 -21.27 20.33
CA ASN A 80 -4.09 -20.86 21.20
C ASN A 80 -3.99 -21.86 22.33
N ALA A 81 -3.37 -21.56 23.45
CA ALA A 81 -3.42 -22.49 24.57
C ALA A 81 -4.82 -22.59 25.16
N PRO A 82 -5.21 -23.73 25.66
CA PRO A 82 -6.37 -23.86 26.54
C PRO A 82 -6.15 -23.10 27.84
N LEU A 83 -7.13 -22.32 28.26
CA LEU A 83 -7.13 -21.70 29.60
C LEU A 83 -7.84 -22.69 30.51
N ASP A 84 -7.92 -22.43 31.83
CA ASP A 84 -8.44 -23.44 32.79
C ASP A 84 -9.80 -24.02 32.46
N ASP A 85 -10.65 -23.23 31.85
CA ASP A 85 -11.94 -23.71 31.38
C ASP A 85 -11.73 -24.73 30.27
N GLU A 86 -10.96 -24.43 29.26
CA GLU A 86 -10.65 -25.33 28.15
C GLU A 86 -9.89 -26.59 28.56
N ILE A 87 -9.06 -26.45 29.61
CA ILE A 87 -8.42 -27.60 30.26
C ILE A 87 -9.46 -28.53 30.84
N ALA A 88 -10.47 -27.99 31.54
CA ALA A 88 -11.63 -28.75 32.01
C ALA A 88 -12.44 -29.42 30.87
N LEU A 89 -12.44 -28.71 29.73
CA LEU A 89 -13.02 -29.19 28.48
C LEU A 89 -12.17 -30.29 27.84
N LEU A 90 -10.84 -30.37 28.04
CA LEU A 90 -10.08 -31.50 27.55
C LEU A 90 -10.52 -32.84 28.13
N ASN A 91 -10.32 -33.85 27.28
CA ASN A 91 -10.71 -35.19 27.57
C ASN A 91 -9.45 -36.01 27.71
N PRO A 92 -9.31 -36.89 28.70
CA PRO A 92 -8.18 -37.76 28.76
C PRO A 92 -8.01 -38.70 27.57
N GLY A 93 -6.85 -38.68 26.92
CA GLY A 93 -6.59 -39.46 25.73
C GLY A 93 -6.94 -38.68 24.46
N THR A 94 -7.25 -37.40 24.58
CA THR A 94 -7.33 -36.55 23.42
C THR A 94 -5.95 -36.02 23.04
N THR A 95 -5.66 -35.85 21.78
CA THR A 95 -4.45 -35.24 21.34
C THR A 95 -4.78 -33.76 21.23
N LEU A 96 -4.08 -32.92 21.95
CA LEU A 96 -4.26 -31.51 21.95
C LEU A 96 -3.09 -30.86 21.21
N VAL A 97 -3.38 -30.20 20.09
CA VAL A 97 -2.37 -29.48 19.35
C VAL A 97 -2.75 -28.01 19.45
N SER A 98 -1.86 -27.14 19.93
CA SER A 98 -2.19 -25.74 20.16
C SER A 98 -0.97 -24.84 20.19
N PHE A 99 -1.17 -23.50 20.16
CA PHE A 99 -0.09 -22.59 20.52
C PHE A 99 -0.02 -22.49 22.04
N ILE A 100 0.84 -23.31 22.62
CA ILE A 100 0.90 -23.44 24.06
C ILE A 100 1.77 -22.38 24.74
N TRP A 101 2.88 -21.96 24.07
CA TRP A 101 3.92 -21.13 24.70
C TRP A 101 4.52 -21.80 25.94
N PRO A 102 5.13 -23.00 25.82
CA PRO A 102 5.46 -23.88 26.95
C PRO A 102 6.45 -23.34 27.98
N ALA A 103 7.43 -22.53 27.54
CA ALA A 103 8.40 -21.98 28.49
C ALA A 103 7.68 -20.95 29.39
N GLN A 104 6.73 -20.21 28.77
CA GLN A 104 5.92 -19.28 29.51
C GLN A 104 4.86 -20.02 30.29
N ASN A 105 4.39 -21.16 29.82
CA ASN A 105 3.24 -21.83 30.37
C ASN A 105 3.29 -23.16 31.18
N PRO A 106 4.28 -23.53 32.04
CA PRO A 106 4.27 -24.75 32.87
C PRO A 106 3.00 -24.93 33.69
N GLU A 107 2.32 -23.81 33.97
CA GLU A 107 1.07 -23.74 34.68
C GLU A 107 0.01 -24.57 33.96
N LEU A 108 -0.19 -24.13 32.71
CA LEU A 108 -1.22 -24.73 31.89
C LEU A 108 -0.79 -26.14 31.54
N MET A 109 0.47 -26.34 31.19
CA MET A 109 0.95 -27.71 30.95
C MET A 109 0.75 -28.66 32.11
N GLN A 110 0.94 -28.25 33.39
CA GLN A 110 0.79 -29.19 34.49
C GLN A 110 -0.65 -29.69 34.54
N LYS A 111 -1.57 -28.77 34.27
CA LYS A 111 -2.99 -29.08 34.31
C LYS A 111 -3.40 -29.91 33.11
N LEU A 112 -2.81 -29.65 31.95
CA LEU A 112 -2.93 -30.50 30.80
C LEU A 112 -2.32 -31.88 31.01
N ALA A 113 -1.22 -31.93 31.79
CA ALA A 113 -0.60 -33.21 32.11
C ALA A 113 -1.58 -34.00 32.97
N GLU A 114 -2.24 -33.31 33.92
CA GLU A 114 -3.37 -33.91 34.62
C GLU A 114 -4.43 -34.49 33.71
N ARG A 115 -4.82 -33.74 32.65
CA ARG A 115 -5.80 -34.22 31.68
C ARG A 115 -5.33 -35.37 30.80
N ASN A 116 -4.12 -35.91 30.95
CA ASN A 116 -3.62 -37.05 30.20
C ASN A 116 -3.80 -36.93 28.69
N VAL A 117 -3.47 -35.73 28.20
CA VAL A 117 -3.60 -35.42 26.79
C VAL A 117 -2.23 -35.28 26.17
N THR A 118 -2.11 -35.54 24.89
CA THR A 118 -0.88 -35.40 24.16
C THR A 118 -0.84 -33.99 23.65
N VAL A 119 -0.10 -33.14 24.34
CA VAL A 119 -0.04 -31.73 23.99
C VAL A 119 1.11 -31.48 23.05
N MET A 120 0.78 -30.82 21.95
CA MET A 120 1.75 -30.47 20.92
C MET A 120 1.72 -28.93 20.85
N ALA A 121 2.87 -28.29 21.04
CA ALA A 121 2.94 -26.86 21.02
C ALA A 121 3.45 -26.33 19.67
N MET A 122 2.57 -25.93 18.78
CA MET A 122 2.88 -25.53 17.41
C MET A 122 3.71 -24.28 17.24
N ASP A 123 3.79 -23.47 18.28
CA ASP A 123 4.74 -22.37 18.36
C ASP A 123 6.12 -22.94 18.60
N SER A 124 6.30 -23.98 19.37
CA SER A 124 7.63 -24.48 19.66
C SER A 124 7.90 -25.71 18.81
N VAL A 125 7.90 -25.48 17.49
CA VAL A 125 8.25 -26.53 16.55
C VAL A 125 9.76 -26.40 16.32
N PRO A 126 10.56 -27.48 16.33
CA PRO A 126 11.97 -27.49 15.93
C PRO A 126 12.17 -26.73 14.60
N ARG A 127 13.01 -25.68 14.63
CA ARG A 127 13.14 -24.74 13.53
C ARG A 127 13.68 -25.29 12.16
N ILE A 128 14.06 -26.57 12.15
CA ILE A 128 14.73 -27.21 11.03
C ILE A 128 13.89 -27.36 9.78
N SER A 129 14.62 -27.51 8.66
CA SER A 129 13.97 -27.53 7.35
C SER A 129 12.84 -28.55 7.21
N ARG A 130 13.05 -29.81 7.61
CA ARG A 130 12.03 -30.84 7.53
C ARG A 130 10.78 -30.59 8.40
N ALA A 131 10.86 -29.64 9.34
CA ALA A 131 9.68 -29.36 10.17
C ALA A 131 8.82 -28.28 9.46
N GLN A 132 9.44 -27.49 8.56
CA GLN A 132 8.85 -26.25 8.10
C GLN A 132 7.51 -26.37 7.39
N SER A 133 7.15 -27.56 6.87
CA SER A 133 5.80 -27.82 6.39
C SER A 133 4.77 -27.87 7.53
N LEU A 134 5.20 -28.47 8.65
CA LEU A 134 4.38 -28.58 9.83
C LEU A 134 4.46 -27.33 10.65
N ASP A 135 5.50 -26.55 10.51
CA ASP A 135 5.80 -25.46 11.42
C ASP A 135 4.78 -24.33 11.32
N ALA A 136 3.95 -24.34 12.36
CA ALA A 136 2.91 -23.36 12.46
C ALA A 136 3.47 -22.00 12.79
N LEU A 137 4.44 -21.90 13.71
CA LEU A 137 5.06 -20.61 13.99
C LEU A 137 5.60 -19.96 12.73
N SER A 138 6.24 -20.70 11.83
CA SER A 138 6.72 -20.15 10.58
C SER A 138 5.65 -19.46 9.79
N SER A 139 4.53 -20.10 9.53
CA SER A 139 3.43 -19.49 8.83
C SER A 139 2.80 -18.33 9.59
N MET A 140 2.65 -18.36 10.95
CA MET A 140 2.22 -17.21 11.72
C MET A 140 3.11 -16.00 11.62
N ALA A 141 4.41 -16.20 11.73
CA ALA A 141 5.36 -15.11 11.67
C ALA A 141 5.40 -14.55 10.28
N ASN A 142 5.34 -15.42 9.26
CA ASN A 142 5.14 -15.00 7.89
C ASN A 142 3.92 -14.11 7.73
N ILE A 143 2.77 -14.52 8.30
CA ILE A 143 1.56 -13.74 8.26
C ILE A 143 1.83 -12.39 8.93
N ALA A 144 2.51 -12.41 10.09
CA ALA A 144 2.88 -11.18 10.77
C ALA A 144 3.78 -10.33 9.90
N GLY A 145 4.79 -10.81 9.21
CA GLY A 145 5.65 -9.97 8.42
C GLY A 145 4.89 -9.23 7.31
N TYR A 146 4.06 -10.01 6.59
CA TYR A 146 3.20 -9.43 5.56
C TYR A 146 2.26 -8.41 6.19
N ARG A 147 1.63 -8.80 7.29
CA ARG A 147 0.69 -7.98 8.01
C ARG A 147 1.34 -6.77 8.65
N ALA A 148 2.64 -6.85 8.92
CA ALA A 148 3.40 -5.73 9.38
C ALA A 148 3.47 -4.66 8.29
N ILE A 149 3.72 -5.04 7.05
CA ILE A 149 3.72 -4.15 5.90
C ILE A 149 2.36 -3.46 5.78
N VAL A 150 1.29 -4.22 6.06
CA VAL A 150 -0.04 -3.71 5.96
C VAL A 150 -0.32 -2.66 7.05
N GLU A 151 -0.21 -3.03 8.32
CA GLU A 151 -0.46 -2.12 9.43
C GLU A 151 0.50 -0.92 9.40
N ALA A 152 1.71 -1.08 8.86
CA ALA A 152 2.63 0.01 8.61
C ALA A 152 1.99 0.91 7.54
N ALA A 153 1.69 0.46 6.33
CA ALA A 153 1.02 1.31 5.37
C ALA A 153 -0.30 1.92 5.84
N HIS A 154 -0.90 1.35 6.87
CA HIS A 154 -2.04 1.95 7.53
C HIS A 154 -1.64 3.20 8.26
N GLU A 155 -0.67 3.09 9.16
CA GLU A 155 -0.30 4.20 10.02
C GLU A 155 0.80 5.16 9.53
N PHE A 156 1.49 4.73 8.49
CA PHE A 156 2.58 5.45 7.84
C PHE A 156 1.99 6.66 7.15
N GLY A 157 2.87 7.64 7.07
CA GLY A 157 2.57 8.83 6.39
C GLY A 157 2.55 8.67 4.88
N ARG A 158 3.59 8.06 4.32
CA ARG A 158 3.86 8.12 2.90
C ARG A 158 3.43 6.78 2.24
N PHE A 159 3.53 6.67 0.91
CA PHE A 159 3.36 5.36 0.26
C PHE A 159 4.62 4.56 0.48
N PHE A 160 4.54 3.26 0.33
CA PHE A 160 5.74 2.43 0.27
C PHE A 160 6.35 2.54 -1.10
N THR A 161 5.49 2.38 -2.12
CA THR A 161 5.92 2.25 -3.52
C THR A 161 6.61 3.47 -4.10
N GLY A 162 7.86 3.29 -4.46
CA GLY A 162 8.59 4.36 -5.17
C GLY A 162 8.00 4.59 -6.53
N GLN A 163 7.03 5.45 -6.64
CA GLN A 163 6.31 5.65 -7.88
C GLN A 163 6.02 7.11 -8.12
N ILE A 164 5.38 7.35 -9.26
CA ILE A 164 4.76 8.62 -9.60
C ILE A 164 3.23 8.43 -9.51
N THR A 165 2.53 9.52 -9.24
CA THR A 165 1.08 9.54 -9.35
C THR A 165 0.72 10.27 -10.65
N ALA A 166 -0.36 11.06 -10.70
CA ALA A 166 -0.57 11.97 -11.83
C ALA A 166 -0.02 13.35 -11.49
N ALA A 167 0.03 13.67 -10.19
CA ALA A 167 0.56 14.96 -9.73
C ALA A 167 2.10 14.95 -9.64
N GLY A 168 2.66 14.04 -8.88
CA GLY A 168 4.07 14.16 -8.46
C GLY A 168 4.58 12.87 -7.83
N LYS A 169 5.78 12.93 -7.30
CA LYS A 169 6.54 11.80 -6.83
C LYS A 169 6.06 11.32 -5.46
N VAL A 170 6.28 10.01 -5.25
CA VAL A 170 6.28 9.43 -3.94
C VAL A 170 7.72 9.21 -3.52
N PRO A 171 8.13 9.75 -2.37
CA PRO A 171 9.34 9.35 -1.66
C PRO A 171 9.36 7.90 -1.16
N PRO A 172 10.25 7.05 -1.68
CA PRO A 172 10.25 5.60 -1.42
C PRO A 172 10.47 5.26 0.03
N ALA A 173 9.59 4.38 0.53
CA ALA A 173 9.76 3.84 1.87
C ALA A 173 10.97 2.95 1.95
N LYS A 174 11.85 3.32 2.89
CA LYS A 174 13.05 2.54 3.18
C LYS A 174 12.70 1.70 4.36
N VAL A 175 12.26 0.48 4.06
CA VAL A 175 11.91 -0.51 5.04
C VAL A 175 13.19 -1.19 5.54
N MET A 176 13.69 -0.74 6.68
CA MET A 176 14.74 -1.49 7.39
C MET A 176 14.04 -2.62 8.12
N VAL A 177 14.48 -3.85 7.90
CA VAL A 177 13.85 -5.04 8.53
C VAL A 177 14.87 -5.59 9.53
N ILE A 178 14.61 -5.51 10.80
CA ILE A 178 15.45 -6.14 11.79
C ILE A 178 14.98 -7.57 12.02
N GLY A 179 15.87 -8.49 11.67
CA GLY A 179 15.72 -9.91 11.97
C GLY A 179 15.08 -10.60 10.78
N ALA A 180 15.91 -11.06 9.86
CA ALA A 180 15.48 -11.80 8.70
C ALA A 180 15.25 -13.26 9.08
N GLY A 181 14.23 -13.49 9.88
CA GLY A 181 13.74 -14.84 10.11
C GLY A 181 12.50 -15.04 9.27
N VAL A 182 11.55 -15.94 9.62
CA VAL A 182 10.38 -16.14 8.79
C VAL A 182 9.59 -14.86 8.60
N ALA A 183 9.30 -14.15 9.69
CA ALA A 183 8.64 -12.85 9.65
C ALA A 183 9.49 -11.84 8.85
N GLY A 184 10.80 -11.95 8.99
CA GLY A 184 11.75 -11.01 8.38
C GLY A 184 11.65 -11.10 6.89
N LEU A 185 11.82 -12.32 6.40
CA LEU A 185 11.75 -12.63 4.97
C LEU A 185 10.35 -12.40 4.45
N ALA A 186 9.30 -12.59 5.25
CA ALA A 186 7.93 -12.27 4.86
C ALA A 186 7.72 -10.75 4.67
N ALA A 187 8.30 -9.90 5.53
CA ALA A 187 8.28 -8.45 5.37
C ALA A 187 9.06 -8.00 4.14
N ILE A 188 10.25 -8.60 3.90
CA ILE A 188 11.01 -8.39 2.68
C ILE A 188 10.13 -8.66 1.47
N GLY A 189 9.53 -9.88 1.41
CA GLY A 189 8.74 -10.30 0.25
C GLY A 189 7.58 -9.36 0.00
N ALA A 190 6.75 -9.12 1.04
CA ALA A 190 5.68 -8.14 0.99
C ALA A 190 6.13 -6.76 0.50
N ALA A 191 7.01 -6.05 1.19
CA ALA A 191 7.42 -4.69 0.77
C ALA A 191 8.10 -4.60 -0.60
N ASN A 192 8.94 -5.61 -0.92
CA ASN A 192 9.58 -5.74 -2.24
C ASN A 192 8.49 -5.85 -3.28
N SER A 193 7.50 -6.68 -3.02
CA SER A 193 6.39 -6.82 -3.97
C SER A 193 5.59 -5.53 -4.16
N LEU A 194 5.29 -4.84 -3.04
CA LEU A 194 4.60 -3.59 -3.05
C LEU A 194 5.43 -2.52 -3.76
N GLY A 195 6.75 -2.63 -3.69
CA GLY A 195 7.69 -1.86 -4.44
C GLY A 195 8.46 -0.85 -3.61
N ALA A 196 8.85 -1.25 -2.40
CA ALA A 196 9.56 -0.41 -1.48
C ALA A 196 10.98 -0.86 -1.35
N ILE A 197 11.85 0.02 -0.85
CA ILE A 197 13.26 -0.27 -0.64
C ILE A 197 13.30 -1.21 0.57
N VAL A 198 13.82 -2.40 0.44
CA VAL A 198 13.93 -3.24 1.60
C VAL A 198 15.41 -3.35 1.92
N ARG A 199 15.72 -3.10 3.18
CA ARG A 199 17.03 -3.29 3.73
C ARG A 199 16.90 -4.14 4.99
N ALA A 200 17.22 -5.42 4.89
CA ALA A 200 17.03 -6.31 6.02
C ALA A 200 18.31 -6.56 6.77
N PHE A 201 18.25 -6.85 8.06
CA PHE A 201 19.33 -6.98 8.98
C PHE A 201 19.11 -8.32 9.67
N ASP A 202 20.22 -8.96 10.06
CA ASP A 202 20.14 -10.16 10.89
C ASP A 202 21.51 -10.51 11.45
N THR A 203 21.48 -11.31 12.49
CA THR A 203 22.63 -11.79 13.20
C THR A 203 23.39 -12.73 12.28
N ARG A 204 22.66 -13.58 11.57
CA ARG A 204 23.18 -14.76 10.92
C ARG A 204 23.52 -14.44 9.48
N PRO A 205 24.82 -14.54 9.06
CA PRO A 205 25.26 -14.28 7.69
C PRO A 205 24.76 -15.28 6.66
N GLU A 206 24.14 -16.39 7.05
CA GLU A 206 23.71 -17.37 6.08
C GLU A 206 22.43 -16.91 5.47
N VAL A 207 21.55 -16.26 6.24
CA VAL A 207 20.25 -15.80 5.72
C VAL A 207 20.36 -14.61 4.74
N LYS A 208 21.44 -13.85 4.94
CA LYS A 208 21.93 -12.85 4.00
C LYS A 208 21.84 -13.24 2.52
N GLU A 209 22.21 -14.50 2.24
CA GLU A 209 22.14 -15.03 0.88
C GLU A 209 20.74 -14.92 0.33
N GLN A 210 19.74 -15.34 1.09
CA GLN A 210 18.35 -15.24 0.69
C GLN A 210 17.91 -13.77 0.68
N VAL A 211 18.30 -12.94 1.67
CA VAL A 211 17.94 -11.53 1.72
C VAL A 211 18.25 -10.74 0.43
N GLN A 212 19.51 -10.80 0.00
CA GLN A 212 19.95 -10.34 -1.27
C GLN A 212 19.15 -10.92 -2.42
N SER A 213 18.99 -12.23 -2.49
CA SER A 213 18.26 -12.86 -3.59
C SER A 213 16.74 -12.78 -3.50
N MET A 214 16.19 -12.09 -2.50
CA MET A 214 14.78 -11.79 -2.45
C MET A 214 14.49 -10.38 -2.91
N GLY A 215 15.56 -9.64 -3.23
CA GLY A 215 15.39 -8.26 -3.63
C GLY A 215 15.38 -7.35 -2.43
N ALA A 216 16.36 -7.52 -1.55
CA ALA A 216 16.60 -6.59 -0.46
C ALA A 216 18.07 -6.36 -0.34
N GLU A 217 18.37 -5.18 0.19
CA GLU A 217 19.74 -4.87 0.53
C GLU A 217 19.98 -5.44 1.94
N PHE A 218 21.10 -6.13 2.14
CA PHE A 218 21.43 -6.61 3.50
C PHE A 218 22.17 -5.51 4.24
N LEU A 219 21.68 -5.20 5.43
CA LEU A 219 22.38 -4.29 6.33
C LEU A 219 23.09 -5.18 7.33
N GLU A 220 24.40 -5.12 7.28
CA GLU A 220 25.24 -5.67 8.31
C GLU A 220 25.48 -4.66 9.39
N LEU A 221 26.03 -5.13 10.50
CA LEU A 221 26.30 -4.29 11.64
C LEU A 221 27.49 -3.45 11.27
N ASP A 222 27.47 -2.16 11.58
CA ASP A 222 28.70 -1.38 11.51
C ASP A 222 29.57 -1.80 12.71
N PHE A 223 30.44 -2.78 12.45
CA PHE A 223 31.14 -3.49 13.51
C PHE A 223 32.63 -3.29 13.43
N ASP A 231 32.14 -18.01 18.67
CA ASP A 231 31.18 -18.62 17.78
C ASP A 231 30.09 -17.55 17.66
N GLY A 232 29.19 -17.76 16.72
CA GLY A 232 28.15 -16.81 16.39
C GLY A 232 27.30 -16.41 17.59
N TYR A 233 27.02 -17.37 18.48
CA TYR A 233 26.21 -17.06 19.65
C TYR A 233 26.96 -16.15 20.61
N ALA A 234 28.19 -16.53 21.07
CA ALA A 234 28.92 -15.74 22.02
C ALA A 234 29.37 -14.42 21.47
N LYS A 235 29.69 -14.42 20.17
CA LYS A 235 29.90 -13.19 19.44
C LYS A 235 28.67 -12.30 19.38
N VAL A 236 27.45 -12.82 19.25
CA VAL A 236 26.24 -12.03 19.40
C VAL A 236 26.03 -11.64 20.84
N MET A 237 26.39 -12.52 21.79
CA MET A 237 26.20 -12.25 23.19
C MET A 237 27.42 -11.56 23.80
N SER A 238 27.61 -10.38 23.23
CA SER A 238 28.65 -9.45 23.64
C SER A 238 28.16 -8.06 23.34
N ASP A 239 28.16 -7.18 24.33
CA ASP A 239 27.63 -5.83 24.15
C ASP A 239 28.28 -5.06 23.01
N ALA A 240 29.44 -5.47 22.56
CA ALA A 240 29.96 -4.92 21.30
C ALA A 240 29.03 -5.09 20.14
N PHE A 241 28.54 -6.32 19.94
CA PHE A 241 27.62 -6.67 18.88
C PHE A 241 26.34 -5.88 19.08
N ILE A 242 25.76 -6.06 20.25
CA ILE A 242 24.51 -5.43 20.65
C ILE A 242 24.58 -3.92 20.42
N LYS A 243 25.68 -3.27 20.81
CA LYS A 243 25.89 -1.88 20.53
C LYS A 243 26.06 -1.61 19.05
N ALA A 244 26.73 -2.41 18.26
CA ALA A 244 26.89 -2.14 16.84
C ALA A 244 25.56 -2.17 16.09
N GLU A 245 24.69 -3.07 16.49
CA GLU A 245 23.27 -3.15 16.05
C GLU A 245 22.64 -1.79 16.37
N MET A 246 22.71 -1.43 17.64
CA MET A 246 22.19 -0.15 18.11
C MET A 246 22.63 1.04 17.30
N GLU A 247 23.93 1.17 17.02
CA GLU A 247 24.52 2.25 16.25
C GLU A 247 24.00 2.24 14.83
N LEU A 248 23.85 1.04 14.25
CA LEU A 248 23.30 0.84 12.90
C LEU A 248 21.85 1.27 12.81
N PHE A 249 21.02 0.85 13.75
CA PHE A 249 19.60 1.18 13.77
C PHE A 249 19.50 2.71 13.94
N ALA A 250 20.27 3.25 14.90
CA ALA A 250 20.25 4.69 15.21
C ALA A 250 20.70 5.58 14.08
N ALA A 251 21.63 5.06 13.29
CA ALA A 251 22.09 5.74 12.10
C ALA A 251 20.98 5.72 11.06
N GLN A 252 20.40 4.54 10.76
CA GLN A 252 19.30 4.46 9.82
C GLN A 252 18.07 5.26 10.27
N ALA A 253 17.82 5.43 11.57
CA ALA A 253 16.68 6.16 12.15
C ALA A 253 16.52 7.56 11.55
N LYS A 254 17.64 8.22 11.21
CA LYS A 254 17.64 9.50 10.52
C LYS A 254 16.94 9.61 9.19
N GLU A 255 16.77 8.49 8.51
CA GLU A 255 16.29 8.42 7.16
C GLU A 255 15.26 7.35 6.83
N VAL A 256 15.30 6.18 7.50
CA VAL A 256 14.42 5.09 7.10
C VAL A 256 12.97 5.38 7.45
N ASP A 257 12.09 4.68 6.76
CA ASP A 257 10.66 4.90 6.79
C ASP A 257 9.97 3.87 7.64
N ILE A 258 10.25 2.61 7.37
CA ILE A 258 9.56 1.55 8.11
C ILE A 258 10.68 0.78 8.77
N ILE A 259 10.51 0.39 10.03
CA ILE A 259 11.40 -0.57 10.63
C ILE A 259 10.53 -1.73 11.05
N VAL A 260 10.71 -2.88 10.43
CA VAL A 260 9.97 -4.08 10.79
C VAL A 260 10.92 -4.84 11.73
N THR A 261 10.53 -4.89 13.00
CA THR A 261 11.40 -5.46 14.02
C THR A 261 10.70 -6.79 14.36
N THR A 262 11.26 -7.92 14.04
CA THR A 262 10.47 -9.13 13.92
C THR A 262 10.41 -10.11 15.07
N ALA A 263 11.48 -10.13 15.87
CA ALA A 263 11.98 -11.41 16.37
C ALA A 263 11.17 -12.15 17.44
N LEU A 264 10.14 -12.89 16.97
CA LEU A 264 9.34 -13.71 17.85
C LEU A 264 10.12 -15.02 17.98
N ILE A 265 11.06 -14.96 18.92
CA ILE A 265 11.82 -16.10 19.35
C ILE A 265 10.88 -17.00 20.13
N PRO A 266 10.80 -18.32 19.87
CA PRO A 266 9.98 -19.23 20.65
C PRO A 266 10.39 -19.24 22.10
N GLY A 267 9.44 -19.16 23.03
CA GLY A 267 9.78 -19.10 24.44
C GLY A 267 10.29 -17.74 24.94
N LYS A 268 11.48 -17.40 24.42
CA LYS A 268 12.17 -16.21 24.90
C LYS A 268 11.69 -14.91 24.30
N PRO A 269 11.37 -13.92 25.13
CA PRO A 269 11.13 -12.53 24.79
C PRO A 269 12.19 -11.97 23.85
N ALA A 270 11.78 -11.26 22.81
CA ALA A 270 12.69 -10.53 21.96
C ALA A 270 13.39 -9.39 22.71
N PRO A 271 14.71 -9.19 22.66
CA PRO A 271 15.40 -8.15 23.41
C PRO A 271 15.00 -6.74 22.95
N LYS A 272 15.00 -5.80 23.87
CA LYS A 272 14.55 -4.45 23.55
C LYS A 272 15.65 -3.59 22.97
N LEU A 273 15.84 -3.88 21.69
CA LEU A 273 16.84 -3.28 20.87
C LEU A 273 16.54 -1.84 20.51
N ILE A 274 15.41 -1.52 19.82
CA ILE A 274 15.12 -0.16 19.45
C ILE A 274 14.66 0.57 20.70
N THR A 275 15.50 1.52 21.14
CA THR A 275 15.31 2.29 22.33
C THR A 275 14.28 3.40 22.17
N ARG A 276 13.78 3.95 23.28
CA ARG A 276 12.92 5.12 23.27
C ARG A 276 13.59 6.35 22.70
N GLU A 277 14.85 6.50 23.07
CA GLU A 277 15.78 7.44 22.47
C GLU A 277 15.83 7.34 20.95
N MET A 278 16.03 6.14 20.45
CA MET A 278 16.09 5.82 19.03
C MET A 278 14.79 6.18 18.32
N VAL A 279 13.63 5.78 18.86
CA VAL A 279 12.32 6.11 18.32
C VAL A 279 12.11 7.59 18.21
N ASP A 280 12.36 8.39 19.26
CA ASP A 280 12.36 9.86 19.16
C ASP A 280 13.25 10.42 18.07
N SER A 281 14.49 9.90 17.94
CA SER A 281 15.39 10.29 16.87
C SER A 281 14.99 9.72 15.48
N MET A 282 13.88 9.02 15.34
CA MET A 282 13.50 8.46 14.04
C MET A 282 12.90 9.57 13.20
N LYS A 283 12.99 9.49 11.88
CA LYS A 283 12.42 10.42 10.93
C LYS A 283 10.89 10.40 10.93
N ALA A 284 10.26 11.58 10.77
CA ALA A 284 8.83 11.73 10.95
C ALA A 284 7.97 11.13 9.86
N GLY A 285 6.76 10.76 10.25
CA GLY A 285 5.72 10.27 9.37
C GLY A 285 5.99 8.81 9.07
N SER A 286 6.46 8.03 10.04
CA SER A 286 7.12 6.76 9.76
C SER A 286 6.71 5.70 10.75
N VAL A 287 6.92 4.39 10.50
CA VAL A 287 6.40 3.37 11.40
C VAL A 287 7.52 2.46 11.90
N ILE A 288 7.37 1.94 13.13
CA ILE A 288 8.18 0.83 13.59
C ILE A 288 7.16 -0.23 13.95
N VAL A 289 7.11 -1.35 13.21
CA VAL A 289 6.14 -2.40 13.54
C VAL A 289 6.93 -3.43 14.32
N ASP A 290 6.33 -3.86 15.42
CA ASP A 290 6.94 -4.88 16.23
C ASP A 290 6.14 -6.14 16.13
N LEU A 291 6.77 -7.19 15.69
CA LEU A 291 6.08 -8.43 15.46
C LEU A 291 6.41 -9.42 16.55
N ALA A 292 7.01 -8.99 17.65
CA ALA A 292 7.15 -9.85 18.80
C ALA A 292 6.14 -9.42 19.87
N ALA A 293 6.00 -8.10 19.99
CA ALA A 293 5.03 -7.42 20.83
C ALA A 293 4.90 -7.86 22.29
N GLN A 294 4.19 -8.95 22.58
CA GLN A 294 4.03 -9.49 23.89
C GLN A 294 5.27 -10.26 24.34
N ASN A 295 5.90 -10.95 23.39
CA ASN A 295 7.10 -11.74 23.67
C ASN A 295 8.25 -10.74 23.71
N GLY A 296 8.37 -10.02 24.82
CA GLY A 296 9.38 -8.97 24.95
C GLY A 296 8.99 -7.80 24.10
N GLY A 297 9.09 -7.93 22.78
CA GLY A 297 8.85 -6.85 21.86
C GLY A 297 10.18 -6.09 21.70
N ASN A 298 10.69 -6.11 20.49
CA ASN A 298 12.03 -5.58 20.20
C ASN A 298 12.20 -4.08 20.38
N CYS A 299 11.13 -3.32 20.47
CA CYS A 299 11.28 -1.91 20.80
C CYS A 299 10.89 -1.68 22.25
N GLU A 300 11.40 -0.62 22.86
CA GLU A 300 10.99 -0.23 24.18
C GLU A 300 9.69 0.58 24.27
N TYR A 301 9.10 1.03 23.16
CA TYR A 301 7.78 1.67 23.17
C TYR A 301 6.68 0.69 22.82
N THR A 302 7.00 -0.62 22.74
CA THR A 302 6.03 -1.60 22.25
C THR A 302 4.99 -1.90 23.31
N VAL A 303 3.86 -1.25 23.16
CA VAL A 303 2.75 -1.45 24.11
C VAL A 303 2.09 -2.72 23.58
N PRO A 304 1.86 -3.76 24.42
CA PRO A 304 1.20 -5.01 24.03
C PRO A 304 -0.14 -4.79 23.30
N GLY A 305 -0.06 -5.00 21.99
CA GLY A 305 -1.24 -4.96 21.14
C GLY A 305 -1.70 -3.56 20.82
N GLU A 306 -0.82 -2.57 20.89
CA GLU A 306 -1.17 -1.18 20.70
C GLU A 306 -0.23 -0.47 19.74
N ILE A 307 -0.64 0.74 19.37
CA ILE A 307 0.22 1.66 18.66
C ILE A 307 0.59 2.75 19.64
N PHE A 308 1.88 2.96 19.91
CA PHE A 308 2.27 4.16 20.68
C PHE A 308 2.70 5.15 19.58
N THR A 309 2.15 6.36 19.55
CA THR A 309 2.64 7.32 18.59
C THR A 309 3.48 8.36 19.33
N THR A 310 4.73 8.57 18.95
CA THR A 310 5.58 9.59 19.57
C THR A 310 5.43 10.96 18.94
N GLU A 311 5.88 12.06 19.55
CA GLU A 311 5.69 13.44 19.03
C GLU A 311 6.15 13.67 17.61
N ASN A 312 7.31 13.08 17.31
CA ASN A 312 7.95 13.18 16.02
C ASN A 312 7.08 12.59 14.91
N GLY A 313 6.20 11.66 15.28
CA GLY A 313 5.27 11.04 14.33
C GLY A 313 5.81 9.69 13.88
N VAL A 314 6.29 8.92 14.88
CA VAL A 314 6.61 7.50 14.64
C VAL A 314 5.55 6.65 15.32
N LYS A 315 4.93 5.89 14.44
CA LYS A 315 3.86 4.99 14.86
C LYS A 315 4.51 3.69 15.28
N VAL A 316 4.65 3.40 16.55
CA VAL A 316 5.18 2.14 17.02
C VAL A 316 4.05 1.19 17.17
N ILE A 317 3.82 0.40 16.15
CA ILE A 317 2.74 -0.57 16.12
C ILE A 317 3.22 -1.90 16.69
N GLY A 318 2.97 -2.14 17.98
CA GLY A 318 3.34 -3.37 18.64
C GLY A 318 2.23 -4.36 18.74
N TYR A 319 1.65 -4.76 17.59
CA TYR A 319 0.41 -5.54 17.63
C TYR A 319 0.64 -7.02 17.98
N THR A 320 -0.17 -7.52 18.93
CA THR A 320 -0.13 -8.96 19.26
C THR A 320 -1.05 -9.74 18.35
N ASP A 321 -2.25 -9.23 18.27
CA ASP A 321 -3.39 -9.92 17.68
C ASP A 321 -3.40 -10.07 16.17
N LEU A 322 -2.25 -9.82 15.50
CA LEU A 322 -2.12 -9.80 14.04
C LEU A 322 -2.69 -11.03 13.32
N PRO A 323 -2.58 -12.29 13.78
CA PRO A 323 -3.30 -13.41 13.20
C PRO A 323 -4.81 -13.22 13.23
N GLY A 324 -5.33 -12.76 14.37
CA GLY A 324 -6.74 -12.43 14.48
C GLY A 324 -7.09 -11.36 13.42
N ARG A 325 -6.26 -10.34 13.31
CA ARG A 325 -6.43 -9.31 12.31
C ARG A 325 -6.47 -9.76 10.86
N LEU A 326 -5.90 -10.92 10.54
CA LEU A 326 -5.95 -11.49 9.20
C LEU A 326 -6.57 -12.86 9.41
N PRO A 327 -7.84 -12.95 9.81
CA PRO A 327 -8.47 -14.15 10.38
C PRO A 327 -8.41 -15.37 9.49
N THR A 328 -8.88 -15.25 8.25
CA THR A 328 -9.01 -16.38 7.35
C THR A 328 -7.64 -16.93 7.02
N GLN A 329 -6.67 -16.04 6.82
CA GLN A 329 -5.34 -16.43 6.40
C GLN A 329 -4.68 -17.25 7.49
N SER A 330 -4.86 -16.77 8.72
CA SER A 330 -4.42 -17.50 9.91
C SER A 330 -5.05 -18.84 10.03
N SER A 331 -6.39 -18.91 9.98
CA SER A 331 -7.15 -20.18 10.13
C SER A 331 -6.84 -21.12 8.95
N GLN A 332 -6.51 -20.56 7.77
CA GLN A 332 -6.03 -21.35 6.66
C GLN A 332 -4.65 -21.92 6.94
N LEU A 333 -3.67 -21.04 7.20
CA LEU A 333 -2.28 -21.46 7.28
C LEU A 333 -2.02 -22.26 8.56
N TYR A 334 -2.37 -21.78 9.75
CA TYR A 334 -2.30 -22.60 10.96
C TYR A 334 -2.98 -23.96 10.74
N GLY A 335 -4.19 -23.91 10.18
CA GLY A 335 -4.92 -25.09 9.70
C GLY A 335 -4.07 -26.00 8.86
N THR A 336 -3.39 -25.50 7.82
CA THR A 336 -2.66 -26.33 6.89
C THR A 336 -1.40 -26.93 7.58
N ASN A 337 -0.78 -26.18 8.46
CA ASN A 337 0.33 -26.75 9.24
C ASN A 337 -0.14 -27.88 10.13
N LEU A 338 -1.27 -27.66 10.79
CA LEU A 338 -1.97 -28.66 11.60
C LEU A 338 -2.23 -29.94 10.80
N VAL A 339 -2.69 -29.76 9.57
CA VAL A 339 -2.95 -30.90 8.72
C VAL A 339 -1.63 -31.55 8.31
N ASN A 340 -0.59 -30.74 8.05
CA ASN A 340 0.70 -31.25 7.62
C ASN A 340 1.39 -31.99 8.73
N LEU A 341 1.12 -31.61 9.98
CA LEU A 341 1.58 -32.36 11.15
C LEU A 341 0.78 -33.67 11.24
N LEU A 342 -0.56 -33.60 11.20
CA LEU A 342 -1.42 -34.78 11.26
C LEU A 342 -1.38 -35.68 10.05
N LYS A 343 -0.66 -35.31 9.01
CA LYS A 343 -0.27 -36.27 7.99
C LYS A 343 0.72 -37.28 8.53
N LEU A 344 1.61 -36.86 9.40
CA LEU A 344 2.46 -37.79 10.15
C LEU A 344 1.66 -38.42 11.29
N LEU A 345 0.93 -37.63 12.05
CA LEU A 345 0.09 -38.13 13.11
C LEU A 345 -1.22 -38.75 12.67
N CYS A 346 -1.37 -39.12 11.42
CA CYS A 346 -2.43 -40.00 10.97
C CYS A 346 -1.92 -40.60 9.67
N LYS A 347 -1.05 -41.62 9.85
CA LYS A 347 -0.48 -42.29 8.71
C LYS A 347 -1.44 -43.26 8.11
N GLU A 348 -2.16 -43.99 8.96
CA GLU A 348 -2.90 -45.15 8.50
C GLU A 348 -4.11 -44.80 7.63
N LYS A 349 -4.96 -43.89 8.10
CA LYS A 349 -6.05 -43.35 7.28
C LYS A 349 -6.98 -44.34 6.60
N ASP A 350 -7.86 -45.18 7.14
CA ASP A 350 -8.24 -45.34 8.53
C ASP A 350 -8.83 -44.14 9.23
N GLY A 351 -8.02 -43.33 9.94
CA GLY A 351 -8.54 -42.10 10.47
C GLY A 351 -8.43 -42.16 11.98
N ASN A 352 -7.18 -42.10 12.44
CA ASN A 352 -6.85 -42.21 13.85
C ASN A 352 -5.40 -41.80 14.05
N ILE A 353 -5.13 -41.23 15.22
CA ILE A 353 -3.80 -40.81 15.59
C ILE A 353 -2.73 -41.87 15.49
N THR A 354 -1.69 -41.53 14.73
CA THR A 354 -0.43 -42.24 14.80
C THR A 354 0.41 -41.37 15.72
N VAL A 355 0.49 -41.79 16.96
CA VAL A 355 1.24 -41.06 17.99
C VAL A 355 2.65 -41.62 17.97
N ASP A 356 3.61 -40.79 17.56
CA ASP A 356 5.00 -41.20 17.46
C ASP A 356 5.84 -40.45 18.50
N PHE A 357 6.82 -41.10 19.03
CA PHE A 357 7.70 -40.59 20.04
C PHE A 357 9.14 -40.51 19.47
N ASP A 358 9.35 -40.82 18.19
CA ASP A 358 10.73 -40.98 17.67
C ASP A 358 11.20 -39.70 17.03
N ASP A 359 10.55 -39.25 15.95
CA ASP A 359 11.05 -38.13 15.16
C ASP A 359 11.00 -36.78 15.86
N VAL A 360 11.97 -35.88 15.66
CA VAL A 360 12.01 -34.60 16.32
C VAL A 360 10.85 -33.72 15.89
N VAL A 361 10.35 -33.87 14.68
CA VAL A 361 9.30 -33.00 14.18
C VAL A 361 7.96 -33.40 14.78
N ILE A 362 7.83 -34.60 15.35
CA ILE A 362 6.65 -34.98 16.11
C ILE A 362 7.01 -34.82 17.59
N ARG A 363 7.90 -35.71 18.11
CA ARG A 363 8.26 -35.75 19.52
C ARG A 363 8.79 -34.43 20.07
N GLY A 364 9.47 -33.60 19.26
CA GLY A 364 9.87 -32.25 19.62
C GLY A 364 8.65 -31.35 19.87
N VAL A 365 7.67 -31.42 18.97
CA VAL A 365 6.45 -30.61 19.07
C VAL A 365 5.56 -31.09 20.21
N THR A 366 5.56 -32.42 20.39
CA THR A 366 4.85 -33.09 21.49
C THR A 366 5.53 -32.76 22.80
N VAL A 367 5.10 -31.64 23.41
CA VAL A 367 5.60 -31.23 24.71
C VAL A 367 5.01 -32.04 25.85
N ILE A 368 3.85 -32.64 25.66
CA ILE A 368 3.34 -33.62 26.65
C ILE A 368 2.88 -34.80 25.78
N ARG A 369 3.18 -36.05 26.14
CA ARG A 369 2.66 -37.19 25.40
C ARG A 369 1.80 -37.94 26.41
N ALA A 370 0.49 -37.96 26.17
CA ALA A 370 -0.57 -38.36 27.08
C ALA A 370 -0.18 -38.19 28.55
N GLY A 371 -0.15 -36.96 29.05
CA GLY A 371 0.07 -36.74 30.46
C GLY A 371 1.55 -36.63 30.81
N GLU A 372 2.44 -37.41 30.18
CA GLU A 372 3.85 -37.35 30.51
C GLU A 372 4.44 -36.09 29.93
N ILE A 373 5.05 -35.23 30.74
CA ILE A 373 5.59 -33.98 30.21
C ILE A 373 6.92 -34.21 29.48
N THR A 374 6.72 -34.52 28.20
CA THR A 374 7.81 -34.89 27.33
C THR A 374 8.73 -33.75 26.96
N TRP A 375 8.32 -32.52 27.25
CA TRP A 375 9.08 -31.29 27.18
C TRP A 375 10.44 -31.48 27.86
N PRO A 376 11.58 -31.05 27.27
CA PRO A 376 11.66 -30.30 26.00
C PRO A 376 11.59 -31.10 24.70
N ALA A 377 11.95 -30.43 23.62
CA ALA A 377 12.25 -31.11 22.37
C ALA A 377 13.60 -31.81 22.45
N PRO A 378 13.81 -33.02 21.91
CA PRO A 378 15.14 -33.57 21.66
C PRO A 378 15.76 -32.76 20.51
N PRO A 379 17.04 -32.43 20.53
CA PRO A 379 17.67 -31.66 19.48
C PRO A 379 17.78 -32.34 18.11
N ILE A 380 17.99 -33.55 18.02
N HIS B 5 0.97 43.20 4.77
CA HIS B 5 0.12 42.05 4.58
C HIS B 5 1.04 40.85 4.90
N HIS B 6 0.62 39.61 4.61
CA HIS B 6 1.56 38.54 4.49
C HIS B 6 1.61 38.30 2.99
N HIS B 7 2.12 39.31 2.24
CA HIS B 7 2.10 39.30 0.80
C HIS B 7 3.16 38.37 0.29
N GLY B 8 2.76 37.44 -0.58
CA GLY B 8 3.63 36.32 -0.99
C GLY B 8 3.56 35.13 -0.07
N ARG B 9 2.85 35.24 1.05
CA ARG B 9 2.78 34.12 1.98
C ARG B 9 1.55 33.28 1.67
N ILE B 10 1.83 31.99 1.76
CA ILE B 10 0.82 30.96 1.74
C ILE B 10 0.57 30.60 3.20
N GLY B 11 -0.71 30.37 3.47
CA GLY B 11 -1.20 29.86 4.74
C GLY B 11 -1.72 28.44 4.54
N ILE B 12 -1.17 27.49 5.29
CA ILE B 12 -1.64 26.11 5.28
C ILE B 12 -2.33 25.87 6.61
N PRO B 13 -3.67 25.68 6.63
CA PRO B 13 -4.42 25.44 7.84
C PRO B 13 -4.27 24.06 8.44
N ARG B 14 -4.52 23.88 9.74
CA ARG B 14 -4.77 22.57 10.32
C ARG B 14 -6.22 22.23 10.00
N GLU B 15 -6.34 21.47 8.92
CA GLU B 15 -7.65 21.19 8.32
C GLU B 15 -8.77 20.66 9.20
N ARG B 16 -9.98 21.01 8.77
CA ARG B 16 -11.20 20.95 9.52
C ARG B 16 -11.98 19.67 9.37
N LEU B 17 -11.79 18.89 8.30
CA LEU B 17 -12.63 17.73 8.09
C LEU B 17 -12.43 16.61 9.15
N THR B 18 -13.42 15.72 9.27
CA THR B 18 -13.36 14.61 10.21
C THR B 18 -12.26 13.68 9.69
N ASN B 19 -11.40 13.28 10.63
CA ASN B 19 -10.26 12.39 10.38
C ASN B 19 -9.26 13.00 9.39
N GLU B 20 -9.28 14.34 9.27
CA GLU B 20 -8.45 14.94 8.25
C GLU B 20 -6.99 15.01 8.68
N THR B 21 -6.23 14.32 7.88
CA THR B 21 -4.77 14.23 8.01
C THR B 21 -4.03 15.06 6.96
N ARG B 22 -4.74 15.60 5.96
CA ARG B 22 -4.10 16.35 4.89
C ARG B 22 -3.69 17.74 5.30
N VAL B 23 -2.39 17.96 5.42
CA VAL B 23 -1.76 19.29 5.49
C VAL B 23 -1.53 19.67 4.05
N ALA B 24 -2.08 20.76 3.53
CA ALA B 24 -1.89 21.05 2.12
C ALA B 24 -0.44 21.29 1.67
N ALA B 25 0.54 21.35 2.57
CA ALA B 25 1.94 21.39 2.17
C ALA B 25 2.74 20.72 3.28
N THR B 26 3.29 19.55 2.93
CA THR B 26 4.21 18.85 3.81
C THR B 26 5.66 19.34 3.63
N PRO B 27 6.72 19.14 4.47
CA PRO B 27 8.06 19.70 4.29
C PRO B 27 8.62 19.76 2.87
N LYS B 28 8.53 18.70 2.07
CA LYS B 28 9.04 18.70 0.71
C LYS B 28 8.27 19.74 -0.09
N THR B 29 6.91 19.70 0.02
CA THR B 29 6.05 20.70 -0.59
C THR B 29 6.27 22.11 -0.05
N VAL B 30 6.60 22.33 1.26
CA VAL B 30 7.07 23.61 1.75
C VAL B 30 8.25 24.11 0.89
N GLU B 31 9.29 23.29 0.70
CA GLU B 31 10.42 23.68 -0.09
C GLU B 31 10.10 23.93 -1.59
N GLN B 32 9.18 23.10 -2.10
CA GLN B 32 8.68 23.21 -3.47
C GLN B 32 8.10 24.61 -3.71
N LEU B 33 7.28 25.04 -2.74
CA LEU B 33 6.67 26.38 -2.80
C LEU B 33 7.65 27.53 -2.52
N LEU B 34 8.63 27.32 -1.62
CA LEU B 34 9.66 28.30 -1.33
C LEU B 34 10.51 28.54 -2.57
N LYS B 35 10.86 27.49 -3.30
CA LYS B 35 11.47 27.57 -4.62
C LYS B 35 10.69 28.32 -5.67
N LEU B 36 9.37 28.11 -5.69
CA LEU B 36 8.45 28.84 -6.52
C LEU B 36 8.33 30.27 -6.06
N GLY B 37 8.86 30.63 -4.90
CA GLY B 37 9.02 32.03 -4.55
C GLY B 37 8.02 32.49 -3.52
N PHE B 38 7.20 31.59 -3.01
CA PHE B 38 6.23 31.94 -2.00
C PHE B 38 6.86 31.75 -0.64
N THR B 39 6.36 32.39 0.42
CA THR B 39 6.82 32.13 1.75
C THR B 39 5.72 31.21 2.34
N VAL B 40 6.02 30.14 3.08
CA VAL B 40 5.05 29.18 3.53
C VAL B 40 4.86 29.40 5.02
N ALA B 41 3.63 29.35 5.44
CA ALA B 41 3.31 29.30 6.85
C ALA B 41 2.36 28.13 7.06
N VAL B 42 2.72 27.35 8.06
CA VAL B 42 1.90 26.23 8.43
C VAL B 42 1.34 26.43 9.84
N GLU B 43 0.05 26.10 10.00
CA GLU B 43 -0.66 26.24 11.27
C GLU B 43 -0.18 25.13 12.18
N SER B 44 0.30 25.45 13.37
CA SER B 44 0.80 24.49 14.31
C SER B 44 -0.23 23.43 14.69
N GLY B 45 0.17 22.19 14.44
CA GLY B 45 -0.73 21.09 14.64
C GLY B 45 -0.95 20.37 13.33
N ALA B 46 -0.81 21.10 12.21
CA ALA B 46 -0.98 20.52 10.90
C ALA B 46 -0.02 19.36 10.63
N GLY B 47 1.15 19.51 11.22
CA GLY B 47 2.08 18.39 11.35
C GLY B 47 1.46 17.21 12.09
N GLN B 48 0.88 17.45 13.28
CA GLN B 48 0.26 16.39 14.09
C GLN B 48 -0.88 15.69 13.36
N LEU B 49 -1.55 16.45 12.47
CA LEU B 49 -2.48 15.82 11.52
C LEU B 49 -1.73 14.89 10.57
N ALA B 50 -0.75 15.37 9.80
CA ALA B 50 0.02 14.53 8.89
C ALA B 50 1.03 13.64 9.61
N SER B 51 0.96 13.44 10.94
CA SER B 51 1.82 12.50 11.66
C SER B 51 3.27 12.88 11.59
N PHE B 52 3.50 14.16 11.90
CA PHE B 52 4.77 14.80 11.69
C PHE B 52 4.99 15.76 12.87
N ASP B 53 6.26 16.05 13.12
CA ASP B 53 6.63 17.12 14.03
C ASP B 53 6.60 18.42 13.24
N ASP B 54 5.89 19.45 13.71
CA ASP B 54 5.75 20.73 13.04
C ASP B 54 7.09 21.40 12.76
N LYS B 55 8.07 21.20 13.63
CA LYS B 55 9.41 21.77 13.47
C LYS B 55 10.14 21.14 12.28
N ALA B 56 9.66 20.00 11.75
CA ALA B 56 10.20 19.49 10.48
C ALA B 56 9.83 20.40 9.33
N PHE B 57 8.68 21.08 9.46
CA PHE B 57 8.27 22.05 8.45
C PHE B 57 9.21 23.24 8.52
N VAL B 58 9.75 23.58 9.70
CA VAL B 58 10.69 24.68 9.87
C VAL B 58 11.99 24.23 9.19
N GLN B 59 12.38 22.96 9.39
CA GLN B 59 13.57 22.38 8.82
C GLN B 59 13.52 22.45 7.29
N ALA B 60 12.31 22.40 6.73
CA ALA B 60 12.10 22.70 5.34
C ALA B 60 12.12 24.17 5.03
N GLY B 61 11.53 24.99 5.90
CA GLY B 61 11.62 26.43 5.80
C GLY B 61 10.31 27.16 6.04
N ALA B 62 9.31 26.55 6.67
CA ALA B 62 8.03 27.20 6.93
C ALA B 62 8.02 27.95 8.24
N GLU B 63 7.32 29.09 8.27
CA GLU B 63 7.02 29.77 9.49
C GLU B 63 5.94 28.92 10.14
N ILE B 64 6.12 28.45 11.36
CA ILE B 64 5.01 27.86 12.08
C ILE B 64 4.28 28.96 12.84
N VAL B 65 3.02 29.15 12.43
CA VAL B 65 2.20 30.10 13.15
C VAL B 65 1.12 29.29 13.84
N GLU B 66 0.81 29.65 15.07
CA GLU B 66 -0.09 28.89 15.93
C GLU B 66 -1.45 29.51 15.95
N GLY B 67 -2.41 28.97 15.19
CA GLY B 67 -3.74 29.52 15.05
C GLY B 67 -3.92 30.25 13.74
N ASN B 68 -5.15 30.77 13.63
CA ASN B 68 -5.69 31.31 12.40
C ASN B 68 -5.03 32.54 11.79
N SER B 69 -3.94 33.02 12.41
CA SER B 69 -2.86 33.84 11.83
C SER B 69 -2.54 33.28 10.44
N VAL B 70 -2.50 31.94 10.26
CA VAL B 70 -2.30 31.33 8.94
C VAL B 70 -3.25 31.83 7.86
N TRP B 71 -4.48 32.23 8.22
CA TRP B 71 -5.49 32.60 7.26
C TRP B 71 -5.21 34.00 6.71
N GLN B 72 -4.44 34.84 7.44
CA GLN B 72 -4.08 36.16 7.01
C GLN B 72 -2.83 35.93 6.13
N SER B 73 -3.04 35.61 4.87
CA SER B 73 -2.02 35.32 3.87
C SER B 73 -2.60 35.71 2.50
N GLU B 74 -1.77 35.64 1.46
CA GLU B 74 -2.27 35.89 0.15
C GLU B 74 -2.90 34.67 -0.44
N ILE B 75 -2.28 33.51 -0.21
CA ILE B 75 -2.73 32.26 -0.79
C ILE B 75 -3.04 31.38 0.41
N ILE B 76 -4.16 30.70 0.40
CA ILE B 76 -4.48 29.72 1.40
C ILE B 76 -4.62 28.47 0.56
N LEU B 77 -3.74 27.51 0.82
CA LEU B 77 -3.90 26.23 0.17
C LEU B 77 -4.47 25.35 1.28
N LYS B 78 -5.78 25.08 1.16
CA LYS B 78 -6.59 24.49 2.18
C LYS B 78 -7.25 23.30 1.50
N VAL B 79 -7.49 22.23 2.24
CA VAL B 79 -7.95 20.99 1.61
C VAL B 79 -9.42 21.02 1.32
N ASN B 80 -10.29 21.04 2.30
CA ASN B 80 -11.68 20.68 2.10
C ASN B 80 -12.60 21.90 2.11
N ALA B 81 -13.90 21.78 2.35
CA ALA B 81 -14.82 22.93 2.31
C ALA B 81 -14.48 23.93 3.39
N PRO B 82 -14.61 25.22 3.09
CA PRO B 82 -14.64 26.29 4.08
C PRO B 82 -15.91 26.39 4.95
N LEU B 83 -15.82 26.24 6.29
CA LEU B 83 -16.92 26.61 7.14
C LEU B 83 -16.96 28.14 7.20
N ASP B 84 -18.05 28.65 7.80
CA ASP B 84 -18.37 30.07 7.89
C ASP B 84 -17.28 30.90 8.54
N ASP B 85 -16.63 30.36 9.60
CA ASP B 85 -15.53 31.05 10.27
C ASP B 85 -14.35 31.11 9.32
N GLU B 86 -14.09 30.07 8.55
CA GLU B 86 -12.95 30.03 7.65
C GLU B 86 -13.13 31.12 6.59
N ILE B 87 -14.37 31.16 6.07
CA ILE B 87 -14.80 32.16 5.11
C ILE B 87 -14.69 33.58 5.70
N ALA B 88 -14.99 33.72 6.97
CA ALA B 88 -14.78 34.97 7.69
C ALA B 88 -13.33 35.30 8.03
N LEU B 89 -12.48 34.30 8.21
CA LEU B 89 -11.06 34.48 8.40
C LEU B 89 -10.38 34.91 7.09
N LEU B 90 -10.96 34.51 5.99
CA LEU B 90 -10.57 34.97 4.67
C LEU B 90 -10.66 36.47 4.54
N ASN B 91 -9.56 37.02 4.09
CA ASN B 91 -9.42 38.44 3.82
C ASN B 91 -9.93 38.69 2.42
N PRO B 92 -10.77 39.69 2.09
CA PRO B 92 -11.08 40.06 0.70
C PRO B 92 -9.86 40.14 -0.21
N GLY B 93 -9.87 39.18 -1.10
CA GLY B 93 -8.86 39.09 -2.14
C GLY B 93 -8.30 37.70 -2.19
N THR B 94 -7.94 37.23 -1.00
CA THR B 94 -7.11 36.07 -0.75
C THR B 94 -7.47 34.86 -1.60
N THR B 95 -6.43 34.35 -2.27
CA THR B 95 -6.56 33.27 -3.18
C THR B 95 -6.66 31.97 -2.41
N LEU B 96 -7.92 31.62 -2.13
CA LEU B 96 -8.23 30.33 -1.59
C LEU B 96 -8.16 29.25 -2.68
N VAL B 97 -7.58 28.12 -2.35
CA VAL B 97 -7.53 27.02 -3.28
C VAL B 97 -7.93 25.83 -2.44
N SER B 98 -9.09 25.22 -2.71
CA SER B 98 -9.68 24.16 -1.85
C SER B 98 -10.72 23.34 -2.63
N PHE B 99 -11.11 22.17 -2.14
CA PHE B 99 -12.28 21.46 -2.61
C PHE B 99 -13.54 22.18 -2.18
N ILE B 100 -14.22 22.91 -3.03
CA ILE B 100 -15.47 23.54 -2.63
C ILE B 100 -16.64 22.61 -2.80
N TRP B 101 -16.65 21.94 -3.97
CA TRP B 101 -17.84 21.37 -4.56
C TRP B 101 -18.91 22.44 -4.75
N PRO B 102 -18.72 23.32 -5.73
CA PRO B 102 -19.64 24.42 -6.01
C PRO B 102 -21.11 24.01 -6.27
N ALA B 103 -21.37 23.05 -7.15
CA ALA B 103 -22.72 22.63 -7.48
C ALA B 103 -23.39 21.99 -6.22
N GLN B 104 -22.60 21.33 -5.40
CA GLN B 104 -23.09 20.78 -4.15
C GLN B 104 -23.17 21.85 -3.09
N ASN B 105 -22.52 23.02 -3.20
CA ASN B 105 -22.50 24.05 -2.13
C ASN B 105 -22.56 25.48 -2.72
N PRO B 106 -23.62 25.88 -3.48
CA PRO B 106 -23.76 27.25 -4.01
C PRO B 106 -23.79 28.30 -2.93
N GLU B 107 -24.35 28.00 -1.74
CA GLU B 107 -24.42 28.94 -0.64
C GLU B 107 -23.02 29.29 -0.18
N LEU B 108 -22.23 28.24 -0.02
CA LEU B 108 -20.85 28.36 0.47
C LEU B 108 -20.05 29.18 -0.53
N MET B 109 -20.19 28.88 -1.84
CA MET B 109 -19.66 29.70 -2.94
C MET B 109 -20.08 31.13 -2.75
N GLN B 110 -21.37 31.36 -2.53
CA GLN B 110 -21.83 32.74 -2.41
C GLN B 110 -21.22 33.49 -1.22
N LYS B 111 -21.03 32.79 -0.09
CA LYS B 111 -20.34 33.39 1.02
C LYS B 111 -18.94 33.81 0.67
N LEU B 112 -18.20 32.94 0.00
CA LEU B 112 -16.87 33.25 -0.48
C LEU B 112 -16.80 34.45 -1.42
N ALA B 113 -17.77 34.44 -2.31
CA ALA B 113 -18.00 35.56 -3.22
C ALA B 113 -18.21 36.85 -2.47
N GLU B 114 -19.18 36.92 -1.52
CA GLU B 114 -19.42 38.14 -0.74
C GLU B 114 -18.28 38.51 0.19
N ARG B 115 -17.41 37.53 0.52
CA ARG B 115 -16.16 37.75 1.22
C ARG B 115 -15.01 38.17 0.33
N ASN B 116 -15.32 38.25 -0.96
CA ASN B 116 -14.42 38.82 -1.98
C ASN B 116 -13.09 38.15 -2.23
N VAL B 117 -13.09 36.85 -1.98
CA VAL B 117 -11.87 36.09 -2.16
C VAL B 117 -11.76 35.54 -3.58
N THR B 118 -10.61 35.00 -3.93
CA THR B 118 -10.41 34.42 -5.24
C THR B 118 -10.27 32.90 -4.96
N VAL B 119 -11.18 32.09 -5.53
CA VAL B 119 -11.23 30.69 -5.18
C VAL B 119 -10.96 29.82 -6.41
N MET B 120 -9.99 28.91 -6.29
CA MET B 120 -9.73 27.84 -7.24
C MET B 120 -10.33 26.58 -6.60
N ALA B 121 -11.36 26.01 -7.26
CA ALA B 121 -11.97 24.84 -6.71
C ALA B 121 -11.22 23.61 -7.15
N MET B 122 -10.43 23.05 -6.21
CA MET B 122 -9.61 21.87 -6.48
C MET B 122 -10.35 20.63 -6.93
N ASP B 123 -11.66 20.61 -6.75
CA ASP B 123 -12.50 19.57 -7.25
C ASP B 123 -12.89 19.93 -8.69
N SER B 124 -13.14 21.19 -9.00
CA SER B 124 -13.67 21.60 -10.31
C SER B 124 -12.52 22.01 -11.23
N VAL B 125 -11.38 21.30 -11.16
CA VAL B 125 -10.33 21.50 -12.17
C VAL B 125 -10.79 20.74 -13.39
N PRO B 126 -10.75 21.28 -14.61
CA PRO B 126 -11.23 20.66 -15.85
C PRO B 126 -10.79 19.22 -16.07
N ARG B 127 -11.66 18.35 -16.63
CA ARG B 127 -11.30 16.94 -16.76
C ARG B 127 -10.42 16.62 -17.98
N ILE B 128 -9.26 17.31 -18.06
CA ILE B 128 -8.33 17.11 -19.15
C ILE B 128 -6.98 16.86 -18.55
N SER B 129 -6.13 16.09 -19.22
CA SER B 129 -4.77 15.85 -18.77
C SER B 129 -3.93 17.08 -18.44
N ARG B 130 -4.12 18.21 -19.12
CA ARG B 130 -3.46 19.50 -18.84
C ARG B 130 -3.78 19.91 -17.42
N ALA B 131 -4.99 19.68 -16.97
CA ALA B 131 -5.35 19.97 -15.60
C ALA B 131 -4.98 18.82 -14.69
N GLN B 132 -4.99 17.56 -15.16
CA GLN B 132 -4.94 16.40 -14.27
C GLN B 132 -3.74 16.26 -13.32
N SER B 133 -2.55 16.79 -13.61
CA SER B 133 -1.46 16.81 -12.68
C SER B 133 -1.72 17.80 -11.54
N LEU B 134 -2.38 18.88 -11.94
CA LEU B 134 -2.77 19.98 -11.07
C LEU B 134 -4.00 19.62 -10.30
N ASP B 135 -4.87 18.79 -10.91
CA ASP B 135 -6.12 18.35 -10.34
C ASP B 135 -5.97 17.55 -9.09
N ALA B 136 -6.61 18.01 -8.02
CA ALA B 136 -6.57 17.38 -6.75
C ALA B 136 -7.32 16.06 -6.73
N LEU B 137 -8.42 15.98 -7.48
CA LEU B 137 -9.16 14.72 -7.52
C LEU B 137 -8.26 13.55 -8.01
N SER B 138 -7.29 13.78 -8.93
CA SER B 138 -6.41 12.73 -9.36
C SER B 138 -5.65 12.09 -8.21
N SER B 139 -4.93 12.94 -7.49
CA SER B 139 -4.11 12.54 -6.36
C SER B 139 -4.95 12.00 -5.20
N MET B 140 -6.11 12.58 -4.93
CA MET B 140 -6.96 12.08 -3.86
C MET B 140 -7.58 10.75 -4.18
N ALA B 141 -7.81 10.54 -5.48
CA ALA B 141 -8.28 9.30 -5.96
C ALA B 141 -7.11 8.29 -5.89
N ASN B 142 -5.87 8.70 -6.20
CA ASN B 142 -4.73 7.82 -6.16
C ASN B 142 -4.42 7.38 -4.74
N ILE B 143 -4.62 8.27 -3.77
CA ILE B 143 -4.49 7.96 -2.34
C ILE B 143 -5.59 6.91 -2.12
N ALA B 144 -6.82 7.22 -2.49
CA ALA B 144 -7.93 6.33 -2.26
C ALA B 144 -7.74 4.93 -2.83
N GLY B 145 -7.13 4.81 -3.98
CA GLY B 145 -6.88 3.50 -4.58
C GLY B 145 -5.81 2.69 -3.87
N TYR B 146 -4.70 3.32 -3.50
CA TYR B 146 -3.64 2.64 -2.78
C TYR B 146 -4.03 2.31 -1.34
N ARG B 147 -4.70 3.29 -0.73
CA ARG B 147 -5.24 3.16 0.59
C ARG B 147 -6.38 2.16 0.60
N ALA B 148 -7.09 2.01 -0.52
CA ALA B 148 -8.14 1.01 -0.65
C ALA B 148 -7.46 -0.34 -0.40
N ILE B 149 -6.34 -0.64 -1.09
CA ILE B 149 -5.61 -1.89 -0.88
C ILE B 149 -5.17 -1.99 0.57
N VAL B 150 -4.67 -0.92 1.16
CA VAL B 150 -4.22 -0.91 2.55
C VAL B 150 -5.32 -1.29 3.53
N GLU B 151 -6.35 -0.48 3.57
CA GLU B 151 -7.44 -0.68 4.54
C GLU B 151 -8.14 -2.02 4.30
N ALA B 152 -8.26 -2.42 3.02
CA ALA B 152 -8.64 -3.79 2.64
C ALA B 152 -7.75 -4.83 3.27
N ALA B 153 -6.44 -4.86 3.01
CA ALA B 153 -5.56 -5.86 3.62
C ALA B 153 -5.53 -5.85 5.16
N HIS B 154 -5.81 -4.66 5.70
CA HIS B 154 -6.02 -4.44 7.09
C HIS B 154 -7.26 -5.19 7.54
N GLU B 155 -8.35 -5.12 6.83
CA GLU B 155 -9.55 -5.82 7.23
C GLU B 155 -9.80 -7.13 6.50
N PHE B 156 -8.88 -7.53 5.66
CA PHE B 156 -9.01 -8.68 4.82
C PHE B 156 -8.80 -9.93 5.68
N GLY B 157 -9.55 -10.95 5.30
CA GLY B 157 -9.38 -12.30 5.84
C GLY B 157 -8.01 -12.85 5.42
N ARG B 158 -7.62 -12.68 4.14
CA ARG B 158 -6.53 -13.44 3.52
C ARG B 158 -5.38 -12.56 3.03
N PHE B 159 -4.41 -13.11 2.31
CA PHE B 159 -3.40 -12.34 1.61
C PHE B 159 -3.83 -11.96 0.21
N PHE B 160 -3.17 -10.92 -0.30
CA PHE B 160 -3.35 -10.55 -1.71
C PHE B 160 -2.59 -11.46 -2.66
N THR B 161 -1.28 -11.56 -2.46
CA THR B 161 -0.44 -12.45 -3.26
C THR B 161 -0.82 -13.89 -3.02
N GLY B 162 -0.79 -14.68 -4.09
CA GLY B 162 -0.92 -16.11 -4.03
C GLY B 162 0.34 -16.75 -3.46
N GLN B 163 0.73 -16.40 -2.24
CA GLN B 163 2.05 -16.58 -1.72
C GLN B 163 2.28 -18.02 -1.32
N ILE B 164 3.42 -18.54 -1.71
CA ILE B 164 3.78 -19.89 -1.33
C ILE B 164 4.29 -19.68 0.09
N THR B 165 3.62 -20.26 1.07
CA THR B 165 3.97 -20.04 2.46
C THR B 165 4.29 -21.39 3.10
N ALA B 166 5.09 -21.36 4.16
CA ALA B 166 5.41 -22.49 5.01
C ALA B 166 4.43 -23.63 5.14
N ALA B 167 3.23 -23.36 5.62
CA ALA B 167 2.16 -24.35 5.58
C ALA B 167 1.80 -24.85 4.18
N GLY B 168 1.58 -23.92 3.27
CA GLY B 168 0.96 -24.19 2.00
C GLY B 168 0.79 -22.97 1.12
N LYS B 169 0.24 -23.19 -0.08
CA LYS B 169 0.03 -22.09 -1.02
C LYS B 169 -1.20 -21.32 -0.63
N VAL B 170 -1.10 -20.03 -0.77
CA VAL B 170 -2.22 -19.13 -0.57
C VAL B 170 -2.90 -18.94 -1.93
N PRO B 171 -4.23 -19.10 -2.10
CA PRO B 171 -4.96 -18.67 -3.32
C PRO B 171 -4.80 -17.17 -3.59
N PRO B 172 -4.56 -16.68 -4.81
CA PRO B 172 -4.45 -15.25 -5.11
C PRO B 172 -5.77 -14.48 -4.96
N ALA B 173 -5.69 -13.25 -4.43
CA ALA B 173 -6.86 -12.37 -4.29
C ALA B 173 -7.18 -11.90 -5.68
N LYS B 174 -8.43 -12.06 -6.09
CA LYS B 174 -8.91 -11.42 -7.31
C LYS B 174 -9.54 -10.09 -6.94
N VAL B 175 -8.83 -9.05 -7.30
CA VAL B 175 -9.15 -7.70 -6.91
C VAL B 175 -9.98 -7.06 -8.02
N MET B 176 -11.30 -7.08 -7.91
CA MET B 176 -12.18 -6.51 -8.92
C MET B 176 -12.24 -4.98 -8.73
N VAL B 177 -11.40 -4.26 -9.47
CA VAL B 177 -11.29 -2.79 -9.35
C VAL B 177 -12.23 -2.19 -10.37
N ILE B 178 -13.42 -1.78 -9.93
CA ILE B 178 -14.45 -1.28 -10.81
C ILE B 178 -14.26 0.21 -10.84
N GLY B 179 -14.01 0.76 -12.04
CA GLY B 179 -13.83 2.19 -12.18
C GLY B 179 -12.34 2.48 -12.21
N ALA B 180 -11.65 1.97 -13.22
CA ALA B 180 -10.22 2.23 -13.41
C ALA B 180 -9.89 3.63 -13.95
N GLY B 181 -10.29 4.66 -13.18
CA GLY B 181 -9.70 6.00 -13.32
C GLY B 181 -8.49 6.01 -12.43
N VAL B 182 -7.98 7.17 -12.00
CA VAL B 182 -6.73 7.26 -11.26
C VAL B 182 -6.71 6.35 -10.02
N ALA B 183 -7.81 6.23 -9.26
CA ALA B 183 -7.86 5.36 -8.11
C ALA B 183 -7.76 3.91 -8.50
N GLY B 184 -8.41 3.56 -9.63
CA GLY B 184 -8.34 2.25 -10.25
C GLY B 184 -6.92 1.86 -10.51
N LEU B 185 -6.24 2.76 -11.22
CA LEU B 185 -4.88 2.56 -11.64
C LEU B 185 -3.94 2.52 -10.42
N ALA B 186 -4.29 3.23 -9.34
CA ALA B 186 -3.54 3.16 -8.09
C ALA B 186 -3.72 1.78 -7.44
N ALA B 187 -4.94 1.22 -7.44
CA ALA B 187 -5.27 -0.03 -6.77
C ALA B 187 -4.59 -1.16 -7.54
N ILE B 188 -4.55 -1.05 -8.86
CA ILE B 188 -3.76 -1.98 -9.68
C ILE B 188 -2.30 -1.79 -9.29
N GLY B 189 -1.79 -0.54 -9.23
CA GLY B 189 -0.40 -0.30 -8.92
C GLY B 189 0.06 -0.84 -7.56
N ALA B 190 -0.83 -0.97 -6.61
CA ALA B 190 -0.49 -1.59 -5.34
C ALA B 190 -0.73 -3.10 -5.38
N ALA B 191 -1.98 -3.54 -5.60
CA ALA B 191 -2.39 -4.96 -5.57
C ALA B 191 -1.71 -5.88 -6.58
N ASN B 192 -1.60 -5.43 -7.84
CA ASN B 192 -0.93 -6.22 -8.85
C ASN B 192 0.54 -6.33 -8.50
N SER B 193 1.24 -5.25 -8.13
CA SER B 193 2.63 -5.37 -7.70
C SER B 193 2.81 -6.34 -6.53
N LEU B 194 1.94 -6.26 -5.49
CA LEU B 194 1.84 -7.32 -4.49
C LEU B 194 1.80 -8.71 -5.11
N GLY B 195 0.90 -8.95 -6.06
CA GLY B 195 0.79 -10.22 -6.73
C GLY B 195 -0.60 -10.75 -6.74
N ALA B 196 -1.57 -9.86 -6.68
CA ALA B 196 -2.97 -10.27 -6.65
C ALA B 196 -3.54 -10.05 -8.04
N ILE B 197 -4.46 -10.88 -8.49
CA ILE B 197 -4.93 -10.87 -9.86
C ILE B 197 -6.00 -9.78 -9.85
N VAL B 198 -5.66 -8.62 -10.39
CA VAL B 198 -6.56 -7.53 -10.53
C VAL B 198 -7.36 -7.83 -11.76
N ARG B 199 -8.66 -7.67 -11.52
CA ARG B 199 -9.61 -7.72 -12.57
C ARG B 199 -10.28 -6.37 -12.55
N ALA B 200 -9.71 -5.47 -13.31
CA ALA B 200 -10.21 -4.09 -13.32
C ALA B 200 -11.28 -3.85 -14.40
N PHE B 201 -12.43 -3.25 -14.02
CA PHE B 201 -13.45 -2.92 -14.98
C PHE B 201 -13.41 -1.40 -15.18
N ASP B 202 -13.67 -0.92 -16.40
CA ASP B 202 -14.06 0.45 -16.58
C ASP B 202 -14.77 0.45 -17.92
N THR B 203 -15.68 1.37 -18.12
CA THR B 203 -16.41 1.47 -19.38
C THR B 203 -15.66 2.25 -20.44
N ARG B 204 -14.55 2.93 -20.09
CA ARG B 204 -13.74 3.70 -21.02
C ARG B 204 -12.64 2.79 -21.56
N PRO B 205 -12.44 2.63 -22.86
CA PRO B 205 -11.39 1.82 -23.45
C PRO B 205 -9.92 2.00 -23.03
N GLU B 206 -9.35 3.23 -22.93
CA GLU B 206 -7.90 3.37 -23.03
C GLU B 206 -7.14 2.87 -21.79
N VAL B 207 -7.85 2.52 -20.72
CA VAL B 207 -7.22 2.03 -19.51
C VAL B 207 -6.95 0.54 -19.59
N LYS B 208 -7.58 -0.24 -20.49
CA LYS B 208 -7.44 -1.69 -20.63
C LYS B 208 -5.99 -2.12 -20.69
N GLU B 209 -5.22 -1.55 -21.62
CA GLU B 209 -3.82 -1.84 -21.78
C GLU B 209 -2.90 -1.46 -20.63
N GLN B 210 -3.31 -0.52 -19.78
CA GLN B 210 -2.57 -0.21 -18.56
C GLN B 210 -2.57 -1.42 -17.60
N VAL B 211 -3.80 -1.93 -17.45
CA VAL B 211 -4.10 -3.07 -16.60
C VAL B 211 -3.31 -4.26 -17.11
N GLN B 212 -3.47 -4.56 -18.41
CA GLN B 212 -2.77 -5.62 -19.10
C GLN B 212 -1.25 -5.55 -18.90
N SER B 213 -0.64 -4.42 -19.13
CA SER B 213 0.80 -4.31 -18.99
C SER B 213 1.31 -4.33 -17.55
N MET B 214 0.45 -4.30 -16.56
CA MET B 214 0.84 -4.59 -15.20
C MET B 214 0.95 -6.07 -14.93
N GLY B 215 -0.02 -6.75 -15.54
CA GLY B 215 -0.08 -8.20 -15.46
C GLY B 215 -1.43 -8.57 -14.86
N ALA B 216 -2.45 -7.93 -15.39
CA ALA B 216 -3.76 -7.99 -14.77
C ALA B 216 -4.84 -8.06 -15.82
N GLU B 217 -5.93 -8.70 -15.42
CA GLU B 217 -7.05 -8.86 -16.32
C GLU B 217 -7.86 -7.57 -16.27
N PHE B 218 -8.31 -7.16 -17.43
CA PHE B 218 -9.26 -6.08 -17.49
C PHE B 218 -10.60 -6.71 -17.85
N LEU B 219 -11.56 -6.66 -16.92
CA LEU B 219 -12.90 -7.05 -17.28
C LEU B 219 -13.43 -6.05 -18.30
N GLU B 220 -13.71 -6.52 -19.51
CA GLU B 220 -14.30 -5.63 -20.49
C GLU B 220 -15.81 -5.48 -20.29
N LEU B 221 -16.36 -4.60 -21.12
CA LEU B 221 -17.79 -4.47 -21.28
C LEU B 221 -18.36 -5.80 -21.69
N ASP B 222 -19.45 -6.21 -21.00
CA ASP B 222 -20.11 -7.48 -21.20
C ASP B 222 -20.81 -7.48 -22.56
N MET B 237 -22.60 4.00 -20.24
CA MET B 237 -23.16 2.84 -19.57
C MET B 237 -23.24 3.23 -18.10
N SER B 238 -24.34 3.52 -17.37
CA SER B 238 -25.70 3.90 -17.77
C SER B 238 -26.72 2.79 -17.64
N ASP B 239 -27.99 3.22 -17.57
CA ASP B 239 -29.16 2.40 -17.29
C ASP B 239 -29.40 1.20 -18.21
N ALA B 240 -30.09 0.14 -17.74
CA ALA B 240 -30.28 -1.14 -18.42
C ALA B 240 -28.98 -1.92 -18.58
N PHE B 241 -27.90 -1.36 -19.15
CA PHE B 241 -26.58 -2.02 -19.15
C PHE B 241 -26.12 -2.22 -17.71
N ILE B 242 -26.41 -1.31 -16.78
CA ILE B 242 -26.18 -1.56 -15.37
C ILE B 242 -26.71 -2.91 -14.89
N LYS B 243 -27.79 -3.49 -15.39
CA LYS B 243 -28.15 -4.85 -15.09
C LYS B 243 -27.07 -5.82 -15.51
N ALA B 244 -26.52 -5.71 -16.71
CA ALA B 244 -25.46 -6.60 -17.17
C ALA B 244 -24.16 -6.37 -16.41
N GLU B 245 -23.99 -5.11 -16.00
CA GLU B 245 -22.86 -4.72 -15.17
C GLU B 245 -22.93 -5.44 -13.84
N MET B 246 -24.10 -5.43 -13.21
CA MET B 246 -24.39 -6.09 -11.95
C MET B 246 -24.10 -7.57 -12.16
N GLU B 247 -24.73 -8.21 -13.15
CA GLU B 247 -24.47 -9.61 -13.48
C GLU B 247 -23.02 -9.94 -13.73
N LEU B 248 -22.22 -8.98 -14.23
CA LEU B 248 -20.82 -9.22 -14.49
C LEU B 248 -20.09 -9.37 -13.16
N PHE B 249 -20.43 -8.48 -12.23
CA PHE B 249 -19.82 -8.43 -10.89
C PHE B 249 -20.33 -9.59 -9.99
N ALA B 250 -21.62 -9.86 -10.11
CA ALA B 250 -22.26 -10.97 -9.39
C ALA B 250 -21.65 -12.31 -9.82
N ALA B 251 -21.36 -12.47 -11.10
CA ALA B 251 -20.62 -13.61 -11.60
C ALA B 251 -19.23 -13.68 -10.96
N GLN B 252 -18.58 -12.53 -11.00
CA GLN B 252 -17.25 -12.42 -10.41
C GLN B 252 -17.30 -12.61 -8.90
N ALA B 253 -18.42 -12.38 -8.21
CA ALA B 253 -18.44 -12.44 -6.76
C ALA B 253 -17.83 -13.65 -6.03
N LYS B 254 -18.04 -14.84 -6.58
CA LYS B 254 -17.45 -16.05 -6.03
C LYS B 254 -15.93 -16.08 -6.19
N GLU B 255 -15.48 -15.47 -7.27
CA GLU B 255 -14.09 -15.43 -7.61
C GLU B 255 -13.34 -14.37 -6.84
N VAL B 256 -13.91 -13.16 -6.73
CA VAL B 256 -13.14 -12.03 -6.28
C VAL B 256 -13.12 -11.95 -4.77
N ASP B 257 -11.98 -11.37 -4.35
CA ASP B 257 -11.62 -11.20 -2.94
C ASP B 257 -11.73 -9.73 -2.51
N ILE B 258 -11.18 -8.82 -3.29
CA ILE B 258 -11.26 -7.41 -2.93
C ILE B 258 -12.01 -6.74 -4.07
N ILE B 259 -13.08 -6.02 -3.79
CA ILE B 259 -13.75 -5.22 -4.79
C ILE B 259 -13.34 -3.81 -4.48
N VAL B 260 -12.65 -3.13 -5.40
CA VAL B 260 -12.27 -1.74 -5.17
C VAL B 260 -13.12 -0.94 -6.16
N THR B 261 -14.27 -0.57 -5.69
CA THR B 261 -15.29 -0.01 -6.53
C THR B 261 -15.30 1.51 -6.38
N THR B 262 -15.32 2.19 -7.53
CA THR B 262 -14.86 3.56 -7.63
C THR B 262 -15.64 4.38 -8.66
N ALA B 263 -16.91 4.16 -8.97
CA ALA B 263 -17.60 4.98 -9.95
C ALA B 263 -17.92 6.38 -9.40
N LEU B 264 -16.89 7.21 -9.34
CA LEU B 264 -16.97 8.60 -8.94
C LEU B 264 -17.37 9.42 -10.14
N ILE B 265 -18.68 9.36 -10.39
CA ILE B 265 -19.23 9.96 -11.59
C ILE B 265 -19.42 11.46 -11.37
N PRO B 266 -19.00 12.34 -12.31
CA PRO B 266 -18.87 13.78 -12.06
C PRO B 266 -20.01 14.54 -11.45
N GLY B 267 -19.85 14.75 -10.14
CA GLY B 267 -20.73 15.55 -9.36
C GLY B 267 -22.08 14.88 -9.09
N LYS B 268 -22.27 13.62 -9.52
CA LYS B 268 -23.50 12.87 -9.33
C LYS B 268 -23.33 11.81 -8.24
N PRO B 269 -24.31 11.16 -7.61
CA PRO B 269 -24.09 9.98 -6.77
C PRO B 269 -23.70 8.75 -7.60
N ALA B 270 -22.79 7.94 -7.05
CA ALA B 270 -22.42 6.66 -7.64
C ALA B 270 -23.54 5.66 -7.69
N PRO B 271 -23.74 4.93 -8.80
CA PRO B 271 -24.73 3.88 -8.85
C PRO B 271 -24.44 2.70 -7.93
N LYS B 272 -25.46 1.98 -7.53
CA LYS B 272 -25.21 0.86 -6.62
C LYS B 272 -24.77 -0.34 -7.44
N LEU B 273 -23.47 -0.38 -7.76
CA LEU B 273 -22.85 -1.49 -8.45
C LEU B 273 -22.86 -2.77 -7.65
N ILE B 274 -22.43 -2.65 -6.39
CA ILE B 274 -22.39 -3.78 -5.49
C ILE B 274 -23.67 -3.80 -4.64
N THR B 275 -24.60 -4.60 -5.10
CA THR B 275 -25.87 -4.79 -4.42
C THR B 275 -25.78 -5.70 -3.20
N ARG B 276 -26.76 -5.66 -2.31
CA ARG B 276 -26.81 -6.48 -1.10
C ARG B 276 -26.77 -7.96 -1.44
N GLU B 277 -27.43 -8.30 -2.54
CA GLU B 277 -27.29 -9.60 -3.18
C GLU B 277 -25.83 -9.97 -3.38
N MET B 278 -25.11 -9.12 -4.13
CA MET B 278 -23.70 -9.35 -4.47
C MET B 278 -22.77 -9.45 -3.28
N VAL B 279 -23.05 -8.70 -2.21
CA VAL B 279 -22.22 -8.70 -1.00
C VAL B 279 -22.30 -10.07 -0.34
N ASP B 280 -23.52 -10.58 -0.18
CA ASP B 280 -23.72 -11.85 0.51
C ASP B 280 -23.36 -13.00 -0.39
N SER B 281 -23.49 -12.78 -1.70
CA SER B 281 -23.08 -13.75 -2.70
C SER B 281 -21.56 -13.82 -2.84
N MET B 282 -20.85 -12.74 -2.47
CA MET B 282 -19.42 -12.73 -2.58
C MET B 282 -18.69 -13.79 -1.77
N LYS B 283 -17.43 -13.99 -2.14
CA LYS B 283 -16.48 -14.78 -1.39
C LYS B 283 -16.35 -14.23 0.03
N ALA B 284 -16.46 -15.16 0.96
CA ALA B 284 -16.33 -14.90 2.40
C ALA B 284 -14.95 -14.35 2.75
N GLY B 285 -14.78 -13.69 3.89
CA GLY B 285 -13.47 -13.28 4.36
C GLY B 285 -12.80 -12.25 3.45
N SER B 286 -13.61 -11.39 2.84
CA SER B 286 -13.20 -10.56 1.71
C SER B 286 -13.62 -9.13 1.89
N VAL B 287 -13.14 -8.17 1.10
CA VAL B 287 -13.44 -6.76 1.37
C VAL B 287 -14.01 -6.06 0.12
N ILE B 288 -15.12 -5.35 0.25
CA ILE B 288 -15.62 -4.48 -0.79
C ILE B 288 -15.23 -3.13 -0.30
N VAL B 289 -14.14 -2.57 -0.81
CA VAL B 289 -13.76 -1.21 -0.50
C VAL B 289 -14.59 -0.34 -1.44
N ASP B 290 -15.47 0.43 -0.85
CA ASP B 290 -16.24 1.39 -1.60
C ASP B 290 -15.55 2.74 -1.44
N LEU B 291 -15.02 3.20 -2.56
CA LEU B 291 -14.24 4.42 -2.69
C LEU B 291 -15.15 5.57 -3.02
N ALA B 292 -16.33 5.28 -3.56
CA ALA B 292 -17.27 6.34 -3.89
C ALA B 292 -18.30 6.55 -2.79
N ALA B 293 -18.03 6.03 -1.58
CA ALA B 293 -19.07 5.93 -0.55
C ALA B 293 -19.58 7.28 -0.11
N GLN B 294 -18.65 8.26 -0.08
CA GLN B 294 -19.05 9.62 0.21
C GLN B 294 -19.91 10.18 -0.92
N ASN B 295 -19.52 9.98 -2.19
CA ASN B 295 -20.14 10.70 -3.28
C ASN B 295 -21.15 9.78 -3.97
N GLY B 296 -21.86 8.98 -3.16
CA GLY B 296 -22.91 8.12 -3.61
C GLY B 296 -22.87 6.78 -2.93
N GLY B 297 -21.77 6.08 -3.14
CA GLY B 297 -21.57 4.76 -2.58
C GLY B 297 -21.98 3.75 -3.64
N ASN B 298 -21.01 2.96 -4.13
CA ASN B 298 -21.25 1.91 -5.15
C ASN B 298 -21.98 0.76 -4.47
N CYS B 299 -22.02 0.62 -3.16
CA CYS B 299 -22.61 -0.52 -2.54
C CYS B 299 -23.80 -0.18 -1.64
N GLU B 300 -24.85 -0.99 -1.72
CA GLU B 300 -26.04 -0.81 -0.87
C GLU B 300 -25.74 -1.05 0.59
N TYR B 301 -24.95 -2.09 0.84
CA TYR B 301 -24.55 -2.43 2.21
C TYR B 301 -23.47 -1.50 2.77
N THR B 302 -22.90 -0.57 2.00
CA THR B 302 -21.99 0.43 2.55
C THR B 302 -22.61 1.16 3.73
N VAL B 303 -21.79 1.36 4.74
CA VAL B 303 -22.11 2.26 5.86
C VAL B 303 -20.96 3.24 5.62
N PRO B 304 -21.14 4.46 5.09
CA PRO B 304 -20.08 5.44 4.90
C PRO B 304 -19.38 5.77 6.20
N GLY B 305 -18.07 5.69 6.17
CA GLY B 305 -17.28 5.96 7.37
C GLY B 305 -16.93 4.68 8.12
N GLU B 306 -17.66 3.60 7.82
CA GLU B 306 -17.55 2.38 8.57
C GLU B 306 -17.18 1.20 7.66
N ILE B 307 -16.95 0.12 8.36
CA ILE B 307 -16.63 -1.15 7.75
C ILE B 307 -17.86 -2.01 8.10
N PHE B 308 -18.73 -2.28 7.12
CA PHE B 308 -19.84 -3.23 7.27
C PHE B 308 -19.23 -4.63 7.26
N THR B 309 -19.75 -5.64 7.95
CA THR B 309 -19.21 -6.99 7.84
C THR B 309 -20.41 -7.94 7.83
N THR B 310 -20.56 -8.72 6.75
CA THR B 310 -21.58 -9.79 6.76
C THR B 310 -21.10 -10.96 7.62
N GLU B 311 -21.96 -11.98 7.80
CA GLU B 311 -21.70 -13.10 8.69
C GLU B 311 -20.66 -14.04 8.04
N ASN B 312 -20.60 -14.01 6.70
CA ASN B 312 -19.59 -14.75 5.99
C ASN B 312 -18.30 -13.94 6.02
N GLY B 313 -18.30 -12.70 6.49
CA GLY B 313 -17.06 -11.93 6.65
C GLY B 313 -16.74 -11.12 5.42
N VAL B 314 -17.74 -10.57 4.73
CA VAL B 314 -17.42 -9.64 3.67
C VAL B 314 -17.57 -8.28 4.32
N LYS B 315 -16.37 -7.75 4.48
CA LYS B 315 -16.19 -6.46 5.07
C LYS B 315 -16.37 -5.38 4.00
N VAL B 316 -17.51 -4.71 3.97
CA VAL B 316 -17.71 -3.63 3.01
C VAL B 316 -17.12 -2.39 3.66
N ILE B 317 -15.92 -2.05 3.27
CA ILE B 317 -15.24 -0.86 3.82
C ILE B 317 -15.78 0.36 3.07
N GLY B 318 -16.82 0.96 3.56
CA GLY B 318 -17.48 2.01 2.82
C GLY B 318 -16.86 3.32 3.17
N TYR B 319 -15.75 3.72 2.58
CA TYR B 319 -15.07 4.89 3.14
C TYR B 319 -15.30 6.25 2.49
N THR B 320 -15.56 7.13 3.44
CA THR B 320 -15.53 8.54 3.19
C THR B 320 -14.06 9.00 3.14
N ASP B 321 -13.43 8.84 4.28
CA ASP B 321 -12.07 9.37 4.50
C ASP B 321 -10.88 8.76 3.77
N LEU B 322 -11.08 7.83 2.82
CA LEU B 322 -9.97 7.29 2.02
C LEU B 322 -8.95 8.26 1.40
N PRO B 323 -9.29 9.34 0.68
CA PRO B 323 -8.32 10.33 0.19
C PRO B 323 -7.47 10.91 1.30
N GLY B 324 -8.03 11.06 2.51
CA GLY B 324 -7.31 11.70 3.61
C GLY B 324 -6.37 10.72 4.31
N ARG B 325 -6.88 9.56 4.77
CA ARG B 325 -6.19 8.61 5.63
C ARG B 325 -4.70 8.29 5.53
N LEU B 326 -3.95 8.58 4.46
CA LEU B 326 -2.56 8.17 4.38
C LEU B 326 -1.72 9.44 4.61
N PRO B 327 -1.58 9.86 5.89
CA PRO B 327 -1.38 11.25 6.28
C PRO B 327 -0.45 12.10 5.44
N THR B 328 0.84 11.85 5.53
CA THR B 328 1.83 12.62 4.83
C THR B 328 1.74 12.46 3.33
N GLN B 329 1.36 11.31 2.76
CA GLN B 329 1.34 11.16 1.32
C GLN B 329 0.15 11.88 0.75
N SER B 330 -1.02 11.73 1.34
CA SER B 330 -2.22 12.50 1.07
C SER B 330 -1.89 14.00 1.01
N SER B 331 -1.22 14.44 2.08
CA SER B 331 -0.69 15.80 2.13
C SER B 331 0.28 16.12 0.96
N GLN B 332 1.39 15.40 0.80
CA GLN B 332 2.41 15.64 -0.22
C GLN B 332 1.85 15.73 -1.64
N LEU B 333 0.91 14.84 -1.92
CA LEU B 333 0.30 14.80 -3.21
C LEU B 333 -0.65 15.92 -3.46
N TYR B 334 -1.55 16.21 -2.49
CA TYR B 334 -2.46 17.37 -2.56
C TYR B 334 -1.63 18.61 -2.76
N GLY B 335 -0.65 18.73 -1.90
CA GLY B 335 0.45 19.69 -2.00
C GLY B 335 1.01 19.88 -3.38
N THR B 336 1.48 18.81 -4.00
CA THR B 336 2.04 18.88 -5.32
C THR B 336 1.03 19.24 -6.43
N ASN B 337 -0.25 18.89 -6.27
CA ASN B 337 -1.32 19.40 -7.13
C ASN B 337 -1.29 20.92 -7.15
N LEU B 338 -1.26 21.49 -5.93
CA LEU B 338 -1.25 22.92 -5.70
C LEU B 338 0.03 23.53 -6.21
N VAL B 339 1.19 22.87 -6.05
CA VAL B 339 2.45 23.32 -6.67
C VAL B 339 2.24 23.45 -8.17
N ASN B 340 1.73 22.37 -8.76
CA ASN B 340 1.58 22.21 -10.20
C ASN B 340 0.67 23.31 -10.75
N LEU B 341 -0.38 23.62 -10.02
CA LEU B 341 -1.35 24.63 -10.30
C LEU B 341 -0.69 25.98 -10.11
N LEU B 342 0.11 26.22 -9.06
CA LEU B 342 0.76 27.50 -8.83
C LEU B 342 1.84 27.76 -9.86
N LYS B 343 2.44 26.73 -10.50
CA LYS B 343 3.30 26.95 -11.66
C LYS B 343 2.48 27.46 -12.82
N LEU B 344 1.27 26.94 -13.06
CA LEU B 344 0.50 27.41 -14.22
C LEU B 344 -0.22 28.73 -13.90
N LEU B 345 -0.53 29.01 -12.63
CA LEU B 345 -0.90 30.33 -12.18
C LEU B 345 0.30 31.27 -12.25
N CYS B 346 1.20 31.17 -11.25
CA CYS B 346 2.36 32.02 -11.19
C CYS B 346 3.38 31.45 -12.17
N LYS B 347 3.20 31.67 -13.49
CA LYS B 347 4.14 31.19 -14.50
C LYS B 347 5.51 31.85 -14.42
N GLU B 348 5.59 33.06 -13.86
CA GLU B 348 6.84 33.68 -13.52
C GLU B 348 7.56 33.11 -12.31
N LYS B 349 6.92 32.13 -11.64
CA LYS B 349 7.37 31.53 -10.38
C LYS B 349 8.10 32.45 -9.41
N ASP B 350 7.33 33.39 -8.91
CA ASP B 350 7.86 34.39 -8.01
C ASP B 350 6.93 34.60 -6.84
N GLY B 351 5.60 34.56 -6.95
CA GLY B 351 4.75 34.80 -5.83
C GLY B 351 3.47 35.46 -6.29
N ASN B 352 3.50 36.28 -7.37
CA ASN B 352 2.27 36.94 -7.81
C ASN B 352 1.39 35.93 -8.53
N ILE B 353 0.22 35.65 -7.92
CA ILE B 353 -0.76 34.75 -8.52
C ILE B 353 -1.34 35.46 -9.72
N THR B 354 -0.92 34.96 -10.88
CA THR B 354 -1.43 35.46 -12.14
C THR B 354 -2.73 34.70 -12.31
N VAL B 355 -3.85 35.40 -12.15
CA VAL B 355 -5.13 34.74 -12.20
C VAL B 355 -5.54 34.62 -13.66
N ASP B 356 -5.05 33.58 -14.31
CA ASP B 356 -5.16 33.45 -15.77
C ASP B 356 -6.51 32.93 -16.16
N PHE B 357 -7.19 33.57 -17.10
CA PHE B 357 -8.45 33.04 -17.58
C PHE B 357 -8.35 32.63 -19.03
N ASP B 358 -7.23 32.98 -19.65
CA ASP B 358 -6.98 32.61 -21.01
C ASP B 358 -6.66 31.13 -21.09
N ASP B 359 -5.76 30.56 -20.30
CA ASP B 359 -5.64 29.12 -20.25
C ASP B 359 -6.93 28.51 -19.70
N VAL B 360 -7.35 27.45 -20.37
CA VAL B 360 -8.53 26.68 -20.01
C VAL B 360 -8.48 26.12 -18.61
N VAL B 361 -7.32 25.74 -18.08
CA VAL B 361 -7.28 25.08 -16.77
C VAL B 361 -7.49 26.10 -15.70
N ILE B 362 -6.75 27.22 -15.74
CA ILE B 362 -6.97 28.28 -14.76
C ILE B 362 -8.30 28.99 -14.94
N ARG B 363 -8.81 29.15 -16.16
CA ARG B 363 -10.20 29.56 -16.37
C ARG B 363 -11.14 28.61 -15.62
N GLY B 364 -10.98 27.29 -15.77
CA GLY B 364 -11.86 26.33 -15.16
C GLY B 364 -11.80 26.34 -13.65
N VAL B 365 -10.61 26.17 -13.09
CA VAL B 365 -10.39 26.05 -11.67
C VAL B 365 -10.69 27.33 -10.92
N THR B 366 -10.43 28.52 -11.51
CA THR B 366 -10.77 29.74 -10.79
C THR B 366 -12.26 29.98 -10.92
N VAL B 367 -12.88 29.42 -9.88
CA VAL B 367 -14.34 29.40 -9.78
C VAL B 367 -14.80 30.75 -9.32
N ILE B 368 -13.98 31.44 -8.49
CA ILE B 368 -14.34 32.78 -8.07
C ILE B 368 -13.14 33.66 -8.35
N ARG B 369 -13.23 34.70 -9.18
CA ARG B 369 -12.12 35.66 -9.29
C ARG B 369 -12.50 36.82 -8.39
N ALA B 370 -11.77 37.02 -7.31
CA ALA B 370 -12.03 38.07 -6.33
C ALA B 370 -13.47 38.59 -6.19
N GLY B 371 -14.32 37.75 -5.63
CA GLY B 371 -15.71 38.07 -5.53
C GLY B 371 -16.56 37.53 -6.64
N GLU B 372 -16.16 37.76 -7.89
CA GLU B 372 -16.94 37.36 -9.06
C GLU B 372 -17.02 35.85 -9.13
N ILE B 373 -18.20 35.26 -9.21
CA ILE B 373 -18.27 33.83 -9.49
C ILE B 373 -18.01 33.64 -10.97
N THR B 374 -16.79 33.19 -11.22
CA THR B 374 -16.40 32.85 -12.57
C THR B 374 -16.64 31.42 -12.99
N TRP B 375 -17.19 30.67 -12.05
CA TRP B 375 -17.87 29.44 -12.28
C TRP B 375 -19.10 29.81 -13.10
N PRO B 376 -19.52 28.99 -14.11
CA PRO B 376 -19.03 27.64 -14.40
C PRO B 376 -17.61 27.46 -14.95
N ALA B 377 -17.12 26.24 -14.74
CA ALA B 377 -15.89 25.79 -15.38
C ALA B 377 -16.34 25.32 -16.77
N PRO B 378 -15.93 26.02 -17.86
CA PRO B 378 -16.41 25.77 -19.21
C PRO B 378 -16.37 24.30 -19.69
N PRO B 379 -17.45 23.78 -20.30
CA PRO B 379 -17.56 22.45 -20.86
C PRO B 379 -16.47 22.13 -21.90
N ILE B 380 -15.32 21.72 -21.38
CA ILE B 380 -14.20 21.42 -22.25
C ILE B 380 -14.41 20.10 -22.94
N GLN B 381 -14.03 20.03 -24.21
CA GLN B 381 -14.09 18.81 -24.98
C GLN B 381 -13.08 17.85 -24.40
N VAL B 382 -13.63 16.83 -23.73
CA VAL B 382 -12.83 15.78 -23.14
C VAL B 382 -12.95 14.58 -24.07
N SER B 383 -11.97 14.21 -24.67
N ALA C 20 20.00 2.36 -35.70
CA ALA C 20 19.78 2.43 -34.29
C ALA C 20 21.09 2.52 -33.48
N GLU C 21 22.17 1.97 -34.00
CA GLU C 21 23.51 2.03 -33.36
C GLU C 21 24.02 3.41 -32.99
N GLU C 22 23.69 4.36 -33.86
CA GLU C 22 23.97 5.80 -33.70
C GLU C 22 23.83 6.34 -32.30
N THR C 23 22.74 5.93 -31.64
CA THR C 23 22.40 6.25 -30.27
C THR C 23 23.61 6.20 -29.31
N ALA C 24 24.59 5.35 -29.55
CA ALA C 24 25.82 5.40 -28.75
C ALA C 24 26.59 6.69 -28.86
N GLU C 25 26.75 7.15 -30.12
CA GLU C 25 27.46 8.40 -30.37
C GLU C 25 26.66 9.56 -29.83
N LEU C 26 25.35 9.51 -30.15
CA LEU C 26 24.40 10.48 -29.59
C LEU C 26 24.52 10.52 -28.06
N LEU C 27 24.52 9.38 -27.35
CA LEU C 27 24.61 9.30 -25.90
C LEU C 27 25.88 9.88 -25.29
N LYS C 28 27.03 9.66 -25.91
CA LYS C 28 28.19 10.41 -25.49
C LYS C 28 28.10 11.91 -25.78
N ASN C 29 27.37 12.29 -26.85
CA ASN C 29 27.24 13.70 -27.20
C ASN C 29 26.24 14.44 -26.34
N SER C 30 25.31 13.73 -25.69
CA SER C 30 24.09 14.31 -25.20
C SER C 30 24.18 15.54 -24.30
N HIS C 31 25.29 15.88 -23.62
CA HIS C 31 25.40 17.01 -22.69
C HIS C 31 24.59 16.70 -21.42
N SER C 32 23.27 16.67 -21.53
CA SER C 32 22.45 15.99 -20.56
C SER C 32 21.69 14.89 -21.28
N VAL C 33 21.19 13.85 -20.63
CA VAL C 33 20.49 12.81 -21.37
C VAL C 33 19.16 12.79 -20.70
N ILE C 34 18.09 13.15 -21.39
CA ILE C 34 16.77 13.02 -20.75
C ILE C 34 16.20 11.74 -21.30
N ILE C 35 16.05 10.74 -20.43
CA ILE C 35 15.40 9.51 -20.84
C ILE C 35 13.96 9.65 -20.40
N THR C 36 13.07 9.68 -21.39
CA THR C 36 11.63 9.68 -21.17
C THR C 36 10.98 8.30 -21.33
N PRO C 37 10.71 7.63 -20.18
CA PRO C 37 10.02 6.34 -20.10
C PRO C 37 8.61 6.47 -20.64
N GLY C 38 8.23 5.32 -21.17
CA GLY C 38 6.89 5.12 -21.67
C GLY C 38 6.66 3.64 -21.89
N TYR C 39 5.75 3.45 -22.81
CA TYR C 39 5.20 2.16 -23.09
C TYR C 39 6.31 1.28 -23.65
N GLY C 40 7.17 1.83 -24.54
CA GLY C 40 8.33 1.13 -25.05
C GLY C 40 9.22 0.54 -23.99
N MET C 41 9.65 1.38 -23.05
CA MET C 41 10.52 1.02 -21.95
C MET C 41 9.85 -0.06 -21.10
N ALA C 42 8.51 -0.01 -20.95
CA ALA C 42 7.76 -1.00 -20.18
C ALA C 42 7.71 -2.35 -20.89
N VAL C 43 7.13 -2.41 -22.09
CA VAL C 43 6.82 -3.70 -22.71
C VAL C 43 8.09 -4.36 -23.24
N ALA C 44 9.06 -3.60 -23.76
CA ALA C 44 10.37 -4.16 -24.02
C ALA C 44 11.26 -3.45 -23.03
N GLN C 45 11.51 -4.20 -21.96
CA GLN C 45 12.25 -3.78 -20.79
C GLN C 45 13.58 -3.07 -20.99
N ALA C 46 13.47 -1.81 -21.45
CA ALA C 46 14.66 -1.05 -21.68
C ALA C 46 15.27 -0.56 -20.38
N GLN C 47 14.47 -0.47 -19.32
CA GLN C 47 14.92 0.06 -18.06
C GLN C 47 16.14 -0.63 -17.45
N TYR C 48 16.33 -1.95 -17.62
CA TYR C 48 17.57 -2.60 -17.17
C TYR C 48 18.77 -2.08 -17.99
N PRO C 49 18.89 -2.15 -19.32
CA PRO C 49 19.98 -1.48 -20.01
C PRO C 49 20.09 0.04 -19.82
N VAL C 50 19.00 0.75 -19.57
CA VAL C 50 19.00 2.15 -19.13
C VAL C 50 19.80 2.23 -17.82
N ALA C 51 19.49 1.39 -16.80
CA ALA C 51 20.23 1.41 -15.53
C ALA C 51 21.70 1.08 -15.69
N GLU C 52 21.98 0.17 -16.61
CA GLU C 52 23.35 -0.15 -16.99
C GLU C 52 24.07 1.03 -17.64
N ILE C 53 23.57 1.67 -18.69
CA ILE C 53 24.27 2.80 -19.31
C ILE C 53 24.40 3.96 -18.33
N THR C 54 23.41 4.23 -17.46
CA THR C 54 23.49 5.25 -16.43
C THR C 54 24.76 5.25 -15.62
N GLU C 55 25.27 4.05 -15.28
CA GLU C 55 26.49 3.93 -14.55
C GLU C 55 27.67 4.56 -15.29
N LYS C 56 27.74 4.32 -16.58
CA LYS C 56 28.83 4.80 -17.39
C LYS C 56 28.66 6.27 -17.62
N LEU C 57 27.41 6.68 -17.83
CA LEU C 57 27.03 8.05 -18.14
C LEU C 57 27.34 8.92 -16.93
N ARG C 58 27.21 8.39 -15.70
CA ARG C 58 27.52 9.11 -14.49
C ARG C 58 29.03 9.14 -14.30
N ALA C 59 29.80 8.11 -14.72
CA ALA C 59 31.26 8.20 -14.57
C ALA C 59 31.80 9.23 -15.55
N ARG C 60 31.35 9.13 -16.80
CA ARG C 60 31.44 10.20 -17.81
C ARG C 60 31.09 11.58 -17.27
N GLY C 61 30.04 11.58 -16.46
CA GLY C 61 29.57 12.75 -15.78
C GLY C 61 28.62 13.57 -16.64
N ILE C 62 27.57 12.89 -17.10
CA ILE C 62 26.55 13.54 -17.88
C ILE C 62 25.35 13.73 -16.96
N ASN C 63 24.67 14.86 -17.12
CA ASN C 63 23.42 15.15 -16.40
C ASN C 63 22.28 14.26 -16.95
N VAL C 64 22.33 12.98 -16.57
CA VAL C 64 21.31 12.08 -17.13
C VAL C 64 20.09 12.12 -16.22
N ARG C 65 18.98 12.61 -16.79
CA ARG C 65 17.75 12.77 -16.05
C ARG C 65 16.67 11.85 -16.60
N PHE C 66 15.96 11.18 -15.73
CA PHE C 66 14.90 10.29 -16.20
C PHE C 66 13.57 11.03 -16.19
N GLY C 67 13.47 11.81 -17.27
CA GLY C 67 12.31 12.68 -17.45
C GLY C 67 11.04 11.89 -17.75
N ILE C 68 10.46 11.32 -16.73
CA ILE C 68 9.20 10.58 -16.88
C ILE C 68 8.04 11.59 -17.00
N HIS C 69 6.99 11.27 -17.75
CA HIS C 69 5.75 12.04 -17.72
C HIS C 69 4.81 11.21 -16.87
N PRO C 70 4.05 11.77 -15.90
CA PRO C 70 3.12 11.02 -15.04
C PRO C 70 2.04 10.29 -15.77
N VAL C 71 1.04 10.97 -16.31
CA VAL C 71 0.08 10.33 -17.20
C VAL C 71 0.87 10.06 -18.50
N ALA C 72 1.42 8.85 -18.65
CA ALA C 72 2.12 8.44 -19.90
C ALA C 72 2.28 6.93 -19.89
N GLY C 73 2.54 6.42 -21.10
CA GLY C 73 2.90 5.05 -21.35
C GLY C 73 1.85 4.11 -20.73
N ARG C 74 2.22 3.39 -19.67
CA ARG C 74 1.32 2.45 -19.04
C ARG C 74 1.29 2.64 -17.55
N LEU C 75 0.16 3.18 -17.12
CA LEU C 75 -0.20 3.38 -15.72
C LEU C 75 0.69 4.35 -14.92
N PRO C 76 0.18 5.48 -14.47
CA PRO C 76 0.87 6.44 -13.62
C PRO C 76 1.34 5.71 -12.37
N GLY C 77 2.63 5.47 -12.39
CA GLY C 77 3.16 4.63 -11.35
C GLY C 77 4.02 3.59 -12.01
N HIS C 78 3.43 2.70 -12.77
CA HIS C 78 4.07 1.42 -13.08
C HIS C 78 5.34 1.54 -13.90
N MET C 79 5.49 2.59 -14.74
CA MET C 79 6.72 2.81 -15.45
C MET C 79 7.88 2.99 -14.47
N ASN C 80 7.62 3.79 -13.39
CA ASN C 80 8.61 4.05 -12.34
C ASN C 80 8.82 2.84 -11.46
N VAL C 81 7.80 2.03 -11.25
CA VAL C 81 7.91 0.83 -10.43
C VAL C 81 8.72 -0.26 -11.18
N LEU C 82 8.68 -0.19 -12.49
CA LEU C 82 9.59 -0.96 -13.33
C LEU C 82 10.97 -0.29 -13.29
N LEU C 83 11.13 1.02 -13.13
CA LEU C 83 12.41 1.64 -12.79
C LEU C 83 12.93 1.22 -11.43
N ALA C 84 12.06 0.93 -10.47
CA ALA C 84 12.42 0.29 -9.22
C ALA C 84 13.00 -1.08 -9.43
N GLU C 85 12.33 -1.90 -10.22
CA GLU C 85 12.83 -3.21 -10.67
C GLU C 85 14.17 -3.10 -11.37
N ALA C 86 14.37 -2.07 -12.19
CA ALA C 86 15.65 -1.89 -12.88
C ALA C 86 16.74 -1.32 -11.94
N LYS C 87 16.34 -0.67 -10.85
CA LYS C 87 17.24 -0.01 -9.88
C LYS C 87 17.79 1.32 -10.38
N VAL C 88 16.88 2.18 -10.82
CA VAL C 88 17.26 3.47 -11.36
C VAL C 88 17.26 4.55 -10.29
N PRO C 89 18.31 5.38 -10.17
CA PRO C 89 18.42 6.43 -9.15
C PRO C 89 17.36 7.51 -9.18
N TYR C 90 16.36 7.36 -8.29
CA TYR C 90 15.19 8.21 -8.21
C TYR C 90 15.50 9.67 -8.07
N ASP C 91 16.63 10.08 -7.53
CA ASP C 91 17.06 11.46 -7.43
C ASP C 91 17.09 12.14 -8.80
N ILE C 92 17.69 11.47 -9.77
CA ILE C 92 17.69 11.99 -11.13
C ILE C 92 16.47 11.54 -11.95
N VAL C 93 15.68 10.62 -11.41
CA VAL C 93 14.35 10.38 -11.99
C VAL C 93 13.46 11.58 -11.67
N LEU C 94 12.99 12.21 -12.72
CA LEU C 94 12.19 13.42 -12.63
C LEU C 94 10.87 13.20 -13.34
N GLU C 95 9.81 12.91 -12.58
CA GLU C 95 8.54 12.51 -13.16
C GLU C 95 7.75 13.78 -13.35
N MET C 96 8.22 14.50 -14.38
CA MET C 96 7.87 15.89 -14.70
C MET C 96 8.30 16.83 -13.61
N ASP C 97 9.08 17.81 -14.06
CA ASP C 97 9.65 18.83 -13.20
C ASP C 97 10.02 20.01 -14.10
N GLU C 98 10.72 21.03 -13.57
CA GLU C 98 11.16 22.16 -14.36
C GLU C 98 12.37 21.80 -15.19
N ILE C 99 12.15 20.84 -16.08
CA ILE C 99 13.24 20.20 -16.78
C ILE C 99 13.48 20.92 -18.13
N ASN C 100 13.13 22.20 -18.14
CA ASN C 100 13.00 23.00 -19.35
C ASN C 100 14.32 23.34 -20.04
N ASP C 101 15.20 24.06 -19.33
CA ASP C 101 16.48 24.44 -19.92
C ASP C 101 17.34 23.20 -20.06
N ASP C 102 17.20 22.23 -19.15
CA ASP C 102 17.85 20.92 -19.23
C ASP C 102 17.47 20.22 -20.53
N PHE C 103 16.22 20.26 -20.98
CA PHE C 103 15.85 19.81 -22.29
C PHE C 103 16.63 20.48 -23.40
N ALA C 104 16.81 21.81 -23.34
CA ALA C 104 17.53 22.50 -24.39
C ALA C 104 19.00 22.08 -24.34
N ASP C 105 19.56 21.81 -23.15
CA ASP C 105 20.94 21.37 -23.00
C ASP C 105 21.13 19.98 -23.59
N THR C 106 20.10 19.17 -23.47
CA THR C 106 20.15 17.79 -23.90
C THR C 106 20.07 17.72 -25.42
N ASP C 107 21.09 17.11 -26.01
CA ASP C 107 21.09 16.73 -27.41
C ASP C 107 20.11 15.57 -27.61
N THR C 108 20.34 14.48 -26.91
CA THR C 108 19.61 13.24 -27.18
C THR C 108 18.54 13.05 -26.09
N VAL C 109 17.25 13.29 -26.42
CA VAL C 109 16.16 12.99 -25.51
C VAL C 109 15.67 11.59 -25.91
N LEU C 110 15.93 10.57 -25.09
CA LEU C 110 15.46 9.23 -25.38
C LEU C 110 13.97 9.04 -25.04
N VAL C 111 13.08 9.40 -25.97
CA VAL C 111 11.64 9.21 -25.74
C VAL C 111 11.30 7.73 -26.00
N ILE C 112 11.53 6.91 -24.98
CA ILE C 112 11.42 5.45 -25.09
C ILE C 112 9.98 4.96 -25.05
N GLY C 113 9.33 5.14 -26.20
CA GLY C 113 7.95 4.72 -26.41
C GLY C 113 6.96 5.59 -25.64
N ALA C 114 7.18 6.91 -25.64
CA ALA C 114 6.26 7.80 -24.95
C ALA C 114 5.44 8.60 -25.96
N ASN C 115 5.99 8.78 -27.17
CA ASN C 115 5.20 9.16 -28.33
C ASN C 115 4.42 10.46 -28.20
N ASP C 116 3.19 10.38 -27.64
CA ASP C 116 2.32 11.52 -27.57
C ASP C 116 2.58 12.45 -26.39
N THR C 117 3.20 11.98 -25.32
CA THR C 117 3.37 12.84 -24.15
C THR C 117 4.49 13.87 -24.19
N VAL C 118 5.06 13.98 -25.39
CA VAL C 118 6.00 15.04 -25.72
C VAL C 118 5.50 15.80 -26.96
N ASN C 119 4.26 15.58 -27.34
CA ASN C 119 3.80 16.07 -28.62
C ASN C 119 3.22 17.49 -28.50
N PRO C 120 3.74 18.52 -29.19
CA PRO C 120 3.17 19.88 -29.18
C PRO C 120 1.68 19.92 -29.50
N ALA C 121 1.21 18.93 -30.30
CA ALA C 121 -0.21 18.83 -30.55
C ALA C 121 -1.10 18.49 -29.35
N ALA C 122 -0.59 18.57 -28.13
CA ALA C 122 -1.38 18.44 -26.95
C ALA C 122 -1.53 19.72 -26.19
N GLN C 123 -0.87 20.80 -26.68
CA GLN C 123 -1.14 22.15 -26.15
C GLN C 123 -0.86 23.31 -27.09
N ASP C 124 0.22 23.19 -27.84
CA ASP C 124 0.61 24.13 -28.91
C ASP C 124 -0.37 24.09 -30.08
N ASP C 125 -0.84 22.86 -30.39
CA ASP C 125 -1.92 22.68 -31.35
C ASP C 125 -3.25 22.40 -30.64
N PRO C 126 -4.30 23.20 -30.82
CA PRO C 126 -5.61 22.95 -30.28
C PRO C 126 -6.45 21.91 -31.02
N LYS C 127 -6.11 21.59 -32.26
CA LYS C 127 -6.86 20.66 -33.10
C LYS C 127 -6.90 19.25 -32.52
N SER C 128 -5.71 18.71 -32.35
CA SER C 128 -5.52 17.28 -32.16
C SER C 128 -6.25 16.64 -30.97
N PRO C 129 -6.65 15.36 -31.04
CA PRO C 129 -7.37 14.63 -29.98
C PRO C 129 -6.66 14.61 -28.58
N ILE C 130 -5.37 14.91 -28.48
CA ILE C 130 -4.76 15.03 -27.16
C ILE C 130 -4.57 16.47 -26.69
N ALA C 131 -5.18 17.45 -27.37
CA ALA C 131 -4.95 18.86 -27.14
C ALA C 131 -5.58 19.26 -25.82
N GLY C 132 -4.78 19.05 -24.81
CA GLY C 132 -5.11 19.22 -23.44
C GLY C 132 -4.31 18.23 -22.60
N MET C 133 -2.98 18.26 -22.79
CA MET C 133 -2.05 17.41 -22.08
C MET C 133 -0.74 18.22 -21.91
N PRO C 134 -0.18 18.41 -20.70
CA PRO C 134 1.02 19.24 -20.43
C PRO C 134 2.24 18.42 -20.84
N VAL C 135 2.51 18.50 -22.13
CA VAL C 135 3.63 17.81 -22.69
C VAL C 135 4.95 18.31 -22.17
N LEU C 136 5.96 17.45 -22.20
CA LEU C 136 7.27 17.77 -21.69
C LEU C 136 7.93 18.71 -22.72
N GLU C 137 8.30 19.92 -22.29
CA GLU C 137 8.95 20.97 -23.07
C GLU C 137 9.74 20.71 -24.36
N VAL C 138 10.34 19.54 -24.56
CA VAL C 138 11.15 19.34 -25.72
C VAL C 138 10.41 19.04 -27.02
N TRP C 139 9.99 20.13 -27.61
CA TRP C 139 9.53 20.12 -29.00
C TRP C 139 10.29 21.15 -29.78
N LYS C 140 10.13 21.13 -31.09
CA LYS C 140 10.72 22.07 -32.01
C LYS C 140 12.25 22.20 -32.01
N ALA C 141 12.95 21.48 -31.16
CA ALA C 141 14.37 21.58 -30.99
C ALA C 141 14.96 20.21 -30.76
N GLN C 142 16.28 20.02 -30.86
CA GLN C 142 17.06 18.90 -30.31
C GLN C 142 16.75 17.52 -30.88
N ASN C 143 17.61 16.56 -30.57
CA ASN C 143 17.41 15.20 -31.04
C ASN C 143 16.47 14.47 -30.09
N VAL C 144 15.17 14.82 -30.19
CA VAL C 144 14.18 14.12 -29.42
C VAL C 144 13.91 12.86 -30.24
N ILE C 145 14.55 11.80 -29.76
CA ILE C 145 14.52 10.58 -30.50
C ILE C 145 13.48 9.62 -29.96
N VAL C 146 12.33 9.63 -30.67
CA VAL C 146 11.16 8.91 -30.20
C VAL C 146 11.32 7.47 -30.66
N PHE C 147 11.50 6.52 -29.74
CA PHE C 147 11.60 5.13 -30.10
C PHE C 147 10.28 4.63 -30.66
N LYS C 148 10.35 4.33 -31.96
CA LYS C 148 9.20 3.80 -32.72
C LYS C 148 9.77 2.85 -33.73
N ARG C 149 9.55 1.54 -33.51
CA ARG C 149 9.95 0.48 -34.43
C ARG C 149 9.14 0.74 -35.69
N SER C 150 7.86 1.09 -35.52
CA SER C 150 6.92 1.27 -36.62
C SER C 150 6.29 2.62 -36.36
N MET C 151 5.97 3.37 -37.39
CA MET C 151 5.19 4.58 -37.20
C MET C 151 3.73 4.21 -37.17
N ASN C 152 3.37 3.52 -36.08
CA ASN C 152 1.97 3.24 -35.88
C ASN C 152 1.28 4.39 -35.14
N THR C 153 -0.04 4.37 -35.11
CA THR C 153 -0.84 5.36 -34.39
C THR C 153 -0.65 5.08 -32.90
N GLY C 154 -0.12 6.04 -32.11
CA GLY C 154 -0.07 5.90 -30.65
C GLY C 154 -1.46 6.07 -30.09
N TYR C 155 -1.54 6.89 -29.01
CA TYR C 155 -2.85 7.11 -28.43
C TYR C 155 -3.63 8.07 -29.28
N ALA C 156 -2.98 9.19 -29.56
CA ALA C 156 -3.38 10.05 -30.66
C ALA C 156 -2.55 9.65 -31.87
N GLY C 157 -1.22 9.62 -31.71
CA GLY C 157 -0.29 9.40 -32.82
C GLY C 157 -0.28 10.50 -33.87
N VAL C 158 -0.87 11.64 -33.49
CA VAL C 158 -1.29 12.64 -34.45
C VAL C 158 -0.15 13.60 -34.68
N GLN C 159 0.16 13.70 -35.98
CA GLN C 159 1.11 14.65 -36.56
C GLN C 159 2.38 14.99 -35.76
N ASN C 160 2.83 14.10 -34.87
CA ASN C 160 3.92 14.39 -33.93
C ASN C 160 5.22 14.67 -34.68
N PRO C 161 5.74 15.91 -34.67
CA PRO C 161 6.95 16.28 -35.42
C PRO C 161 8.14 15.40 -35.07
N LEU C 162 8.25 15.16 -33.77
CA LEU C 162 8.92 14.02 -33.11
C LEU C 162 9.25 12.76 -33.89
N PHE C 163 8.31 12.36 -34.74
CA PHE C 163 8.48 11.23 -35.62
C PHE C 163 9.25 11.60 -36.87
N PHE C 164 8.78 12.69 -37.44
CA PHE C 164 9.02 12.97 -38.82
C PHE C 164 10.27 13.80 -39.07
N LYS C 165 10.86 14.50 -38.08
CA LYS C 165 11.90 15.47 -38.35
C LYS C 165 13.28 14.80 -38.38
N GLU C 166 14.33 15.53 -38.79
CA GLU C 166 15.68 14.99 -38.80
C GLU C 166 16.27 14.72 -37.42
N ASN C 167 16.30 15.75 -36.58
CA ASN C 167 16.83 15.60 -35.23
C ASN C 167 15.73 15.02 -34.36
N THR C 168 14.53 15.59 -34.38
CA THR C 168 13.38 15.11 -33.64
C THR C 168 12.75 13.99 -34.46
N HIS C 169 13.16 12.76 -34.20
CA HIS C 169 13.10 11.70 -35.16
C HIS C 169 12.74 10.39 -34.52
N MET C 170 11.94 9.57 -35.21
CA MET C 170 11.75 8.19 -34.84
C MET C 170 13.10 7.48 -34.85
N LEU C 171 13.43 6.83 -33.74
CA LEU C 171 14.52 5.89 -33.74
C LEU C 171 13.89 4.58 -34.14
N PHE C 172 14.19 4.16 -35.37
CA PHE C 172 13.59 2.96 -35.97
C PHE C 172 14.37 1.75 -35.45
N GLY C 173 13.90 1.16 -34.33
CA GLY C 173 14.47 -0.04 -33.78
C GLY C 173 13.57 -0.43 -32.61
N ASP C 174 13.70 -1.61 -32.05
CA ASP C 174 13.00 -1.91 -30.80
C ASP C 174 13.64 -1.18 -29.62
N ALA C 175 12.79 -0.92 -28.63
CA ALA C 175 13.05 -0.08 -27.47
C ALA C 175 14.21 -0.60 -26.66
N LYS C 176 14.18 -1.89 -26.31
CA LYS C 176 15.22 -2.51 -25.52
C LYS C 176 16.43 -2.62 -26.40
N ALA C 177 16.32 -3.27 -27.56
CA ALA C 177 17.42 -3.41 -28.52
C ALA C 177 18.31 -2.20 -28.77
N SER C 178 17.71 -1.03 -28.94
CA SER C 178 18.48 0.21 -29.09
C SER C 178 19.28 0.59 -27.87
N VAL C 179 18.72 0.45 -26.65
CA VAL C 179 19.40 0.73 -25.39
C VAL C 179 20.44 -0.37 -25.17
N ASP C 180 20.22 -1.61 -25.59
CA ASP C 180 21.19 -2.68 -25.49
C ASP C 180 22.39 -2.44 -26.36
N ALA C 181 22.13 -1.81 -27.49
CA ALA C 181 23.17 -1.35 -28.41
C ALA C 181 24.10 -0.33 -27.74
N ILE C 182 23.57 0.45 -26.79
CA ILE C 182 24.44 1.43 -26.10
C ILE C 182 25.15 0.86 -24.90
N LEU C 183 24.36 0.02 -24.20
CA LEU C 183 24.69 -0.68 -22.97
C LEU C 183 26.15 -0.68 -22.53
N LYS C 184 26.98 -1.33 -23.29
CA LYS C 184 28.38 -1.31 -22.95
C LYS C 184 29.24 -0.45 -23.88
N ALA C 185 28.71 -0.20 -25.07
CA ALA C 185 29.42 0.47 -26.15
C ALA C 185 29.70 1.93 -25.89
N LEU C 186 28.63 2.77 -25.81
CA LEU C 186 28.69 4.20 -25.87
C LEU C 186 29.70 4.87 -26.86
PA NAD D . -13.22 9.43 -11.53
O1A NAD D . -12.11 9.24 -12.49
O2A NAD D . -12.89 9.85 -10.17
O5B NAD D . -14.09 8.07 -11.40
C5B NAD D . -13.44 6.80 -11.50
C4B NAD D . -13.96 5.99 -12.70
O4B NAD D . -15.32 5.57 -12.64
C3B NAD D . -13.87 6.72 -14.02
O3B NAD D . -12.64 6.40 -14.68
C2B NAD D . -15.10 6.23 -14.82
O2B NAD D . -14.74 5.81 -16.13
C1B NAD D . -15.58 5.09 -13.97
N9A NAD D . -16.98 4.62 -14.26
C8A NAD D . -17.97 5.34 -14.82
N7A NAD D . -19.02 4.56 -15.12
C5A NAD D . -18.65 3.36 -14.75
C6A NAD D . -19.40 2.19 -14.91
N6A NAD D . -20.53 2.11 -15.62
N1A NAD D . -18.82 1.05 -14.50
C2A NAD D . -17.61 1.03 -13.93
N3A NAD D . -16.90 2.16 -13.78
C4A NAD D . -17.38 3.35 -14.20
O3 NAD D . -14.28 10.46 -12.16
PN NAD D . -14.40 12.05 -12.34
O1N NAD D . -13.63 12.71 -11.24
O2N NAD D . -15.81 12.44 -12.49
O5D NAD D . -13.63 12.34 -13.73
C5D NAD D . -14.05 11.62 -14.89
C4D NAD D . -13.54 12.38 -16.10
O4D NAD D . -12.10 12.45 -16.00
C3D NAD D . -13.90 11.75 -17.44
O3D NAD D . -14.11 12.69 -18.48
C2D NAD D . -12.71 10.87 -17.68
O2D NAD D . -12.60 10.71 -19.11
C1D NAD D . -11.59 11.77 -17.18
N1N NAD D . -10.35 11.07 -16.86
C2N NAD D . -9.12 11.60 -17.30
C3N NAD D . -7.91 11.08 -16.83
C7N NAD D . -6.57 11.59 -17.38
O7N NAD D . -5.54 11.47 -16.70
N7N NAD D . -6.61 12.24 -18.50
C4N NAD D . -7.94 10.09 -15.86
C5N NAD D . -9.14 9.54 -15.41
C6N NAD D . -10.34 10.02 -15.92
HO3A NAD D . -12.81 5.48 -15.07
HO2A NAD D . -14.68 4.81 -16.18
H61A NAD D . -20.98 1.20 -15.69
H62A NAD D . -20.95 2.91 -16.06
HO3N NAD D . -13.37 12.59 -19.14
HO2N NAD D . -11.74 10.26 -19.30
H71N NAD D . -7.44 12.34 -19.04
H72N NAD D . -5.79 12.74 -18.78
PA NAP E . 1.31 4.33 -26.21
O1A NAP E . 0.57 4.95 -27.33
O2A NAP E . 0.71 3.22 -25.42
O5B NAP E . 2.75 3.84 -26.74
C5B NAP E . 3.54 4.70 -27.57
C4B NAP E . 4.40 3.97 -28.58
O4B NAP E . 5.43 3.16 -28.03
C3B NAP E . 3.60 3.05 -29.50
O3B NAP E . 2.93 3.77 -30.53
C2B NAP E . 4.71 2.14 -29.99
O2B NAP E . 4.99 2.31 -31.38
C1B NAP E . 5.95 2.46 -29.19
N9A NAP E . 6.67 1.23 -28.82
C8A NAP E . 6.18 0.24 -28.06
N7A NAP E . 7.05 -0.79 -27.97
C5A NAP E . 8.07 -0.35 -28.69
C6A NAP E . 9.25 -1.09 -28.90
N6A NAP E . 9.40 -2.28 -28.32
N1A NAP E . 10.19 -0.51 -29.69
C2A NAP E . 9.98 0.68 -30.24
N3A NAP E . 8.86 1.38 -30.04
C4A NAP E . 7.88 0.89 -29.25
O3 NAP E . 1.68 5.48 -25.15
PN NAP E . 1.85 7.07 -25.14
O1N NAP E . 2.23 7.51 -26.51
O2N NAP E . 2.71 7.42 -23.97
O5D NAP E . 0.37 7.66 -24.83
C5D NAP E . 0.20 8.70 -23.84
C4D NAP E . -1.29 8.93 -23.66
O4D NAP E . -1.84 7.80 -22.99
C3D NAP E . -1.63 10.07 -22.73
O3D NAP E . -1.63 11.32 -23.42
C2D NAP E . -3.05 9.72 -22.35
O2D NAP E . -3.97 10.25 -23.33
C1D NAP E . -3.10 8.19 -22.36
N1N NAP E . -3.25 7.59 -21.02
C2N NAP E . -2.13 7.16 -20.28
C3N NAP E . -2.28 6.74 -18.96
C7N NAP E . -0.98 6.39 -18.22
O7N NAP E . -0.59 7.08 -17.28
N7N NAP E . -0.25 5.41 -18.71
C4N NAP E . -3.53 6.70 -18.35
C5N NAP E . -4.66 7.12 -19.10
C6N NAP E . -4.53 7.56 -20.42
P2B NAP E . 5.54 1.07 -32.25
O1X NAP E . 7.01 1.33 -32.25
O2X NAP E . 4.90 1.05 -33.57
O3X NAP E . 5.17 -0.14 -31.46
HO3A NAP E . 2.08 3.28 -30.84
H61A NAP E . 8.67 -2.65 -27.78
H62A NAP E . 10.27 -2.76 -28.45
HO3N NAP E . -2.49 11.39 -23.94
HO2N NAP E . -4.78 10.58 -22.84
H71N NAP E . -0.55 4.87 -19.51
H72N NAP E . 0.66 5.28 -18.35
N HIS A 7 -14.06 -42.62 18.86
CA HIS A 7 -13.75 -42.41 17.49
C HIS A 7 -12.86 -41.17 17.42
N GLY A 8 -11.82 -41.19 16.57
CA GLY A 8 -11.06 -40.03 16.13
C GLY A 8 -11.89 -38.93 15.53
N ARG A 9 -12.53 -38.20 16.44
CA ARG A 9 -13.25 -37.00 16.08
C ARG A 9 -12.47 -35.82 16.64
N ILE A 10 -12.31 -34.79 15.80
CA ILE A 10 -11.65 -33.57 16.24
C ILE A 10 -12.68 -32.53 16.58
N GLY A 11 -12.44 -31.80 17.65
CA GLY A 11 -13.27 -30.67 17.98
C GLY A 11 -12.45 -29.44 17.75
N ILE A 12 -13.03 -28.43 17.11
CA ILE A 12 -12.39 -27.17 16.91
C ILE A 12 -13.14 -26.29 17.89
N PRO A 13 -12.52 -25.78 18.98
CA PRO A 13 -13.11 -24.74 19.80
C PRO A 13 -13.11 -23.38 19.08
N ARG A 14 -14.19 -22.65 19.33
CA ARG A 14 -14.23 -21.24 19.06
C ARG A 14 -13.24 -20.63 20.06
N GLU A 15 -12.27 -19.84 19.63
CA GLU A 15 -11.35 -19.23 20.58
C GLU A 15 -12.03 -18.28 21.56
N ARG A 16 -11.75 -18.45 22.83
CA ARG A 16 -12.31 -17.58 23.86
C ARG A 16 -11.51 -16.32 24.11
N LEU A 17 -10.31 -16.25 23.56
CA LEU A 17 -9.44 -15.13 23.81
C LEU A 17 -10.01 -13.83 23.29
N THR A 18 -9.67 -12.76 23.99
CA THR A 18 -10.27 -11.45 23.89
C THR A 18 -10.03 -10.84 22.50
N ASN A 19 -11.13 -10.81 21.75
CA ASN A 19 -11.19 -10.21 20.43
C ASN A 19 -10.36 -11.01 19.44
N GLU A 20 -10.79 -12.21 19.13
CA GLU A 20 -9.93 -13.11 18.40
C GLU A 20 -10.31 -13.22 16.92
N THR A 21 -9.31 -13.40 16.09
CA THR A 21 -9.49 -13.55 14.65
C THR A 21 -9.34 -15.01 14.18
N ARG A 22 -8.94 -15.88 15.09
CA ARG A 22 -8.60 -17.23 14.74
C ARG A 22 -9.64 -18.24 15.16
N VAL A 23 -9.76 -19.30 14.35
CA VAL A 23 -10.36 -20.52 14.82
C VAL A 23 -9.66 -21.61 14.03
N ALA A 24 -9.27 -22.76 14.56
CA ALA A 24 -8.51 -23.75 13.76
C ALA A 24 -9.22 -24.37 12.55
N ALA A 25 -10.54 -24.14 12.50
CA ALA A 25 -11.34 -24.68 11.43
C ALA A 25 -11.31 -23.78 10.20
N THR A 26 -10.68 -24.31 9.17
CA THR A 26 -10.94 -23.83 7.87
C THR A 26 -11.51 -24.99 7.09
N PRO A 27 -12.09 -24.82 5.92
CA PRO A 27 -12.36 -25.91 4.95
C PRO A 27 -11.12 -26.77 4.77
N LYS A 28 -9.96 -26.23 4.37
CA LYS A 28 -8.72 -27.00 4.21
C LYS A 28 -8.32 -27.80 5.46
N THR A 29 -8.63 -27.36 6.67
CA THR A 29 -8.48 -28.16 7.85
C THR A 29 -9.41 -29.38 7.73
N VAL A 30 -10.70 -29.07 7.74
CA VAL A 30 -11.76 -30.08 7.82
C VAL A 30 -11.68 -31.13 6.69
N GLU A 31 -11.69 -30.70 5.44
CA GLU A 31 -11.70 -31.55 4.25
C GLU A 31 -10.65 -32.65 4.25
N GLN A 32 -9.40 -32.22 4.48
CA GLN A 32 -8.31 -33.14 4.36
C GLN A 32 -8.21 -34.09 5.53
N LEU A 33 -8.56 -33.59 6.70
CA LEU A 33 -8.56 -34.43 7.89
C LEU A 33 -9.64 -35.49 7.78
N LEU A 34 -10.81 -35.11 7.23
CA LEU A 34 -11.87 -36.05 6.91
C LEU A 34 -11.35 -37.17 6.02
N LYS A 35 -10.66 -36.81 4.94
CA LYS A 35 -10.03 -37.75 3.99
C LYS A 35 -9.04 -38.68 4.68
N LEU A 36 -8.28 -38.19 5.65
CA LEU A 36 -7.40 -39.04 6.45
C LEU A 36 -8.21 -39.99 7.31
N GLY A 37 -9.31 -39.51 7.88
CA GLY A 37 -10.14 -40.34 8.71
C GLY A 37 -10.82 -39.54 9.79
N PHE A 38 -10.15 -38.48 10.23
CA PHE A 38 -10.59 -37.72 11.38
C PHE A 38 -11.78 -36.87 10.97
N THR A 39 -12.92 -37.27 11.50
CA THR A 39 -14.12 -36.51 11.26
C THR A 39 -14.00 -35.26 12.14
N VAL A 40 -14.24 -34.09 11.56
CA VAL A 40 -13.98 -32.83 12.24
C VAL A 40 -15.29 -32.17 12.58
N ALA A 41 -15.29 -31.68 13.79
CA ALA A 41 -16.41 -30.99 14.36
C ALA A 41 -16.02 -29.57 14.71
N VAL A 42 -16.86 -28.63 14.28
CA VAL A 42 -16.60 -27.24 14.44
C VAL A 42 -17.67 -26.72 15.38
N GLU A 43 -17.29 -25.91 16.35
CA GLU A 43 -18.23 -25.17 17.18
C GLU A 43 -19.03 -24.22 16.33
N SER A 44 -20.29 -24.10 16.68
CA SER A 44 -21.15 -23.14 16.04
C SER A 44 -20.74 -21.75 16.47
N GLY A 45 -20.95 -20.73 15.62
CA GLY A 45 -20.52 -19.38 15.98
C GLY A 45 -19.13 -19.12 15.48
N ALA A 46 -18.30 -20.17 15.36
CA ALA A 46 -16.88 -20.01 15.10
C ALA A 46 -16.50 -19.35 13.78
N GLY A 47 -17.35 -19.31 12.76
CA GLY A 47 -16.99 -18.77 11.43
C GLY A 47 -16.61 -17.28 11.45
N GLN A 48 -17.37 -16.44 12.18
CA GLN A 48 -17.12 -15.02 12.14
C GLN A 48 -15.80 -14.53 12.71
N LEU A 49 -15.21 -15.25 13.67
CA LEU A 49 -13.85 -14.98 14.18
C LEU A 49 -12.91 -14.96 12.99
N ALA A 50 -12.86 -16.10 12.30
CA ALA A 50 -11.88 -16.25 11.22
C ALA A 50 -12.38 -15.66 9.88
N SER A 51 -13.40 -14.81 9.89
CA SER A 51 -14.01 -14.33 8.65
C SER A 51 -14.43 -15.46 7.69
N PHE A 52 -15.37 -16.26 8.16
CA PHE A 52 -15.95 -17.34 7.36
C PHE A 52 -17.46 -17.26 7.38
N ASP A 53 -17.98 -17.87 6.33
CA ASP A 53 -19.38 -18.23 6.23
C ASP A 53 -19.48 -19.61 6.93
N ASP A 54 -20.39 -19.72 7.89
CA ASP A 54 -20.52 -20.93 8.71
C ASP A 54 -20.93 -22.14 7.90
N LYS A 55 -21.84 -21.94 6.94
CA LYS A 55 -22.19 -23.02 6.01
C LYS A 55 -21.04 -23.43 5.06
N ALA A 56 -19.97 -22.65 4.95
CA ALA A 56 -18.76 -23.10 4.26
C ALA A 56 -18.04 -24.17 5.09
N PHE A 57 -18.29 -24.22 6.39
CA PHE A 57 -17.82 -25.34 7.19
C PHE A 57 -18.73 -26.52 7.01
N VAL A 58 -20.03 -26.31 6.78
CA VAL A 58 -20.93 -27.38 6.46
C VAL A 58 -20.50 -28.03 5.14
N GLN A 59 -20.31 -27.18 4.15
CA GLN A 59 -19.61 -27.46 2.88
C GLN A 59 -18.33 -28.26 3.08
N ALA A 60 -17.46 -27.76 3.95
CA ALA A 60 -16.19 -28.40 4.29
C ALA A 60 -16.42 -29.81 4.81
N GLY A 61 -17.56 -30.08 5.45
CA GLY A 61 -17.91 -31.40 5.93
C GLY A 61 -17.73 -31.52 7.42
N ALA A 62 -17.94 -30.42 8.14
CA ALA A 62 -17.79 -30.41 9.60
C ALA A 62 -19.12 -30.73 10.24
N GLU A 63 -19.07 -31.36 11.43
CA GLU A 63 -20.23 -31.50 12.31
C GLU A 63 -20.32 -30.18 13.11
N ILE A 64 -21.45 -29.50 13.02
CA ILE A 64 -21.51 -28.12 13.47
C ILE A 64 -22.12 -28.15 14.87
N VAL A 65 -21.27 -28.41 15.84
CA VAL A 65 -21.77 -28.61 17.18
C VAL A 65 -22.06 -27.28 17.89
N GLU A 66 -23.25 -27.17 18.46
CA GLU A 66 -23.63 -25.97 19.21
C GLU A 66 -23.04 -25.98 20.61
N GLY A 67 -21.74 -25.63 20.64
CA GLY A 67 -21.10 -25.31 21.91
C GLY A 67 -20.26 -26.46 22.37
N ASN A 68 -20.33 -26.59 23.69
CA ASN A 68 -19.35 -27.24 24.52
C ASN A 68 -19.08 -28.68 24.15
N SER A 69 -20.01 -29.40 23.55
CA SER A 69 -19.84 -30.76 23.15
C SER A 69 -18.75 -30.88 22.08
N VAL A 70 -18.30 -29.78 21.45
CA VAL A 70 -17.17 -29.80 20.57
C VAL A 70 -15.92 -30.23 21.34
N TRP A 71 -15.84 -29.95 22.64
CA TRP A 71 -14.79 -30.48 23.46
C TRP A 71 -14.81 -32.01 23.63
N GLN A 72 -15.99 -32.62 23.50
CA GLN A 72 -16.09 -34.06 23.64
C GLN A 72 -15.63 -34.74 22.33
N SER A 73 -14.31 -34.76 22.11
CA SER A 73 -13.72 -35.21 20.86
C SER A 73 -12.33 -35.74 21.20
N GLU A 74 -11.88 -36.70 20.38
CA GLU A 74 -10.62 -37.39 20.62
C GLU A 74 -9.39 -36.45 20.48
N ILE A 75 -9.49 -35.43 19.63
CA ILE A 75 -8.42 -34.43 19.37
C ILE A 75 -9.16 -33.09 19.50
N ILE A 76 -8.44 -32.13 20.06
CA ILE A 76 -8.93 -30.79 20.19
C ILE A 76 -7.87 -29.98 19.50
N LEU A 77 -8.24 -29.36 18.39
CA LEU A 77 -7.34 -28.41 17.74
C LEU A 77 -7.55 -26.99 18.25
N LYS A 78 -6.78 -26.55 19.24
CA LYS A 78 -6.87 -25.21 19.79
C LYS A 78 -5.89 -24.36 19.03
N VAL A 79 -6.12 -23.06 18.97
CA VAL A 79 -5.15 -22.14 18.39
C VAL A 79 -4.29 -21.71 19.56
N ASN A 80 -4.82 -20.95 20.53
CA ASN A 80 -4.02 -20.34 21.56
C ASN A 80 -3.84 -21.29 22.72
N ALA A 81 -3.11 -20.91 23.76
CA ALA A 81 -3.13 -21.59 25.02
C ALA A 81 -4.50 -21.78 25.61
N PRO A 82 -4.88 -23.00 26.01
CA PRO A 82 -6.14 -23.26 26.69
C PRO A 82 -6.11 -22.61 28.07
N LEU A 83 -7.17 -21.83 28.29
CA LEU A 83 -7.39 -21.19 29.58
C LEU A 83 -7.92 -22.25 30.50
N ASP A 84 -7.74 -21.98 31.80
CA ASP A 84 -7.98 -22.95 32.87
C ASP A 84 -9.28 -23.78 32.83
N ASP A 85 -10.35 -23.15 32.35
CA ASP A 85 -11.60 -23.84 32.10
C ASP A 85 -11.47 -24.79 30.93
N GLU A 86 -10.88 -24.34 29.82
CA GLU A 86 -10.67 -25.16 28.62
C GLU A 86 -9.79 -26.33 28.99
N ILE A 87 -8.78 -26.13 29.86
CA ILE A 87 -7.91 -27.19 30.35
C ILE A 87 -8.78 -28.27 30.99
N ALA A 88 -9.60 -27.92 31.98
CA ALA A 88 -10.45 -28.90 32.68
C ALA A 88 -11.47 -29.58 31.76
N LEU A 89 -11.80 -28.97 30.62
CA LEU A 89 -12.68 -29.55 29.65
C LEU A 89 -12.04 -30.60 28.75
N LEU A 90 -10.71 -30.69 28.67
CA LEU A 90 -10.04 -31.77 27.93
C LEU A 90 -10.42 -33.10 28.53
N ASN A 91 -10.63 -34.12 27.70
CA ASN A 91 -10.96 -35.46 28.15
C ASN A 91 -9.58 -36.10 28.40
N PRO A 92 -9.39 -36.93 29.42
CA PRO A 92 -8.24 -37.74 29.59
C PRO A 92 -8.01 -38.57 28.35
N GLY A 93 -6.86 -38.41 27.72
CA GLY A 93 -6.47 -39.20 26.55
C GLY A 93 -6.73 -38.45 25.24
N THR A 94 -7.31 -37.23 25.26
CA THR A 94 -7.47 -36.36 24.10
C THR A 94 -6.12 -35.84 23.59
N THR A 95 -5.81 -35.96 22.30
CA THR A 95 -4.71 -35.19 21.76
C THR A 95 -5.10 -33.72 21.76
N LEU A 96 -4.47 -32.92 22.62
CA LEU A 96 -4.66 -31.47 22.59
C LEU A 96 -3.48 -30.92 21.83
N VAL A 97 -3.78 -30.25 20.72
CA VAL A 97 -2.70 -29.66 19.94
C VAL A 97 -2.92 -28.17 20.07
N SER A 98 -1.95 -27.36 20.48
CA SER A 98 -2.19 -25.93 20.66
C SER A 98 -0.88 -25.16 20.72
N PHE A 99 -0.91 -23.81 20.65
CA PHE A 99 0.18 -22.97 21.12
C PHE A 99 0.26 -23.05 22.63
N ILE A 100 1.17 -23.84 23.14
CA ILE A 100 1.40 -23.93 24.59
C ILE A 100 2.46 -22.94 25.08
N TRP A 101 3.60 -22.87 24.38
CA TRP A 101 4.72 -21.97 24.72
C TRP A 101 5.30 -22.28 26.11
N PRO A 102 5.89 -23.46 26.37
CA PRO A 102 6.20 -23.88 27.74
C PRO A 102 7.05 -23.00 28.65
N ALA A 103 7.97 -22.17 28.15
CA ALA A 103 8.71 -21.26 29.01
C ALA A 103 7.89 -20.04 29.42
N GLN A 104 6.97 -19.65 28.54
CA GLN A 104 6.06 -18.60 28.90
C GLN A 104 4.82 -19.16 29.65
N ASN A 105 4.54 -20.43 29.42
CA ASN A 105 3.44 -21.06 30.09
C ASN A 105 3.85 -22.35 30.78
N PRO A 106 4.58 -22.31 31.92
CA PRO A 106 4.95 -23.51 32.66
C PRO A 106 3.76 -24.19 33.36
N GLU A 107 2.74 -23.44 33.77
CA GLU A 107 1.76 -23.87 34.73
C GLU A 107 0.76 -24.74 33.94
N LEU A 108 0.62 -24.45 32.63
CA LEU A 108 -0.15 -25.25 31.69
C LEU A 108 0.26 -26.69 31.77
N MET A 109 1.56 -26.98 31.88
CA MET A 109 2.06 -28.34 31.73
C MET A 109 1.58 -29.23 32.86
N GLN A 110 1.68 -28.81 34.10
CA GLN A 110 1.22 -29.60 35.24
C GLN A 110 -0.28 -29.84 35.23
N LYS A 111 -1.03 -28.81 34.81
CA LYS A 111 -2.49 -28.92 34.77
C LYS A 111 -2.97 -29.91 33.72
N LEU A 112 -2.33 -29.84 32.56
CA LEU A 112 -2.64 -30.72 31.47
C LEU A 112 -2.17 -32.16 31.71
N ALA A 113 -1.10 -32.32 32.50
CA ALA A 113 -0.67 -33.63 32.97
C ALA A 113 -1.72 -34.23 33.88
N GLU A 114 -2.27 -33.40 34.76
CA GLU A 114 -3.45 -33.75 35.57
C GLU A 114 -4.63 -34.16 34.63
N ARG A 115 -4.82 -33.51 33.50
CA ARG A 115 -5.81 -33.91 32.51
C ARG A 115 -5.50 -35.20 31.78
N ASN A 116 -4.25 -35.63 31.73
CA ASN A 116 -3.82 -36.87 31.10
C ASN A 116 -3.98 -36.76 29.61
N VAL A 117 -3.68 -35.56 29.08
CA VAL A 117 -3.79 -35.32 27.66
C VAL A 117 -2.50 -35.44 26.87
N THR A 118 -2.60 -35.62 25.56
CA THR A 118 -1.40 -35.68 24.75
C THR A 118 -1.21 -34.31 24.17
N VAL A 119 -0.39 -33.48 24.84
CA VAL A 119 -0.19 -32.11 24.38
C VAL A 119 0.90 -32.00 23.33
N MET A 120 0.48 -31.70 22.10
CA MET A 120 1.45 -31.45 21.06
C MET A 120 1.53 -29.95 20.90
N ALA A 121 2.66 -29.35 21.30
CA ALA A 121 2.80 -27.92 21.27
C ALA A 121 3.22 -27.51 19.87
N MET A 122 2.38 -26.74 19.19
CA MET A 122 2.63 -26.36 17.84
C MET A 122 3.77 -25.35 17.70
N ASP A 123 3.95 -24.51 18.71
CA ASP A 123 5.12 -23.73 18.91
C ASP A 123 6.38 -24.59 19.06
N SER A 124 6.30 -25.76 19.69
CA SER A 124 7.43 -26.65 19.84
C SER A 124 7.72 -27.67 18.72
N VAL A 125 7.08 -27.55 17.55
CA VAL A 125 7.45 -28.31 16.35
C VAL A 125 8.88 -27.87 16.07
N PRO A 126 9.87 -28.76 15.89
CA PRO A 126 11.26 -28.47 15.60
C PRO A 126 11.58 -27.43 14.51
N ARG A 127 12.59 -26.60 14.73
CA ARG A 127 12.96 -25.48 13.86
C ARG A 127 13.43 -25.82 12.45
N ILE A 128 13.47 -27.09 12.14
CA ILE A 128 14.09 -27.59 10.92
C ILE A 128 13.18 -27.53 9.69
N SER A 129 13.80 -27.34 8.55
CA SER A 129 13.18 -27.18 7.24
C SER A 129 12.08 -28.17 6.94
N ARG A 130 12.34 -29.49 7.11
CA ARG A 130 11.36 -30.53 6.81
C ARG A 130 10.09 -30.42 7.69
N ALA A 131 10.25 -29.77 8.85
CA ALA A 131 9.18 -29.63 9.81
C ALA A 131 8.33 -28.40 9.52
N GLN A 132 8.83 -27.41 8.75
CA GLN A 132 8.20 -26.11 8.66
C GLN A 132 6.79 -26.10 8.11
N SER A 133 6.39 -27.13 7.38
CA SER A 133 5.03 -27.26 6.96
C SER A 133 4.10 -27.55 8.14
N LEU A 134 4.62 -28.39 9.07
CA LEU A 134 3.93 -28.62 10.31
C LEU A 134 4.12 -27.47 11.27
N ASP A 135 5.33 -26.85 11.27
CA ASP A 135 5.68 -25.74 12.17
C ASP A 135 4.81 -24.50 12.10
N ALA A 136 4.04 -24.40 13.16
CA ALA A 136 3.07 -23.36 13.32
C ALA A 136 3.70 -22.00 13.49
N LEU A 137 4.92 -22.00 14.06
CA LEU A 137 5.72 -20.79 14.14
C LEU A 137 6.06 -20.21 12.77
N SER A 138 6.32 -21.05 11.75
CA SER A 138 6.49 -20.59 10.40
C SER A 138 5.27 -19.85 9.90
N SER A 139 4.06 -20.41 10.08
CA SER A 139 2.85 -19.72 9.72
C SER A 139 2.70 -18.41 10.49
N MET A 140 2.68 -18.48 11.81
CA MET A 140 2.46 -17.28 12.59
C MET A 140 3.47 -16.13 12.44
N ALA A 141 4.71 -16.51 12.18
CA ALA A 141 5.73 -15.55 11.79
C ALA A 141 5.47 -14.96 10.41
N ASN A 142 5.37 -15.81 9.37
CA ASN A 142 5.16 -15.39 7.98
C ASN A 142 3.91 -14.50 7.87
N ILE A 143 2.78 -14.93 8.45
CA ILE A 143 1.56 -14.13 8.52
C ILE A 143 1.78 -12.78 9.18
N ALA A 144 2.40 -12.78 10.37
CA ALA A 144 2.78 -11.53 11.03
C ALA A 144 3.70 -10.63 10.20
N GLY A 145 4.57 -11.17 9.36
CA GLY A 145 5.44 -10.38 8.53
C GLY A 145 4.67 -9.62 7.46
N TYR A 146 3.81 -10.35 6.73
CA TYR A 146 2.91 -9.74 5.72
C TYR A 146 1.94 -8.76 6.40
N ARG A 147 1.44 -9.11 7.57
CA ARG A 147 0.49 -8.32 8.35
C ARG A 147 1.15 -7.11 9.01
N ALA A 148 2.46 -7.17 9.25
CA ALA A 148 3.22 -6.03 9.66
C ALA A 148 3.25 -5.05 8.49
N ILE A 149 3.41 -5.52 7.26
CA ILE A 149 3.40 -4.68 6.07
C ILE A 149 2.01 -4.07 5.94
N VAL A 150 0.97 -4.85 6.24
CA VAL A 150 -0.38 -4.33 6.23
C VAL A 150 -0.53 -3.18 7.25
N GLU A 151 -0.38 -3.40 8.57
CA GLU A 151 -0.75 -2.42 9.56
C GLU A 151 0.19 -1.23 9.63
N ALA A 152 1.43 -1.47 9.16
CA ALA A 152 2.36 -0.41 8.82
C ALA A 152 1.73 0.47 7.76
N ALA A 153 1.35 -0.07 6.60
CA ALA A 153 0.76 0.74 5.53
C ALA A 153 -0.53 1.38 6.01
N HIS A 154 -1.22 0.71 6.96
CA HIS A 154 -2.42 1.25 7.53
C HIS A 154 -2.18 2.55 8.32
N GLU A 155 -1.05 2.62 9.02
CA GLU A 155 -0.80 3.85 9.75
C GLU A 155 0.31 4.68 9.13
N PHE A 156 0.92 4.14 8.06
CA PHE A 156 1.97 4.86 7.34
C PHE A 156 1.35 6.10 6.72
N GLY A 157 2.00 7.25 6.85
CA GLY A 157 1.56 8.43 6.18
C GLY A 157 1.88 8.35 4.70
N ARG A 158 3.02 7.81 4.32
CA ARG A 158 3.40 7.73 2.92
C ARG A 158 3.01 6.38 2.32
N PHE A 159 3.22 6.13 1.02
CA PHE A 159 3.11 4.80 0.44
C PHE A 159 4.36 4.01 0.74
N PHE A 160 4.32 2.67 0.73
CA PHE A 160 5.51 1.86 0.48
C PHE A 160 5.92 2.13 -0.96
N THR A 161 4.93 1.89 -1.83
CA THR A 161 4.96 2.02 -3.27
C THR A 161 5.46 3.38 -3.81
N GLY A 162 6.78 3.47 -4.04
CA GLY A 162 7.38 4.63 -4.67
C GLY A 162 7.00 4.72 -6.13
N GLN A 163 5.82 5.31 -6.32
CA GLN A 163 5.42 5.70 -7.63
C GLN A 163 5.27 7.19 -7.69
N ILE A 164 4.72 7.68 -8.79
CA ILE A 164 4.58 9.11 -9.04
C ILE A 164 3.22 9.23 -9.71
N THR A 165 2.56 10.35 -9.49
CA THR A 165 1.30 10.67 -10.13
C THR A 165 1.53 11.61 -11.32
N ALA A 166 0.67 12.56 -11.63
CA ALA A 166 1.10 13.61 -12.53
C ALA A 166 1.56 14.76 -11.66
N ALA A 167 0.99 14.90 -10.47
CA ALA A 167 1.42 15.88 -9.48
C ALA A 167 2.70 15.40 -8.82
N GLY A 168 2.62 14.55 -7.80
CA GLY A 168 3.73 14.39 -6.88
C GLY A 168 4.23 12.97 -6.80
N LYS A 169 5.37 12.94 -6.12
CA LYS A 169 6.21 11.77 -5.99
C LYS A 169 5.99 11.18 -4.64
N VAL A 170 5.98 9.84 -4.63
CA VAL A 170 6.05 9.06 -3.41
C VAL A 170 7.53 8.63 -3.24
N PRO A 171 8.30 9.06 -2.21
CA PRO A 171 9.56 8.43 -1.86
C PRO A 171 9.42 6.95 -1.61
N PRO A 172 10.14 6.03 -2.28
CA PRO A 172 10.11 4.62 -2.05
C PRO A 172 10.55 4.33 -0.63
N ALA A 173 9.63 3.72 0.11
CA ALA A 173 9.80 3.62 1.54
C ALA A 173 10.94 2.73 2.00
N LYS A 174 11.78 3.30 2.82
CA LYS A 174 12.82 2.50 3.43
C LYS A 174 12.21 1.62 4.51
N VAL A 175 11.84 0.44 4.05
CA VAL A 175 11.26 -0.60 4.94
C VAL A 175 12.46 -1.32 5.56
N MET A 176 12.87 -0.78 6.71
CA MET A 176 13.92 -1.39 7.50
C MET A 176 13.35 -2.61 8.22
N VAL A 177 14.02 -3.75 8.25
CA VAL A 177 13.48 -4.93 8.92
C VAL A 177 14.56 -5.35 9.91
N ILE A 178 14.21 -5.71 11.13
CA ILE A 178 15.20 -6.15 12.09
C ILE A 178 14.75 -7.56 12.47
N GLY A 179 15.61 -8.54 12.39
CA GLY A 179 15.25 -9.94 12.53
C GLY A 179 14.51 -10.36 11.25
N ALA A 180 15.23 -10.46 10.15
CA ALA A 180 14.73 -10.96 8.90
C ALA A 180 14.55 -12.49 9.00
N GLY A 181 13.71 -12.94 9.95
CA GLY A 181 13.48 -14.36 10.20
C GLY A 181 12.40 -14.83 9.28
N VAL A 182 11.57 -15.80 9.66
CA VAL A 182 10.45 -16.25 8.83
C VAL A 182 9.52 -15.08 8.61
N ALA A 183 9.29 -14.28 9.65
CA ALA A 183 8.45 -13.09 9.54
C ALA A 183 9.13 -12.02 8.71
N GLY A 184 10.37 -11.68 9.05
CA GLY A 184 11.12 -10.62 8.39
C GLY A 184 11.22 -10.87 6.88
N LEU A 185 11.59 -12.10 6.51
CA LEU A 185 11.67 -12.50 5.10
C LEU A 185 10.37 -12.37 4.31
N ALA A 186 9.23 -12.70 4.92
CA ALA A 186 7.92 -12.47 4.31
C ALA A 186 7.57 -11.00 4.20
N ALA A 187 7.97 -10.22 5.23
CA ALA A 187 7.86 -8.75 5.15
C ALA A 187 8.72 -8.15 4.04
N ILE A 188 9.94 -8.67 3.79
CA ILE A 188 10.82 -8.27 2.72
C ILE A 188 10.14 -8.54 1.38
N GLY A 189 9.71 -9.79 1.26
CA GLY A 189 8.95 -10.19 0.10
C GLY A 189 7.78 -9.27 -0.22
N ALA A 190 6.93 -9.04 0.79
CA ALA A 190 5.78 -8.14 0.62
C ALA A 190 6.17 -6.73 0.25
N ALA A 191 7.17 -6.16 0.96
CA ALA A 191 7.50 -4.77 0.76
C ALA A 191 8.24 -4.51 -0.56
N ASN A 192 9.12 -5.43 -0.97
CA ASN A 192 9.68 -5.44 -2.32
C ASN A 192 8.54 -5.52 -3.30
N SER A 193 7.64 -6.45 -3.07
CA SER A 193 6.46 -6.59 -3.90
C SER A 193 5.63 -5.29 -3.97
N LEU A 194 5.53 -4.55 -2.86
CA LEU A 194 4.89 -3.25 -2.88
C LEU A 194 5.66 -2.18 -3.63
N GLY A 195 6.96 -2.21 -3.58
CA GLY A 195 7.78 -1.29 -4.36
C GLY A 195 8.39 -0.21 -3.50
N ALA A 196 9.41 -0.62 -2.75
CA ALA A 196 9.99 0.16 -1.68
C ALA A 196 11.45 -0.19 -1.53
N ILE A 197 12.20 0.61 -0.75
CA ILE A 197 13.61 0.33 -0.51
C ILE A 197 13.68 -0.53 0.74
N VAL A 198 13.75 -1.85 0.59
CA VAL A 198 13.79 -2.72 1.74
C VAL A 198 15.26 -2.86 2.15
N ARG A 199 15.48 -2.72 3.43
CA ARG A 199 16.78 -2.83 4.09
C ARG A 199 16.55 -3.72 5.28
N ALA A 200 17.24 -4.84 5.40
CA ALA A 200 16.99 -5.78 6.47
C ALA A 200 18.24 -6.17 7.26
N PHE A 201 18.05 -6.48 8.53
CA PHE A 201 19.10 -6.95 9.41
C PHE A 201 18.50 -8.08 10.21
N ASP A 202 19.37 -8.97 10.65
CA ASP A 202 18.97 -10.04 11.54
C ASP A 202 20.20 -10.24 12.40
N THR A 203 19.89 -10.85 13.54
CA THR A 203 20.85 -11.36 14.51
C THR A 203 21.67 -12.46 13.87
N ARG A 204 21.05 -13.18 12.93
CA ARG A 204 21.74 -14.21 12.17
C ARG A 204 22.05 -13.59 10.83
N PRO A 205 23.30 -13.10 10.55
CA PRO A 205 23.67 -12.59 9.25
C PRO A 205 23.52 -13.59 8.09
N GLU A 206 23.34 -14.88 8.35
CA GLU A 206 22.93 -15.87 7.36
C GLU A 206 21.75 -15.61 6.43
N VAL A 207 20.90 -14.62 6.76
CA VAL A 207 19.91 -14.20 5.80
C VAL A 207 20.39 -13.23 4.72
N LYS A 208 21.61 -12.68 4.83
CA LYS A 208 22.08 -11.55 4.00
C LYS A 208 21.91 -11.67 2.49
N GLU A 209 22.45 -12.77 1.94
CA GLU A 209 22.44 -12.96 0.53
C GLU A 209 21.03 -13.31 0.09
N GLN A 210 20.23 -13.98 0.93
CA GLN A 210 18.82 -14.24 0.65
C GLN A 210 18.00 -12.97 0.65
N VAL A 211 18.37 -12.00 1.49
CA VAL A 211 17.80 -10.66 1.49
C VAL A 211 18.11 -9.97 0.19
N GLN A 212 19.39 -10.03 -0.23
CA GLN A 212 19.83 -9.45 -1.49
C GLN A 212 19.11 -10.08 -2.67
N SER A 213 19.00 -11.41 -2.69
CA SER A 213 18.33 -12.11 -3.77
C SER A 213 16.85 -11.90 -3.77
N MET A 214 16.23 -11.55 -2.63
CA MET A 214 14.83 -11.19 -2.63
C MET A 214 14.58 -9.73 -2.93
N GLY A 215 15.60 -8.96 -3.33
CA GLY A 215 15.40 -7.61 -3.83
C GLY A 215 15.44 -6.56 -2.71
N ALA A 216 16.48 -6.62 -1.90
CA ALA A 216 16.63 -5.80 -0.72
C ALA A 216 18.07 -5.69 -0.27
N GLU A 217 18.33 -4.66 0.53
CA GLU A 217 19.68 -4.42 1.01
C GLU A 217 19.75 -5.06 2.37
N PHE A 218 20.91 -5.57 2.72
CA PHE A 218 21.16 -5.93 4.12
C PHE A 218 21.85 -4.77 4.79
N LEU A 219 21.34 -4.36 5.95
CA LEU A 219 21.89 -3.21 6.67
C LEU A 219 23.28 -3.43 7.17
N GLU A 220 24.23 -2.80 6.50
CA GLU A 220 25.61 -2.89 6.90
C GLU A 220 25.87 -1.97 8.07
N LEU A 221 26.37 -2.60 9.11
CA LEU A 221 26.79 -1.86 10.26
C LEU A 221 28.12 -1.21 9.95
N ASP A 222 28.27 0.09 10.29
CA ASP A 222 29.53 0.81 10.09
C ASP A 222 30.34 0.51 11.32
N PHE A 223 30.95 -0.67 11.29
CA PHE A 223 31.55 -1.27 12.46
C PHE A 223 32.84 -1.97 12.17
N ASP A 231 29.91 -16.32 17.13
CA ASP A 231 29.20 -16.38 15.90
C ASP A 231 28.31 -15.10 15.78
N GLY A 232 27.29 -15.06 14.93
CA GLY A 232 26.33 -13.97 14.84
C GLY A 232 25.68 -13.60 16.16
N TYR A 233 25.17 -14.60 16.88
CA TYR A 233 24.44 -14.39 18.12
C TYR A 233 25.37 -13.78 19.16
N ALA A 234 26.59 -14.32 19.19
CA ALA A 234 27.63 -13.84 20.06
C ALA A 234 27.99 -12.38 19.77
N LYS A 235 28.08 -12.02 18.50
CA LYS A 235 28.20 -10.61 18.12
C LYS A 235 27.01 -9.83 18.66
N VAL A 236 25.80 -10.35 18.41
CA VAL A 236 24.59 -9.67 18.85
C VAL A 236 24.41 -9.58 20.37
N MET A 237 25.23 -10.33 21.12
CA MET A 237 25.21 -10.25 22.57
C MET A 237 26.43 -9.54 23.08
N SER A 238 27.42 -9.22 22.21
CA SER A 238 28.58 -8.46 22.64
C SER A 238 28.28 -6.99 22.53
N ASP A 239 28.60 -6.22 23.59
CA ASP A 239 28.16 -4.84 23.79
C ASP A 239 28.37 -3.94 22.60
N ALA A 240 29.62 -3.81 22.15
CA ALA A 240 29.93 -2.87 21.12
C ALA A 240 29.26 -3.18 19.77
N PHE A 241 29.02 -4.46 19.44
CA PHE A 241 28.24 -4.78 18.24
C PHE A 241 26.83 -4.30 18.46
N ILE A 242 26.21 -4.60 19.59
CA ILE A 242 24.87 -4.13 19.89
C ILE A 242 24.76 -2.63 19.91
N LYS A 243 25.86 -1.94 20.27
CA LYS A 243 25.86 -0.50 20.26
C LYS A 243 25.96 -0.11 18.79
N ALA A 244 26.77 -0.76 18.00
CA ALA A 244 26.85 -0.53 16.56
C ALA A 244 25.52 -0.82 15.86
N GLU A 245 24.72 -1.77 16.35
CA GLU A 245 23.35 -1.98 15.92
C GLU A 245 22.56 -0.72 16.25
N MET A 246 22.52 -0.34 17.52
CA MET A 246 21.75 0.84 17.93
C MET A 246 22.15 2.09 17.16
N GLU A 247 23.44 2.29 16.92
CA GLU A 247 23.95 3.42 16.14
C GLU A 247 23.39 3.34 14.74
N LEU A 248 23.51 2.18 14.07
CA LEU A 248 23.16 2.07 12.69
C LEU A 248 21.64 2.27 12.55
N PHE A 249 20.93 1.76 13.53
CA PHE A 249 19.50 1.90 13.55
C PHE A 249 19.07 3.33 13.75
N ALA A 250 19.68 4.10 14.65
CA ALA A 250 19.40 5.52 14.86
C ALA A 250 19.63 6.33 13.56
N ALA A 251 20.77 6.03 12.92
CA ALA A 251 21.16 6.70 11.68
C ALA A 251 20.11 6.46 10.59
N GLN A 252 19.73 5.17 10.44
CA GLN A 252 18.61 4.81 9.59
C GLN A 252 17.29 5.39 10.10
N ALA A 253 16.95 5.36 11.38
CA ALA A 253 15.63 5.71 11.90
C ALA A 253 15.28 7.12 11.50
N LYS A 254 16.18 8.05 11.49
CA LYS A 254 15.96 9.40 11.05
C LYS A 254 15.56 9.56 9.58
N GLU A 255 15.89 8.57 8.74
CA GLU A 255 15.56 8.63 7.32
C GLU A 255 14.64 7.50 6.89
N VAL A 256 14.45 6.44 7.67
CA VAL A 256 13.61 5.34 7.27
C VAL A 256 12.12 5.62 7.44
N ASP A 257 11.32 4.66 6.99
CA ASP A 257 9.89 4.80 6.91
C ASP A 257 9.14 3.70 7.67
N ILE A 258 9.55 2.45 7.48
CA ILE A 258 8.87 1.34 8.13
C ILE A 258 9.96 0.56 8.83
N ILE A 259 9.73 0.13 10.06
CA ILE A 259 10.63 -0.83 10.64
C ILE A 259 9.82 -2.04 11.10
N VAL A 260 10.05 -3.17 10.44
CA VAL A 260 9.40 -4.44 10.80
C VAL A 260 10.30 -5.12 11.80
N THR A 261 9.82 -4.99 13.02
CA THR A 261 10.66 -5.13 14.18
C THR A 261 10.39 -6.53 14.66
N THR A 262 11.32 -7.42 14.28
CA THR A 262 11.05 -8.84 14.46
C THR A 262 12.24 -9.61 14.99
N ALA A 263 13.20 -9.01 15.66
CA ALA A 263 14.34 -9.73 16.20
C ALA A 263 13.95 -10.46 17.47
N LEU A 264 13.42 -11.66 17.22
CA LEU A 264 12.74 -12.41 18.25
C LEU A 264 13.05 -13.87 18.08
N ILE A 265 13.57 -14.48 19.13
CA ILE A 265 13.50 -15.94 19.21
C ILE A 265 12.04 -16.14 19.66
N PRO A 266 11.20 -16.83 18.91
CA PRO A 266 9.75 -16.88 19.09
C PRO A 266 9.25 -17.04 20.51
N GLY A 267 8.60 -15.96 20.93
CA GLY A 267 8.01 -15.83 22.24
C GLY A 267 8.97 -15.53 23.37
N LYS A 268 10.28 -15.29 23.14
CA LYS A 268 11.25 -15.11 24.22
C LYS A 268 11.65 -13.65 24.16
N PRO A 269 11.94 -12.93 25.28
CA PRO A 269 12.25 -11.49 25.32
C PRO A 269 13.28 -11.01 24.31
N ALA A 270 12.73 -10.29 23.33
CA ALA A 270 13.54 -9.79 22.21
C ALA A 270 14.59 -8.77 22.66
N PRO A 271 15.72 -8.54 21.99
CA PRO A 271 16.71 -7.53 22.37
C PRO A 271 16.12 -6.13 22.21
N LYS A 272 16.16 -5.31 23.26
CA LYS A 272 15.68 -3.94 23.16
C LYS A 272 16.76 -3.15 22.45
N LEU A 273 16.46 -2.87 21.22
CA LEU A 273 17.32 -2.22 20.27
C LEU A 273 16.87 -0.81 20.03
N ILE A 274 15.60 -0.60 19.70
CA ILE A 274 15.19 0.72 19.24
C ILE A 274 14.82 1.48 20.50
N THR A 275 15.74 2.31 20.94
CA THR A 275 15.64 3.15 22.10
C THR A 275 14.60 4.27 21.97
N ARG A 276 14.10 4.79 23.08
CA ARG A 276 13.10 5.85 23.10
C ARG A 276 13.48 7.13 22.37
N GLU A 277 14.77 7.43 22.43
CA GLU A 277 15.36 8.51 21.66
C GLU A 277 15.33 8.21 20.20
N MET A 278 15.74 7.03 19.81
CA MET A 278 15.80 6.59 18.40
C MET A 278 14.43 6.69 17.78
N VAL A 279 13.41 6.20 18.52
CA VAL A 279 12.03 6.28 18.06
C VAL A 279 11.64 7.72 17.78
N ASP A 280 11.80 8.61 18.75
CA ASP A 280 11.37 9.99 18.57
C ASP A 280 12.30 10.81 17.67
N SER A 281 13.50 10.32 17.34
CA SER A 281 14.38 10.95 16.39
C SER A 281 13.97 10.67 14.95
N MET A 282 13.15 9.63 14.70
CA MET A 282 12.73 9.22 13.37
C MET A 282 12.13 10.32 12.52
N LYS A 283 12.25 10.10 11.22
CA LYS A 283 11.51 10.86 10.23
C LYS A 283 10.03 10.60 10.52
N ALA A 284 9.23 11.63 10.41
CA ALA A 284 7.86 11.52 10.85
C ALA A 284 7.00 10.96 9.73
N GLY A 285 5.80 10.54 10.11
CA GLY A 285 4.82 9.92 9.22
C GLY A 285 5.21 8.48 8.86
N SER A 286 5.77 7.81 9.86
CA SER A 286 6.48 6.58 9.66
C SER A 286 6.05 5.58 10.72
N VAL A 287 6.33 4.29 10.61
CA VAL A 287 5.88 3.30 11.54
C VAL A 287 7.01 2.35 11.95
N ILE A 288 7.00 1.95 13.24
CA ILE A 288 7.79 0.83 13.72
C ILE A 288 6.71 -0.21 14.03
N VAL A 289 6.54 -1.21 13.18
CA VAL A 289 5.61 -2.31 13.44
C VAL A 289 6.36 -3.36 14.23
N ASP A 290 6.18 -3.29 15.54
CA ASP A 290 6.95 -4.13 16.44
C ASP A 290 6.17 -5.42 16.52
N LEU A 291 6.72 -6.45 15.87
CA LEU A 291 6.14 -7.78 15.93
C LEU A 291 6.75 -8.52 17.10
N ALA A 292 8.03 -8.22 17.42
CA ALA A 292 8.76 -8.87 18.52
C ALA A 292 8.16 -8.52 19.88
N ALA A 293 7.27 -7.54 19.84
CA ALA A 293 6.31 -7.22 20.86
C ALA A 293 5.60 -8.43 21.50
N GLN A 294 5.59 -9.60 20.84
CA GLN A 294 5.07 -10.86 21.40
C GLN A 294 5.65 -11.09 22.83
N ASN A 295 6.95 -10.80 23.00
CA ASN A 295 7.52 -10.79 24.33
C ASN A 295 8.43 -9.58 24.48
N GLY A 296 7.97 -8.51 25.09
CA GLY A 296 8.78 -7.32 25.41
C GLY A 296 8.92 -6.35 24.23
N GLY A 297 9.31 -6.81 23.04
CA GLY A 297 9.55 -5.93 21.87
C GLY A 297 11.02 -5.65 21.62
N ASN A 298 11.37 -5.14 20.43
CA ASN A 298 12.71 -4.66 20.20
C ASN A 298 12.78 -3.18 20.49
N CYS A 299 11.70 -2.47 20.18
CA CYS A 299 11.60 -1.07 20.55
C CYS A 299 11.23 -0.97 22.04
N GLU A 300 11.63 0.15 22.60
CA GLU A 300 11.26 0.43 23.96
C GLU A 300 9.86 1.04 23.99
N TYR A 301 9.62 2.08 23.18
CA TYR A 301 8.33 2.75 23.13
C TYR A 301 7.13 1.91 22.81
N THR A 302 7.35 0.79 22.10
CA THR A 302 6.39 -0.26 21.91
C THR A 302 5.55 -0.56 23.14
N VAL A 303 4.27 -0.25 23.03
CA VAL A 303 3.31 -0.80 23.98
C VAL A 303 2.94 -2.13 23.36
N PRO A 304 3.28 -3.34 23.85
CA PRO A 304 2.82 -4.61 23.32
C PRO A 304 1.30 -4.67 23.52
N GLY A 305 0.59 -4.12 22.55
CA GLY A 305 -0.85 -4.12 22.55
C GLY A 305 -1.32 -2.93 21.71
N GLU A 306 -0.58 -1.82 21.58
CA GLU A 306 -1.13 -0.61 21.00
C GLU A 306 -0.26 0.00 19.92
N ILE A 307 -0.90 0.90 19.17
CA ILE A 307 -0.16 1.92 18.45
C ILE A 307 0.21 2.94 19.51
N PHE A 308 1.50 3.23 19.63
CA PHE A 308 1.98 4.34 20.46
C PHE A 308 2.42 5.35 19.43
N THR A 309 1.77 6.47 19.34
CA THR A 309 2.11 7.47 18.34
C THR A 309 3.08 8.47 19.01
N THR A 310 4.36 8.41 18.62
CA THR A 310 5.38 9.21 19.27
C THR A 310 5.38 10.68 18.90
N GLU A 311 6.07 11.54 19.63
CA GLU A 311 5.88 12.97 19.57
C GLU A 311 6.32 13.55 18.24
N ASN A 312 7.27 12.88 17.58
CA ASN A 312 7.67 13.18 16.21
C ASN A 312 6.55 12.90 15.21
N GLY A 313 5.85 11.78 15.34
CA GLY A 313 4.81 11.43 14.46
C GLY A 313 5.04 10.07 13.81
N VAL A 314 5.48 9.14 14.67
CA VAL A 314 5.69 7.76 14.27
C VAL A 314 4.70 6.88 14.99
N LYS A 315 4.23 5.91 14.24
CA LYS A 315 3.28 4.96 14.74
C LYS A 315 4.02 3.72 15.15
N VAL A 316 4.09 3.48 16.46
CA VAL A 316 4.83 2.38 17.05
C VAL A 316 3.79 1.32 17.31
N ILE A 317 3.56 0.51 16.28
CA ILE A 317 2.49 -0.44 16.32
C ILE A 317 2.98 -1.74 16.95
N GLY A 318 2.98 -1.77 18.27
CA GLY A 318 3.43 -2.92 19.00
C GLY A 318 2.36 -3.98 19.12
N TYR A 319 1.79 -4.44 17.99
CA TYR A 319 0.67 -5.35 18.03
C TYR A 319 1.05 -6.80 18.20
N THR A 320 0.92 -7.19 19.46
CA THR A 320 1.03 -8.57 19.90
C THR A 320 0.10 -9.49 19.08
N ASP A 321 -1.12 -9.01 18.89
CA ASP A 321 -2.16 -9.65 18.14
C ASP A 321 -1.93 -9.85 16.64
N LEU A 322 -0.93 -9.28 15.99
CA LEU A 322 -0.81 -9.40 14.54
C LEU A 322 -0.62 -10.78 13.93
N PRO A 323 -0.01 -11.81 14.56
CA PRO A 323 -0.09 -13.20 14.11
C PRO A 323 -1.51 -13.76 14.07
N GLY A 324 -2.39 -13.23 14.93
CA GLY A 324 -3.79 -13.62 14.97
C GLY A 324 -4.49 -12.90 13.84
N ARG A 325 -4.29 -11.58 13.73
CA ARG A 325 -5.22 -10.75 13.00
C ARG A 325 -4.93 -10.67 11.51
N LEU A 326 -4.88 -11.82 10.84
CA LEU A 326 -5.10 -11.90 9.41
C LEU A 326 -6.02 -13.12 9.37
N PRO A 327 -7.28 -12.93 9.80
CA PRO A 327 -8.19 -13.94 10.26
C PRO A 327 -8.25 -15.25 9.49
N THR A 328 -8.68 -15.22 8.22
CA THR A 328 -8.67 -16.46 7.43
C THR A 328 -7.25 -17.06 7.34
N GLN A 329 -6.26 -16.22 7.08
CA GLN A 329 -4.92 -16.69 6.74
C GLN A 329 -4.30 -17.34 7.95
N SER A 330 -4.37 -16.70 9.10
CA SER A 330 -3.91 -17.30 10.32
C SER A 330 -4.58 -18.63 10.62
N SER A 331 -5.91 -18.71 10.55
CA SER A 331 -6.65 -19.94 10.71
C SER A 331 -6.35 -20.96 9.61
N GLN A 332 -6.02 -20.47 8.41
CA GLN A 332 -5.82 -21.28 7.23
C GLN A 332 -4.52 -22.00 7.42
N LEU A 333 -3.43 -21.25 7.60
CA LEU A 333 -2.10 -21.78 7.65
C LEU A 333 -1.92 -22.55 8.94
N TYR A 334 -2.40 -22.06 10.08
CA TYR A 334 -2.37 -22.82 11.30
C TYR A 334 -3.16 -24.11 11.17
N GLY A 335 -4.31 -24.03 10.51
CA GLY A 335 -5.18 -25.20 10.29
C GLY A 335 -4.47 -26.26 9.46
N THR A 336 -3.87 -25.79 8.37
CA THR A 336 -3.15 -26.67 7.46
C THR A 336 -1.85 -27.15 8.12
N ASN A 337 -1.31 -26.41 9.11
CA ASN A 337 -0.21 -26.89 9.94
C ASN A 337 -0.62 -28.14 10.73
N LEU A 338 -1.79 -28.05 11.38
CA LEU A 338 -2.35 -29.14 12.15
C LEU A 338 -2.65 -30.33 11.27
N VAL A 339 -3.13 -30.05 10.05
CA VAL A 339 -3.33 -31.09 9.05
C VAL A 339 -2.00 -31.70 8.71
N ASN A 340 -0.93 -30.94 8.48
CA ASN A 340 0.39 -31.47 8.11
C ASN A 340 0.94 -32.44 9.16
N LEU A 341 0.80 -32.03 10.42
CA LEU A 341 1.07 -32.88 11.56
C LEU A 341 0.25 -34.18 11.45
N LEU A 342 -1.08 -34.06 11.38
CA LEU A 342 -1.92 -35.24 11.16
C LEU A 342 -1.75 -35.99 9.85
N LYS A 343 -1.09 -35.45 8.80
CA LYS A 343 -0.69 -36.17 7.59
C LYS A 343 0.34 -37.19 8.01
N LEU A 344 1.29 -36.73 8.81
CA LEU A 344 2.33 -37.61 9.33
C LEU A 344 1.82 -38.57 10.38
N LEU A 345 0.93 -38.10 11.29
CA LEU A 345 0.29 -38.97 12.30
C LEU A 345 -0.64 -40.03 11.70
N CYS A 346 -1.33 -39.74 10.59
CA CYS A 346 -2.16 -40.70 9.92
C CYS A 346 -1.53 -40.90 8.56
N LYS A 347 -0.37 -41.51 8.55
CA LYS A 347 0.28 -41.87 7.30
C LYS A 347 -0.40 -43.07 6.67
N GLU A 348 -0.72 -44.08 7.49
CA GLU A 348 -1.32 -45.31 7.01
C GLU A 348 -2.76 -45.14 6.47
N LYS A 349 -3.57 -44.39 7.23
CA LYS A 349 -4.97 -44.05 6.98
C LYS A 349 -5.89 -45.30 6.86
N ASP A 350 -6.24 -46.18 7.78
CA ASP A 350 -6.02 -46.12 9.19
C ASP A 350 -6.69 -44.88 9.81
N GLY A 351 -6.02 -43.98 10.48
CA GLY A 351 -6.58 -42.84 11.20
C GLY A 351 -6.45 -43.01 12.70
N ASN A 352 -5.38 -43.70 13.12
CA ASN A 352 -4.99 -43.63 14.50
C ASN A 352 -4.13 -42.39 14.66
N ILE A 353 -4.20 -41.80 15.87
CA ILE A 353 -3.37 -40.65 16.19
C ILE A 353 -2.02 -41.27 16.56
N THR A 354 -1.22 -41.55 15.54
CA THR A 354 0.06 -42.18 15.77
C THR A 354 0.98 -41.08 16.28
N VAL A 355 0.96 -40.77 17.58
CA VAL A 355 1.80 -39.70 18.13
C VAL A 355 3.21 -40.28 18.25
N ASP A 356 3.83 -40.36 17.07
CA ASP A 356 5.01 -41.14 16.88
C ASP A 356 6.24 -40.49 17.47
N PHE A 357 7.03 -41.37 18.10
CA PHE A 357 8.25 -40.91 18.72
C PHE A 357 9.48 -41.25 17.92
N ASP A 358 9.35 -42.02 16.83
CA ASP A 358 10.48 -42.36 15.95
C ASP A 358 10.92 -41.15 15.16
N ASP A 359 9.93 -40.47 14.55
CA ASP A 359 10.15 -39.21 13.83
C ASP A 359 10.56 -38.13 14.82
N VAL A 360 11.64 -37.41 14.49
CA VAL A 360 12.16 -36.41 15.40
C VAL A 360 11.21 -35.20 15.56
N VAL A 361 10.42 -34.90 14.52
CA VAL A 361 9.59 -33.70 14.55
C VAL A 361 8.38 -34.06 15.38
N ILE A 362 7.80 -35.24 15.18
CA ILE A 362 6.61 -35.59 15.94
C ILE A 362 6.95 -35.71 17.43
N ARG A 363 8.07 -36.38 17.69
CA ARG A 363 8.67 -36.39 19.02
C ARG A 363 8.91 -34.98 19.58
N GLY A 364 9.50 -34.03 18.87
CA GLY A 364 9.64 -32.67 19.34
C GLY A 364 8.34 -31.98 19.68
N VAL A 365 7.30 -32.09 18.81
CA VAL A 365 5.98 -31.49 18.99
C VAL A 365 5.32 -31.99 20.28
N THR A 366 5.32 -33.31 20.44
CA THR A 366 4.66 -33.91 21.58
C THR A 366 5.41 -33.66 22.87
N VAL A 367 5.05 -32.52 23.46
CA VAL A 367 5.64 -32.05 24.71
C VAL A 367 5.07 -32.79 25.92
N ILE A 368 3.81 -33.26 25.86
CA ILE A 368 3.25 -34.08 26.96
C ILE A 368 2.63 -35.26 26.22
N ARG A 369 2.96 -36.54 26.38
CA ARG A 369 2.13 -37.57 25.81
C ARG A 369 1.38 -38.22 26.97
N ALA A 370 0.06 -38.22 26.80
CA ALA A 370 -0.86 -38.85 27.73
C ALA A 370 -0.57 -38.62 29.21
N GLY A 371 -0.46 -37.36 29.60
CA GLY A 371 -0.24 -36.98 30.99
C GLY A 371 1.22 -36.97 31.41
N GLU A 372 2.07 -37.71 30.75
CA GLU A 372 3.49 -37.70 31.09
C GLU A 372 4.06 -36.55 30.24
N ILE A 373 4.71 -35.61 30.91
CA ILE A 373 5.30 -34.45 30.26
C ILE A 373 6.56 -34.90 29.55
N THR A 374 6.38 -35.32 28.27
CA THR A 374 7.45 -35.79 27.42
C THR A 374 8.34 -34.68 26.87
N TRP A 375 8.82 -33.86 27.80
CA TRP A 375 9.53 -32.61 27.55
C TRP A 375 10.81 -32.59 28.42
N PRO A 376 11.96 -32.04 28.01
CA PRO A 376 12.20 -31.47 26.67
C PRO A 376 12.38 -32.50 25.57
N ALA A 377 12.41 -32.06 24.34
CA ALA A 377 12.66 -32.96 23.22
C ALA A 377 13.77 -32.38 22.37
N PRO A 378 14.94 -33.05 22.20
CA PRO A 378 16.11 -32.52 21.50
C PRO A 378 15.82 -32.21 20.02
N PRO A 379 16.34 -31.07 19.55
CA PRO A 379 16.50 -30.85 18.12
C PRO A 379 17.73 -31.56 17.53
N ILE A 380 18.37 -32.35 18.19
N HIS B 5 3.60 42.63 3.95
CA HIS B 5 2.22 42.50 4.33
C HIS B 5 2.15 41.06 4.84
N HIS B 6 1.11 40.28 4.49
CA HIS B 6 1.30 38.83 4.37
C HIS B 6 1.18 38.45 2.91
N HIS B 7 1.80 39.27 2.06
CA HIS B 7 1.56 39.24 0.63
C HIS B 7 2.48 38.15 0.12
N GLY B 8 1.99 37.28 -0.78
CA GLY B 8 2.74 36.12 -1.22
C GLY B 8 2.95 35.13 -0.10
N ARG B 9 2.22 35.27 1.03
CA ARG B 9 2.40 34.35 2.16
C ARG B 9 1.32 33.29 2.06
N ILE B 10 1.74 32.05 1.99
CA ILE B 10 0.85 30.91 2.06
C ILE B 10 0.51 30.71 3.54
N GLY B 11 -0.70 30.19 3.75
CA GLY B 11 -1.01 29.62 5.03
C GLY B 11 -1.39 28.18 4.83
N ILE B 12 -0.78 27.31 5.61
CA ILE B 12 -1.13 25.89 5.72
C ILE B 12 -1.86 25.76 7.06
N PRO B 13 -3.19 25.66 7.13
CA PRO B 13 -3.93 25.35 8.35
C PRO B 13 -3.76 23.87 8.67
N ARG B 14 -4.06 23.55 9.93
CA ARG B 14 -4.44 22.20 10.30
C ARG B 14 -5.91 22.09 9.90
N GLU B 15 -6.24 20.94 9.31
CA GLU B 15 -7.59 20.65 8.88
C GLU B 15 -8.50 20.46 10.06
N ARG B 16 -9.77 20.64 9.75
CA ARG B 16 -10.80 20.69 10.74
C ARG B 16 -11.75 19.55 10.67
N LEU B 17 -12.03 19.10 9.44
CA LEU B 17 -13.08 18.16 9.23
C LEU B 17 -12.92 16.81 9.93
N THR B 18 -14.07 16.20 10.19
CA THR B 18 -14.17 14.98 10.98
C THR B 18 -13.43 13.82 10.27
N ASN B 19 -12.63 13.13 11.05
CA ASN B 19 -11.60 12.18 10.70
C ASN B 19 -10.78 12.52 9.47
N GLU B 20 -10.34 13.77 9.49
CA GLU B 20 -9.46 14.27 8.46
C GLU B 20 -8.09 14.37 9.09
N THR B 21 -7.17 13.62 8.50
CA THR B 21 -5.77 13.59 8.86
C THR B 21 -4.85 14.28 7.88
N ARG B 22 -5.41 14.84 6.80
CA ARG B 22 -4.58 15.56 5.84
C ARG B 22 -4.24 16.99 6.29
N VAL B 23 -3.03 17.42 5.95
CA VAL B 23 -2.67 18.82 6.03
C VAL B 23 -2.51 19.24 4.56
N ALA B 24 -2.25 20.52 4.22
CA ALA B 24 -2.18 20.89 2.80
C ALA B 24 -0.90 20.46 2.08
N ALA B 25 0.24 20.60 2.77
CA ALA B 25 1.53 20.29 2.13
C ALA B 25 2.45 19.87 3.28
N THR B 26 3.35 18.92 3.01
CA THR B 26 4.26 18.42 4.03
C THR B 26 5.62 19.13 3.97
N PRO B 27 6.64 19.01 4.85
CA PRO B 27 7.83 19.84 4.80
C PRO B 27 8.58 19.94 3.50
N LYS B 28 8.77 18.84 2.78
CA LYS B 28 9.27 18.85 1.41
C LYS B 28 8.46 19.73 0.50
N THR B 29 7.12 19.59 0.52
CA THR B 29 6.24 20.42 -0.27
C THR B 29 6.21 21.87 0.18
N VAL B 30 6.54 22.17 1.44
CA VAL B 30 6.73 23.51 1.93
C VAL B 30 7.98 24.08 1.26
N GLU B 31 9.08 23.32 1.25
CA GLU B 31 10.29 23.75 0.55
C GLU B 31 10.07 23.92 -0.94
N GLN B 32 9.25 23.04 -1.54
CA GLN B 32 8.78 23.20 -2.90
C GLN B 32 8.03 24.52 -3.12
N LEU B 33 7.11 24.93 -2.22
CA LEU B 33 6.47 26.24 -2.28
C LEU B 33 7.46 27.41 -2.13
N LEU B 34 8.42 27.30 -1.19
CA LEU B 34 9.47 28.29 -1.05
C LEU B 34 10.30 28.46 -2.32
N LYS B 35 10.42 27.46 -3.19
CA LYS B 35 11.12 27.58 -4.46
C LYS B 35 10.49 28.62 -5.38
N LEU B 36 9.20 28.92 -5.14
CA LEU B 36 8.49 29.94 -5.88
C LEU B 36 8.64 31.34 -5.31
N GLY B 37 9.32 31.50 -4.18
CA GLY B 37 9.42 32.78 -3.51
C GLY B 37 8.19 33.12 -2.71
N PHE B 38 7.43 32.07 -2.37
CA PHE B 38 6.27 32.26 -1.55
C PHE B 38 6.70 31.90 -0.17
N THR B 39 6.37 32.75 0.79
CA THR B 39 6.76 32.52 2.15
C THR B 39 5.66 31.69 2.82
N VAL B 40 6.04 30.55 3.38
CA VAL B 40 5.02 29.61 3.86
C VAL B 40 4.85 29.90 5.35
N ALA B 41 3.60 29.97 5.77
CA ALA B 41 3.31 29.79 7.18
C ALA B 41 2.54 28.48 7.34
N VAL B 42 2.75 27.77 8.45
CA VAL B 42 2.08 26.54 8.77
C VAL B 42 1.43 26.82 10.12
N GLU B 43 0.30 26.21 10.42
CA GLU B 43 -0.36 26.34 11.70
C GLU B 43 0.40 25.60 12.80
N SER B 44 0.33 26.16 13.99
CA SER B 44 0.83 25.52 15.19
C SER B 44 0.14 24.19 15.44
N GLY B 45 0.95 23.16 15.29
CA GLY B 45 0.48 21.79 15.39
C GLY B 45 -0.25 21.31 14.15
N ALA B 46 -0.04 21.94 12.99
CA ALA B 46 -0.78 21.54 11.81
C ALA B 46 -0.50 20.11 11.29
N GLY B 47 0.77 19.89 10.99
CA GLY B 47 1.21 18.66 10.37
C GLY B 47 1.08 17.43 11.26
N GLN B 48 0.88 17.61 12.57
CA GLN B 48 0.58 16.51 13.47
C GLN B 48 -0.60 15.67 13.02
N LEU B 49 -1.68 16.18 12.41
CA LEU B 49 -2.66 15.33 11.75
C LEU B 49 -1.96 14.41 10.77
N ALA B 50 -1.18 14.99 9.84
CA ALA B 50 -0.35 14.23 8.92
C ALA B 50 0.79 13.44 9.53
N SER B 51 0.92 13.45 10.85
CA SER B 51 1.97 12.76 11.59
C SER B 51 3.40 13.24 11.27
N PHE B 52 3.52 14.52 11.03
CA PHE B 52 4.77 15.21 10.77
C PHE B 52 4.75 16.43 11.66
N ASP B 53 5.59 16.40 12.70
CA ASP B 53 5.62 17.48 13.64
C ASP B 53 6.01 18.83 13.06
N ASP B 54 5.40 19.90 13.57
CA ASP B 54 5.62 21.22 13.02
C ASP B 54 7.03 21.73 13.17
N LYS B 55 7.80 21.16 14.13
CA LYS B 55 9.24 21.35 14.18
C LYS B 55 10.03 20.96 12.95
N ALA B 56 9.49 20.06 12.14
CA ALA B 56 10.05 19.72 10.85
C ALA B 56 9.61 20.71 9.79
N PHE B 57 8.49 21.41 9.97
CA PHE B 57 8.15 22.51 9.06
C PHE B 57 9.04 23.72 9.34
N VAL B 58 9.50 23.87 10.61
CA VAL B 58 10.55 24.80 11.00
C VAL B 58 11.80 24.35 10.25
N GLN B 59 12.15 23.06 10.32
CA GLN B 59 13.25 22.49 9.51
C GLN B 59 13.16 22.79 8.01
N ALA B 60 11.95 22.71 7.45
CA ALA B 60 11.71 23.08 6.08
C ALA B 60 11.92 24.57 5.86
N GLY B 61 11.45 25.41 6.80
CA GLY B 61 11.60 26.84 6.69
C GLY B 61 10.28 27.51 6.46
N ALA B 62 9.33 27.22 7.33
CA ALA B 62 8.07 27.90 7.36
C ALA B 62 7.88 28.55 8.73
N GLU B 63 7.15 29.64 8.66
CA GLU B 63 6.59 30.33 9.84
C GLU B 63 5.61 29.38 10.54
N ILE B 64 5.56 29.39 11.87
CA ILE B 64 4.64 28.50 12.56
C ILE B 64 3.73 29.39 13.36
N VAL B 65 2.45 29.48 13.04
CA VAL B 65 1.55 30.45 13.66
C VAL B 65 0.22 29.92 14.12
N GLU B 66 -0.21 30.44 15.26
CA GLU B 66 -1.33 29.92 16.00
C GLU B 66 -2.68 30.19 15.38
N GLY B 67 -3.24 29.14 14.79
CA GLY B 67 -4.63 29.10 14.40
C GLY B 67 -4.99 30.20 13.40
N ASN B 68 -5.82 31.16 13.81
CA ASN B 68 -6.38 32.17 12.93
C ASN B 68 -5.31 33.04 12.32
N SER B 69 -4.18 33.16 12.95
CA SER B 69 -3.04 33.85 12.44
C SER B 69 -2.56 33.23 11.11
N VAL B 70 -2.51 31.90 10.92
CA VAL B 70 -2.09 31.29 9.68
C VAL B 70 -3.10 31.59 8.60
N TRP B 71 -4.39 31.73 8.97
CA TRP B 71 -5.47 32.06 8.05
C TRP B 71 -5.40 33.48 7.50
N GLN B 72 -4.87 34.41 8.26
CA GLN B 72 -4.70 35.77 7.74
C GLN B 72 -3.49 35.78 6.83
N SER B 73 -3.69 35.59 5.53
CA SER B 73 -2.64 35.35 4.55
C SER B 73 -3.12 35.66 3.15
N GLU B 74 -2.16 35.76 2.22
CA GLU B 74 -2.44 35.85 0.78
C GLU B 74 -3.07 34.58 0.25
N ILE B 75 -2.49 33.40 0.49
CA ILE B 75 -2.97 32.15 -0.11
C ILE B 75 -3.25 31.23 1.06
N ILE B 76 -4.41 30.60 1.11
CA ILE B 76 -4.66 29.57 2.10
C ILE B 76 -4.73 28.28 1.30
N LEU B 77 -3.79 27.40 1.61
CA LEU B 77 -3.80 26.11 0.93
C LEU B 77 -4.39 25.21 2.00
N LYS B 78 -5.58 24.66 1.72
CA LYS B 78 -6.34 23.97 2.72
C LYS B 78 -6.96 22.74 2.01
N VAL B 79 -7.33 21.70 2.80
CA VAL B 79 -7.88 20.52 2.13
C VAL B 79 -9.36 20.72 1.85
N ASN B 80 -10.20 20.49 2.87
CA ASN B 80 -11.63 20.38 2.67
C ASN B 80 -12.37 21.68 2.71
N ALA B 81 -13.55 21.70 2.08
CA ALA B 81 -14.46 22.83 2.07
C ALA B 81 -14.67 23.42 3.46
N PRO B 82 -14.26 24.70 3.61
CA PRO B 82 -14.25 25.38 4.89
C PRO B 82 -15.60 25.37 5.60
N LEU B 83 -15.51 25.09 6.89
CA LEU B 83 -16.65 25.16 7.81
C LEU B 83 -16.98 26.62 7.98
N ASP B 84 -18.18 26.97 8.42
CA ASP B 84 -18.65 28.35 8.38
C ASP B 84 -17.74 29.38 9.05
N ASP B 85 -17.13 29.01 10.18
CA ASP B 85 -16.18 29.89 10.83
C ASP B 85 -14.90 30.03 10.00
N GLU B 86 -14.47 28.95 9.33
CA GLU B 86 -13.27 29.03 8.50
C GLU B 86 -13.45 29.99 7.33
N ILE B 87 -14.70 29.97 6.83
CA ILE B 87 -15.09 30.92 5.79
C ILE B 87 -14.94 32.34 6.32
N ALA B 88 -15.49 32.65 7.47
CA ALA B 88 -15.27 33.96 8.09
C ALA B 88 -13.81 34.32 8.35
N LEU B 89 -13.00 33.30 8.67
CA LEU B 89 -11.57 33.50 8.81
C LEU B 89 -10.89 33.93 7.55
N LEU B 90 -11.43 33.59 6.40
CA LEU B 90 -10.96 34.19 5.16
C LEU B 90 -11.01 35.71 5.16
N ASN B 91 -10.20 36.29 4.32
CA ASN B 91 -9.96 37.72 4.42
C ASN B 91 -10.17 38.21 3.00
N PRO B 92 -10.64 39.44 2.72
CA PRO B 92 -10.81 40.00 1.39
C PRO B 92 -9.47 39.96 0.65
N GLY B 93 -9.50 39.14 -0.38
CA GLY B 93 -8.38 38.91 -1.24
C GLY B 93 -7.91 37.46 -1.31
N THR B 94 -7.96 36.78 -0.15
CA THR B 94 -7.26 35.50 0.02
C THR B 94 -7.61 34.44 -0.99
N THR B 95 -6.58 33.98 -1.66
CA THR B 95 -6.63 32.88 -2.61
C THR B 95 -6.86 31.59 -1.79
N LEU B 96 -8.09 31.14 -1.62
CA LEU B 96 -8.40 29.89 -0.97
C LEU B 96 -8.34 28.75 -1.98
N VAL B 97 -7.36 27.86 -1.86
CA VAL B 97 -7.15 26.80 -2.82
C VAL B 97 -7.48 25.54 -2.03
N SER B 98 -8.65 25.00 -2.34
CA SER B 98 -9.18 23.89 -1.56
C SER B 98 -10.16 23.03 -2.33
N PHE B 99 -10.47 21.83 -1.88
CA PHE B 99 -11.56 21.05 -2.51
C PHE B 99 -12.83 21.74 -2.03
N ILE B 100 -13.43 22.60 -2.89
CA ILE B 100 -14.59 23.39 -2.53
C ILE B 100 -15.89 22.62 -2.71
N TRP B 101 -15.95 21.76 -3.73
CA TRP B 101 -17.17 21.14 -4.22
C TRP B 101 -18.27 22.14 -4.57
N PRO B 102 -18.07 23.06 -5.55
CA PRO B 102 -18.96 24.19 -5.84
C PRO B 102 -20.43 23.80 -5.99
N ALA B 103 -20.74 22.78 -6.78
CA ALA B 103 -22.13 22.42 -7.06
C ALA B 103 -22.74 21.70 -5.86
N GLN B 104 -21.91 21.18 -4.98
CA GLN B 104 -22.34 20.60 -3.72
C GLN B 104 -22.48 21.66 -2.64
N ASN B 105 -21.78 22.78 -2.83
CA ASN B 105 -21.64 23.81 -1.82
C ASN B 105 -22.00 25.22 -2.31
N PRO B 106 -23.12 25.55 -2.98
CA PRO B 106 -23.44 26.90 -3.43
C PRO B 106 -23.60 27.99 -2.36
N GLU B 107 -24.22 27.65 -1.23
CA GLU B 107 -24.35 28.58 -0.10
C GLU B 107 -22.96 28.88 0.46
N LEU B 108 -22.08 27.89 0.52
CA LEU B 108 -20.70 28.14 0.89
C LEU B 108 -20.01 29.07 -0.10
N MET B 109 -20.19 28.82 -1.39
CA MET B 109 -19.70 29.70 -2.45
C MET B 109 -20.18 31.12 -2.29
N GLN B 110 -21.47 31.29 -1.95
CA GLN B 110 -22.04 32.62 -1.78
C GLN B 110 -21.38 33.28 -0.58
N LYS B 111 -21.15 32.56 0.52
CA LYS B 111 -20.37 33.06 1.62
C LYS B 111 -18.94 33.32 1.33
N LEU B 112 -18.35 32.59 0.36
CA LEU B 112 -17.00 32.87 -0.08
C LEU B 112 -16.96 34.18 -0.89
N ALA B 113 -18.00 34.40 -1.69
CA ALA B 113 -18.18 35.62 -2.44
C ALA B 113 -18.31 36.79 -1.47
N GLU B 114 -19.05 36.64 -0.37
CA GLU B 114 -19.13 37.65 0.69
C GLU B 114 -17.80 37.94 1.33
N ARG B 115 -17.02 36.91 1.66
CA ARG B 115 -15.67 37.12 2.15
C ARG B 115 -14.75 37.80 1.17
N ASN B 116 -15.07 37.67 -0.12
CA ASN B 116 -14.38 38.36 -1.21
C ASN B 116 -13.00 37.77 -1.44
N VAL B 117 -13.07 36.45 -1.47
CA VAL B 117 -11.90 35.66 -1.70
C VAL B 117 -11.72 35.24 -3.16
N THR B 118 -10.53 34.70 -3.46
CA THR B 118 -10.24 34.09 -4.72
C THR B 118 -10.25 32.57 -4.51
N VAL B 119 -11.34 31.91 -4.83
CA VAL B 119 -11.52 30.52 -4.56
C VAL B 119 -11.07 29.71 -5.77
N MET B 120 -10.15 28.81 -5.53
CA MET B 120 -9.67 27.86 -6.49
C MET B 120 -10.03 26.47 -5.97
N ALA B 121 -11.08 25.93 -6.58
CA ALA B 121 -11.64 24.64 -6.24
C ALA B 121 -10.87 23.45 -6.83
N MET B 122 -9.88 23.01 -6.06
CA MET B 122 -8.94 21.96 -6.52
C MET B 122 -9.54 20.65 -7.01
N ASP B 123 -10.79 20.45 -6.61
CA ASP B 123 -11.63 19.41 -7.14
C ASP B 123 -12.14 19.67 -8.56
N SER B 124 -12.63 20.87 -8.83
CA SER B 124 -13.36 21.15 -10.06
C SER B 124 -12.45 21.68 -11.18
N VAL B 125 -11.39 20.94 -11.43
CA VAL B 125 -10.43 21.29 -12.46
C VAL B 125 -10.93 20.64 -13.76
N PRO B 126 -10.89 21.34 -14.91
CA PRO B 126 -11.32 20.80 -16.19
C PRO B 126 -10.41 19.65 -16.55
N ARG B 127 -11.00 18.52 -16.94
CA ARG B 127 -10.28 17.25 -16.97
C ARG B 127 -9.29 17.08 -18.13
N ILE B 128 -8.36 18.00 -18.44
CA ILE B 128 -7.45 17.84 -19.58
C ILE B 128 -6.03 17.39 -19.25
N SER B 129 -5.23 17.08 -20.28
CA SER B 129 -3.90 16.47 -20.13
C SER B 129 -2.84 17.26 -19.38
N ARG B 130 -2.84 18.59 -19.45
CA ARG B 130 -2.10 19.36 -18.47
C ARG B 130 -2.67 19.26 -17.06
N ALA B 131 -4.02 19.18 -16.93
CA ALA B 131 -4.67 19.54 -15.67
C ALA B 131 -4.31 18.70 -14.45
N GLN B 132 -4.08 17.40 -14.59
CA GLN B 132 -3.89 16.49 -13.50
C GLN B 132 -2.62 16.72 -12.66
N SER B 133 -1.73 17.62 -13.12
CA SER B 133 -0.57 18.04 -12.35
C SER B 133 -1.03 18.99 -11.23
N LEU B 134 -1.96 19.88 -11.63
CA LEU B 134 -2.62 20.79 -10.70
C LEU B 134 -3.73 20.09 -9.96
N ASP B 135 -4.49 19.26 -10.67
CA ASP B 135 -5.69 18.60 -10.17
C ASP B 135 -5.47 17.65 -9.00
N ALA B 136 -6.16 18.01 -7.94
CA ALA B 136 -6.11 17.28 -6.69
C ALA B 136 -6.78 15.91 -6.88
N LEU B 137 -7.82 15.76 -7.67
CA LEU B 137 -8.62 14.53 -7.68
C LEU B 137 -7.85 13.34 -8.24
N SER B 138 -6.89 13.58 -9.14
CA SER B 138 -6.10 12.52 -9.72
C SER B 138 -5.26 11.90 -8.61
N SER B 139 -4.50 12.79 -7.96
CA SER B 139 -3.65 12.44 -6.83
C SER B 139 -4.46 11.77 -5.75
N MET B 140 -5.63 12.35 -5.38
CA MET B 140 -6.46 11.73 -4.33
C MET B 140 -7.07 10.37 -4.68
N ALA B 141 -7.37 10.15 -5.98
CA ALA B 141 -7.84 8.88 -6.44
C ALA B 141 -6.70 7.88 -6.30
N ASN B 142 -5.47 8.18 -6.64
CA ASN B 142 -4.37 7.25 -6.54
C ASN B 142 -4.05 6.95 -5.08
N ILE B 143 -4.20 7.99 -4.23
CA ILE B 143 -4.19 7.82 -2.77
C ILE B 143 -5.19 6.75 -2.37
N ALA B 144 -6.47 6.89 -2.71
CA ALA B 144 -7.51 5.98 -2.33
C ALA B 144 -7.34 4.65 -3.04
N GLY B 145 -6.62 4.55 -4.14
CA GLY B 145 -6.30 3.27 -4.79
C GLY B 145 -5.33 2.46 -3.92
N TYR B 146 -4.26 3.13 -3.48
CA TYR B 146 -3.26 2.46 -2.64
C TYR B 146 -3.97 2.12 -1.33
N ARG B 147 -4.61 3.13 -0.74
CA ARG B 147 -5.45 2.96 0.43
C ARG B 147 -6.55 1.93 0.25
N ALA B 148 -7.03 1.63 -0.97
CA ALA B 148 -7.97 0.55 -1.14
C ALA B 148 -7.31 -0.73 -0.73
N ILE B 149 -6.15 -1.01 -1.33
CA ILE B 149 -5.36 -2.21 -1.08
C ILE B 149 -4.99 -2.33 0.40
N VAL B 150 -4.58 -1.20 0.97
CA VAL B 150 -4.24 -1.10 2.38
C VAL B 150 -5.39 -1.37 3.35
N GLU B 151 -6.48 -0.65 3.24
CA GLU B 151 -7.59 -0.83 4.14
C GLU B 151 -8.29 -2.15 3.91
N ALA B 152 -8.30 -2.67 2.66
CA ALA B 152 -8.74 -4.03 2.38
C ALA B 152 -7.91 -4.98 3.25
N ALA B 153 -6.58 -4.95 3.05
CA ALA B 153 -5.65 -5.72 3.86
C ALA B 153 -5.85 -5.62 5.38
N HIS B 154 -6.30 -4.47 5.91
CA HIS B 154 -6.63 -4.29 7.29
C HIS B 154 -7.63 -5.35 7.78
N GLU B 155 -8.74 -5.56 7.10
CA GLU B 155 -9.68 -6.53 7.56
C GLU B 155 -9.74 -7.79 6.73
N PHE B 156 -9.03 -7.84 5.64
CA PHE B 156 -8.92 -9.00 4.74
C PHE B 156 -8.49 -10.22 5.55
N GLY B 157 -9.17 -11.29 5.13
CA GLY B 157 -8.88 -12.58 5.67
C GLY B 157 -7.53 -13.13 5.25
N ARG B 158 -7.00 -12.91 4.04
CA ARG B 158 -5.91 -13.72 3.50
C ARG B 158 -4.77 -12.82 3.03
N PHE B 159 -3.78 -13.38 2.34
CA PHE B 159 -2.76 -12.59 1.64
C PHE B 159 -3.35 -12.17 0.31
N PHE B 160 -2.75 -11.13 -0.32
CA PHE B 160 -3.06 -10.85 -1.70
C PHE B 160 -2.24 -11.85 -2.53
N THR B 161 -0.95 -11.90 -2.14
CA THR B 161 0.04 -12.75 -2.79
C THR B 161 -0.38 -14.20 -2.85
N GLY B 162 -0.20 -14.82 -4.02
CA GLY B 162 -0.35 -16.25 -4.13
C GLY B 162 0.85 -17.02 -3.59
N GLN B 163 1.10 -16.86 -2.30
CA GLN B 163 2.35 -17.28 -1.73
C GLN B 163 2.35 -18.77 -1.37
N ILE B 164 3.33 -19.47 -1.91
CA ILE B 164 3.56 -20.86 -1.56
C ILE B 164 4.28 -20.82 -0.20
N THR B 165 3.47 -20.84 0.83
CA THR B 165 3.91 -20.76 2.20
C THR B 165 3.97 -22.17 2.74
N ALA B 166 4.92 -22.43 3.63
CA ALA B 166 5.24 -23.77 4.12
C ALA B 166 4.04 -24.63 4.48
N ALA B 167 3.18 -24.16 5.39
CA ALA B 167 2.00 -24.85 5.86
C ALA B 167 1.02 -25.14 4.72
N GLY B 168 0.87 -24.23 3.77
CA GLY B 168 -0.09 -24.45 2.70
C GLY B 168 -0.06 -23.28 1.77
N LYS B 169 -0.52 -23.54 0.56
CA LYS B 169 -0.53 -22.57 -0.52
C LYS B 169 -1.65 -21.57 -0.31
N VAL B 170 -1.30 -20.30 -0.32
CA VAL B 170 -2.29 -19.23 -0.13
C VAL B 170 -3.10 -19.07 -1.42
N PRO B 171 -4.44 -19.09 -1.46
CA PRO B 171 -5.26 -18.80 -2.65
C PRO B 171 -5.09 -17.30 -3.00
N PRO B 172 -4.64 -17.07 -4.25
CA PRO B 172 -4.24 -15.73 -4.68
C PRO B 172 -5.45 -14.82 -4.67
N ALA B 173 -5.27 -13.56 -4.29
CA ALA B 173 -6.41 -12.67 -4.12
C ALA B 173 -6.88 -12.22 -5.48
N LYS B 174 -8.16 -12.55 -5.74
CA LYS B 174 -8.85 -12.14 -6.94
C LYS B 174 -9.40 -10.78 -6.56
N VAL B 175 -8.68 -9.76 -7.06
CA VAL B 175 -8.91 -8.35 -6.81
C VAL B 175 -9.73 -7.74 -7.95
N MET B 176 -11.05 -7.74 -7.78
CA MET B 176 -11.99 -7.27 -8.80
C MET B 176 -11.94 -5.73 -8.71
N VAL B 177 -11.18 -5.15 -9.64
CA VAL B 177 -10.99 -3.71 -9.71
C VAL B 177 -12.12 -3.17 -10.57
N ILE B 178 -13.20 -2.68 -9.95
CA ILE B 178 -14.27 -2.14 -10.74
C ILE B 178 -13.99 -0.69 -10.92
N GLY B 179 -13.72 -0.33 -12.17
CA GLY B 179 -13.62 1.08 -12.50
C GLY B 179 -12.19 1.54 -12.44
N ALA B 180 -11.45 1.12 -13.46
CA ALA B 180 -10.02 1.37 -13.53
C ALA B 180 -9.67 2.79 -13.98
N GLY B 181 -10.14 3.86 -13.30
CA GLY B 181 -9.57 5.19 -13.50
C GLY B 181 -8.37 5.35 -12.57
N VAL B 182 -7.86 6.55 -12.27
CA VAL B 182 -6.62 6.69 -11.53
C VAL B 182 -6.48 5.86 -10.26
N ALA B 183 -7.54 5.88 -9.48
CA ALA B 183 -7.69 5.00 -8.35
C ALA B 183 -7.57 3.52 -8.66
N GLY B 184 -8.42 3.10 -9.62
CA GLY B 184 -8.46 1.75 -10.17
C GLY B 184 -7.07 1.30 -10.62
N LEU B 185 -6.41 2.08 -11.43
CA LEU B 185 -5.13 1.78 -12.06
C LEU B 185 -4.02 1.55 -11.06
N ALA B 186 -3.95 2.44 -10.06
CA ALA B 186 -3.04 2.26 -8.93
C ALA B 186 -3.31 0.97 -8.15
N ALA B 187 -4.58 0.62 -7.96
CA ALA B 187 -4.93 -0.61 -7.25
C ALA B 187 -4.49 -1.85 -8.05
N ILE B 188 -4.66 -1.80 -9.37
CA ILE B 188 -4.14 -2.82 -10.27
C ILE B 188 -2.65 -2.97 -10.13
N GLY B 189 -1.95 -1.83 -10.24
CA GLY B 189 -0.51 -1.73 -10.09
C GLY B 189 -0.07 -2.49 -8.85
N ALA B 190 -0.53 -2.08 -7.69
CA ALA B 190 -0.06 -2.59 -6.43
C ALA B 190 -0.36 -4.06 -6.23
N ALA B 191 -1.60 -4.48 -6.51
CA ALA B 191 -1.99 -5.87 -6.35
C ALA B 191 -1.26 -6.79 -7.30
N ASN B 192 -1.01 -6.34 -8.53
CA ASN B 192 -0.26 -7.09 -9.54
C ASN B 192 1.18 -7.23 -9.11
N SER B 193 1.79 -6.14 -8.64
CA SER B 193 3.11 -6.20 -8.06
C SER B 193 3.21 -7.15 -6.87
N LEU B 194 2.17 -7.24 -6.02
CA LEU B 194 2.09 -8.19 -4.95
C LEU B 194 1.90 -9.63 -5.39
N GLY B 195 1.49 -9.85 -6.64
CA GLY B 195 1.25 -11.18 -7.16
C GLY B 195 -0.12 -11.67 -6.71
N ALA B 196 -1.10 -10.79 -6.97
CA ALA B 196 -2.50 -11.14 -6.80
C ALA B 196 -3.17 -11.10 -8.16
N ILE B 197 -4.26 -11.85 -8.32
CA ILE B 197 -4.96 -12.00 -9.58
C ILE B 197 -5.81 -10.74 -9.66
N VAL B 198 -5.30 -9.70 -10.33
CA VAL B 198 -6.16 -8.58 -10.60
C VAL B 198 -7.18 -9.00 -11.64
N ARG B 199 -8.43 -8.87 -11.23
CA ARG B 199 -9.58 -9.07 -12.10
C ARG B 199 -10.12 -7.68 -12.43
N ALA B 200 -9.56 -7.01 -13.45
CA ALA B 200 -9.82 -5.57 -13.59
C ALA B 200 -10.97 -5.23 -14.56
N PHE B 201 -11.70 -4.14 -14.36
CA PHE B 201 -12.82 -3.78 -15.21
C PHE B 201 -12.91 -2.27 -15.26
N ASP B 202 -13.45 -1.68 -16.31
CA ASP B 202 -13.84 -0.29 -16.44
C ASP B 202 -14.78 -0.29 -17.65
N THR B 203 -15.62 0.73 -17.75
CA THR B 203 -16.44 1.01 -18.88
C THR B 203 -15.52 1.34 -20.09
N ARG B 204 -14.52 2.21 -19.90
CA ARG B 204 -13.68 2.75 -20.99
C ARG B 204 -12.70 1.69 -21.46
N PRO B 205 -12.54 1.38 -22.74
CA PRO B 205 -11.73 0.27 -23.20
C PRO B 205 -10.26 0.26 -22.79
N GLU B 206 -9.60 1.41 -22.68
CA GLU B 206 -8.18 1.53 -22.93
C GLU B 206 -7.34 0.79 -21.90
N VAL B 207 -7.87 0.84 -20.66
CA VAL B 207 -7.21 0.22 -19.50
C VAL B 207 -7.01 -1.27 -19.66
N LYS B 208 -7.78 -1.94 -20.51
CA LYS B 208 -7.65 -3.37 -20.82
C LYS B 208 -6.26 -3.76 -21.25
N GLU B 209 -5.65 -2.98 -22.15
CA GLU B 209 -4.33 -3.31 -22.68
C GLU B 209 -3.24 -3.26 -21.62
N GLN B 210 -3.42 -2.37 -20.64
CA GLN B 210 -2.53 -2.33 -19.48
C GLN B 210 -2.63 -3.66 -18.77
N VAL B 211 -3.84 -4.12 -18.51
CA VAL B 211 -4.03 -5.24 -17.61
C VAL B 211 -3.57 -6.56 -18.28
N GLN B 212 -3.80 -6.59 -19.60
CA GLN B 212 -3.22 -7.63 -20.46
C GLN B 212 -1.71 -7.63 -20.33
N SER B 213 -0.99 -6.52 -20.50
CA SER B 213 0.48 -6.47 -20.36
C SER B 213 0.94 -6.84 -18.94
N MET B 214 0.06 -6.64 -17.93
CA MET B 214 0.32 -7.08 -16.57
C MET B 214 0.15 -8.57 -16.31
N GLY B 215 -0.59 -9.32 -17.12
CA GLY B 215 -0.81 -10.75 -16.92
C GLY B 215 -1.79 -10.97 -15.80
N ALA B 216 -2.92 -10.28 -15.98
CA ALA B 216 -3.98 -10.19 -15.03
C ALA B 216 -5.24 -10.06 -15.91
N GLU B 217 -6.41 -10.51 -15.46
CA GLU B 217 -7.55 -10.61 -16.36
C GLU B 217 -8.39 -9.35 -16.41
N PHE B 218 -8.61 -8.86 -17.63
CA PHE B 218 -9.57 -7.79 -17.82
C PHE B 218 -10.89 -8.52 -17.97
N LEU B 219 -11.77 -8.28 -17.01
CA LEU B 219 -13.08 -8.86 -16.96
C LEU B 219 -13.90 -8.26 -18.08
N GLU B 220 -13.94 -8.89 -19.25
CA GLU B 220 -14.82 -8.49 -20.32
C GLU B 220 -16.26 -8.94 -20.06
N LEU B 221 -17.13 -8.09 -20.64
CA LEU B 221 -18.54 -8.33 -20.65
C LEU B 221 -18.93 -9.48 -21.56
N ASP B 222 -19.95 -10.22 -21.13
CA ASP B 222 -20.55 -11.26 -21.89
C ASP B 222 -21.54 -10.64 -22.81
N MET B 237 -23.39 5.35 -21.41
CA MET B 237 -23.76 4.34 -20.45
C MET B 237 -24.43 5.13 -19.33
N SER B 238 -25.70 5.10 -18.89
CA SER B 238 -26.80 4.26 -19.38
C SER B 238 -26.88 2.79 -19.05
N ASP B 239 -28.06 2.39 -18.65
CA ASP B 239 -28.36 1.05 -18.20
C ASP B 239 -28.34 0.06 -19.36
N ALA B 240 -29.00 -1.08 -19.22
CA ALA B 240 -28.79 -2.30 -20.00
C ALA B 240 -27.44 -2.93 -19.68
N PHE B 241 -26.39 -2.09 -19.79
CA PHE B 241 -25.06 -2.26 -19.23
C PHE B 241 -25.13 -2.82 -17.84
N ILE B 242 -25.94 -2.22 -16.96
CA ILE B 242 -26.10 -2.69 -15.60
C ILE B 242 -26.45 -4.17 -15.45
N LYS B 243 -27.07 -4.82 -16.43
CA LYS B 243 -27.36 -6.26 -16.29
C LYS B 243 -26.11 -7.06 -16.56
N ALA B 244 -25.43 -6.74 -17.68
CA ALA B 244 -24.18 -7.38 -18.08
C ALA B 244 -23.12 -7.17 -17.00
N GLU B 245 -23.11 -6.00 -16.35
CA GLU B 245 -22.24 -5.80 -15.17
C GLU B 245 -22.61 -6.84 -14.12
N MET B 246 -23.85 -6.85 -13.58
CA MET B 246 -24.21 -7.72 -12.47
C MET B 246 -24.05 -9.21 -12.77
N GLU B 247 -24.28 -9.63 -14.00
CA GLU B 247 -23.93 -10.95 -14.47
C GLU B 247 -22.55 -11.39 -14.09
N LEU B 248 -21.61 -10.52 -14.47
CA LEU B 248 -20.17 -10.72 -14.30
C LEU B 248 -19.90 -10.65 -12.81
N PHE B 249 -20.41 -9.64 -12.11
CA PHE B 249 -20.12 -9.35 -10.71
C PHE B 249 -20.63 -10.46 -9.78
N ALA B 250 -21.87 -10.93 -10.00
CA ALA B 250 -22.45 -12.03 -9.24
C ALA B 250 -21.75 -13.37 -9.42
N ALA B 251 -21.06 -13.57 -10.56
CA ALA B 251 -20.25 -14.73 -10.72
C ALA B 251 -19.00 -14.46 -9.89
N GLN B 252 -18.32 -13.36 -10.22
CA GLN B 252 -17.04 -12.97 -9.67
C GLN B 252 -17.07 -12.93 -8.14
N ALA B 253 -18.20 -12.63 -7.49
CA ALA B 253 -18.31 -12.53 -6.04
C ALA B 253 -17.90 -13.82 -5.31
N LYS B 254 -18.18 -14.99 -5.87
CA LYS B 254 -17.80 -16.29 -5.36
C LYS B 254 -16.31 -16.54 -5.40
N GLU B 255 -15.66 -15.82 -6.30
CA GLU B 255 -14.26 -15.86 -6.53
C GLU B 255 -13.50 -14.80 -5.77
N VAL B 256 -13.95 -13.56 -5.77
CA VAL B 256 -13.10 -12.44 -5.42
C VAL B 256 -12.87 -12.27 -3.93
N ASP B 257 -11.63 -11.87 -3.72
CA ASP B 257 -11.13 -11.69 -2.38
C ASP B 257 -11.18 -10.20 -2.08
N ILE B 258 -10.91 -9.33 -3.04
CA ILE B 258 -11.00 -7.88 -2.83
C ILE B 258 -11.85 -7.33 -3.96
N ILE B 259 -12.90 -6.60 -3.66
CA ILE B 259 -13.57 -5.82 -4.71
C ILE B 259 -13.11 -4.40 -4.45
N VAL B 260 -12.26 -3.86 -5.31
CA VAL B 260 -11.91 -2.44 -5.30
C VAL B 260 -13.02 -1.79 -6.12
N THR B 261 -14.16 -1.52 -5.49
CA THR B 261 -15.26 -0.90 -6.19
C THR B 261 -15.08 0.61 -6.22
N THR B 262 -14.42 0.96 -7.32
CA THR B 262 -14.05 2.35 -7.51
C THR B 262 -15.25 3.08 -8.16
N ALA B 263 -15.55 2.81 -9.45
CA ALA B 263 -16.66 3.42 -10.16
C ALA B 263 -16.95 4.94 -10.04
N LEU B 264 -15.94 5.74 -9.72
CA LEU B 264 -16.13 7.13 -9.43
C LEU B 264 -16.59 7.87 -10.68
N ILE B 265 -17.83 8.34 -10.66
CA ILE B 265 -18.38 9.15 -11.73
C ILE B 265 -18.10 10.62 -11.32
N PRO B 266 -17.17 11.34 -11.99
CA PRO B 266 -16.77 12.68 -11.63
C PRO B 266 -17.89 13.68 -11.55
N GLY B 267 -18.35 13.89 -10.32
CA GLY B 267 -19.37 14.89 -9.97
C GLY B 267 -20.70 14.48 -10.57
N LYS B 268 -21.05 13.20 -10.36
CA LYS B 268 -22.36 12.67 -10.62
C LYS B 268 -22.42 11.46 -9.67
N PRO B 269 -23.58 11.01 -9.11
CA PRO B 269 -23.67 9.87 -8.18
C PRO B 269 -23.24 8.57 -8.80
N ALA B 270 -22.39 7.88 -8.04
CA ALA B 270 -21.92 6.57 -8.39
C ALA B 270 -23.01 5.48 -8.24
N PRO B 271 -23.10 4.48 -9.12
CA PRO B 271 -24.17 3.45 -9.10
C PRO B 271 -24.10 2.41 -7.99
N LYS B 272 -25.23 1.92 -7.51
CA LYS B 272 -25.28 0.80 -6.55
C LYS B 272 -24.88 -0.50 -7.26
N LEU B 273 -23.56 -0.68 -7.36
CA LEU B 273 -22.98 -1.87 -7.97
C LEU B 273 -23.14 -3.13 -7.13
N ILE B 274 -22.53 -3.17 -5.96
CA ILE B 274 -22.46 -4.40 -5.20
C ILE B 274 -23.71 -4.46 -4.34
N THR B 275 -24.70 -5.09 -4.98
CA THR B 275 -25.98 -5.30 -4.43
C THR B 275 -26.07 -6.31 -3.26
N ARG B 276 -27.05 -6.10 -2.35
CA ARG B 276 -27.13 -6.81 -1.11
C ARG B 276 -27.12 -8.32 -1.24
N GLU B 277 -27.89 -8.85 -2.21
CA GLU B 277 -27.96 -10.27 -2.48
C GLU B 277 -26.59 -10.87 -2.82
N MET B 278 -25.87 -10.14 -3.68
CA MET B 278 -24.52 -10.51 -4.13
C MET B 278 -23.58 -10.63 -2.94
N VAL B 279 -23.53 -9.59 -2.07
CA VAL B 279 -22.63 -9.53 -0.92
C VAL B 279 -22.87 -10.76 -0.07
N ASP B 280 -24.15 -11.10 0.21
CA ASP B 280 -24.41 -12.29 1.00
C ASP B 280 -23.93 -13.59 0.39
N SER B 281 -23.81 -13.66 -0.93
CA SER B 281 -23.25 -14.82 -1.59
C SER B 281 -21.75 -14.72 -1.86
N MET B 282 -21.13 -13.57 -1.60
CA MET B 282 -19.70 -13.37 -1.90
C MET B 282 -18.79 -14.25 -1.03
N LYS B 283 -17.56 -14.48 -1.46
CA LYS B 283 -16.58 -15.29 -0.77
C LYS B 283 -16.33 -14.81 0.66
N ALA B 284 -16.02 -15.74 1.58
CA ALA B 284 -15.83 -15.38 2.97
C ALA B 284 -14.48 -14.73 3.12
N GLY B 285 -14.36 -13.83 4.08
CA GLY B 285 -13.11 -13.18 4.47
C GLY B 285 -12.60 -12.24 3.40
N SER B 286 -13.50 -11.73 2.61
CA SER B 286 -13.16 -10.98 1.45
C SER B 286 -13.62 -9.56 1.72
N VAL B 287 -13.06 -8.54 1.07
CA VAL B 287 -13.31 -7.14 1.40
C VAL B 287 -14.00 -6.47 0.23
N ILE B 288 -14.98 -5.60 0.46
CA ILE B 288 -15.46 -4.71 -0.55
C ILE B 288 -14.97 -3.32 -0.12
N VAL B 289 -13.93 -2.79 -0.79
CA VAL B 289 -13.44 -1.48 -0.53
C VAL B 289 -14.38 -0.64 -1.39
N ASP B 290 -15.21 0.21 -0.80
CA ASP B 290 -16.05 1.11 -1.57
C ASP B 290 -15.35 2.46 -1.62
N LEU B 291 -14.63 2.64 -2.71
CA LEU B 291 -13.90 3.85 -2.92
C LEU B 291 -14.84 5.01 -3.14
N ALA B 292 -15.99 4.72 -3.76
CA ALA B 292 -16.95 5.74 -4.05
C ALA B 292 -17.92 5.96 -2.93
N ALA B 293 -17.64 5.55 -1.67
CA ALA B 293 -18.54 5.78 -0.54
C ALA B 293 -19.06 7.22 -0.41
N GLN B 294 -18.22 8.18 -0.77
CA GLN B 294 -18.59 9.59 -0.79
C GLN B 294 -19.16 10.05 -2.13
N ASN B 295 -18.90 9.33 -3.21
CA ASN B 295 -19.38 9.72 -4.54
C ASN B 295 -20.73 9.13 -4.90
N GLY B 296 -21.12 8.10 -4.17
CA GLY B 296 -22.42 7.47 -4.37
C GLY B 296 -22.60 6.22 -3.56
N GLY B 297 -21.56 5.54 -3.05
CA GLY B 297 -21.72 4.32 -2.29
C GLY B 297 -22.05 3.19 -3.25
N ASN B 298 -21.02 2.54 -3.78
CA ASN B 298 -21.22 1.53 -4.81
C ASN B 298 -21.83 0.24 -4.29
N CYS B 299 -21.54 -0.06 -3.02
CA CYS B 299 -22.15 -1.21 -2.37
C CYS B 299 -23.31 -0.74 -1.52
N GLU B 300 -24.35 -1.58 -1.44
CA GLU B 300 -25.51 -1.23 -0.61
C GLU B 300 -25.18 -1.38 0.88
N TYR B 301 -24.37 -2.37 1.22
CA TYR B 301 -24.00 -2.64 2.62
C TYR B 301 -23.04 -1.62 3.19
N THR B 302 -22.44 -0.81 2.33
CA THR B 302 -21.60 0.29 2.78
C THR B 302 -22.31 1.21 3.78
N VAL B 303 -22.03 1.09 5.04
CA VAL B 303 -22.25 2.14 5.97
C VAL B 303 -21.16 3.17 5.66
N PRO B 304 -21.49 4.37 5.16
CA PRO B 304 -20.49 5.37 4.76
C PRO B 304 -19.61 5.85 5.88
N GLY B 305 -18.30 5.84 5.63
CA GLY B 305 -17.28 6.21 6.59
C GLY B 305 -16.98 5.03 7.53
N GLU B 306 -17.48 3.83 7.30
CA GLU B 306 -17.35 2.71 8.22
C GLU B 306 -17.16 1.39 7.49
N ILE B 307 -16.88 0.33 8.26
CA ILE B 307 -16.87 -1.02 7.75
C ILE B 307 -18.21 -1.60 8.21
N PHE B 308 -18.79 -2.50 7.42
CA PHE B 308 -19.87 -3.32 7.93
C PHE B 308 -19.34 -4.71 7.68
N THR B 309 -19.28 -5.54 8.71
CA THR B 309 -18.85 -6.92 8.57
C THR B 309 -20.10 -7.78 8.49
N THR B 310 -20.36 -8.36 7.31
CA THR B 310 -21.60 -9.12 7.08
C THR B 310 -21.62 -10.48 7.81
N GLU B 311 -22.80 -11.12 7.98
CA GLU B 311 -22.90 -12.48 8.54
C GLU B 311 -22.04 -13.48 7.78
N ASN B 312 -21.93 -13.36 6.44
CA ASN B 312 -21.03 -14.22 5.67
C ASN B 312 -19.55 -13.82 5.76
N GLY B 313 -19.20 -12.93 6.71
CA GLY B 313 -17.80 -12.64 6.92
C GLY B 313 -17.21 -11.80 5.76
N VAL B 314 -17.93 -10.88 5.13
CA VAL B 314 -17.34 -10.01 4.11
C VAL B 314 -17.21 -8.68 4.84
N LYS B 315 -16.05 -8.10 4.69
CA LYS B 315 -15.72 -6.86 5.32
C LYS B 315 -15.96 -5.78 4.28
N VAL B 316 -17.15 -5.14 4.37
CA VAL B 316 -17.55 -4.09 3.48
C VAL B 316 -16.99 -2.80 4.04
N ILE B 317 -15.79 -2.43 3.58
CA ILE B 317 -15.08 -1.28 4.02
C ILE B 317 -15.43 -0.06 3.22
N GLY B 318 -16.47 0.64 3.64
CA GLY B 318 -16.94 1.82 2.94
C GLY B 318 -16.34 3.07 3.54
N TYR B 319 -15.01 3.20 3.48
CA TYR B 319 -14.34 4.33 4.09
C TYR B 319 -14.34 5.56 3.18
N THR B 320 -15.28 6.46 3.44
CA THR B 320 -15.37 7.80 2.85
C THR B 320 -14.08 8.60 2.95
N ASP B 321 -13.40 8.45 4.06
CA ASP B 321 -12.11 9.08 4.31
C ASP B 321 -10.89 8.40 3.70
N LEU B 322 -11.03 7.49 2.72
CA LEU B 322 -9.86 6.91 2.05
C LEU B 322 -8.75 7.87 1.63
N PRO B 323 -9.00 9.03 0.99
CA PRO B 323 -7.99 10.08 0.81
C PRO B 323 -7.45 10.69 2.09
N GLY B 324 -8.26 10.79 3.14
CA GLY B 324 -7.72 11.28 4.39
C GLY B 324 -6.76 10.28 5.04
N ARG B 325 -7.11 8.99 5.01
CA ARG B 325 -6.35 7.97 5.71
C ARG B 325 -4.91 7.75 5.32
N LEU B 326 -4.33 8.43 4.33
CA LEU B 326 -2.96 8.18 3.90
C LEU B 326 -2.19 9.48 4.08
N PRO B 327 -2.16 10.01 5.33
CA PRO B 327 -2.00 11.42 5.63
C PRO B 327 -0.82 12.15 5.02
N THR B 328 0.44 11.77 5.32
CA THR B 328 1.63 12.43 4.78
C THR B 328 1.63 12.44 3.24
N GLN B 329 1.40 11.29 2.63
CA GLN B 329 1.54 11.17 1.21
C GLN B 329 0.40 11.86 0.49
N SER B 330 -0.80 11.85 1.06
CA SER B 330 -1.90 12.71 0.65
C SER B 330 -1.54 14.20 0.73
N SER B 331 -0.93 14.66 1.80
CA SER B 331 -0.52 16.05 1.91
C SER B 331 0.66 16.33 0.97
N GLN B 332 1.54 15.37 0.65
CA GLN B 332 2.59 15.60 -0.29
C GLN B 332 1.99 15.64 -1.69
N LEU B 333 0.98 14.84 -2.03
CA LEU B 333 0.44 14.79 -3.39
C LEU B 333 -0.30 16.09 -3.66
N TYR B 334 -1.32 16.36 -2.81
CA TYR B 334 -2.09 17.58 -2.78
C TYR B 334 -1.16 18.80 -2.67
N GLY B 335 -0.17 18.74 -1.79
CA GLY B 335 0.89 19.76 -1.77
C GLY B 335 1.49 19.96 -3.13
N THR B 336 1.94 18.92 -3.85
CA THR B 336 2.58 19.13 -5.14
C THR B 336 1.55 19.68 -6.14
N ASN B 337 0.28 19.34 -5.95
CA ASN B 337 -0.82 19.90 -6.78
C ASN B 337 -0.89 21.41 -6.63
N LEU B 338 -0.89 21.86 -5.37
CA LEU B 338 -0.85 23.25 -4.95
C LEU B 338 0.39 23.95 -5.42
N VAL B 339 1.55 23.28 -5.46
CA VAL B 339 2.79 23.85 -5.99
C VAL B 339 2.56 24.08 -7.46
N ASN B 340 2.05 23.07 -8.18
CA ASN B 340 1.90 23.13 -9.61
C ASN B 340 1.01 24.29 -9.98
N LEU B 341 -0.14 24.44 -9.32
CA LEU B 341 -0.98 25.62 -9.45
C LEU B 341 -0.25 26.91 -9.14
N LEU B 342 0.42 26.98 -7.98
CA LEU B 342 1.18 28.16 -7.61
C LEU B 342 2.38 28.46 -8.50
N LYS B 343 2.86 27.53 -9.31
CA LYS B 343 3.88 27.79 -10.34
C LYS B 343 3.19 28.57 -11.46
N LEU B 344 2.02 28.13 -11.88
CA LEU B 344 1.27 28.79 -12.94
C LEU B 344 0.84 30.17 -12.50
N LEU B 345 0.56 30.38 -11.21
CA LEU B 345 0.39 31.71 -10.70
C LEU B 345 1.71 32.42 -10.60
N CYS B 346 2.77 31.83 -10.07
CA CYS B 346 4.00 32.54 -9.90
C CYS B 346 4.84 32.40 -11.16
N LYS B 347 4.53 33.25 -12.13
CA LYS B 347 4.93 33.01 -13.50
C LYS B 347 6.44 33.11 -13.69
N GLU B 348 7.12 33.89 -12.86
CA GLU B 348 8.57 34.08 -12.95
C GLU B 348 9.26 33.59 -11.71
N LYS B 349 8.60 32.74 -10.89
CA LYS B 349 9.04 32.39 -9.53
C LYS B 349 9.35 33.66 -8.76
N ASP B 350 8.29 34.45 -8.69
CA ASP B 350 8.38 35.83 -8.30
C ASP B 350 7.42 36.14 -7.18
N GLY B 351 7.13 35.19 -6.29
CA GLY B 351 6.29 35.45 -5.14
C GLY B 351 4.98 36.21 -5.39
N ASN B 352 4.46 36.14 -6.64
CA ASN B 352 3.37 36.98 -7.07
C ASN B 352 2.29 36.08 -7.64
N ILE B 353 1.04 36.51 -7.55
CA ILE B 353 -0.08 35.73 -8.05
C ILE B 353 -0.42 36.36 -9.41
N THR B 354 0.18 35.98 -10.53
CA THR B 354 -0.36 36.31 -11.84
C THR B 354 -1.36 35.26 -12.28
N VAL B 355 -2.63 35.62 -12.14
CA VAL B 355 -3.73 34.74 -12.45
C VAL B 355 -4.10 34.97 -13.91
N ASP B 356 -3.87 34.01 -14.79
CA ASP B 356 -4.34 34.13 -16.17
C ASP B 356 -5.63 33.36 -16.23
N PHE B 357 -6.70 33.96 -16.72
CA PHE B 357 -7.98 33.26 -16.92
C PHE B 357 -8.20 32.75 -18.36
N ASP B 358 -7.30 32.96 -19.32
CA ASP B 358 -7.53 32.41 -20.63
C ASP B 358 -7.30 30.91 -20.60
N ASP B 359 -6.31 30.47 -19.81
CA ASP B 359 -6.21 29.03 -19.51
C ASP B 359 -7.52 28.51 -18.92
N VAL B 360 -8.14 27.56 -19.63
CA VAL B 360 -9.35 26.90 -19.18
C VAL B 360 -9.19 26.26 -17.82
N VAL B 361 -7.97 25.79 -17.49
CA VAL B 361 -7.75 25.11 -16.23
C VAL B 361 -7.85 26.16 -15.16
N ILE B 362 -7.14 27.31 -15.21
CA ILE B 362 -7.37 28.35 -14.23
C ILE B 362 -8.78 28.92 -14.25
N ARG B 363 -9.29 29.21 -15.46
CA ARG B 363 -10.68 29.60 -15.66
C ARG B 363 -11.71 28.66 -15.01
N GLY B 364 -11.36 27.36 -14.98
CA GLY B 364 -12.24 26.33 -14.45
C GLY B 364 -12.09 26.27 -12.94
N VAL B 365 -10.86 26.10 -12.51
CA VAL B 365 -10.56 25.89 -11.11
C VAL B 365 -10.95 27.06 -10.24
N THR B 366 -10.67 28.26 -10.72
CA THR B 366 -10.89 29.43 -9.91
C THR B 366 -12.35 29.86 -10.03
N VAL B 367 -13.15 29.17 -9.25
CA VAL B 367 -14.60 29.27 -9.26
C VAL B 367 -15.14 30.58 -8.70
N ILE B 368 -14.30 31.33 -7.95
CA ILE B 368 -14.59 32.69 -7.50
C ILE B 368 -13.31 33.51 -7.74
N ARG B 369 -13.27 34.44 -8.68
CA ARG B 369 -12.08 35.24 -8.83
C ARG B 369 -12.38 36.54 -8.10
N ALA B 370 -11.70 36.68 -6.99
CA ALA B 370 -11.69 37.90 -6.20
C ALA B 370 -13.09 38.45 -5.91
N GLY B 371 -13.91 37.63 -5.23
CA GLY B 371 -15.28 38.02 -4.96
C GLY B 371 -16.27 37.73 -6.08
N GLU B 372 -15.92 38.09 -7.31
CA GLU B 372 -16.77 37.68 -8.43
C GLU B 372 -16.80 36.18 -8.60
N ILE B 373 -17.99 35.61 -8.61
CA ILE B 373 -18.14 34.16 -8.75
C ILE B 373 -17.95 33.94 -10.26
N THR B 374 -16.93 33.19 -10.57
CA THR B 374 -16.56 32.87 -11.93
C THR B 374 -16.89 31.42 -12.28
N TRP B 375 -17.64 30.79 -11.40
CA TRP B 375 -18.34 29.54 -11.68
C TRP B 375 -19.60 29.98 -12.36
N PRO B 376 -20.02 29.39 -13.51
CA PRO B 376 -19.33 28.32 -14.25
C PRO B 376 -18.20 28.75 -15.20
N ALA B 377 -17.49 27.77 -15.71
CA ALA B 377 -16.48 27.94 -16.72
C ALA B 377 -17.02 27.23 -17.98
N PRO B 378 -17.01 27.92 -19.15
CA PRO B 378 -17.36 27.33 -20.43
C PRO B 378 -16.35 26.19 -20.75
N PRO B 379 -16.78 24.93 -20.63
CA PRO B 379 -15.91 23.80 -20.69
C PRO B 379 -15.20 23.48 -21.98
N ILE B 380 -13.95 23.07 -21.82
CA ILE B 380 -13.24 22.54 -22.96
C ILE B 380 -13.79 21.14 -23.26
N GLN B 381 -13.85 20.73 -24.51
CA GLN B 381 -14.28 19.40 -24.88
C GLN B 381 -13.30 18.36 -24.37
N VAL B 382 -13.68 17.60 -23.36
CA VAL B 382 -12.76 16.73 -22.63
C VAL B 382 -13.00 15.32 -23.15
N SER B 383 -12.12 14.83 -23.86
N ALA C 20 19.15 3.46 -33.77
CA ALA C 20 19.72 3.61 -32.47
C ALA C 20 21.20 3.96 -32.52
N GLU C 21 21.92 3.56 -33.55
CA GLU C 21 23.38 3.76 -33.72
C GLU C 21 23.81 5.23 -33.68
N GLU C 22 22.87 6.08 -34.10
CA GLU C 22 23.03 7.53 -34.09
C GLU C 22 23.11 7.89 -32.61
N THR C 23 22.15 7.48 -31.76
CA THR C 23 22.10 7.73 -30.34
C THR C 23 23.35 7.25 -29.62
N ALA C 24 23.95 6.13 -30.08
CA ALA C 24 25.24 5.62 -29.56
C ALA C 24 26.40 6.62 -29.78
N GLU C 25 26.38 7.29 -30.90
CA GLU C 25 27.33 8.36 -31.09
C GLU C 25 26.94 9.61 -30.30
N LEU C 26 25.69 10.04 -30.43
CA LEU C 26 25.11 11.21 -29.77
C LEU C 26 25.31 11.20 -28.28
N LEU C 27 25.13 10.10 -27.53
CA LEU C 27 25.32 10.05 -26.11
C LEU C 27 26.72 10.41 -25.62
N LYS C 28 27.75 9.78 -26.17
CA LYS C 28 29.13 10.07 -25.80
C LYS C 28 29.51 11.50 -26.27
N ASN C 29 28.78 12.12 -27.19
CA ASN C 29 28.86 13.54 -27.44
C ASN C 29 28.17 14.32 -26.34
N SER C 30 26.97 13.91 -25.98
CA SER C 30 26.00 14.69 -25.23
C SER C 30 26.40 15.39 -23.95
N HIS C 31 27.27 14.85 -23.09
CA HIS C 31 27.54 15.36 -21.74
C HIS C 31 26.39 15.57 -20.78
N SER C 32 25.22 16.03 -21.17
CA SER C 32 24.07 15.99 -20.28
C SER C 32 23.03 15.21 -21.08
N VAL C 33 22.35 14.24 -20.45
CA VAL C 33 21.42 13.37 -21.19
C VAL C 33 20.17 13.36 -20.33
N ILE C 34 18.99 13.70 -20.87
CA ILE C 34 17.77 13.55 -20.10
C ILE C 34 17.15 12.31 -20.67
N ILE C 35 16.79 11.39 -19.81
CA ILE C 35 16.05 10.23 -20.20
C ILE C 35 14.64 10.50 -19.76
N THR C 36 13.69 10.57 -20.72
CA THR C 36 12.27 10.75 -20.47
C THR C 36 11.53 9.46 -20.86
N PRO C 37 11.29 8.50 -19.96
CA PRO C 37 10.40 7.37 -20.21
C PRO C 37 8.93 7.73 -20.07
N GLY C 38 8.19 6.91 -20.79
CA GLY C 38 6.74 6.94 -20.74
C GLY C 38 6.30 5.50 -21.05
N TYR C 39 5.19 5.33 -21.77
CA TYR C 39 4.52 4.05 -21.91
C TYR C 39 5.38 2.99 -22.57
N GLY C 40 6.23 3.36 -23.52
CA GLY C 40 7.15 2.42 -24.17
C GLY C 40 8.05 1.69 -23.17
N MET C 41 8.45 2.32 -22.05
CA MET C 41 9.32 1.63 -21.12
C MET C 41 8.54 0.60 -20.28
N ALA C 42 7.22 0.85 -20.13
CA ALA C 42 6.38 -0.12 -19.45
C ALA C 42 6.10 -1.29 -20.35
N VAL C 43 5.87 -1.08 -21.64
CA VAL C 43 5.61 -2.18 -22.55
C VAL C 43 6.90 -2.93 -22.85
N ALA C 44 7.86 -2.29 -23.53
CA ALA C 44 9.16 -2.88 -23.77
C ALA C 44 10.07 -2.48 -22.65
N GLN C 45 10.49 -3.44 -21.84
CA GLN C 45 11.20 -3.15 -20.60
C GLN C 45 12.61 -2.64 -20.89
N ALA C 46 12.69 -1.36 -21.24
CA ALA C 46 13.96 -0.70 -21.53
C ALA C 46 14.84 -0.52 -20.28
N GLN C 47 14.37 -0.86 -19.08
CA GLN C 47 14.94 -0.35 -17.86
C GLN C 47 16.24 -1.00 -17.46
N TYR C 48 16.40 -2.32 -17.59
CA TYR C 48 17.73 -2.93 -17.45
C TYR C 48 18.76 -2.43 -18.49
N PRO C 49 18.48 -2.28 -19.81
CA PRO C 49 19.38 -1.52 -20.69
C PRO C 49 19.71 -0.09 -20.25
N VAL C 50 18.76 0.68 -19.76
CA VAL C 50 18.99 2.01 -19.24
C VAL C 50 19.96 2.00 -18.04
N ALA C 51 19.83 1.05 -17.12
CA ALA C 51 20.84 0.90 -16.09
C ALA C 51 22.16 0.56 -16.74
N GLU C 52 22.11 -0.21 -17.85
CA GLU C 52 23.31 -0.62 -18.56
C GLU C 52 24.03 0.56 -19.23
N ILE C 53 23.33 1.51 -19.82
CA ILE C 53 23.97 2.67 -20.37
C ILE C 53 24.41 3.64 -19.25
N THR C 54 23.60 3.77 -18.19
CA THR C 54 23.95 4.70 -17.13
C THR C 54 25.23 4.29 -16.39
N GLU C 55 25.42 3.01 -16.18
CA GLU C 55 26.68 2.35 -15.90
C GLU C 55 27.86 3.01 -16.61
N LYS C 56 27.77 3.37 -17.89
CA LYS C 56 28.84 4.02 -18.60
C LYS C 56 28.75 5.52 -18.41
N LEU C 57 27.54 6.07 -18.52
CA LEU C 57 27.33 7.49 -18.62
C LEU C 57 27.79 8.20 -17.40
N ARG C 58 27.44 7.78 -16.17
CA ARG C 58 27.73 8.56 -14.98
C ARG C 58 29.24 8.50 -14.69
N ALA C 59 29.87 7.34 -14.98
CA ALA C 59 31.31 7.16 -15.04
C ALA C 59 32.04 8.01 -16.06
N ARG C 60 31.32 8.53 -17.08
CA ARG C 60 31.89 9.48 -18.01
C ARG C 60 31.63 10.90 -17.57
N GLY C 61 31.20 11.11 -16.32
CA GLY C 61 30.86 12.42 -15.80
C GLY C 61 29.67 13.07 -16.51
N ILE C 62 28.83 12.26 -17.13
CA ILE C 62 27.66 12.79 -17.76
C ILE C 62 26.57 13.16 -16.78
N ASN C 63 26.21 14.44 -16.81
CA ASN C 63 25.08 14.94 -16.09
C ASN C 63 23.85 14.25 -16.70
N VAL C 64 23.56 13.03 -16.20
CA VAL C 64 22.42 12.29 -16.70
C VAL C 64 21.34 12.48 -15.66
N ARG C 65 20.10 12.76 -16.15
CA ARG C 65 18.95 12.98 -15.30
C ARG C 65 17.79 12.27 -15.93
N PHE C 66 16.92 11.61 -15.17
CA PHE C 66 15.83 10.82 -15.70
C PHE C 66 14.58 11.65 -15.55
N GLY C 67 14.37 12.51 -16.53
CA GLY C 67 13.21 13.39 -16.55
C GLY C 67 11.97 12.63 -17.01
N ILE C 68 11.49 11.72 -16.16
CA ILE C 68 10.38 10.84 -16.53
C ILE C 68 9.04 11.59 -16.63
N HIS C 69 8.19 11.25 -17.58
CA HIS C 69 6.86 11.87 -17.69
C HIS C 69 5.84 10.78 -17.41
N PRO C 70 5.46 10.60 -16.13
CA PRO C 70 4.78 9.43 -15.60
C PRO C 70 3.42 9.10 -16.14
N VAL C 71 2.51 10.09 -16.11
CA VAL C 71 1.27 9.98 -16.81
C VAL C 71 1.60 9.99 -18.29
N ALA C 72 1.49 8.79 -18.85
CA ALA C 72 1.74 8.53 -20.27
C ALA C 72 1.33 7.08 -20.51
N GLY C 73 0.34 6.85 -21.39
CA GLY C 73 -0.10 5.51 -21.73
C GLY C 73 -1.11 4.97 -20.74
N ARG C 74 -0.61 4.19 -19.82
CA ARG C 74 -1.44 3.59 -18.81
C ARG C 74 -0.50 3.47 -17.61
N LEU C 75 -1.00 3.10 -16.42
CA LEU C 75 -0.18 3.06 -15.21
C LEU C 75 0.47 4.37 -14.77
N PRO C 76 -0.09 5.00 -13.71
CA PRO C 76 0.44 6.24 -13.16
C PRO C 76 1.84 6.06 -12.56
N GLY C 77 2.84 6.27 -13.45
CA GLY C 77 4.24 6.25 -13.04
C GLY C 77 4.87 4.87 -12.95
N HIS C 78 4.18 3.73 -13.08
CA HIS C 78 4.84 2.44 -12.96
C HIS C 78 6.11 2.17 -13.81
N MET C 79 6.29 2.78 -14.99
CA MET C 79 7.55 2.71 -15.71
C MET C 79 8.74 3.26 -14.93
N ASN C 80 8.49 4.27 -14.07
CA ASN C 80 9.50 4.79 -13.16
C ASN C 80 9.87 3.76 -12.13
N VAL C 81 8.84 3.03 -11.68
CA VAL C 81 9.00 2.04 -10.61
C VAL C 81 9.87 0.88 -11.15
N LEU C 82 9.60 0.43 -12.39
CA LEU C 82 10.42 -0.53 -13.14
C LEU C 82 11.89 -0.11 -13.24
N LEU C 83 12.10 1.18 -13.48
CA LEU C 83 13.46 1.73 -13.51
C LEU C 83 14.10 1.64 -12.13
N ALA C 84 13.35 2.05 -11.10
CA ALA C 84 13.83 1.98 -9.75
C ALA C 84 14.15 0.54 -9.31
N GLU C 85 13.38 -0.44 -9.77
CA GLU C 85 13.70 -1.85 -9.52
C GLU C 85 15.01 -2.27 -10.18
N ALA C 86 15.20 -1.85 -11.43
CA ALA C 86 16.38 -2.13 -12.27
C ALA C 86 17.77 -1.77 -11.72
N LYS C 87 17.85 -1.16 -10.57
CA LYS C 87 19.08 -0.68 -9.96
C LYS C 87 19.77 0.35 -10.81
N VAL C 88 18.98 1.44 -10.87
CA VAL C 88 19.36 2.62 -11.68
C VAL C 88 19.56 3.74 -10.65
N PRO C 89 20.41 4.76 -10.78
CA PRO C 89 20.45 6.01 -10.00
C PRO C 89 19.13 6.78 -10.01
N TYR C 90 18.18 6.22 -9.21
CA TYR C 90 16.86 6.81 -8.99
C TYR C 90 17.07 8.20 -8.37
N ASP C 91 18.18 8.34 -7.60
CA ASP C 91 18.69 9.63 -7.14
C ASP C 91 18.59 10.78 -8.12
N ILE C 92 18.85 10.57 -9.42
CA ILE C 92 18.82 11.70 -10.34
C ILE C 92 17.58 11.65 -11.25
N VAL C 93 16.54 10.98 -10.77
CA VAL C 93 15.28 10.94 -11.44
C VAL C 93 14.42 12.15 -11.01
N LEU C 94 13.93 12.85 -12.02
CA LEU C 94 12.97 13.94 -11.88
C LEU C 94 11.67 13.59 -12.58
N GLU C 95 10.81 12.84 -11.90
CA GLU C 95 9.55 12.50 -12.52
C GLU C 95 8.69 13.74 -12.47
N MET C 96 8.42 14.34 -13.62
CA MET C 96 7.48 15.45 -13.81
C MET C 96 7.92 16.79 -13.18
N ASP C 97 8.98 16.76 -12.39
CA ASP C 97 9.57 17.95 -11.81
C ASP C 97 10.22 18.87 -12.85
N GLU C 98 10.86 20.00 -12.52
CA GLU C 98 11.34 20.98 -13.46
C GLU C 98 12.64 20.65 -14.21
N ILE C 99 12.60 19.54 -14.91
CA ILE C 99 13.64 19.09 -15.81
C ILE C 99 13.59 19.84 -17.14
N ASN C 100 12.61 20.76 -17.35
CA ASN C 100 12.52 21.50 -18.60
C ASN C 100 13.78 22.29 -18.92
N ASP C 101 14.31 23.01 -17.91
CA ASP C 101 15.57 23.70 -18.10
C ASP C 101 16.73 22.79 -18.55
N ASP C 102 16.80 21.64 -17.91
CA ASP C 102 17.89 20.71 -18.14
C ASP C 102 17.82 20.10 -19.54
N PHE C 103 16.60 20.08 -20.12
CA PHE C 103 16.46 19.78 -21.56
C PHE C 103 17.34 20.71 -22.41
N ALA C 104 17.42 22.03 -22.14
CA ALA C 104 18.37 22.92 -22.84
C ALA C 104 19.81 22.54 -22.53
N ASP C 105 20.18 22.27 -21.27
CA ASP C 105 21.52 21.81 -20.90
C ASP C 105 21.99 20.52 -21.58
N THR C 106 21.01 19.68 -21.86
CA THR C 106 21.24 18.39 -22.49
C THR C 106 21.45 18.49 -23.99
N ASP C 107 22.08 17.45 -24.58
CA ASP C 107 22.04 17.31 -26.00
C ASP C 107 20.97 16.26 -26.32
N THR C 108 21.28 14.97 -26.28
CA THR C 108 20.33 13.91 -26.53
C THR C 108 19.42 13.55 -25.36
N VAL C 109 18.14 13.88 -25.60
CA VAL C 109 17.03 13.55 -24.74
C VAL C 109 16.48 12.19 -25.19
N LEU C 110 16.75 11.15 -24.43
CA LEU C 110 16.19 9.83 -24.66
C LEU C 110 14.71 9.74 -24.32
N VAL C 111 13.82 10.05 -25.25
CA VAL C 111 12.38 9.96 -25.04
C VAL C 111 11.92 8.53 -25.24
N ILE C 112 12.06 7.74 -24.19
CA ILE C 112 11.74 6.30 -24.26
C ILE C 112 10.26 6.10 -24.06
N GLY C 113 9.64 6.07 -25.24
CA GLY C 113 8.23 5.79 -25.38
C GLY C 113 7.34 6.75 -24.60
N ALA C 114 7.80 8.00 -24.41
CA ALA C 114 6.92 8.97 -23.80
C ALA C 114 5.95 9.61 -24.82
N ASN C 115 6.36 9.69 -26.09
CA ASN C 115 5.48 9.89 -27.23
C ASN C 115 4.78 11.26 -27.19
N ASP C 116 3.69 11.59 -27.91
CA ASP C 116 3.03 12.90 -27.88
C ASP C 116 2.64 13.45 -26.49
N THR C 117 2.66 12.59 -25.49
CA THR C 117 2.54 12.98 -24.09
C THR C 117 3.67 13.87 -23.56
N VAL C 118 4.79 13.98 -24.27
CA VAL C 118 5.81 15.02 -23.96
C VAL C 118 5.82 16.16 -24.98
N ASN C 119 4.79 16.22 -25.83
CA ASN C 119 4.84 17.08 -27.02
C ASN C 119 4.05 18.40 -26.89
N PRO C 120 4.63 19.56 -27.25
CA PRO C 120 3.98 20.87 -27.12
C PRO C 120 2.59 20.92 -27.73
N ALA C 121 2.41 20.29 -28.88
CA ALA C 121 1.21 20.50 -29.68
C ALA C 121 -0.10 20.16 -28.99
N ALA C 122 -0.10 19.44 -27.84
CA ALA C 122 -1.30 19.26 -27.04
C ALA C 122 -1.88 20.59 -26.57
N GLN C 123 -0.98 21.50 -26.23
CA GLN C 123 -1.42 22.88 -25.93
C GLN C 123 -1.31 23.78 -27.15
N ASP C 124 -0.22 23.63 -27.88
CA ASP C 124 0.17 24.51 -28.97
C ASP C 124 -0.78 24.43 -30.12
N ASP C 125 -1.17 23.23 -30.58
CA ASP C 125 -2.19 23.03 -31.58
C ASP C 125 -3.44 22.43 -30.93
N PRO C 126 -4.43 23.24 -30.53
CA PRO C 126 -5.73 22.83 -30.05
C PRO C 126 -6.39 21.82 -30.96
N LYS C 127 -5.95 21.62 -32.21
CA LYS C 127 -6.57 20.56 -33.04
C LYS C 127 -6.21 19.20 -32.47
N SER C 128 -5.02 19.09 -31.88
CA SER C 128 -4.57 17.86 -31.25
C SER C 128 -5.63 17.41 -30.25
N PRO C 129 -6.17 16.19 -30.37
CA PRO C 129 -7.18 15.64 -29.52
C PRO C 129 -6.89 15.70 -28.05
N ILE C 130 -5.64 15.45 -27.60
CA ILE C 130 -5.26 15.71 -26.22
C ILE C 130 -5.02 17.20 -25.99
N ALA C 131 -5.63 17.71 -24.93
CA ALA C 131 -5.59 19.11 -24.66
C ALA C 131 -4.73 19.47 -23.43
N GLY C 132 -3.78 20.37 -23.70
CA GLY C 132 -2.88 20.86 -22.64
C GLY C 132 -1.71 19.94 -22.39
N MET C 133 -0.51 20.49 -22.28
CA MET C 133 0.68 19.70 -22.06
C MET C 133 1.36 20.34 -20.89
N PRO C 134 1.80 19.62 -19.86
CA PRO C 134 2.72 20.14 -18.86
C PRO C 134 4.05 20.66 -19.46
N VAL C 135 4.71 21.67 -18.84
CA VAL C 135 5.81 22.35 -19.48
C VAL C 135 7.07 21.58 -19.79
N LEU C 136 7.08 20.28 -19.58
CA LEU C 136 8.17 19.45 -20.02
C LEU C 136 8.02 19.12 -21.50
N GLU C 137 7.86 20.14 -22.31
CA GLU C 137 7.64 20.03 -23.72
C GLU C 137 9.00 19.86 -24.31
N VAL C 138 9.33 18.60 -24.52
CA VAL C 138 10.69 18.33 -24.89
C VAL C 138 10.78 18.28 -26.43
N TRP C 139 10.80 19.45 -27.03
CA TRP C 139 11.01 19.58 -28.47
C TRP C 139 12.06 20.66 -28.68
N LYS C 140 12.60 20.71 -29.89
CA LYS C 140 13.52 21.71 -30.40
C LYS C 140 14.85 21.76 -29.65
N ALA C 141 14.99 21.33 -28.39
CA ALA C 141 16.28 21.02 -27.76
C ALA C 141 17.20 20.05 -28.52
N GLN C 142 18.52 20.20 -28.26
CA GLN C 142 19.63 19.72 -29.08
C GLN C 142 19.52 18.41 -29.84
N ASN C 143 19.01 17.35 -29.21
CA ASN C 143 18.53 16.19 -29.92
C ASN C 143 17.53 15.37 -29.12
N VAL C 144 16.27 15.65 -29.33
CA VAL C 144 15.20 14.96 -28.63
C VAL C 144 14.92 13.74 -29.50
N ILE C 145 15.41 12.62 -29.03
CA ILE C 145 15.30 11.36 -29.74
C ILE C 145 14.17 10.49 -29.17
N VAL C 146 13.05 10.41 -29.89
CA VAL C 146 11.83 9.78 -29.34
C VAL C 146 11.81 8.30 -29.72
N PHE C 147 12.21 7.41 -28.84
CA PHE C 147 12.23 5.96 -29.06
C PHE C 147 10.78 5.53 -29.15
N LYS C 148 10.41 5.04 -30.34
CA LYS C 148 9.07 4.56 -30.62
C LYS C 148 9.21 3.57 -31.76
N ARG C 149 8.48 2.51 -31.54
CA ARG C 149 8.40 1.40 -32.47
C ARG C 149 8.14 1.82 -33.93
N SER C 150 7.01 2.49 -34.19
CA SER C 150 6.54 2.79 -35.54
C SER C 150 6.07 4.26 -35.70
N MET C 151 6.04 4.72 -36.95
CA MET C 151 5.41 5.98 -37.31
C MET C 151 3.87 5.79 -37.08
N ASN C 152 3.38 6.17 -35.92
CA ASN C 152 2.02 6.00 -35.53
C ASN C 152 1.67 7.01 -34.47
N THR C 153 0.37 7.25 -34.29
CA THR C 153 -0.17 8.14 -33.24
C THR C 153 0.13 7.65 -31.83
N GLY C 154 0.07 8.47 -30.79
CA GLY C 154 -0.24 7.92 -29.47
C GLY C 154 -1.66 8.32 -29.18
N TYR C 155 -1.84 9.44 -28.52
CA TYR C 155 -3.17 9.99 -28.34
C TYR C 155 -3.39 11.32 -29.03
N ALA C 156 -2.35 12.06 -29.38
CA ALA C 156 -2.47 13.22 -30.27
C ALA C 156 -1.98 12.88 -31.67
N GLY C 157 -0.67 12.89 -31.99
CA GLY C 157 -0.20 12.32 -33.25
C GLY C 157 -0.20 13.34 -34.38
N VAL C 158 -1.41 13.85 -34.69
CA VAL C 158 -1.67 14.84 -35.73
C VAL C 158 -0.61 15.92 -35.90
N GLN C 159 0.21 15.62 -36.91
CA GLN C 159 1.42 16.36 -37.29
C GLN C 159 2.30 17.00 -36.24
N ASN C 160 2.37 16.28 -35.10
CA ASN C 160 3.00 16.84 -33.91
C ASN C 160 4.51 16.94 -34.08
N PRO C 161 5.07 18.14 -34.02
CA PRO C 161 6.48 18.45 -34.32
C PRO C 161 7.52 17.55 -33.70
N LEU C 162 7.17 16.93 -32.58
CA LEU C 162 7.99 16.01 -31.83
C LEU C 162 8.59 14.90 -32.68
N PHE C 163 7.77 14.39 -33.61
CA PHE C 163 8.19 13.23 -34.35
C PHE C 163 9.07 13.68 -35.54
N PHE C 164 8.90 14.95 -35.96
CA PHE C 164 9.31 15.43 -37.28
C PHE C 164 10.59 16.25 -37.39
N LYS C 165 10.89 17.05 -36.38
CA LYS C 165 12.01 17.94 -36.43
C LYS C 165 13.37 17.31 -36.66
N GLU C 166 14.29 18.14 -37.16
CA GLU C 166 15.63 17.68 -37.44
C GLU C 166 16.40 17.21 -36.22
N ASN C 167 16.27 17.90 -35.07
CA ASN C 167 16.88 17.40 -33.84
C ASN C 167 15.88 16.70 -32.96
N THR C 168 14.57 17.03 -33.13
CA THR C 168 13.51 16.35 -32.40
C THR C 168 12.85 15.32 -33.31
N HIS C 169 13.30 14.08 -33.25
CA HIS C 169 12.83 13.11 -34.23
C HIS C 169 12.64 11.78 -33.55
N MET C 170 11.64 10.97 -34.00
CA MET C 170 11.57 9.58 -33.58
C MET C 170 12.76 8.72 -33.99
N LEU C 171 13.26 8.02 -32.99
CA LEU C 171 14.20 6.96 -33.20
C LEU C 171 13.26 5.74 -33.28
N PHE C 172 13.11 5.30 -34.52
CA PHE C 172 12.24 4.17 -34.82
C PHE C 172 12.89 2.88 -34.34
N GLY C 173 12.09 2.03 -33.72
CA GLY C 173 12.52 0.80 -33.15
C GLY C 173 12.04 0.70 -31.71
N ASP C 174 12.17 -0.53 -31.22
CA ASP C 174 11.73 -0.87 -29.88
C ASP C 174 12.48 -0.12 -28.80
N ALA C 175 11.82 0.16 -27.67
CA ALA C 175 12.43 0.87 -26.56
C ALA C 175 13.63 0.14 -25.96
N LYS C 176 13.39 -1.14 -25.62
CA LYS C 176 14.43 -1.98 -25.06
C LYS C 176 15.52 -2.13 -26.12
N ALA C 177 15.19 -2.72 -27.27
CA ALA C 177 16.15 -2.99 -28.33
C ALA C 177 17.01 -1.79 -28.78
N SER C 178 16.45 -0.58 -28.83
CA SER C 178 17.30 0.54 -29.12
C SER C 178 18.30 0.88 -28.02
N VAL C 179 17.91 0.78 -26.77
CA VAL C 179 18.84 1.10 -25.68
C VAL C 179 19.86 -0.04 -25.55
N ASP C 180 19.36 -1.26 -25.74
CA ASP C 180 20.13 -2.50 -25.73
C ASP C 180 21.23 -2.46 -26.79
N ALA C 181 20.88 -1.92 -27.95
CA ALA C 181 21.78 -1.71 -29.03
C ALA C 181 22.92 -0.74 -28.65
N ILE C 182 22.66 0.18 -27.71
CA ILE C 182 23.65 1.14 -27.30
C ILE C 182 24.36 0.83 -25.98
N LEU C 183 23.80 -0.07 -25.16
CA LEU C 183 24.26 -0.30 -23.81
C LEU C 183 25.76 -0.48 -23.57
N LYS C 184 26.41 -1.14 -24.54
CA LYS C 184 27.87 -1.28 -24.59
C LYS C 184 28.42 -0.93 -25.96
N ALA C 185 27.61 -0.98 -27.03
CA ALA C 185 28.03 -0.57 -28.37
C ALA C 185 27.79 0.93 -28.56
N LEU C 186 28.45 1.74 -27.72
CA LEU C 186 28.35 3.18 -27.85
C LEU C 186 29.45 3.79 -28.71
PA NAD D . -12.41 8.03 -12.08
O1A NAD D . -11.06 7.57 -11.66
O2A NAD D . -12.95 9.29 -11.50
O5B NAD D . -13.41 6.79 -11.79
C5B NAD D . -13.01 5.44 -12.06
C4B NAD D . -13.83 4.80 -13.16
O4B NAD D . -15.11 4.28 -12.79
C3B NAD D . -14.09 5.62 -14.40
O3B NAD D . -13.12 5.33 -15.42
C2B NAD D . -15.49 5.21 -14.84
O2B NAD D . -15.59 5.03 -16.27
C1B NAD D . -15.68 3.92 -14.05
N9A NAD D . -17.05 3.44 -13.96
C8A NAD D . -18.15 4.19 -13.87
N7A NAD D . -19.27 3.44 -13.91
C5A NAD D . -18.78 2.22 -14.06
C6A NAD D . -19.58 1.08 -14.21
N6A NAD D . -20.90 1.16 -14.24
N1A NAD D . -18.90 -0.07 -14.41
C2A NAD D . -17.58 -0.12 -14.46
N3A NAD D . -16.82 0.97 -14.30
C4A NAD D . -17.42 2.18 -14.10
O3 NAD D . -12.44 8.20 -13.68
PN NAD D . -11.38 8.56 -14.82
O1N NAD D . -11.77 7.93 -16.10
O2N NAD D . -10.03 8.29 -14.31
O5D NAD D . -11.53 10.16 -14.98
C5D NAD D . -12.64 10.73 -15.66
C4D NAD D . -12.15 11.58 -16.83
O4D NAD D . -11.02 12.39 -16.44
C3D NAD D . -11.65 10.75 -17.99
O3D NAD D . -12.68 10.32 -18.91
C2D NAD D . -10.78 11.76 -18.75
O2D NAD D . -11.55 12.46 -19.71
C1D NAD D . -10.27 12.63 -17.62
N1N NAD D . -8.79 12.39 -17.49
C2N NAD D . -7.93 12.94 -18.45
C3N NAD D . -6.56 12.73 -18.36
C7N NAD D . -5.62 13.41 -19.35
O7N NAD D . -4.38 13.31 -19.26
N7N NAD D . -6.21 14.05 -20.34
C4N NAD D . -6.07 11.94 -17.31
C5N NAD D . -6.92 11.39 -16.34
C6N NAD D . -8.28 11.61 -16.42
HO3A NAD D . -13.15 4.34 -15.58
HO2A NAD D . -14.93 4.35 -16.57
H61A NAD D . -21.46 0.31 -14.31
H62A NAD D . -21.36 2.04 -14.16
HO3N NAD D . -12.18 9.95 -19.71
HO2N NAD D . -12.45 12.60 -19.29
H71N NAD D . -7.20 14.11 -20.41
H72N NAD D . -5.64 14.53 -21.01
PA NAP E . -0.02 5.56 -25.65
O1A NAP E . -0.67 6.49 -26.60
O2A NAP E . -0.82 4.52 -24.96
O5B NAP E . 1.24 4.85 -26.38
C5B NAP E . 2.23 5.63 -27.05
C4B NAP E . 3.09 4.72 -27.89
O4B NAP E . 3.87 3.72 -27.20
C3B NAP E . 2.32 3.89 -28.90
O3B NAP E . 2.02 4.64 -30.08
C2B NAP E . 3.28 2.77 -29.25
O2B NAP E . 3.85 2.91 -30.57
C1B NAP E . 4.42 2.93 -28.28
N9A NAP E . 5.03 1.65 -27.91
C8A NAP E . 4.38 0.53 -27.54
N7A NAP E . 5.23 -0.52 -27.42
C5A NAP E . 6.40 0.01 -27.71
C6A NAP E . 7.61 -0.68 -27.70
N6A NAP E . 7.65 -1.97 -27.39
N1A NAP E . 8.72 0.04 -28.03
C2A NAP E . 8.63 1.34 -28.29
N3A NAP E . 7.47 2.01 -28.32
C4A NAP E . 6.33 1.36 -28.02
O3 NAP E . 0.73 6.42 -24.52
PN NAP E . 1.36 7.89 -24.39
O1N NAP E . 1.35 8.53 -25.76
O2N NAP E . 2.64 7.71 -23.64
O5D NAP E . 0.25 8.59 -23.45
C5D NAP E . -1.01 9.03 -24.01
C4D NAP E . -2.10 9.22 -22.97
O4D NAP E . -2.14 8.18 -21.97
C3D NAP E . -1.90 10.46 -22.11
O3D NAP E . -2.29 11.66 -22.74
C2D NAP E . -2.73 10.18 -20.87
O2D NAP E . -3.89 11.02 -20.90
C1D NAP E . -3.12 8.74 -21.07
N1N NAP E . -3.16 8.01 -19.78
C2N NAP E . -2.02 7.85 -18.98
C3N NAP E . -2.12 7.25 -17.73
C7N NAP E . -0.90 7.04 -16.83
O7N NAP E . -0.87 7.45 -15.69
N7N NAP E . 0.19 6.54 -17.40
C4N NAP E . -3.37 6.82 -17.26
C5N NAP E . -4.51 6.97 -18.03
C6N NAP E . -4.41 7.57 -19.30
P2B NAP E . 3.64 1.80 -31.72
O1X NAP E . 4.44 2.35 -32.82
O2X NAP E . 2.19 1.61 -31.93
O3X NAP E . 4.28 0.62 -31.08
HO3A NAP E . 1.59 4.00 -30.74
H61A NAP E . 6.83 -2.46 -27.04
H62A NAP E . 8.50 -2.48 -27.43
HO3N NAP E . -3.28 11.78 -22.70
HO2N NAP E . -3.73 11.87 -20.41
H71N NAP E . 0.21 6.27 -18.36
H72N NAP E . 1.00 6.26 -16.84
#